data_9EPC
#
_entry.id   9EPC
#
_cell.length_a   1.00
_cell.length_b   1.00
_cell.length_c   1.00
_cell.angle_alpha   90.00
_cell.angle_beta   90.00
_cell.angle_gamma   90.00
#
_symmetry.space_group_name_H-M   'P 1'
#
loop_
_entity.id
_entity.type
_entity.pdbx_description
1 polymer 'DNA-directed RNA polymerase subunit alpha'
2 polymer 'RpoB, subunit beta'
3 polymer "DNA-directed RNA polymerase subunit beta'"
4 polymer "DNA-directed RNA polymerase subunit beta''"
5 polymer 'PAP1, pTAC3'
6 polymer 'PAP2, pTAC2'
7 polymer 'PAP3, pTAC10'
8 polymer 'PAP4, FSD3'
9 polymer 'PAP5, pTAC12, HEMERA'
10 polymer 'PAP6, FLN1'
11 polymer 'PAP7, pTAC14'
12 polymer 'PAP8, pTAC6'
13 polymer 'PAP9, FSD2'
14 polymer 'PAP10, TRXz'
15 polymer 'PAP11, MurE-like'
16 polymer 'PAP12, pTAC7'
17 polymer FLN2
18 polymer pTAC18
19 polymer 'PRIN2, PLASTID REDOX INSENSITIVE 2'
20 non-polymer 2,3-DIHYDROXY-1,4-DITHIOBUTANE
21 non-polymer 'ZINC ION'
22 non-polymer 'FE (III) ION'
23 non-polymer 'CALCIUM ION'
24 non-polymer 'POTASSIUM ION'
25 non-polymer S-ADENOSYL-L-HOMOCYSTEINE
#
loop_
_entity_poly.entity_id
_entity_poly.type
_entity_poly.pdbx_seq_one_letter_code
_entity_poly.pdbx_strand_id
1 'polypeptide(L)'
;MVREKVKVSTRTLQWKCVESRRDSKRLYYGRFILSPLMKGQADTIGIAMRRALLGEIEGTCITRAKFENIPHDYSNIVGI
QESVHEILMNLNEIVLKSNLYGTRNALICVQGPGYITARDIILPPSVEIVDNTQHIATLTEPINLCIGLKIERNRGYSLK
MSNNFEDRSYPIDAVFMPVQNANHSIHSYGNGNEKQEILFIEIWTNGSLTPKEALHEASRNLINLFIPFLHVEEETFYLE
NNQHQVTLPLFPFHNKLVNLRQKKKELAFQYIFIDQLELPPRIYNCLKKSNIHTLLDLLNNSQEDLIKMEHFHIEDVKKL
LDILEKK
;
A,B
2 'polypeptide(L)'
;MLGDGKEGTSTIPGFNQIQFEGFYRFIDQGLIEELSKFPKIEDIDHEIEFQLFVETYQLVEPLIKERDAVYESLTYSSEL
YVSAGLIWKTNRNMQEQRIFIGNIPLMNSLGTFIVNGIYRVVINQILQSPGIYYQSELDHNGISVYTGTIISDWGGRLEL
EIDKKARIWARVSRKQKISILVLSSAMGSNLREILENVCYPEIFLSFLTDKEKKKIGSKENAILEFYQQFSCVGGDPIFS
ESLCKELQKKFFHQRCELGRIGRRNINWRLNLNIPQNNIFLLPRDILAAADHLIGMKFGMGTLDDMNHLKNKRIRSVADL
LQDQLGLALARLENVVKGTIGGAIRHKLIPTPQNLVTSTPLTTTYESFFGLHPLSQVLDRTNPLTQIVHGRKLSYLGPGG
LTGRTANFRIRDIHPSHYGRICPIDTSEGINVGLIGSLSIHARIGDWGSLESPFYELVEKSKKAQIRMLFLSPSQDEYYM
IAAGNSLALNRGIQEEQVVPARYRQEFLTIAWEEVHLRSIFPFQYFSIGASLIPFIEHNDANRALMSSNMQRQAVPLSRS
EKCIVGTGLERQVALDSGVPAIAEHEGKILYTDTEKIILSGNENTLSIPLIMYQRSNKNTCMHQKPQVRRGKCIKKGQIL
ADGAATVGGELALGKNILVAYMPWEGYNFEDAVLISECLVYGDIYTSFHIRKYEIQTHVTTQGPERITKEIPHLEGRLLR
NLDKNGIVMLGSWVETGDILVGKLTPQVAKESSYAPEDRLLRAILGIQVSTSKETCLKLPIGGRGRVIDVRWVQKKGGSS
YNPEIIRVYISQKREIKVGDKVAGRHGNKGIISKILPRQDMPYLQDGRPVDMVFNPLGVPSRMNVGQIFECSLGLAGSLL
DRHYRIAPFDERYEQEASRKLVFSELYEASKQTANPWVFEPEYPGKSRIFDGRTGDPFEQPVIIGKPYILKLIHQVDDKI
HGRSSGHYALVTQQPLRGRSKQGGQRVGEMEVWALEGFGVAHILQEMLTYKSDHIRARQEVLGTTIIGGTIPKPEDAPES
FRLLVRELRSLALELNHFLVSEKNFQINRKEV
;
C
3 'polypeptide(L)'
;MIDRYKHQQLRIGLVSPQQISAWATKKIPNGEIVGEVTKPYTFHYKTNKPEKDGLFCERIFGPIKSGICACGNYRVIGDE
KEDPKFCEQCGVEFVDSRIRRYQMGYIKLTCPVTHVWYLKRLPSYIANLLDKPLKELEGLVYCDFSFARPITKKPTFLRL
RGSFEYEIQSWKYSIPLFFTTQGFEIFRNREISTGAGAIREQLADLDLRIIIENSLVEWKQLGEEGPTGNEWEDRKIVRR
KDFLVRRMELAKHFIRTNIEPEWMVLCLLPVLPPELRPIIQIEGGKLMSSDINELYRRVIYRNNTLTDLLTTSRSTPGEL
VMCQEKLVQEAVDTLLDNGIRGQPMRDGHNKVYKSFSDVIEGKEGRFRETLLGKRVDYSGRSVIVVGPSLSLHRCGLPRE
IAIELFQTFVIRGLIRQHLASNIGVAKSQIREKKPIVWEILQEVMQGHPVLLNRAPTLHRLGIQSFQPILVEGRTICLHP
LVCKGFNADFDGDQMAVHVPLSLEAQAEARLLMFSHMNLLSPAIGDPISVPTQDMLIGLYVLTSGTRRGICANRYNPCNR
KNYQNERIYETNYKYMKEPFFCNSYDAIGAYRQKRINLDSPLWLRWQLDQRVIASKEVPIEVHYESFGNYHEIYAHYLIV
RSVKKETLYIYIRTTVGHISFYREIEEAIQGFSQACSYDT
;
D
4 'polypeptide(L)'
;MAERANLVFHNKVIDGTAIKRLISRLIDHFGMAYTSHILDQVKTLGFQQATATSISLGIDDLLTIPSKGWLVQDAEQQSL
ILEKHHHYGNVHAVEKLRQSIEIWYATSEYLRQEMNPNFRMTDPFNPVHMMSFSGARGNASQVHQLVGMRGLMSDPQGQM
IDLPIQSNLREGLSLTEYIISCYGARKGVVDTAVRTSDAGYLTRRLVEVVQHIVVRRTDCGTIRGISVSPRNKSRMMSER
IFIQTLIGRVLADDIYIGSRCVAFRNQDLGIGLVNRFITFGTQSISIRTPFTCRSTSWICRLCYGRSPTHGDLVELGEAV
GIIAGQSIGEPGTQLTLRTFHTGGVFTGGTAEHVRAPYNGKIKFNEDLVHPTRTRHGHPAFLCYIDLSVIIESEDIIHSV
TIPPKSFLLVQNDQYVESEQVIAEIREGTYTFHFKERVRKYIYSDSEGEMHWSTDVSHAPEFTYSNVHLLPKTSHLWILS
GGSCGSSLILFSIHKDQDQMNIPFLSVERKSISSLSVNNDQVSQKFFSSDFSDKKKSGIPNYSELNGIVGTSHYNFIYSA
IFHENSDLLAKRRRNRFLIPFQSIQEQEQEKEFIPHSGISVEIPINGIFRRNSIFAFFDDPRYRRKSSGILKYGTLKADS
IIQKEDMIEYRGVQKFKTKYEMKVDRFFFIPEEVHILPESSAIMVENYSIIGVDTRITLNIRSQVGGLIRVERKKKRIEL
KIFSGDIHFPDKTDKISRHSGILIPPGRGKTNSKESKNLKNWIYVQRITPTKKKFFVLVRPVATYEIADSINLATLFPKD
LFREKDNIQLRVFNYILYGNGKPTRGISDTSIQLVRTCLVLNWDQDNKNSSLEEVRAFFVEVNTKGLIRDFIRIGLVKSH
ISYIRKRNNPPDSGLISADSMNPFYSISPKAGILHQSLRQNHGTIRMFLNRNKESQSLLILSSSNCFRIGPFNHVKYHNV
INQSIKKKPLITIKNSSGPLGTAIQISNFYSFLPLLTYNQISVIKYLQLDNFKYIFQVIHSYLIDENGRIFNLDPYSNLV
LNPFKLNWYFLHQNYNNNYCEETSTIISLGQFFCENVCIAKKEPYLKSGQVLIVQRDSVVIRSAKPYLATPGAKVHGHYR
EILYEGDTLVTFIYEKSRSGDITQGLPKVEQVLEVRSIDSISLNLEKRIKGWNRCITRILGIPWGFLIGAELTIVQSRIS
LVNKIQKVYRSQGVQIHNRHIEIIVRQITSKVLVSEEGMSNVFLPGELIGLLRAERTGRALEEAICYRAVLLGITRASLN
TQSFISEASFQETARVLAKAALRGRIDWLKGLKENVVLGGVIPAGTGFNKGLVHCSRQHTNILLEKKTKNLSLLEGDMRD
ILFYHREFCDSSI
;
E
5 'polypeptide(L)'
;MSLFFLNPALPSNSIHPIPRRAAGISSIRCSISAPEKKPRRRRKQQQKRENEDSSSFGSSEAVSALERSLRLTFMDELME
RARNRDPSGVSEVIYDMIAAGLSPGPRSFHGLVVAHALNGDEQGAMHSLRKELGAGQRPLPETMIALVRLSGSKGNAQRG
LELLAAMEKLNYDIRQAWLILVEELVRTNHLEEANKVFLKGARGGMRATDQLYDLMIEEDCKAGDHSNALDISYEMEAAG
RFATTFHFNCLLSVQATCGIPEVAYATFENMEYGEDFMKPDTETYNWVIQAYTRADSYDRVQDVAELLGMMVEDYKRVQP
NVKTHALLVECFTKYCVVKEAIRHFRALKNFEGGTKVLHNAGNFEDPLSLYLRALCREGRIVELIDALDAMRRDNQPIPP
RAMIMSRKYRTLVSSWIEPLQEEAELGYEIDYLARYVEEGGLTGERKRWVPRRGKTPLDPDAAGFIYSNPIETSFKQRCL
EDWKVHHRKLLRTLQSEGLPVLGDASESDYMRVMERLRNIIKGPAQNLLKPKAASKMVVSELKEELEAQGLPIDGTRNVL
YQRVQKARRINKSRGRPLWVPPIEEEEEEVDEEVDELICRIKLHEGDTEFWKRRFLGEGLIETTAETKETDESSVATGEI
ENKTEVVAKEADDDEDDEEEEQEGDEDDDENEEEEEAVVVEPENRAEGEDLIKNKAADAKRHLQMIGVQLLKESDEANRT
KKRGKRASRMTLEDDADEDWFPEEPFEAFKEMRERKVFDVSDMYTIADVWGWTWEKDFKNKTPRRWSQEWEVELAIVLMA
KVIELGGVPTIGDCAVILRAAIRAPMPSSFLKILQTTHSLGYAFGSPLYDEIITLCLDLGELDAAIAIVADMETTGITVP
DQTLDKVISARQSNEIPKSEHEEPPSSSESS
;
F
6 'polypeptide(L)'
;(UNK)(UNK)(UNK)(UNK)(UNK)(UNK)(UNK)(UNK)(UNK)(UNK)(UNK)(UNK)(UNK)(UNK)(UNK)(UNK)
(UNK)(UNK)(UNK)(UNK)(UNK)(UNK)(UNK)(UNK)(UNK)(UNK)(UNK)(UNK)(UNK)(UNK)(UNK)(UNK)
(UNK)(UNK)(UNK)(UNK)(UNK)(UNK)(UNK)(UNK)(UNK)(UNK)(UNK)(UNK)(UNK)(UNK)(UNK)(UNK)
(UNK)(UNK)(UNK)(UNK)(UNK)(UNK)(UNK)(UNK)(UNK)(UNK)(UNK)(UNK)(UNK)(UNK)(UNK)(UNK)
(UNK)(UNK)(UNK)(UNK)(UNK)(UNK)(UNK)(UNK)(UNK)(UNK)(UNK)(UNK)(UNK)(UNK)(UNK)(UNK)
(UNK)(UNK)(UNK)(UNK)(UNK)(UNK)(UNK)(UNK)(UNK)(UNK)(UNK)(UNK)(UNK)(UNK)(UNK)(UNK)
(UNK)(UNK)(UNK)(UNK)(UNK)(UNK)(UNK)(UNK)(UNK)(UNK)(UNK)(UNK)(UNK)(UNK)(UNK)(UNK)
(UNK)(UNK)(UNK)(UNK)(UNK)(UNK)(UNK)(UNK)(UNK)(UNK)(UNK)(UNK)(UNK)(UNK)(UNK)(UNK)
(UNK)(UNK)(UNK)(UNK)(UNK)(UNK)(UNK)(UNK)(UNK)(UNK)(UNK)(UNK)(UNK)(UNK)(UNK)(UNK)
(UNK)(UNK)(UNK)(UNK)(UNK)(UNK)(UNK)(UNK)(UNK)(UNK)(UNK)(UNK)(UNK)(UNK)(UNK)(UNK)
(UNK)(UNK)(UNK)(UNK)(UNK)(UNK)(UNK)(UNK)(UNK)(UNK)(UNK)(UNK)(UNK)(UNK)(UNK)(UNK)
(UNK)(UNK)(UNK)(UNK)(UNK)(UNK)(UNK)(UNK)(UNK)(UNK)(UNK)(UNK)(UNK)(UNK)(UNK)(UNK)
(UNK)(UNK)(UNK)(UNK)(UNK)(UNK)(UNK)(UNK)(UNK)(UNK)(UNK)(UNK)(UNK)(UNK)(UNK)(UNK)
(UNK)(UNK)(UNK)(UNK)(UNK)(UNK)(UNK)(UNK)(UNK)(UNK)(UNK)(UNK)(UNK)(UNK)(UNK)(UNK)
(UNK)(UNK)(UNK)(UNK)(UNK)(UNK)(UNK)(UNK)(UNK)(UNK)(UNK)(UNK)(UNK)(UNK)(UNK)(UNK)
(UNK)(UNK)(UNK)(UNK)(UNK)(UNK)(UNK)(UNK)(UNK)(UNK)(UNK)(UNK)(UNK)(UNK)(UNK)(UNK)
(UNK)(UNK)(UNK)(UNK)(UNK)(UNK)(UNK)(UNK)(UNK)(UNK)(UNK)(UNK)(UNK)(UNK)(UNK)(UNK)
(UNK)(UNK)(UNK)(UNK)(UNK)(UNK)(UNK)(UNK)(UNK)(UNK)(UNK)(UNK)(UNK)(UNK)(UNK)(UNK)
(UNK)(UNK)(UNK)(UNK)(UNK)(UNK)(UNK)(UNK)(UNK)(UNK)(UNK)(UNK)(UNK)(UNK)(UNK)(UNK)
(UNK)(UNK)(UNK)(UNK)(UNK)(UNK)(UNK)(UNK)MNLAIPNPNSHHLSFLIQNSTFIGNRRFANSNHLSFLSGG
KRPCSVAKINAKTKDLVLGNPSVSVEKGKYSYDVESLINKLSSLPPRGSIARCLDIFKNKLSLNDFALVFKEFAGRGDWQ
RSLRLFKYMQRQIWCKPNEHIYTIMISLLGREGLLDKCLEVFEEMPSQGVARSVFSYTALINAYGRNGRYETSLELLDRM
KSEKISPSILTYNTVINACARGGLDWEGLLGLFAEMRHEGIQPDIVTYNTLLSACAIRGLGDEAEMVFRTMNDGGIVPDL
TTYSHLVETFGKLGRLEKVSDLLSEMASGGSLPDITSYNVLLEAYAKSGSIKEAMGVFHQMQAAGCSPNANTYSVLLNLF
GQNGRYDDVRQLFLEMKSSNTDPDAATYNILIDVFGEGGYFKEVVTLFHDMVEENIEPDMETYEGIIFACGKGGLHEDAR
KILQYMTAKDVVPSSKAYTGVIEAFGQAALYEEALVAFNTMHEVGSNPSIETFHSLLYSFARGGLFKESEVILSRLVNSG
IPRNRDTFNATIEAYKQGGKFEEAVKTYVDMEKSRCDPDERTLEAVLSVYSCARLVDECREQFEEMKASDILPSIMCYCM
MLSVYGKTESWDDVNELLEEMLSNRVSNIHQVIGQMIKGNYDDDSNWQIVEYVLDKLNSEGCGLGIRFYNALLDALWWLG
QKERAARVLNEATKRGIFPELFRKNKLVWSVDVHRMSEGGMYTALSVWLNDLSDILVKGQDLPQLAVVVSVRGQLEKSSA
ARESPITRAAFSFLQDHVSSSFSFTGWNGGRIMCQRSQLKQLLSTQEPTSEESPKSNIVALTNSPIFAAGTRTSTSSDTN
HSGGNPSQRKTKMKKELAGSPA
;
G
7 'polypeptide(L)'
;MQICQATLTTFTFTNPSNPNFCKPKPLFPSFQPPRRVTLPPCRGFSSDEFPVDETFLEKFGPKDKDTEDEARRRNWIERG
WAPWEEILTPEADFARKSLNEGEEVPLQSPEAIEAFKMLRPSYRKKKIKEMGITEDEWYAKQFEIRGDKPPPLDTSWAGP
LVVRQIPPRDWPPKGWEVDRKELEFIREAHKLMAERVWLEDLDKDLKVGEDATVDKMCLERFKVFLKQYNEWVEANKDRL
EEDSYKYDQDFYPGRRIRGKDYKEGMYELPFYYPGMICEGTVTTLHLYQGAFVDIGGVHEGWVPIKGNDWFWIRHFIRVG
MHVIVEITAKRDPYRFRFPLELRFVHPNIDHMIFNKFDFPPIFHRDGDTNPDEIRRDCGRPPEPRKDPGSKPEEEGLLSD
HPYVDKLWQLHVAEQMILDDYEANPEKYKGKKLSELSDDEGFDERKEIEHGEAYYKKTKLPKVILKTSVKELDLEAALIE
RKYHNKLMMEAKARGEGYKIEKLRRNIEMDEYDSLHWRRSLEEREALLRDISSRQALGLPLEEPGRYKPGSFFGKDQYDP
TSALYQYDYWGEPKNSEISKQERMKDAHNKSIVGKGNVWYDMSYDDAIKQTIERRKAESNVVTQKEEETESKEEEEDDDD
EYEFDDFDYSILSDESSIGYSEQQPLVNGTQVFTD
;
H
8 'polypeptide(L)'
;MASCVVTTSSFCTLSDSNIRLKSSKLVHLSNQQRRRFPLGSRGGLKVEAYYGLKTPPYPLDALEPYMSRRTLEVHWGKHH
RGYIDNLNKQLGKDDKLYGYTMEELIKATYNNGNPLPEFNNAAQVYNHDFFWESMQPGGGDMPQKGVLEQIEKDFGSFTN
FREKFTNAALTQFGSGWVWLVLKREERRLEVVKTSNAINPLVWDDIPIISLDVWEHSYYLDYKNERGKYINTFLNHLVSW
NAAMSRMARAEAFVNLGEPNIPIA
;
I
9 'polypeptide(L)'
;MASISTTSWLYRDKLCTESGKLGTCILQRPVKCGFPVKRLYVGITSKDVLMRDCIKCKKDDDDDDASEGSSKKDGQGYEY
VSVERAPYYSYMDSTSGKMEPASGARASIPGEDYWPEGTSSRVRAARAPQPAGESSSFPSYGKNPGSRRKKNRKATEGNA
AVETYDEVSDSEDSSEEEESDSSNGFVVYNNEVEGEDEEETGFELDKKLGRPHPFIDPTKKKQIETTLTSDESWWNWRKP
EKEQWSRWQRRRPDVETVFLKAMAETGQVKLYGKEPTLTETSLYRARRHLFKEERLQAERERLAKEGPMAFYSEWVKAWK
RDTSREAVQKHFEETGEDENTQLIEMFSHQTDREYRIMMGTDVRIKRDPLAMRMKEDQIKQIWGGDPVYPTINYIQAPDA
VMDFRGPDFHEPTPNMLSYLKENCKVISREMHETLLAKEKTEQVEVPDIDDAMAQAVDIGENDDEEEDTEEAEKDEKVAR
NWSVLKSTPELRNSKPKPKKEGRMSLDEAVDDSENLTDFLMDFDEETDP
;
J
10 'polypeptide(L)'
;MASLHLFPHLHHFDSIIHRREIAAHSRRQFLSPKASINGGVVTNGASAAETAKPSRKGRNKKKQTEETNPDSDPALVDYD
DGIDFPYDDPPLVCCFGAVQKEFVPVVRVHDNPMHPDIYSQWKMLQWDPPEFGRAPGGPPSNVAISHVRLGGRAAFMGKV
GGDDYGEELVLMMNKERVQTRGVKFDEGASTACTRVKIKFEDGKMKAETVKEPPEDSLLASELNLAVLKEARIFHFNSEV
LTSPTMESTLFKAIQWSKKFGGLIFFDLNLPLPLWRSRNETRKLIKKSWDEANIIEVSQQELEFLLDEEYYERRRNYTPQ
YFAEDFEQTKNRRDYYHYTPEEIKPLWHDDLKLLVVTDGTLRLHYYTPKFDGVVVGTEDVLITPFTCDRTGSGDAVVAGI
MRKLTTCPEMFEDQDVLERQLRFAVAAGIISQWTIGAVRGFPTESATQNLKEQVYVPSMW
;
K
11 'polypeptide(L)'
;MASPVSLHYLINTFISKPQGFCNGTVSSPRPRSSFVRERQNSVKPIKVASLETQPFPLFQSPASEESSSSELESADPDFY
KIGYVRRVRAYGVEFKEGPDGFGIYASKDIEPRRRARVIMEIPHELMITIRQKHPWMFFPDIVPIGHPIFDIINSTDPER
DWDLRLACLLLFSFDREDHFWRLYGDFLPAADECSSLLLATEEDLAELQDPQLVSTIRQQQKRVLEFWEKNWHSGVPLKI
KRLAEDAERFIWAVSIAQTRCISMKTRIGALVQDLNMMIPYADMLNHSFEPNCFLHWRPKDRILEVMSNAGQAIKKGEEM
TINYMPGQKNNMLMERYGFSTPVNPWDAIPFSGDSRIHLNSFLSVFNIFGLPEEYYHDSELSGDDSFVDGAVIAAARTLP
TWSDIDLPPIPSAERKAVKELQDECRKMLAEYPTTSEQDQKLLDSLSEARTTFATAVKYRMHRKMFIGKIIKALDIYQER
LLF
;
L
12 'polypeptide(L)'
;MASSAASPSLSLLSLTPKPPPSPSTASATSHRLFPSFRTNGCFAPLTLKPRRGRSIIVKVDDGDADGGGQDEYDMDDEEV
EEVDNKKDYDVEYDPLAAAMAAASGGGGDGDIAFVQSKSFISTQGWDSEMVVDYRINEDEFHKISLLDCDFFIRKPPDPD
NDVYDFREMYVTPPDTDIYSVPRVLAPMPQKYIRCAMSDYGCYDVTEPPIDAPRDPLYKSEREISKVFLTKHYRNRRLND
PEFVLDFEEIYVIDSKTKSITRARVLVTVPGGRKRDRKDDLLVIRDNGNSFKIIHVGERDDPTTVIEREEWTKTREDMEK
HLRKLRDFSVSNWF
;
M
13 'polypeptide(L)'
;MMTSTCSFLSSCSLLPSQEPNQRMQWKRHEKRQFSRKVAVSGVIRAGFELKPPPYPLDALEPHMSRETLDYHWGKHHKTY
VENLNKQIVGTDLDGLSLEEVVLLSYNRGNMLPAFNNAAQAWNHEFFWESIQPGGGGKPSGDLLRLIERDFGSFSDFVER
FKAAAASNFGSGWTWLAYKANRLDVANAVNPLPKEEDKKLVIVKTPNAVNPLVWDYSPLLTIDTWEHAYYLDFENRRIEY
INTFMEKLVSWETVSTRLESAMARAAQREQEGSDTEAEENPDDEEPEVYLDDASEVD
;
N
14 'polypeptide(L)'
;MALVQSRALPRLNVSLSPILSTLHAPPSSLFLRREIRPVVTSPFSSSTTGNLPFSPLTHPRKILCPPPRGKFVREDYLVR
KLSAQELQDLVKGERKVPLIVDFYATWCGPCILMAQELEMLAVEYESNAMIVKVDTDDEYEFARDMQVRGLPTLFFISPD
PSKDAIRTEGLIPLQMMRDIIDNDM
;
O,P
15 'polypeptide(L)'
;MAFTFFSPHPVFLPLGRTTSSFSYKPVYSPFPRNSRNLQLAAGPARRNSYPNPADDDPPEAPEDSMHGVSKFQQIQRQAA
RARKLEEEDFEKNRNTYLSAIADVEDAPETGRDDVESGGDLFSDIDRAISMKRSEFVKKGLLQPNPPKTTSSKKLDEEED
DVTDVVDELDEEEVVDLDEIDKLTGLTEVSDEEDWVDEEGNPRINKKKETGSDHHFEFDLDDFGGSKARIVEPKFRLSLA
ELLDESKVVPISVYGDLDVEITGIQHDSRGVSSGDLFVCCENEGDSVLSEADKRGAVAVVASKEIDIEDTLGCRALVIVE
DTEAVLAALASSFYRHPSKNMAVIGVTGTNGKTTTTYLIKSLYEAMGVRTGMFSTVSCYVHGDNKMDSPTTTSPDAVLVQ
SMMAKMLHNGTEALVMEASPQELASGKCDEVDFDIAVFTNLTREDSDFRGTDEEYRDAEAKLFARMVDPERHRKVVNIDD
PNAAFFVQQGNPDVPVVTFAMENTKADVHPLKFELSLFETQVLVNTPQGILEISSGLLGRHNIYNILAAVAVGIAVGAPL
EDIVRGVEEVDAVPGRCELIDEEQAFGVIVDHANTPDGLSRLLDSVRELKPRRIITVIGCAGENERGKRPVMTKIATEKS
DVTMLTSDNPGNEDPLDILDDMLSGIGWTMQEYLKHGEHDYYPPLSNGHRLFLHDVRRVAVRCAVAMGEEGDMVVVAGKG
HESYQLEGDKKEFYDDREECREALQYVDELHQAGIDTSEFPWRLPESH
;
Q
16 'polypeptide(L)'
;MFCSSFTSSISRIGDARSGNSRASSFTFQTQVSCGIQRDDNGRRIWRRRTLTKKDDMLRYKLQRVPFVEEQVRKIKEVGK
VMTMDIERLLLSEDNRFEFVNSVAAEATEYVEKNRDEYGGTKKAIFHVLSNRVNDLGFDRPEAYAESDPYKPGPGYLKEY
YT
;
R
17 'polypeptide(L)'
;MASLSFTQFLPFPRCSVDVPCLQPHGFVKFRGERWKGKHSFLMVAGRRKLSESAPLDEDDGGNGAVGGKKPTKVPKKSGA
RTAKKKVVAKDEPLEESSQLLVDSDNVSDNESDTKEPVRRTRKKAAASSDVNEGKTEKKVRRKRTVKKDKEVEDGLVTYD
EASDVEEALTVEATDADSEGEEIDLSKHESEDISHTYGWPPLVCCFGSAQHAFVPSGRPANRLLDYERQERMKDAVWAPE
KYIRAPGGCAGGVAIALASLGGKAAFMGKLGDDDFGQAMLYYLNVCQVQTRSVKIDSKRVTACSTMKISKRGRLKSTCVK
PCAEDSLSKSEINVDVLKEAKMFYFTTHSLLDKKMMSTTLQAIKISKQLGNVIFYDLNLPLPLWQSLEETKSLIQEVWDL
ADVIEVTKQELEFLCGIEPTEEFDTKNNDSSKFVHYEPETVEPLWHENLKILFVTNGTSKIHYYTKEHNGAVLGMEDVPI
TPFTRDMSASGDGIVAGLIRMLTVQPDLMNDKGYLERTARYAIECGVVDQWLLAQTRGYPPKDDMEEEEDDDEEEEMESD
PNGIRSITEREYRTSKPYDEPDGPYVMKPVEEREYRKLELVGSMGEDDDSS
;
S
18 'polypeptide(L)'
;MASLIMTTPFSGSLTQCKKKTNNLSVNRAFFKVTCSMQTPLEELYNVKVERKVSQRRLDELGVSRWSVWKTGKCKLPWDW
QVDQLVYIEEGEVRVVPEGSKRFMQFLAGDLVRYPKWLEADLFFNAPYSERYCFKAYADD
;
T
19 'polypeptide(L)'
;MQMASLDAALFSSRLQFHSSSSSSSSIRCALPTIFNLSSPAGSSCVLKSTQFLKRRLRAKSTNFSLSSLPRRGFVCRAAE
YKFPDPIPEFAEAETKKFRDHMAKKLAKRDLFEDSVDEIVGVCTEIFETFLRNEYGGPGTLLVIPFIDMADTLNERELPG
GPQAARAAIKWAQDHVDKDWKEWTGTD
;
U
#
# COMPACT_ATOMS: atom_id res chain seq x y z
N THR A 10 -62.75 -4.78 -43.63
CA THR A 10 -62.57 -4.93 -45.07
C THR A 10 -61.09 -5.09 -45.41
N ARG A 11 -60.25 -4.32 -44.74
CA ARG A 11 -58.82 -4.41 -44.95
C ARG A 11 -58.30 -5.76 -44.50
N THR A 12 -57.33 -6.29 -45.24
CA THR A 12 -56.73 -7.57 -44.87
C THR A 12 -55.87 -7.44 -43.62
N LEU A 13 -55.22 -6.30 -43.44
CA LEU A 13 -54.40 -6.04 -42.26
C LEU A 13 -55.14 -5.03 -41.38
N GLN A 14 -55.61 -5.49 -40.24
CA GLN A 14 -56.45 -4.69 -39.36
C GLN A 14 -55.76 -4.44 -38.03
N TRP A 15 -56.11 -3.33 -37.41
CA TRP A 15 -55.66 -3.01 -36.07
C TRP A 15 -56.85 -2.52 -35.26
N LYS A 16 -56.82 -2.76 -33.95
CA LYS A 16 -57.94 -2.41 -33.10
C LYS A 16 -57.42 -2.22 -31.68
N CYS A 17 -58.12 -1.39 -30.91
CA CYS A 17 -57.83 -1.21 -29.49
C CYS A 17 -58.59 -2.27 -28.72
N VAL A 18 -57.91 -3.36 -28.36
CA VAL A 18 -58.57 -4.47 -27.70
C VAL A 18 -58.91 -4.16 -26.25
N GLU A 19 -58.25 -3.20 -25.62
CA GLU A 19 -58.59 -2.84 -24.25
C GLU A 19 -58.11 -1.42 -23.98
N SER A 20 -59.02 -0.60 -23.45
CA SER A 20 -58.71 0.76 -23.02
C SER A 20 -59.13 0.92 -21.58
N ARG A 21 -58.24 1.46 -20.75
CA ARG A 21 -58.51 1.60 -19.33
C ARG A 21 -58.06 2.98 -18.86
N ARG A 22 -58.72 3.47 -17.82
CA ARG A 22 -58.48 4.78 -17.24
C ARG A 22 -58.21 4.66 -15.74
N ASP A 23 -57.22 3.84 -15.39
CA ASP A 23 -56.87 3.52 -14.01
C ASP A 23 -56.98 4.72 -13.07
N SER A 24 -56.44 5.86 -13.47
CA SER A 24 -56.56 7.08 -12.70
C SER A 24 -56.69 8.25 -13.67
N LYS A 25 -56.72 9.47 -13.13
CA LYS A 25 -56.81 10.65 -13.98
C LYS A 25 -55.54 10.82 -14.81
N ARG A 26 -54.41 10.31 -14.34
CA ARG A 26 -53.13 10.50 -15.01
C ARG A 26 -52.45 9.16 -15.29
N LEU A 27 -53.23 8.13 -15.57
CA LEU A 27 -52.67 6.82 -15.94
C LEU A 27 -53.69 6.15 -16.85
N TYR A 28 -53.49 6.27 -18.17
CA TYR A 28 -54.34 5.63 -19.15
C TYR A 28 -53.62 4.43 -19.73
N TYR A 29 -54.31 3.29 -19.79
CA TYR A 29 -53.78 2.08 -20.38
C TYR A 29 -54.57 1.72 -21.62
N GLY A 30 -53.86 1.41 -22.70
CA GLY A 30 -54.50 0.96 -23.91
C GLY A 30 -53.70 -0.15 -24.56
N ARG A 31 -54.35 -1.23 -24.94
CA ARG A 31 -53.70 -2.33 -25.63
C ARG A 31 -54.26 -2.43 -27.05
N PHE A 32 -53.36 -2.64 -28.02
CA PHE A 32 -53.72 -2.63 -29.42
C PHE A 32 -53.16 -3.87 -30.09
N ILE A 33 -53.90 -4.37 -31.07
CA ILE A 33 -53.50 -5.54 -31.83
C ILE A 33 -53.31 -5.15 -33.28
N LEU A 34 -52.35 -5.78 -33.94
CA LEU A 34 -52.10 -5.57 -35.37
C LEU A 34 -51.88 -6.94 -35.99
N SER A 35 -52.83 -7.40 -36.78
CA SER A 35 -52.78 -8.75 -37.32
C SER A 35 -53.47 -8.76 -38.68
N PRO A 36 -53.01 -9.61 -39.62
CA PRO A 36 -51.83 -10.46 -39.55
C PRO A 36 -50.60 -9.81 -40.17
N LEU A 37 -49.44 -10.00 -39.56
CA LEU A 37 -48.19 -9.46 -40.07
C LEU A 37 -47.29 -10.59 -40.53
N MET A 38 -46.69 -10.44 -41.70
CA MET A 38 -45.74 -11.42 -42.19
C MET A 38 -44.50 -11.45 -41.31
N LYS A 39 -43.84 -12.60 -41.28
CA LYS A 39 -42.76 -12.84 -40.33
C LYS A 39 -41.66 -11.80 -40.48
N GLY A 40 -41.22 -11.26 -39.34
CA GLY A 40 -40.21 -10.23 -39.32
C GLY A 40 -40.74 -8.81 -39.32
N GLN A 41 -41.99 -8.61 -39.74
CA GLN A 41 -42.57 -7.28 -39.71
C GLN A 41 -42.93 -6.87 -38.29
N ALA A 42 -43.47 -7.80 -37.50
CA ALA A 42 -43.84 -7.49 -36.13
C ALA A 42 -42.62 -7.10 -35.31
N ASP A 43 -41.50 -7.79 -35.51
CA ASP A 43 -40.26 -7.43 -34.81
C ASP A 43 -39.80 -6.03 -35.20
N THR A 44 -39.87 -5.71 -36.50
CA THR A 44 -39.46 -4.38 -36.95
C THR A 44 -40.40 -3.31 -36.42
N ILE A 45 -41.71 -3.53 -36.54
CA ILE A 45 -42.68 -2.57 -36.05
C ILE A 45 -42.58 -2.42 -34.54
N GLY A 46 -42.41 -3.55 -33.84
CA GLY A 46 -42.45 -3.50 -32.38
C GLY A 46 -41.35 -2.65 -31.80
N ILE A 47 -40.11 -2.81 -32.28
CA ILE A 47 -39.00 -2.06 -31.72
C ILE A 47 -39.09 -0.59 -32.11
N ALA A 48 -39.46 -0.30 -33.36
CA ALA A 48 -39.58 1.08 -33.79
C ALA A 48 -40.69 1.80 -33.04
N MET A 49 -41.83 1.14 -32.84
CA MET A 49 -42.88 1.72 -32.02
C MET A 49 -42.42 1.86 -30.58
N ARG A 50 -41.64 0.90 -30.10
CA ARG A 50 -41.12 0.98 -28.73
C ARG A 50 -40.26 2.22 -28.52
N ARG A 51 -39.36 2.48 -29.46
CA ARG A 51 -38.47 3.63 -29.31
C ARG A 51 -39.18 4.94 -29.60
N ALA A 52 -40.12 4.95 -30.55
CA ALA A 52 -40.86 6.16 -30.85
C ALA A 52 -41.75 6.57 -29.69
N LEU A 53 -42.45 5.61 -29.08
CA LEU A 53 -43.34 5.93 -27.97
C LEU A 53 -42.55 6.45 -26.78
N LEU A 54 -41.39 5.83 -26.50
CA LEU A 54 -40.65 6.18 -25.29
C LEU A 54 -39.90 7.49 -25.42
N GLY A 55 -39.43 7.84 -26.60
CA GLY A 55 -38.59 9.02 -26.72
C GLY A 55 -38.77 9.87 -27.96
N GLU A 56 -39.93 9.76 -28.63
CA GLU A 56 -40.19 10.57 -29.81
C GLU A 56 -41.58 11.20 -29.77
N ILE A 57 -42.12 11.40 -28.58
CA ILE A 57 -43.43 12.03 -28.42
C ILE A 57 -43.26 13.25 -27.53
N GLU A 58 -43.61 14.41 -28.06
CA GLU A 58 -43.47 15.65 -27.31
C GLU A 58 -44.56 15.75 -26.24
N GLY A 59 -44.19 16.38 -25.12
CA GLY A 59 -45.14 16.70 -24.09
C GLY A 59 -44.89 18.12 -23.59
N THR A 60 -45.91 18.66 -22.91
CA THR A 60 -45.86 20.01 -22.40
C THR A 60 -46.02 19.99 -20.89
N CYS A 61 -45.20 20.77 -20.20
CA CYS A 61 -45.24 20.85 -18.75
C CYS A 61 -44.54 22.13 -18.31
N ILE A 62 -44.70 22.45 -17.03
CA ILE A 62 -44.11 23.67 -16.48
C ILE A 62 -42.60 23.56 -16.50
N THR A 63 -41.94 24.63 -16.95
CA THR A 63 -40.49 24.68 -17.04
C THR A 63 -39.85 25.53 -15.95
N ARG A 64 -40.48 26.63 -15.56
CA ARG A 64 -39.94 27.47 -14.51
C ARG A 64 -41.06 28.28 -13.87
N ALA A 65 -40.94 28.52 -12.57
CA ALA A 65 -41.92 29.27 -11.81
C ALA A 65 -41.26 30.49 -11.19
N LYS A 66 -42.01 31.59 -11.11
CA LYS A 66 -41.48 32.86 -10.62
C LYS A 66 -42.33 33.35 -9.45
N PHE A 67 -41.72 33.39 -8.27
CA PHE A 67 -42.35 34.00 -7.11
C PHE A 67 -41.95 35.47 -7.02
N GLU A 68 -42.44 36.16 -5.99
CA GLU A 68 -42.17 37.58 -5.82
C GLU A 68 -41.35 37.89 -4.58
N ASN A 69 -41.83 37.48 -3.41
CA ASN A 69 -41.30 37.98 -2.14
C ASN A 69 -40.41 36.99 -1.42
N ILE A 70 -40.04 35.90 -2.06
CA ILE A 70 -39.20 34.90 -1.40
C ILE A 70 -37.75 35.12 -1.80
N PRO A 71 -36.79 34.88 -0.91
CA PRO A 71 -35.38 35.07 -1.30
C PRO A 71 -34.85 33.94 -2.16
N HIS A 72 -35.26 32.70 -1.91
CA HIS A 72 -34.78 31.56 -2.65
C HIS A 72 -35.81 30.44 -2.57
N ASP A 73 -35.64 29.45 -3.44
CA ASP A 73 -36.56 28.32 -3.55
C ASP A 73 -36.46 27.36 -2.38
N TYR A 74 -35.66 27.64 -1.36
CA TYR A 74 -35.55 26.75 -0.19
C TYR A 74 -35.96 27.44 1.10
N SER A 75 -36.71 28.53 1.01
CA SER A 75 -37.20 29.24 2.18
C SER A 75 -38.61 28.76 2.52
N ASN A 76 -39.21 29.39 3.52
CA ASN A 76 -40.57 29.07 3.95
C ASN A 76 -41.45 30.30 3.83
N ILE A 77 -42.66 30.11 3.32
CA ILE A 77 -43.64 31.17 3.16
C ILE A 77 -44.65 31.04 4.29
N VAL A 78 -44.85 32.13 5.03
CA VAL A 78 -45.81 32.12 6.13
C VAL A 78 -47.21 31.95 5.57
N GLY A 79 -47.97 31.02 6.14
CA GLY A 79 -49.31 30.71 5.67
C GLY A 79 -49.39 29.53 4.74
N ILE A 80 -48.26 29.02 4.26
CA ILE A 80 -48.22 27.86 3.38
C ILE A 80 -47.64 26.70 4.16
N GLN A 81 -48.34 25.56 4.13
CA GLN A 81 -47.89 24.39 4.85
C GLN A 81 -46.72 23.67 4.18
N GLU A 82 -46.39 24.04 2.95
CA GLU A 82 -45.31 23.41 2.21
C GLU A 82 -44.18 24.39 1.97
N SER A 83 -42.96 23.87 1.95
CA SER A 83 -41.81 24.68 1.58
C SER A 83 -41.86 25.02 0.10
N VAL A 84 -41.07 26.02 -0.28
CA VAL A 84 -41.04 26.44 -1.68
C VAL A 84 -40.55 25.29 -2.57
N HIS A 85 -39.58 24.52 -2.07
CA HIS A 85 -39.12 23.36 -2.83
C HIS A 85 -40.23 22.32 -2.99
N GLU A 86 -41.10 22.20 -1.98
CA GLU A 86 -42.25 21.32 -2.11
C GLU A 86 -43.19 21.80 -3.21
N ILE A 87 -43.34 23.13 -3.33
CA ILE A 87 -44.23 23.67 -4.36
C ILE A 87 -43.69 23.35 -5.74
N LEU A 88 -42.38 23.50 -5.95
CA LEU A 88 -41.80 23.25 -7.26
C LEU A 88 -41.97 21.80 -7.67
N MET A 89 -41.78 20.87 -6.73
CA MET A 89 -42.02 19.46 -7.05
C MET A 89 -43.48 19.20 -7.37
N ASN A 90 -44.39 19.86 -6.65
CA ASN A 90 -45.81 19.74 -6.97
C ASN A 90 -46.10 20.29 -8.36
N LEU A 91 -45.51 21.43 -8.71
CA LEU A 91 -45.67 21.98 -10.05
C LEU A 91 -45.06 21.06 -11.09
N ASN A 92 -43.90 20.47 -10.79
CA ASN A 92 -43.27 19.55 -11.72
C ASN A 92 -44.10 18.31 -11.97
N GLU A 93 -45.05 18.01 -11.09
CA GLU A 93 -45.84 16.79 -11.20
C GLU A 93 -47.10 16.95 -12.02
N ILE A 94 -47.60 18.18 -12.19
CA ILE A 94 -48.86 18.36 -12.90
C ILE A 94 -48.67 18.03 -14.38
N VAL A 95 -49.77 17.65 -15.02
CA VAL A 95 -49.76 17.18 -16.41
C VAL A 95 -50.55 18.17 -17.25
N LEU A 96 -49.97 18.58 -18.37
CA LEU A 96 -50.59 19.52 -19.29
C LEU A 96 -50.61 18.92 -20.68
N LYS A 97 -51.61 19.30 -21.46
CA LYS A 97 -51.73 18.87 -22.85
C LYS A 97 -51.80 20.09 -23.76
N SER A 98 -51.06 20.02 -24.87
CA SER A 98 -51.05 21.11 -25.85
C SER A 98 -50.42 20.63 -27.15
N ASN A 99 -51.06 20.94 -28.26
CA ASN A 99 -50.56 20.54 -29.57
C ASN A 99 -49.63 21.56 -30.19
N LEU A 100 -49.42 22.70 -29.53
CA LEU A 100 -48.61 23.78 -30.09
C LEU A 100 -47.27 23.86 -29.37
N TYR A 101 -46.28 24.40 -30.06
CA TYR A 101 -44.95 24.58 -29.51
C TYR A 101 -44.80 26.00 -28.95
N GLY A 102 -43.61 26.29 -28.44
CA GLY A 102 -43.31 27.60 -27.91
C GLY A 102 -43.52 27.71 -26.41
N THR A 103 -42.90 28.71 -25.83
CA THR A 103 -43.00 28.97 -24.39
C THR A 103 -44.18 29.89 -24.13
N ARG A 104 -45.04 29.48 -23.20
CA ARG A 104 -46.26 30.21 -22.89
C ARG A 104 -46.32 30.50 -21.40
N ASN A 105 -47.03 31.57 -21.06
CA ASN A 105 -47.14 32.03 -19.68
C ASN A 105 -48.41 31.48 -19.03
N ALA A 106 -48.36 31.37 -17.71
CA ALA A 106 -49.51 30.94 -16.92
C ALA A 106 -49.41 31.59 -15.55
N LEU A 107 -50.54 31.66 -14.86
CA LEU A 107 -50.62 32.39 -13.60
C LEU A 107 -51.38 31.57 -12.57
N ILE A 108 -50.94 31.66 -11.32
CA ILE A 108 -51.62 31.03 -10.20
C ILE A 108 -51.99 32.09 -9.17
N CYS A 109 -52.30 33.30 -9.65
CA CYS A 109 -52.62 34.42 -8.77
C CYS A 109 -53.92 34.13 -8.04
N VAL A 110 -53.82 33.75 -6.77
CA VAL A 110 -54.96 33.44 -5.92
C VAL A 110 -54.68 33.94 -4.51
N GLN A 111 -55.67 33.79 -3.63
CA GLN A 111 -55.49 34.07 -2.21
C GLN A 111 -56.21 33.01 -1.40
N GLY A 112 -55.73 32.77 -0.18
CA GLY A 112 -56.26 31.72 0.65
C GLY A 112 -57.15 32.25 1.75
N PRO A 113 -57.35 31.43 2.80
CA PRO A 113 -56.80 30.09 3.02
C PRO A 113 -57.50 29.02 2.17
N GLY A 114 -56.88 27.86 2.01
CA GLY A 114 -57.49 26.78 1.25
C GLY A 114 -56.42 25.93 0.60
N TYR A 115 -56.87 25.10 -0.34
CA TYR A 115 -55.98 24.22 -1.10
C TYR A 115 -55.81 24.78 -2.50
N ILE A 116 -54.56 24.91 -2.93
CA ILE A 116 -54.25 25.33 -4.29
C ILE A 116 -54.07 24.07 -5.13
N THR A 117 -54.88 23.94 -6.16
CA THR A 117 -54.84 22.77 -7.04
C THR A 117 -54.54 23.21 -8.46
N ALA A 118 -54.40 22.23 -9.36
CA ALA A 118 -54.11 22.53 -10.76
C ALA A 118 -55.25 23.30 -11.41
N ARG A 119 -56.48 23.15 -10.89
CA ARG A 119 -57.62 23.88 -11.43
C ARG A 119 -57.50 25.38 -11.22
N ASP A 120 -56.61 25.83 -10.34
CA ASP A 120 -56.46 27.25 -10.03
C ASP A 120 -55.43 27.94 -10.91
N ILE A 121 -54.87 27.24 -11.89
CA ILE A 121 -53.86 27.80 -12.77
C ILE A 121 -54.56 28.47 -13.95
N ILE A 122 -54.19 29.72 -14.22
CA ILE A 122 -54.73 30.45 -15.37
C ILE A 122 -53.91 30.05 -16.60
N LEU A 123 -54.52 29.29 -17.49
CA LEU A 123 -53.79 28.75 -18.62
C LEU A 123 -54.13 29.47 -19.92
N PRO A 124 -53.17 29.60 -20.83
CA PRO A 124 -53.47 30.14 -22.14
C PRO A 124 -54.32 29.18 -22.94
N PRO A 125 -55.03 29.66 -23.98
CA PRO A 125 -55.91 28.76 -24.73
C PRO A 125 -55.19 27.61 -25.41
N SER A 126 -53.88 27.75 -25.66
CA SER A 126 -53.16 26.67 -26.33
C SER A 126 -53.12 25.41 -25.48
N VAL A 127 -52.90 25.54 -24.18
CA VAL A 127 -52.70 24.40 -23.31
C VAL A 127 -53.98 24.15 -22.53
N GLU A 128 -54.14 22.90 -22.08
CA GLU A 128 -55.27 22.50 -21.27
C GLU A 128 -54.76 21.68 -20.08
N ILE A 129 -55.47 21.78 -18.97
CA ILE A 129 -55.13 21.01 -17.78
C ILE A 129 -55.71 19.61 -17.91
N VAL A 130 -54.96 18.63 -17.42
CA VAL A 130 -55.36 17.23 -17.55
C VAL A 130 -56.08 16.77 -16.29
N ASP A 131 -55.40 16.86 -15.15
CA ASP A 131 -55.96 16.48 -13.86
C ASP A 131 -56.07 17.74 -13.01
N ASN A 132 -57.27 18.31 -12.94
CA ASN A 132 -57.48 19.54 -12.19
C ASN A 132 -57.43 19.33 -10.68
N THR A 133 -57.42 18.09 -10.21
CA THR A 133 -57.44 17.79 -8.79
C THR A 133 -56.05 17.65 -8.19
N GLN A 134 -55.00 17.85 -8.97
CA GLN A 134 -53.64 17.70 -8.45
C GLN A 134 -53.34 18.79 -7.44
N HIS A 135 -52.85 18.38 -6.26
CA HIS A 135 -52.51 19.34 -5.22
C HIS A 135 -51.24 20.09 -5.59
N ILE A 136 -51.21 21.38 -5.24
CA ILE A 136 -50.04 22.22 -5.48
C ILE A 136 -49.54 22.78 -4.16
N ALA A 137 -50.41 23.49 -3.45
CA ALA A 137 -50.03 24.12 -2.20
C ALA A 137 -51.24 24.15 -1.27
N THR A 138 -50.96 24.35 0.01
CA THR A 138 -51.99 24.49 1.04
C THR A 138 -51.79 25.84 1.71
N LEU A 139 -52.84 26.66 1.71
CA LEU A 139 -52.81 27.97 2.34
C LEU A 139 -53.57 27.91 3.66
N THR A 140 -52.91 28.29 4.75
CA THR A 140 -53.51 28.23 6.07
C THR A 140 -54.05 29.57 6.55
N GLU A 141 -53.53 30.68 6.05
CA GLU A 141 -53.98 32.00 6.43
C GLU A 141 -54.22 32.82 5.17
N PRO A 142 -55.10 33.83 5.24
CA PRO A 142 -55.46 34.57 4.03
C PRO A 142 -54.34 35.44 3.49
N ILE A 143 -53.37 34.80 2.83
CA ILE A 143 -52.31 35.51 2.14
C ILE A 143 -52.63 35.54 0.66
N ASN A 144 -51.99 36.46 -0.06
CA ASN A 144 -52.16 36.60 -1.50
C ASN A 144 -50.93 36.03 -2.19
N LEU A 145 -51.09 34.89 -2.86
CA LEU A 145 -50.00 34.21 -3.53
C LEU A 145 -50.18 34.29 -5.03
N CYS A 146 -49.16 34.79 -5.72
CA CYS A 146 -49.16 34.88 -7.18
C CYS A 146 -47.87 34.29 -7.70
N ILE A 147 -47.99 33.33 -8.61
CA ILE A 147 -46.84 32.63 -9.17
C ILE A 147 -46.91 32.74 -10.69
N GLY A 148 -45.81 33.16 -11.31
CA GLY A 148 -45.71 33.22 -12.75
C GLY A 148 -45.12 31.93 -13.29
N LEU A 149 -45.77 31.38 -14.31
CA LEU A 149 -45.41 30.07 -14.84
C LEU A 149 -44.99 30.18 -16.30
N LYS A 150 -44.09 29.29 -16.71
CA LYS A 150 -43.71 29.14 -18.10
C LYS A 150 -44.03 27.72 -18.54
N ILE A 151 -44.77 27.59 -19.64
CA ILE A 151 -45.20 26.31 -20.17
C ILE A 151 -44.53 26.11 -21.52
N GLU A 152 -43.89 24.96 -21.71
CA GLU A 152 -43.19 24.67 -22.95
C GLU A 152 -43.42 23.22 -23.35
N ARG A 153 -43.53 23.00 -24.66
CA ARG A 153 -43.65 21.66 -25.23
C ARG A 153 -42.33 21.30 -25.89
N ASN A 154 -41.81 20.13 -25.56
CA ASN A 154 -40.47 19.74 -26.01
C ASN A 154 -40.34 18.23 -25.94
N ARG A 155 -39.17 17.73 -26.30
CA ARG A 155 -38.86 16.32 -26.27
C ARG A 155 -37.98 15.99 -25.07
N GLY A 156 -37.96 14.70 -24.72
CA GLY A 156 -37.09 14.25 -23.65
C GLY A 156 -37.43 14.90 -22.32
N TYR A 157 -36.41 15.42 -21.65
CA TYR A 157 -36.59 16.04 -20.35
C TYR A 157 -35.79 17.33 -20.31
N SER A 158 -36.23 18.26 -19.46
CA SER A 158 -35.56 19.54 -19.33
C SER A 158 -34.14 19.34 -18.84
N LEU A 159 -33.22 20.12 -19.39
CA LEU A 159 -31.83 20.06 -18.96
C LEU A 159 -31.72 20.49 -17.50
N LYS A 160 -31.04 19.68 -16.70
CA LYS A 160 -30.92 19.93 -15.26
C LYS A 160 -29.67 20.76 -14.96
N MET A 161 -29.62 21.93 -15.59
CA MET A 161 -28.51 22.85 -15.43
C MET A 161 -29.04 24.24 -15.12
N SER A 162 -28.14 25.09 -14.64
CA SER A 162 -28.53 26.42 -14.17
C SER A 162 -29.00 27.28 -15.33
N ASN A 163 -30.24 27.77 -15.22
CA ASN A 163 -30.77 28.74 -16.18
C ASN A 163 -31.55 29.84 -15.47
N ASN A 164 -31.25 30.09 -14.20
CA ASN A 164 -32.00 31.04 -13.38
C ASN A 164 -31.42 32.44 -13.39
N PHE A 165 -30.75 32.82 -14.48
CA PHE A 165 -30.25 34.19 -14.61
C PHE A 165 -31.36 35.21 -14.78
N GLU A 166 -32.59 34.75 -14.99
CA GLU A 166 -33.73 35.63 -15.21
C GLU A 166 -34.17 36.24 -13.88
N ASP A 167 -35.34 36.88 -13.88
CA ASP A 167 -35.83 37.56 -12.69
C ASP A 167 -36.35 36.56 -11.67
N ARG A 168 -35.45 35.78 -11.08
CA ARG A 168 -35.77 34.84 -10.00
C ARG A 168 -36.83 33.83 -10.41
N SER A 169 -36.83 33.45 -11.68
CA SER A 169 -37.68 32.37 -12.17
C SER A 169 -36.97 31.07 -11.86
N TYR A 170 -37.35 30.43 -10.75
CA TYR A 170 -36.70 29.19 -10.36
C TYR A 170 -37.00 28.11 -11.38
N PRO A 171 -36.00 27.52 -12.01
CA PRO A 171 -36.27 26.52 -13.04
C PRO A 171 -36.88 25.26 -12.45
N ILE A 172 -37.69 24.59 -13.26
CA ILE A 172 -38.34 23.35 -12.88
C ILE A 172 -37.85 22.26 -13.83
N ASP A 173 -37.37 21.16 -13.26
CA ASP A 173 -36.82 20.06 -14.05
C ASP A 173 -37.98 19.29 -14.67
N ALA A 174 -38.47 19.78 -15.80
CA ALA A 174 -39.62 19.19 -16.46
C ALA A 174 -39.21 17.91 -17.18
N VAL A 175 -40.11 16.92 -17.14
CA VAL A 175 -39.94 15.67 -17.87
C VAL A 175 -41.06 15.64 -18.91
N PHE A 176 -40.71 15.91 -20.16
CA PHE A 176 -41.73 16.10 -21.19
C PHE A 176 -42.33 14.79 -21.69
N MET A 177 -41.69 13.66 -21.44
CA MET A 177 -42.16 12.40 -22.01
C MET A 177 -43.51 12.03 -21.42
N PRO A 178 -44.56 11.87 -22.23
CA PRO A 178 -45.89 11.55 -21.69
C PRO A 178 -46.20 10.06 -21.61
N VAL A 179 -45.42 9.21 -22.27
CA VAL A 179 -45.65 7.77 -22.25
C VAL A 179 -44.88 7.19 -21.06
N GLN A 180 -45.62 6.80 -20.02
CA GLN A 180 -44.96 6.24 -18.84
C GLN A 180 -44.24 4.94 -19.16
N ASN A 181 -44.88 4.07 -19.95
CA ASN A 181 -44.29 2.79 -20.28
C ASN A 181 -44.97 2.25 -21.53
N ALA A 182 -44.26 1.39 -22.24
CA ALA A 182 -44.80 0.74 -23.42
C ALA A 182 -44.28 -0.69 -23.48
N ASN A 183 -45.06 -1.57 -24.10
CA ASN A 183 -44.67 -2.96 -24.25
C ASN A 183 -45.32 -3.51 -25.51
N HIS A 184 -44.68 -4.52 -26.08
CA HIS A 184 -45.22 -5.15 -27.27
C HIS A 184 -44.91 -6.64 -27.24
N SER A 185 -45.85 -7.44 -27.74
CA SER A 185 -45.71 -8.88 -27.79
C SER A 185 -46.01 -9.37 -29.20
N ILE A 186 -45.25 -10.38 -29.63
CA ILE A 186 -45.38 -10.95 -30.97
C ILE A 186 -45.80 -12.39 -30.81
N HIS A 187 -46.93 -12.75 -31.41
CA HIS A 187 -47.49 -14.09 -31.31
C HIS A 187 -47.66 -14.69 -32.70
N SER A 188 -47.37 -15.98 -32.81
CA SER A 188 -47.49 -16.65 -34.09
C SER A 188 -48.96 -16.77 -34.48
N TYR A 189 -49.26 -16.42 -35.73
CA TYR A 189 -50.62 -16.57 -36.24
C TYR A 189 -50.95 -18.01 -36.55
N GLY A 190 -49.94 -18.87 -36.68
CA GLY A 190 -50.19 -20.27 -36.99
C GLY A 190 -50.84 -20.48 -38.34
N ASN A 191 -50.48 -19.66 -39.32
CA ASN A 191 -51.06 -19.83 -40.66
C ASN A 191 -50.46 -21.03 -41.36
N GLY A 192 -49.15 -21.23 -41.24
CA GLY A 192 -48.51 -22.38 -41.83
C GLY A 192 -48.28 -22.29 -43.33
N ASN A 193 -48.56 -21.15 -43.94
CA ASN A 193 -48.33 -20.95 -45.37
C ASN A 193 -47.39 -19.79 -45.68
N GLU A 194 -47.39 -18.74 -44.87
CA GLU A 194 -46.45 -17.64 -45.05
C GLU A 194 -45.90 -17.13 -43.73
N LYS A 195 -46.10 -17.86 -42.63
CA LYS A 195 -45.58 -17.49 -41.31
C LYS A 195 -46.05 -16.09 -40.91
N GLN A 196 -47.36 -15.95 -40.77
CA GLN A 196 -47.93 -14.70 -40.29
C GLN A 196 -47.77 -14.61 -38.77
N GLU A 197 -47.86 -13.39 -38.26
CA GLU A 197 -47.66 -13.13 -36.85
C GLU A 197 -48.66 -12.08 -36.38
N ILE A 198 -48.90 -12.09 -35.06
CA ILE A 198 -49.81 -11.16 -34.41
C ILE A 198 -49.00 -10.25 -33.50
N LEU A 199 -49.21 -8.95 -33.63
CA LEU A 199 -48.50 -7.97 -32.83
C LEU A 199 -49.46 -7.30 -31.85
N PHE A 200 -49.08 -7.29 -30.58
CA PHE A 200 -49.81 -6.56 -29.55
C PHE A 200 -48.96 -5.39 -29.08
N ILE A 201 -49.61 -4.25 -28.84
CA ILE A 201 -48.95 -3.07 -28.31
C ILE A 201 -49.79 -2.53 -27.16
N GLU A 202 -49.19 -2.42 -25.98
CA GLU A 202 -49.84 -1.84 -24.83
C GLU A 202 -49.09 -0.59 -24.41
N ILE A 203 -49.81 0.52 -24.20
CA ILE A 203 -49.22 1.83 -23.98
C ILE A 203 -49.78 2.40 -22.69
N TRP A 204 -48.90 2.93 -21.86
CA TRP A 204 -49.27 3.65 -20.64
C TRP A 204 -48.93 5.12 -20.84
N THR A 205 -49.92 5.99 -20.63
CA THR A 205 -49.73 7.42 -20.79
C THR A 205 -50.16 8.14 -19.52
N ASN A 206 -49.63 9.34 -19.33
CA ASN A 206 -49.95 10.14 -18.16
C ASN A 206 -51.24 10.94 -18.33
N GLY A 207 -52.05 10.62 -19.31
CA GLY A 207 -53.32 11.29 -19.51
C GLY A 207 -53.28 12.51 -20.40
N SER A 208 -52.08 13.03 -20.70
CA SER A 208 -51.99 14.15 -21.63
C SER A 208 -52.44 13.76 -23.03
N LEU A 209 -52.44 12.47 -23.35
CA LEU A 209 -52.96 11.97 -24.61
C LEU A 209 -53.33 10.50 -24.40
N THR A 210 -54.45 10.10 -24.97
CA THR A 210 -54.89 8.72 -24.81
C THR A 210 -53.93 7.78 -25.53
N PRO A 211 -53.86 6.52 -25.09
CA PRO A 211 -52.94 5.58 -25.75
C PRO A 211 -53.19 5.42 -27.23
N LYS A 212 -54.44 5.56 -27.68
CA LYS A 212 -54.69 5.52 -29.12
C LYS A 212 -54.04 6.69 -29.83
N GLU A 213 -54.12 7.88 -29.24
CA GLU A 213 -53.45 9.05 -29.81
C GLU A 213 -51.95 8.86 -29.83
N ALA A 214 -51.38 8.33 -28.73
CA ALA A 214 -49.95 8.09 -28.69
C ALA A 214 -49.54 7.05 -29.72
N LEU A 215 -50.39 6.06 -29.99
CA LEU A 215 -50.09 5.10 -31.04
C LEU A 215 -50.03 5.77 -32.40
N HIS A 216 -50.98 6.67 -32.68
CA HIS A 216 -50.96 7.39 -33.95
C HIS A 216 -49.80 8.38 -34.00
N GLU A 217 -49.55 9.10 -32.91
CA GLU A 217 -48.48 10.09 -32.91
C GLU A 217 -47.13 9.43 -33.12
N ALA A 218 -46.90 8.27 -32.50
CA ALA A 218 -45.66 7.55 -32.73
C ALA A 218 -45.52 7.12 -34.18
N SER A 219 -46.60 6.65 -34.79
CA SER A 219 -46.54 6.24 -36.19
C SER A 219 -46.28 7.44 -37.09
N ARG A 220 -46.94 8.57 -36.84
CA ARG A 220 -46.69 9.76 -37.65
C ARG A 220 -45.28 10.28 -37.44
N ASN A 221 -44.79 10.28 -36.20
CA ASN A 221 -43.43 10.73 -35.94
C ASN A 221 -42.42 9.81 -36.61
N LEU A 222 -42.70 8.50 -36.61
CA LEU A 222 -41.81 7.56 -37.29
C LEU A 222 -41.76 7.83 -38.78
N ILE A 223 -42.91 8.10 -39.40
CA ILE A 223 -42.94 8.37 -40.83
C ILE A 223 -42.12 9.62 -41.15
N ASN A 224 -42.25 10.66 -40.33
CA ASN A 224 -41.46 11.86 -40.55
C ASN A 224 -39.97 11.62 -40.38
N LEU A 225 -39.58 10.52 -39.76
CA LEU A 225 -38.17 10.19 -39.61
C LEU A 225 -37.61 9.43 -40.80
N PHE A 226 -38.43 8.63 -41.49
CA PHE A 226 -37.98 7.88 -42.65
C PHE A 226 -38.38 8.53 -43.97
N ILE A 227 -39.25 9.52 -43.94
CA ILE A 227 -39.64 10.25 -45.15
C ILE A 227 -38.49 11.09 -45.71
N PRO A 228 -37.52 11.59 -44.93
CA PRO A 228 -36.44 12.36 -45.56
C PRO A 228 -35.66 11.56 -46.59
N PHE A 229 -35.47 10.26 -46.38
CA PHE A 229 -34.76 9.45 -47.36
C PHE A 229 -35.50 9.37 -48.69
N LEU A 230 -36.81 9.63 -48.68
CA LEU A 230 -37.58 9.65 -49.92
C LEU A 230 -37.59 11.02 -50.58
N HIS A 231 -37.08 12.06 -49.89
CA HIS A 231 -36.86 13.33 -50.53
C HIS A 231 -35.73 13.20 -51.55
N VAL A 232 -35.61 14.21 -52.41
CA VAL A 232 -34.52 14.23 -53.36
C VAL A 232 -33.20 14.41 -52.61
N GLU A 233 -32.13 13.85 -53.18
CA GLU A 233 -30.84 13.91 -52.53
C GLU A 233 -30.36 15.37 -52.44
N GLU A 234 -29.60 15.66 -51.39
CA GLU A 234 -29.08 17.00 -51.21
C GLU A 234 -28.18 17.38 -52.38
N GLU A 235 -28.21 18.67 -52.74
CA GLU A 235 -27.42 19.21 -53.85
C GLU A 235 -27.77 18.52 -55.17
N THR A 236 -29.06 18.25 -55.37
CA THR A 236 -29.54 17.74 -56.66
C THR A 236 -29.99 18.87 -57.56
N PHE A 237 -30.90 19.71 -57.07
CA PHE A 237 -31.30 20.89 -57.81
C PHE A 237 -30.30 22.02 -57.59
N TYR A 238 -30.33 22.99 -58.49
CA TYR A 238 -29.49 24.16 -58.33
C TYR A 238 -30.08 25.10 -57.28
N LEU A 239 -29.19 25.74 -56.51
CA LEU A 239 -29.59 26.73 -55.53
C LEU A 239 -28.54 27.83 -55.46
N GLU A 240 -28.93 28.96 -54.88
CA GLU A 240 -28.03 30.06 -54.60
C GLU A 240 -27.13 29.79 -53.39
N ASN A 241 -27.13 28.55 -52.89
CA ASN A 241 -26.32 28.10 -51.76
C ASN A 241 -26.46 29.02 -50.55
N ASN A 242 -27.60 29.70 -50.43
CA ASN A 242 -27.90 30.49 -49.25
C ASN A 242 -29.17 30.07 -48.54
N GLN A 243 -30.28 29.91 -49.27
CA GLN A 243 -31.55 29.57 -48.63
C GLN A 243 -31.56 28.12 -48.16
N HIS A 244 -31.08 27.20 -49.00
CA HIS A 244 -31.01 25.77 -48.70
C HIS A 244 -32.39 25.14 -48.52
N GLN A 245 -33.46 25.93 -48.73
CA GLN A 245 -34.81 25.40 -48.58
C GLN A 245 -35.72 26.20 -49.53
N VAL A 246 -35.99 25.63 -50.71
CA VAL A 246 -36.79 26.27 -51.73
C VAL A 246 -38.10 25.52 -51.86
N THR A 247 -39.22 26.24 -51.77
CA THR A 247 -40.52 25.61 -51.94
C THR A 247 -40.69 25.07 -53.35
N LEU A 248 -40.25 25.83 -54.35
CA LEU A 248 -40.31 25.41 -55.74
C LEU A 248 -38.89 25.21 -56.26
N PRO A 249 -38.43 23.96 -56.39
CA PRO A 249 -37.04 23.74 -56.79
C PRO A 249 -36.69 24.23 -58.18
N LEU A 250 -37.68 24.45 -59.04
CA LEU A 250 -37.40 24.89 -60.40
C LEU A 250 -36.98 26.36 -60.46
N PHE A 251 -37.56 27.20 -59.60
CA PHE A 251 -37.31 28.64 -59.69
C PHE A 251 -35.86 29.04 -59.52
N PRO A 252 -35.11 28.53 -58.53
CA PRO A 252 -33.71 28.97 -58.40
C PRO A 252 -32.86 28.73 -59.64
N PHE A 253 -33.15 27.67 -60.40
CA PHE A 253 -32.44 27.48 -61.65
C PHE A 253 -32.91 28.46 -62.71
N HIS A 254 -34.20 28.81 -62.71
CA HIS A 254 -34.68 29.82 -63.64
C HIS A 254 -34.04 31.17 -63.38
N ASN A 255 -33.87 31.53 -62.10
CA ASN A 255 -33.17 32.76 -61.76
C ASN A 255 -31.72 32.73 -62.22
N LYS A 256 -31.14 31.54 -62.39
CA LYS A 256 -29.79 31.45 -62.95
C LYS A 256 -29.79 31.76 -64.44
N LEU A 257 -30.77 31.24 -65.18
CA LEU A 257 -30.80 31.43 -66.62
C LEU A 257 -30.99 32.90 -66.99
N VAL A 258 -31.89 33.60 -66.31
CA VAL A 258 -32.14 35.00 -66.63
C VAL A 258 -30.90 35.83 -66.35
N ASN A 259 -30.22 35.58 -65.24
CA ASN A 259 -28.94 36.23 -64.99
C ASN A 259 -27.91 35.81 -66.03
N LEU A 260 -27.90 34.53 -66.39
CA LEU A 260 -26.98 34.04 -67.42
C LEU A 260 -27.27 34.69 -68.76
N ARG A 261 -28.55 34.80 -69.12
CA ARG A 261 -28.91 35.42 -70.39
C ARG A 261 -28.54 36.90 -70.41
N GLN A 262 -28.75 37.60 -69.29
CA GLN A 262 -28.41 39.01 -69.23
C GLN A 262 -26.91 39.22 -69.40
N LYS A 263 -26.10 38.37 -68.79
CA LYS A 263 -24.65 38.43 -68.93
C LYS A 263 -24.14 37.72 -70.16
N LYS A 264 -24.97 36.91 -70.82
CA LYS A 264 -24.61 36.20 -72.05
C LYS A 264 -23.36 35.35 -71.84
N LYS A 265 -23.41 34.48 -70.84
CA LYS A 265 -22.27 33.66 -70.47
C LYS A 265 -22.41 32.20 -70.87
N GLU A 266 -23.59 31.78 -71.33
CA GLU A 266 -23.85 30.43 -71.82
C GLU A 266 -23.86 29.41 -70.67
N LEU A 267 -24.76 28.43 -70.75
CA LEU A 267 -24.92 27.46 -69.69
C LEU A 267 -23.70 26.56 -69.58
N ALA A 268 -23.38 26.17 -68.35
CA ALA A 268 -22.23 25.32 -68.10
C ALA A 268 -22.50 23.90 -68.59
N PHE A 269 -21.42 23.12 -68.70
CA PHE A 269 -21.55 21.76 -69.19
C PHE A 269 -22.19 20.83 -68.16
N GLN A 270 -22.08 21.16 -66.88
CA GLN A 270 -22.69 20.33 -65.84
C GLN A 270 -24.20 20.41 -65.84
N TYR A 271 -24.78 21.32 -66.62
CA TYR A 271 -26.23 21.48 -66.71
C TYR A 271 -26.77 21.13 -68.09
N ILE A 272 -25.93 20.58 -68.96
CA ILE A 272 -26.33 20.13 -70.28
C ILE A 272 -26.34 18.62 -70.29
N PHE A 273 -27.50 18.03 -70.51
CA PHE A 273 -27.66 16.57 -70.45
C PHE A 273 -27.59 15.98 -71.85
N ILE A 274 -27.16 14.71 -71.90
CA ILE A 274 -27.00 14.03 -73.18
C ILE A 274 -28.32 13.85 -73.92
N ASP A 275 -29.44 14.08 -73.24
CA ASP A 275 -30.74 14.02 -73.92
C ASP A 275 -30.81 15.06 -75.03
N GLN A 276 -30.32 16.27 -74.76
CA GLN A 276 -30.38 17.32 -75.76
C GLN A 276 -29.43 17.06 -76.92
N LEU A 277 -28.33 16.37 -76.67
CA LEU A 277 -27.45 15.94 -77.75
C LEU A 277 -28.17 14.93 -78.62
N GLU A 278 -28.25 15.19 -79.92
CA GLU A 278 -29.01 14.33 -80.81
C GLU A 278 -28.26 13.03 -81.08
N LEU A 279 -28.08 12.22 -80.05
CA LEU A 279 -27.34 10.98 -80.17
C LEU A 279 -28.22 9.87 -80.74
N PRO A 280 -27.61 8.86 -81.35
CA PRO A 280 -28.38 7.69 -81.77
C PRO A 280 -28.99 7.00 -80.56
N PRO A 281 -30.13 6.34 -80.73
CA PRO A 281 -30.78 5.68 -79.58
C PRO A 281 -29.89 4.65 -78.90
N ARG A 282 -29.11 3.88 -79.68
CA ARG A 282 -28.21 2.91 -79.07
C ARG A 282 -27.12 3.59 -78.24
N ILE A 283 -26.57 4.69 -78.76
CA ILE A 283 -25.56 5.43 -78.01
C ILE A 283 -26.15 5.98 -76.73
N TYR A 284 -27.35 6.54 -76.81
CA TYR A 284 -27.98 7.13 -75.62
C TYR A 284 -28.24 6.09 -74.56
N ASN A 285 -28.75 4.92 -74.96
CA ASN A 285 -29.07 3.89 -73.97
C ASN A 285 -27.82 3.38 -73.25
N CYS A 286 -26.73 3.18 -73.99
CA CYS A 286 -25.50 2.71 -73.36
C CYS A 286 -24.95 3.73 -72.37
N LEU A 287 -24.97 5.00 -72.73
CA LEU A 287 -24.47 6.03 -71.81
C LEU A 287 -25.33 6.09 -70.55
N LYS A 288 -26.65 6.00 -70.71
CA LYS A 288 -27.53 5.98 -69.54
C LYS A 288 -27.29 4.75 -68.68
N LYS A 289 -27.05 3.61 -69.33
CA LYS A 289 -26.76 2.39 -68.57
C LYS A 289 -25.47 2.54 -67.77
N SER A 290 -24.49 3.23 -68.31
CA SER A 290 -23.23 3.49 -67.61
C SER A 290 -23.33 4.65 -66.63
N ASN A 291 -24.55 5.08 -66.29
CA ASN A 291 -24.77 6.17 -65.34
C ASN A 291 -24.06 7.45 -65.80
N ILE A 292 -24.12 7.71 -67.10
CA ILE A 292 -23.57 8.93 -67.70
C ILE A 292 -24.78 9.73 -68.18
N HIS A 293 -25.11 10.80 -67.47
CA HIS A 293 -26.31 11.59 -67.76
C HIS A 293 -25.99 12.98 -68.28
N THR A 294 -24.92 13.60 -67.80
CA THR A 294 -24.58 14.96 -68.16
C THR A 294 -23.49 14.98 -69.23
N LEU A 295 -23.47 16.07 -70.00
CA LEU A 295 -22.41 16.24 -70.98
C LEU A 295 -21.05 16.34 -70.32
N LEU A 296 -20.99 17.03 -69.17
CA LEU A 296 -19.73 17.13 -68.44
C LEU A 296 -19.24 15.76 -67.99
N ASP A 297 -20.14 14.91 -67.51
CA ASP A 297 -19.77 13.55 -67.16
C ASP A 297 -19.30 12.77 -68.37
N LEU A 298 -19.92 13.00 -69.53
CA LEU A 298 -19.48 12.34 -70.76
C LEU A 298 -18.08 12.78 -71.14
N LEU A 299 -17.78 14.08 -71.00
CA LEU A 299 -16.45 14.57 -71.37
C LEU A 299 -15.37 14.04 -70.45
N ASN A 300 -15.67 13.87 -69.17
CA ASN A 300 -14.67 13.37 -68.22
C ASN A 300 -14.25 11.93 -68.49
N ASN A 301 -15.02 11.19 -69.28
CA ASN A 301 -14.63 9.84 -69.65
C ASN A 301 -13.67 9.87 -70.84
N SER A 302 -13.02 8.74 -71.08
CA SER A 302 -12.09 8.58 -72.18
C SER A 302 -12.65 7.59 -73.20
N GLN A 303 -12.04 7.59 -74.39
CA GLN A 303 -12.47 6.67 -75.44
C GLN A 303 -12.33 5.22 -75.00
N GLU A 304 -11.22 4.89 -74.34
CA GLU A 304 -11.05 3.55 -73.79
C GLU A 304 -12.11 3.27 -72.73
N ASP A 305 -12.44 4.27 -71.91
CA ASP A 305 -13.49 4.12 -70.91
C ASP A 305 -14.85 3.90 -71.54
N LEU A 306 -15.02 4.26 -72.82
CA LEU A 306 -16.27 4.02 -73.51
C LEU A 306 -16.29 2.69 -74.27
N ILE A 307 -15.14 2.25 -74.78
CA ILE A 307 -15.07 1.00 -75.51
C ILE A 307 -15.39 -0.18 -74.58
N LYS A 308 -14.97 -0.09 -73.32
CA LYS A 308 -15.19 -1.18 -72.37
C LYS A 308 -16.67 -1.40 -72.07
N MET A 309 -17.55 -0.47 -72.42
CA MET A 309 -18.98 -0.66 -72.22
C MET A 309 -19.48 -1.77 -73.14
N GLU A 310 -20.55 -2.44 -72.70
CA GLU A 310 -21.00 -3.67 -73.34
C GLU A 310 -21.40 -3.47 -74.81
N HIS A 311 -22.45 -2.69 -75.05
CA HIS A 311 -22.92 -2.47 -76.42
C HIS A 311 -22.33 -1.20 -77.02
N PHE A 312 -21.01 -1.07 -76.94
CA PHE A 312 -20.31 0.09 -77.48
C PHE A 312 -19.14 -0.41 -78.30
N HIS A 313 -18.99 0.11 -79.51
CA HIS A 313 -17.97 -0.32 -80.44
C HIS A 313 -17.04 0.82 -80.78
N ILE A 314 -15.98 0.49 -81.51
CA ILE A 314 -14.97 1.49 -81.87
C ILE A 314 -15.54 2.51 -82.84
N GLU A 315 -16.38 2.06 -83.78
CA GLU A 315 -16.97 2.98 -84.74
C GLU A 315 -17.88 3.99 -84.07
N ASP A 316 -18.45 3.65 -82.91
CA ASP A 316 -19.42 4.53 -82.28
C ASP A 316 -18.75 5.73 -81.63
N VAL A 317 -17.56 5.54 -81.04
CA VAL A 317 -16.88 6.66 -80.42
C VAL A 317 -16.48 7.69 -81.47
N LYS A 318 -16.28 7.25 -82.72
CA LYS A 318 -15.97 8.20 -83.79
C LYS A 318 -17.19 9.07 -84.13
N LYS A 319 -18.35 8.43 -84.31
CA LYS A 319 -19.55 9.21 -84.63
C LYS A 319 -20.02 10.02 -83.44
N LEU A 320 -19.72 9.58 -82.22
CA LEU A 320 -20.09 10.35 -81.05
C LEU A 320 -19.31 11.66 -80.98
N LEU A 321 -18.03 11.62 -81.35
CA LEU A 321 -17.19 12.81 -81.25
C LEU A 321 -17.68 13.92 -82.17
N ASP A 322 -17.93 13.59 -83.44
CA ASP A 322 -18.32 14.62 -84.40
C ASP A 322 -19.66 15.25 -84.05
N ILE A 323 -20.54 14.49 -83.38
CA ILE A 323 -21.78 15.09 -82.88
C ILE A 323 -21.46 16.18 -81.86
N LEU A 324 -20.51 15.90 -80.95
CA LEU A 324 -20.07 16.92 -80.02
C LEU A 324 -19.35 18.06 -80.72
N GLU A 325 -18.64 17.75 -81.82
CA GLU A 325 -17.90 18.79 -82.53
C GLU A 325 -18.85 19.82 -83.15
N LYS A 326 -19.99 19.37 -83.67
CA LYS A 326 -20.95 20.31 -84.25
C LYS A 326 -21.49 21.26 -83.19
N LYS A 327 -21.73 20.76 -81.98
CA LYS A 327 -22.21 21.59 -80.88
C LYS A 327 -21.18 22.64 -80.50
N THR B 10 -31.43 26.10 -38.32
CA THR B 10 -30.99 26.83 -39.51
C THR B 10 -31.08 25.96 -40.75
N ARG B 11 -30.70 24.69 -40.62
CA ARG B 11 -30.73 23.73 -41.72
C ARG B 11 -31.99 22.89 -41.66
N THR B 12 -32.26 22.22 -42.78
CA THR B 12 -33.37 21.28 -42.88
C THR B 12 -32.82 19.87 -43.00
N LEU B 13 -33.66 18.90 -42.61
CA LEU B 13 -33.25 17.50 -42.60
C LEU B 13 -33.06 17.02 -44.04
N GLN B 14 -31.81 16.85 -44.44
CA GLN B 14 -31.47 16.43 -45.79
C GLN B 14 -30.49 15.27 -45.72
N TRP B 15 -30.48 14.47 -46.78
CA TRP B 15 -29.62 13.31 -46.88
C TRP B 15 -28.75 13.42 -48.13
N LYS B 16 -27.59 12.76 -48.08
CA LYS B 16 -26.64 12.81 -49.18
C LYS B 16 -25.79 11.55 -49.15
N CYS B 17 -25.37 11.11 -50.33
CA CYS B 17 -24.46 9.98 -50.46
C CYS B 17 -23.03 10.50 -50.46
N VAL B 18 -22.24 10.06 -49.49
CA VAL B 18 -20.88 10.58 -49.32
C VAL B 18 -19.86 9.65 -49.96
N GLU B 19 -20.13 8.35 -49.94
CA GLU B 19 -19.25 7.36 -50.53
C GLU B 19 -20.06 6.41 -51.39
N SER B 20 -19.48 5.99 -52.52
CA SER B 20 -20.15 5.08 -53.43
C SER B 20 -19.07 4.34 -54.21
N ARG B 21 -18.93 3.04 -53.97
CA ARG B 21 -17.92 2.22 -54.62
C ARG B 21 -18.58 1.00 -55.25
N ARG B 22 -17.98 0.52 -56.32
CA ARG B 22 -18.49 -0.60 -57.11
C ARG B 22 -17.37 -1.57 -57.43
N ASP B 23 -16.62 -2.00 -56.42
CA ASP B 23 -15.45 -2.82 -56.67
C ASP B 23 -15.83 -4.29 -56.89
N SER B 24 -16.84 -4.53 -57.71
CA SER B 24 -17.24 -5.86 -58.18
C SER B 24 -18.47 -5.66 -59.07
N LYS B 25 -18.90 -6.75 -59.70
CA LYS B 25 -20.23 -6.77 -60.30
C LYS B 25 -21.29 -7.26 -59.34
N ARG B 26 -20.89 -7.83 -58.20
CA ARG B 26 -21.80 -8.34 -57.19
C ARG B 26 -21.43 -7.83 -55.80
N LEU B 27 -20.87 -6.63 -55.71
CA LEU B 27 -20.53 -6.05 -54.42
C LEU B 27 -20.51 -4.53 -54.58
N TYR B 28 -21.58 -3.87 -54.15
CA TYR B 28 -21.69 -2.43 -54.21
C TYR B 28 -21.62 -1.87 -52.79
N TYR B 29 -20.98 -0.72 -52.66
CA TYR B 29 -20.84 -0.06 -51.37
C TYR B 29 -21.40 1.35 -51.46
N GLY B 30 -22.03 1.80 -50.37
CA GLY B 30 -22.56 3.13 -50.32
C GLY B 30 -22.70 3.65 -48.91
N ARG B 31 -22.24 4.88 -48.67
CA ARG B 31 -22.34 5.52 -47.37
C ARG B 31 -23.21 6.76 -47.50
N PHE B 32 -24.17 6.91 -46.60
CA PHE B 32 -25.13 8.00 -46.68
C PHE B 32 -25.18 8.75 -45.36
N ILE B 33 -25.37 10.06 -45.44
CA ILE B 33 -25.42 10.94 -44.27
C ILE B 33 -26.80 11.56 -44.18
N LEU B 34 -27.34 11.61 -42.97
CA LEU B 34 -28.60 12.29 -42.70
C LEU B 34 -28.39 13.27 -41.55
N SER B 35 -28.74 14.53 -41.78
CA SER B 35 -28.49 15.57 -40.79
C SER B 35 -29.29 16.81 -41.12
N PRO B 36 -29.60 17.67 -40.14
CA PRO B 36 -29.36 17.51 -38.70
C PRO B 36 -30.45 16.70 -38.03
N LEU B 37 -30.12 15.97 -36.97
CA LEU B 37 -31.09 15.17 -36.23
C LEU B 37 -31.06 15.56 -34.76
N MET B 38 -32.22 15.61 -34.14
CA MET B 38 -32.30 15.90 -32.72
C MET B 38 -31.79 14.71 -31.91
N LYS B 39 -31.50 14.96 -30.64
CA LYS B 39 -30.92 13.95 -29.78
C LYS B 39 -31.84 12.74 -29.65
N GLY B 40 -31.28 11.55 -29.86
CA GLY B 40 -32.01 10.31 -29.72
C GLY B 40 -32.69 9.82 -30.99
N GLN B 41 -32.87 10.70 -31.98
CA GLN B 41 -33.54 10.29 -33.21
C GLN B 41 -32.64 9.46 -34.11
N ALA B 42 -31.34 9.78 -34.14
CA ALA B 42 -30.44 9.10 -35.06
C ALA B 42 -30.34 7.61 -34.77
N ASP B 43 -30.33 7.25 -33.48
CA ASP B 43 -30.30 5.83 -33.12
C ASP B 43 -31.58 5.13 -33.57
N THR B 44 -32.72 5.77 -33.38
CA THR B 44 -33.99 5.14 -33.78
C THR B 44 -34.03 4.93 -35.28
N ILE B 45 -33.62 5.93 -36.06
CA ILE B 45 -33.63 5.79 -37.52
C ILE B 45 -32.64 4.71 -37.95
N GLY B 46 -31.44 4.72 -37.36
CA GLY B 46 -30.44 3.74 -37.77
C GLY B 46 -30.84 2.32 -37.44
N ILE B 47 -31.48 2.11 -36.28
CA ILE B 47 -31.88 0.77 -35.90
C ILE B 47 -32.96 0.24 -36.82
N ALA B 48 -33.99 1.05 -37.07
CA ALA B 48 -35.10 0.61 -37.92
C ALA B 48 -34.65 0.42 -39.36
N MET B 49 -33.81 1.32 -39.87
CA MET B 49 -33.33 1.20 -41.25
C MET B 49 -32.49 -0.07 -41.42
N ARG B 50 -31.67 -0.39 -40.42
CA ARG B 50 -30.88 -1.61 -40.51
C ARG B 50 -31.76 -2.84 -40.57
N ARG B 51 -32.84 -2.88 -39.78
CA ARG B 51 -33.75 -4.00 -39.84
C ARG B 51 -34.44 -4.09 -41.19
N ALA B 52 -34.86 -2.95 -41.73
CA ALA B 52 -35.50 -2.95 -43.05
C ALA B 52 -34.53 -3.41 -44.14
N LEU B 53 -33.29 -2.95 -44.07
CA LEU B 53 -32.32 -3.30 -45.11
C LEU B 53 -32.01 -4.80 -45.10
N LEU B 54 -31.88 -5.39 -43.92
CA LEU B 54 -31.42 -6.77 -43.84
C LEU B 54 -32.49 -7.76 -44.26
N GLY B 55 -33.74 -7.53 -43.85
CA GLY B 55 -34.77 -8.51 -44.11
C GLY B 55 -35.99 -8.04 -44.86
N GLU B 56 -36.31 -6.75 -44.78
CA GLU B 56 -37.55 -6.24 -45.36
C GLU B 56 -37.44 -5.93 -46.85
N ILE B 57 -36.27 -6.06 -47.44
CA ILE B 57 -36.09 -5.76 -48.86
C ILE B 57 -36.26 -7.04 -49.66
N GLU B 58 -37.09 -6.97 -50.70
CA GLU B 58 -37.36 -8.14 -51.52
C GLU B 58 -36.10 -8.57 -52.26
N GLY B 59 -35.83 -9.86 -52.26
CA GLY B 59 -34.72 -10.41 -53.00
C GLY B 59 -35.17 -11.55 -53.89
N THR B 60 -34.47 -11.70 -55.01
CA THR B 60 -34.80 -12.71 -56.00
C THR B 60 -33.65 -13.69 -56.12
N CYS B 61 -33.96 -14.98 -56.03
CA CYS B 61 -32.94 -16.00 -56.19
C CYS B 61 -33.61 -17.33 -56.51
N ILE B 62 -32.80 -18.28 -56.98
CA ILE B 62 -33.29 -19.59 -57.38
C ILE B 62 -33.60 -20.40 -56.14
N THR B 63 -34.77 -21.04 -56.12
CA THR B 63 -35.20 -21.84 -54.98
C THR B 63 -35.20 -23.32 -55.24
N ARG B 64 -35.52 -23.76 -56.45
CA ARG B 64 -35.54 -25.19 -56.77
C ARG B 64 -34.87 -25.41 -58.11
N ALA B 65 -34.32 -26.61 -58.29
CA ALA B 65 -33.65 -27.00 -59.53
C ALA B 65 -34.13 -28.38 -59.92
N LYS B 66 -34.70 -28.49 -61.11
CA LYS B 66 -35.15 -29.76 -61.66
C LYS B 66 -34.18 -30.20 -62.75
N PHE B 67 -33.63 -31.39 -62.61
CA PHE B 67 -32.71 -31.94 -63.61
C PHE B 67 -33.53 -32.73 -64.62
N GLU B 68 -34.00 -32.05 -65.66
CA GLU B 68 -34.79 -32.69 -66.68
C GLU B 68 -33.95 -33.69 -67.48
N ASN B 69 -34.62 -34.69 -68.02
CA ASN B 69 -34.06 -35.73 -68.88
C ASN B 69 -32.93 -36.51 -68.21
N ILE B 70 -32.71 -36.33 -66.91
CA ILE B 70 -31.65 -37.00 -66.19
C ILE B 70 -32.28 -37.92 -65.14
N PRO B 71 -32.44 -39.21 -65.45
CA PRO B 71 -32.92 -40.17 -64.44
C PRO B 71 -31.81 -40.80 -63.61
N HIS B 72 -30.58 -40.30 -63.68
CA HIS B 72 -29.48 -40.91 -62.96
C HIS B 72 -29.71 -40.88 -61.45
N ASP B 73 -30.14 -39.73 -60.94
CA ASP B 73 -30.39 -39.53 -59.51
C ASP B 73 -29.16 -39.81 -58.66
N TYR B 74 -27.97 -39.80 -59.26
CA TYR B 74 -26.72 -40.00 -58.53
C TYR B 74 -26.11 -38.66 -58.14
N SER B 75 -25.01 -38.72 -57.40
CA SER B 75 -24.32 -37.50 -57.01
C SER B 75 -23.59 -36.85 -58.16
N ASN B 76 -23.27 -37.60 -59.21
CA ASN B 76 -22.57 -37.07 -60.37
C ASN B 76 -23.20 -37.63 -61.63
N ILE B 77 -23.04 -36.88 -62.72
CA ILE B 77 -23.55 -37.27 -64.03
C ILE B 77 -22.42 -37.14 -65.05
N VAL B 78 -22.51 -37.93 -66.11
CA VAL B 78 -21.45 -37.96 -67.11
C VAL B 78 -21.43 -36.64 -67.88
N GLY B 79 -20.23 -36.23 -68.28
CA GLY B 79 -20.06 -35.01 -69.04
C GLY B 79 -19.95 -33.74 -68.23
N ILE B 80 -20.24 -33.80 -66.93
CA ILE B 80 -20.20 -32.63 -66.06
C ILE B 80 -19.19 -32.91 -64.95
N GLN B 81 -18.19 -32.05 -64.83
CA GLN B 81 -17.18 -32.22 -63.79
C GLN B 81 -17.80 -32.03 -62.40
N GLU B 82 -18.60 -30.97 -62.23
CA GLU B 82 -19.19 -30.68 -60.93
C GLU B 82 -20.22 -31.74 -60.56
N SER B 83 -20.28 -32.04 -59.27
CA SER B 83 -21.29 -32.95 -58.76
C SER B 83 -22.65 -32.26 -58.76
N VAL B 84 -23.70 -33.06 -58.59
CA VAL B 84 -25.06 -32.51 -58.54
C VAL B 84 -25.19 -31.56 -57.36
N HIS B 85 -24.64 -31.94 -56.21
CA HIS B 85 -24.69 -31.07 -55.04
C HIS B 85 -23.94 -29.76 -55.27
N GLU B 86 -22.80 -29.83 -55.96
CA GLU B 86 -22.04 -28.62 -56.23
C GLU B 86 -22.74 -27.72 -57.24
N ILE B 87 -23.47 -28.32 -58.19
CA ILE B 87 -24.23 -27.51 -59.14
C ILE B 87 -25.29 -26.70 -58.40
N LEU B 88 -25.97 -27.32 -57.44
CA LEU B 88 -26.92 -26.58 -56.62
C LEU B 88 -26.23 -25.46 -55.86
N MET B 89 -25.02 -25.72 -55.35
CA MET B 89 -24.28 -24.70 -54.65
C MET B 89 -23.94 -23.53 -55.56
N ASN B 90 -23.55 -23.81 -56.81
CA ASN B 90 -23.29 -22.75 -57.77
C ASN B 90 -24.56 -21.99 -58.11
N LEU B 91 -25.68 -22.69 -58.23
CA LEU B 91 -26.96 -22.01 -58.50
C LEU B 91 -27.33 -21.10 -57.35
N ASN B 92 -27.07 -21.52 -56.11
CA ASN B 92 -27.40 -20.72 -54.95
C ASN B 92 -26.64 -19.41 -54.90
N GLU B 93 -25.50 -19.33 -55.58
CA GLU B 93 -24.70 -18.12 -55.61
C GLU B 93 -25.11 -17.14 -56.70
N ILE B 94 -26.05 -17.54 -57.56
CA ILE B 94 -26.48 -16.66 -58.65
C ILE B 94 -27.23 -15.47 -58.07
N VAL B 95 -26.83 -14.27 -58.48
CA VAL B 95 -27.44 -13.04 -58.00
C VAL B 95 -28.42 -12.57 -59.06
N LEU B 96 -29.67 -12.36 -58.66
CA LEU B 96 -30.75 -12.01 -59.56
C LEU B 96 -31.45 -10.75 -59.06
N LYS B 97 -31.92 -9.94 -60.00
CA LYS B 97 -32.78 -8.80 -59.71
C LYS B 97 -34.06 -8.94 -60.52
N SER B 98 -35.19 -8.69 -59.87
CA SER B 98 -36.47 -8.92 -60.52
C SER B 98 -37.56 -8.09 -59.83
N ASN B 99 -38.69 -7.98 -60.52
CA ASN B 99 -39.90 -7.40 -59.97
C ASN B 99 -41.07 -8.38 -60.03
N LEU B 100 -40.78 -9.68 -60.11
CA LEU B 100 -41.82 -10.66 -60.34
C LEU B 100 -42.74 -10.78 -59.13
N TYR B 101 -43.98 -11.15 -59.41
CA TYR B 101 -44.98 -11.45 -58.38
C TYR B 101 -45.29 -12.94 -58.45
N GLY B 102 -45.11 -13.63 -57.33
CA GLY B 102 -45.36 -15.05 -57.29
C GLY B 102 -44.10 -15.84 -57.60
N THR B 103 -44.22 -16.78 -58.53
CA THR B 103 -43.11 -17.66 -58.88
C THR B 103 -43.07 -17.84 -60.39
N ARG B 104 -41.86 -17.98 -60.93
CA ARG B 104 -41.66 -18.18 -62.35
C ARG B 104 -40.75 -19.39 -62.55
N ASN B 105 -40.52 -19.73 -63.82
CA ASN B 105 -39.68 -20.86 -64.19
C ASN B 105 -38.56 -20.38 -65.11
N ALA B 106 -37.34 -20.79 -64.81
CA ALA B 106 -36.18 -20.53 -65.65
C ALA B 106 -35.62 -21.86 -66.14
N LEU B 107 -35.07 -21.83 -67.35
CA LEU B 107 -34.60 -23.04 -68.00
C LEU B 107 -33.14 -22.88 -68.43
N ILE B 108 -32.35 -23.94 -68.25
CA ILE B 108 -30.95 -23.96 -68.69
C ILE B 108 -30.81 -25.20 -69.57
N CYS B 109 -31.02 -25.06 -70.87
CA CYS B 109 -30.74 -26.10 -71.85
C CYS B 109 -29.51 -25.67 -72.64
N VAL B 110 -28.47 -26.50 -72.61
CA VAL B 110 -27.17 -26.12 -73.13
C VAL B 110 -26.64 -27.24 -74.03
N GLN B 111 -25.55 -26.91 -74.74
CA GLN B 111 -24.88 -27.80 -75.67
C GLN B 111 -23.93 -28.74 -74.94
N GLY B 112 -23.01 -29.36 -75.67
CA GLY B 112 -22.04 -30.26 -75.10
C GLY B 112 -20.92 -29.50 -74.40
N PRO B 113 -19.67 -29.83 -74.73
CA PRO B 113 -18.55 -29.32 -73.93
C PRO B 113 -18.50 -27.80 -73.90
N GLY B 114 -18.12 -27.26 -72.76
CA GLY B 114 -18.07 -25.83 -72.55
C GLY B 114 -18.35 -25.51 -71.11
N TYR B 115 -18.48 -24.22 -70.83
CA TYR B 115 -18.75 -23.72 -69.49
C TYR B 115 -20.18 -23.21 -69.42
N ILE B 116 -20.94 -23.69 -68.45
CA ILE B 116 -22.28 -23.16 -68.18
C ILE B 116 -22.13 -21.98 -67.23
N THR B 117 -22.56 -20.82 -67.67
CA THR B 117 -22.51 -19.61 -66.86
C THR B 117 -23.93 -19.09 -66.64
N ALA B 118 -24.03 -18.02 -65.85
CA ALA B 118 -25.33 -17.39 -65.64
C ALA B 118 -25.89 -16.79 -66.91
N ARG B 119 -25.05 -16.48 -67.89
CA ARG B 119 -25.53 -15.98 -69.17
C ARG B 119 -26.37 -17.00 -69.92
N ASP B 120 -26.22 -18.29 -69.59
CA ASP B 120 -26.91 -19.36 -70.29
C ASP B 120 -28.28 -19.66 -69.71
N ILE B 121 -28.72 -18.92 -68.70
CA ILE B 121 -30.02 -19.14 -68.09
C ILE B 121 -31.08 -18.43 -68.91
N ILE B 122 -32.09 -19.16 -69.36
CA ILE B 122 -33.23 -18.55 -70.02
C ILE B 122 -34.12 -17.93 -68.95
N LEU B 123 -34.38 -16.65 -69.08
CA LEU B 123 -34.99 -16.00 -67.94
C LEU B 123 -36.46 -15.67 -68.20
N PRO B 124 -37.27 -15.68 -67.15
CA PRO B 124 -38.62 -15.12 -67.25
C PRO B 124 -38.54 -13.63 -67.52
N PRO B 125 -39.63 -13.03 -68.02
CA PRO B 125 -39.53 -11.67 -68.58
C PRO B 125 -39.01 -10.61 -67.61
N SER B 126 -39.35 -10.71 -66.33
CA SER B 126 -39.12 -9.62 -65.39
C SER B 126 -37.82 -9.75 -64.61
N VAL B 127 -37.01 -10.78 -64.86
CA VAL B 127 -35.82 -11.00 -64.06
C VAL B 127 -34.58 -10.73 -64.91
N GLU B 128 -33.47 -10.47 -64.22
CA GLU B 128 -32.21 -10.16 -64.88
C GLU B 128 -31.07 -10.85 -64.14
N ILE B 129 -29.98 -11.07 -64.85
CA ILE B 129 -28.76 -11.63 -64.29
C ILE B 129 -27.82 -10.47 -63.96
N VAL B 130 -27.44 -10.37 -62.69
CA VAL B 130 -26.56 -9.28 -62.29
C VAL B 130 -25.15 -9.49 -62.83
N ASP B 131 -24.64 -10.71 -62.73
CA ASP B 131 -23.30 -11.06 -63.20
C ASP B 131 -23.42 -12.32 -64.04
N ASN B 132 -23.32 -12.17 -65.36
CA ASN B 132 -23.46 -13.31 -66.26
C ASN B 132 -22.23 -14.21 -66.27
N THR B 133 -21.14 -13.79 -65.64
CA THR B 133 -19.91 -14.57 -65.63
C THR B 133 -19.87 -15.62 -64.53
N GLN B 134 -20.90 -15.68 -63.67
CA GLN B 134 -20.91 -16.66 -62.60
C GLN B 134 -20.94 -18.08 -63.18
N HIS B 135 -20.08 -18.94 -62.65
CA HIS B 135 -19.93 -20.29 -63.17
C HIS B 135 -20.97 -21.20 -62.55
N ILE B 136 -21.65 -21.98 -63.39
CA ILE B 136 -22.65 -22.94 -62.93
C ILE B 136 -22.02 -24.33 -62.93
N ALA B 137 -21.61 -24.80 -64.09
CA ALA B 137 -21.02 -26.12 -64.22
C ALA B 137 -20.11 -26.15 -65.43
N THR B 138 -19.23 -27.15 -65.48
CA THR B 138 -18.30 -27.34 -66.58
C THR B 138 -18.69 -28.59 -67.35
N LEU B 139 -18.80 -28.45 -68.67
CA LEU B 139 -19.19 -29.54 -69.55
C LEU B 139 -17.97 -30.10 -70.25
N THR B 140 -17.83 -31.43 -70.25
CA THR B 140 -16.72 -32.11 -70.89
C THR B 140 -17.16 -32.94 -72.08
N GLU B 141 -18.11 -33.83 -71.90
CA GLU B 141 -18.61 -34.68 -72.98
C GLU B 141 -19.72 -33.96 -73.75
N PRO B 142 -19.81 -34.17 -75.06
CA PRO B 142 -20.87 -33.54 -75.84
C PRO B 142 -22.25 -34.08 -75.51
N ILE B 143 -22.80 -33.68 -74.37
CA ILE B 143 -24.13 -34.08 -73.94
C ILE B 143 -24.92 -32.83 -73.58
N ASN B 144 -26.15 -32.76 -74.07
CA ASN B 144 -27.03 -31.66 -73.73
C ASN B 144 -27.54 -31.81 -72.29
N LEU B 145 -27.81 -30.67 -71.65
CA LEU B 145 -28.25 -30.65 -70.26
C LEU B 145 -29.32 -29.59 -70.10
N CYS B 146 -30.51 -30.00 -69.67
CA CYS B 146 -31.62 -29.09 -69.41
C CYS B 146 -31.90 -29.05 -67.91
N ILE B 147 -31.93 -27.83 -67.35
CA ILE B 147 -32.13 -27.62 -65.93
C ILE B 147 -33.37 -26.76 -65.74
N GLY B 148 -34.31 -27.22 -64.92
CA GLY B 148 -35.51 -26.48 -64.63
C GLY B 148 -35.42 -25.71 -63.33
N LEU B 149 -35.17 -24.41 -63.42
CA LEU B 149 -35.04 -23.57 -62.24
C LEU B 149 -36.40 -23.09 -61.76
N LYS B 150 -36.43 -22.59 -60.53
CA LYS B 150 -37.64 -22.06 -59.90
C LYS B 150 -37.26 -20.71 -59.29
N ILE B 151 -37.60 -19.63 -59.97
CA ILE B 151 -37.25 -18.28 -59.53
C ILE B 151 -38.34 -17.75 -58.62
N GLU B 152 -37.96 -17.27 -57.45
CA GLU B 152 -38.90 -16.75 -56.48
C GLU B 152 -38.36 -15.46 -55.89
N ARG B 153 -39.26 -14.58 -55.46
CA ARG B 153 -38.90 -13.28 -54.90
C ARG B 153 -39.61 -13.11 -53.56
N ASN B 154 -38.85 -13.19 -52.48
CA ASN B 154 -39.38 -13.05 -51.13
C ASN B 154 -38.50 -12.10 -50.33
N ARG B 155 -38.93 -11.81 -49.11
CA ARG B 155 -38.15 -11.01 -48.19
C ARG B 155 -37.16 -11.88 -47.43
N GLY B 156 -36.17 -11.23 -46.82
CA GLY B 156 -35.19 -11.97 -46.05
C GLY B 156 -35.78 -12.63 -44.82
N TYR B 157 -36.67 -11.94 -44.11
CA TYR B 157 -37.23 -12.46 -42.88
C TYR B 157 -38.30 -13.52 -43.10
N SER B 158 -38.86 -13.59 -44.30
CA SER B 158 -39.95 -14.52 -44.56
C SER B 158 -39.44 -15.96 -44.58
N LEU B 159 -40.35 -16.89 -44.30
CA LEU B 159 -40.06 -18.31 -44.36
C LEU B 159 -41.10 -19.01 -45.23
N LYS B 160 -40.66 -20.03 -45.96
CA LYS B 160 -41.53 -20.82 -46.80
C LYS B 160 -41.40 -22.29 -46.43
N MET B 161 -42.53 -22.98 -46.40
CA MET B 161 -42.58 -24.40 -46.00
C MET B 161 -42.81 -25.35 -47.18
N SER B 162 -43.62 -24.95 -48.16
CA SER B 162 -43.86 -25.80 -49.31
C SER B 162 -42.60 -25.90 -50.16
N ASN B 163 -42.26 -27.13 -50.55
CA ASN B 163 -41.03 -27.39 -51.30
C ASN B 163 -41.30 -28.36 -52.45
N ASN B 164 -42.43 -28.17 -53.14
CA ASN B 164 -42.81 -28.98 -54.30
C ASN B 164 -42.85 -30.47 -53.97
N PHE B 165 -43.12 -30.79 -52.69
CA PHE B 165 -43.17 -32.16 -52.21
C PHE B 165 -41.86 -32.87 -52.50
N GLU B 166 -41.91 -33.86 -53.41
CA GLU B 166 -40.69 -34.53 -53.86
C GLU B 166 -40.98 -35.11 -55.25
N ASP B 167 -40.49 -34.42 -56.28
CA ASP B 167 -40.69 -34.85 -57.66
C ASP B 167 -39.37 -34.73 -58.42
N ARG B 168 -38.30 -35.24 -57.82
CA ARG B 168 -36.94 -35.18 -58.33
C ARG B 168 -36.42 -33.75 -58.45
N SER B 169 -37.13 -32.78 -57.88
CA SER B 169 -36.69 -31.39 -57.86
C SER B 169 -35.92 -31.17 -56.55
N TYR B 170 -34.66 -30.75 -56.68
CA TYR B 170 -33.80 -30.59 -55.52
C TYR B 170 -33.93 -29.18 -54.98
N PRO B 171 -34.42 -28.99 -53.75
CA PRO B 171 -34.55 -27.63 -53.21
C PRO B 171 -33.20 -26.98 -53.00
N ILE B 172 -33.19 -25.66 -53.12
CA ILE B 172 -32.00 -24.84 -52.89
C ILE B 172 -32.31 -23.93 -51.71
N ASP B 173 -31.56 -24.08 -50.63
CA ASP B 173 -31.76 -23.27 -49.43
C ASP B 173 -31.19 -21.89 -49.70
N ALA B 174 -31.99 -21.06 -50.35
CA ALA B 174 -31.54 -19.75 -50.81
C ALA B 174 -31.83 -18.69 -49.77
N VAL B 175 -30.81 -17.91 -49.43
CA VAL B 175 -30.97 -16.76 -48.55
C VAL B 175 -31.35 -15.57 -49.39
N PHE B 176 -32.40 -14.85 -48.98
CA PHE B 176 -33.01 -13.81 -49.78
C PHE B 176 -32.51 -12.42 -49.39
N MET B 177 -31.23 -12.27 -49.04
CA MET B 177 -30.72 -10.97 -48.69
C MET B 177 -30.06 -10.31 -49.89
N PRO B 178 -30.60 -9.21 -50.40
CA PRO B 178 -29.90 -8.46 -51.45
C PRO B 178 -28.92 -7.46 -50.87
N VAL B 179 -29.10 -7.13 -49.60
CA VAL B 179 -28.21 -6.23 -48.88
C VAL B 179 -27.31 -7.11 -48.03
N GLN B 180 -26.05 -7.24 -48.45
CA GLN B 180 -25.14 -8.15 -47.77
C GLN B 180 -24.87 -7.74 -46.34
N ASN B 181 -24.73 -6.43 -46.10
CA ASN B 181 -24.49 -5.94 -44.75
C ASN B 181 -24.97 -4.51 -44.66
N ALA B 182 -25.26 -4.08 -43.44
CA ALA B 182 -25.67 -2.71 -43.18
C ALA B 182 -25.21 -2.30 -41.79
N ASN B 183 -24.85 -1.04 -41.65
CA ASN B 183 -24.39 -0.52 -40.38
C ASN B 183 -24.67 0.97 -40.32
N HIS B 184 -24.91 1.47 -39.11
CA HIS B 184 -25.19 2.88 -38.90
C HIS B 184 -24.28 3.43 -37.80
N SER B 185 -23.89 4.68 -37.96
CA SER B 185 -23.03 5.36 -37.01
C SER B 185 -23.61 6.74 -36.71
N ILE B 186 -23.37 7.20 -35.49
CA ILE B 186 -23.91 8.47 -35.01
C ILE B 186 -22.75 9.39 -34.65
N HIS B 187 -22.78 10.60 -35.19
CA HIS B 187 -21.84 11.65 -34.82
C HIS B 187 -22.63 12.77 -34.17
N SER B 188 -22.24 13.16 -32.97
CA SER B 188 -22.91 14.20 -32.22
C SER B 188 -22.03 15.45 -32.20
N TYR B 189 -22.61 16.59 -32.51
CA TYR B 189 -21.91 17.87 -32.53
C TYR B 189 -22.60 18.84 -31.59
N GLY B 190 -21.82 19.51 -30.75
CA GLY B 190 -22.34 20.46 -29.80
C GLY B 190 -21.81 21.85 -30.07
N ASN B 191 -22.64 22.85 -29.82
CA ASN B 191 -22.29 24.25 -29.97
C ASN B 191 -22.61 25.01 -28.69
N GLY B 192 -22.36 24.38 -27.55
CA GLY B 192 -22.73 24.96 -26.27
C GLY B 192 -24.09 24.47 -25.82
N ASN B 193 -25.11 24.70 -26.65
CA ASN B 193 -26.45 24.21 -26.35
C ASN B 193 -27.17 23.65 -27.58
N GLU B 194 -26.52 23.57 -28.73
CA GLU B 194 -27.14 23.06 -29.95
C GLU B 194 -26.63 21.64 -30.17
N LYS B 195 -27.32 20.67 -29.57
CA LYS B 195 -26.95 19.26 -29.71
C LYS B 195 -27.68 18.69 -30.92
N GLN B 196 -27.00 18.67 -32.05
CA GLN B 196 -27.50 18.03 -33.25
C GLN B 196 -26.73 16.73 -33.50
N GLU B 197 -27.41 15.76 -34.07
CA GLU B 197 -26.82 14.46 -34.36
C GLU B 197 -26.77 14.24 -35.86
N ILE B 198 -25.72 13.55 -36.30
CA ILE B 198 -25.52 13.19 -37.70
C ILE B 198 -25.54 11.68 -37.82
N LEU B 199 -26.41 11.18 -38.68
CA LEU B 199 -26.56 9.75 -38.87
C LEU B 199 -25.86 9.31 -40.15
N PHE B 200 -25.02 8.29 -40.05
CA PHE B 200 -24.34 7.70 -41.20
C PHE B 200 -24.94 6.33 -41.44
N ILE B 201 -25.40 6.07 -42.66
CA ILE B 201 -25.90 4.77 -43.07
C ILE B 201 -24.91 4.15 -44.03
N GLU B 202 -24.52 2.91 -43.76
CA GLU B 202 -23.53 2.22 -44.57
C GLU B 202 -24.16 0.93 -45.10
N ILE B 203 -24.24 0.80 -46.42
CA ILE B 203 -24.99 -0.28 -47.05
C ILE B 203 -24.07 -1.03 -48.01
N TRP B 204 -24.06 -2.35 -47.90
CA TRP B 204 -23.41 -3.23 -48.86
C TRP B 204 -24.47 -4.06 -49.55
N THR B 205 -24.49 -4.02 -50.89
CA THR B 205 -25.43 -4.78 -51.67
C THR B 205 -24.68 -5.72 -52.62
N ASN B 206 -25.34 -6.81 -53.00
CA ASN B 206 -24.75 -7.80 -53.88
C ASN B 206 -24.97 -7.48 -55.35
N GLY B 207 -25.23 -6.22 -55.69
CA GLY B 207 -25.39 -5.79 -57.06
C GLY B 207 -26.79 -5.93 -57.60
N SER B 208 -27.67 -6.66 -56.92
CA SER B 208 -29.06 -6.75 -57.36
C SER B 208 -29.78 -5.41 -57.26
N LEU B 209 -29.27 -4.49 -56.44
CA LEU B 209 -29.81 -3.15 -56.37
C LEU B 209 -28.72 -2.24 -55.81
N THR B 210 -28.66 -1.02 -56.30
CA THR B 210 -27.65 -0.09 -55.84
C THR B 210 -27.92 0.30 -54.40
N PRO B 211 -26.88 0.63 -53.64
CA PRO B 211 -27.10 1.04 -52.23
C PRO B 211 -28.01 2.24 -52.10
N LYS B 212 -28.01 3.15 -53.08
CA LYS B 212 -28.97 4.24 -53.06
C LYS B 212 -30.40 3.72 -53.19
N GLU B 213 -30.60 2.74 -54.08
CA GLU B 213 -31.93 2.15 -54.23
C GLU B 213 -32.35 1.41 -52.97
N ALA B 214 -31.43 0.67 -52.36
CA ALA B 214 -31.75 -0.03 -51.12
C ALA B 214 -32.12 0.94 -50.02
N LEU B 215 -31.51 2.13 -50.01
CA LEU B 215 -31.88 3.14 -49.03
C LEU B 215 -33.32 3.58 -49.21
N HIS B 216 -33.76 3.75 -50.46
CA HIS B 216 -35.14 4.16 -50.72
C HIS B 216 -36.12 3.04 -50.42
N GLU B 217 -35.79 1.81 -50.84
CA GLU B 217 -36.70 0.69 -50.59
C GLU B 217 -36.86 0.42 -49.11
N ALA B 218 -35.77 0.50 -48.34
CA ALA B 218 -35.86 0.33 -46.90
C ALA B 218 -36.73 1.42 -46.28
N SER B 219 -36.57 2.66 -46.75
CA SER B 219 -37.41 3.74 -46.24
C SER B 219 -38.87 3.53 -46.61
N ARG B 220 -39.14 3.12 -47.86
CA ARG B 220 -40.53 2.89 -48.26
C ARG B 220 -41.14 1.69 -47.54
N ASN B 221 -40.37 0.61 -47.39
CA ASN B 221 -40.89 -0.55 -46.68
C ASN B 221 -41.19 -0.21 -45.23
N LEU B 222 -40.34 0.61 -44.60
CA LEU B 222 -40.63 1.05 -43.23
C LEU B 222 -41.91 1.86 -43.18
N ILE B 223 -42.09 2.78 -44.13
CA ILE B 223 -43.29 3.60 -44.14
C ILE B 223 -44.53 2.74 -44.33
N ASN B 224 -44.46 1.78 -45.26
CA ASN B 224 -45.60 0.90 -45.48
C ASN B 224 -45.96 0.08 -44.25
N LEU B 225 -45.03 -0.08 -43.32
CA LEU B 225 -45.33 -0.79 -42.08
C LEU B 225 -46.16 0.05 -41.12
N PHE B 226 -45.89 1.35 -41.06
CA PHE B 226 -46.57 2.22 -40.11
C PHE B 226 -47.76 2.96 -40.72
N ILE B 227 -47.99 2.82 -42.02
CA ILE B 227 -49.22 3.34 -42.62
C ILE B 227 -50.45 2.71 -41.98
N PRO B 228 -50.51 1.38 -41.77
CA PRO B 228 -51.75 0.81 -41.22
C PRO B 228 -52.19 1.39 -39.89
N PHE B 229 -51.26 1.86 -39.06
CA PHE B 229 -51.67 2.47 -37.80
C PHE B 229 -52.48 3.74 -38.01
N LEU B 230 -52.37 4.37 -39.18
CA LEU B 230 -53.17 5.55 -39.50
C LEU B 230 -54.43 5.22 -40.27
N HIS B 231 -54.67 3.94 -40.56
CA HIS B 231 -55.87 3.55 -41.28
C HIS B 231 -57.10 3.81 -40.43
N VAL B 232 -58.20 4.16 -41.11
CA VAL B 232 -59.52 4.24 -40.49
C VAL B 232 -60.47 3.42 -41.34
N GLU B 233 -61.54 2.96 -40.71
CA GLU B 233 -62.50 2.07 -41.36
C GLU B 233 -63.79 2.83 -41.66
N GLU B 234 -64.48 2.38 -42.70
CA GLU B 234 -65.75 2.98 -43.08
C GLU B 234 -66.80 2.71 -42.01
N GLU B 235 -67.80 3.58 -41.96
CA GLU B 235 -68.88 3.48 -40.99
C GLU B 235 -70.18 3.11 -41.69
N THR B 236 -71.05 2.43 -40.96
CA THR B 236 -72.36 2.03 -41.45
C THR B 236 -73.44 2.58 -40.54
N PHE B 237 -74.53 3.06 -41.13
CA PHE B 237 -75.64 3.62 -40.37
C PHE B 237 -76.94 2.92 -40.70
N PHE B 269 -68.57 -5.52 -3.04
CA PHE B 269 -68.78 -6.05 -1.71
C PHE B 269 -68.00 -7.35 -1.49
N GLN B 270 -66.68 -7.26 -1.64
CA GLN B 270 -65.84 -8.44 -1.44
C GLN B 270 -65.84 -8.91 0.01
N TYR B 271 -66.33 -8.10 0.94
CA TYR B 271 -66.31 -8.43 2.35
C TYR B 271 -67.59 -9.10 2.83
N ILE B 272 -68.49 -9.45 1.91
CA ILE B 272 -69.69 -10.22 2.25
C ILE B 272 -69.58 -11.58 1.57
N PHE B 273 -70.05 -12.62 2.26
CA PHE B 273 -69.85 -14.00 1.83
C PHE B 273 -71.18 -14.71 1.73
N ILE B 274 -71.18 -15.85 1.03
CA ILE B 274 -72.39 -16.64 0.86
C ILE B 274 -72.87 -17.22 2.17
N ASP B 275 -72.00 -17.30 3.18
CA ASP B 275 -72.41 -17.80 4.49
C ASP B 275 -73.47 -16.91 5.12
N GLN B 276 -73.31 -15.59 4.99
CA GLN B 276 -74.17 -14.67 5.72
C GLN B 276 -75.60 -14.71 5.20
N LEU B 277 -75.78 -14.67 3.88
CA LEU B 277 -77.12 -14.74 3.30
C LEU B 277 -77.66 -16.16 3.44
N GLU B 278 -78.87 -16.29 3.99
CA GLU B 278 -79.45 -17.60 4.25
C GLU B 278 -79.72 -18.34 2.95
N LEU B 279 -79.03 -19.45 2.75
CA LEU B 279 -79.15 -20.25 1.55
C LEU B 279 -79.41 -21.70 1.90
N PRO B 280 -80.12 -22.42 1.04
CA PRO B 280 -80.33 -23.85 1.28
C PRO B 280 -79.01 -24.60 1.32
N PRO B 281 -78.90 -25.61 2.18
CA PRO B 281 -77.64 -26.38 2.24
C PRO B 281 -77.26 -27.02 0.92
N ARG B 282 -78.23 -27.44 0.12
CA ARG B 282 -77.92 -28.03 -1.18
C ARG B 282 -77.22 -27.01 -2.08
N ILE B 283 -77.75 -25.79 -2.13
CA ILE B 283 -77.12 -24.76 -2.95
C ILE B 283 -75.79 -24.33 -2.34
N TYR B 284 -75.72 -24.27 -1.01
CA TYR B 284 -74.50 -23.81 -0.35
C TYR B 284 -73.33 -24.75 -0.64
N ASN B 285 -73.56 -26.06 -0.58
CA ASN B 285 -72.49 -27.01 -0.85
C ASN B 285 -72.05 -26.94 -2.31
N CYS B 286 -72.99 -26.77 -3.23
CA CYS B 286 -72.64 -26.68 -4.64
C CYS B 286 -71.76 -25.48 -4.92
N LEU B 287 -72.10 -24.32 -4.35
CA LEU B 287 -71.27 -23.14 -4.51
C LEU B 287 -69.91 -23.31 -3.85
N LYS B 288 -69.90 -23.91 -2.66
CA LYS B 288 -68.63 -24.09 -1.95
C LYS B 288 -67.71 -25.04 -2.69
N LYS B 289 -68.28 -26.06 -3.34
CA LYS B 289 -67.46 -26.98 -4.15
C LYS B 289 -66.79 -26.26 -5.30
N SER B 290 -67.43 -25.25 -5.86
CA SER B 290 -66.89 -24.49 -6.98
C SER B 290 -66.11 -23.25 -6.54
N ASN B 291 -65.69 -23.21 -5.27
CA ASN B 291 -64.89 -22.11 -4.75
C ASN B 291 -65.59 -20.76 -4.91
N ILE B 292 -66.90 -20.76 -4.76
CA ILE B 292 -67.70 -19.54 -4.81
C ILE B 292 -67.93 -19.15 -3.36
N HIS B 293 -67.02 -18.35 -2.81
CA HIS B 293 -67.08 -17.96 -1.40
C HIS B 293 -67.81 -16.64 -1.21
N THR B 294 -67.47 -15.62 -1.98
CA THR B 294 -68.12 -14.32 -1.89
C THR B 294 -69.20 -14.20 -2.96
N LEU B 295 -69.90 -13.07 -2.96
CA LEU B 295 -70.92 -12.83 -3.97
C LEU B 295 -70.31 -12.50 -5.33
N LEU B 296 -69.12 -11.89 -5.34
CA LEU B 296 -68.49 -11.55 -6.61
C LEU B 296 -68.18 -12.81 -7.42
N ASP B 297 -67.73 -13.87 -6.73
CA ASP B 297 -67.50 -15.14 -7.42
C ASP B 297 -68.80 -15.69 -8.02
N LEU B 298 -69.94 -15.35 -7.41
CA LEU B 298 -71.22 -15.86 -7.91
C LEU B 298 -71.62 -15.16 -9.20
N LEU B 299 -71.43 -13.83 -9.27
CA LEU B 299 -71.80 -13.09 -10.46
C LEU B 299 -70.81 -13.26 -11.60
N ASN B 300 -69.60 -13.74 -11.32
CA ASN B 300 -68.60 -13.99 -12.35
C ASN B 300 -68.82 -15.32 -13.07
N ASN B 301 -69.77 -16.13 -12.60
CA ASN B 301 -70.13 -17.39 -13.26
C ASN B 301 -71.56 -17.29 -13.76
N SER B 302 -71.78 -17.67 -15.01
CA SER B 302 -73.10 -17.63 -15.60
C SER B 302 -73.22 -18.62 -16.76
N LYS B 319 -84.97 -21.75 -7.45
CA LYS B 319 -85.34 -20.53 -6.75
C LYS B 319 -84.12 -19.89 -6.09
N LEU B 320 -82.96 -20.06 -6.71
CA LEU B 320 -81.73 -19.48 -6.17
C LEU B 320 -81.77 -17.96 -6.22
N LEU B 321 -82.09 -17.40 -7.38
CA LEU B 321 -82.04 -15.95 -7.54
C LEU B 321 -83.16 -15.24 -6.79
N ASP B 322 -84.31 -15.89 -6.65
CA ASP B 322 -85.45 -15.24 -5.99
C ASP B 322 -85.13 -14.90 -4.55
N ILE B 323 -84.51 -15.83 -3.82
CA ILE B 323 -84.14 -15.56 -2.44
C ILE B 323 -82.97 -14.60 -2.37
N LEU B 324 -82.06 -14.66 -3.33
CA LEU B 324 -80.86 -13.82 -3.30
C LEU B 324 -81.16 -12.37 -3.65
N GLU B 325 -82.08 -12.14 -4.59
CA GLU B 325 -82.29 -10.78 -5.10
C GLU B 325 -82.83 -9.84 -4.02
N LYS B 326 -83.57 -10.36 -3.05
CA LYS B 326 -84.10 -9.49 -2.00
C LYS B 326 -83.02 -8.99 -1.07
N LYS B 327 -81.87 -9.67 -1.00
CA LYS B 327 -80.77 -9.23 -0.15
C LYS B 327 -79.48 -9.13 -0.96
N GLY C 5 -33.25 -2.12 35.19
CA GLY C 5 -32.04 -2.91 35.33
C GLY C 5 -31.88 -3.95 34.24
N LYS C 6 -33.00 -4.52 33.80
CA LYS C 6 -32.99 -5.53 32.74
C LYS C 6 -33.13 -4.84 31.39
N GLU C 7 -32.07 -4.11 31.03
CA GLU C 7 -32.09 -3.29 29.82
C GLU C 7 -31.92 -4.13 28.57
N GLY C 8 -30.79 -4.81 28.44
CA GLY C 8 -30.53 -5.63 27.28
C GLY C 8 -30.95 -7.08 27.41
N THR C 9 -31.62 -7.44 28.51
CA THR C 9 -32.01 -8.82 28.73
C THR C 9 -33.04 -9.28 27.70
N SER C 10 -34.04 -8.43 27.43
CA SER C 10 -35.15 -8.79 26.56
C SER C 10 -35.06 -8.14 25.19
N THR C 11 -34.94 -6.81 25.14
CA THR C 11 -34.91 -6.08 23.89
C THR C 11 -33.48 -5.72 23.51
N ILE C 12 -33.33 -5.23 22.28
CA ILE C 12 -32.02 -4.72 21.86
C ILE C 12 -31.68 -3.48 22.68
N PRO C 13 -30.52 -3.42 23.33
CA PRO C 13 -30.20 -2.24 24.13
C PRO C 13 -30.01 -1.02 23.26
N GLY C 14 -30.24 0.14 23.86
CA GLY C 14 -29.99 1.40 23.17
C GLY C 14 -28.54 1.49 22.73
N PHE C 15 -28.33 1.86 21.46
CA PHE C 15 -26.97 1.89 20.91
C PHE C 15 -26.09 2.91 21.64
N ASN C 16 -26.68 3.93 22.23
CA ASN C 16 -25.93 4.96 22.93
C ASN C 16 -25.93 4.76 24.44
N GLN C 17 -26.38 3.60 24.92
CA GLN C 17 -26.44 3.36 26.36
C GLN C 17 -25.07 3.39 26.99
N ILE C 18 -24.06 2.84 26.30
CA ILE C 18 -22.71 2.84 26.84
C ILE C 18 -22.21 4.26 27.04
N GLN C 19 -22.44 5.13 26.06
CA GLN C 19 -22.16 6.55 26.24
C GLN C 19 -23.07 7.14 27.31
N PHE C 20 -24.34 6.74 27.33
CA PHE C 20 -25.30 7.29 28.28
C PHE C 20 -24.95 6.85 29.71
N GLU C 21 -24.72 5.55 29.90
CA GLU C 21 -24.46 5.04 31.23
C GLU C 21 -23.13 5.55 31.79
N GLY C 22 -22.13 5.71 30.93
CA GLY C 22 -20.84 6.20 31.39
C GLY C 22 -20.92 7.61 31.94
N PHE C 23 -21.60 8.50 31.22
CA PHE C 23 -21.68 9.88 31.67
C PHE C 23 -22.42 10.00 32.99
N TYR C 24 -23.51 9.25 33.16
CA TYR C 24 -24.23 9.30 34.43
C TYR C 24 -23.37 8.81 35.58
N ARG C 25 -22.56 7.76 35.32
CA ARG C 25 -21.62 7.30 36.34
C ARG C 25 -20.62 8.39 36.68
N PHE C 26 -20.13 9.11 35.67
CA PHE C 26 -19.17 10.19 35.90
C PHE C 26 -19.79 11.30 36.73
N ILE C 27 -21.04 11.67 36.42
CA ILE C 27 -21.70 12.72 37.19
C ILE C 27 -22.03 12.22 38.59
N ASP C 28 -22.54 10.98 38.70
CA ASP C 28 -22.93 10.46 40.00
C ASP C 28 -21.73 10.14 40.87
N GLN C 29 -20.71 9.48 40.30
CA GLN C 29 -19.62 8.96 41.08
C GLN C 29 -18.25 9.51 40.71
N GLY C 30 -18.03 9.89 39.45
CA GLY C 30 -16.73 10.34 39.03
C GLY C 30 -16.34 11.73 39.47
N LEU C 31 -17.28 12.49 40.04
CA LEU C 31 -16.98 13.85 40.49
C LEU C 31 -16.45 13.87 41.92
N ILE C 32 -17.21 13.32 42.87
CA ILE C 32 -16.77 13.33 44.26
C ILE C 32 -15.50 12.51 44.42
N GLU C 33 -15.32 11.48 43.61
CA GLU C 33 -14.11 10.66 43.71
C GLU C 33 -12.86 11.49 43.42
N GLU C 34 -12.91 12.32 42.38
CA GLU C 34 -11.77 13.19 42.10
C GLU C 34 -11.71 14.36 43.08
N LEU C 35 -12.86 14.92 43.44
CA LEU C 35 -12.88 16.03 44.38
C LEU C 35 -12.34 15.61 45.75
N SER C 36 -12.65 14.38 46.17
CA SER C 36 -12.11 13.88 47.43
C SER C 36 -10.60 13.76 47.40
N LYS C 37 -10.01 13.64 46.21
CA LYS C 37 -8.56 13.57 46.07
C LYS C 37 -7.90 14.93 46.10
N PHE C 38 -8.67 16.01 46.15
CA PHE C 38 -8.10 17.34 46.21
C PHE C 38 -7.58 17.62 47.62
N PRO C 39 -6.30 17.93 47.80
CA PRO C 39 -5.75 18.04 49.15
C PRO C 39 -5.93 19.43 49.76
N LYS C 40 -5.43 19.60 50.97
CA LYS C 40 -5.45 20.88 51.65
C LYS C 40 -4.38 21.81 51.06
N ILE C 41 -4.56 23.11 51.28
CA ILE C 41 -3.66 24.13 50.77
C ILE C 41 -3.11 24.93 51.94
N GLU C 42 -1.79 24.95 52.08
CA GLU C 42 -1.07 25.73 53.08
C GLU C 42 0.42 25.63 52.75
N ASP C 43 1.16 26.70 53.04
CA ASP C 43 2.58 26.71 52.69
C ASP C 43 3.41 25.96 53.74
N ILE C 44 3.49 26.50 54.95
CA ILE C 44 3.96 25.74 56.11
C ILE C 44 2.93 25.90 57.22
N ASP C 45 2.80 27.12 57.73
CA ASP C 45 1.73 27.50 58.65
C ASP C 45 1.69 29.02 58.74
N HIS C 46 0.60 29.63 58.30
CA HIS C 46 0.49 31.08 58.30
C HIS C 46 -0.98 31.43 58.50
N GLU C 47 -1.34 32.68 58.20
CA GLU C 47 -2.73 33.10 58.24
C GLU C 47 -3.45 32.68 56.97
N ILE C 48 -3.30 31.40 56.60
CA ILE C 48 -3.86 30.88 55.35
C ILE C 48 -4.18 29.41 55.53
N GLU C 49 -5.35 29.00 55.04
CA GLU C 49 -5.68 27.58 54.90
C GLU C 49 -6.85 27.48 53.95
N PHE C 50 -6.65 26.75 52.84
CA PHE C 50 -7.66 26.62 51.81
C PHE C 50 -8.02 25.16 51.61
N GLN C 51 -9.31 24.88 51.51
CA GLN C 51 -9.80 23.53 51.29
C GLN C 51 -11.16 23.59 50.65
N LEU C 52 -11.57 22.48 50.04
CA LEU C 52 -12.84 22.37 49.35
C LEU C 52 -13.74 21.39 50.09
N PHE C 53 -14.98 21.80 50.34
CA PHE C 53 -15.96 20.92 50.97
C PHE C 53 -16.60 20.08 49.86
N VAL C 54 -16.12 18.85 49.71
CA VAL C 54 -16.53 18.00 48.60
C VAL C 54 -18.03 17.74 48.63
N GLU C 55 -18.58 17.54 49.83
CA GLU C 55 -19.98 17.16 49.96
C GLU C 55 -20.92 18.26 49.49
N THR C 56 -20.44 19.50 49.33
CA THR C 56 -21.27 20.62 48.96
C THR C 56 -21.18 20.97 47.48
N TYR C 57 -20.59 20.09 46.67
CA TYR C 57 -20.45 20.38 45.24
C TYR C 57 -21.82 20.40 44.58
N GLN C 58 -21.98 21.32 43.62
CA GLN C 58 -23.24 21.46 42.90
C GLN C 58 -22.95 21.71 41.42
N LEU C 59 -23.88 21.31 40.57
CA LEU C 59 -23.81 21.58 39.14
C LEU C 59 -25.05 22.33 38.71
N VAL C 60 -24.86 23.34 37.87
CA VAL C 60 -25.93 24.21 37.41
C VAL C 60 -26.20 23.92 35.94
N GLU C 61 -27.47 23.87 35.58
CA GLU C 61 -27.83 23.67 34.19
C GLU C 61 -27.28 24.80 33.33
N PRO C 62 -26.77 24.51 32.14
CA PRO C 62 -26.24 25.56 31.29
C PRO C 62 -27.31 26.58 30.92
N LEU C 63 -26.90 27.85 30.83
CA LEU C 63 -27.83 28.89 30.42
C LEU C 63 -28.23 28.71 28.96
N ILE C 64 -27.28 28.39 28.10
CA ILE C 64 -27.53 28.28 26.67
C ILE C 64 -28.07 26.89 26.35
N LYS C 65 -29.03 26.84 25.43
CA LYS C 65 -29.51 25.57 24.93
C LYS C 65 -28.49 24.94 23.99
N GLU C 66 -28.74 23.69 23.61
CA GLU C 66 -27.83 23.01 22.70
C GLU C 66 -27.77 23.72 21.35
N ARG C 67 -28.92 24.16 20.85
CA ARG C 67 -28.93 24.88 19.58
C ARG C 67 -28.19 26.20 19.68
N ASP C 68 -28.36 26.92 20.80
CA ASP C 68 -27.63 28.17 20.98
C ASP C 68 -26.14 27.91 21.05
N ALA C 69 -25.73 26.85 21.76
CA ALA C 69 -24.30 26.59 21.96
C ALA C 69 -23.60 26.31 20.64
N VAL C 70 -24.23 25.54 19.75
CA VAL C 70 -23.61 25.26 18.46
C VAL C 70 -23.67 26.49 17.55
N TYR C 71 -24.78 27.24 17.59
CA TYR C 71 -24.90 28.42 16.74
C TYR C 71 -23.89 29.49 17.14
N GLU C 72 -23.69 29.69 18.44
CA GLU C 72 -22.73 30.67 18.92
C GLU C 72 -21.30 30.12 19.00
N SER C 73 -21.08 28.87 18.59
CA SER C 73 -19.78 28.21 18.69
C SER C 73 -19.27 28.22 20.13
N LEU C 74 -20.17 28.05 21.09
CA LEU C 74 -19.82 27.99 22.50
C LEU C 74 -19.68 26.52 22.91
N THR C 75 -19.56 26.28 24.21
CA THR C 75 -19.44 24.93 24.76
C THR C 75 -20.62 24.69 25.70
N TYR C 76 -21.51 23.79 25.31
CA TYR C 76 -22.65 23.41 26.15
C TYR C 76 -22.12 22.67 27.38
N SER C 77 -22.10 23.35 28.52
CA SER C 77 -21.46 22.79 29.69
C SER C 77 -22.14 23.29 30.95
N SER C 78 -21.99 22.53 32.03
CA SER C 78 -22.54 22.86 33.33
C SER C 78 -21.48 23.49 34.21
N GLU C 79 -21.92 24.36 35.11
CA GLU C 79 -21.03 25.09 36.00
C GLU C 79 -20.94 24.36 37.34
N LEU C 80 -19.70 24.16 37.80
CA LEU C 80 -19.44 23.43 39.04
C LEU C 80 -19.16 24.42 40.15
N TYR C 81 -19.92 24.32 41.24
CA TYR C 81 -19.77 25.20 42.40
C TYR C 81 -19.53 24.36 43.65
N VAL C 82 -18.45 24.68 44.36
CA VAL C 82 -18.08 23.99 45.58
C VAL C 82 -17.79 25.04 46.65
N SER C 83 -18.30 24.81 47.85
CA SER C 83 -18.01 25.72 48.96
C SER C 83 -16.57 25.52 49.42
N ALA C 84 -15.84 26.62 49.57
CA ALA C 84 -14.44 26.59 49.93
C ALA C 84 -14.23 27.31 51.26
N GLY C 85 -13.23 26.86 52.01
CA GLY C 85 -12.93 27.40 53.33
C GLY C 85 -11.60 28.15 53.33
N LEU C 86 -11.61 29.33 53.94
CA LEU C 86 -10.41 30.14 54.13
C LEU C 86 -10.40 30.67 55.55
N ILE C 87 -9.24 30.58 56.20
CA ILE C 87 -9.04 31.12 57.54
C ILE C 87 -7.72 31.89 57.56
N TRP C 88 -7.74 33.04 58.23
CA TRP C 88 -6.53 33.85 58.46
C TRP C 88 -6.21 33.72 59.94
N LYS C 89 -5.25 32.85 60.27
CA LYS C 89 -4.98 32.49 61.66
C LYS C 89 -4.48 33.68 62.48
N THR C 90 -3.88 34.68 61.84
CA THR C 90 -3.57 35.92 62.57
C THR C 90 -4.85 36.56 63.09
N ASN C 91 -5.89 36.59 62.26
CA ASN C 91 -7.22 36.97 62.73
C ASN C 91 -7.97 35.80 63.34
N ARG C 92 -7.59 34.57 62.98
CA ARG C 92 -8.24 33.35 63.46
C ARG C 92 -9.75 33.40 63.21
N ASN C 93 -10.12 33.87 62.02
CA ASN C 93 -11.51 33.99 61.62
C ASN C 93 -11.74 33.20 60.34
N MET C 94 -12.89 32.54 60.27
CA MET C 94 -13.23 31.68 59.14
C MET C 94 -14.03 32.47 58.11
N GLN C 95 -13.57 32.47 56.87
CA GLN C 95 -14.26 33.08 55.75
C GLN C 95 -14.75 31.99 54.82
N GLU C 96 -16.04 32.01 54.50
CA GLU C 96 -16.67 30.96 53.72
C GLU C 96 -17.32 31.57 52.47
N GLN C 97 -17.13 30.91 51.33
CA GLN C 97 -17.70 31.36 50.08
C GLN C 97 -17.93 30.16 49.16
N ARG C 98 -19.00 30.24 48.38
CA ARG C 98 -19.32 29.22 47.38
C ARG C 98 -18.63 29.63 46.08
N ILE C 99 -17.50 28.99 45.79
CA ILE C 99 -16.67 29.39 44.66
C ILE C 99 -17.10 28.64 43.41
N PHE C 100 -16.67 29.15 42.26
CA PHE C 100 -16.99 28.59 40.95
C PHE C 100 -15.70 28.00 40.37
N ILE C 101 -15.58 26.68 40.40
CA ILE C 101 -14.37 26.03 39.93
C ILE C 101 -14.23 26.17 38.43
N GLY C 102 -15.30 25.89 37.68
CA GLY C 102 -15.24 25.95 36.24
C GLY C 102 -16.43 25.27 35.61
N ASN C 103 -16.26 24.83 34.37
CA ASN C 103 -17.33 24.27 33.57
C ASN C 103 -17.03 22.82 33.21
N ILE C 104 -18.01 21.95 33.41
CA ILE C 104 -17.93 20.54 33.07
C ILE C 104 -18.80 20.30 31.83
N PRO C 105 -18.22 19.89 30.70
CA PRO C 105 -19.05 19.70 29.50
C PRO C 105 -20.11 18.62 29.70
N LEU C 106 -21.27 18.85 29.10
CA LEU C 106 -22.40 17.93 29.19
C LEU C 106 -22.68 17.35 27.82
N MET C 107 -22.92 16.05 27.77
CA MET C 107 -23.29 15.38 26.54
C MET C 107 -24.81 15.25 26.46
N ASN C 108 -25.32 15.19 25.24
CA ASN C 108 -26.74 14.94 25.06
C ASN C 108 -27.02 13.43 25.13
N SER C 109 -28.29 13.08 25.05
CA SER C 109 -28.68 11.67 25.16
C SER C 109 -28.12 10.85 24.01
N LEU C 110 -27.87 11.48 22.86
CA LEU C 110 -27.34 10.76 21.71
C LEU C 110 -25.88 10.36 21.89
N GLY C 111 -25.23 10.83 22.95
CA GLY C 111 -23.85 10.44 23.23
C GLY C 111 -22.80 11.35 22.65
N THR C 112 -23.12 12.60 22.38
CA THR C 112 -22.19 13.54 21.76
C THR C 112 -22.06 14.78 22.62
N PHE C 113 -20.82 15.23 22.79
CA PHE C 113 -20.55 16.54 23.37
C PHE C 113 -20.45 17.57 22.26
N ILE C 114 -20.61 18.84 22.63
CA ILE C 114 -20.27 19.94 21.74
C ILE C 114 -19.31 20.85 22.50
N VAL C 115 -18.12 21.06 21.93
CA VAL C 115 -17.11 21.92 22.52
C VAL C 115 -16.73 22.96 21.47
N ASN C 116 -16.91 24.24 21.82
CA ASN C 116 -16.70 25.34 20.89
C ASN C 116 -17.57 25.18 19.63
N GLY C 117 -18.77 24.65 19.82
CA GLY C 117 -19.75 24.60 18.76
C GLY C 117 -19.59 23.50 17.75
N ILE C 118 -18.79 22.46 18.05
CA ILE C 118 -18.65 21.33 17.15
C ILE C 118 -18.97 20.06 17.92
N TYR C 119 -19.76 19.18 17.29
CA TYR C 119 -20.15 17.93 17.92
C TYR C 119 -18.95 16.99 17.98
N ARG C 120 -18.57 16.60 19.19
CA ARG C 120 -17.45 15.71 19.41
C ARG C 120 -17.90 14.50 20.21
N VAL C 121 -17.41 13.33 19.83
CA VAL C 121 -17.68 12.10 20.55
C VAL C 121 -16.39 11.60 21.17
N VAL C 122 -16.52 10.83 22.24
CA VAL C 122 -15.39 10.22 22.93
C VAL C 122 -15.50 8.72 22.71
N ILE C 123 -14.67 8.19 21.82
CA ILE C 123 -14.72 6.76 21.50
C ILE C 123 -14.12 5.97 22.66
N ASN C 124 -14.35 4.67 22.67
CA ASN C 124 -13.89 3.80 23.75
C ASN C 124 -12.51 3.24 23.44
N GLN C 125 -11.69 3.11 24.47
CA GLN C 125 -10.35 2.57 24.35
C GLN C 125 -10.26 1.25 25.10
N ILE C 126 -9.54 0.29 24.53
CA ILE C 126 -9.31 -1.01 25.14
C ILE C 126 -7.85 -1.10 25.53
N LEU C 127 -7.60 -1.39 26.81
CA LEU C 127 -6.25 -1.45 27.35
C LEU C 127 -6.06 -2.75 28.10
N GLN C 128 -4.80 -3.12 28.30
CA GLN C 128 -4.48 -4.29 29.10
C GLN C 128 -4.90 -4.07 30.54
N SER C 129 -5.61 -5.05 31.10
CA SER C 129 -6.08 -4.91 32.47
C SER C 129 -4.92 -5.01 33.45
N PRO C 130 -5.01 -4.34 34.59
CA PRO C 130 -3.94 -4.44 35.60
C PRO C 130 -3.98 -5.78 36.30
N GLY C 131 -2.82 -6.41 36.38
CA GLY C 131 -2.71 -7.70 37.03
C GLY C 131 -1.42 -8.40 36.65
N ILE C 132 -1.33 -9.66 37.06
CA ILE C 132 -0.16 -10.49 36.80
C ILE C 132 -0.39 -11.30 35.54
N TYR C 133 0.63 -11.38 34.70
CA TYR C 133 0.54 -12.11 33.43
C TYR C 133 1.80 -12.94 33.25
N TYR C 134 1.65 -14.26 33.25
CA TYR C 134 2.77 -15.19 33.05
C TYR C 134 2.85 -15.53 31.57
N GLN C 135 3.95 -15.10 30.94
CA GLN C 135 4.17 -15.36 29.53
C GLN C 135 5.62 -15.75 29.30
N SER C 136 5.83 -16.74 28.43
CA SER C 136 7.18 -17.18 28.12
C SER C 136 7.90 -16.14 27.26
N GLU C 137 9.23 -16.23 27.26
CA GLU C 137 10.07 -15.30 26.51
C GLU C 137 11.25 -16.07 25.93
N LEU C 138 11.62 -15.71 24.70
CA LEU C 138 12.78 -16.26 24.03
C LEU C 138 13.79 -15.15 23.77
N ASP C 139 15.07 -15.53 23.75
CA ASP C 139 16.17 -14.59 23.62
C ASP C 139 16.94 -14.87 22.34
N HIS C 140 18.09 -14.20 22.19
CA HIS C 140 18.90 -14.35 20.98
C HIS C 140 19.30 -15.80 20.72
N ASN C 141 19.46 -16.60 21.77
CA ASN C 141 19.80 -18.00 21.63
C ASN C 141 18.67 -18.94 22.02
N GLY C 142 17.62 -18.44 22.68
CA GLY C 142 16.51 -19.28 23.10
C GLY C 142 16.65 -19.75 24.54
N ILE C 143 15.82 -19.20 25.42
CA ILE C 143 15.91 -19.52 26.85
C ILE C 143 14.60 -20.14 27.31
N SER C 144 13.51 -19.80 26.63
CA SER C 144 12.16 -20.19 27.05
C SER C 144 11.90 -19.78 28.50
N VAL C 145 12.37 -18.58 28.85
CA VAL C 145 12.28 -18.09 30.21
C VAL C 145 10.85 -17.62 30.48
N TYR C 146 10.22 -18.22 31.49
CA TYR C 146 8.90 -17.76 31.92
C TYR C 146 9.03 -16.39 32.57
N THR C 147 8.15 -15.47 32.17
CA THR C 147 8.19 -14.10 32.66
C THR C 147 6.85 -13.73 33.27
N GLY C 148 6.90 -13.16 34.47
CA GLY C 148 5.72 -12.63 35.13
C GLY C 148 5.77 -11.11 35.12
N THR C 149 4.69 -10.49 34.64
CA THR C 149 4.62 -9.06 34.49
C THR C 149 3.47 -8.50 35.32
N ILE C 150 3.70 -7.36 35.97
CA ILE C 150 2.71 -6.70 36.79
C ILE C 150 2.34 -5.38 36.12
N ILE C 151 1.05 -5.18 35.87
CA ILE C 151 0.54 -3.98 35.23
C ILE C 151 -0.32 -3.23 36.23
N SER C 152 -0.13 -1.92 36.30
CA SER C 152 -0.90 -1.05 37.19
C SER C 152 -1.80 -0.14 36.36
N ASP C 153 -2.56 0.70 37.04
CA ASP C 153 -3.38 1.70 36.37
C ASP C 153 -2.54 2.72 35.61
N TRP C 154 -1.26 2.82 35.93
CA TRP C 154 -0.32 3.68 35.23
C TRP C 154 0.43 2.94 34.12
N GLY C 155 -0.02 1.74 33.77
CA GLY C 155 0.68 0.93 32.78
C GLY C 155 2.03 0.48 33.28
N GLY C 156 2.08 0.01 34.53
CA GLY C 156 3.33 -0.48 35.08
C GLY C 156 3.83 -1.70 34.33
N ARG C 157 5.15 -1.87 34.33
CA ARG C 157 5.81 -2.94 33.59
C ARG C 157 6.83 -3.64 34.48
N LEU C 158 6.44 -3.97 35.70
CA LEU C 158 7.36 -4.63 36.63
C LEU C 158 7.53 -6.10 36.25
N GLU C 159 8.45 -6.37 35.33
CA GLU C 159 8.68 -7.72 34.85
C GLU C 159 9.46 -8.53 35.87
N LEU C 160 9.13 -9.82 35.97
CA LEU C 160 9.75 -10.72 36.94
C LEU C 160 9.95 -12.06 36.24
N GLU C 161 11.16 -12.28 35.74
CA GLU C 161 11.49 -13.46 34.94
C GLU C 161 12.40 -14.40 35.75
N ILE C 162 12.29 -15.69 35.45
CA ILE C 162 13.02 -16.73 36.18
C ILE C 162 14.05 -17.34 35.25
N ASP C 163 15.32 -17.23 35.63
CA ASP C 163 16.41 -17.89 34.92
C ASP C 163 16.76 -19.22 35.59
N LYS C 164 15.75 -20.09 35.66
CA LYS C 164 15.85 -21.42 36.28
C LYS C 164 16.22 -21.20 37.75
N LYS C 165 17.17 -21.96 38.31
CA LYS C 165 17.52 -21.83 39.72
C LYS C 165 18.33 -20.57 40.02
N ALA C 166 18.73 -19.82 39.00
CA ALA C 166 19.52 -18.62 39.20
C ALA C 166 18.62 -17.47 39.65
N ARG C 167 19.15 -16.25 39.62
CA ARG C 167 18.45 -15.10 40.17
C ARG C 167 17.13 -14.85 39.42
N ILE C 168 16.26 -14.08 40.07
CA ILE C 168 14.97 -13.70 39.50
C ILE C 168 15.05 -12.21 39.19
N TRP C 169 15.23 -11.87 37.91
CA TRP C 169 15.33 -10.48 37.53
C TRP C 169 14.03 -9.74 37.80
N ALA C 170 14.15 -8.48 38.23
CA ALA C 170 13.01 -7.61 38.51
C ALA C 170 13.23 -6.24 37.89
N ARG C 171 13.62 -6.23 36.61
CA ARG C 171 13.93 -4.97 35.94
C ARG C 171 12.68 -4.12 35.78
N VAL C 172 12.68 -2.94 36.39
CA VAL C 172 11.60 -1.99 36.18
C VAL C 172 11.67 -1.43 34.76
N SER C 173 12.87 -1.11 34.29
CA SER C 173 13.12 -0.67 32.93
C SER C 173 14.14 -1.61 32.28
N ARG C 174 14.48 -1.31 31.02
CA ARG C 174 15.46 -2.15 30.32
C ARG C 174 16.84 -2.03 30.94
N LYS C 175 17.18 -0.86 31.49
CA LYS C 175 18.46 -0.66 32.15
C LYS C 175 18.42 -0.96 33.64
N GLN C 176 17.24 -1.25 34.19
CA GLN C 176 17.10 -1.50 35.62
C GLN C 176 17.18 -2.99 35.96
N LYS C 177 17.93 -3.77 35.18
CA LYS C 177 18.06 -5.20 35.43
C LYS C 177 18.61 -5.44 36.83
N ILE C 178 17.78 -6.00 37.71
CA ILE C 178 18.12 -6.14 39.13
C ILE C 178 17.43 -7.39 39.65
N SER C 179 18.10 -8.06 40.59
CA SER C 179 17.59 -9.29 41.17
C SER C 179 16.68 -8.98 42.36
N ILE C 180 16.19 -10.03 43.02
CA ILE C 180 15.37 -9.90 44.20
C ILE C 180 15.93 -10.69 45.38
N LEU C 181 17.13 -11.27 45.23
CA LEU C 181 17.74 -12.00 46.33
C LEU C 181 18.01 -11.07 47.51
N VAL C 182 18.56 -9.89 47.23
CA VAL C 182 18.77 -8.88 48.26
C VAL C 182 17.58 -7.92 48.36
N LEU C 183 16.62 -8.01 47.45
CA LEU C 183 15.42 -7.19 47.52
C LEU C 183 14.34 -7.90 48.33
N SER C 184 14.74 -8.77 49.25
CA SER C 184 13.80 -9.38 50.16
C SER C 184 13.16 -8.33 51.05
N SER C 185 13.98 -7.51 51.70
CA SER C 185 13.45 -6.37 52.46
C SER C 185 12.92 -5.29 51.52
N ALA C 186 13.71 -4.94 50.50
CA ALA C 186 13.30 -4.00 49.45
C ALA C 186 12.64 -2.74 49.99
N MET C 187 11.36 -2.56 49.63
CA MET C 187 10.65 -1.35 50.02
C MET C 187 10.54 -1.21 51.53
N GLY C 188 9.74 -2.05 52.16
CA GLY C 188 9.61 -2.05 53.61
C GLY C 188 9.45 -3.45 54.16
N SER C 189 9.64 -4.45 53.31
CA SER C 189 9.43 -5.84 53.72
C SER C 189 10.62 -6.32 54.55
N ASN C 190 10.64 -7.61 54.85
CA ASN C 190 11.61 -8.15 55.80
C ASN C 190 12.50 -9.22 55.18
N LEU C 191 13.32 -9.84 56.02
CA LEU C 191 14.21 -10.93 55.61
C LEU C 191 13.44 -12.24 55.53
N ARG C 192 14.16 -13.36 55.50
CA ARG C 192 13.55 -14.66 55.28
C ARG C 192 12.69 -15.10 56.46
N GLU C 193 11.57 -14.42 56.69
CA GLU C 193 10.57 -14.84 57.65
C GLU C 193 9.43 -15.61 57.02
N ILE C 194 8.96 -15.17 55.86
CA ILE C 194 7.91 -15.87 55.13
C ILE C 194 8.40 -16.44 53.80
N LEU C 195 9.60 -16.11 53.37
CA LEU C 195 10.12 -16.62 52.11
C LEU C 195 10.26 -18.14 52.13
N GLU C 196 10.52 -18.72 53.29
CA GLU C 196 10.69 -20.15 53.42
C GLU C 196 9.41 -20.88 53.81
N ASN C 197 8.30 -20.17 53.94
CA ASN C 197 7.03 -20.81 54.30
C ASN C 197 6.32 -21.43 53.11
N VAL C 198 6.79 -21.22 51.90
CA VAL C 198 6.19 -21.79 50.69
C VAL C 198 7.29 -22.33 49.80
N CYS C 199 7.14 -23.57 49.36
CA CYS C 199 8.07 -24.24 48.42
C CYS C 199 9.46 -24.25 49.07
N TYR C 200 10.52 -23.88 48.35
CA TYR C 200 11.88 -23.93 48.89
C TYR C 200 12.57 -22.59 48.71
N PRO C 201 13.39 -22.18 49.66
CA PRO C 201 14.13 -20.90 49.56
C PRO C 201 15.54 -21.00 49.01
N GLU C 202 15.95 -22.16 48.48
CA GLU C 202 17.33 -22.34 48.06
C GLU C 202 17.75 -21.36 46.98
N ILE C 203 16.80 -20.77 46.24
CA ILE C 203 17.15 -19.81 45.21
C ILE C 203 17.80 -18.57 45.83
N PHE C 204 17.24 -18.08 46.94
CA PHE C 204 17.81 -16.92 47.61
C PHE C 204 19.17 -17.24 48.21
N LEU C 205 19.44 -18.51 48.52
CA LEU C 205 20.70 -18.91 49.12
C LEU C 205 21.84 -18.82 48.10
N PHE C 251 8.59 4.72 41.56
CA PHE C 251 8.64 3.53 42.42
C PHE C 251 7.69 3.69 43.60
N PHE C 252 7.65 4.90 44.18
CA PHE C 252 6.79 5.13 45.33
C PHE C 252 5.32 5.21 44.91
N HIS C 253 5.04 5.91 43.83
CA HIS C 253 3.67 6.10 43.36
C HIS C 253 3.48 5.88 41.87
N GLN C 254 4.54 5.92 41.06
CA GLN C 254 4.41 5.79 39.61
C GLN C 254 3.72 4.48 39.24
N ARG C 255 4.36 3.35 39.54
CA ARG C 255 3.76 2.03 39.36
C ARG C 255 3.98 1.26 40.67
N CYS C 256 3.08 1.50 41.63
CA CYS C 256 3.15 0.81 42.92
C CYS C 256 1.79 0.33 43.42
N GLU C 257 0.68 0.81 42.88
CA GLU C 257 -0.65 0.39 43.29
C GLU C 257 -1.35 -0.28 42.12
N LEU C 258 -2.12 -1.33 42.43
CA LEU C 258 -2.82 -2.08 41.39
C LEU C 258 -4.21 -1.54 41.09
N GLY C 259 -4.76 -0.70 41.95
CA GLY C 259 -6.10 -0.17 41.74
C GLY C 259 -7.16 -1.19 42.10
N ARG C 260 -8.41 -0.77 41.89
CA ARG C 260 -9.54 -1.66 42.16
C ARG C 260 -9.52 -2.88 41.24
N ILE C 261 -9.23 -2.66 39.95
CA ILE C 261 -9.22 -3.77 39.00
C ILE C 261 -8.03 -4.69 39.26
N GLY C 262 -6.86 -4.12 39.52
CA GLY C 262 -5.66 -4.94 39.69
C GLY C 262 -5.73 -5.85 40.90
N ARG C 263 -6.32 -5.35 41.99
CA ARG C 263 -6.42 -6.17 43.20
C ARG C 263 -7.28 -7.41 42.96
N ARG C 264 -8.37 -7.24 42.20
CA ARG C 264 -9.21 -8.40 41.87
C ARG C 264 -8.44 -9.41 41.03
N ASN C 265 -7.70 -8.93 40.03
CA ASN C 265 -6.99 -9.86 39.15
C ASN C 265 -5.80 -10.51 39.84
N ILE C 266 -5.07 -9.76 40.67
CA ILE C 266 -3.93 -10.34 41.35
C ILE C 266 -4.38 -11.40 42.34
N ASN C 267 -5.54 -11.22 42.97
CA ASN C 267 -6.09 -12.25 43.84
C ASN C 267 -6.71 -13.38 43.03
N TRP C 268 -7.28 -13.07 41.87
CA TRP C 268 -7.95 -14.10 41.07
C TRP C 268 -6.96 -15.17 40.62
N ARG C 269 -5.78 -14.77 40.19
CA ARG C 269 -4.79 -15.71 39.67
C ARG C 269 -3.95 -16.33 40.78
N LEU C 270 -3.46 -15.51 41.71
CA LEU C 270 -2.56 -15.99 42.75
C LEU C 270 -3.31 -16.56 43.95
N ASN C 271 -4.63 -16.46 43.99
CA ASN C 271 -5.45 -16.97 45.09
C ASN C 271 -4.96 -16.41 46.43
N LEU C 272 -5.07 -15.10 46.56
CA LEU C 272 -4.64 -14.39 47.75
C LEU C 272 -5.84 -13.94 48.57
N ASN C 273 -5.69 -13.95 49.89
CA ASN C 273 -6.76 -13.60 50.81
C ASN C 273 -6.82 -12.10 51.10
N ILE C 274 -5.96 -11.30 50.47
CA ILE C 274 -5.97 -9.86 50.72
C ILE C 274 -7.31 -9.28 50.26
N PRO C 275 -8.02 -8.54 51.12
CA PRO C 275 -9.32 -8.00 50.71
C PRO C 275 -9.19 -7.00 49.57
N GLN C 276 -10.25 -6.91 48.76
CA GLN C 276 -10.26 -6.02 47.61
C GLN C 276 -10.25 -4.55 48.02
N ASN C 277 -10.57 -4.24 49.27
CA ASN C 277 -10.56 -2.85 49.70
C ASN C 277 -9.16 -2.25 49.61
N ASN C 278 -8.15 -3.02 49.98
CA ASN C 278 -6.78 -2.54 49.86
C ASN C 278 -6.40 -2.40 48.38
N ILE C 279 -5.71 -1.32 48.06
CA ILE C 279 -5.32 -1.01 46.70
C ILE C 279 -3.82 -1.15 46.49
N PHE C 280 -3.03 -0.77 47.48
CA PHE C 280 -1.58 -0.77 47.36
C PHE C 280 -1.05 -2.19 47.26
N LEU C 281 0.00 -2.35 46.45
CA LEU C 281 0.64 -3.65 46.29
C LEU C 281 1.29 -4.09 47.60
N LEU C 282 1.36 -5.41 47.78
CA LEU C 282 1.95 -5.97 48.99
C LEU C 282 3.12 -6.89 48.65
N PRO C 283 4.12 -6.99 49.52
CA PRO C 283 5.19 -7.96 49.27
C PRO C 283 4.71 -9.39 49.24
N ARG C 284 3.57 -9.67 49.87
CA ARG C 284 2.94 -10.99 49.72
C ARG C 284 2.58 -11.26 48.27
N ASP C 285 2.06 -10.24 47.57
CA ASP C 285 1.76 -10.41 46.16
C ASP C 285 3.01 -10.68 45.34
N ILE C 286 4.09 -9.96 45.65
CA ILE C 286 5.36 -10.22 44.97
C ILE C 286 5.89 -11.60 45.33
N LEU C 287 5.75 -11.99 46.60
CA LEU C 287 6.16 -13.34 47.01
C LEU C 287 5.35 -14.39 46.28
N ALA C 288 4.04 -14.19 46.19
CA ALA C 288 3.18 -15.16 45.50
C ALA C 288 3.43 -15.17 43.99
N ALA C 289 3.99 -14.09 43.44
CA ALA C 289 4.27 -14.06 42.02
C ALA C 289 5.29 -15.12 41.63
N ALA C 290 6.35 -15.26 42.44
CA ALA C 290 7.34 -16.30 42.17
C ALA C 290 6.80 -17.69 42.52
N ASP C 291 5.82 -17.76 43.43
CA ASP C 291 5.27 -19.05 43.82
C ASP C 291 4.60 -19.74 42.63
N HIS C 292 3.70 -19.05 41.95
CA HIS C 292 3.07 -19.62 40.76
C HIS C 292 4.03 -19.65 39.58
N LEU C 293 5.07 -18.81 39.59
CA LEU C 293 6.05 -18.83 38.51
C LEU C 293 6.81 -20.16 38.50
N ILE C 294 7.17 -20.68 39.67
CA ILE C 294 7.89 -21.93 39.74
C ILE C 294 7.04 -23.09 39.25
N GLY C 295 5.73 -23.04 39.54
CA GLY C 295 4.84 -24.10 39.11
C GLY C 295 4.79 -24.27 37.60
N MET C 296 4.92 -23.16 36.86
CA MET C 296 4.96 -23.25 35.40
C MET C 296 6.14 -24.06 34.92
N LYS C 297 7.27 -24.00 35.63
CA LYS C 297 8.43 -24.80 35.26
C LYS C 297 8.12 -26.29 35.36
N PHE C 298 7.42 -26.70 36.41
CA PHE C 298 7.07 -28.10 36.61
C PHE C 298 5.90 -28.56 35.75
N GLY C 299 5.26 -27.65 35.03
CA GLY C 299 4.15 -27.99 34.17
C GLY C 299 2.78 -27.64 34.73
N MET C 300 2.70 -27.25 35.99
CA MET C 300 1.43 -26.87 36.58
C MET C 300 1.02 -25.47 36.15
N GLY C 301 -0.24 -25.32 35.76
CA GLY C 301 -0.74 -24.05 35.26
C GLY C 301 -0.45 -23.88 33.78
N THR C 302 -0.96 -22.77 33.24
CA THR C 302 -0.79 -22.44 31.84
C THR C 302 -0.45 -20.97 31.68
N LEU C 303 0.26 -20.66 30.60
CA LEU C 303 0.63 -19.28 30.32
C LEU C 303 -0.59 -18.45 29.94
N ASP C 304 -0.58 -17.19 30.37
CA ASP C 304 -1.67 -16.28 30.08
C ASP C 304 -1.65 -15.86 28.62
N ASP C 305 -2.83 -15.72 28.04
CA ASP C 305 -2.99 -15.25 26.67
C ASP C 305 -3.32 -13.77 26.72
N MET C 306 -2.38 -12.93 26.28
CA MET C 306 -2.56 -11.48 26.39
C MET C 306 -3.65 -10.96 25.48
N ASN C 307 -4.06 -11.72 24.46
CA ASN C 307 -5.13 -11.29 23.57
C ASN C 307 -6.51 -11.62 24.11
N HIS C 308 -6.60 -12.37 25.20
CA HIS C 308 -7.89 -12.69 25.79
C HIS C 308 -8.54 -11.43 26.35
N LEU C 309 -9.84 -11.29 26.12
CA LEU C 309 -10.55 -10.11 26.58
C LEU C 309 -10.66 -10.03 28.10
N LYS C 310 -10.52 -11.15 28.80
CA LYS C 310 -10.47 -11.10 30.25
C LYS C 310 -9.23 -10.36 30.74
N ASN C 311 -8.18 -10.32 29.94
CA ASN C 311 -6.98 -9.55 30.24
C ASN C 311 -7.05 -8.12 29.75
N LYS C 312 -8.12 -7.75 29.06
CA LYS C 312 -8.31 -6.40 28.56
C LYS C 312 -9.33 -5.65 29.40
N ARG C 313 -9.19 -4.34 29.45
CA ARG C 313 -10.15 -3.47 30.12
C ARG C 313 -10.62 -2.41 29.14
N ILE C 314 -11.92 -2.14 29.16
CA ILE C 314 -12.52 -1.13 28.30
C ILE C 314 -12.74 0.12 29.14
N ARG C 315 -12.17 1.24 28.69
CA ARG C 315 -12.41 2.52 29.34
C ARG C 315 -13.26 3.38 28.40
N SER C 316 -14.39 3.83 28.91
CA SER C 316 -15.35 4.61 28.14
C SER C 316 -15.19 6.08 28.47
N VAL C 317 -16.15 6.90 28.01
CA VAL C 317 -16.12 8.33 28.28
C VAL C 317 -16.13 8.61 29.78
N ALA C 318 -16.69 7.69 30.57
CA ALA C 318 -16.68 7.86 32.03
C ALA C 318 -15.25 7.88 32.56
N ASP C 319 -14.42 6.95 32.09
CA ASP C 319 -13.04 6.89 32.56
C ASP C 319 -12.26 8.11 32.12
N LEU C 320 -12.41 8.51 30.85
CA LEU C 320 -11.60 9.61 30.33
C LEU C 320 -12.00 10.94 30.95
N LEU C 321 -13.30 11.21 31.07
CA LEU C 321 -13.74 12.45 31.69
C LEU C 321 -13.32 12.53 33.15
N GLN C 322 -13.24 11.39 33.83
CA GLN C 322 -12.77 11.38 35.20
C GLN C 322 -11.29 11.71 35.29
N ASP C 323 -10.51 11.18 34.35
CA ASP C 323 -9.07 11.46 34.34
C ASP C 323 -8.80 12.93 34.07
N GLN C 324 -9.52 13.53 33.11
CA GLN C 324 -9.32 14.94 32.83
C GLN C 324 -9.73 15.81 34.00
N LEU C 325 -10.75 15.40 34.74
CA LEU C 325 -11.11 16.10 35.97
C LEU C 325 -9.97 16.04 36.99
N GLY C 326 -9.33 14.87 37.10
CA GLY C 326 -8.20 14.76 38.00
C GLY C 326 -7.04 15.66 37.60
N LEU C 327 -6.76 15.73 36.29
CA LEU C 327 -5.70 16.64 35.82
C LEU C 327 -6.08 18.09 36.09
N ALA C 328 -7.35 18.43 35.92
CA ALA C 328 -7.78 19.80 36.19
C ALA C 328 -7.56 20.17 37.65
N LEU C 329 -7.92 19.26 38.56
CA LEU C 329 -7.68 19.52 39.98
C LEU C 329 -6.19 19.54 40.29
N ALA C 330 -5.41 18.71 39.60
CA ALA C 330 -3.96 18.76 39.75
C ALA C 330 -3.42 20.11 39.29
N ARG C 331 -3.96 20.64 38.19
CA ARG C 331 -3.61 22.00 37.79
C ARG C 331 -4.25 23.05 38.68
N LEU C 332 -5.37 22.72 39.33
CA LEU C 332 -6.05 23.69 40.17
C LEU C 332 -5.31 23.91 41.49
N GLU C 333 -4.72 22.85 42.05
CA GLU C 333 -3.98 23.02 43.29
C GLU C 333 -2.71 23.84 43.07
N ASN C 334 -2.14 23.79 41.87
CA ASN C 334 -1.00 24.66 41.57
C ASN C 334 -1.43 26.11 41.45
N VAL C 335 -2.64 26.36 40.95
CA VAL C 335 -3.11 27.74 40.77
C VAL C 335 -3.29 28.41 42.13
N VAL C 336 -3.95 27.73 43.07
CA VAL C 336 -4.16 28.31 44.39
C VAL C 336 -2.82 28.46 45.11
N LYS C 337 -1.92 27.49 44.96
CA LYS C 337 -0.58 27.64 45.54
C LYS C 337 0.15 28.82 44.93
N GLY C 338 0.00 29.03 43.61
CA GLY C 338 0.52 30.24 43.01
C GLY C 338 -0.20 31.48 43.47
N THR C 339 -1.51 31.39 43.73
CA THR C 339 -2.26 32.56 44.15
C THR C 339 -1.89 32.98 45.56
N ILE C 340 -1.75 32.02 46.49
CA ILE C 340 -1.44 32.37 47.86
C ILE C 340 -0.05 32.99 47.95
N GLY C 341 0.88 32.51 47.13
CA GLY C 341 2.20 33.14 47.08
C GLY C 341 2.13 34.58 46.66
N GLY C 342 1.32 34.88 45.64
CA GLY C 342 1.11 36.27 45.25
C GLY C 342 0.34 37.05 46.29
N ALA C 343 -0.66 36.42 46.92
CA ALA C 343 -1.44 37.10 47.94
C ALA C 343 -0.59 37.44 49.15
N ILE C 344 0.27 36.52 49.58
CA ILE C 344 1.18 36.80 50.69
C ILE C 344 2.17 37.88 50.30
N ARG C 345 2.70 37.80 49.08
CA ARG C 345 3.69 38.78 48.63
C ARG C 345 3.10 40.19 48.58
N HIS C 346 1.79 40.31 48.34
CA HIS C 346 1.14 41.61 48.33
C HIS C 346 0.39 41.91 49.62
N LYS C 347 0.12 40.90 50.44
CA LYS C 347 -0.56 41.06 51.73
C LYS C 347 -1.92 41.72 51.57
N LEU C 348 -2.80 41.01 50.86
CA LEU C 348 -4.20 41.40 50.73
C LEU C 348 -5.07 40.26 51.25
N ILE C 349 -6.30 40.60 51.62
CA ILE C 349 -7.25 39.62 52.15
C ILE C 349 -8.19 39.19 51.04
N PRO C 350 -7.94 38.06 50.38
CA PRO C 350 -8.79 37.65 49.26
C PRO C 350 -9.89 36.68 49.68
N THR C 351 -11.04 36.82 49.02
CA THR C 351 -12.11 35.86 49.21
C THR C 351 -11.71 34.52 48.59
N PRO C 352 -12.33 33.42 49.02
CA PRO C 352 -11.99 32.11 48.44
C PRO C 352 -12.16 32.05 46.94
N GLN C 353 -13.08 32.84 46.38
CA GLN C 353 -13.21 32.89 44.93
C GLN C 353 -11.95 33.47 44.29
N ASN C 354 -11.33 34.45 44.94
CA ASN C 354 -10.14 35.08 44.38
C ASN C 354 -8.96 34.13 44.28
N LEU C 355 -8.95 33.04 45.05
CA LEU C 355 -7.85 32.10 45.02
C LEU C 355 -7.99 31.06 43.91
N VAL C 356 -9.11 31.05 43.18
CA VAL C 356 -9.34 30.08 42.13
C VAL C 356 -9.80 30.81 40.87
N THR C 357 -9.68 30.13 39.75
CA THR C 357 -10.14 30.64 38.46
C THR C 357 -10.75 29.50 37.67
N SER C 358 -11.56 29.86 36.67
CA SER C 358 -12.20 28.86 35.83
C SER C 358 -11.24 28.24 34.81
N THR C 359 -10.04 28.80 34.67
CA THR C 359 -9.12 28.30 33.66
C THR C 359 -8.72 26.83 33.84
N PRO C 360 -8.32 26.36 35.03
CA PRO C 360 -7.86 24.97 35.12
C PRO C 360 -8.91 23.94 34.70
N LEU C 361 -10.19 24.20 34.98
CA LEU C 361 -11.21 23.21 34.65
C LEU C 361 -11.64 23.31 33.19
N THR C 362 -11.89 24.53 32.72
CA THR C 362 -12.40 24.70 31.36
C THR C 362 -11.33 24.41 30.31
N THR C 363 -10.10 24.86 30.55
CA THR C 363 -9.06 24.73 29.53
C THR C 363 -8.69 23.27 29.27
N THR C 364 -8.59 22.46 30.34
CA THR C 364 -8.16 21.08 30.15
C THR C 364 -9.17 20.29 29.33
N TYR C 365 -10.46 20.51 29.55
CA TYR C 365 -11.47 19.82 28.76
C TYR C 365 -11.44 20.28 27.30
N GLU C 366 -11.32 21.59 27.08
CA GLU C 366 -11.18 22.09 25.72
C GLU C 366 -9.93 21.54 25.06
N SER C 367 -8.83 21.47 25.81
CA SER C 367 -7.63 20.83 25.29
C SER C 367 -7.86 19.33 25.08
N PHE C 368 -8.59 18.70 25.99
CA PHE C 368 -8.87 17.27 25.83
C PHE C 368 -9.69 17.00 24.58
N PHE C 369 -10.82 17.70 24.43
CA PHE C 369 -11.66 17.46 23.27
C PHE C 369 -11.00 17.87 21.97
N GLY C 370 -10.09 18.84 22.02
CA GLY C 370 -9.48 19.34 20.81
C GLY C 370 -8.19 18.65 20.41
N LEU C 371 -7.56 17.92 21.32
CA LEU C 371 -6.24 17.37 21.04
C LEU C 371 -6.17 15.86 21.25
N HIS C 372 -6.95 15.34 22.19
CA HIS C 372 -6.87 13.91 22.51
C HIS C 372 -7.33 13.10 21.30
N PRO C 373 -6.57 12.09 20.88
CA PRO C 373 -6.95 11.33 19.69
C PRO C 373 -8.29 10.63 19.81
N LEU C 374 -8.67 10.20 21.01
CA LEU C 374 -9.94 9.49 21.17
C LEU C 374 -11.13 10.42 20.97
N SER C 375 -11.01 11.69 21.39
CA SER C 375 -12.09 12.65 21.20
C SER C 375 -12.13 13.06 19.74
N GLN C 376 -13.01 12.43 18.98
CA GLN C 376 -13.13 12.66 17.54
C GLN C 376 -14.37 13.48 17.24
N VAL C 377 -14.32 14.23 16.13
CA VAL C 377 -15.46 15.00 15.70
C VAL C 377 -16.55 14.05 15.22
N LEU C 378 -17.79 14.30 15.67
CA LEU C 378 -18.90 13.43 15.30
C LEU C 378 -19.08 13.42 13.78
N ASP C 379 -19.21 12.22 13.23
CA ASP C 379 -19.43 12.04 11.80
C ASP C 379 -20.93 12.05 11.54
N ARG C 380 -21.41 13.09 10.86
CA ARG C 380 -22.83 13.27 10.60
C ARG C 380 -23.16 13.13 9.13
N THR C 381 -22.48 12.20 8.44
CA THR C 381 -22.80 11.94 7.05
C THR C 381 -24.22 11.44 6.90
N ASN C 382 -24.62 10.51 7.76
CA ASN C 382 -25.96 9.94 7.73
C ASN C 382 -26.29 9.48 9.15
N PRO C 383 -27.55 9.15 9.42
CA PRO C 383 -27.90 8.68 10.77
C PRO C 383 -27.11 7.47 11.22
N LEU C 384 -26.69 6.61 10.29
CA LEU C 384 -25.90 5.46 10.69
C LEU C 384 -24.55 5.87 11.25
N THR C 385 -23.91 6.87 10.65
CA THR C 385 -22.59 7.29 11.09
C THR C 385 -22.63 7.92 12.48
N GLN C 386 -23.69 8.65 12.79
CA GLN C 386 -23.78 9.27 14.11
C GLN C 386 -23.83 8.24 15.22
N ILE C 387 -24.39 7.06 14.94
CA ILE C 387 -24.55 6.05 15.98
C ILE C 387 -23.33 5.15 16.07
N VAL C 388 -22.86 4.64 14.93
CA VAL C 388 -21.75 3.71 14.94
C VAL C 388 -20.46 4.36 15.41
N HIS C 389 -20.36 5.69 15.33
CA HIS C 389 -19.13 6.37 15.74
C HIS C 389 -18.91 6.28 17.24
N GLY C 390 -19.98 6.34 18.02
CA GLY C 390 -19.86 6.29 19.47
C GLY C 390 -19.66 4.91 20.05
N ARG C 391 -19.61 3.88 19.22
CA ARG C 391 -19.44 2.50 19.67
C ARG C 391 -18.15 1.90 19.13
N LYS C 392 -17.13 2.72 18.93
CA LYS C 392 -15.87 2.25 18.39
C LYS C 392 -14.91 1.89 19.52
N LEU C 393 -14.08 0.88 19.26
CA LEU C 393 -13.01 0.48 20.16
C LEU C 393 -11.67 0.84 19.56
N SER C 394 -10.86 1.57 20.30
CA SER C 394 -9.54 2.01 19.83
C SER C 394 -8.48 1.26 20.62
N TYR C 395 -7.81 0.31 19.96
CA TYR C 395 -6.71 -0.39 20.60
C TYR C 395 -5.53 0.53 20.82
N LEU C 396 -5.35 1.52 19.95
CA LEU C 396 -4.27 2.49 20.08
C LEU C 396 -4.73 3.62 21.01
N GLY C 397 -3.96 4.71 21.04
CA GLY C 397 -4.27 5.83 21.89
C GLY C 397 -3.20 6.05 22.94
N PRO C 398 -3.42 7.04 23.82
CA PRO C 398 -2.44 7.29 24.89
C PRO C 398 -2.31 6.12 25.84
N GLY C 399 -1.14 5.48 25.83
CA GLY C 399 -0.94 4.27 26.58
C GLY C 399 -1.40 3.01 25.89
N GLY C 400 -2.00 3.12 24.70
CA GLY C 400 -2.42 1.96 23.96
C GLY C 400 -1.34 1.44 23.03
N LEU C 401 -1.69 0.39 22.28
CA LEU C 401 -0.77 -0.25 21.36
C LEU C 401 -0.91 0.42 20.00
N THR C 402 0.00 1.36 19.72
CA THR C 402 -0.05 2.12 18.47
C THR C 402 0.44 1.26 17.31
N GLY C 403 0.57 1.89 16.14
CA GLY C 403 0.99 1.19 14.95
C GLY C 403 2.41 0.64 15.03
N ARG C 404 3.23 1.17 15.93
CA ARG C 404 4.57 0.63 16.12
C ARG C 404 4.54 -0.66 16.92
N THR C 405 3.97 -0.61 18.13
CA THR C 405 3.73 -1.81 18.93
C THR C 405 2.41 -2.46 18.52
N ALA C 406 2.38 -2.93 17.28
CA ALA C 406 1.18 -3.43 16.63
C ALA C 406 1.40 -4.83 16.08
N ASN C 407 1.93 -5.71 16.92
CA ASN C 407 2.06 -7.11 16.54
C ASN C 407 0.70 -7.65 16.13
N PHE C 408 0.67 -8.37 15.00
CA PHE C 408 -0.58 -8.71 14.33
C PHE C 408 -1.48 -9.63 15.16
N ARG C 409 -1.04 -10.08 16.33
CA ARG C 409 -1.92 -10.86 17.20
C ARG C 409 -3.09 -10.02 17.68
N ILE C 410 -2.83 -8.75 18.03
CA ILE C 410 -3.90 -7.85 18.43
C ILE C 410 -4.85 -7.57 17.27
N ARG C 411 -4.38 -7.72 16.03
CA ARG C 411 -5.21 -7.53 14.84
C ARG C 411 -5.98 -8.80 14.47
N ASP C 412 -6.15 -9.72 15.40
CA ASP C 412 -6.75 -11.01 15.12
C ASP C 412 -7.99 -11.22 15.98
N ILE C 413 -8.88 -12.06 15.47
CA ILE C 413 -10.11 -12.40 16.19
C ILE C 413 -9.79 -13.38 17.29
N HIS C 414 -10.24 -13.08 18.50
CA HIS C 414 -10.06 -13.99 19.61
C HIS C 414 -11.41 -14.60 20.00
N PRO C 415 -11.43 -15.86 20.47
CA PRO C 415 -12.70 -16.48 20.84
C PRO C 415 -13.46 -15.73 21.93
N SER C 416 -12.79 -14.91 22.72
CA SER C 416 -13.47 -14.10 23.72
C SER C 416 -14.19 -12.90 23.11
N HIS C 417 -13.94 -12.60 21.83
CA HIS C 417 -14.61 -11.48 21.19
C HIS C 417 -16.07 -11.76 20.86
N TYR C 418 -16.48 -13.02 20.91
CA TYR C 418 -17.82 -13.38 20.44
C TYR C 418 -18.89 -12.73 21.32
N GLY C 419 -19.75 -11.94 20.68
CA GLY C 419 -20.80 -11.23 21.37
C GLY C 419 -20.37 -9.92 21.98
N ARG C 420 -19.09 -9.57 21.91
CA ARG C 420 -18.56 -8.34 22.49
C ARG C 420 -17.93 -7.44 21.44
N ILE C 421 -17.08 -7.98 20.59
CA ILE C 421 -16.45 -7.23 19.51
C ILE C 421 -16.80 -7.92 18.19
N CYS C 422 -17.26 -7.14 17.23
CA CYS C 422 -17.71 -7.71 15.96
C CYS C 422 -16.51 -8.27 15.19
N PRO C 423 -16.48 -9.56 14.88
CA PRO C 423 -15.39 -10.08 14.04
C PRO C 423 -15.36 -9.48 12.65
N ILE C 424 -16.53 -9.17 12.09
CA ILE C 424 -16.58 -8.65 10.73
C ILE C 424 -16.00 -7.25 10.67
N ASP C 425 -16.41 -6.38 11.60
CA ASP C 425 -16.12 -4.96 11.51
C ASP C 425 -14.68 -4.69 11.94
N THR C 426 -13.76 -5.03 11.03
CA THR C 426 -12.36 -4.66 11.24
C THR C 426 -12.20 -3.14 11.26
N SER C 427 -12.91 -2.45 10.36
CA SER C 427 -12.94 -0.99 10.33
C SER C 427 -11.53 -0.40 10.25
N GLU C 428 -10.88 -0.68 9.11
CA GLU C 428 -9.52 -0.20 8.90
C GLU C 428 -9.50 1.31 8.88
N GLY C 429 -9.01 1.91 9.96
CA GLY C 429 -8.88 3.35 10.05
C GLY C 429 -7.43 3.77 10.06
N ILE C 430 -6.89 4.03 11.25
CA ILE C 430 -5.47 4.31 11.37
C ILE C 430 -4.65 3.10 10.93
N ASN C 431 -5.06 1.91 11.36
CA ASN C 431 -4.40 0.67 10.96
C ASN C 431 -5.42 -0.46 10.97
N VAL C 432 -5.06 -1.55 10.28
CA VAL C 432 -5.95 -2.70 10.17
C VAL C 432 -6.10 -3.37 11.53
N GLY C 433 -7.33 -3.64 11.93
CA GLY C 433 -7.58 -4.37 13.16
C GLY C 433 -7.25 -3.64 14.43
N LEU C 434 -7.03 -2.33 14.37
CA LEU C 434 -6.73 -1.54 15.57
C LEU C 434 -7.87 -0.61 15.95
N ILE C 435 -8.96 -0.58 15.18
CA ILE C 435 -10.16 0.19 15.54
C ILE C 435 -11.34 -0.75 15.33
N GLY C 436 -11.79 -1.40 16.40
CA GLY C 436 -12.92 -2.29 16.35
C GLY C 436 -14.22 -1.61 16.74
N SER C 437 -15.28 -2.41 16.77
CA SER C 437 -16.59 -1.92 17.15
C SER C 437 -17.26 -2.94 18.06
N LEU C 438 -18.17 -2.44 18.90
CA LEU C 438 -18.85 -3.28 19.87
C LEU C 438 -20.03 -4.00 19.24
N SER C 439 -20.31 -5.19 19.75
CA SER C 439 -21.49 -5.92 19.31
C SER C 439 -22.75 -5.22 19.80
N ILE C 440 -23.88 -5.55 19.17
CA ILE C 440 -25.11 -4.83 19.43
C ILE C 440 -25.55 -5.00 20.87
N HIS C 441 -25.50 -6.23 21.38
CA HIS C 441 -25.92 -6.51 22.73
C HIS C 441 -24.80 -6.38 23.74
N ALA C 442 -23.60 -5.99 23.32
CA ALA C 442 -22.48 -5.86 24.23
C ALA C 442 -22.74 -4.77 25.26
N ARG C 443 -22.26 -5.00 26.48
CA ARG C 443 -22.44 -4.07 27.57
C ARG C 443 -21.13 -3.95 28.33
N ILE C 444 -20.94 -2.80 28.98
CA ILE C 444 -19.75 -2.55 29.79
C ILE C 444 -20.02 -3.09 31.19
N GLY C 445 -19.16 -4.01 31.64
CA GLY C 445 -19.27 -4.57 32.96
C GLY C 445 -18.74 -3.62 34.02
N ASP C 446 -18.89 -4.05 35.27
CA ASP C 446 -18.43 -3.22 36.39
C ASP C 446 -16.92 -3.06 36.37
N TRP C 447 -16.19 -4.13 36.11
CA TRP C 447 -14.72 -4.08 36.10
C TRP C 447 -14.17 -3.81 34.70
N GLY C 448 -14.71 -2.78 34.05
CA GLY C 448 -14.25 -2.41 32.72
C GLY C 448 -14.26 -3.53 31.71
N SER C 449 -15.21 -4.45 31.81
CA SER C 449 -15.25 -5.63 30.96
C SER C 449 -16.45 -5.59 30.04
N LEU C 450 -16.35 -6.32 28.93
CA LEU C 450 -17.43 -6.43 27.96
C LEU C 450 -18.30 -7.62 28.32
N GLU C 451 -19.58 -7.38 28.52
CA GLU C 451 -20.53 -8.43 28.87
C GLU C 451 -21.53 -8.62 27.74
N SER C 452 -21.78 -9.87 27.38
CA SER C 452 -22.74 -10.21 26.36
C SER C 452 -23.81 -11.12 26.94
N PRO C 453 -25.09 -10.83 26.72
CA PRO C 453 -26.15 -11.64 27.33
C PRO C 453 -26.23 -13.03 26.73
N PHE C 454 -26.58 -14.00 27.57
CA PHE C 454 -26.83 -15.37 27.14
C PHE C 454 -28.02 -15.91 27.92
N TYR C 455 -28.70 -16.89 27.34
CA TYR C 455 -29.86 -17.51 27.97
C TYR C 455 -29.40 -18.70 28.79
N GLU C 456 -29.62 -18.64 30.10
CA GLU C 456 -29.17 -19.69 31.00
C GLU C 456 -30.17 -20.84 30.99
N LEU C 457 -29.67 -22.05 30.71
CA LEU C 457 -30.49 -23.26 30.73
C LEU C 457 -30.52 -23.85 32.14
N VAL C 458 -31.27 -23.17 33.00
CA VAL C 458 -31.45 -23.61 34.39
C VAL C 458 -32.17 -24.95 34.42
N GLU C 459 -31.65 -25.88 35.23
CA GLU C 459 -32.21 -27.22 35.36
C GLU C 459 -32.90 -27.32 36.72
N LYS C 460 -34.18 -26.92 36.75
CA LYS C 460 -35.01 -27.01 37.94
C LYS C 460 -34.41 -26.25 39.12
N SER C 461 -33.55 -25.26 38.84
CA SER C 461 -32.89 -24.47 39.88
C SER C 461 -33.75 -23.24 40.15
N LYS C 462 -34.69 -23.41 41.08
CA LYS C 462 -35.59 -22.33 41.51
C LYS C 462 -36.43 -21.83 40.33
N LYS C 463 -37.10 -20.70 40.50
CA LYS C 463 -37.82 -20.07 39.41
C LYS C 463 -36.88 -19.50 38.37
N ALA C 464 -35.60 -19.35 38.71
CA ALA C 464 -34.55 -18.80 37.85
C ALA C 464 -34.74 -17.32 37.55
N GLN C 465 -35.84 -16.74 37.99
CA GLN C 465 -36.17 -15.34 37.75
C GLN C 465 -35.86 -14.93 36.31
N ILE C 466 -34.78 -14.19 36.12
CA ILE C 466 -34.31 -13.82 34.80
C ILE C 466 -33.26 -14.83 34.37
N ARG C 467 -33.51 -15.49 33.24
CA ARG C 467 -32.57 -16.47 32.71
C ARG C 467 -31.56 -15.86 31.77
N MET C 468 -31.56 -14.54 31.61
CA MET C 468 -30.60 -13.87 30.75
C MET C 468 -29.43 -13.39 31.62
N LEU C 469 -28.23 -13.84 31.28
CA LEU C 469 -27.03 -13.54 32.05
C LEU C 469 -26.04 -12.78 31.18
N PHE C 470 -25.57 -11.64 31.68
CA PHE C 470 -24.45 -10.95 31.05
C PHE C 470 -23.16 -11.58 31.55
N LEU C 471 -22.35 -12.08 30.63
CA LEU C 471 -21.16 -12.84 30.96
C LEU C 471 -19.91 -12.03 30.59
N SER C 472 -19.04 -11.83 31.57
CA SER C 472 -17.73 -11.27 31.29
C SER C 472 -16.89 -12.29 30.54
N PRO C 473 -15.88 -11.84 29.81
CA PRO C 473 -15.07 -12.79 29.02
C PRO C 473 -14.38 -13.83 29.88
N SER C 474 -14.09 -13.52 31.14
CA SER C 474 -13.41 -14.48 32.01
C SER C 474 -14.29 -15.71 32.25
N GLN C 475 -15.56 -15.49 32.57
CA GLN C 475 -16.47 -16.59 32.84
C GLN C 475 -17.11 -17.17 31.58
N ASP C 476 -16.96 -16.49 30.45
CA ASP C 476 -17.50 -17.02 29.19
C ASP C 476 -16.84 -18.33 28.82
N GLU C 477 -15.53 -18.44 29.07
CA GLU C 477 -14.78 -19.61 28.63
C GLU C 477 -15.23 -20.89 29.33
N TYR C 478 -15.81 -20.77 30.51
CA TYR C 478 -16.09 -21.92 31.36
C TYR C 478 -17.55 -22.37 31.29
N TYR C 479 -18.29 -21.93 30.27
CA TYR C 479 -19.66 -22.37 30.04
C TYR C 479 -19.76 -23.04 28.68
N MET C 480 -20.61 -24.05 28.60
CA MET C 480 -20.88 -24.76 27.36
C MET C 480 -21.98 -24.00 26.64
N ILE C 481 -21.60 -23.05 25.79
CA ILE C 481 -22.55 -22.20 25.09
C ILE C 481 -22.83 -22.79 23.73
N ALA C 482 -24.11 -23.00 23.43
CA ALA C 482 -24.54 -23.56 22.15
C ALA C 482 -25.38 -22.54 21.41
N ALA C 483 -25.25 -22.54 20.08
CA ALA C 483 -26.03 -21.66 19.23
C ALA C 483 -27.02 -22.40 18.35
N GLY C 484 -27.03 -23.73 18.39
CA GLY C 484 -27.95 -24.49 17.58
C GLY C 484 -29.37 -24.43 18.09
N ASN C 485 -30.28 -25.02 17.31
CA ASN C 485 -31.69 -25.04 17.63
C ASN C 485 -32.07 -26.37 18.27
N SER C 486 -33.28 -26.42 18.82
CA SER C 486 -33.79 -27.62 19.48
C SER C 486 -34.85 -28.31 18.63
N LEU C 487 -34.70 -28.28 17.31
CA LEU C 487 -35.67 -28.85 16.38
C LEU C 487 -35.21 -30.17 15.81
N ALA C 488 -34.54 -31.00 16.62
CA ALA C 488 -34.10 -32.31 16.20
C ALA C 488 -34.67 -33.35 17.14
N LEU C 489 -35.31 -34.37 16.59
CA LEU C 489 -35.91 -35.42 17.38
C LEU C 489 -35.58 -36.78 16.78
N ASN C 490 -35.58 -37.79 17.64
CA ASN C 490 -35.18 -39.14 17.29
C ASN C 490 -36.03 -40.11 18.10
N ARG C 491 -35.79 -41.40 17.92
CA ARG C 491 -36.48 -42.40 18.73
C ARG C 491 -36.17 -42.23 20.21
N GLY C 492 -35.06 -41.57 20.55
CA GLY C 492 -34.74 -41.27 21.93
C GLY C 492 -35.42 -40.00 22.40
N ILE C 493 -34.74 -39.27 23.27
CA ILE C 493 -35.27 -38.01 23.81
C ILE C 493 -34.50 -36.85 23.19
N GLN C 494 -35.01 -35.65 23.42
CA GLN C 494 -34.37 -34.45 22.88
C GLN C 494 -33.11 -34.09 23.64
N GLU C 495 -33.04 -34.40 24.93
CA GLU C 495 -31.90 -33.97 25.73
C GLU C 495 -30.60 -34.57 25.22
N GLU C 496 -30.64 -35.74 24.62
CA GLU C 496 -29.44 -36.41 24.14
C GLU C 496 -29.11 -36.06 22.69
N GLN C 497 -29.87 -35.16 22.07
CA GLN C 497 -29.53 -34.71 20.73
C GLN C 497 -28.30 -33.82 20.77
N VAL C 498 -27.41 -34.04 19.81
CA VAL C 498 -26.14 -33.32 19.79
C VAL C 498 -26.33 -31.96 19.14
N VAL C 499 -25.47 -31.01 19.49
CA VAL C 499 -25.53 -29.65 18.98
C VAL C 499 -24.15 -29.03 19.09
N PRO C 500 -23.67 -28.31 18.07
CA PRO C 500 -22.38 -27.63 18.19
C PRO C 500 -22.40 -26.60 19.31
N ALA C 501 -21.28 -26.51 20.03
CA ALA C 501 -21.18 -25.61 21.17
C ALA C 501 -19.74 -25.16 21.34
N ARG C 502 -19.57 -24.07 22.07
CA ARG C 502 -18.25 -23.52 22.37
C ARG C 502 -17.90 -23.83 23.82
N TYR C 503 -16.70 -24.34 24.03
CA TYR C 503 -16.24 -24.62 25.39
C TYR C 503 -14.72 -24.49 25.42
N ARG C 504 -14.22 -23.70 26.38
CA ARG C 504 -12.79 -23.47 26.55
C ARG C 504 -12.16 -22.96 25.25
N GLN C 505 -12.80 -21.95 24.66
CA GLN C 505 -12.33 -21.34 23.42
C GLN C 505 -12.18 -22.38 22.32
N GLU C 506 -13.11 -23.34 22.28
CA GLU C 506 -13.03 -24.44 21.34
C GLU C 506 -14.44 -24.87 20.98
N PHE C 507 -14.66 -25.13 19.69
CA PHE C 507 -15.95 -25.58 19.20
C PHE C 507 -16.01 -27.10 19.25
N LEU C 508 -17.12 -27.63 19.75
CA LEU C 508 -17.31 -29.07 19.84
C LEU C 508 -18.80 -29.38 19.77
N THR C 509 -19.10 -30.62 19.44
CA THR C 509 -20.48 -31.09 19.35
C THR C 509 -20.82 -31.87 20.61
N ILE C 510 -21.81 -31.39 21.36
CA ILE C 510 -22.19 -31.97 22.63
C ILE C 510 -23.71 -32.12 22.67
N ALA C 511 -24.18 -33.03 23.51
CA ALA C 511 -25.60 -33.24 23.67
C ALA C 511 -26.24 -32.06 24.39
N TRP C 512 -27.54 -31.90 24.19
CA TRP C 512 -28.25 -30.75 24.73
C TRP C 512 -28.28 -30.72 26.25
N GLU C 513 -28.14 -31.87 26.91
CA GLU C 513 -28.19 -31.89 28.36
C GLU C 513 -26.94 -31.33 29.02
N GLU C 514 -25.80 -31.33 28.31
CA GLU C 514 -24.60 -30.73 28.85
C GLU C 514 -24.48 -29.25 28.56
N VAL C 515 -25.38 -28.68 27.75
CA VAL C 515 -25.29 -27.28 27.38
C VAL C 515 -25.75 -26.42 28.55
N HIS C 516 -24.95 -25.40 28.88
CA HIS C 516 -25.26 -24.48 29.97
C HIS C 516 -25.99 -23.23 29.50
N LEU C 517 -25.59 -22.66 28.36
CA LEU C 517 -26.13 -21.39 27.91
C LEU C 517 -26.50 -21.49 26.44
N ARG C 518 -27.41 -20.62 26.01
CA ARG C 518 -27.79 -20.49 24.61
C ARG C 518 -27.63 -19.04 24.18
N SER C 519 -27.11 -18.85 22.98
CA SER C 519 -27.10 -17.54 22.32
C SER C 519 -28.35 -17.47 21.46
N ILE C 520 -29.33 -16.68 21.89
CA ILE C 520 -30.65 -16.68 21.26
C ILE C 520 -30.82 -15.46 20.37
N PHE C 521 -30.16 -14.37 20.72
CA PHE C 521 -30.34 -13.13 19.97
C PHE C 521 -29.72 -13.26 18.58
N PRO C 522 -30.43 -12.85 17.53
CA PRO C 522 -29.86 -12.91 16.18
C PRO C 522 -28.69 -11.96 16.01
N PHE C 523 -28.87 -10.71 16.42
CA PHE C 523 -27.82 -9.71 16.33
C PHE C 523 -26.92 -9.78 17.54
N GLN C 524 -26.39 -10.96 17.85
CA GLN C 524 -25.58 -11.16 19.04
C GLN C 524 -24.11 -10.85 18.80
N TYR C 525 -23.55 -11.37 17.71
CA TYR C 525 -22.12 -11.33 17.46
C TYR C 525 -21.70 -10.25 16.48
N PHE C 526 -22.62 -9.39 16.06
CA PHE C 526 -22.33 -8.43 15.00
C PHE C 526 -22.49 -7.01 15.49
N SER C 527 -21.79 -6.10 14.81
CA SER C 527 -21.94 -4.68 15.05
C SER C 527 -23.15 -4.15 14.30
N ILE C 528 -23.35 -2.84 14.37
CA ILE C 528 -24.51 -2.24 13.71
C ILE C 528 -24.35 -2.28 12.20
N GLY C 529 -23.13 -2.04 11.70
CA GLY C 529 -22.92 -2.00 10.27
C GLY C 529 -23.20 -3.33 9.61
N ALA C 530 -22.71 -4.42 10.19
CA ALA C 530 -22.93 -5.73 9.61
C ALA C 530 -24.34 -6.25 9.84
N SER C 531 -25.07 -5.64 10.77
CA SER C 531 -26.43 -6.08 11.08
C SER C 531 -27.48 -5.45 10.18
N LEU C 532 -27.09 -4.57 9.27
CA LEU C 532 -28.00 -3.97 8.32
C LEU C 532 -27.95 -4.66 6.95
N ILE C 533 -27.32 -5.82 6.87
CA ILE C 533 -27.14 -6.54 5.61
C ILE C 533 -28.15 -7.69 5.59
N PRO C 534 -29.19 -7.62 4.78
CA PRO C 534 -30.07 -8.79 4.63
C PRO C 534 -29.32 -9.95 4.00
N PHE C 535 -29.68 -11.15 4.43
CA PHE C 535 -29.06 -12.37 3.92
C PHE C 535 -27.53 -12.31 4.05
N ILE C 536 -27.05 -11.83 5.20
CA ILE C 536 -25.62 -11.68 5.39
C ILE C 536 -24.94 -13.04 5.42
N GLU C 537 -25.65 -14.08 5.85
CA GLU C 537 -25.06 -15.41 5.94
C GLU C 537 -24.73 -15.98 4.57
N HIS C 538 -25.22 -15.38 3.49
CA HIS C 538 -24.89 -15.80 2.14
C HIS C 538 -23.77 -14.98 1.52
N ASN C 539 -23.19 -14.06 2.27
CA ASN C 539 -22.06 -13.26 1.82
C ASN C 539 -20.81 -13.68 2.57
N ASP C 540 -19.67 -13.62 1.90
CA ASP C 540 -18.40 -13.84 2.58
C ASP C 540 -18.18 -12.75 3.61
N ALA C 541 -17.50 -13.12 4.71
CA ALA C 541 -17.35 -12.19 5.82
C ALA C 541 -16.58 -10.94 5.42
N ASN C 542 -15.58 -11.08 4.53
CA ASN C 542 -14.79 -9.92 4.14
C ASN C 542 -15.62 -8.91 3.38
N ARG C 543 -16.53 -9.37 2.53
CA ARG C 543 -17.43 -8.43 1.84
C ARG C 543 -18.33 -7.72 2.83
N ALA C 544 -18.83 -8.45 3.84
CA ALA C 544 -19.62 -7.82 4.87
C ALA C 544 -18.82 -6.79 5.66
N LEU C 545 -17.50 -6.96 5.73
CA LEU C 545 -16.66 -5.95 6.35
C LEU C 545 -16.70 -4.64 5.56
N MET C 546 -16.59 -4.74 4.24
CA MET C 546 -16.61 -3.53 3.42
C MET C 546 -18.02 -2.95 3.31
N SER C 547 -19.04 -3.81 3.40
CA SER C 547 -20.41 -3.32 3.31
C SER C 547 -20.72 -2.35 4.44
N SER C 548 -20.23 -2.64 5.64
CA SER C 548 -20.39 -1.71 6.75
C SER C 548 -19.67 -0.40 6.47
N ASN C 549 -18.50 -0.47 5.82
CA ASN C 549 -17.79 0.76 5.46
C ASN C 549 -18.57 1.59 4.45
N MET C 550 -19.18 0.95 3.46
CA MET C 550 -19.89 1.68 2.42
C MET C 550 -21.16 2.33 2.96
N GLN C 551 -21.89 1.63 3.84
CA GLN C 551 -23.10 2.20 4.40
C GLN C 551 -22.81 3.42 5.26
N ARG C 552 -21.57 3.59 5.71
CA ARG C 552 -21.16 4.81 6.39
C ARG C 552 -20.79 5.92 5.43
N GLN C 553 -20.80 5.65 4.12
CA GLN C 553 -20.56 6.65 3.11
C GLN C 553 -21.81 7.01 2.32
N ALA C 554 -22.95 6.40 2.64
CA ALA C 554 -24.17 6.67 1.91
C ALA C 554 -24.64 8.11 2.17
N VAL C 555 -25.18 8.72 1.13
CA VAL C 555 -25.61 10.13 1.17
C VAL C 555 -27.11 10.17 1.41
N PRO C 556 -27.59 10.92 2.40
CA PRO C 556 -29.02 11.18 2.50
C PRO C 556 -29.53 11.89 1.26
N LEU C 557 -30.58 11.34 0.66
CA LEU C 557 -31.12 11.88 -0.57
C LEU C 557 -32.18 12.93 -0.28
N SER C 558 -32.60 13.64 -1.33
CA SER C 558 -33.59 14.70 -1.17
C SER C 558 -34.90 14.15 -0.64
N ARG C 559 -35.36 13.04 -1.20
CA ARG C 559 -36.55 12.33 -0.70
C ARG C 559 -36.14 10.89 -0.44
N SER C 560 -36.13 10.48 0.83
CA SER C 560 -35.67 9.15 1.18
C SER C 560 -36.77 8.13 0.94
N GLU C 561 -36.36 6.85 0.95
CA GLU C 561 -37.27 5.76 0.65
C GLU C 561 -36.84 4.52 1.41
N LYS C 562 -37.80 3.88 2.09
CA LYS C 562 -37.51 2.68 2.86
C LYS C 562 -37.12 1.52 1.95
N CYS C 563 -36.26 0.66 2.46
CA CYS C 563 -35.84 -0.52 1.71
C CYS C 563 -36.92 -1.59 1.73
N ILE C 564 -37.15 -2.20 0.57
CA ILE C 564 -38.11 -3.29 0.49
C ILE C 564 -37.65 -4.47 1.33
N VAL C 565 -36.37 -4.81 1.23
CA VAL C 565 -35.79 -5.92 1.98
C VAL C 565 -34.81 -5.35 2.98
N GLY C 566 -35.00 -5.70 4.25
CA GLY C 566 -34.11 -5.23 5.30
C GLY C 566 -33.83 -6.30 6.33
N THR C 567 -33.32 -5.89 7.49
CA THR C 567 -33.07 -6.83 8.58
C THR C 567 -33.88 -6.53 9.83
N GLY C 568 -34.61 -5.42 9.88
CA GLY C 568 -35.32 -5.05 11.07
C GLY C 568 -34.51 -4.28 12.08
N LEU C 569 -33.24 -4.00 11.81
CA LEU C 569 -32.44 -3.16 12.68
C LEU C 569 -32.51 -1.70 12.29
N GLU C 570 -33.02 -1.38 11.11
CA GLU C 570 -33.16 0.02 10.71
C GLU C 570 -34.08 0.78 11.66
N ARG C 571 -34.97 0.07 12.36
CA ARG C 571 -35.84 0.72 13.33
C ARG C 571 -35.03 1.27 14.50
N GLN C 572 -34.16 0.45 15.08
CA GLN C 572 -33.35 0.91 16.21
C GLN C 572 -32.36 1.99 15.79
N VAL C 573 -31.77 1.84 14.60
CA VAL C 573 -30.78 2.81 14.14
C VAL C 573 -31.41 4.19 14.00
N ALA C 574 -32.59 4.25 13.39
CA ALA C 574 -33.30 5.53 13.30
C ALA C 574 -33.71 6.03 14.67
N LEU C 575 -34.15 5.13 15.54
CA LEU C 575 -34.61 5.54 16.87
C LEU C 575 -33.47 6.15 17.68
N ASP C 576 -32.30 5.52 17.67
CA ASP C 576 -31.20 5.97 18.50
C ASP C 576 -30.41 7.12 17.90
N SER C 577 -30.50 7.32 16.58
CA SER C 577 -29.70 8.36 15.94
C SER C 577 -30.11 9.76 16.35
N GLY C 578 -31.32 9.93 16.90
CA GLY C 578 -31.80 11.24 17.22
C GLY C 578 -32.13 12.12 16.04
N VAL C 579 -31.87 11.65 14.82
CA VAL C 579 -32.25 12.41 13.63
C VAL C 579 -33.76 12.61 13.54
N PRO C 580 -34.60 11.60 13.74
CA PRO C 580 -36.04 11.85 13.80
C PRO C 580 -36.41 12.58 15.08
N ALA C 581 -37.52 13.31 15.02
CA ALA C 581 -38.06 14.02 16.17
C ALA C 581 -38.90 13.04 16.99
N ILE C 582 -38.55 12.90 18.26
CA ILE C 582 -39.21 11.95 19.15
C ILE C 582 -39.89 12.74 20.26
N ALA C 583 -41.16 12.45 20.49
CA ALA C 583 -41.92 13.16 21.51
C ALA C 583 -41.43 12.76 22.89
N GLU C 584 -40.96 13.74 23.66
CA GLU C 584 -40.58 13.53 25.05
C GLU C 584 -41.75 13.67 26.00
N HIS C 585 -42.94 13.95 25.48
CA HIS C 585 -44.15 14.10 26.27
C HIS C 585 -45.31 13.53 25.47
N GLU C 586 -46.32 13.03 26.18
CA GLU C 586 -47.47 12.45 25.51
C GLU C 586 -48.57 13.49 25.33
N GLY C 587 -49.47 13.22 24.41
CA GLY C 587 -50.60 14.07 24.18
C GLY C 587 -50.98 14.10 22.71
N LYS C 588 -51.82 15.06 22.36
CA LYS C 588 -52.30 15.22 21.00
C LYS C 588 -51.44 16.23 20.23
N ILE C 589 -51.62 16.25 18.92
CA ILE C 589 -50.92 17.18 18.05
C ILE C 589 -51.88 18.33 17.75
N LEU C 590 -51.57 19.51 18.29
CA LEU C 590 -52.42 20.68 18.11
C LEU C 590 -52.18 21.41 16.80
N TYR C 591 -50.92 21.45 16.34
CA TYR C 591 -50.60 22.18 15.12
C TYR C 591 -49.26 21.70 14.61
N THR C 592 -49.21 21.35 13.33
CA THR C 592 -47.99 20.90 12.68
C THR C 592 -47.81 21.64 11.37
N ASP C 593 -46.56 21.93 11.03
CA ASP C 593 -46.24 22.64 9.79
C ASP C 593 -44.81 22.29 9.41
N THR C 594 -44.29 23.00 8.40
CA THR C 594 -42.94 22.73 7.94
C THR C 594 -41.88 23.13 8.94
N GLU C 595 -42.19 24.06 9.85
CA GLU C 595 -41.19 24.62 10.74
C GLU C 595 -41.25 24.06 12.16
N LYS C 596 -42.43 23.75 12.68
CA LYS C 596 -42.53 23.28 14.06
C LYS C 596 -43.80 22.44 14.22
N ILE C 597 -43.84 21.71 15.33
CA ILE C 597 -44.98 20.88 15.70
C ILE C 597 -45.41 21.27 17.11
N ILE C 598 -46.70 21.46 17.31
CA ILE C 598 -47.25 21.81 18.61
C ILE C 598 -47.92 20.58 19.19
N LEU C 599 -47.49 20.18 20.38
CA LEU C 599 -48.00 19.01 21.06
C LEU C 599 -48.51 19.41 22.45
N SER C 600 -49.73 18.98 22.78
CA SER C 600 -50.35 19.31 24.05
C SER C 600 -50.72 18.03 24.79
N GLY C 601 -50.34 17.97 26.07
CA GLY C 601 -50.68 16.84 26.90
C GLY C 601 -50.48 17.18 28.37
N ASN C 602 -51.37 16.69 29.23
CA ASN C 602 -51.35 17.00 30.65
C ASN C 602 -51.36 18.52 30.86
N GLU C 603 -52.32 19.17 30.21
CA GLU C 603 -52.52 20.62 30.24
C GLU C 603 -51.23 21.40 30.04
N ASN C 604 -50.27 20.79 29.33
CA ASN C 604 -49.00 21.41 29.00
C ASN C 604 -48.76 21.28 27.50
N THR C 605 -48.28 22.35 26.90
CA THR C 605 -48.02 22.39 25.46
C THR C 605 -46.53 22.55 25.20
N LEU C 606 -46.04 21.85 24.17
CA LEU C 606 -44.64 21.89 23.79
C LEU C 606 -44.54 22.25 22.32
N SER C 607 -43.66 23.20 22.01
CA SER C 607 -43.43 23.64 20.63
C SER C 607 -42.12 23.01 20.16
N ILE C 608 -42.24 21.86 19.51
CA ILE C 608 -41.06 21.14 19.02
C ILE C 608 -40.56 21.83 17.76
N PRO C 609 -39.32 22.31 17.72
CA PRO C 609 -38.79 22.91 16.50
C PRO C 609 -38.23 21.85 15.56
N LEU C 610 -38.35 22.12 14.27
CA LEU C 610 -37.84 21.21 13.25
C LEU C 610 -36.58 21.77 12.62
N ILE C 611 -35.81 20.87 12.00
CA ILE C 611 -34.54 21.20 11.37
C ILE C 611 -34.75 21.18 9.87
N MET C 612 -34.52 22.32 9.22
CA MET C 612 -34.76 22.48 7.79
C MET C 612 -33.49 23.00 7.13
N TYR C 613 -32.88 22.17 6.29
CA TYR C 613 -31.71 22.56 5.50
C TYR C 613 -30.58 23.05 6.40
N GLN C 614 -30.10 22.16 7.27
CA GLN C 614 -28.98 22.43 8.14
C GLN C 614 -27.78 21.61 7.72
N ARG C 615 -26.65 22.27 7.52
CA ARG C 615 -25.43 21.61 7.09
C ARG C 615 -24.89 20.71 8.19
N SER C 616 -24.45 19.51 7.81
CA SER C 616 -23.75 18.63 8.73
C SER C 616 -22.24 18.80 8.55
N ASN C 617 -21.48 18.11 9.41
CA ASN C 617 -20.03 18.26 9.38
C ASN C 617 -19.41 17.78 8.08
N LYS C 618 -20.13 16.97 7.31
CA LYS C 618 -19.64 16.44 6.05
C LYS C 618 -20.37 17.05 4.84
N ASN C 619 -20.88 18.27 5.01
CA ASN C 619 -21.55 19.00 3.94
C ASN C 619 -22.76 18.22 3.41
N THR C 620 -23.65 17.85 4.32
CA THR C 620 -24.85 17.08 3.98
C THR C 620 -26.06 17.74 4.61
N CYS C 621 -27.14 17.83 3.84
CA CYS C 621 -28.36 18.46 4.32
C CYS C 621 -29.06 17.59 5.36
N MET C 622 -29.49 18.21 6.45
CA MET C 622 -30.27 17.54 7.49
C MET C 622 -31.62 18.23 7.56
N HIS C 623 -32.64 17.61 6.98
CA HIS C 623 -33.97 18.18 6.88
C HIS C 623 -34.97 17.25 7.57
N GLN C 624 -35.80 17.81 8.43
CA GLN C 624 -36.82 17.06 9.15
C GLN C 624 -38.19 17.38 8.59
N LYS C 625 -38.96 16.33 8.28
CA LYS C 625 -40.31 16.46 7.76
C LYS C 625 -41.30 15.91 8.77
N PRO C 626 -42.32 16.66 9.17
CA PRO C 626 -43.30 16.15 10.12
C PRO C 626 -44.02 14.92 9.57
N GLN C 627 -44.26 13.95 10.46
CA GLN C 627 -44.97 12.73 10.11
C GLN C 627 -46.19 12.51 10.98
N VAL C 628 -46.65 13.55 11.67
CA VAL C 628 -47.83 13.48 12.51
C VAL C 628 -48.83 14.52 12.01
N ARG C 629 -50.05 14.07 11.74
CA ARG C 629 -51.10 15.00 11.33
C ARG C 629 -51.73 15.66 12.55
N ARG C 630 -52.46 16.73 12.29
CA ARG C 630 -53.08 17.49 13.37
C ARG C 630 -54.16 16.66 14.05
N GLY C 631 -54.21 16.74 15.39
CA GLY C 631 -55.22 16.07 16.16
C GLY C 631 -54.90 14.64 16.54
N LYS C 632 -53.81 14.08 16.05
CA LYS C 632 -53.43 12.70 16.39
C LYS C 632 -52.78 12.68 17.77
N CYS C 633 -53.10 11.64 18.53
CA CYS C 633 -52.56 11.46 19.87
C CYS C 633 -51.24 10.70 19.80
N ILE C 634 -50.27 11.15 20.60
CA ILE C 634 -48.91 10.62 20.56
C ILE C 634 -48.53 10.15 21.96
N LYS C 635 -47.98 8.94 22.03
CA LYS C 635 -47.40 8.42 23.26
C LYS C 635 -45.96 8.91 23.38
N LYS C 636 -45.49 9.05 24.62
CA LYS C 636 -44.12 9.48 24.85
C LYS C 636 -43.15 8.48 24.23
N GLY C 637 -42.17 9.00 23.50
CA GLY C 637 -41.19 8.18 22.83
C GLY C 637 -41.51 7.83 21.39
N GLN C 638 -42.72 8.11 20.93
CA GLN C 638 -43.07 7.85 19.54
C GLN C 638 -42.50 8.94 18.64
N ILE C 639 -42.52 8.67 17.34
CA ILE C 639 -41.91 9.56 16.36
C ILE C 639 -42.89 10.68 16.01
N LEU C 640 -42.36 11.89 15.86
CA LEU C 640 -43.12 13.04 15.40
C LEU C 640 -42.73 13.47 14.00
N ALA C 641 -41.45 13.70 13.77
CA ALA C 641 -40.91 14.00 12.45
C ALA C 641 -39.68 13.15 12.23
N ASP C 642 -39.41 12.84 10.96
CA ASP C 642 -38.24 12.07 10.58
C ASP C 642 -37.27 12.94 9.80
N GLY C 643 -35.99 12.81 10.09
CA GLY C 643 -34.97 13.60 9.44
C GLY C 643 -34.55 13.04 8.10
N ALA C 644 -33.44 13.55 7.60
CA ALA C 644 -32.90 13.07 6.34
C ALA C 644 -32.46 11.61 6.48
N ALA C 645 -32.59 10.86 5.39
CA ALA C 645 -32.24 9.45 5.33
C ALA C 645 -33.04 8.61 6.30
N THR C 646 -34.20 9.11 6.73
CA THR C 646 -35.10 8.36 7.61
C THR C 646 -36.52 8.54 7.11
N VAL C 647 -37.20 7.43 6.87
CA VAL C 647 -38.60 7.46 6.42
C VAL C 647 -39.41 6.59 7.36
N GLY C 648 -40.41 7.19 8.00
CA GLY C 648 -41.30 6.44 8.88
C GLY C 648 -40.59 5.75 10.02
N GLY C 649 -39.58 6.37 10.60
CA GLY C 649 -38.87 5.78 11.71
C GLY C 649 -37.89 4.70 11.36
N GLU C 650 -37.54 4.55 10.07
CA GLU C 650 -36.56 3.56 9.65
C GLU C 650 -35.44 4.23 8.88
N LEU C 651 -34.24 3.68 9.00
CA LEU C 651 -33.10 4.18 8.26
C LEU C 651 -33.30 3.91 6.78
N ALA C 652 -33.18 4.96 5.96
CA ALA C 652 -33.43 4.87 4.52
C ALA C 652 -32.29 5.58 3.80
N LEU C 653 -31.24 4.84 3.48
CA LEU C 653 -30.03 5.41 2.90
C LEU C 653 -29.97 5.32 1.38
N GLY C 654 -30.92 4.68 0.74
CA GLY C 654 -30.86 4.45 -0.69
C GLY C 654 -32.22 4.42 -1.33
N LYS C 655 -32.33 3.70 -2.45
CA LYS C 655 -33.55 3.60 -3.20
C LYS C 655 -33.71 2.18 -3.73
N ASN C 656 -34.94 1.82 -4.07
CA ASN C 656 -35.23 0.56 -4.73
C ASN C 656 -35.46 0.83 -6.21
N ILE C 657 -34.68 0.17 -7.06
CA ILE C 657 -34.70 0.40 -8.49
C ILE C 657 -34.62 -0.93 -9.22
N LEU C 658 -35.19 -0.97 -10.43
CA LEU C 658 -35.07 -2.16 -11.26
C LEU C 658 -33.62 -2.35 -11.68
N VAL C 659 -33.14 -3.59 -11.56
CA VAL C 659 -31.74 -3.92 -11.79
C VAL C 659 -31.67 -5.23 -12.56
N ALA C 660 -30.78 -5.27 -13.55
CA ALA C 660 -30.48 -6.48 -14.28
C ALA C 660 -29.00 -6.79 -14.15
N TYR C 661 -28.67 -8.06 -13.93
CA TYR C 661 -27.29 -8.50 -13.79
C TYR C 661 -26.85 -9.12 -15.11
N MET C 662 -26.46 -8.28 -16.05
CA MET C 662 -25.96 -8.74 -17.33
C MET C 662 -24.83 -7.84 -17.79
N PRO C 663 -23.88 -8.37 -18.56
CA PRO C 663 -22.89 -7.51 -19.19
C PRO C 663 -23.52 -6.73 -20.33
N TRP C 664 -23.19 -5.44 -20.41
CA TRP C 664 -23.78 -4.55 -21.40
C TRP C 664 -22.67 -3.77 -22.12
N GLU C 665 -22.14 -4.35 -23.18
CA GLU C 665 -21.21 -3.67 -24.10
C GLU C 665 -19.97 -3.13 -23.39
N GLY C 666 -19.66 -3.64 -22.21
CA GLY C 666 -18.50 -3.20 -21.48
C GLY C 666 -18.68 -1.96 -20.63
N TYR C 667 -19.86 -1.35 -20.65
CA TYR C 667 -20.10 -0.20 -19.79
C TYR C 667 -20.30 -0.59 -18.33
N ASN C 668 -20.48 -1.88 -18.05
CA ASN C 668 -20.46 -2.39 -16.69
C ASN C 668 -19.25 -3.29 -16.46
N PHE C 669 -18.16 -3.06 -17.19
CA PHE C 669 -16.94 -3.83 -17.03
C PHE C 669 -16.44 -3.74 -15.59
N GLU C 670 -16.10 -4.89 -15.02
CA GLU C 670 -15.71 -5.00 -13.61
C GLU C 670 -16.75 -4.38 -12.70
N ASP C 671 -16.40 -3.30 -12.02
CA ASP C 671 -17.29 -2.65 -11.06
C ASP C 671 -18.01 -1.46 -11.65
N ALA C 672 -17.99 -1.29 -12.97
CA ALA C 672 -18.73 -0.20 -13.59
C ALA C 672 -20.22 -0.51 -13.55
N VAL C 673 -21.03 0.55 -13.43
CA VAL C 673 -22.47 0.45 -13.35
C VAL C 673 -23.08 1.29 -14.46
N LEU C 674 -24.01 0.69 -15.19
CA LEU C 674 -24.74 1.37 -16.25
C LEU C 674 -26.12 1.75 -15.72
N ILE C 675 -26.45 3.03 -15.79
CA ILE C 675 -27.72 3.53 -15.28
C ILE C 675 -28.49 4.16 -16.44
N SER C 676 -29.78 4.37 -16.21
CA SER C 676 -30.65 5.02 -17.19
C SER C 676 -30.87 6.47 -16.80
N GLU C 677 -31.36 7.25 -17.76
CA GLU C 677 -31.68 8.64 -17.49
C GLU C 677 -32.81 8.79 -16.51
N CYS C 678 -33.61 7.74 -16.31
CA CYS C 678 -34.72 7.82 -15.37
C CYS C 678 -34.24 8.17 -13.96
N LEU C 679 -33.07 7.66 -13.58
CA LEU C 679 -32.50 8.02 -12.29
C LEU C 679 -32.04 9.47 -12.23
N VAL C 680 -31.85 10.11 -13.38
CA VAL C 680 -31.34 11.47 -13.41
C VAL C 680 -32.50 12.46 -13.40
N TYR C 681 -33.34 12.42 -14.44
CA TYR C 681 -34.45 13.37 -14.49
C TYR C 681 -35.53 13.06 -13.46
N GLY C 682 -35.56 11.84 -12.93
CA GLY C 682 -36.49 11.52 -11.88
C GLY C 682 -36.07 11.95 -10.50
N ASP C 683 -34.87 12.51 -10.37
CA ASP C 683 -34.32 12.96 -9.08
C ASP C 683 -34.30 11.82 -8.06
N ILE C 684 -34.09 10.60 -8.54
CA ILE C 684 -34.09 9.45 -7.64
C ILE C 684 -32.88 9.49 -6.72
N TYR C 685 -31.72 9.84 -7.25
CA TYR C 685 -30.50 9.95 -6.45
C TYR C 685 -30.00 11.37 -6.35
N THR C 686 -30.91 12.34 -6.30
CA THR C 686 -30.53 13.73 -6.12
C THR C 686 -30.39 14.03 -4.63
N SER C 687 -29.25 14.60 -4.26
CA SER C 687 -28.96 14.89 -2.86
C SER C 687 -28.60 16.37 -2.72
N PHE C 688 -28.93 16.93 -1.56
CA PHE C 688 -28.64 18.32 -1.24
C PHE C 688 -27.36 18.38 -0.41
N HIS C 689 -26.45 19.27 -0.79
CA HIS C 689 -25.21 19.46 -0.07
C HIS C 689 -25.02 20.93 0.23
N ILE C 690 -24.73 21.23 1.49
CA ILE C 690 -24.57 22.60 1.95
C ILE C 690 -23.11 22.78 2.35
N ARG C 691 -22.46 23.78 1.77
CA ARG C 691 -21.06 24.08 2.05
C ARG C 691 -20.98 25.41 2.79
N LYS C 692 -20.20 25.43 3.87
CA LYS C 692 -20.05 26.61 4.70
C LYS C 692 -18.71 27.27 4.39
N TYR C 693 -18.75 28.51 3.94
CA TYR C 693 -17.56 29.32 3.71
C TYR C 693 -17.48 30.39 4.79
N GLU C 694 -16.40 30.37 5.56
CA GLU C 694 -16.24 31.22 6.72
C GLU C 694 -14.87 31.87 6.70
N ILE C 695 -14.83 33.18 6.97
CA ILE C 695 -13.59 33.94 7.03
C ILE C 695 -13.55 34.69 8.37
N GLN C 696 -12.39 34.64 9.02
CA GLN C 696 -12.18 35.30 10.31
C GLN C 696 -11.34 36.55 10.10
N THR C 697 -11.81 37.66 10.65
CA THR C 697 -11.09 38.93 10.51
C THR C 697 -10.22 39.20 11.73
N GLU C 705 -8.68 45.79 8.51
CA GLU C 705 -9.54 44.79 7.89
C GLU C 705 -10.99 45.26 7.88
N ARG C 706 -11.44 45.70 6.71
CA ARG C 706 -12.78 46.25 6.53
C ARG C 706 -13.51 45.51 5.43
N ILE C 707 -14.79 45.21 5.67
CA ILE C 707 -15.63 44.54 4.69
C ILE C 707 -16.29 45.62 3.84
N THR C 708 -15.97 45.65 2.55
CA THR C 708 -16.45 46.68 1.65
C THR C 708 -17.49 46.10 0.70
N LYS C 709 -18.43 46.97 0.28
CA LYS C 709 -19.44 46.56 -0.69
C LYS C 709 -18.81 46.19 -2.02
N GLU C 710 -17.82 46.95 -2.46
CA GLU C 710 -17.14 46.69 -3.71
C GLU C 710 -15.67 47.04 -3.58
N ILE C 711 -14.82 46.23 -4.23
CA ILE C 711 -13.38 46.48 -4.28
C ILE C 711 -13.10 47.19 -5.59
N PRO C 712 -12.23 48.21 -5.62
CA PRO C 712 -11.91 48.88 -6.88
C PRO C 712 -11.22 47.95 -7.87
N HIS C 713 -10.93 48.48 -9.07
CA HIS C 713 -10.38 47.74 -10.20
C HIS C 713 -11.07 46.38 -10.38
N LEU C 714 -12.39 46.36 -10.20
CA LEU C 714 -13.19 45.17 -10.42
C LEU C 714 -14.48 45.56 -11.13
N GLU C 715 -15.06 44.60 -11.83
CA GLU C 715 -16.25 44.82 -12.65
C GLU C 715 -17.46 44.14 -12.00
N GLY C 716 -18.60 44.21 -12.69
CA GLY C 716 -19.83 43.62 -12.23
C GLY C 716 -19.95 42.13 -12.43
N ARG C 717 -18.95 41.50 -13.05
CA ARG C 717 -18.98 40.05 -13.23
C ARG C 717 -18.93 39.34 -11.87
N LEU C 718 -18.30 39.97 -10.87
CA LEU C 718 -18.17 39.39 -9.54
C LEU C 718 -18.96 40.14 -8.49
N LEU C 719 -18.83 41.47 -8.45
CA LEU C 719 -19.46 42.32 -7.44
C LEU C 719 -20.97 42.44 -7.61
N ARG C 720 -21.57 41.67 -8.51
CA ARG C 720 -22.99 41.79 -8.77
C ARG C 720 -23.82 41.44 -7.54
N ASN C 721 -23.43 40.39 -6.82
CA ASN C 721 -24.23 39.88 -5.71
C ASN C 721 -23.80 40.41 -4.35
N LEU C 722 -22.75 41.22 -4.28
CA LEU C 722 -22.35 41.79 -3.01
C LEU C 722 -23.37 42.82 -2.55
N ASP C 723 -23.58 42.87 -1.23
CA ASP C 723 -24.58 43.75 -0.63
C ASP C 723 -23.91 44.99 -0.06
N LYS C 724 -24.68 45.78 0.69
CA LYS C 724 -24.17 47.04 1.24
C LYS C 724 -22.94 46.81 2.10
N ASN C 725 -22.99 45.80 2.98
CA ASN C 725 -21.83 45.50 3.81
C ASN C 725 -20.74 44.80 3.00
N GLY C 726 -21.12 43.90 2.11
CA GLY C 726 -20.16 43.19 1.28
C GLY C 726 -20.46 41.70 1.18
N ILE C 727 -21.56 41.27 1.79
CA ILE C 727 -21.93 39.86 1.81
C ILE C 727 -22.81 39.57 0.60
N VAL C 728 -22.94 38.29 0.26
CA VAL C 728 -23.80 37.90 -0.85
C VAL C 728 -25.27 38.10 -0.47
N MET C 729 -26.11 38.12 -1.49
CA MET C 729 -27.55 38.17 -1.27
C MET C 729 -28.05 36.80 -0.85
N LEU C 730 -28.87 36.77 0.21
CA LEU C 730 -29.45 35.52 0.67
C LEU C 730 -30.47 35.06 -0.36
N GLY C 731 -30.08 34.08 -1.16
CA GLY C 731 -30.91 33.58 -2.23
C GLY C 731 -30.43 33.90 -3.64
N SER C 732 -29.16 34.19 -3.82
CA SER C 732 -28.61 34.58 -5.11
C SER C 732 -27.71 33.45 -5.64
N TRP C 733 -27.95 33.06 -6.88
CA TRP C 733 -27.11 32.04 -7.51
C TRP C 733 -25.69 32.56 -7.70
N VAL C 734 -24.73 31.67 -7.53
CA VAL C 734 -23.32 32.05 -7.58
C VAL C 734 -22.53 30.95 -8.29
N GLU C 735 -21.61 31.36 -9.16
CA GLU C 735 -20.73 30.45 -9.88
C GLU C 735 -19.33 30.50 -9.29
N THR C 736 -18.46 29.67 -9.84
CA THR C 736 -17.07 29.62 -9.36
C THR C 736 -16.35 30.93 -9.66
N GLY C 737 -15.64 31.44 -8.66
CA GLY C 737 -14.85 32.64 -8.81
C GLY C 737 -15.55 33.93 -8.43
N ASP C 738 -16.87 33.90 -8.25
CA ASP C 738 -17.59 35.10 -7.83
C ASP C 738 -17.23 35.44 -6.40
N ILE C 739 -17.12 36.75 -6.12
CA ILE C 739 -16.78 37.19 -4.78
C ILE C 739 -17.98 37.00 -3.86
N LEU C 740 -17.72 36.46 -2.67
CA LEU C 740 -18.75 36.26 -1.66
C LEU C 740 -18.74 37.33 -0.59
N VAL C 741 -17.57 37.62 -0.02
CA VAL C 741 -17.42 38.66 1.00
C VAL C 741 -16.29 39.57 0.57
N GLY C 742 -16.61 40.84 0.33
CA GLY C 742 -15.60 41.80 -0.11
C GLY C 742 -14.88 42.45 1.05
N LYS C 743 -13.67 41.98 1.34
CA LYS C 743 -12.87 42.48 2.45
C LYS C 743 -11.64 43.19 1.91
N LEU C 744 -11.12 44.12 2.71
CA LEU C 744 -9.89 44.84 2.39
C LEU C 744 -9.02 44.90 3.64
N THR C 745 -7.82 44.33 3.55
CA THR C 745 -6.88 44.37 4.65
C THR C 745 -5.75 45.35 4.37
N PRO C 746 -5.17 45.97 5.40
CA PRO C 746 -4.06 46.92 5.24
C PRO C 746 -2.83 46.29 4.60
N THR C 775 -7.33 40.29 0.47
CA THR C 775 -8.08 39.29 1.21
C THR C 775 -9.57 39.37 0.89
N CYS C 776 -10.08 38.33 0.23
CA CYS C 776 -11.49 38.28 -0.17
C CYS C 776 -12.00 36.86 0.05
N LEU C 777 -13.16 36.56 -0.51
CA LEU C 777 -13.78 35.24 -0.40
C LEU C 777 -14.46 34.93 -1.73
N LYS C 778 -13.79 34.16 -2.57
CA LYS C 778 -14.32 33.75 -3.86
C LYS C 778 -14.83 32.31 -3.78
N LEU C 779 -15.83 32.00 -4.59
CA LEU C 779 -16.36 30.66 -4.63
C LEU C 779 -15.40 29.75 -5.38
N PRO C 780 -14.88 28.69 -4.76
CA PRO C 780 -13.86 27.88 -5.44
C PRO C 780 -14.43 27.02 -6.56
N ILE C 781 -13.56 26.29 -7.25
CA ILE C 781 -14.00 25.41 -8.33
C ILE C 781 -14.84 24.28 -7.75
N GLY C 782 -15.87 23.89 -8.48
CA GLY C 782 -16.82 22.90 -8.00
C GLY C 782 -17.95 23.48 -7.19
N GLY C 783 -17.64 24.38 -6.27
CA GLY C 783 -18.66 25.09 -5.53
C GLY C 783 -19.55 25.90 -6.44
N ARG C 784 -20.86 25.78 -6.28
CA ARG C 784 -21.82 26.45 -7.13
C ARG C 784 -23.20 26.25 -6.51
N GLY C 785 -24.18 26.99 -7.03
CA GLY C 785 -25.55 26.83 -6.60
C GLY C 785 -26.12 28.10 -6.00
N ARG C 786 -27.03 27.92 -5.04
CA ARG C 786 -27.79 28.99 -4.45
C ARG C 786 -27.35 29.24 -3.03
N VAL C 787 -27.23 30.51 -2.66
CA VAL C 787 -26.90 30.89 -1.30
C VAL C 787 -28.15 30.75 -0.43
N ILE C 788 -28.03 30.03 0.67
CA ILE C 788 -29.16 29.74 1.53
C ILE C 788 -29.15 30.61 2.79
N ASP C 789 -28.03 30.65 3.51
CA ASP C 789 -27.96 31.37 4.76
C ASP C 789 -26.65 32.15 4.83
N VAL C 790 -26.72 33.29 5.53
CA VAL C 790 -25.55 34.12 5.78
C VAL C 790 -25.58 34.54 7.25
N ARG C 791 -24.43 34.46 7.91
CA ARG C 791 -24.31 34.75 9.33
C ARG C 791 -23.32 35.90 9.55
N TRP C 792 -23.75 36.91 10.31
CA TRP C 792 -22.88 37.95 10.81
C TRP C 792 -22.76 37.77 12.32
N VAL C 793 -21.54 37.55 12.80
CA VAL C 793 -21.33 37.21 14.21
C VAL C 793 -20.90 38.45 14.99
N GLN C 794 -19.74 39.01 14.62
CA GLN C 794 -19.16 40.15 15.34
C GLN C 794 -19.06 39.88 16.84
N ASN C 802 -13.47 43.04 18.82
CA ASN C 802 -14.02 41.75 18.45
C ASN C 802 -14.14 41.62 16.93
N PRO C 803 -13.25 40.83 16.32
CA PRO C 803 -13.33 40.61 14.89
C PRO C 803 -14.64 39.94 14.50
N GLU C 804 -15.17 40.32 13.34
CA GLU C 804 -16.42 39.77 12.85
C GLU C 804 -16.18 38.48 12.08
N ILE C 805 -17.16 37.58 12.15
CA ILE C 805 -17.11 36.30 11.47
C ILE C 805 -18.30 36.20 10.53
N ILE C 806 -18.03 35.90 9.26
CA ILE C 806 -19.06 35.78 8.25
C ILE C 806 -19.08 34.35 7.75
N ARG C 807 -20.23 33.69 7.85
CA ARG C 807 -20.42 32.33 7.35
C ARG C 807 -21.54 32.34 6.34
N VAL C 808 -21.28 31.80 5.16
CA VAL C 808 -22.23 31.77 4.06
C VAL C 808 -22.41 30.31 3.62
N TYR C 809 -23.65 29.91 3.43
CA TYR C 809 -24.00 28.54 3.10
C TYR C 809 -24.59 28.46 1.70
N ILE C 810 -24.11 27.52 0.90
CA ILE C 810 -24.56 27.33 -0.47
C ILE C 810 -25.08 25.91 -0.63
N SER C 811 -26.29 25.78 -1.15
CA SER C 811 -26.92 24.48 -1.35
C SER C 811 -26.71 24.04 -2.80
N GLN C 812 -26.26 22.80 -2.98
CA GLN C 812 -26.05 22.21 -4.30
C GLN C 812 -27.04 21.07 -4.50
N LYS C 813 -27.81 21.13 -5.58
CA LYS C 813 -28.74 20.07 -5.93
C LYS C 813 -27.97 19.06 -6.79
N ARG C 814 -27.17 18.24 -6.12
CA ARG C 814 -26.22 17.35 -6.77
C ARG C 814 -26.96 16.08 -7.20
N GLU C 815 -27.41 16.06 -8.45
CA GLU C 815 -28.03 14.87 -8.98
C GLU C 815 -26.96 13.84 -9.34
N ILE C 816 -27.40 12.60 -9.54
CA ILE C 816 -26.47 11.53 -9.90
C ILE C 816 -25.90 11.81 -11.29
N LYS C 817 -24.69 11.29 -11.51
CA LYS C 817 -24.00 11.54 -12.77
C LYS C 817 -22.93 10.48 -12.97
N VAL C 818 -22.31 10.50 -14.16
CA VAL C 818 -21.23 9.58 -14.46
C VAL C 818 -20.07 9.83 -13.51
N GLY C 819 -19.51 8.76 -12.97
CA GLY C 819 -18.42 8.87 -12.02
C GLY C 819 -18.83 8.86 -10.57
N ASP C 820 -20.12 8.80 -10.27
CA ASP C 820 -20.57 8.68 -8.89
C ASP C 820 -20.50 7.22 -8.44
N LYS C 821 -20.35 7.03 -7.15
CA LYS C 821 -20.23 5.69 -6.56
C LYS C 821 -21.59 5.25 -6.04
N VAL C 822 -22.07 4.13 -6.53
CA VAL C 822 -23.27 3.49 -6.01
C VAL C 822 -22.90 2.12 -5.49
N ALA C 823 -23.60 1.68 -4.45
CA ALA C 823 -23.30 0.39 -3.85
C ALA C 823 -24.55 -0.16 -3.17
N GLY C 824 -24.66 -1.48 -3.17
CA GLY C 824 -25.65 -2.16 -2.39
C GLY C 824 -25.15 -2.35 -0.97
N ARG C 825 -25.89 -3.17 -0.22
CA ARG C 825 -25.54 -3.46 1.15
C ARG C 825 -24.74 -4.74 1.29
N HIS C 826 -24.37 -5.37 0.18
CA HIS C 826 -23.61 -6.61 0.19
C HIS C 826 -22.19 -6.41 -0.32
N GLY C 827 -21.65 -5.20 -0.17
CA GLY C 827 -20.31 -4.93 -0.62
C GLY C 827 -20.15 -4.84 -2.13
N ASN C 828 -21.26 -4.73 -2.86
CA ASN C 828 -21.22 -4.62 -4.32
C ASN C 828 -21.12 -3.14 -4.68
N LYS C 829 -19.90 -2.62 -4.56
CA LYS C 829 -19.64 -1.24 -4.92
C LYS C 829 -19.65 -1.08 -6.44
N GLY C 830 -19.90 0.14 -6.89
CA GLY C 830 -19.94 0.39 -8.32
C GLY C 830 -19.78 1.85 -8.70
N ILE C 831 -18.99 2.11 -9.73
CA ILE C 831 -18.87 3.43 -10.32
C ILE C 831 -19.81 3.49 -11.52
N ILE C 832 -20.34 4.67 -11.79
CA ILE C 832 -21.28 4.86 -12.89
C ILE C 832 -20.49 5.33 -14.10
N SER C 833 -20.49 4.53 -15.16
CA SER C 833 -19.73 4.84 -16.35
C SER C 833 -20.59 5.35 -17.50
N LYS C 834 -21.85 4.96 -17.54
CA LYS C 834 -22.71 5.31 -18.67
C LYS C 834 -24.10 5.65 -18.17
N ILE C 835 -24.73 6.60 -18.85
CA ILE C 835 -26.13 6.96 -18.62
C ILE C 835 -26.84 6.85 -19.95
N LEU C 836 -27.82 5.96 -20.03
CA LEU C 836 -28.48 5.70 -21.29
C LEU C 836 -29.93 6.17 -21.26
N PRO C 837 -30.49 6.51 -22.42
CA PRO C 837 -31.92 6.81 -22.47
C PRO C 837 -32.74 5.57 -22.16
N ARG C 838 -33.95 5.79 -21.63
CA ARG C 838 -34.78 4.67 -21.22
C ARG C 838 -35.15 3.75 -22.37
N GLN C 839 -35.13 4.24 -23.60
CA GLN C 839 -35.58 3.43 -24.72
C GLN C 839 -34.54 2.43 -25.21
N ASP C 840 -33.29 2.56 -24.79
CA ASP C 840 -32.26 1.59 -25.17
C ASP C 840 -31.70 0.80 -23.99
N MET C 841 -32.19 1.05 -22.78
CA MET C 841 -31.87 0.15 -21.69
C MET C 841 -32.65 -1.15 -21.86
N PRO C 842 -32.07 -2.28 -21.43
CA PRO C 842 -32.81 -3.55 -21.51
C PRO C 842 -34.08 -3.48 -20.68
N TYR C 843 -35.14 -4.11 -21.18
CA TYR C 843 -36.44 -4.02 -20.55
C TYR C 843 -37.01 -5.40 -20.31
N LEU C 844 -37.91 -5.48 -19.33
CA LEU C 844 -38.50 -6.74 -18.91
C LEU C 844 -39.63 -7.13 -19.85
N GLN C 845 -40.30 -8.24 -19.51
CA GLN C 845 -41.42 -8.72 -20.31
C GLN C 845 -42.70 -7.92 -20.09
N ASP C 846 -42.71 -7.04 -19.09
CA ASP C 846 -43.81 -6.09 -18.91
C ASP C 846 -43.51 -4.76 -19.56
N GLY C 847 -42.37 -4.63 -20.23
CA GLY C 847 -42.03 -3.43 -20.96
C GLY C 847 -41.25 -2.40 -20.17
N ARG C 848 -41.14 -2.56 -18.86
CA ARG C 848 -40.40 -1.58 -18.06
C ARG C 848 -38.91 -1.74 -18.28
N PRO C 849 -38.20 -0.69 -18.67
CA PRO C 849 -36.75 -0.78 -18.76
C PRO C 849 -36.12 -0.81 -17.37
N VAL C 850 -35.01 -1.54 -17.25
CA VAL C 850 -34.30 -1.58 -16.00
C VAL C 850 -33.66 -0.22 -15.72
N ASP C 851 -33.43 0.05 -14.43
CA ASP C 851 -32.83 1.32 -14.04
C ASP C 851 -31.32 1.27 -13.96
N MET C 852 -30.75 0.12 -13.58
CA MET C 852 -29.31 -0.02 -13.47
C MET C 852 -28.94 -1.43 -13.89
N VAL C 853 -27.79 -1.56 -14.57
CA VAL C 853 -27.31 -2.85 -15.06
C VAL C 853 -25.98 -3.14 -14.37
N PHE C 854 -25.90 -4.27 -13.71
CA PHE C 854 -24.71 -4.69 -12.98
C PHE C 854 -23.98 -5.79 -13.73
N ASN C 855 -22.70 -5.92 -13.44
CA ASN C 855 -21.90 -7.00 -14.01
C ASN C 855 -22.14 -8.28 -13.21
N PRO C 856 -22.64 -9.35 -13.83
CA PRO C 856 -22.80 -10.61 -13.09
C PRO C 856 -21.48 -11.22 -12.65
N LEU C 857 -20.36 -10.85 -13.27
CA LEU C 857 -19.07 -11.42 -12.91
C LEU C 857 -18.63 -11.03 -11.51
N GLY C 858 -19.22 -9.98 -10.94
CA GLY C 858 -18.81 -9.56 -9.61
C GLY C 858 -19.14 -10.58 -8.54
N VAL C 859 -20.28 -11.26 -8.67
CA VAL C 859 -20.72 -12.18 -7.63
C VAL C 859 -19.77 -13.36 -7.46
N PRO C 860 -19.41 -14.12 -8.50
CA PRO C 860 -18.55 -15.30 -8.26
C PRO C 860 -17.21 -14.97 -7.66
N SER C 861 -16.57 -13.88 -8.07
CA SER C 861 -15.26 -13.54 -7.52
C SER C 861 -15.37 -13.03 -6.11
N ARG C 862 -16.34 -12.16 -5.85
CA ARG C 862 -16.48 -11.56 -4.53
C ARG C 862 -17.29 -12.42 -3.57
N MET C 863 -18.07 -13.36 -4.10
CA MET C 863 -18.78 -14.34 -3.30
C MET C 863 -19.70 -13.66 -2.28
N ASN C 864 -20.64 -12.88 -2.80
CA ASN C 864 -21.68 -12.23 -2.01
C ASN C 864 -23.01 -12.54 -2.69
N VAL C 865 -23.59 -13.70 -2.34
CA VAL C 865 -24.86 -14.12 -2.93
C VAL C 865 -26.05 -13.46 -2.27
N GLY C 866 -25.84 -12.71 -1.19
CA GLY C 866 -26.96 -12.04 -0.54
C GLY C 866 -27.66 -11.04 -1.45
N GLN C 867 -26.90 -10.37 -2.31
CA GLN C 867 -27.51 -9.44 -3.25
C GLN C 867 -28.42 -10.18 -4.24
N ILE C 868 -28.07 -11.42 -4.58
CA ILE C 868 -28.94 -12.21 -5.45
C ILE C 868 -30.28 -12.48 -4.76
N PHE C 869 -30.25 -12.81 -3.48
CA PHE C 869 -31.49 -13.00 -2.74
C PHE C 869 -32.24 -11.68 -2.57
N GLU C 870 -31.52 -10.61 -2.23
CA GLU C 870 -32.19 -9.33 -2.03
C GLU C 870 -32.79 -8.81 -3.32
N CYS C 871 -32.09 -8.99 -4.44
CA CYS C 871 -32.60 -8.53 -5.73
C CYS C 871 -33.95 -9.17 -6.04
N SER C 872 -34.02 -10.50 -5.97
CA SER C 872 -35.26 -11.19 -6.30
C SER C 872 -36.37 -10.86 -5.33
N LEU C 873 -36.06 -10.79 -4.04
CA LEU C 873 -37.08 -10.49 -3.05
C LEU C 873 -37.57 -9.05 -3.14
N GLY C 874 -36.70 -8.14 -3.57
CA GLY C 874 -37.13 -6.77 -3.75
C GLY C 874 -38.17 -6.63 -4.84
N LEU C 875 -38.00 -7.38 -5.94
CA LEU C 875 -39.00 -7.37 -7.00
C LEU C 875 -40.34 -7.90 -6.49
N ALA C 876 -40.30 -8.99 -5.71
CA ALA C 876 -41.53 -9.55 -5.18
C ALA C 876 -42.20 -8.60 -4.20
N GLY C 877 -41.40 -7.90 -3.38
CA GLY C 877 -41.98 -6.99 -2.41
C GLY C 877 -42.67 -5.80 -3.05
N SER C 878 -42.09 -5.26 -4.12
CA SER C 878 -42.70 -4.12 -4.79
C SER C 878 -43.99 -4.51 -5.49
N LEU C 879 -44.05 -5.70 -6.07
CA LEU C 879 -45.26 -6.13 -6.75
C LEU C 879 -46.35 -6.50 -5.77
N LEU C 880 -46.00 -7.17 -4.68
CA LEU C 880 -46.96 -7.54 -3.65
C LEU C 880 -47.24 -6.40 -2.68
N ASP C 881 -46.52 -5.29 -2.80
CA ASP C 881 -46.65 -4.14 -1.89
C ASP C 881 -46.37 -4.56 -0.45
N ARG C 882 -45.17 -5.12 -0.26
CA ARG C 882 -44.73 -5.60 1.04
C ARG C 882 -43.32 -5.12 1.32
N HIS C 883 -42.99 -5.06 2.60
CA HIS C 883 -41.63 -4.79 3.07
C HIS C 883 -41.21 -5.92 3.98
N TYR C 884 -40.02 -6.44 3.76
CA TYR C 884 -39.51 -7.58 4.53
C TYR C 884 -38.44 -7.11 5.49
N ARG C 885 -38.49 -7.63 6.71
CA ARG C 885 -37.50 -7.36 7.75
C ARG C 885 -37.04 -8.71 8.29
N ILE C 886 -35.93 -9.20 7.76
CA ILE C 886 -35.49 -10.58 7.97
C ILE C 886 -34.27 -10.57 8.87
N ALA C 887 -34.39 -11.18 10.04
CA ALA C 887 -33.24 -11.34 10.91
C ALA C 887 -32.23 -12.27 10.24
N PRO C 888 -30.94 -12.04 10.46
CA PRO C 888 -29.92 -12.85 9.80
C PRO C 888 -29.96 -14.31 10.25
N PHE C 889 -29.36 -15.16 9.42
CA PHE C 889 -29.25 -16.59 9.70
C PHE C 889 -30.63 -17.23 9.83
N ASP C 890 -31.43 -17.04 8.80
CA ASP C 890 -32.74 -17.69 8.76
C ASP C 890 -32.64 -19.17 8.46
N GLU C 891 -31.48 -19.67 8.08
CA GLU C 891 -31.32 -21.09 7.82
C GLU C 891 -31.34 -21.93 9.08
N ARG C 892 -31.33 -21.32 10.27
CA ARG C 892 -31.43 -22.09 11.49
C ARG C 892 -32.78 -22.81 11.59
N TYR C 893 -33.83 -22.24 10.99
CA TYR C 893 -35.11 -22.92 10.97
C TYR C 893 -35.06 -24.15 10.09
N GLU C 894 -34.53 -24.01 8.87
CA GLU C 894 -34.53 -25.10 7.91
C GLU C 894 -33.45 -24.85 6.88
N GLN C 895 -33.10 -25.90 6.15
CA GLN C 895 -32.18 -25.76 5.04
C GLN C 895 -32.80 -24.94 3.93
N GLU C 896 -31.97 -24.09 3.30
CA GLU C 896 -32.40 -23.25 2.18
C GLU C 896 -33.60 -22.40 2.56
N ALA C 897 -33.58 -21.87 3.79
CA ALA C 897 -34.70 -21.05 4.25
C ALA C 897 -34.83 -19.78 3.45
N SER C 898 -33.71 -19.11 3.17
CA SER C 898 -33.75 -17.90 2.36
C SER C 898 -34.25 -18.20 0.95
N ARG C 899 -33.77 -19.29 0.37
CA ARG C 899 -34.24 -19.69 -0.96
C ARG C 899 -35.74 -20.01 -0.93
N LYS C 900 -36.19 -20.69 0.12
CA LYS C 900 -37.61 -21.00 0.25
C LYS C 900 -38.43 -19.73 0.43
N LEU C 901 -37.91 -18.76 1.19
CA LEU C 901 -38.62 -17.50 1.39
C LEU C 901 -38.70 -16.70 0.10
N VAL C 902 -37.60 -16.60 -0.64
CA VAL C 902 -37.56 -15.75 -1.82
C VAL C 902 -38.40 -16.33 -2.94
N PHE C 903 -38.25 -17.63 -3.19
CA PHE C 903 -39.00 -18.27 -4.28
C PHE C 903 -40.50 -18.23 -4.02
N SER C 904 -40.92 -18.46 -2.78
CA SER C 904 -42.34 -18.43 -2.46
C SER C 904 -42.91 -17.03 -2.65
N GLU C 905 -42.17 -16.00 -2.26
CA GLU C 905 -42.63 -14.63 -2.45
C GLU C 905 -42.60 -14.23 -3.92
N LEU C 906 -41.62 -14.72 -4.68
CA LEU C 906 -41.61 -14.48 -6.11
C LEU C 906 -42.85 -15.05 -6.77
N TYR C 907 -43.22 -16.28 -6.39
CA TYR C 907 -44.40 -16.90 -6.97
C TYR C 907 -45.66 -16.16 -6.58
N GLU C 908 -45.73 -15.68 -5.34
CA GLU C 908 -46.87 -14.87 -4.93
C GLU C 908 -46.99 -13.62 -5.76
N ALA C 909 -45.87 -12.94 -6.02
CA ALA C 909 -45.89 -11.78 -6.90
C ALA C 909 -46.26 -12.19 -8.32
N SER C 910 -45.74 -13.32 -8.79
CA SER C 910 -46.05 -13.79 -10.13
C SER C 910 -47.50 -14.20 -10.28
N LYS C 911 -48.18 -14.49 -9.18
CA LYS C 911 -49.56 -14.97 -9.22
C LYS C 911 -50.58 -13.87 -8.97
N GLN C 912 -50.39 -13.09 -7.90
CA GLN C 912 -51.34 -12.02 -7.58
C GLN C 912 -51.36 -10.96 -8.67
N THR C 913 -50.19 -10.58 -9.18
CA THR C 913 -50.08 -9.56 -10.20
C THR C 913 -50.11 -10.14 -11.62
N ALA C 914 -50.20 -11.46 -11.75
CA ALA C 914 -50.33 -12.12 -13.05
C ALA C 914 -49.18 -11.75 -13.99
N ASN C 915 -47.97 -11.70 -13.45
CA ASN C 915 -46.76 -11.48 -14.24
C ASN C 915 -45.94 -12.76 -14.23
N PRO C 916 -46.17 -13.66 -15.19
CA PRO C 916 -45.46 -14.96 -15.15
C PRO C 916 -43.96 -14.84 -15.28
N TRP C 917 -43.44 -13.73 -15.81
CA TRP C 917 -42.01 -13.57 -15.92
C TRP C 917 -41.34 -13.38 -14.56
N VAL C 918 -42.09 -13.00 -13.54
CA VAL C 918 -41.50 -12.77 -12.22
C VAL C 918 -40.95 -14.07 -11.65
N PHE C 919 -41.71 -15.16 -11.74
CA PHE C 919 -41.24 -16.46 -11.31
C PHE C 919 -41.32 -17.42 -12.50
N GLU C 920 -40.16 -17.80 -13.01
CA GLU C 920 -40.07 -18.77 -14.09
C GLU C 920 -39.75 -20.13 -13.51
N PRO C 921 -40.63 -21.13 -13.66
CA PRO C 921 -40.30 -22.47 -13.15
C PRO C 921 -39.02 -23.04 -13.75
N GLU C 922 -38.72 -22.73 -15.01
CA GLU C 922 -37.49 -23.25 -15.61
C GLU C 922 -36.25 -22.72 -14.90
N TYR C 923 -36.26 -21.44 -14.54
CA TYR C 923 -35.11 -20.79 -13.90
C TYR C 923 -35.62 -19.74 -12.94
N PRO C 924 -35.95 -20.13 -11.71
CA PRO C 924 -36.54 -19.18 -10.77
C PRO C 924 -35.60 -18.01 -10.48
N GLY C 925 -36.20 -16.82 -10.36
CA GLY C 925 -35.46 -15.62 -10.11
C GLY C 925 -34.92 -14.93 -11.34
N LYS C 926 -34.93 -15.61 -12.48
CA LYS C 926 -34.40 -15.09 -13.74
C LYS C 926 -35.53 -14.95 -14.75
N SER C 927 -35.28 -14.12 -15.76
CA SER C 927 -36.29 -13.88 -16.78
C SER C 927 -35.60 -13.50 -18.08
N ARG C 928 -36.29 -13.71 -19.19
CA ARG C 928 -35.82 -13.26 -20.48
C ARG C 928 -36.12 -11.76 -20.63
N ILE C 929 -35.08 -10.96 -20.79
CA ILE C 929 -35.25 -9.54 -21.03
C ILE C 929 -34.80 -9.24 -22.45
N PHE C 930 -35.28 -8.11 -22.97
CA PHE C 930 -35.07 -7.74 -24.36
C PHE C 930 -34.11 -6.57 -24.46
N ASP C 931 -33.33 -6.57 -25.54
CA ASP C 931 -32.41 -5.47 -25.80
C ASP C 931 -33.20 -4.24 -26.21
N GLY C 932 -33.00 -3.14 -25.50
CA GLY C 932 -33.72 -1.92 -25.82
C GLY C 932 -33.39 -1.34 -27.16
N ARG C 933 -32.23 -1.68 -27.72
CA ARG C 933 -31.82 -1.14 -29.01
C ARG C 933 -32.45 -1.92 -30.16
N THR C 934 -32.15 -3.21 -30.25
CA THR C 934 -32.62 -4.01 -31.36
C THR C 934 -33.97 -4.66 -31.11
N GLY C 935 -34.41 -4.74 -29.86
CA GLY C 935 -35.69 -5.34 -29.56
C GLY C 935 -35.72 -6.85 -29.51
N ASP C 936 -34.59 -7.50 -29.74
CA ASP C 936 -34.60 -8.95 -29.69
C ASP C 936 -34.16 -9.43 -28.32
N PRO C 937 -34.69 -10.57 -27.86
CA PRO C 937 -34.37 -11.02 -26.50
C PRO C 937 -32.94 -11.53 -26.40
N PHE C 938 -32.39 -11.43 -25.19
CA PHE C 938 -31.17 -12.14 -24.86
C PHE C 938 -31.52 -13.59 -24.55
N GLU C 939 -30.85 -14.53 -25.21
CA GLU C 939 -31.27 -15.93 -25.12
C GLU C 939 -31.17 -16.45 -23.70
N GLN C 940 -30.11 -16.11 -22.99
CA GLN C 940 -29.99 -16.56 -21.61
C GLN C 940 -30.83 -15.68 -20.70
N PRO C 941 -31.66 -16.25 -19.85
CA PRO C 941 -32.45 -15.42 -18.92
C PRO C 941 -31.55 -14.70 -17.94
N VAL C 942 -32.01 -13.54 -17.49
CA VAL C 942 -31.24 -12.65 -16.64
C VAL C 942 -31.97 -12.48 -15.31
N ILE C 943 -31.23 -12.46 -14.22
CA ILE C 943 -31.81 -12.20 -12.92
C ILE C 943 -32.12 -10.72 -12.81
N ILE C 944 -33.35 -10.40 -12.41
CA ILE C 944 -33.82 -9.04 -12.28
C ILE C 944 -34.38 -8.86 -10.88
N GLY C 945 -34.59 -7.61 -10.50
CA GLY C 945 -35.21 -7.34 -9.22
C GLY C 945 -35.04 -5.89 -8.83
N LYS C 946 -35.36 -5.62 -7.56
CA LYS C 946 -35.30 -4.28 -6.99
C LYS C 946 -34.43 -4.28 -5.75
N PRO C 947 -33.12 -4.35 -5.91
CA PRO C 947 -32.24 -4.23 -4.74
C PRO C 947 -32.19 -2.80 -4.24
N TYR C 948 -31.72 -2.66 -3.01
CA TYR C 948 -31.54 -1.37 -2.38
C TYR C 948 -30.14 -0.86 -2.69
N ILE C 949 -30.06 0.26 -3.39
CA ILE C 949 -28.79 0.81 -3.87
C ILE C 949 -28.58 2.18 -3.25
N LEU C 950 -27.42 2.39 -2.65
CA LEU C 950 -27.06 3.65 -2.01
C LEU C 950 -26.19 4.48 -2.94
N LYS C 951 -26.15 5.78 -2.67
CA LYS C 951 -25.22 6.69 -3.32
C LYS C 951 -24.15 7.11 -2.33
N LEU C 952 -22.90 7.02 -2.73
CA LEU C 952 -21.79 7.21 -1.81
C LEU C 952 -21.31 8.66 -1.84
N ILE C 953 -20.37 8.97 -0.94
CA ILE C 953 -20.01 10.36 -0.63
C ILE C 953 -18.77 10.84 -1.34
N HIS C 954 -18.06 9.96 -2.07
CA HIS C 954 -16.75 10.32 -2.61
C HIS C 954 -16.84 11.53 -3.52
N GLN C 955 -17.84 11.57 -4.41
CA GLN C 955 -17.99 12.69 -5.32
C GLN C 955 -18.39 13.97 -4.60
N VAL C 956 -18.82 13.89 -3.35
CA VAL C 956 -19.22 15.05 -2.56
C VAL C 956 -18.07 15.55 -1.71
N ASP C 957 -17.44 14.67 -0.94
CA ASP C 957 -16.31 15.07 -0.11
C ASP C 957 -15.14 15.56 -0.97
N ASP C 958 -14.86 14.86 -2.06
CA ASP C 958 -13.74 15.21 -2.93
C ASP C 958 -14.00 14.77 -4.36
N GLN C 985 -0.10 17.24 -7.85
CA GLN C 985 0.11 15.83 -7.53
C GLN C 985 1.59 15.51 -7.44
N ARG C 986 1.92 14.35 -6.87
CA ARG C 986 3.29 13.92 -6.68
C ARG C 986 3.56 12.66 -7.47
N VAL C 987 4.69 12.63 -8.17
CA VAL C 987 5.18 11.41 -8.79
C VAL C 987 6.07 10.69 -7.79
N GLY C 988 5.72 9.43 -7.50
CA GLY C 988 6.44 8.67 -6.50
C GLY C 988 7.79 8.16 -7.01
N GLU C 989 8.48 7.44 -6.13
CA GLU C 989 9.78 6.90 -6.49
C GLU C 989 9.66 5.70 -7.44
N MET C 990 8.52 5.00 -7.41
CA MET C 990 8.37 3.85 -8.29
C MET C 990 8.17 4.26 -9.74
N GLU C 991 7.47 5.37 -9.98
CA GLU C 991 7.29 5.84 -11.35
C GLU C 991 8.61 6.15 -12.01
N VAL C 992 9.61 6.56 -11.23
CA VAL C 992 10.95 6.76 -11.77
C VAL C 992 11.51 5.45 -12.30
N TRP C 993 11.32 4.36 -11.56
CA TRP C 993 11.80 3.06 -12.02
C TRP C 993 11.12 2.65 -13.32
N ALA C 994 9.80 2.87 -13.42
CA ALA C 994 9.08 2.52 -14.64
C ALA C 994 9.56 3.35 -15.82
N LEU C 995 9.76 4.65 -15.62
CA LEU C 995 10.24 5.50 -16.70
C LEU C 995 11.64 5.07 -17.15
N GLU C 996 12.51 4.73 -16.20
CA GLU C 996 13.83 4.23 -16.55
C GLU C 996 13.73 2.92 -17.33
N GLY C 997 12.76 2.07 -16.97
CA GLY C 997 12.56 0.84 -17.71
C GLY C 997 12.21 1.09 -19.17
N PHE C 998 11.38 2.10 -19.43
CA PHE C 998 11.10 2.48 -20.80
C PHE C 998 12.27 3.19 -21.45
N GLY C 999 13.23 3.67 -20.66
CA GLY C 999 14.34 4.42 -21.21
C GLY C 999 14.00 5.80 -21.66
N VAL C 1000 12.92 6.39 -21.14
CA VAL C 1000 12.52 7.74 -21.52
C VAL C 1000 13.29 8.69 -20.61
N ALA C 1001 14.53 8.98 -21.00
CA ALA C 1001 15.39 9.82 -20.20
C ALA C 1001 14.93 11.27 -20.17
N HIS C 1002 14.45 11.79 -21.31
CA HIS C 1002 14.00 13.17 -21.36
C HIS C 1002 12.70 13.38 -20.60
N ILE C 1003 11.79 12.40 -20.67
CA ILE C 1003 10.57 12.47 -19.87
C ILE C 1003 10.91 12.42 -18.39
N LEU C 1004 11.80 11.51 -18.01
CA LEU C 1004 12.20 11.40 -16.61
C LEU C 1004 12.83 12.69 -16.11
N GLN C 1005 13.67 13.32 -16.94
CA GLN C 1005 14.23 14.62 -16.59
C GLN C 1005 13.14 15.66 -16.45
N GLU C 1006 12.13 15.61 -17.33
CA GLU C 1006 11.08 16.62 -17.30
C GLU C 1006 10.30 16.58 -15.99
N MET C 1007 10.16 15.39 -15.40
CA MET C 1007 9.48 15.29 -14.11
C MET C 1007 10.25 16.01 -13.02
N LEU C 1008 11.57 15.90 -13.02
CA LEU C 1008 12.42 16.45 -11.97
C LEU C 1008 12.99 17.82 -12.34
N THR C 1009 12.27 18.59 -13.15
CA THR C 1009 12.73 19.87 -13.68
C THR C 1009 11.56 20.84 -13.70
N TYR C 1010 11.59 21.83 -14.59
CA TYR C 1010 10.65 22.95 -14.57
C TYR C 1010 9.22 22.54 -14.26
N LYS C 1011 8.83 21.31 -14.59
CA LYS C 1011 7.56 20.80 -14.10
C LYS C 1011 7.72 20.27 -12.69
N SER C 1012 8.32 21.10 -11.83
CA SER C 1012 8.57 20.78 -10.42
C SER C 1012 9.07 22.04 -9.72
N ASP C 1013 9.62 21.90 -8.53
CA ASP C 1013 10.21 23.03 -7.81
C ASP C 1013 11.52 23.41 -8.49
N HIS C 1014 11.40 24.19 -9.56
CA HIS C 1014 12.56 24.69 -10.30
C HIS C 1014 12.19 26.07 -10.82
N ILE C 1015 12.61 27.11 -10.08
CA ILE C 1015 12.13 28.45 -10.35
C ILE C 1015 12.68 28.99 -11.66
N ARG C 1016 13.98 28.81 -11.90
CA ARG C 1016 14.63 29.41 -13.06
C ARG C 1016 14.03 28.90 -14.37
N ALA C 1017 13.89 27.57 -14.49
CA ALA C 1017 13.39 27.01 -15.73
C ALA C 1017 11.89 27.21 -15.88
N ARG C 1018 11.13 27.04 -14.80
CA ARG C 1018 9.68 27.25 -14.88
C ARG C 1018 9.31 28.70 -15.14
N GLN C 1019 10.22 29.64 -14.85
CA GLN C 1019 9.94 31.04 -15.11
C GLN C 1019 9.72 31.30 -16.60
N GLU C 1020 10.54 30.69 -17.45
CA GLU C 1020 10.45 30.89 -18.89
C GLU C 1020 9.88 29.72 -19.65
N VAL C 1021 9.61 28.58 -18.98
CA VAL C 1021 8.97 27.47 -19.69
C VAL C 1021 7.57 27.87 -20.13
N LEU C 1022 6.95 28.80 -19.41
CA LEU C 1022 5.76 29.49 -19.89
C LEU C 1022 6.21 30.71 -20.68
N GLY C 1023 5.98 30.69 -21.99
CA GLY C 1023 6.55 31.68 -22.89
C GLY C 1023 7.31 31.01 -23.99
N THR C 1024 8.03 29.92 -23.67
CA THR C 1024 8.56 29.05 -24.71
C THR C 1024 7.44 28.21 -25.32
N THR C 1025 6.48 27.79 -24.50
CA THR C 1025 5.28 27.11 -24.98
C THR C 1025 4.13 28.07 -25.23
N ILE C 1026 4.33 29.37 -24.99
CA ILE C 1026 3.29 30.35 -25.30
C ILE C 1026 3.54 30.97 -26.67
N ILE C 1027 4.80 31.25 -27.00
CA ILE C 1027 5.13 31.80 -28.31
C ILE C 1027 5.42 30.70 -29.32
N GLY C 1028 6.13 29.65 -28.91
CA GLY C 1028 6.45 28.55 -29.79
C GLY C 1028 7.84 28.01 -29.60
N PRO C 1034 17.95 23.41 -19.70
CA PRO C 1034 18.39 23.13 -18.34
C PRO C 1034 19.75 23.74 -18.02
N GLU C 1035 20.80 22.92 -18.01
CA GLU C 1035 22.18 23.33 -17.79
C GLU C 1035 22.41 23.74 -16.34
N ASP C 1036 21.35 23.78 -15.54
CA ASP C 1036 21.43 24.17 -14.14
C ASP C 1036 20.88 23.07 -13.26
N ALA C 1037 21.54 22.86 -12.12
CA ALA C 1037 21.09 21.82 -11.20
C ALA C 1037 19.71 22.19 -10.63
N PRO C 1038 18.82 21.22 -10.45
CA PRO C 1038 17.50 21.52 -9.90
C PRO C 1038 17.61 21.99 -8.46
N GLU C 1039 16.59 22.76 -8.04
CA GLU C 1039 16.58 23.31 -6.69
C GLU C 1039 16.68 22.23 -5.63
N SER C 1040 16.12 21.04 -5.91
CA SER C 1040 16.21 19.94 -4.94
C SER C 1040 17.65 19.54 -4.70
N PHE C 1041 18.44 19.41 -5.77
CA PHE C 1041 19.86 19.10 -5.60
C PHE C 1041 20.59 20.24 -4.91
N ARG C 1042 20.28 21.49 -5.28
CA ARG C 1042 20.91 22.63 -4.63
C ARG C 1042 20.55 22.67 -3.15
N LEU C 1043 19.28 22.39 -2.83
CA LEU C 1043 18.89 22.31 -1.42
C LEU C 1043 19.61 21.16 -0.71
N LEU C 1044 19.81 20.05 -1.41
CA LEU C 1044 20.52 18.92 -0.82
C LEU C 1044 21.95 19.30 -0.47
N VAL C 1045 22.61 20.07 -1.34
CA VAL C 1045 23.98 20.46 -1.08
C VAL C 1045 24.07 21.30 0.19
N ARG C 1046 23.14 22.24 0.37
CA ARG C 1046 23.18 23.10 1.55
C ARG C 1046 23.03 22.27 2.83
N GLU C 1047 22.14 21.28 2.81
CA GLU C 1047 21.99 20.42 3.98
C GLU C 1047 23.28 19.67 4.30
N LEU C 1048 23.93 19.13 3.27
CA LEU C 1048 25.24 18.52 3.48
C LEU C 1048 26.29 19.58 3.77
N ARG C 1049 26.16 20.76 3.17
CA ARG C 1049 27.07 21.85 3.49
C ARG C 1049 26.96 22.27 4.95
N SER C 1050 25.77 22.10 5.53
CA SER C 1050 25.59 22.41 6.94
C SER C 1050 26.20 21.34 7.85
N LEU C 1051 26.42 20.14 7.32
CA LEU C 1051 27.07 19.06 8.07
C LEU C 1051 28.57 19.01 7.84
N ALA C 1052 29.19 20.13 7.49
CA ALA C 1052 30.62 20.21 7.22
C ALA C 1052 31.04 19.28 6.10
N LEU C 1053 30.16 19.07 5.12
CA LEU C 1053 30.45 18.23 3.96
C LEU C 1053 30.33 19.09 2.70
N GLU C 1054 31.38 19.07 1.89
CA GLU C 1054 31.44 19.86 0.67
C GLU C 1054 31.14 18.96 -0.52
N LEU C 1055 29.95 19.11 -1.11
CA LEU C 1055 29.54 18.34 -2.28
C LEU C 1055 29.81 19.17 -3.52
N ASN C 1056 30.77 18.74 -4.33
CA ASN C 1056 31.18 19.47 -5.52
C ASN C 1056 30.87 18.66 -6.77
N HIS C 1057 30.34 19.33 -7.78
CA HIS C 1057 30.01 18.72 -9.06
C HIS C 1057 30.90 19.34 -10.13
N PHE C 1058 31.82 18.54 -10.66
CA PHE C 1058 32.73 18.98 -11.71
C PHE C 1058 32.37 18.31 -13.03
N LEU C 1059 32.65 19.01 -14.13
CA LEU C 1059 32.47 18.49 -15.48
C LEU C 1059 33.83 18.51 -16.17
N VAL C 1060 34.60 17.44 -15.98
CA VAL C 1060 35.87 17.33 -16.69
C VAL C 1060 35.57 17.16 -18.18
N SER C 1061 36.06 18.10 -18.99
CA SER C 1061 35.74 18.11 -20.41
C SER C 1061 36.36 16.92 -21.12
N GLU C 1062 35.64 16.41 -22.11
CA GLU C 1062 36.13 15.33 -22.94
C GLU C 1062 36.96 15.81 -24.12
N LYS C 1063 37.04 17.13 -24.33
CA LYS C 1063 37.77 17.69 -25.46
C LYS C 1063 39.22 18.02 -25.08
N ASN C 1064 39.39 18.89 -24.10
CA ASN C 1064 40.72 19.33 -23.67
C ASN C 1064 40.96 19.06 -22.18
N PHE C 1065 40.15 18.19 -21.57
CA PHE C 1065 40.30 17.82 -20.16
C PHE C 1065 40.23 19.03 -19.23
N GLN C 1066 39.41 20.01 -19.61
CA GLN C 1066 39.26 21.23 -18.82
C GLN C 1066 38.24 20.99 -17.72
N ILE C 1067 38.68 21.00 -16.47
CA ILE C 1067 37.79 20.78 -15.34
C ILE C 1067 37.11 22.10 -14.98
N ASN C 1068 35.78 22.10 -14.98
CA ASN C 1068 35.01 23.25 -14.58
C ASN C 1068 34.02 22.83 -13.50
N ARG C 1069 33.89 23.67 -12.47
CA ARG C 1069 33.02 23.38 -11.33
C ARG C 1069 31.63 23.93 -11.62
N LYS C 1070 30.64 23.04 -11.73
CA LYS C 1070 29.26 23.46 -11.87
C LYS C 1070 28.78 24.07 -10.57
N GLU C 1071 28.47 25.36 -10.59
CA GLU C 1071 27.95 26.01 -9.40
C GLU C 1071 26.59 25.43 -9.03
N VAL C 1072 26.38 25.23 -7.73
CA VAL C 1072 25.14 24.61 -7.26
C VAL C 1072 24.42 25.56 -6.31
N MET D 1 34.02 2.22 -32.74
CA MET D 1 33.00 3.23 -32.49
C MET D 1 33.32 4.03 -31.22
N ILE D 2 33.50 5.34 -31.38
CA ILE D 2 33.90 6.20 -30.27
C ILE D 2 32.67 6.56 -29.45
N ASP D 3 32.65 6.14 -28.19
CA ASP D 3 31.58 6.50 -27.29
C ASP D 3 31.61 7.99 -26.99
N ARG D 4 30.42 8.59 -26.91
CA ARG D 4 30.30 10.00 -26.58
C ARG D 4 30.65 10.17 -25.12
N TYR D 5 31.92 10.45 -24.84
CA TYR D 5 32.40 10.47 -23.46
C TYR D 5 31.78 11.62 -22.69
N LYS D 6 31.32 11.33 -21.47
CA LYS D 6 30.76 12.32 -20.57
C LYS D 6 31.22 11.97 -19.16
N HIS D 7 32.32 12.58 -18.73
CA HIS D 7 32.87 12.34 -17.41
C HIS D 7 32.39 13.44 -16.47
N GLN D 8 31.64 13.06 -15.44
CA GLN D 8 31.11 13.99 -14.45
C GLN D 8 31.42 13.46 -13.06
N GLN D 9 32.47 13.98 -12.45
CA GLN D 9 32.82 13.57 -11.09
C GLN D 9 32.03 14.37 -10.08
N LEU D 10 31.60 13.71 -9.01
CA LEU D 10 30.81 14.33 -7.95
C LEU D 10 31.47 13.96 -6.63
N ARG D 11 32.42 14.77 -6.19
CA ARG D 11 33.19 14.48 -5.00
C ARG D 11 32.52 15.07 -3.77
N ILE D 12 32.74 14.40 -2.63
CA ILE D 12 32.28 14.88 -1.33
C ILE D 12 33.46 14.73 -0.36
N GLY D 13 33.47 15.56 0.66
CA GLY D 13 34.52 15.49 1.65
C GLY D 13 34.33 16.53 2.73
N LEU D 14 35.13 16.38 3.79
CA LEU D 14 35.14 17.38 4.85
C LEU D 14 35.67 18.70 4.32
N VAL D 15 35.21 19.79 4.94
CA VAL D 15 35.51 21.14 4.48
C VAL D 15 36.43 21.81 5.49
N SER D 16 37.47 22.47 5.00
CA SER D 16 38.37 23.21 5.85
C SER D 16 37.65 24.41 6.46
N PRO D 17 38.08 24.87 7.64
CA PRO D 17 37.48 26.09 8.20
C PRO D 17 37.59 27.29 7.28
N GLN D 18 38.66 27.39 6.49
CA GLN D 18 38.80 28.49 5.55
C GLN D 18 37.69 28.44 4.49
N GLN D 19 37.42 27.24 3.96
CA GLN D 19 36.36 27.12 2.96
C GLN D 19 34.98 27.35 3.57
N ILE D 20 34.82 27.03 4.85
CA ILE D 20 33.58 27.39 5.55
C ILE D 20 33.43 28.91 5.57
N SER D 21 34.51 29.62 5.86
CA SER D 21 34.48 31.07 5.78
C SER D 21 34.25 31.55 4.35
N ALA D 22 34.81 30.84 3.38
CA ALA D 22 34.60 31.19 1.97
C ALA D 22 33.14 31.12 1.60
N TRP D 23 32.38 30.20 2.20
CA TRP D 23 30.95 30.13 1.96
C TRP D 23 30.24 31.38 2.48
N ALA D 24 30.68 31.92 3.61
CA ALA D 24 30.03 33.06 4.23
C ALA D 24 30.57 34.39 3.73
N THR D 25 31.49 34.39 2.78
CA THR D 25 32.05 35.63 2.24
C THR D 25 31.27 36.09 1.01
N VAL D 34 31.27 38.83 4.65
CA VAL D 34 31.38 38.24 5.98
C VAL D 34 30.01 37.79 6.47
N GLY D 35 29.92 36.54 6.92
CA GLY D 35 28.67 36.00 7.38
C GLY D 35 28.69 35.54 8.82
N GLU D 36 29.44 36.23 9.66
CA GLU D 36 29.50 35.88 11.08
C GLU D 36 28.15 36.11 11.75
N VAL D 37 27.74 35.15 12.57
CA VAL D 37 26.49 35.21 13.30
C VAL D 37 26.80 35.21 14.78
N THR D 38 26.28 36.18 15.50
CA THR D 38 26.54 36.30 16.93
C THR D 38 25.27 36.39 17.77
N LYS D 39 24.24 37.07 17.28
CA LYS D 39 23.02 37.23 18.06
C LYS D 39 22.09 36.04 17.82
N PRO D 40 21.68 35.32 18.86
CA PRO D 40 20.73 34.21 18.70
C PRO D 40 19.29 34.69 18.55
N TYR D 41 19.05 35.50 17.53
CA TYR D 41 17.78 36.17 17.36
C TYR D 41 17.11 35.69 16.07
N THR D 42 15.94 36.26 15.81
CA THR D 42 15.10 35.92 14.66
C THR D 42 14.20 37.12 14.39
N PHE D 43 13.13 36.89 13.63
CA PHE D 43 12.16 37.95 13.39
C PHE D 43 11.64 38.50 14.70
N HIS D 44 11.59 39.84 14.78
CA HIS D 44 11.13 40.49 16.00
C HIS D 44 9.65 40.19 16.23
N TYR D 45 9.28 40.09 17.51
CA TYR D 45 7.90 39.71 17.84
C TYR D 45 6.90 40.77 17.38
N LYS D 46 7.26 42.04 17.51
CA LYS D 46 6.35 43.13 17.18
C LYS D 46 6.61 43.72 15.80
N THR D 47 7.84 44.16 15.54
CA THR D 47 8.14 44.79 14.26
C THR D 47 8.19 43.80 13.11
N ASN D 48 8.26 42.50 13.41
CA ASN D 48 8.34 41.45 12.39
C ASN D 48 9.52 41.70 11.46
N LYS D 49 10.67 42.03 12.04
CA LYS D 49 11.86 42.32 11.28
C LYS D 49 13.00 41.42 11.75
N PRO D 50 13.89 41.02 10.83
CA PRO D 50 15.03 40.18 11.24
C PRO D 50 16.08 41.02 11.96
N GLU D 51 16.47 40.57 13.15
CA GLU D 51 17.46 41.29 13.94
C GLU D 51 18.82 41.24 13.26
N LYS D 52 19.61 42.28 13.48
CA LYS D 52 20.95 42.34 12.92
C LYS D 52 21.82 41.21 13.47
N ASP D 53 22.59 40.58 12.59
CA ASP D 53 23.49 39.49 12.94
C ASP D 53 22.74 38.28 13.52
N GLY D 54 21.44 38.18 13.26
CA GLY D 54 20.65 37.08 13.76
C GLY D 54 20.64 35.90 12.81
N LEU D 55 19.81 34.92 13.15
CA LEU D 55 19.65 33.75 12.29
C LEU D 55 18.93 34.05 10.99
N PHE D 56 18.29 35.22 10.88
CA PHE D 56 17.60 35.62 9.66
C PHE D 56 18.06 36.98 9.16
N CYS D 57 19.24 37.44 9.60
CA CYS D 57 19.72 38.77 9.26
C CYS D 57 19.81 38.94 7.75
N GLU D 58 19.29 40.06 7.25
CA GLU D 58 19.31 40.32 5.82
C GLU D 58 20.73 40.48 5.31
N ARG D 59 21.60 41.13 6.09
CA ARG D 59 22.97 41.36 5.64
C ARG D 59 23.71 40.04 5.44
N ILE D 60 23.52 39.08 6.34
CA ILE D 60 24.25 37.81 6.26
C ILE D 60 23.74 36.98 5.09
N PHE D 61 22.42 36.88 4.93
CA PHE D 61 21.82 35.92 4.02
C PHE D 61 21.17 36.57 2.80
N GLY D 62 21.49 37.83 2.51
CA GLY D 62 20.98 38.48 1.34
C GLY D 62 19.64 39.16 1.58
N PRO D 63 19.18 39.92 0.58
CA PRO D 63 17.94 40.68 0.76
C PRO D 63 16.74 39.78 1.04
N ILE D 64 15.88 40.23 1.94
CA ILE D 64 14.69 39.46 2.28
C ILE D 64 13.69 39.47 1.13
N LYS D 65 13.53 40.62 0.48
CA LYS D 65 12.57 40.74 -0.61
C LYS D 65 13.12 41.60 -1.75
N ASP D 96 18.82 39.17 -5.93
CA ASP D 96 17.43 39.25 -5.52
C ASP D 96 17.18 38.46 -4.25
N SER D 97 15.91 38.29 -3.89
CA SER D 97 15.54 37.56 -2.68
C SER D 97 15.79 36.06 -2.79
N ARG D 98 16.00 35.55 -4.00
CA ARG D 98 16.23 34.12 -4.18
C ARG D 98 17.54 33.66 -3.58
N ILE D 99 18.48 34.59 -3.32
CA ILE D 99 19.78 34.20 -2.79
C ILE D 99 19.68 33.66 -1.37
N ARG D 100 18.58 33.95 -0.66
CA ARG D 100 18.42 33.45 0.69
C ARG D 100 18.38 31.93 0.77
N ARG D 101 18.02 31.27 -0.34
CA ARG D 101 18.06 29.81 -0.37
C ARG D 101 19.47 29.27 -0.43
N TYR D 102 20.43 30.07 -0.89
CA TYR D 102 21.78 29.59 -1.16
C TYR D 102 22.82 30.17 -0.23
N GLN D 103 22.85 31.49 -0.07
CA GLN D 103 23.86 32.13 0.78
C GLN D 103 23.66 31.70 2.23
N MET D 104 24.76 31.39 2.90
CA MET D 104 24.70 30.88 4.26
C MET D 104 25.83 31.51 5.08
N GLY D 105 25.63 31.52 6.40
CA GLY D 105 26.59 32.04 7.34
C GLY D 105 27.27 30.94 8.14
N TYR D 106 28.13 31.38 9.05
CA TYR D 106 28.89 30.48 9.89
C TYR D 106 28.86 30.97 11.33
N ILE D 107 29.37 30.15 12.23
CA ILE D 107 29.45 30.47 13.65
C ILE D 107 30.90 30.34 14.08
N LYS D 108 31.42 31.36 14.75
CA LYS D 108 32.79 31.36 15.26
C LYS D 108 32.76 30.78 16.67
N LEU D 109 33.17 29.53 16.80
CA LEU D 109 33.23 28.88 18.11
C LEU D 109 34.54 29.22 18.79
N THR D 110 34.48 29.67 20.05
CA THR D 110 35.69 29.96 20.79
C THR D 110 36.51 28.71 21.03
N CYS D 111 35.85 27.59 21.34
CA CYS D 111 36.55 26.33 21.53
C CYS D 111 36.20 25.37 20.40
N PRO D 112 37.16 24.55 19.96
CA PRO D 112 36.85 23.57 18.92
C PRO D 112 35.86 22.52 19.40
N VAL D 113 35.11 21.98 18.46
CA VAL D 113 34.08 20.98 18.74
C VAL D 113 34.30 19.79 17.82
N THR D 114 34.32 18.59 18.39
CA THR D 114 34.45 17.37 17.60
C THR D 114 33.17 17.12 16.81
N HIS D 115 33.33 16.69 15.57
CA HIS D 115 32.19 16.30 14.75
C HIS D 115 31.72 14.92 15.20
N VAL D 116 30.47 14.85 15.67
CA VAL D 116 29.99 13.62 16.29
C VAL D 116 29.89 12.47 15.31
N TRP D 117 29.86 12.75 14.01
CA TRP D 117 29.85 11.67 13.03
C TRP D 117 31.13 10.84 13.07
N TYR D 118 32.23 11.42 13.54
CA TYR D 118 33.50 10.73 13.60
C TYR D 118 33.96 10.48 15.02
N LEU D 119 33.11 10.74 16.02
CA LEU D 119 33.47 10.50 17.41
C LEU D 119 32.60 9.45 18.07
N LYS D 120 31.27 9.58 18.01
CA LYS D 120 30.39 8.68 18.73
C LYS D 120 29.69 7.67 17.83
N ARG D 121 29.85 7.77 16.52
CA ARG D 121 29.27 6.78 15.61
C ARG D 121 30.25 5.61 15.50
N LEU D 122 30.02 4.58 16.32
CA LEU D 122 30.92 3.45 16.36
C LEU D 122 30.90 2.71 15.02
N PRO D 123 32.06 2.33 14.49
CA PRO D 123 33.42 2.57 15.01
C PRO D 123 33.86 4.01 14.79
N SER D 124 34.55 4.59 15.77
CA SER D 124 34.92 5.99 15.71
C SER D 124 36.19 6.17 14.88
N TYR D 125 36.11 7.03 13.86
CA TYR D 125 37.27 7.29 13.02
C TYR D 125 38.37 8.00 13.82
N ILE D 126 37.99 8.90 14.71
CA ILE D 126 38.98 9.54 15.57
C ILE D 126 39.66 8.51 16.46
N ALA D 127 38.87 7.60 17.05
CA ALA D 127 39.45 6.56 17.88
C ALA D 127 40.36 5.65 17.06
N ASN D 128 39.94 5.31 15.84
CA ASN D 128 40.79 4.49 14.98
C ASN D 128 42.08 5.22 14.63
N LEU D 129 41.99 6.51 14.32
CA LEU D 129 43.17 7.25 13.89
C LEU D 129 44.12 7.48 15.06
N LEU D 130 43.60 7.86 16.22
CA LEU D 130 44.43 8.14 17.37
C LEU D 130 44.82 6.89 18.14
N ASP D 131 44.26 5.72 17.79
CA ASP D 131 44.59 4.43 18.39
C ASP D 131 44.12 4.35 19.84
N LYS D 132 43.58 5.44 20.36
CA LYS D 132 43.08 5.41 21.72
C LYS D 132 41.68 4.81 21.77
N PRO D 133 41.36 4.07 22.83
CA PRO D 133 40.00 3.53 22.94
C PRO D 133 38.97 4.64 23.08
N LEU D 134 37.75 4.35 22.62
CA LEU D 134 36.72 5.38 22.58
C LEU D 134 36.41 5.92 23.97
N LYS D 135 36.58 5.11 25.01
CA LYS D 135 36.28 5.56 26.37
C LYS D 135 37.15 6.74 26.76
N GLU D 136 38.44 6.70 26.39
CA GLU D 136 39.32 7.82 26.69
C GLU D 136 38.88 9.09 25.99
N LEU D 137 38.51 8.98 24.71
CA LEU D 137 38.07 10.16 23.97
C LEU D 137 36.78 10.73 24.55
N GLU D 138 35.85 9.86 24.95
CA GLU D 138 34.59 10.33 25.51
C GLU D 138 34.83 11.14 26.78
N GLY D 139 35.71 10.65 27.66
CA GLY D 139 36.00 11.38 28.87
C GLY D 139 36.80 12.65 28.64
N LEU D 140 37.52 12.74 27.53
CA LEU D 140 38.32 13.93 27.26
C LEU D 140 37.46 15.11 26.86
N VAL D 141 36.29 14.86 26.25
CA VAL D 141 35.42 15.94 25.80
C VAL D 141 34.15 16.05 26.61
N TYR D 142 33.82 15.08 27.46
CA TYR D 142 32.60 15.11 28.25
C TYR D 142 32.83 14.97 29.74
N CYS D 143 33.91 14.32 30.17
CA CYS D 143 34.17 14.11 31.59
C CYS D 143 35.31 14.98 32.10
N ASP D 144 35.55 16.11 31.43
CA ASP D 144 36.54 17.12 31.84
C ASP D 144 37.88 16.50 32.21
N PHE D 145 38.30 15.51 31.44
CA PHE D 145 39.62 14.91 31.65
C PHE D 145 40.70 15.83 31.08
N SER D 146 41.95 15.37 31.19
CA SER D 146 43.08 16.08 30.63
C SER D 146 44.00 15.08 29.95
N PHE D 147 44.68 15.54 28.90
CA PHE D 147 45.54 14.69 28.10
C PHE D 147 46.96 15.25 28.11
N ALA D 148 47.93 14.34 28.18
CA ALA D 148 49.34 14.70 28.27
C ALA D 148 50.01 14.56 26.91
N ARG D 149 50.99 15.42 26.66
CA ARG D 149 51.74 15.45 25.41
C ARG D 149 50.83 15.48 24.18
N PRO D 150 49.93 16.47 24.08
CA PRO D 150 49.11 16.56 22.87
C PRO D 150 49.93 16.82 21.62
N ILE D 151 51.03 17.56 21.75
CA ILE D 151 51.86 17.97 20.62
C ILE D 151 53.23 17.34 20.79
N THR D 152 53.71 16.69 19.74
CA THR D 152 55.05 16.11 19.71
C THR D 152 56.02 16.89 18.84
N LYS D 153 55.52 17.68 17.90
CA LYS D 153 56.38 18.47 17.02
C LYS D 153 57.02 19.66 17.72
N LYS D 154 56.86 19.82 19.03
CA LYS D 154 57.48 20.91 19.76
C LYS D 154 58.07 20.37 21.05
N PRO D 155 59.14 20.98 21.56
CA PRO D 155 59.77 20.48 22.78
C PRO D 155 58.84 20.53 23.98
N THR D 156 58.93 19.51 24.83
CA THR D 156 58.15 19.43 26.05
C THR D 156 59.04 18.97 27.19
N PHE D 157 58.74 19.44 28.40
CA PHE D 157 59.52 19.10 29.59
C PHE D 157 58.56 18.65 30.69
N LEU D 158 58.17 17.38 30.64
CA LEU D 158 57.26 16.79 31.63
C LEU D 158 57.32 15.27 31.48
N ARG D 159 57.08 14.58 32.59
CA ARG D 159 57.02 13.13 32.58
C ARG D 159 55.60 12.62 32.34
N LEU D 160 54.64 13.52 32.14
CA LEU D 160 53.27 13.10 31.90
C LEU D 160 53.15 12.34 30.60
N ARG D 161 52.26 11.34 30.58
CA ARG D 161 52.20 10.38 29.47
C ARG D 161 50.95 10.53 28.61
N GLY D 162 49.76 10.44 29.19
CA GLY D 162 48.53 10.42 28.42
C GLY D 162 47.36 10.97 29.19
N SER D 163 46.18 10.37 28.97
CA SER D 163 44.96 10.89 29.55
C SER D 163 44.98 10.74 31.08
N PHE D 164 44.69 11.83 31.78
CA PHE D 164 44.64 11.85 33.23
C PHE D 164 43.21 12.15 33.66
N GLU D 165 42.56 11.16 34.29
CA GLU D 165 41.20 11.35 34.78
C GLU D 165 41.14 12.24 36.01
N TYR D 166 42.27 12.55 36.62
CA TYR D 166 42.34 13.39 37.81
C TYR D 166 43.19 14.62 37.52
N GLU D 167 42.72 15.77 37.98
CA GLU D 167 43.45 17.01 37.78
C GLU D 167 44.74 17.00 38.60
N ILE D 168 45.83 17.45 37.98
CA ILE D 168 47.14 17.44 38.63
C ILE D 168 47.20 18.56 39.66
N GLN D 169 47.58 18.20 40.90
CA GLN D 169 47.59 19.17 41.98
C GLN D 169 48.62 20.27 41.73
N SER D 170 49.80 19.92 41.22
CA SER D 170 50.84 20.92 41.03
C SER D 170 50.60 21.77 39.79
N TRP D 171 49.72 21.33 38.91
CA TRP D 171 49.50 22.02 37.65
C TRP D 171 48.67 23.28 37.80
N LYS D 172 47.98 23.45 38.93
CA LYS D 172 47.07 24.58 39.07
C LYS D 172 47.65 25.74 39.87
N TYR D 173 48.51 25.49 40.85
CA TYR D 173 49.05 26.59 41.65
C TYR D 173 50.58 26.66 41.66
N SER D 174 51.28 25.58 41.33
CA SER D 174 52.74 25.59 41.42
C SER D 174 53.39 25.94 40.09
N ILE D 175 53.12 25.15 39.04
CA ILE D 175 53.70 25.43 37.73
C ILE D 175 53.29 26.79 37.19
N PRO D 176 52.01 27.18 37.20
CA PRO D 176 51.68 28.53 36.69
C PRO D 176 52.35 29.65 37.48
N LEU D 177 52.52 29.47 38.79
CA LEU D 177 53.21 30.50 39.57
C LEU D 177 54.69 30.59 39.20
N PHE D 178 55.32 29.44 38.98
CA PHE D 178 56.76 29.42 38.69
C PHE D 178 57.06 30.10 37.36
N PHE D 179 56.27 29.82 36.34
CA PHE D 179 56.49 30.34 35.00
C PHE D 179 55.67 31.59 34.70
N THR D 180 54.92 32.10 35.68
CA THR D 180 54.04 33.26 35.54
C THR D 180 52.88 32.93 34.62
N THR D 181 51.72 33.54 34.87
CA THR D 181 50.51 33.21 34.12
C THR D 181 50.69 33.51 32.63
N GLN D 182 51.29 34.66 32.32
CA GLN D 182 51.47 35.05 30.93
C GLN D 182 52.36 34.05 30.19
N GLY D 183 53.46 33.64 30.82
CA GLY D 183 54.34 32.67 30.18
C GLY D 183 53.82 31.26 30.25
N PHE D 184 53.01 30.94 31.27
CA PHE D 184 52.51 29.58 31.41
C PHE D 184 51.56 29.21 30.29
N GLU D 185 50.65 30.13 29.93
CA GLU D 185 49.67 29.85 28.89
C GLU D 185 50.29 29.73 27.51
N ILE D 186 51.53 30.20 27.33
CA ILE D 186 52.19 30.05 26.03
C ILE D 186 52.41 28.58 25.71
N PHE D 187 52.91 27.82 26.69
CA PHE D 187 53.17 26.39 26.51
C PHE D 187 52.16 25.52 27.24
N ARG D 188 51.09 26.10 27.78
CA ARG D 188 50.10 25.31 28.52
C ARG D 188 49.51 24.22 27.64
N ASN D 189 49.03 24.58 26.44
CA ASN D 189 48.43 23.60 25.55
C ASN D 189 49.46 22.63 24.99
N ARG D 190 50.74 22.97 25.07
CA ARG D 190 51.78 22.08 24.57
C ARG D 190 52.00 20.89 25.51
N GLU D 191 51.66 21.04 26.79
CA GLU D 191 51.88 19.98 27.78
C GLU D 191 50.57 19.30 28.18
N ILE D 192 49.58 20.07 28.62
CA ILE D 192 48.29 19.56 29.06
C ILE D 192 47.20 20.27 28.28
N SER D 193 46.34 19.51 27.62
CA SER D 193 45.21 20.05 26.89
C SER D 193 43.95 19.29 27.28
N THR D 194 42.81 19.99 27.20
CA THR D 194 41.54 19.44 27.61
C THR D 194 40.48 19.75 26.54
N GLY D 195 39.43 18.95 26.54
CA GLY D 195 38.36 19.13 25.59
C GLY D 195 38.77 18.72 24.19
N ALA D 196 37.95 19.15 23.22
CA ALA D 196 38.20 18.82 21.83
C ALA D 196 39.49 19.46 21.32
N GLY D 197 40.00 20.49 21.99
CA GLY D 197 41.27 21.08 21.61
C GLY D 197 42.40 20.08 21.68
N ALA D 198 42.37 19.20 22.69
CA ALA D 198 43.37 18.15 22.78
C ALA D 198 43.30 17.22 21.58
N ILE D 199 42.10 16.87 21.15
CA ILE D 199 41.96 15.97 20.00
C ILE D 199 42.43 16.65 18.73
N ARG D 200 42.04 17.91 18.51
CA ARG D 200 42.39 18.59 17.27
C ARG D 200 43.90 18.75 17.15
N GLU D 201 44.55 19.18 18.22
CA GLU D 201 46.01 19.31 18.18
C GLU D 201 46.67 17.95 18.02
N GLN D 202 46.13 16.92 18.68
CA GLN D 202 46.68 15.58 18.52
C GLN D 202 46.52 15.09 17.08
N LEU D 203 45.37 15.38 16.46
CA LEU D 203 45.17 15.02 15.07
C LEU D 203 46.14 15.76 14.16
N ALA D 204 46.35 17.04 14.42
CA ALA D 204 47.32 17.81 13.62
C ALA D 204 48.72 17.26 13.79
N ASP D 205 49.10 16.91 15.01
CA ASP D 205 50.43 16.40 15.30
C ASP D 205 50.68 15.03 14.70
N LEU D 206 49.65 14.32 14.27
CA LEU D 206 49.81 12.97 13.77
C LEU D 206 50.78 12.92 12.59
N ASP D 207 51.71 11.98 12.66
CA ASP D 207 52.62 11.69 11.55
C ASP D 207 52.02 10.51 10.80
N LEU D 208 51.25 10.84 9.75
CA LEU D 208 50.50 9.80 9.05
C LEU D 208 51.42 8.76 8.42
N ARG D 209 52.60 9.18 7.96
CA ARG D 209 53.58 8.21 7.48
C ARG D 209 53.99 7.26 8.58
N ILE D 210 54.24 7.78 9.79
CA ILE D 210 54.66 6.94 10.90
C ILE D 210 53.53 6.00 11.31
N ILE D 211 52.29 6.48 11.26
CA ILE D 211 51.15 5.65 11.66
C ILE D 211 51.06 4.41 10.80
N ILE D 212 51.33 4.54 9.50
CA ILE D 212 51.33 3.38 8.62
C ILE D 212 52.45 2.42 8.99
N GLU D 213 53.64 2.95 9.28
CA GLU D 213 54.81 2.11 9.51
C GLU D 213 54.66 1.27 10.77
N ASN D 214 54.33 1.91 11.89
CA ASN D 214 54.28 1.18 13.15
C ASN D 214 53.05 0.29 13.26
N SER D 215 51.95 0.66 12.62
CA SER D 215 50.78 -0.22 12.60
C SER D 215 51.06 -1.49 11.81
N LEU D 216 51.79 -1.37 10.70
CA LEU D 216 52.08 -2.53 9.87
C LEU D 216 52.96 -3.53 10.63
N VAL D 217 54.01 -3.03 11.29
CA VAL D 217 54.89 -3.94 12.01
C VAL D 217 54.18 -4.52 13.22
N GLU D 218 53.32 -3.72 13.88
CA GLU D 218 52.52 -4.26 14.96
C GLU D 218 51.55 -5.32 14.46
N TRP D 219 50.90 -5.05 13.31
CA TRP D 219 50.03 -6.06 12.70
C TRP D 219 50.81 -7.30 12.32
N LYS D 220 52.01 -7.11 11.76
CA LYS D 220 52.85 -8.25 11.39
C LYS D 220 53.25 -9.03 12.63
N GLN D 221 53.55 -8.34 13.72
CA GLN D 221 53.95 -9.01 14.96
C GLN D 221 52.82 -9.87 15.53
N LEU D 222 51.59 -9.37 15.47
CA LEU D 222 50.48 -10.10 16.08
C LEU D 222 50.27 -11.45 15.39
N GLY D 223 50.34 -11.48 14.06
CA GLY D 223 50.20 -12.74 13.36
C GLY D 223 51.40 -13.65 13.46
N GLU D 224 52.55 -13.13 13.92
CA GLU D 224 53.74 -13.96 14.04
C GLU D 224 53.55 -15.05 15.09
N GLU D 225 52.95 -14.71 16.23
CA GLU D 225 52.74 -15.71 17.28
C GLU D 225 51.79 -16.80 16.83
N GLY D 226 50.73 -16.44 16.12
CA GLY D 226 49.76 -17.40 15.64
C GLY D 226 48.73 -17.73 16.70
N PRO D 227 48.27 -18.98 16.71
CA PRO D 227 47.24 -19.38 17.68
C PRO D 227 47.75 -19.33 19.11
N THR D 228 46.83 -19.06 20.03
CA THR D 228 47.15 -18.99 21.45
C THR D 228 46.51 -20.10 22.26
N GLY D 229 45.61 -20.88 21.67
CA GLY D 229 44.94 -21.96 22.38
C GLY D 229 43.74 -21.54 23.20
N ASN D 230 43.43 -20.24 23.26
CA ASN D 230 42.29 -19.74 24.00
C ASN D 230 41.39 -18.96 23.07
N GLU D 231 40.09 -19.27 23.11
CA GLU D 231 39.14 -18.61 22.22
C GLU D 231 39.06 -17.12 22.49
N TRP D 232 39.02 -16.73 23.77
CA TRP D 232 38.90 -15.32 24.10
C TRP D 232 40.12 -14.53 23.65
N GLU D 233 41.31 -15.07 23.88
CA GLU D 233 42.52 -14.39 23.44
C GLU D 233 42.59 -14.31 21.92
N ASP D 234 42.22 -15.40 21.23
CA ASP D 234 42.17 -15.36 19.78
C ASP D 234 41.07 -14.42 19.29
N ARG D 235 40.01 -14.26 20.07
CA ARG D 235 38.96 -13.31 19.71
C ARG D 235 39.48 -11.88 19.69
N LYS D 236 40.27 -11.52 20.70
CA LYS D 236 40.78 -10.15 20.77
C LYS D 236 41.91 -9.90 19.79
N ILE D 237 42.71 -10.92 19.47
CA ILE D 237 43.80 -10.71 18.53
C ILE D 237 43.26 -10.42 17.14
N VAL D 238 42.08 -10.94 16.81
CA VAL D 238 41.44 -10.61 15.54
C VAL D 238 40.96 -9.17 15.54
N ARG D 239 40.35 -8.72 16.64
CA ARG D 239 39.85 -7.36 16.72
C ARG D 239 40.99 -6.35 16.58
N ARG D 240 42.11 -6.59 17.27
CA ARG D 240 43.24 -5.67 17.20
C ARG D 240 43.82 -5.63 15.80
N LYS D 241 43.97 -6.79 15.15
CA LYS D 241 44.51 -6.83 13.80
C LYS D 241 43.62 -6.09 12.82
N ASP D 242 42.30 -6.30 12.90
CA ASP D 242 41.39 -5.55 12.05
C ASP D 242 41.41 -4.07 12.38
N PHE D 243 41.60 -3.72 13.64
CA PHE D 243 41.73 -2.32 14.01
C PHE D 243 42.96 -1.69 13.36
N LEU D 244 44.09 -2.40 13.36
CA LEU D 244 45.30 -1.88 12.75
C LEU D 244 45.14 -1.72 11.24
N VAL D 245 44.50 -2.70 10.59
CA VAL D 245 44.28 -2.61 9.15
C VAL D 245 43.37 -1.43 8.83
N ARG D 246 42.30 -1.26 9.62
CA ARG D 246 41.42 -0.13 9.42
C ARG D 246 42.15 1.19 9.66
N ARG D 247 43.06 1.20 10.63
CA ARG D 247 43.79 2.44 10.94
C ARG D 247 44.70 2.85 9.80
N MET D 248 45.52 1.92 9.30
CA MET D 248 46.44 2.27 8.23
C MET D 248 45.69 2.57 6.94
N GLU D 249 44.56 1.89 6.70
CA GLU D 249 43.75 2.22 5.54
C GLU D 249 43.23 3.65 5.63
N LEU D 250 42.83 4.08 6.83
CA LEU D 250 42.41 5.46 7.03
C LEU D 250 43.57 6.42 6.77
N ALA D 251 44.76 6.07 7.27
CA ALA D 251 45.92 6.94 7.09
C ALA D 251 46.33 7.01 5.62
N LYS D 252 46.31 5.88 4.91
CA LYS D 252 46.71 5.88 3.51
C LYS D 252 45.80 6.75 2.66
N HIS D 253 44.53 6.88 3.05
CA HIS D 253 43.61 7.72 2.30
C HIS D 253 43.88 9.21 2.56
N PHE D 254 44.28 9.55 3.78
CA PHE D 254 44.46 10.97 4.13
C PHE D 254 45.58 11.60 3.31
N ILE D 255 46.70 10.91 3.17
CA ILE D 255 47.86 11.53 2.52
C ILE D 255 47.75 11.52 1.00
N ARG D 256 46.86 10.71 0.44
CA ARG D 256 46.64 10.72 -1.00
C ARG D 256 45.55 11.68 -1.43
N THR D 257 44.90 12.35 -0.49
CA THR D 257 43.88 13.35 -0.79
C THR D 257 44.21 14.64 -0.05
N ASN D 258 43.41 15.67 -0.32
CA ASN D 258 43.58 16.98 0.30
C ASN D 258 42.65 17.19 1.48
N ILE D 259 42.36 16.12 2.23
CA ILE D 259 41.50 16.19 3.40
C ILE D 259 42.37 16.13 4.64
N GLU D 260 42.33 17.16 5.45
CA GLU D 260 43.12 17.19 6.67
C GLU D 260 42.35 16.54 7.81
N PRO D 261 42.97 15.66 8.60
CA PRO D 261 42.26 15.05 9.73
C PRO D 261 41.82 16.06 10.78
N GLU D 262 42.43 17.23 10.84
CA GLU D 262 42.00 18.26 11.79
C GLU D 262 40.56 18.68 11.52
N TRP D 263 40.09 18.51 10.29
CA TRP D 263 38.76 18.96 9.94
C TRP D 263 37.67 18.15 10.62
N MET D 264 38.00 16.97 11.16
CA MET D 264 37.05 16.23 11.95
C MET D 264 36.68 16.97 13.24
N VAL D 265 37.51 17.90 13.67
CA VAL D 265 37.23 18.75 14.81
C VAL D 265 37.10 20.17 14.29
N LEU D 266 35.86 20.61 14.09
CA LEU D 266 35.61 21.90 13.46
C LEU D 266 35.67 23.03 14.47
N CYS D 267 36.26 24.16 14.04
CA CYS D 267 36.25 25.38 14.82
C CYS D 267 35.24 26.41 14.30
N LEU D 268 34.67 26.17 13.11
CA LEU D 268 33.61 27.00 12.57
C LEU D 268 32.41 26.11 12.24
N LEU D 269 31.22 26.61 12.54
CA LEU D 269 29.99 25.85 12.33
C LEU D 269 29.16 26.50 11.24
N PRO D 270 28.99 25.85 10.08
CA PRO D 270 28.13 26.41 9.05
C PRO D 270 26.67 26.47 9.49
N VAL D 271 25.95 27.44 8.94
CA VAL D 271 24.55 27.69 9.28
C VAL D 271 23.71 27.47 8.03
N LEU D 272 22.61 26.74 8.18
CA LEU D 272 21.73 26.49 7.05
C LEU D 272 21.09 27.80 6.60
N PRO D 273 20.88 27.97 5.29
CA PRO D 273 20.23 29.18 4.82
C PRO D 273 18.83 29.30 5.40
N PRO D 274 18.38 30.53 5.64
CA PRO D 274 17.08 30.71 6.34
C PRO D 274 15.91 30.08 5.64
N GLU D 275 15.90 30.05 4.30
CA GLU D 275 14.78 29.49 3.58
C GLU D 275 14.59 28.01 3.89
N LEU D 276 15.69 27.27 4.00
CA LEU D 276 15.62 25.85 4.30
C LEU D 276 15.20 25.56 5.74
N ARG D 277 15.21 26.57 6.61
CA ARG D 277 14.84 26.41 8.02
C ARG D 277 13.84 27.49 8.41
N PRO D 278 12.62 27.44 7.87
CA PRO D 278 11.62 28.44 8.21
C PRO D 278 11.07 28.22 9.62
N ILE D 279 10.48 29.27 10.16
CA ILE D 279 9.89 29.21 11.49
C ILE D 279 8.44 28.73 11.41
N ASP D 291 12.25 24.02 13.02
CA ASP D 291 12.58 23.18 14.17
C ASP D 291 14.04 23.33 14.54
N ILE D 292 14.93 23.25 13.56
CA ILE D 292 16.36 23.39 13.80
C ILE D 292 16.76 24.81 14.16
N ASN D 293 15.86 25.78 13.99
CA ASN D 293 16.18 27.15 14.35
C ASN D 293 16.46 27.28 15.84
N GLU D 294 15.66 26.62 16.68
CA GLU D 294 15.92 26.68 18.12
C GLU D 294 17.22 25.99 18.47
N LEU D 295 17.64 24.98 17.70
CA LEU D 295 18.96 24.40 17.89
C LEU D 295 20.05 25.41 17.55
N TYR D 296 19.89 26.13 16.45
CA TYR D 296 20.88 27.14 16.08
C TYR D 296 20.93 28.25 17.12
N ARG D 297 19.77 28.71 17.59
CA ARG D 297 19.77 29.70 18.65
C ARG D 297 20.30 29.12 19.95
N ARG D 298 20.23 27.80 20.12
CA ARG D 298 20.74 27.17 21.33
C ARG D 298 22.27 27.17 21.34
N VAL D 299 22.89 26.82 20.21
CA VAL D 299 24.35 26.82 20.15
C VAL D 299 24.89 28.25 20.18
N ILE D 300 24.20 29.18 19.52
CA ILE D 300 24.69 30.55 19.42
C ILE D 300 24.77 31.20 20.81
N TYR D 301 23.66 31.16 21.56
CA TYR D 301 23.66 31.82 22.85
C TYR D 301 24.53 31.10 23.86
N ARG D 302 24.63 29.78 23.74
CA ARG D 302 25.57 29.02 24.57
C ARG D 302 27.00 29.41 24.26
N ASN D 303 27.33 29.55 22.98
CA ASN D 303 28.69 29.95 22.60
C ASN D 303 28.98 31.39 22.99
N ASN D 304 27.99 32.28 22.83
CA ASN D 304 28.22 33.69 23.15
C ASN D 304 28.53 33.87 24.63
N THR D 305 27.78 33.19 25.50
CA THR D 305 28.06 33.27 26.93
C THR D 305 29.40 32.67 27.29
N LEU D 306 29.92 31.75 26.47
CA LEU D 306 31.29 31.27 26.68
C LEU D 306 32.31 32.37 26.40
N THR D 307 32.03 33.22 25.41
CA THR D 307 32.91 34.37 25.17
C THR D 307 32.96 35.28 26.38
N ASP D 308 31.81 35.51 27.02
CA ASP D 308 31.76 36.31 28.23
C ASP D 308 32.58 35.69 29.36
N LEU D 309 32.75 34.37 29.34
CA LEU D 309 33.56 33.69 30.34
C LEU D 309 35.04 33.67 29.99
N LEU D 310 35.43 34.23 28.86
CA LEU D 310 36.82 34.34 28.46
C LEU D 310 37.29 35.76 28.23
N THR D 311 36.45 36.59 27.60
CA THR D 311 36.84 37.97 27.33
C THR D 311 36.94 38.80 28.60
N THR D 312 36.26 38.41 29.67
CA THR D 312 36.33 39.15 30.91
C THR D 312 37.70 39.01 31.56
N SER D 313 38.03 39.96 32.44
CA SER D 313 39.35 40.01 33.05
C SER D 313 39.46 38.94 34.13
N ARG D 314 40.24 37.89 33.85
CA ARG D 314 40.58 36.85 34.81
C ARG D 314 39.32 36.17 35.36
N SER D 315 38.61 35.50 34.46
CA SER D 315 37.47 34.71 34.86
C SER D 315 37.90 33.48 35.65
N THR D 316 36.97 32.91 36.38
CA THR D 316 37.25 31.69 37.14
C THR D 316 37.40 30.52 36.17
N PRO D 317 38.54 29.84 36.14
CA PRO D 317 38.73 28.73 35.21
C PRO D 317 38.25 27.41 35.79
N GLY D 318 38.11 26.43 34.91
CA GLY D 318 37.79 25.08 35.33
C GLY D 318 36.30 24.81 35.45
N GLU D 319 35.80 24.88 36.69
CA GLU D 319 34.42 24.49 36.97
C GLU D 319 33.41 25.35 36.19
N LEU D 320 33.78 26.58 35.85
CA LEU D 320 32.92 27.44 35.05
C LEU D 320 33.26 27.40 33.57
N VAL D 321 34.55 27.41 33.23
CA VAL D 321 34.94 27.36 31.83
C VAL D 321 34.48 26.05 31.19
N MET D 322 34.67 24.92 31.90
CA MET D 322 34.23 23.64 31.37
C MET D 322 32.71 23.58 31.26
N CYS D 323 32.00 24.18 32.22
CA CYS D 323 30.55 24.05 32.25
C CYS D 323 29.93 24.50 30.94
N GLN D 324 30.25 25.71 30.48
CA GLN D 324 29.81 26.13 29.16
C GLN D 324 30.88 25.87 28.11
N GLU D 325 31.47 24.68 28.15
CA GLU D 325 32.35 24.21 27.09
C GLU D 325 31.93 22.80 26.72
N LYS D 326 31.45 22.06 27.71
CA LYS D 326 30.81 20.77 27.43
C LYS D 326 29.41 20.96 26.88
N LEU D 327 28.68 21.97 27.37
CA LEU D 327 27.35 22.25 26.87
C LEU D 327 27.39 22.68 25.41
N VAL D 328 28.37 23.50 25.04
CA VAL D 328 28.49 23.91 23.64
C VAL D 328 28.83 22.71 22.77
N GLN D 329 29.59 21.75 23.31
CA GLN D 329 29.81 20.49 22.61
C GLN D 329 28.49 19.76 22.43
N GLU D 330 27.66 19.71 23.47
CA GLU D 330 26.36 19.04 23.37
C GLU D 330 25.44 19.75 22.38
N ALA D 331 25.47 21.09 22.38
CA ALA D 331 24.60 21.83 21.47
C ALA D 331 24.95 21.52 20.02
N VAL D 332 26.24 21.51 19.68
CA VAL D 332 26.65 21.12 18.34
C VAL D 332 26.37 19.64 18.12
N ASP D 333 26.51 18.83 19.16
CA ASP D 333 26.22 17.40 19.05
C ASP D 333 24.79 17.18 18.58
N THR D 334 23.81 17.67 19.35
CA THR D 334 22.41 17.45 18.99
C THR D 334 22.05 18.13 17.68
N LEU D 335 22.74 19.22 17.34
CA LEU D 335 22.46 19.89 16.08
C LEU D 335 22.80 19.01 14.89
N LEU D 336 23.94 18.33 14.94
CA LEU D 336 24.37 17.50 13.82
C LEU D 336 23.68 16.14 13.84
N ASP D 337 23.88 15.39 14.92
CA ASP D 337 23.28 14.06 15.05
C ASP D 337 22.75 13.90 16.46
N ASN D 338 21.44 13.63 16.57
CA ASN D 338 20.79 13.50 17.87
C ASN D 338 20.50 12.06 18.27
N GLY D 339 20.38 11.15 17.31
CA GLY D 339 20.07 9.76 17.65
C GLY D 339 21.22 8.98 18.23
N ILE D 340 22.47 9.43 17.99
CA ILE D 340 23.63 8.72 18.51
C ILE D 340 23.99 9.12 19.92
N ARG D 341 23.40 10.19 20.46
CA ARG D 341 23.70 10.62 21.81
C ARG D 341 23.21 9.60 22.83
N GLY D 342 24.00 9.42 23.89
CA GLY D 342 23.55 8.57 24.99
C GLY D 342 22.31 9.10 25.67
N GLN D 343 22.17 10.42 25.74
CA GLN D 343 20.98 11.09 26.28
C GLN D 343 20.52 12.10 25.24
N PRO D 344 19.76 11.65 24.24
CA PRO D 344 19.27 12.58 23.21
C PRO D 344 18.44 13.70 23.82
N MET D 345 18.68 14.91 23.34
CA MET D 345 17.99 16.08 23.90
C MET D 345 16.53 16.10 23.43
N ARG D 346 15.65 16.52 24.34
CA ARG D 346 14.23 16.61 24.06
C ARG D 346 13.72 18.01 24.44
N ASP D 347 12.67 18.43 23.76
CA ASP D 347 12.07 19.74 24.02
C ASP D 347 11.33 19.72 25.35
N GLY D 348 10.69 20.85 25.66
CA GLY D 348 9.84 20.91 26.85
C GLY D 348 8.69 19.92 26.77
N HIS D 349 8.15 19.71 25.58
CA HIS D 349 7.12 18.71 25.34
C HIS D 349 7.70 17.32 25.14
N ASN D 350 8.97 17.11 25.50
CA ASN D 350 9.64 15.81 25.38
C ASN D 350 9.64 15.31 23.93
N LYS D 351 9.84 16.23 22.99
CA LYS D 351 10.01 15.87 21.59
C LYS D 351 11.48 15.70 21.28
N VAL D 352 11.85 14.54 20.75
CA VAL D 352 13.23 14.30 20.37
C VAL D 352 13.59 15.22 19.21
N TYR D 353 14.64 16.01 19.38
CA TYR D 353 15.04 16.98 18.37
C TYR D 353 15.44 16.28 17.08
N LYS D 354 14.97 16.82 15.96
CA LYS D 354 15.29 16.29 14.63
C LYS D 354 16.59 16.94 14.19
N SER D 355 17.69 16.20 14.29
CA SER D 355 18.99 16.73 13.94
C SER D 355 19.16 16.82 12.43
N PHE D 356 20.26 17.43 12.00
CA PHE D 356 20.57 17.49 10.58
C PHE D 356 20.80 16.09 10.01
N SER D 357 21.27 15.16 10.83
CA SER D 357 21.38 13.78 10.37
C SER D 357 20.01 13.21 10.04
N ASP D 358 19.00 13.53 10.85
CA ASP D 358 17.66 13.01 10.61
C ASP D 358 17.03 13.63 9.37
N VAL D 359 17.34 14.90 9.08
CA VAL D 359 16.74 15.59 7.94
C VAL D 359 17.27 15.08 6.61
N ILE D 360 18.22 14.15 6.63
CA ILE D 360 18.72 13.52 5.40
C ILE D 360 18.75 12.01 5.49
N GLU D 361 18.27 11.42 6.59
CA GLU D 361 18.34 9.97 6.77
C GLU D 361 17.06 9.28 6.32
N GLY D 362 15.92 9.64 6.93
CA GLY D 362 14.68 8.94 6.70
C GLY D 362 14.00 9.35 5.41
N LYS D 363 12.82 8.77 5.20
CA LYS D 363 12.04 9.10 4.00
C LYS D 363 11.64 10.57 4.01
N GLU D 364 11.22 11.09 5.16
CA GLU D 364 10.94 12.52 5.27
C GLU D 364 12.18 13.38 5.08
N GLY D 365 13.37 12.78 5.20
CA GLY D 365 14.58 13.51 4.92
C GLY D 365 14.67 13.89 3.45
N ARG D 366 15.42 14.97 3.19
CA ARG D 366 15.51 15.50 1.84
C ARG D 366 16.54 14.73 1.02
N PHE D 367 16.46 13.39 1.03
CA PHE D 367 17.29 12.57 0.17
C PHE D 367 16.47 11.65 -0.71
N ARG D 368 15.48 10.94 -0.15
CA ARG D 368 14.67 10.02 -0.93
C ARG D 368 13.42 10.71 -1.50
N GLU D 369 12.58 11.25 -0.62
CA GLU D 369 11.29 11.78 -1.06
C GLU D 369 11.47 12.96 -2.00
N THR D 370 12.40 13.87 -1.68
CA THR D 370 12.55 15.08 -2.49
C THR D 370 13.23 14.78 -3.82
N LEU D 371 14.22 13.88 -3.82
CA LEU D 371 14.97 13.60 -5.04
C LEU D 371 14.31 12.52 -5.87
N LEU D 372 14.05 11.36 -5.28
CA LEU D 372 13.39 10.25 -5.97
C LEU D 372 11.89 10.54 -6.01
N GLY D 373 11.51 11.47 -6.87
CA GLY D 373 10.12 11.88 -7.00
C GLY D 373 9.94 13.37 -6.78
N LYS D 374 8.92 13.95 -7.42
CA LYS D 374 8.66 15.37 -7.32
C LYS D 374 7.16 15.62 -7.29
N ARG D 375 6.78 16.79 -6.78
CA ARG D 375 5.40 17.28 -6.87
C ARG D 375 5.22 17.90 -8.26
N VAL D 376 5.12 17.02 -9.26
CA VAL D 376 5.20 17.44 -10.65
C VAL D 376 3.99 18.26 -11.04
N ASP D 377 4.23 19.40 -11.69
CA ASP D 377 3.15 20.24 -12.18
C ASP D 377 2.49 19.59 -13.39
N TYR D 378 1.51 20.30 -13.96
CA TYR D 378 0.72 19.79 -15.09
C TYR D 378 0.11 18.43 -14.75
N SER D 379 -0.43 18.32 -13.54
CA SER D 379 -0.99 17.07 -13.05
C SER D 379 -2.46 17.28 -12.68
N GLY D 380 -3.28 16.31 -13.04
CA GLY D 380 -4.70 16.35 -12.72
C GLY D 380 -5.22 15.01 -12.23
N ARG D 381 -5.82 14.99 -11.03
CA ARG D 381 -6.30 13.77 -10.42
C ARG D 381 -7.81 13.80 -10.36
N SER D 382 -8.45 12.77 -10.90
CA SER D 382 -9.91 12.66 -10.90
C SER D 382 -10.29 11.21 -11.09
N VAL D 383 -11.57 10.91 -10.81
CA VAL D 383 -12.07 9.55 -10.94
C VAL D 383 -12.07 9.13 -12.40
N ILE D 384 -11.77 7.86 -12.64
CA ILE D 384 -11.74 7.31 -13.99
C ILE D 384 -12.93 6.39 -14.18
N VAL D 385 -13.36 6.27 -15.44
CA VAL D 385 -14.47 5.40 -15.83
C VAL D 385 -14.03 4.58 -17.04
N VAL D 386 -14.82 3.56 -17.35
CA VAL D 386 -14.51 2.67 -18.46
C VAL D 386 -14.94 3.31 -19.76
N GLY D 387 -14.00 3.52 -20.67
CA GLY D 387 -14.27 3.89 -22.03
C GLY D 387 -14.25 2.71 -22.99
N PRO D 388 -15.27 1.84 -22.95
CA PRO D 388 -15.20 0.61 -23.75
C PRO D 388 -15.12 0.85 -25.24
N SER D 389 -15.58 2.00 -25.72
CA SER D 389 -15.51 2.33 -27.13
C SER D 389 -14.16 2.94 -27.54
N LEU D 390 -13.29 3.24 -26.57
CA LEU D 390 -12.00 3.84 -26.88
C LEU D 390 -11.10 2.84 -27.59
N SER D 391 -10.10 3.36 -28.29
CA SER D 391 -9.06 2.52 -28.85
C SER D 391 -8.06 2.16 -27.77
N LEU D 392 -7.19 1.19 -28.08
CA LEU D 392 -6.23 0.71 -27.09
C LEU D 392 -5.26 1.81 -26.67
N HIS D 393 -4.97 2.76 -27.56
CA HIS D 393 -3.98 3.79 -27.31
C HIS D 393 -4.58 5.15 -26.99
N ARG D 394 -5.89 5.22 -26.76
CA ARG D 394 -6.56 6.49 -26.52
C ARG D 394 -7.09 6.55 -25.09
N CYS D 395 -7.25 7.78 -24.61
CA CYS D 395 -7.90 8.04 -23.33
C CYS D 395 -8.74 9.30 -23.47
N GLY D 396 -9.82 9.35 -22.69
CA GLY D 396 -10.73 10.49 -22.73
C GLY D 396 -10.45 11.43 -21.58
N LEU D 397 -10.32 12.70 -21.90
CA LEU D 397 -10.10 13.69 -20.87
C LEU D 397 -11.28 14.65 -20.78
N PRO D 398 -11.71 15.02 -19.58
CA PRO D 398 -12.77 16.02 -19.44
C PRO D 398 -12.28 17.39 -19.88
N ARG D 399 -13.25 18.25 -20.20
CA ARG D 399 -12.90 19.60 -20.64
C ARG D 399 -12.19 20.37 -19.53
N GLU D 400 -12.68 20.27 -18.30
CA GLU D 400 -12.09 21.06 -17.22
C GLU D 400 -10.72 20.52 -16.82
N ILE D 401 -10.45 19.24 -17.08
CA ILE D 401 -9.13 18.69 -16.80
C ILE D 401 -8.19 18.96 -17.96
N ALA D 402 -8.68 18.84 -19.19
CA ALA D 402 -7.83 19.07 -20.36
C ALA D 402 -7.35 20.52 -20.41
N ILE D 403 -8.24 21.47 -20.10
CA ILE D 403 -7.84 22.87 -20.19
C ILE D 403 -6.78 23.20 -19.14
N GLU D 404 -6.85 22.59 -17.96
CA GLU D 404 -5.84 22.82 -16.95
C GLU D 404 -4.48 22.29 -17.39
N LEU D 405 -4.45 21.10 -18.00
CA LEU D 405 -3.18 20.52 -18.44
C LEU D 405 -2.60 21.28 -19.63
N PHE D 406 -3.45 21.67 -20.57
CA PHE D 406 -3.00 22.35 -21.80
C PHE D 406 -3.20 23.86 -21.71
N GLN D 407 -3.03 24.44 -20.52
CA GLN D 407 -3.19 25.88 -20.36
C GLN D 407 -2.26 26.65 -21.29
N THR D 408 -0.97 26.30 -21.26
CA THR D 408 0.00 27.03 -22.07
C THR D 408 -0.23 26.82 -23.56
N PHE D 409 -0.52 25.59 -23.97
CA PHE D 409 -0.66 25.30 -25.39
C PHE D 409 -1.89 25.97 -25.98
N VAL D 410 -2.99 26.04 -25.22
CA VAL D 410 -4.18 26.74 -25.70
C VAL D 410 -3.89 28.22 -25.87
N ILE D 411 -3.17 28.82 -24.92
CA ILE D 411 -2.80 30.22 -25.04
C ILE D 411 -1.95 30.44 -26.28
N ARG D 412 -1.02 29.52 -26.55
CA ARG D 412 -0.21 29.62 -27.75
C ARG D 412 -1.06 29.57 -29.01
N GLY D 413 -2.07 28.70 -29.03
CA GLY D 413 -2.94 28.62 -30.19
C GLY D 413 -3.73 29.88 -30.42
N LEU D 414 -4.22 30.49 -29.34
CA LEU D 414 -4.96 31.75 -29.48
C LEU D 414 -4.07 32.86 -30.01
N ILE D 415 -2.84 32.95 -29.51
CA ILE D 415 -1.92 33.98 -29.98
C ILE D 415 -1.48 33.67 -31.41
N ARG D 416 -1.23 32.40 -31.71
CA ARG D 416 -0.77 32.03 -33.05
C ARG D 416 -1.79 32.40 -34.11
N GLN D 417 -3.07 32.15 -33.85
CA GLN D 417 -4.14 32.42 -34.79
C GLN D 417 -4.74 33.81 -34.61
N HIS D 418 -4.09 34.68 -33.83
CA HIS D 418 -4.45 36.08 -33.65
C HIS D 418 -5.79 36.28 -32.94
N LEU D 419 -6.37 35.22 -32.37
CA LEU D 419 -7.60 35.40 -31.60
C LEU D 419 -7.33 36.22 -30.34
N ALA D 420 -6.21 35.99 -29.67
CA ALA D 420 -5.82 36.74 -28.49
C ALA D 420 -4.54 37.51 -28.80
N SER D 421 -4.55 38.81 -28.46
CA SER D 421 -3.40 39.66 -28.76
C SER D 421 -2.16 39.23 -27.98
N ASN D 422 -2.33 38.89 -26.71
CA ASN D 422 -1.20 38.55 -25.86
C ASN D 422 -1.64 37.49 -24.85
N ILE D 423 -0.78 37.24 -23.86
CA ILE D 423 -1.07 36.23 -22.84
C ILE D 423 -2.23 36.67 -21.96
N GLY D 424 -2.25 37.94 -21.57
CA GLY D 424 -3.29 38.41 -20.67
C GLY D 424 -4.69 38.29 -21.26
N VAL D 425 -4.82 38.60 -22.55
CA VAL D 425 -6.13 38.44 -23.21
C VAL D 425 -6.53 36.99 -23.25
N ALA D 426 -5.59 36.10 -23.57
CA ALA D 426 -5.90 34.68 -23.69
C ALA D 426 -6.36 34.09 -22.35
N LYS D 427 -5.65 34.42 -21.26
CA LYS D 427 -6.03 33.89 -19.96
C LYS D 427 -7.42 34.38 -19.56
N SER D 428 -7.71 35.66 -19.80
CA SER D 428 -9.05 36.17 -19.57
C SER D 428 -10.06 35.48 -20.50
N GLN D 429 -9.66 35.26 -21.76
CA GLN D 429 -10.56 34.62 -22.71
C GLN D 429 -10.85 33.19 -22.30
N ILE D 430 -9.85 32.47 -21.77
CA ILE D 430 -10.07 31.11 -21.30
C ILE D 430 -11.06 31.10 -20.14
N ARG D 431 -10.89 32.03 -19.20
CA ARG D 431 -11.85 32.13 -18.10
C ARG D 431 -13.24 32.49 -18.62
N GLU D 432 -13.32 33.31 -19.67
CA GLU D 432 -14.60 33.57 -20.31
C GLU D 432 -15.20 32.30 -20.92
N LYS D 433 -14.37 31.31 -21.22
CA LYS D 433 -14.82 30.04 -21.80
C LYS D 433 -15.56 30.26 -23.12
N LYS D 434 -14.89 30.97 -24.03
CA LYS D 434 -15.45 31.20 -25.35
C LYS D 434 -15.52 29.89 -26.12
N PRO D 435 -16.46 29.77 -27.06
CA PRO D 435 -16.52 28.56 -27.89
C PRO D 435 -15.26 28.32 -28.69
N ILE D 436 -14.53 29.37 -29.05
CA ILE D 436 -13.29 29.20 -29.80
C ILE D 436 -12.24 28.51 -28.94
N VAL D 437 -12.25 28.75 -27.63
CA VAL D 437 -11.24 28.16 -26.75
C VAL D 437 -11.30 26.64 -26.81
N TRP D 438 -12.50 26.07 -26.76
CA TRP D 438 -12.63 24.62 -26.85
C TRP D 438 -12.20 24.08 -28.21
N GLU D 439 -12.47 24.83 -29.28
CA GLU D 439 -12.00 24.43 -30.59
C GLU D 439 -10.48 24.43 -30.66
N ILE D 440 -9.86 25.46 -30.07
CA ILE D 440 -8.40 25.49 -30.01
C ILE D 440 -7.87 24.35 -29.16
N LEU D 441 -8.53 24.09 -28.02
CA LEU D 441 -8.10 22.99 -27.16
C LEU D 441 -8.21 21.65 -27.88
N GLN D 442 -9.27 21.48 -28.67
CA GLN D 442 -9.47 20.21 -29.37
C GLN D 442 -8.34 19.95 -30.36
N GLU D 443 -7.94 20.97 -31.11
CA GLU D 443 -6.84 20.79 -32.07
C GLU D 443 -5.48 20.75 -31.38
N VAL D 444 -5.36 21.36 -30.21
CA VAL D 444 -4.08 21.36 -29.51
C VAL D 444 -3.75 19.96 -29.01
N MET D 445 -4.71 19.28 -28.38
CA MET D 445 -4.46 17.95 -27.86
C MET D 445 -4.23 16.94 -28.98
N GLN D 446 -4.76 17.22 -30.17
CA GLN D 446 -4.60 16.32 -31.30
C GLN D 446 -3.14 16.10 -31.62
N GLY D 447 -2.65 14.88 -31.42
CA GLY D 447 -1.26 14.55 -31.66
C GLY D 447 -0.32 14.77 -30.50
N HIS D 448 -0.82 15.23 -29.35
CA HIS D 448 0.03 15.47 -28.20
C HIS D 448 -0.25 14.43 -27.13
N PRO D 449 0.62 13.43 -26.96
CA PRO D 449 0.35 12.37 -25.99
C PRO D 449 0.49 12.88 -24.56
N VAL D 450 -0.20 12.19 -23.65
CA VAL D 450 -0.12 12.47 -22.22
C VAL D 450 0.18 11.16 -21.49
N LEU D 451 0.73 11.30 -20.30
CA LEU D 451 1.13 10.15 -19.49
C LEU D 451 0.10 9.94 -18.38
N LEU D 452 -0.46 8.74 -18.30
CA LEU D 452 -1.40 8.38 -17.26
C LEU D 452 -0.69 7.53 -16.21
N ASN D 453 -0.76 7.97 -14.95
CA ASN D 453 -0.06 7.32 -13.86
C ASN D 453 -1.03 6.95 -12.75
N ARG D 454 -0.93 5.72 -12.28
CA ARG D 454 -1.67 5.27 -11.11
C ARG D 454 -0.81 5.51 -9.86
N ALA D 455 -1.32 6.30 -8.92
CA ALA D 455 -0.53 6.65 -7.74
C ALA D 455 -0.09 5.43 -6.95
N PRO D 456 -0.97 4.46 -6.62
CA PRO D 456 -0.42 3.18 -6.13
C PRO D 456 0.08 2.34 -7.31
N THR D 457 1.26 2.71 -7.80
CA THR D 457 1.80 2.10 -9.01
C THR D 457 2.10 0.62 -8.78
N LEU D 458 1.84 -0.19 -9.81
CA LEU D 458 1.91 -1.63 -9.72
C LEU D 458 2.97 -2.25 -10.61
N HIS D 459 2.98 -1.91 -11.90
CA HIS D 459 3.87 -2.51 -12.88
C HIS D 459 4.66 -1.40 -13.58
N ARG D 460 5.40 -1.78 -14.62
CA ARG D 460 5.92 -0.78 -15.55
C ARG D 460 4.80 -0.12 -16.34
N LEU D 461 3.65 -0.77 -16.46
CA LEU D 461 2.48 -0.18 -17.09
C LEU D 461 1.69 0.70 -16.13
N GLY D 462 2.15 0.85 -14.88
CA GLY D 462 1.49 1.77 -13.98
C GLY D 462 1.53 3.21 -14.47
N ILE D 463 2.53 3.54 -15.28
CA ILE D 463 2.58 4.81 -16.00
C ILE D 463 2.71 4.50 -17.47
N GLN D 464 1.84 5.11 -18.29
CA GLN D 464 1.79 4.81 -19.71
C GLN D 464 1.25 6.03 -20.44
N SER D 465 1.49 6.07 -21.74
CA SER D 465 1.12 7.20 -22.57
C SER D 465 -0.05 6.85 -23.48
N PHE D 466 -1.01 7.77 -23.57
CA PHE D 466 -2.16 7.63 -24.44
C PHE D 466 -2.37 8.91 -25.21
N GLN D 467 -3.04 8.80 -26.34
CA GLN D 467 -3.45 9.98 -27.11
C GLN D 467 -4.75 10.49 -26.53
N PRO D 468 -4.78 11.68 -25.92
CA PRO D 468 -6.02 12.16 -25.33
C PRO D 468 -6.99 12.66 -26.39
N ILE D 469 -8.28 12.43 -26.13
CA ILE D 469 -9.34 12.99 -26.94
C ILE D 469 -10.32 13.69 -26.01
N LEU D 470 -10.78 14.87 -26.41
CA LEU D 470 -11.69 15.64 -25.58
C LEU D 470 -13.03 14.93 -25.50
N VAL D 471 -13.46 14.59 -24.30
CA VAL D 471 -14.67 13.81 -24.08
C VAL D 471 -15.59 14.58 -23.14
N GLU D 472 -16.87 14.27 -23.22
CA GLU D 472 -17.87 14.94 -22.40
C GLU D 472 -17.76 14.46 -20.95
N GLY D 473 -18.51 15.13 -20.08
CA GLY D 473 -18.51 14.78 -18.68
C GLY D 473 -17.34 15.39 -17.94
N ARG D 474 -17.19 14.96 -16.69
CA ARG D 474 -16.15 15.44 -15.79
C ARG D 474 -15.34 14.28 -15.23
N THR D 475 -15.13 13.25 -16.03
CA THR D 475 -14.40 12.07 -15.62
C THR D 475 -13.52 11.58 -16.76
N ILE D 476 -12.47 10.85 -16.40
CA ILE D 476 -11.47 10.39 -17.35
C ILE D 476 -11.86 9.00 -17.83
N CYS D 477 -12.29 8.90 -19.09
CA CYS D 477 -12.57 7.60 -19.68
C CYS D 477 -11.28 6.87 -20.00
N LEU D 478 -11.26 5.57 -19.76
CA LEU D 478 -10.06 4.78 -19.94
C LEU D 478 -10.42 3.46 -20.63
N HIS D 479 -9.48 2.95 -21.42
CA HIS D 479 -9.73 1.73 -22.17
C HIS D 479 -9.87 0.54 -21.22
N PRO D 480 -10.82 -0.36 -21.48
CA PRO D 480 -10.97 -1.52 -20.57
C PRO D 480 -9.75 -2.41 -20.49
N LEU D 481 -9.03 -2.59 -21.61
CA LEU D 481 -7.87 -3.47 -21.59
C LEU D 481 -6.74 -2.88 -20.75
N VAL D 482 -6.48 -1.58 -20.91
CA VAL D 482 -5.38 -0.96 -20.17
C VAL D 482 -5.72 -0.80 -18.70
N CYS D 483 -7.00 -0.88 -18.33
CA CYS D 483 -7.37 -0.84 -16.92
C CYS D 483 -6.92 -2.09 -16.16
N LYS D 484 -6.58 -3.16 -16.87
CA LYS D 484 -5.97 -4.34 -16.25
C LYS D 484 -4.47 -4.17 -16.09
N GLY D 485 -3.82 -3.51 -17.05
CA GLY D 485 -2.42 -3.16 -16.87
C GLY D 485 -2.20 -2.19 -15.72
N PHE D 486 -3.17 -1.32 -15.49
CA PHE D 486 -3.18 -0.44 -14.32
C PHE D 486 -3.87 -1.06 -13.11
N ASN D 487 -4.41 -2.27 -13.25
CA ASN D 487 -5.27 -2.87 -12.23
C ASN D 487 -6.38 -1.91 -11.80
N ALA D 488 -6.88 -1.14 -12.76
CA ALA D 488 -7.81 -0.07 -12.45
C ALA D 488 -9.20 -0.63 -12.14
N ASP D 489 -9.41 -0.99 -10.88
CA ASP D 489 -10.75 -1.39 -10.45
C ASP D 489 -11.69 -0.19 -10.54
N PHE D 490 -12.96 -0.48 -10.76
CA PHE D 490 -13.96 0.57 -10.93
C PHE D 490 -14.87 0.67 -9.71
N ASP D 491 -14.35 0.28 -8.55
CA ASP D 491 -14.94 0.64 -7.27
C ASP D 491 -14.33 1.92 -6.71
N GLY D 492 -13.49 2.59 -7.49
CA GLY D 492 -12.85 3.82 -7.08
C GLY D 492 -11.37 3.85 -7.39
N ASP D 493 -10.95 4.84 -8.17
CA ASP D 493 -9.56 4.98 -8.59
C ASP D 493 -9.36 6.37 -9.14
N GLN D 494 -8.21 6.97 -8.85
CA GLN D 494 -7.86 8.28 -9.36
C GLN D 494 -6.44 8.24 -9.91
N MET D 495 -6.27 8.68 -11.15
CA MET D 495 -4.99 8.67 -11.84
C MET D 495 -4.42 10.08 -11.93
N ALA D 496 -3.09 10.15 -11.97
CA ALA D 496 -2.38 11.40 -12.18
C ALA D 496 -1.89 11.44 -13.62
N VAL D 497 -2.23 12.52 -14.33
CA VAL D 497 -1.93 12.65 -15.75
C VAL D 497 -0.94 13.80 -15.92
N HIS D 498 0.13 13.54 -16.68
CA HIS D 498 1.18 14.52 -16.93
C HIS D 498 1.33 14.71 -18.44
N VAL D 499 1.50 15.96 -18.85
CA VAL D 499 1.62 16.33 -20.25
C VAL D 499 3.09 16.63 -20.55
N PRO D 500 3.76 15.85 -21.39
CA PRO D 500 5.12 16.20 -21.79
C PRO D 500 5.14 17.54 -22.51
N LEU D 501 6.17 18.34 -22.22
CA LEU D 501 6.29 19.67 -22.79
C LEU D 501 7.35 19.75 -23.88
N SER D 502 8.57 19.32 -23.59
CA SER D 502 9.65 19.39 -24.57
C SER D 502 9.36 18.45 -25.74
N LEU D 503 9.83 18.85 -26.92
CA LEU D 503 9.60 18.04 -28.11
C LEU D 503 10.28 16.68 -28.00
N GLU D 504 11.41 16.61 -27.29
CA GLU D 504 12.04 15.31 -27.05
C GLU D 504 11.15 14.42 -26.19
N ALA D 505 10.54 14.99 -25.14
CA ALA D 505 9.65 14.21 -24.29
C ALA D 505 8.43 13.74 -25.05
N GLN D 506 7.84 14.61 -25.87
CA GLN D 506 6.69 14.21 -26.68
C GLN D 506 7.07 13.14 -27.68
N ALA D 507 8.33 13.16 -28.16
CA ALA D 507 8.77 12.14 -29.11
C ALA D 507 8.81 10.77 -28.45
N GLU D 508 9.46 10.66 -27.29
CA GLU D 508 9.59 9.36 -26.65
C GLU D 508 8.30 8.90 -26.00
N ALA D 509 7.43 9.82 -25.61
CA ALA D 509 6.11 9.42 -25.13
C ALA D 509 5.32 8.73 -26.23
N ARG D 510 5.38 9.25 -27.45
CA ARG D 510 4.64 8.67 -28.57
C ARG D 510 5.32 7.42 -29.11
N LEU D 511 6.64 7.35 -29.05
CA LEU D 511 7.40 6.29 -29.72
C LEU D 511 7.92 5.21 -28.79
N LEU D 512 7.80 5.36 -27.47
CA LEU D 512 8.35 4.36 -26.58
C LEU D 512 7.35 3.87 -25.54
N MET D 513 6.43 4.75 -25.12
CA MET D 513 5.52 4.43 -24.03
C MET D 513 4.10 4.13 -24.49
N PHE D 514 3.82 4.19 -25.78
CA PHE D 514 2.46 3.93 -26.25
C PHE D 514 2.11 2.46 -26.10
N SER D 515 0.82 2.20 -25.88
CA SER D 515 0.37 0.85 -25.59
C SER D 515 0.54 -0.11 -26.76
N HIS D 516 0.57 0.40 -27.99
CA HIS D 516 0.70 -0.49 -29.15
C HIS D 516 2.11 -1.02 -29.34
N MET D 517 3.09 -0.50 -28.61
CA MET D 517 4.46 -1.00 -28.67
C MET D 517 4.88 -1.75 -27.42
N ASN D 518 4.04 -1.79 -26.40
CA ASN D 518 4.32 -2.54 -25.16
C ASN D 518 3.17 -3.50 -24.94
N LEU D 519 3.26 -4.67 -25.59
CA LEU D 519 2.26 -5.70 -25.45
C LEU D 519 2.78 -6.94 -24.73
N LEU D 520 4.09 -7.07 -24.57
CA LEU D 520 4.70 -8.23 -23.95
C LEU D 520 5.33 -7.83 -22.62
N SER D 521 4.98 -8.57 -21.58
CA SER D 521 5.59 -8.33 -20.27
C SER D 521 7.04 -8.77 -20.28
N PRO D 522 7.98 -7.92 -19.85
CA PRO D 522 9.39 -8.32 -19.86
C PRO D 522 9.73 -9.45 -18.91
N ALA D 523 8.83 -9.78 -17.98
CA ALA D 523 9.12 -10.84 -17.01
C ALA D 523 9.41 -12.17 -17.72
N ILE D 524 8.52 -12.57 -18.63
CA ILE D 524 8.74 -13.78 -19.41
C ILE D 524 8.49 -13.59 -20.90
N GLY D 525 7.85 -12.52 -21.33
CA GLY D 525 7.58 -12.33 -22.74
C GLY D 525 6.18 -12.76 -23.12
N ASP D 526 5.22 -12.57 -22.21
CA ASP D 526 3.84 -12.94 -22.43
C ASP D 526 2.97 -11.70 -22.62
N PRO D 527 1.88 -11.81 -23.38
CA PRO D 527 1.03 -10.65 -23.62
C PRO D 527 0.39 -10.14 -22.34
N ILE D 528 0.17 -8.83 -22.29
CA ILE D 528 -0.43 -8.18 -21.13
C ILE D 528 -1.86 -7.74 -21.42
N SER D 529 -2.15 -7.33 -22.64
CA SER D 529 -3.50 -6.89 -23.00
C SER D 529 -4.34 -8.06 -23.53
N VAL D 530 -4.37 -9.14 -22.78
CA VAL D 530 -5.18 -10.30 -23.12
C VAL D 530 -6.63 -9.99 -22.72
N PRO D 531 -7.62 -10.31 -23.55
CA PRO D 531 -9.01 -10.09 -23.15
C PRO D 531 -9.34 -10.84 -21.87
N THR D 532 -10.07 -10.17 -20.99
CA THR D 532 -10.46 -10.74 -19.70
C THR D 532 -11.89 -10.32 -19.38
N GLN D 533 -12.42 -10.88 -18.31
CA GLN D 533 -13.75 -10.54 -17.78
C GLN D 533 -14.78 -10.87 -18.87
N ASP D 534 -15.77 -10.01 -19.10
CA ASP D 534 -16.82 -10.31 -20.06
C ASP D 534 -16.33 -10.33 -21.50
N MET D 535 -15.18 -9.72 -21.79
CA MET D 535 -14.58 -9.88 -23.09
C MET D 535 -14.25 -11.34 -23.36
N LEU D 536 -13.69 -12.02 -22.35
CA LEU D 536 -13.38 -13.43 -22.49
C LEU D 536 -14.64 -14.29 -22.46
N ILE D 537 -15.66 -13.86 -21.72
CA ILE D 537 -16.92 -14.60 -21.68
C ILE D 537 -17.58 -14.59 -23.05
N GLY D 538 -17.61 -13.43 -23.71
CA GLY D 538 -18.26 -13.36 -25.01
C GLY D 538 -17.59 -14.22 -26.05
N LEU D 539 -16.26 -14.23 -26.05
CA LEU D 539 -15.54 -15.09 -26.99
C LEU D 539 -15.75 -16.55 -26.66
N TYR D 540 -15.81 -16.89 -25.37
CA TYR D 540 -16.04 -18.28 -24.98
C TYR D 540 -17.41 -18.76 -25.46
N VAL D 541 -18.42 -17.91 -25.35
CA VAL D 541 -19.76 -18.29 -25.82
C VAL D 541 -19.76 -18.48 -27.32
N LEU D 542 -19.07 -17.60 -28.06
CA LEU D 542 -19.01 -17.73 -29.51
C LEU D 542 -18.43 -19.08 -29.91
N THR D 543 -17.30 -19.45 -29.32
CA THR D 543 -16.61 -20.67 -29.69
C THR D 543 -17.15 -21.90 -28.98
N SER D 544 -18.05 -21.73 -28.02
CA SER D 544 -18.74 -22.87 -27.44
C SER D 544 -19.74 -23.39 -28.47
N GLY D 545 -19.32 -24.38 -29.24
CA GLY D 545 -20.06 -24.78 -30.43
C GLY D 545 -21.33 -25.54 -30.18
N THR D 546 -21.68 -26.41 -31.11
CA THR D 546 -22.94 -27.14 -31.04
C THR D 546 -22.95 -28.10 -29.86
N ARG D 547 -24.14 -28.34 -29.33
CA ARG D 547 -24.32 -29.47 -28.42
C ARG D 547 -24.09 -30.76 -29.19
N ARG D 548 -23.40 -31.71 -28.57
CA ARG D 548 -22.94 -32.91 -29.25
C ARG D 548 -23.51 -34.14 -28.59
N GLY D 549 -23.85 -35.14 -29.40
CA GLY D 549 -24.25 -36.43 -28.87
C GLY D 549 -25.62 -36.36 -28.19
N ILE D 550 -25.70 -36.95 -27.00
CA ILE D 550 -26.97 -37.07 -26.30
C ILE D 550 -27.52 -35.71 -25.88
N CYS D 551 -26.68 -34.67 -25.89
CA CYS D 551 -27.15 -33.33 -25.57
C CYS D 551 -27.78 -32.63 -26.76
N ALA D 552 -27.74 -33.23 -27.94
CA ALA D 552 -28.31 -32.63 -29.15
C ALA D 552 -29.51 -33.39 -29.69
N ASN D 553 -29.55 -34.72 -29.52
CA ASN D 553 -30.65 -35.53 -30.01
C ASN D 553 -31.23 -36.33 -28.86
N ARG D 554 -32.57 -36.39 -28.80
CA ARG D 554 -33.21 -37.17 -27.76
C ARG D 554 -33.02 -38.66 -27.99
N TYR D 555 -33.04 -39.09 -29.25
CA TYR D 555 -32.93 -40.49 -29.59
C TYR D 555 -31.67 -40.72 -30.44
N ASN D 556 -31.19 -41.95 -30.40
CA ASN D 556 -30.04 -42.32 -31.21
C ASN D 556 -30.41 -42.25 -32.68
N PRO D 557 -29.65 -41.53 -33.51
CA PRO D 557 -29.97 -41.47 -34.94
C PRO D 557 -29.97 -42.83 -35.61
N CYS D 558 -29.11 -43.75 -35.17
CA CYS D 558 -29.05 -45.12 -35.67
C CYS D 558 -29.05 -45.20 -37.20
N GLU D 578 -29.10 -30.38 -41.94
CA GLU D 578 -28.40 -29.15 -41.57
C GLU D 578 -28.08 -28.32 -42.81
N PRO D 579 -28.19 -27.00 -42.68
CA PRO D 579 -28.02 -26.13 -43.84
C PRO D 579 -26.59 -26.13 -44.36
N PHE D 580 -26.48 -25.98 -45.68
CA PHE D 580 -25.20 -25.85 -46.37
C PHE D 580 -25.09 -24.43 -46.87
N PHE D 581 -24.01 -23.74 -46.49
CA PHE D 581 -23.77 -22.37 -46.90
C PHE D 581 -22.57 -22.32 -47.84
N CYS D 582 -22.75 -21.67 -48.98
CA CYS D 582 -21.69 -21.61 -49.97
C CYS D 582 -20.51 -20.76 -49.53
N ASN D 583 -20.74 -19.80 -48.63
CA ASN D 583 -19.67 -18.96 -48.13
C ASN D 583 -20.05 -18.44 -46.75
N SER D 584 -19.05 -17.94 -46.03
CA SER D 584 -19.28 -17.50 -44.66
C SER D 584 -20.21 -16.31 -44.59
N TYR D 585 -20.27 -15.50 -45.64
CA TYR D 585 -21.14 -14.34 -45.63
C TYR D 585 -22.61 -14.74 -45.56
N ASP D 586 -22.99 -15.80 -46.27
CA ASP D 586 -24.36 -16.27 -46.19
C ASP D 586 -24.67 -16.83 -44.81
N ALA D 587 -23.72 -17.53 -44.20
CA ALA D 587 -23.93 -18.05 -42.85
C ALA D 587 -24.14 -16.92 -41.86
N ILE D 588 -23.34 -15.85 -41.96
CA ILE D 588 -23.55 -14.68 -41.11
C ILE D 588 -24.88 -14.03 -41.42
N GLY D 589 -25.19 -13.87 -42.71
CA GLY D 589 -26.44 -13.23 -43.09
C GLY D 589 -27.65 -14.00 -42.63
N ALA D 590 -27.61 -15.34 -42.76
CA ALA D 590 -28.72 -16.16 -42.28
C ALA D 590 -28.89 -16.02 -40.78
N TYR D 591 -27.77 -15.91 -40.05
CA TYR D 591 -27.85 -15.71 -38.61
C TYR D 591 -28.50 -14.38 -38.27
N ARG D 592 -28.19 -13.34 -39.04
CA ARG D 592 -28.82 -12.03 -38.80
C ARG D 592 -30.33 -12.12 -39.03
N GLN D 593 -30.75 -12.86 -40.05
CA GLN D 593 -32.17 -13.03 -40.36
C GLN D 593 -32.85 -14.05 -39.47
N LYS D 594 -32.22 -14.43 -38.36
CA LYS D 594 -32.78 -15.35 -37.36
C LYS D 594 -33.10 -16.71 -37.95
N ARG D 595 -32.51 -17.05 -39.09
CA ARG D 595 -32.78 -18.36 -39.69
C ARG D 595 -32.10 -19.47 -38.93
N ILE D 596 -30.92 -19.22 -38.37
CA ILE D 596 -30.18 -20.21 -37.59
C ILE D 596 -29.70 -19.56 -36.31
N ASN D 597 -29.50 -20.40 -35.29
CA ASN D 597 -28.99 -19.92 -34.02
C ASN D 597 -27.47 -19.82 -34.06
N LEU D 598 -26.91 -19.21 -33.02
CA LEU D 598 -25.46 -19.08 -32.93
C LEU D 598 -24.79 -20.44 -32.80
N ASP D 599 -25.37 -21.33 -32.00
CA ASP D 599 -24.80 -22.65 -31.77
C ASP D 599 -25.38 -23.73 -32.67
N SER D 600 -26.27 -23.37 -33.59
CA SER D 600 -26.87 -24.36 -34.46
C SER D 600 -25.83 -24.85 -35.47
N PRO D 601 -25.70 -26.16 -35.67
CA PRO D 601 -24.69 -26.67 -36.61
C PRO D 601 -25.02 -26.28 -38.05
N LEU D 602 -23.96 -26.15 -38.84
CA LEU D 602 -24.13 -25.85 -40.26
C LEU D 602 -22.88 -26.31 -41.00
N TRP D 603 -23.04 -26.48 -42.31
CA TRP D 603 -21.93 -26.88 -43.18
C TRP D 603 -21.50 -25.69 -44.01
N LEU D 604 -20.20 -25.40 -43.97
CA LEU D 604 -19.63 -24.26 -44.69
C LEU D 604 -18.79 -24.80 -45.83
N ARG D 605 -19.10 -24.38 -47.06
CA ARG D 605 -18.31 -24.79 -48.21
C ARG D 605 -16.96 -24.12 -48.15
N TRP D 606 -15.92 -24.90 -47.87
CA TRP D 606 -14.59 -24.37 -47.64
C TRP D 606 -13.83 -24.29 -48.96
N GLN D 607 -13.43 -23.08 -49.34
CA GLN D 607 -12.70 -22.88 -50.57
C GLN D 607 -11.19 -22.90 -50.38
N LEU D 608 -10.71 -22.64 -49.17
CA LEU D 608 -9.28 -22.61 -48.89
C LEU D 608 -8.77 -24.04 -48.71
N ASP D 609 -7.55 -24.19 -48.23
CA ASP D 609 -7.00 -25.49 -47.92
C ASP D 609 -7.52 -25.98 -46.58
N GLN D 610 -7.14 -27.21 -46.23
CA GLN D 610 -7.50 -27.74 -44.93
C GLN D 610 -6.83 -26.92 -43.84
N ARG D 611 -7.65 -26.29 -43.00
CA ARG D 611 -7.16 -25.30 -42.05
C ARG D 611 -7.69 -25.47 -40.63
N VAL D 612 -8.80 -26.16 -40.43
CA VAL D 612 -9.38 -26.29 -39.10
C VAL D 612 -8.50 -27.21 -38.25
N ILE D 613 -8.43 -26.91 -36.95
CA ILE D 613 -7.63 -27.69 -36.02
C ILE D 613 -8.56 -28.71 -35.36
N ALA D 614 -8.44 -29.97 -35.80
CA ALA D 614 -9.19 -31.07 -35.21
C ALA D 614 -8.21 -32.19 -34.87
N SER D 615 -8.62 -33.05 -33.95
CA SER D 615 -7.79 -34.19 -33.58
C SER D 615 -7.53 -35.05 -34.80
N LYS D 616 -6.27 -35.43 -34.99
CA LYS D 616 -5.87 -36.18 -36.17
C LYS D 616 -6.44 -37.58 -36.07
N GLU D 617 -7.57 -37.81 -36.75
CA GLU D 617 -8.23 -39.10 -36.74
C GLU D 617 -8.64 -39.48 -38.15
N VAL D 618 -8.69 -40.79 -38.39
CA VAL D 618 -9.11 -41.32 -39.68
C VAL D 618 -10.59 -40.98 -39.87
N PRO D 619 -11.10 -40.96 -41.10
CA PRO D 619 -12.51 -40.62 -41.30
C PRO D 619 -13.42 -41.57 -40.54
N ILE D 620 -14.51 -41.01 -39.99
CA ILE D 620 -15.51 -41.83 -39.32
C ILE D 620 -16.09 -42.85 -40.28
N GLU D 621 -16.34 -42.43 -41.52
CA GLU D 621 -16.98 -43.28 -42.51
C GLU D 621 -16.71 -42.71 -43.89
N VAL D 622 -16.39 -43.58 -44.84
CA VAL D 622 -16.10 -43.19 -46.21
C VAL D 622 -17.17 -43.78 -47.11
N HIS D 623 -17.91 -42.92 -47.80
CA HIS D 623 -18.97 -43.34 -48.73
C HIS D 623 -18.36 -43.38 -50.13
N TYR D 624 -17.93 -44.56 -50.54
CA TYR D 624 -17.23 -44.76 -51.81
C TYR D 624 -18.25 -45.17 -52.86
N GLU D 625 -18.63 -44.23 -53.72
CA GLU D 625 -19.56 -44.55 -54.79
C GLU D 625 -18.88 -45.35 -55.88
N SER D 626 -19.68 -46.11 -56.62
CA SER D 626 -19.14 -47.01 -57.64
C SER D 626 -18.61 -46.27 -58.85
N PHE D 627 -18.87 -44.98 -58.98
CA PHE D 627 -18.40 -44.20 -60.13
C PHE D 627 -17.08 -43.49 -59.87
N GLY D 628 -16.47 -43.69 -58.71
CA GLY D 628 -15.18 -43.12 -58.39
C GLY D 628 -15.22 -42.01 -57.37
N ASN D 629 -16.36 -41.35 -57.20
CA ASN D 629 -16.48 -40.32 -56.17
C ASN D 629 -16.60 -40.98 -54.80
N TYR D 630 -15.79 -40.52 -53.86
CA TYR D 630 -15.88 -41.01 -52.49
C TYR D 630 -15.87 -39.84 -51.52
N HIS D 631 -16.82 -39.86 -50.60
CA HIS D 631 -16.92 -38.85 -49.55
C HIS D 631 -16.27 -39.38 -48.29
N GLU D 632 -15.48 -38.54 -47.64
CA GLU D 632 -14.82 -38.89 -46.39
C GLU D 632 -15.43 -38.05 -45.28
N ILE D 633 -16.19 -38.69 -44.39
CA ILE D 633 -16.83 -38.01 -43.28
C ILE D 633 -15.87 -38.05 -42.10
N TYR D 634 -15.31 -36.89 -41.76
CA TYR D 634 -14.47 -36.79 -40.58
C TYR D 634 -15.33 -36.34 -39.39
N ALA D 635 -14.69 -36.17 -38.23
CA ALA D 635 -15.42 -35.76 -37.05
C ALA D 635 -15.94 -34.33 -37.17
N HIS D 636 -15.30 -33.50 -37.98
CA HIS D 636 -15.66 -32.10 -38.07
C HIS D 636 -15.81 -31.57 -39.49
N TYR D 637 -15.48 -32.34 -40.52
CA TYR D 637 -15.61 -31.84 -41.87
C TYR D 637 -15.82 -33.01 -42.83
N LEU D 638 -16.37 -32.68 -43.99
CA LEU D 638 -16.61 -33.64 -45.06
C LEU D 638 -15.75 -33.26 -46.26
N ILE D 639 -15.05 -34.25 -46.81
CA ILE D 639 -14.18 -34.05 -47.95
C ILE D 639 -14.65 -34.95 -49.08
N VAL D 640 -14.90 -34.36 -50.24
CA VAL D 640 -15.43 -35.07 -51.39
C VAL D 640 -14.30 -35.16 -52.42
N ARG D 641 -13.68 -36.32 -52.50
CA ARG D 641 -12.67 -36.59 -53.51
C ARG D 641 -13.24 -37.52 -54.58
N SER D 642 -12.49 -37.66 -55.67
CA SER D 642 -12.92 -38.52 -56.77
C SER D 642 -11.69 -39.21 -57.36
N VAL D 643 -11.94 -40.32 -58.02
CA VAL D 643 -10.88 -41.04 -58.73
C VAL D 643 -10.69 -40.49 -60.13
N LYS D 644 -11.79 -40.26 -60.84
CA LYS D 644 -11.70 -39.70 -62.18
C LYS D 644 -11.09 -38.31 -62.17
N LYS D 645 -11.46 -37.50 -61.20
CA LYS D 645 -11.06 -36.10 -61.13
C LYS D 645 -10.25 -35.86 -59.85
N GLU D 646 -9.95 -34.59 -59.60
CA GLU D 646 -9.23 -34.15 -58.41
C GLU D 646 -9.92 -32.92 -57.82
N THR D 647 -11.25 -33.01 -57.70
CA THR D 647 -12.04 -31.85 -57.30
C THR D 647 -11.67 -31.35 -55.92
N LEU D 648 -11.63 -32.25 -54.93
CA LEU D 648 -11.25 -31.92 -53.56
C LEU D 648 -12.15 -30.82 -52.99
N TYR D 649 -13.42 -31.19 -52.83
CA TYR D 649 -14.40 -30.33 -52.18
C TYR D 649 -14.37 -30.56 -50.68
N ILE D 650 -14.36 -29.46 -49.92
CA ILE D 650 -14.28 -29.51 -48.47
C ILE D 650 -15.46 -28.75 -47.89
N TYR D 651 -16.18 -29.39 -46.97
CA TYR D 651 -17.28 -28.76 -46.24
C TYR D 651 -16.98 -28.87 -44.75
N ILE D 652 -16.95 -27.73 -44.07
CA ILE D 652 -16.64 -27.69 -42.65
C ILE D 652 -17.94 -27.67 -41.87
N ARG D 653 -18.06 -28.56 -40.89
CA ARG D 653 -19.19 -28.56 -39.97
C ARG D 653 -18.84 -27.67 -38.78
N THR D 654 -19.48 -26.51 -38.70
CA THR D 654 -19.15 -25.53 -37.68
C THR D 654 -20.41 -24.72 -37.36
N THR D 655 -20.22 -23.64 -36.62
CA THR D 655 -21.30 -22.76 -36.21
C THR D 655 -21.04 -21.34 -36.73
N VAL D 656 -22.03 -20.48 -36.55
CA VAL D 656 -21.84 -19.06 -36.85
C VAL D 656 -20.81 -18.46 -35.91
N GLY D 657 -20.80 -18.90 -34.65
CA GLY D 657 -19.87 -18.35 -33.68
C GLY D 657 -18.42 -18.53 -34.09
N HIS D 658 -18.06 -19.74 -34.51
CA HIS D 658 -16.71 -19.98 -34.99
C HIS D 658 -16.43 -19.16 -36.24
N ILE D 659 -17.40 -19.07 -37.15
CA ILE D 659 -17.23 -18.27 -38.35
C ILE D 659 -17.08 -16.79 -37.98
N SER D 660 -17.91 -16.31 -37.05
CA SER D 660 -17.81 -14.92 -36.64
C SER D 660 -16.46 -14.62 -36.01
N PHE D 661 -15.96 -15.52 -35.16
CA PHE D 661 -14.66 -15.30 -34.55
C PHE D 661 -13.54 -15.34 -35.59
N TYR D 662 -13.59 -16.32 -36.50
CA TYR D 662 -12.58 -16.39 -37.55
C TYR D 662 -12.66 -15.18 -38.47
N ARG D 663 -13.88 -14.78 -38.85
CA ARG D 663 -14.03 -13.62 -39.73
C ARG D 663 -13.55 -12.35 -39.07
N GLU D 664 -13.75 -12.22 -37.76
CA GLU D 664 -13.33 -11.02 -37.05
C GLU D 664 -11.81 -10.85 -37.12
N ILE D 665 -11.07 -11.94 -36.92
CA ILE D 665 -9.61 -11.86 -37.01
C ILE D 665 -9.18 -11.57 -38.43
N GLU D 666 -9.77 -12.26 -39.40
CA GLU D 666 -9.39 -12.06 -40.79
C GLU D 666 -9.72 -10.65 -41.26
N GLU D 667 -10.89 -10.14 -40.90
CA GLU D 667 -11.25 -8.78 -41.29
C GLU D 667 -10.34 -7.75 -40.64
N ALA D 668 -9.96 -7.99 -39.38
CA ALA D 668 -9.06 -7.07 -38.70
C ALA D 668 -7.72 -6.97 -39.41
N ILE D 669 -7.20 -8.10 -39.88
CA ILE D 669 -5.93 -8.10 -40.61
C ILE D 669 -6.09 -7.38 -41.93
N GLN D 670 -7.13 -7.71 -42.69
CA GLN D 670 -7.34 -7.07 -43.99
C GLN D 670 -7.63 -5.59 -43.82
N GLY D 671 -8.44 -5.23 -42.83
CA GLY D 671 -8.73 -3.82 -42.60
C GLY D 671 -7.49 -3.03 -42.23
N PHE D 672 -6.60 -3.63 -41.44
CA PHE D 672 -5.36 -2.95 -41.10
C PHE D 672 -4.42 -2.87 -42.31
N SER D 673 -4.41 -3.90 -43.15
CA SER D 673 -3.56 -3.88 -44.34
C SER D 673 -4.02 -2.83 -45.33
N GLN D 674 -5.33 -2.73 -45.56
CA GLN D 674 -5.83 -1.74 -46.51
C GLN D 674 -5.59 -0.32 -46.03
N ALA D 675 -5.79 -0.07 -44.73
CA ALA D 675 -5.55 1.26 -44.20
C ALA D 675 -4.09 1.65 -44.35
N CYS D 676 -3.17 0.73 -44.06
CA CYS D 676 -1.74 0.96 -44.22
C CYS D 676 -1.28 0.47 -45.59
N SER D 677 -1.87 1.06 -46.62
CA SER D 677 -1.68 0.60 -48.00
C SER D 677 -0.30 1.04 -48.49
N TYR D 678 0.70 0.21 -48.19
CA TYR D 678 2.04 0.44 -48.71
C TYR D 678 2.15 0.10 -50.19
N ASP D 679 1.21 -0.68 -50.72
CA ASP D 679 1.25 -1.04 -52.13
C ASP D 679 1.12 0.19 -53.02
N THR D 680 0.24 1.12 -52.65
CA THR D 680 0.03 2.34 -53.43
C THR D 680 1.15 3.35 -53.17
N GLU E 3 -4.96 -9.40 -49.78
CA GLU E 3 -4.25 -10.66 -49.61
C GLU E 3 -4.82 -11.45 -48.44
N ARG E 4 -5.29 -12.68 -48.72
CA ARG E 4 -5.84 -13.54 -47.68
C ARG E 4 -4.80 -13.82 -46.61
N ALA E 5 -5.21 -13.69 -45.36
CA ALA E 5 -4.33 -14.01 -44.24
C ALA E 5 -4.40 -15.50 -43.92
N ASN E 6 -3.23 -16.11 -43.77
CA ASN E 6 -3.14 -17.54 -43.47
C ASN E 6 -3.23 -17.76 -41.97
N LEU E 7 -4.44 -17.58 -41.45
CA LEU E 7 -4.74 -17.87 -40.06
C LEU E 7 -4.99 -19.37 -39.92
N VAL E 8 -5.48 -19.79 -38.75
CA VAL E 8 -5.92 -21.16 -38.52
C VAL E 8 -7.35 -21.10 -38.01
N PHE E 9 -8.22 -21.91 -38.62
CA PHE E 9 -9.63 -21.90 -38.27
C PHE E 9 -9.83 -22.65 -36.97
N HIS E 10 -9.76 -21.93 -35.85
CA HIS E 10 -10.08 -22.51 -34.56
C HIS E 10 -11.52 -22.97 -34.54
N ASN E 11 -11.73 -24.27 -34.35
CA ASN E 11 -13.06 -24.85 -34.46
C ASN E 11 -13.64 -25.36 -33.16
N LYS E 12 -12.77 -25.73 -32.18
CA LYS E 12 -13.32 -26.39 -31.01
C LYS E 12 -13.83 -25.38 -29.98
N VAL E 13 -12.96 -24.59 -29.40
CA VAL E 13 -13.32 -23.60 -28.39
C VAL E 13 -12.11 -22.73 -28.14
N ILE E 14 -12.34 -21.51 -27.67
CA ILE E 14 -11.27 -20.65 -27.18
C ILE E 14 -11.62 -20.20 -25.77
N ASP E 15 -10.60 -20.11 -24.93
CA ASP E 15 -10.76 -19.73 -23.53
C ASP E 15 -9.62 -18.82 -23.16
N GLY E 16 -9.40 -18.61 -21.86
CA GLY E 16 -8.35 -17.70 -21.42
C GLY E 16 -6.97 -18.14 -21.89
N THR E 17 -6.67 -19.43 -21.78
CA THR E 17 -5.38 -19.92 -22.24
C THR E 17 -5.30 -19.94 -23.75
N ALA E 18 -6.38 -20.31 -24.42
CA ALA E 18 -6.38 -20.38 -25.88
C ALA E 18 -6.20 -19.01 -26.50
N ILE E 19 -6.90 -18.00 -25.98
CA ILE E 19 -6.76 -16.65 -26.54
C ILE E 19 -5.38 -16.09 -26.25
N LYS E 20 -4.82 -16.42 -25.08
CA LYS E 20 -3.49 -15.93 -24.74
C LYS E 20 -2.44 -16.47 -25.70
N ARG E 21 -2.55 -17.75 -26.06
CA ARG E 21 -1.64 -18.32 -27.05
C ARG E 21 -1.82 -17.65 -28.41
N LEU E 22 -3.08 -17.40 -28.79
CA LEU E 22 -3.34 -16.80 -30.09
C LEU E 22 -2.72 -15.41 -30.20
N ILE E 23 -2.83 -14.62 -29.13
CA ILE E 23 -2.23 -13.29 -29.13
C ILE E 23 -0.71 -13.40 -29.25
N SER E 24 -0.12 -14.37 -28.54
CA SER E 24 1.32 -14.57 -28.63
C SER E 24 1.75 -14.92 -30.05
N ARG E 25 0.99 -15.79 -30.72
CA ARG E 25 1.33 -16.17 -32.08
C ARG E 25 1.09 -15.02 -33.05
N LEU E 26 0.03 -14.23 -32.82
CA LEU E 26 -0.23 -13.09 -33.69
C LEU E 26 0.85 -12.03 -33.57
N ILE E 27 1.33 -11.79 -32.35
CA ILE E 27 2.41 -10.82 -32.16
C ILE E 27 3.68 -11.30 -32.85
N ASP E 28 4.01 -12.58 -32.69
CA ASP E 28 5.24 -13.11 -33.27
C ASP E 28 5.17 -13.27 -34.78
N HIS E 29 3.99 -13.14 -35.38
CA HIS E 29 3.83 -13.28 -36.82
C HIS E 29 3.49 -11.98 -37.52
N PHE E 30 2.62 -11.16 -36.94
CA PHE E 30 2.18 -9.93 -37.58
C PHE E 30 2.78 -8.67 -36.96
N GLY E 31 3.33 -8.75 -35.76
CA GLY E 31 3.85 -7.59 -35.08
C GLY E 31 2.82 -6.96 -34.15
N MET E 32 3.29 -6.02 -33.34
CA MET E 32 2.44 -5.44 -32.31
C MET E 32 1.42 -4.47 -32.90
N ALA E 33 1.75 -3.80 -34.00
CA ALA E 33 0.80 -2.86 -34.61
C ALA E 33 -0.44 -3.59 -35.10
N TYR E 34 -0.26 -4.74 -35.76
CA TYR E 34 -1.40 -5.52 -36.21
C TYR E 34 -2.18 -6.06 -35.03
N THR E 35 -1.49 -6.62 -34.03
CA THR E 35 -2.17 -7.25 -32.90
C THR E 35 -2.90 -6.22 -32.06
N SER E 36 -2.39 -4.99 -31.98
CA SER E 36 -3.10 -3.94 -31.25
C SER E 36 -4.45 -3.67 -31.88
N HIS E 37 -4.52 -3.67 -33.22
CA HIS E 37 -5.81 -3.53 -33.89
C HIS E 37 -6.65 -4.78 -33.72
N ILE E 38 -6.04 -5.96 -33.76
CA ILE E 38 -6.77 -7.20 -33.59
C ILE E 38 -7.39 -7.27 -32.20
N LEU E 39 -6.66 -6.80 -31.19
CA LEU E 39 -7.20 -6.79 -29.84
C LEU E 39 -8.44 -5.92 -29.74
N ASP E 40 -8.43 -4.75 -30.40
CA ASP E 40 -9.61 -3.89 -30.37
C ASP E 40 -10.81 -4.56 -31.02
N GLN E 41 -10.59 -5.23 -32.16
CA GLN E 41 -11.68 -5.96 -32.80
C GLN E 41 -12.14 -7.12 -31.92
N VAL E 42 -11.19 -7.84 -31.31
CA VAL E 42 -11.54 -8.91 -30.40
C VAL E 42 -12.27 -8.37 -29.18
N LYS E 43 -11.80 -7.24 -28.64
CA LYS E 43 -12.47 -6.64 -27.50
C LYS E 43 -13.91 -6.27 -27.82
N THR E 44 -14.14 -5.68 -28.99
CA THR E 44 -15.50 -5.35 -29.40
C THR E 44 -16.33 -6.61 -29.61
N LEU E 45 -15.74 -7.63 -30.23
CA LEU E 45 -16.46 -8.87 -30.47
C LEU E 45 -16.83 -9.55 -29.16
N GLY E 46 -15.90 -9.60 -28.21
CA GLY E 46 -16.20 -10.21 -26.93
C GLY E 46 -17.24 -9.44 -26.14
N PHE E 47 -17.12 -8.11 -26.11
CA PHE E 47 -18.11 -7.30 -25.42
C PHE E 47 -19.48 -7.41 -26.06
N GLN E 48 -19.53 -7.41 -27.40
CA GLN E 48 -20.81 -7.47 -28.10
C GLN E 48 -21.52 -8.79 -27.83
N GLN E 49 -20.80 -9.91 -27.93
CA GLN E 49 -21.42 -11.21 -27.75
C GLN E 49 -21.70 -11.53 -26.29
N ALA E 50 -20.90 -11.01 -25.37
CA ALA E 50 -21.23 -11.14 -23.97
C ALA E 50 -22.54 -10.44 -23.65
N THR E 51 -22.75 -9.26 -24.24
CA THR E 51 -24.02 -8.56 -24.06
C THR E 51 -25.16 -9.33 -24.72
N ALA E 52 -24.95 -9.81 -25.94
CA ALA E 52 -26.01 -10.50 -26.67
C ALA E 52 -26.41 -11.79 -25.95
N THR E 53 -25.43 -12.63 -25.62
CA THR E 53 -25.74 -13.85 -24.89
C THR E 53 -26.26 -13.54 -23.50
N SER E 54 -25.68 -12.54 -22.84
CA SER E 54 -26.12 -12.07 -21.53
C SER E 54 -26.08 -13.18 -20.48
N ILE E 55 -24.86 -13.62 -20.20
CA ILE E 55 -24.66 -14.57 -19.12
C ILE E 55 -25.07 -13.91 -17.80
N SER E 56 -25.77 -14.67 -16.97
CA SER E 56 -26.27 -14.14 -15.71
C SER E 56 -26.54 -15.30 -14.76
N LEU E 57 -26.11 -15.14 -13.51
CA LEU E 57 -26.23 -16.19 -12.51
C LEU E 57 -27.42 -15.94 -11.60
N GLY E 58 -28.14 -17.01 -11.30
CA GLY E 58 -29.25 -16.97 -10.37
C GLY E 58 -29.00 -17.88 -9.17
N ILE E 59 -30.03 -17.99 -8.32
CA ILE E 59 -29.90 -18.82 -7.13
C ILE E 59 -29.72 -20.28 -7.52
N ASP E 60 -30.52 -20.76 -8.48
CA ASP E 60 -30.42 -22.13 -8.91
C ASP E 60 -29.30 -22.37 -9.91
N ASP E 61 -28.67 -21.31 -10.42
CA ASP E 61 -27.49 -21.50 -11.27
C ASP E 61 -26.31 -22.00 -10.46
N LEU E 62 -26.29 -21.72 -9.16
CA LEU E 62 -25.25 -22.21 -8.26
C LEU E 62 -25.49 -23.71 -8.03
N LEU E 63 -25.17 -24.50 -9.04
CA LEU E 63 -25.47 -25.92 -9.02
C LEU E 63 -24.54 -26.64 -8.06
N THR E 64 -25.12 -27.43 -7.17
CA THR E 64 -24.38 -28.22 -6.19
C THR E 64 -24.26 -29.66 -6.67
N ILE E 65 -23.17 -30.30 -6.26
CA ILE E 65 -22.95 -31.70 -6.63
C ILE E 65 -24.13 -32.53 -6.14
N PRO E 66 -24.69 -33.43 -6.96
CA PRO E 66 -25.84 -34.22 -6.50
C PRO E 66 -25.53 -35.05 -5.26
N SER E 67 -24.29 -35.51 -5.12
CA SER E 67 -23.92 -36.43 -4.06
C SER E 67 -23.45 -35.72 -2.80
N LYS E 68 -23.60 -34.39 -2.72
CA LYS E 68 -23.18 -33.69 -1.51
C LYS E 68 -24.00 -34.15 -0.30
N GLY E 69 -25.30 -34.32 -0.48
CA GLY E 69 -26.13 -34.77 0.63
C GLY E 69 -25.70 -36.12 1.16
N TRP E 70 -25.35 -37.04 0.27
CA TRP E 70 -24.88 -38.35 0.70
C TRP E 70 -23.54 -38.26 1.42
N LEU E 71 -22.59 -37.53 0.84
CA LEU E 71 -21.25 -37.45 1.41
C LEU E 71 -21.27 -36.76 2.77
N VAL E 72 -22.01 -35.66 2.89
CA VAL E 72 -22.11 -34.96 4.17
C VAL E 72 -22.78 -35.85 5.21
N GLN E 73 -23.85 -36.55 4.80
CA GLN E 73 -24.53 -37.44 5.72
C GLN E 73 -23.63 -38.59 6.15
N ASP E 74 -22.83 -39.12 5.22
CA ASP E 74 -21.89 -40.17 5.57
C ASP E 74 -20.82 -39.66 6.53
N ALA E 75 -20.33 -38.44 6.31
CA ALA E 75 -19.33 -37.86 7.20
C ALA E 75 -19.91 -37.62 8.59
N GLU E 76 -21.16 -37.17 8.66
CA GLU E 76 -21.80 -36.97 9.96
C GLU E 76 -21.93 -38.29 10.72
N GLN E 77 -22.30 -39.36 10.03
CA GLN E 77 -22.45 -40.65 10.69
C GLN E 77 -21.12 -41.12 11.27
N GLN E 78 -20.04 -40.99 10.50
CA GLN E 78 -18.72 -41.36 11.02
C GLN E 78 -18.33 -40.46 12.17
N SER E 79 -18.59 -39.15 12.05
CA SER E 79 -18.24 -38.23 13.12
C SER E 79 -19.08 -38.50 14.37
N LEU E 80 -20.35 -38.83 14.20
CA LEU E 80 -21.20 -39.10 15.35
C LEU E 80 -20.82 -40.40 16.03
N ILE E 81 -20.57 -41.46 15.25
CA ILE E 81 -20.19 -42.74 15.83
C ILE E 81 -18.86 -42.62 16.56
N LEU E 82 -17.89 -41.95 15.95
CA LEU E 82 -16.59 -41.77 16.60
C LEU E 82 -16.72 -40.95 17.87
N GLU E 83 -17.52 -39.89 17.84
CA GLU E 83 -17.70 -39.06 19.03
C GLU E 83 -18.35 -39.85 20.15
N LYS E 84 -19.29 -40.74 19.81
CA LYS E 84 -19.94 -41.56 20.82
C LYS E 84 -18.94 -42.48 21.51
N HIS E 85 -18.05 -43.10 20.75
CA HIS E 85 -17.04 -43.97 21.32
C HIS E 85 -15.92 -43.20 22.01
N HIS E 86 -15.69 -41.95 21.60
CA HIS E 86 -14.78 -41.09 22.37
C HIS E 86 -15.32 -40.85 23.76
N HIS E 87 -16.63 -40.65 23.88
CA HIS E 87 -17.25 -40.55 25.20
C HIS E 87 -17.13 -41.87 25.96
N TYR E 88 -17.26 -43.00 25.25
CA TYR E 88 -17.11 -44.29 25.92
C TYR E 88 -15.67 -44.52 26.35
N GLY E 89 -14.72 -43.84 25.73
CA GLY E 89 -13.32 -44.06 26.03
C GLY E 89 -12.61 -45.04 25.12
N ASN E 90 -13.20 -45.41 23.99
CA ASN E 90 -12.55 -46.33 23.06
C ASN E 90 -11.54 -45.63 22.16
N VAL E 91 -11.63 -44.31 22.01
CA VAL E 91 -10.65 -43.51 21.30
C VAL E 91 -10.31 -42.31 22.16
N HIS E 92 -9.13 -41.75 21.94
CA HIS E 92 -8.69 -40.59 22.71
C HIS E 92 -8.92 -39.30 21.93
N ALA E 93 -8.65 -38.19 22.61
CA ALA E 93 -9.04 -36.88 22.08
C ALA E 93 -8.35 -36.58 20.76
N VAL E 94 -7.07 -36.91 20.65
CA VAL E 94 -6.33 -36.62 19.43
C VAL E 94 -6.89 -37.41 18.26
N GLU E 95 -7.23 -38.67 18.48
CA GLU E 95 -7.83 -39.47 17.42
C GLU E 95 -9.14 -38.87 16.96
N LYS E 96 -9.96 -38.37 17.89
CA LYS E 96 -11.17 -37.65 17.50
C LYS E 96 -10.84 -36.38 16.76
N LEU E 97 -9.83 -35.65 17.23
CA LEU E 97 -9.46 -34.37 16.59
C LEU E 97 -9.00 -34.58 15.16
N ARG E 98 -8.14 -35.58 14.93
CA ARG E 98 -7.67 -35.85 13.58
C ARG E 98 -8.82 -36.25 12.67
N GLN E 99 -9.69 -37.14 13.14
CA GLN E 99 -10.77 -37.63 12.31
C GLN E 99 -11.72 -36.51 11.92
N SER E 100 -12.03 -35.62 12.87
CA SER E 100 -12.92 -34.51 12.56
C SER E 100 -12.33 -33.62 11.48
N ILE E 101 -11.04 -33.30 11.57
CA ILE E 101 -10.41 -32.44 10.59
C ILE E 101 -10.28 -33.16 9.25
N GLU E 102 -9.82 -34.41 9.27
CA GLU E 102 -9.50 -35.09 8.02
C GLU E 102 -10.74 -35.55 7.27
N ILE E 103 -11.76 -36.04 7.97
CA ILE E 103 -12.93 -36.55 7.27
C ILE E 103 -13.69 -35.41 6.60
N TRP E 104 -13.63 -34.21 7.17
CA TRP E 104 -14.30 -33.07 6.55
C TRP E 104 -13.43 -32.38 5.51
N TYR E 105 -12.12 -32.51 5.61
CA TYR E 105 -11.26 -31.98 4.56
C TYR E 105 -11.30 -32.87 3.32
N ALA E 106 -11.29 -34.20 3.52
CA ALA E 106 -11.39 -35.12 2.39
C ALA E 106 -12.71 -34.95 1.66
N THR E 107 -13.79 -34.77 2.42
CA THR E 107 -15.09 -34.51 1.81
C THR E 107 -15.09 -33.21 1.02
N SER E 108 -14.51 -32.15 1.60
CA SER E 108 -14.47 -30.87 0.90
C SER E 108 -13.65 -30.95 -0.37
N GLU E 109 -12.50 -31.64 -0.32
CA GLU E 109 -11.67 -31.77 -1.50
C GLU E 109 -12.36 -32.61 -2.57
N TYR E 110 -13.06 -33.66 -2.16
CA TYR E 110 -13.77 -34.49 -3.12
C TYR E 110 -14.87 -33.70 -3.81
N LEU E 111 -15.60 -32.86 -3.07
CA LEU E 111 -16.61 -32.01 -3.69
C LEU E 111 -15.99 -31.05 -4.68
N ARG E 112 -14.86 -30.43 -4.32
CA ARG E 112 -14.16 -29.57 -5.26
C ARG E 112 -13.67 -30.36 -6.46
N GLN E 113 -13.16 -31.57 -6.23
CA GLN E 113 -12.66 -32.39 -7.33
C GLN E 113 -13.78 -32.74 -8.30
N GLU E 114 -14.97 -33.06 -7.79
CA GLU E 114 -16.08 -33.46 -8.62
C GLU E 114 -16.91 -32.29 -9.13
N MET E 115 -16.54 -31.05 -8.79
CA MET E 115 -17.33 -29.90 -9.23
C MET E 115 -17.25 -29.71 -10.74
N ASN E 116 -16.03 -29.70 -11.30
CA ASN E 116 -15.90 -29.48 -12.73
C ASN E 116 -16.50 -30.62 -13.56
N PRO E 117 -16.21 -31.90 -13.30
CA PRO E 117 -16.84 -32.94 -14.13
C PRO E 117 -18.35 -32.94 -14.06
N ASN E 118 -18.93 -32.58 -12.91
CA ASN E 118 -20.38 -32.45 -12.83
C ASN E 118 -20.88 -31.32 -13.72
N PHE E 119 -20.20 -30.17 -13.69
CA PHE E 119 -20.59 -29.07 -14.57
C PHE E 119 -20.43 -29.44 -16.03
N ARG E 120 -19.31 -30.08 -16.37
N ARG E 120 -19.31 -30.09 -16.38
CA ARG E 120 -19.06 -30.45 -17.76
CA ARG E 120 -19.08 -30.44 -17.78
C ARG E 120 -20.07 -31.48 -18.26
C ARG E 120 -20.08 -31.49 -18.26
N MET E 121 -20.39 -32.47 -17.43
CA MET E 121 -21.23 -33.58 -17.89
C MET E 121 -22.72 -33.25 -17.82
N THR E 122 -23.14 -32.33 -16.96
CA THR E 122 -24.56 -32.08 -16.77
C THR E 122 -25.00 -30.70 -17.23
N ASP E 123 -24.34 -29.64 -16.79
CA ASP E 123 -24.74 -28.28 -17.13
C ASP E 123 -23.53 -27.53 -17.68
N PRO E 124 -23.11 -27.86 -18.90
CA PRO E 124 -21.91 -27.22 -19.47
C PRO E 124 -22.05 -25.72 -19.62
N PHE E 125 -23.25 -25.22 -19.90
CA PHE E 125 -23.49 -23.80 -20.10
C PHE E 125 -24.02 -23.13 -18.84
N ASN E 126 -23.70 -23.68 -17.67
CA ASN E 126 -24.09 -23.05 -16.42
C ASN E 126 -23.39 -21.71 -16.30
N PRO E 127 -24.11 -20.63 -15.97
CA PRO E 127 -23.46 -19.31 -15.93
C PRO E 127 -22.30 -19.23 -14.97
N VAL E 128 -22.40 -19.86 -13.80
CA VAL E 128 -21.30 -19.82 -12.85
C VAL E 128 -20.12 -20.64 -13.37
N HIS E 129 -20.40 -21.75 -14.04
CA HIS E 129 -19.33 -22.57 -14.58
C HIS E 129 -18.55 -21.83 -15.66
N MET E 130 -19.27 -21.19 -16.59
CA MET E 130 -18.59 -20.55 -17.71
C MET E 130 -17.75 -19.37 -17.26
N MET E 131 -18.15 -18.68 -16.20
CA MET E 131 -17.37 -17.54 -15.72
C MET E 131 -16.01 -17.98 -15.22
N SER E 132 -15.93 -19.12 -14.55
CA SER E 132 -14.67 -19.59 -14.00
C SER E 132 -13.92 -20.52 -14.95
N PHE E 133 -14.65 -21.42 -15.62
CA PHE E 133 -13.99 -22.39 -16.49
C PHE E 133 -13.30 -21.71 -17.66
N SER E 134 -13.94 -20.69 -18.24
CA SER E 134 -13.31 -19.93 -19.31
C SER E 134 -12.15 -19.08 -18.82
N GLY E 135 -11.99 -18.93 -17.51
CA GLY E 135 -10.95 -18.08 -16.99
C GLY E 135 -11.28 -16.60 -16.96
N ALA E 136 -12.53 -16.24 -17.27
CA ALA E 136 -12.90 -14.83 -17.32
C ALA E 136 -12.83 -14.19 -15.94
N ARG E 137 -13.44 -14.82 -14.95
CA ARG E 137 -13.45 -14.28 -13.59
C ARG E 137 -13.63 -15.41 -12.61
N GLY E 138 -12.85 -15.39 -11.54
CA GLY E 138 -12.94 -16.39 -10.50
C GLY E 138 -12.20 -17.67 -10.87
N ASN E 139 -12.06 -18.53 -9.86
CA ASN E 139 -11.40 -19.81 -10.02
C ASN E 139 -12.25 -20.89 -9.35
N ALA E 140 -11.73 -22.12 -9.36
CA ALA E 140 -12.47 -23.23 -8.80
C ALA E 140 -12.67 -23.07 -7.29
N SER E 141 -11.65 -22.55 -6.59
CA SER E 141 -11.74 -22.40 -5.15
C SER E 141 -12.86 -21.44 -4.76
N GLN E 142 -12.96 -20.31 -5.45
CA GLN E 142 -14.01 -19.34 -5.14
C GLN E 142 -15.38 -19.89 -5.47
N VAL E 143 -15.52 -20.61 -6.59
CA VAL E 143 -16.80 -21.24 -6.91
C VAL E 143 -17.13 -22.30 -5.89
N HIS E 144 -16.11 -23.03 -5.42
CA HIS E 144 -16.34 -24.06 -4.40
C HIS E 144 -16.92 -23.46 -3.13
N GLN E 145 -16.57 -22.22 -2.81
CA GLN E 145 -17.16 -21.54 -1.67
C GLN E 145 -18.65 -21.27 -1.88
N LEU E 146 -19.11 -21.25 -3.13
CA LEU E 146 -20.50 -20.96 -3.44
C LEU E 146 -21.35 -22.20 -3.59
N VAL E 147 -20.82 -23.26 -4.21
CA VAL E 147 -21.60 -24.44 -4.54
C VAL E 147 -21.11 -25.70 -3.84
N GLY E 148 -20.00 -25.64 -3.11
CA GLY E 148 -19.53 -26.79 -2.38
C GLY E 148 -19.70 -26.62 -0.88
N MET E 149 -18.58 -26.49 -0.17
CA MET E 149 -18.59 -26.19 1.24
C MET E 149 -17.30 -25.47 1.58
N ARG E 150 -17.39 -24.48 2.46
CA ARG E 150 -16.24 -23.64 2.75
C ARG E 150 -15.13 -24.39 3.47
N GLY E 151 -15.43 -25.58 4.00
CA GLY E 151 -14.40 -26.40 4.61
C GLY E 151 -13.94 -25.91 5.97
N LEU E 152 -12.64 -26.05 6.23
CA LEU E 152 -12.07 -25.75 7.54
C LEU E 152 -11.32 -24.43 7.49
N MET E 153 -11.61 -23.53 8.42
CA MET E 153 -10.85 -22.31 8.57
C MET E 153 -9.74 -22.52 9.60
N SER E 154 -8.96 -21.47 9.84
CA SER E 154 -7.81 -21.55 10.72
C SER E 154 -7.83 -20.39 11.71
N ASP E 155 -7.63 -20.70 12.98
CA ASP E 155 -7.45 -19.66 13.98
C ASP E 155 -6.12 -18.96 13.74
N PRO E 156 -5.96 -17.73 14.24
CA PRO E 156 -4.73 -16.99 13.95
C PRO E 156 -3.51 -17.51 14.69
N GLN E 157 -3.36 -18.85 14.70
CA GLN E 157 -2.18 -19.50 15.23
C GLN E 157 -1.71 -20.65 14.36
N GLY E 158 -2.35 -20.88 13.20
CA GLY E 158 -2.00 -21.99 12.34
C GLY E 158 -2.78 -23.27 12.60
N GLN E 159 -3.44 -23.38 13.74
CA GLN E 159 -4.19 -24.59 14.04
C GLN E 159 -5.48 -24.65 13.24
N MET E 160 -6.03 -25.85 13.12
CA MET E 160 -7.29 -26.06 12.44
C MET E 160 -8.43 -26.05 13.45
N ILE E 161 -9.50 -25.34 13.12
CA ILE E 161 -10.69 -25.33 13.96
C ILE E 161 -11.50 -26.58 13.64
N ASP E 162 -11.69 -27.43 14.66
CA ASP E 162 -12.26 -28.75 14.41
C ASP E 162 -13.70 -28.69 13.92
N LEU E 163 -14.40 -27.59 14.14
CA LEU E 163 -15.76 -27.46 13.62
C LEU E 163 -15.70 -27.12 12.14
N PRO E 164 -16.23 -27.96 11.25
CA PRO E 164 -16.17 -27.66 9.82
C PRO E 164 -17.30 -26.73 9.41
N ILE E 165 -17.21 -26.25 8.17
CA ILE E 165 -18.26 -25.47 7.55
C ILE E 165 -18.85 -26.34 6.44
N GLN E 166 -19.93 -27.06 6.77
CA GLN E 166 -20.56 -27.96 5.83
C GLN E 166 -21.40 -27.25 4.79
N SER E 167 -21.75 -25.98 5.01
CA SER E 167 -22.63 -25.24 4.13
C SER E 167 -21.82 -24.27 3.28
N ASN E 168 -22.34 -23.99 2.09
CA ASN E 168 -21.74 -23.03 1.18
C ASN E 168 -22.45 -21.69 1.31
N LEU E 169 -22.10 -20.75 0.45
CA LEU E 169 -22.70 -19.43 0.53
C LEU E 169 -24.11 -19.40 -0.05
N ARG E 170 -24.42 -20.26 -1.03
CA ARG E 170 -25.79 -20.32 -1.51
C ARG E 170 -26.71 -20.87 -0.44
N GLU E 171 -26.33 -21.97 0.19
CA GLU E 171 -27.13 -22.52 1.28
C GLU E 171 -27.11 -21.60 2.49
N GLY E 172 -26.06 -20.80 2.64
CA GLY E 172 -25.95 -19.92 3.78
C GLY E 172 -25.30 -20.59 4.97
N LEU E 173 -24.45 -19.88 5.68
CA LEU E 173 -23.76 -20.41 6.84
C LEU E 173 -24.62 -20.22 8.08
N SER E 174 -24.42 -21.11 9.06
CA SER E 174 -25.07 -20.94 10.35
C SER E 174 -24.31 -19.88 11.14
N LEU E 175 -24.84 -19.55 12.32
CA LEU E 175 -24.21 -18.52 13.14
C LEU E 175 -22.80 -18.91 13.55
N THR E 176 -22.61 -20.17 13.97
CA THR E 176 -21.28 -20.62 14.35
C THR E 176 -20.36 -20.74 13.15
N GLU E 177 -20.87 -21.27 12.03
CA GLU E 177 -20.05 -21.40 10.84
C GLU E 177 -19.61 -20.04 10.32
N TYR E 178 -20.50 -19.06 10.36
CA TYR E 178 -20.16 -17.73 9.87
C TYR E 178 -19.08 -17.08 10.73
N ILE E 179 -19.15 -17.28 12.04
CA ILE E 179 -18.12 -16.75 12.94
C ILE E 179 -16.77 -17.36 12.61
N ILE E 180 -16.74 -18.67 12.37
CA ILE E 180 -15.51 -19.34 12.00
C ILE E 180 -14.95 -18.78 10.70
N SER E 181 -15.82 -18.57 9.72
CA SER E 181 -15.37 -18.03 8.43
C SER E 181 -14.82 -16.62 8.56
N CYS E 182 -15.14 -15.90 9.63
CA CYS E 182 -14.55 -14.59 9.85
C CYS E 182 -13.06 -14.67 10.12
N TYR E 183 -12.57 -15.80 10.62
CA TYR E 183 -11.13 -15.97 10.79
C TYR E 183 -10.42 -15.93 9.45
N GLY E 184 -10.96 -16.64 8.45
CA GLY E 184 -10.34 -16.61 7.13
C GLY E 184 -10.39 -15.23 6.50
N ALA E 185 -11.52 -14.53 6.66
CA ALA E 185 -11.62 -13.18 6.13
C ALA E 185 -10.65 -12.24 6.82
N ARG E 186 -10.55 -12.32 8.16
CA ARG E 186 -9.61 -11.49 8.89
C ARG E 186 -8.17 -11.84 8.52
N LYS E 187 -7.86 -13.12 8.41
CA LYS E 187 -6.53 -13.53 8.01
C LYS E 187 -6.22 -13.06 6.60
N GLY E 188 -7.19 -13.16 5.69
CA GLY E 188 -6.95 -12.77 4.31
C GLY E 188 -6.66 -11.29 4.17
N VAL E 189 -7.46 -10.45 4.82
CA VAL E 189 -7.27 -9.01 4.70
C VAL E 189 -5.98 -8.56 5.38
N VAL E 190 -5.64 -9.17 6.51
CA VAL E 190 -4.41 -8.81 7.21
C VAL E 190 -3.20 -9.27 6.41
N ASP E 191 -3.22 -10.51 5.92
CA ASP E 191 -2.09 -11.02 5.14
C ASP E 191 -1.96 -10.28 3.82
N THR E 192 -3.06 -9.76 3.27
CA THR E 192 -2.98 -8.96 2.05
C THR E 192 -2.15 -7.70 2.28
N ALA E 193 -2.36 -7.03 3.41
CA ALA E 193 -1.57 -5.85 3.72
C ALA E 193 -0.10 -6.22 3.93
N VAL E 194 0.16 -7.34 4.60
CA VAL E 194 1.53 -7.78 4.81
C VAL E 194 2.17 -8.16 3.47
N ARG E 195 1.46 -8.94 2.66
CA ARG E 195 2.04 -9.42 1.41
C ARG E 195 2.37 -8.27 0.47
N THR E 196 1.48 -7.29 0.35
CA THR E 196 1.74 -6.16 -0.54
C THR E 196 2.87 -5.28 -0.01
N SER E 197 2.83 -4.97 1.29
CA SER E 197 3.88 -4.12 1.87
C SER E 197 5.24 -4.82 1.83
N ASP E 198 5.26 -6.13 2.14
CA ASP E 198 6.51 -6.87 2.09
C ASP E 198 7.07 -6.92 0.66
N ALA E 199 6.20 -7.15 -0.32
CA ALA E 199 6.64 -7.16 -1.71
C ALA E 199 7.13 -5.79 -2.15
N GLY E 200 6.40 -4.74 -1.77
CA GLY E 200 6.84 -3.39 -2.13
C GLY E 200 8.17 -3.03 -1.53
N TYR E 201 8.42 -3.45 -0.29
CA TYR E 201 9.73 -3.25 0.31
C TYR E 201 10.80 -4.05 -0.42
N LEU E 202 10.46 -5.25 -0.88
CA LEU E 202 11.43 -6.06 -1.60
C LEU E 202 11.74 -5.49 -2.98
N THR E 203 10.78 -4.80 -3.60
CA THR E 203 11.04 -4.20 -4.89
C THR E 203 12.15 -3.15 -4.80
N ARG E 204 12.10 -2.31 -3.77
CA ARG E 204 13.08 -1.24 -3.65
C ARG E 204 14.49 -1.79 -3.48
N ARG E 205 14.64 -2.85 -2.68
CA ARG E 205 15.95 -3.45 -2.50
C ARG E 205 16.41 -4.14 -3.79
N LEU E 206 15.50 -4.81 -4.49
CA LEU E 206 15.87 -5.51 -5.71
C LEU E 206 16.30 -4.55 -6.81
N VAL E 207 15.57 -3.45 -6.99
CA VAL E 207 15.92 -2.52 -8.05
C VAL E 207 17.22 -1.78 -7.72
N GLU E 208 17.49 -1.55 -6.43
CA GLU E 208 18.66 -0.78 -6.05
C GLU E 208 19.95 -1.52 -6.38
N VAL E 209 19.99 -2.83 -6.16
CA VAL E 209 21.22 -3.58 -6.37
C VAL E 209 21.60 -3.64 -7.83
N VAL E 210 20.65 -3.44 -8.75
CA VAL E 210 20.93 -3.57 -10.17
C VAL E 210 20.45 -2.32 -10.93
N GLN E 211 20.29 -1.21 -10.22
CA GLN E 211 19.83 0.00 -10.88
C GLN E 211 20.84 0.51 -11.90
N HIS E 212 22.11 0.20 -11.70
CA HIS E 212 23.18 0.67 -12.58
C HIS E 212 23.42 -0.22 -13.78
N ILE E 213 22.83 -1.42 -13.82
CA ILE E 213 23.11 -2.35 -14.92
C ILE E 213 22.38 -1.87 -16.17
N VAL E 214 23.15 -1.54 -17.20
CA VAL E 214 22.61 -1.08 -18.47
C VAL E 214 23.38 -1.77 -19.59
N VAL E 215 22.68 -2.14 -20.66
CA VAL E 215 23.33 -2.71 -21.83
C VAL E 215 24.15 -1.60 -22.49
N ARG E 216 25.48 -1.68 -22.36
CA ARG E 216 26.34 -0.62 -22.85
C ARG E 216 27.31 -1.05 -23.94
N ARG E 217 27.53 -2.35 -24.13
CA ARG E 217 28.45 -2.85 -25.15
C ARG E 217 27.76 -3.88 -26.01
N THR E 218 28.25 -4.05 -27.23
CA THR E 218 27.68 -5.04 -28.13
C THR E 218 28.10 -6.44 -27.72
N ASP E 219 29.41 -6.70 -27.74
CA ASP E 219 29.97 -7.99 -27.35
C ASP E 219 31.16 -7.74 -26.44
N CYS E 220 31.09 -8.23 -25.21
CA CYS E 220 32.19 -8.03 -24.26
C CYS E 220 33.40 -8.87 -24.60
N GLY E 221 33.30 -9.81 -25.52
CA GLY E 221 34.43 -10.61 -25.92
C GLY E 221 34.74 -11.80 -25.03
N THR E 222 33.83 -12.18 -24.14
CA THR E 222 34.06 -13.32 -23.29
C THR E 222 34.09 -14.61 -24.11
N ILE E 223 34.73 -15.63 -23.56
CA ILE E 223 34.82 -16.92 -24.22
C ILE E 223 34.17 -17.99 -23.35
N ARG E 224 34.15 -17.75 -22.04
CA ARG E 224 33.54 -18.70 -21.12
C ARG E 224 32.02 -18.64 -21.22
N GLY E 225 31.40 -19.80 -21.27
CA GLY E 225 29.94 -19.88 -21.32
C GLY E 225 29.43 -20.97 -20.40
N ILE E 226 28.28 -20.71 -19.79
CA ILE E 226 27.68 -21.68 -18.88
C ILE E 226 27.19 -22.87 -19.71
N SER E 227 27.66 -24.06 -19.35
CA SER E 227 27.30 -25.27 -20.08
C SER E 227 26.07 -25.90 -19.44
N VAL E 228 25.09 -26.24 -20.28
CA VAL E 228 23.86 -26.87 -19.85
C VAL E 228 23.64 -28.14 -20.67
N SER E 229 23.23 -29.21 -20.01
CA SER E 229 22.98 -30.48 -20.66
C SER E 229 21.55 -30.94 -20.41
N PRO E 230 20.85 -31.40 -21.44
CA PRO E 230 19.46 -31.83 -21.27
C PRO E 230 19.28 -33.25 -20.75
N ARG E 231 20.36 -33.99 -20.51
CA ARG E 231 20.24 -35.37 -20.06
C ARG E 231 20.42 -35.56 -18.57
N ASN E 232 21.14 -34.66 -17.90
CA ASN E 232 21.30 -34.73 -16.46
C ASN E 232 20.31 -33.83 -15.71
N LYS E 233 19.44 -33.13 -16.43
CA LYS E 233 18.53 -32.16 -15.84
C LYS E 233 17.10 -32.65 -15.72
N SER E 234 16.64 -33.48 -16.65
CA SER E 234 15.23 -33.87 -16.69
C SER E 234 14.82 -34.69 -15.48
N ARG E 235 15.79 -35.21 -14.73
CA ARG E 235 15.46 -36.03 -13.57
C ARG E 235 14.85 -35.21 -12.43
N MET E 236 14.97 -33.88 -12.46
CA MET E 236 14.45 -33.04 -11.39
C MET E 236 13.36 -32.09 -11.85
N MET E 237 13.58 -31.33 -12.92
CA MET E 237 12.62 -30.32 -13.34
C MET E 237 11.97 -30.71 -14.67
N SER E 238 10.88 -30.02 -14.98
CA SER E 238 10.15 -30.29 -16.20
C SER E 238 10.96 -29.90 -17.43
N GLU E 239 10.67 -30.56 -18.55
CA GLU E 239 11.35 -30.24 -19.80
C GLU E 239 10.85 -28.93 -20.39
N ARG E 240 9.58 -28.59 -20.15
CA ARG E 240 9.02 -27.37 -20.72
C ARG E 240 9.76 -26.13 -20.22
N ILE E 241 10.00 -26.05 -18.91
CA ILE E 241 10.71 -24.90 -18.37
C ILE E 241 12.17 -24.92 -18.81
N PHE E 242 12.71 -26.11 -19.08
CA PHE E 242 14.08 -26.19 -19.60
C PHE E 242 14.18 -25.49 -20.95
N ILE E 243 13.11 -25.49 -21.74
CA ILE E 243 13.11 -24.76 -23.00
C ILE E 243 13.21 -23.26 -22.74
N GLN E 244 12.44 -22.75 -21.77
CA GLN E 244 12.47 -21.32 -21.48
C GLN E 244 13.85 -20.85 -21.04
N THR E 245 14.60 -21.71 -20.35
CA THR E 245 15.95 -21.34 -19.95
C THR E 245 16.86 -21.14 -21.17
N LEU E 246 16.58 -21.85 -22.26
CA LEU E 246 17.39 -21.75 -23.47
C LEU E 246 16.78 -20.87 -24.54
N ILE E 247 15.63 -20.25 -24.27
CA ILE E 247 14.98 -19.38 -25.23
C ILE E 247 15.43 -17.95 -24.98
N GLY E 248 15.89 -17.28 -26.04
CA GLY E 248 16.43 -15.94 -25.93
C GLY E 248 17.91 -15.89 -25.58
N ARG E 249 18.56 -17.04 -25.46
CA ARG E 249 19.97 -17.09 -25.12
C ARG E 249 20.83 -16.99 -26.37
N VAL E 250 22.05 -16.49 -26.19
CA VAL E 250 23.03 -16.39 -27.26
C VAL E 250 24.07 -17.49 -27.03
N LEU E 251 24.26 -18.34 -28.02
CA LEU E 251 25.13 -19.49 -27.87
C LEU E 251 26.59 -19.05 -27.74
N ALA E 252 27.29 -19.60 -26.76
CA ALA E 252 28.67 -19.22 -26.49
C ALA E 252 29.69 -20.07 -27.23
N ASP E 253 29.27 -21.13 -27.91
CA ASP E 253 30.20 -21.98 -28.63
C ASP E 253 29.42 -22.76 -29.70
N ASP E 254 30.16 -23.22 -30.70
CA ASP E 254 29.56 -23.97 -31.79
C ASP E 254 29.03 -25.32 -31.29
N ILE E 255 27.96 -25.78 -31.91
CA ILE E 255 27.34 -27.06 -31.58
C ILE E 255 27.34 -27.91 -32.85
N TYR E 256 27.87 -29.13 -32.74
CA TYR E 256 27.99 -30.04 -33.86
C TYR E 256 27.19 -31.31 -33.60
N ILE E 257 26.66 -31.87 -34.69
CA ILE E 257 26.04 -33.19 -34.70
C ILE E 257 26.81 -34.00 -35.72
N GLY E 258 27.79 -34.79 -35.27
CA GLY E 258 28.73 -35.38 -36.21
C GLY E 258 29.55 -34.28 -36.85
N SER E 259 29.81 -34.44 -38.16
CA SER E 259 30.48 -33.38 -38.90
C SER E 259 29.55 -32.21 -39.20
N ARG E 260 28.25 -32.39 -39.05
CA ARG E 260 27.30 -31.32 -39.32
C ARG E 260 27.33 -30.28 -38.20
N CYS E 261 27.36 -29.01 -38.58
CA CYS E 261 27.29 -27.91 -37.65
C CYS E 261 25.88 -27.32 -37.69
N VAL E 262 25.19 -27.33 -36.56
CA VAL E 262 23.81 -26.88 -36.49
C VAL E 262 23.66 -25.49 -35.89
N ALA E 263 24.65 -25.03 -35.12
CA ALA E 263 24.58 -23.71 -34.51
C ALA E 263 25.99 -23.16 -34.38
N PHE E 264 26.08 -21.85 -34.25
CA PHE E 264 27.36 -21.16 -34.25
C PHE E 264 27.50 -20.31 -32.99
N ARG E 265 28.73 -19.91 -32.70
CA ARG E 265 28.98 -18.98 -31.62
C ARG E 265 28.31 -17.63 -31.92
N ASN E 266 27.77 -17.00 -30.87
CA ASN E 266 27.07 -15.73 -30.98
C ASN E 266 25.83 -15.84 -31.87
N GLN E 267 25.16 -16.99 -31.83
CA GLN E 267 23.92 -17.20 -32.57
C GLN E 267 22.77 -17.34 -31.59
N ASP E 268 21.71 -16.56 -31.82
CA ASP E 268 20.56 -16.58 -30.95
C ASP E 268 19.87 -17.95 -31.00
N LEU E 269 19.30 -18.35 -29.87
CA LEU E 269 18.62 -19.63 -29.76
C LEU E 269 17.11 -19.42 -29.81
N GLY E 270 16.47 -20.01 -30.82
CA GLY E 270 15.03 -20.04 -30.92
C GLY E 270 14.48 -21.41 -30.60
N ILE E 271 13.15 -21.49 -30.64
CA ILE E 271 12.49 -22.76 -30.34
C ILE E 271 12.87 -23.82 -31.34
N GLY E 272 13.11 -23.43 -32.61
CA GLY E 272 13.52 -24.39 -33.60
C GLY E 272 14.87 -25.02 -33.29
N LEU E 273 15.84 -24.20 -32.89
CA LEU E 273 17.16 -24.73 -32.54
C LEU E 273 17.11 -25.54 -31.26
N VAL E 274 16.36 -25.07 -30.26
CA VAL E 274 16.27 -25.78 -28.99
C VAL E 274 15.64 -27.16 -29.18
N ASN E 275 14.56 -27.22 -29.95
CA ASN E 275 13.92 -28.52 -30.22
C ASN E 275 14.85 -29.45 -30.97
N ARG E 276 15.70 -28.91 -31.85
CA ARG E 276 16.66 -29.75 -32.56
C ARG E 276 17.64 -30.39 -31.58
N PHE E 277 18.09 -29.64 -30.58
CA PHE E 277 19.02 -30.19 -29.60
C PHE E 277 18.38 -31.34 -28.82
N ILE E 278 17.11 -31.20 -28.44
CA ILE E 278 16.44 -32.24 -27.69
C ILE E 278 16.30 -33.51 -28.53
N THR E 279 15.90 -33.35 -29.80
CA THR E 279 15.63 -34.50 -30.64
C THR E 279 16.89 -35.33 -30.88
N PHE E 280 18.02 -34.67 -31.14
CA PHE E 280 19.26 -35.36 -31.45
C PHE E 280 20.14 -35.59 -30.23
N GLY E 281 19.68 -35.17 -29.05
CA GLY E 281 20.33 -35.53 -27.80
C GLY E 281 21.76 -35.05 -27.64
N THR E 282 22.04 -33.81 -28.03
CA THR E 282 23.32 -33.21 -27.73
C THR E 282 23.36 -32.76 -26.26
N GLN E 283 24.56 -32.57 -25.75
CA GLN E 283 24.72 -32.20 -24.34
C GLN E 283 25.67 -31.03 -24.10
N SER E 284 26.60 -30.73 -25.01
CA SER E 284 27.56 -29.65 -24.81
C SER E 284 26.95 -28.36 -25.35
N ILE E 285 26.00 -27.81 -24.60
CA ILE E 285 25.35 -26.55 -24.92
C ILE E 285 25.87 -25.50 -23.95
N SER E 286 26.64 -24.55 -24.46
CA SER E 286 27.18 -23.45 -23.66
C SER E 286 26.54 -22.15 -24.15
N ILE E 287 25.95 -21.41 -23.23
CA ILE E 287 25.20 -20.20 -23.58
C ILE E 287 25.77 -19.02 -22.81
N ARG E 288 25.58 -17.84 -23.39
CA ARG E 288 26.01 -16.60 -22.74
C ARG E 288 24.92 -16.13 -21.78
N THR E 289 25.32 -15.89 -20.54
CA THR E 289 24.44 -15.45 -19.47
C THR E 289 25.07 -14.26 -18.77
N PRO E 290 24.29 -13.50 -17.98
CA PRO E 290 24.89 -12.42 -17.18
C PRO E 290 25.99 -12.91 -16.27
N PHE E 291 26.01 -14.22 -15.99
CA PHE E 291 27.11 -14.80 -15.22
C PHE E 291 28.41 -14.83 -16.02
N THR E 292 28.32 -14.90 -17.35
CA THR E 292 29.50 -15.05 -18.19
C THR E 292 30.01 -13.73 -18.76
N CYS E 293 29.40 -12.60 -18.40
CA CYS E 293 29.83 -11.32 -18.93
C CYS E 293 31.06 -10.83 -18.19
N ARG E 294 32.02 -10.28 -18.95
CA ARG E 294 33.25 -9.78 -18.34
C ARG E 294 33.07 -8.39 -17.78
N SER E 295 32.05 -8.22 -16.93
CA SER E 295 31.80 -6.94 -16.29
C SER E 295 30.75 -7.15 -15.20
N THR E 296 30.71 -6.18 -14.28
CA THR E 296 29.69 -6.16 -13.24
C THR E 296 28.97 -4.84 -13.14
N SER E 297 29.47 -3.78 -13.78
CA SER E 297 28.79 -2.50 -13.83
C SER E 297 27.89 -2.35 -15.05
N TRP E 298 27.96 -3.27 -16.00
CA TRP E 298 27.12 -3.25 -17.19
C TRP E 298 27.05 -4.67 -17.73
N ILE E 299 26.44 -4.82 -18.90
CA ILE E 299 26.31 -6.13 -19.54
C ILE E 299 26.17 -5.89 -21.04
N CYS E 300 26.79 -6.76 -21.83
CA CYS E 300 26.72 -6.61 -23.28
C CYS E 300 25.44 -7.24 -23.82
N ARG E 301 25.18 -6.97 -25.10
CA ARG E 301 23.96 -7.49 -25.72
C ARG E 301 24.00 -9.00 -25.83
N LEU E 302 25.10 -9.56 -26.32
CA LEU E 302 25.18 -10.99 -26.52
C LEU E 302 25.12 -11.76 -25.20
N CYS E 303 25.82 -11.28 -24.18
CA CYS E 303 25.81 -11.99 -22.90
C CYS E 303 24.42 -12.01 -22.29
N TYR E 304 23.69 -10.90 -22.41
CA TYR E 304 22.32 -10.88 -21.92
C TYR E 304 21.42 -11.77 -22.76
N GLY E 305 21.31 -11.48 -24.05
CA GLY E 305 20.54 -12.32 -24.93
C GLY E 305 19.48 -11.58 -25.72
N ARG E 306 18.33 -12.21 -25.94
CA ARG E 306 17.25 -11.63 -26.73
C ARG E 306 16.21 -11.03 -25.81
N SER E 307 15.82 -9.79 -26.10
CA SER E 307 14.86 -9.10 -25.25
C SER E 307 13.50 -9.78 -25.32
N PRO E 308 12.90 -10.15 -24.18
CA PRO E 308 11.57 -10.77 -24.23
C PRO E 308 10.51 -9.87 -24.83
N THR E 309 10.62 -8.56 -24.64
CA THR E 309 9.57 -7.65 -25.07
C THR E 309 9.60 -7.47 -26.59
N HIS E 310 10.79 -7.38 -27.18
CA HIS E 310 10.91 -7.05 -28.60
C HIS E 310 11.18 -8.25 -29.48
N GLY E 311 11.47 -9.41 -28.90
CA GLY E 311 11.69 -10.60 -29.71
C GLY E 311 12.94 -10.55 -30.57
N ASP E 312 13.86 -9.64 -30.27
CA ASP E 312 15.13 -9.56 -30.99
C ASP E 312 16.23 -9.29 -29.98
N LEU E 313 17.47 -9.21 -30.46
CA LEU E 313 18.59 -8.92 -29.59
C LEU E 313 18.38 -7.57 -28.91
N VAL E 314 18.74 -7.49 -27.63
CA VAL E 314 18.50 -6.28 -26.87
C VAL E 314 19.28 -5.12 -27.47
N GLU E 315 18.74 -3.92 -27.31
CA GLU E 315 19.33 -2.72 -27.88
C GLU E 315 20.19 -2.02 -26.84
N LEU E 316 21.24 -1.35 -27.31
CA LEU E 316 22.16 -0.66 -26.42
C LEU E 316 21.44 0.44 -25.65
N GLY E 317 21.82 0.61 -24.39
CA GLY E 317 21.24 1.64 -23.55
C GLY E 317 20.00 1.22 -22.80
N GLU E 318 19.53 0.00 -22.98
CA GLU E 318 18.35 -0.45 -22.26
C GLU E 318 18.67 -0.63 -20.78
N ALA E 319 17.84 -0.03 -19.92
CA ALA E 319 18.04 -0.14 -18.48
C ALA E 319 17.64 -1.54 -18.04
N VAL E 320 18.47 -2.52 -18.40
CA VAL E 320 18.08 -3.92 -18.25
C VAL E 320 18.09 -4.34 -16.79
N GLY E 321 18.90 -3.67 -15.96
CA GLY E 321 18.91 -3.99 -14.55
C GLY E 321 17.60 -3.65 -13.86
N ILE E 322 17.05 -2.47 -14.13
CA ILE E 322 15.80 -2.06 -13.52
C ILE E 322 14.66 -2.94 -14.01
N ILE E 323 14.70 -3.35 -15.27
CA ILE E 323 13.71 -4.28 -15.79
C ILE E 323 13.75 -5.59 -15.02
N ALA E 324 14.96 -6.09 -14.74
CA ALA E 324 15.09 -7.32 -13.96
C ALA E 324 14.53 -7.14 -12.56
N GLY E 325 14.77 -5.99 -11.94
CA GLY E 325 14.24 -5.75 -10.61
C GLY E 325 12.73 -5.74 -10.58
N GLN E 326 12.11 -5.07 -11.54
CA GLN E 326 10.65 -5.03 -11.60
C GLN E 326 10.07 -6.37 -12.00
N SER E 327 10.77 -7.13 -12.85
CA SER E 327 10.26 -8.43 -13.28
C SER E 327 10.17 -9.43 -12.14
N ILE E 328 10.90 -9.21 -11.05
CA ILE E 328 10.84 -10.07 -9.88
C ILE E 328 9.95 -9.50 -8.80
N GLY E 329 9.95 -8.18 -8.63
CA GLY E 329 9.13 -7.56 -7.61
C GLY E 329 7.66 -7.47 -7.97
N GLU E 330 7.35 -7.33 -9.25
CA GLU E 330 5.95 -7.26 -9.67
C GLU E 330 5.14 -8.50 -9.29
N PRO E 331 5.63 -9.73 -9.47
CA PRO E 331 4.88 -10.90 -9.01
C PRO E 331 4.90 -11.10 -7.50
N GLY E 332 5.38 -10.12 -6.74
CA GLY E 332 5.44 -10.28 -5.29
C GLY E 332 4.08 -10.52 -4.67
N THR E 333 3.05 -9.82 -5.16
CA THR E 333 1.70 -10.01 -4.65
C THR E 333 0.97 -11.12 -5.40
N GLN E 334 1.64 -12.26 -5.52
CA GLN E 334 1.05 -13.47 -6.08
C GLN E 334 1.47 -14.74 -5.36
N LEU E 335 2.40 -14.67 -4.41
CA LEU E 335 2.91 -15.86 -3.74
C LEU E 335 2.09 -16.20 -2.50
N THR E 342 -3.76 -28.52 4.93
CA THR E 342 -3.40 -29.24 3.72
C THR E 342 -3.81 -30.71 3.80
N GLY E 343 -3.46 -31.48 2.77
CA GLY E 343 -3.83 -32.87 2.72
C GLY E 343 -2.91 -33.82 3.46
N GLY E 344 -1.86 -33.31 4.10
CA GLY E 344 -0.93 -34.15 4.81
C GLY E 344 -0.56 -33.61 6.17
N VAL E 345 -1.53 -32.97 6.83
CA VAL E 345 -1.26 -32.36 8.13
C VAL E 345 -0.90 -33.43 9.15
N PHE E 346 -1.65 -34.54 9.18
CA PHE E 346 -1.43 -35.58 10.17
C PHE E 346 -0.82 -36.86 9.59
N THR E 347 -1.02 -37.13 8.31
CA THR E 347 -0.42 -38.31 7.71
C THR E 347 1.04 -38.10 7.33
N GLY E 348 1.54 -36.87 7.37
CA GLY E 348 2.94 -36.60 7.10
C GLY E 348 3.37 -36.96 5.70
N GLY E 349 2.56 -36.58 4.71
CA GLY E 349 2.88 -36.89 3.32
C GLY E 349 1.66 -36.68 2.43
N THR E 350 1.65 -37.41 1.33
CA THR E 350 0.55 -37.37 0.37
C THR E 350 -0.36 -38.57 0.60
N ALA E 351 -1.64 -38.32 0.84
CA ALA E 351 -2.62 -39.36 1.10
C ALA E 351 -3.73 -39.28 0.06
N GLU E 352 -4.02 -40.42 -0.56
CA GLU E 352 -5.09 -40.52 -1.54
C GLU E 352 -6.12 -41.52 -1.04
N HIS E 353 -7.39 -41.15 -1.16
CA HIS E 353 -8.50 -41.98 -0.69
C HIS E 353 -9.08 -42.72 -1.89
N VAL E 354 -9.07 -44.06 -1.82
CA VAL E 354 -9.71 -44.89 -2.83
C VAL E 354 -11.17 -45.05 -2.44
N ARG E 355 -12.06 -44.48 -3.24
CA ARG E 355 -13.49 -44.51 -2.96
C ARG E 355 -14.17 -45.59 -3.78
N ALA E 356 -15.23 -46.15 -3.22
CA ALA E 356 -15.97 -47.20 -3.90
C ALA E 356 -16.66 -46.64 -5.13
N PRO E 357 -16.40 -47.18 -6.33
CA PRO E 357 -17.09 -46.69 -7.53
C PRO E 357 -18.45 -47.33 -7.77
N TYR E 358 -18.80 -48.37 -7.02
CA TYR E 358 -20.07 -49.05 -7.19
C TYR E 358 -20.57 -49.51 -5.84
N ASN E 359 -21.89 -49.60 -5.70
CA ASN E 359 -22.46 -50.20 -4.51
C ASN E 359 -22.24 -51.71 -4.53
N GLY E 360 -22.20 -52.30 -3.34
CA GLY E 360 -22.04 -53.74 -3.24
C GLY E 360 -21.17 -54.16 -2.08
N LYS E 361 -20.87 -55.45 -2.01
CA LYS E 361 -20.05 -55.99 -0.94
C LYS E 361 -18.62 -56.19 -1.42
N ILE E 362 -17.68 -56.10 -0.48
CA ILE E 362 -16.25 -56.18 -0.77
C ILE E 362 -15.75 -57.55 -0.38
N LYS E 363 -15.10 -58.24 -1.32
CA LYS E 363 -14.52 -59.55 -1.07
C LYS E 363 -13.01 -59.45 -1.20
N PHE E 364 -12.30 -59.80 -0.13
CA PHE E 364 -10.86 -59.93 -0.16
C PHE E 364 -10.44 -60.82 1.00
N ASN E 365 -9.23 -61.36 0.90
CA ASN E 365 -8.71 -62.23 1.93
C ASN E 365 -8.07 -61.39 3.04
N GLU E 366 -8.69 -61.39 4.21
CA GLU E 366 -8.20 -60.58 5.32
C GLU E 366 -6.88 -61.09 5.88
N ASP E 367 -6.48 -62.32 5.58
CA ASP E 367 -5.21 -62.83 6.07
C ASP E 367 -4.02 -62.20 5.35
N LEU E 368 -4.23 -61.78 4.10
CA LEU E 368 -3.15 -61.17 3.32
C LEU E 368 -2.74 -59.79 3.84
N VAL E 369 -3.51 -59.21 4.77
CA VAL E 369 -3.24 -57.88 5.29
C VAL E 369 -3.04 -57.97 6.79
N HIS E 370 -2.38 -56.95 7.34
CA HIS E 370 -2.03 -56.94 8.74
C HIS E 370 -2.95 -56.01 9.51
N PRO E 371 -3.48 -56.44 10.66
CA PRO E 371 -4.34 -55.56 11.45
C PRO E 371 -3.57 -54.34 11.94
N THR E 372 -4.29 -53.22 12.06
CA THR E 372 -3.70 -51.99 12.55
C THR E 372 -4.81 -51.09 13.06
N ARG E 373 -4.41 -50.06 13.80
CA ARG E 373 -5.32 -49.02 14.28
C ARG E 373 -4.94 -47.71 13.59
N THR E 374 -5.91 -47.08 12.94
CA THR E 374 -5.63 -45.86 12.21
C THR E 374 -5.41 -44.69 13.17
N ARG E 375 -4.96 -43.57 12.60
CA ARG E 375 -4.78 -42.36 13.39
C ARG E 375 -6.09 -41.77 13.89
N HIS E 376 -7.22 -42.23 13.37
CA HIS E 376 -8.53 -41.82 13.84
C HIS E 376 -9.09 -42.74 14.91
N GLY E 377 -8.42 -43.84 15.21
CA GLY E 377 -8.89 -44.81 16.16
C GLY E 377 -9.65 -45.97 15.56
N HIS E 378 -10.02 -45.89 14.29
CA HIS E 378 -10.74 -46.97 13.66
C HIS E 378 -9.79 -48.15 13.40
N PRO E 379 -10.20 -49.37 13.71
CA PRO E 379 -9.43 -50.53 13.26
C PRO E 379 -9.45 -50.64 11.75
N ALA E 380 -8.35 -51.13 11.19
CA ALA E 380 -8.23 -51.26 9.75
C ALA E 380 -7.13 -52.28 9.45
N PHE E 381 -6.87 -52.46 8.16
CA PHE E 381 -5.85 -53.38 7.68
C PHE E 381 -4.76 -52.60 6.98
N LEU E 382 -3.51 -53.02 7.18
CA LEU E 382 -2.38 -52.47 6.46
C LEU E 382 -2.01 -53.42 5.34
N CYS E 383 -1.95 -52.90 4.12
CA CYS E 383 -1.69 -53.69 2.93
C CYS E 383 -0.24 -53.49 2.50
N TYR E 384 0.51 -54.58 2.43
CA TYR E 384 1.91 -54.53 2.03
C TYR E 384 2.17 -55.23 0.70
N ILE E 385 1.14 -55.78 0.07
CA ILE E 385 1.29 -56.43 -1.23
C ILE E 385 0.37 -55.76 -2.22
N ASP E 386 0.33 -56.26 -3.45
CA ASP E 386 -0.56 -55.74 -4.48
C ASP E 386 -1.91 -56.46 -4.39
N LEU E 387 -2.58 -56.21 -3.27
CA LEU E 387 -3.86 -56.85 -3.00
C LEU E 387 -4.94 -56.33 -3.95
N SER E 388 -5.77 -57.25 -4.43
CA SER E 388 -6.89 -56.93 -5.31
C SER E 388 -8.18 -57.23 -4.57
N VAL E 389 -9.04 -56.21 -4.44
CA VAL E 389 -10.33 -56.36 -3.77
C VAL E 389 -11.41 -56.46 -4.83
N ILE E 390 -12.47 -57.19 -4.50
CA ILE E 390 -13.58 -57.43 -5.42
C ILE E 390 -14.81 -56.75 -4.86
N ILE E 391 -15.45 -55.92 -5.67
CA ILE E 391 -16.73 -55.30 -5.32
C ILE E 391 -17.79 -55.94 -6.20
N GLU E 392 -18.60 -56.81 -5.60
CA GLU E 392 -19.67 -57.49 -6.33
C GLU E 392 -20.90 -56.60 -6.30
N SER E 393 -21.15 -55.92 -7.41
CA SER E 393 -22.24 -54.95 -7.50
C SER E 393 -23.49 -55.63 -8.05
N GLU E 394 -24.49 -54.80 -8.39
CA GLU E 394 -25.73 -55.34 -8.94
C GLU E 394 -25.49 -55.97 -10.31
N ASP E 395 -24.61 -55.39 -11.12
CA ASP E 395 -24.42 -55.86 -12.48
C ASP E 395 -23.29 -56.87 -12.60
N ILE E 396 -22.07 -56.47 -12.26
CA ILE E 396 -20.88 -57.30 -12.43
C ILE E 396 -19.93 -57.04 -11.27
N ILE E 397 -18.81 -57.76 -11.27
CA ILE E 397 -17.74 -57.55 -10.30
C ILE E 397 -16.85 -56.42 -10.79
N HIS E 398 -16.21 -55.74 -9.85
CA HIS E 398 -15.49 -54.50 -10.15
C HIS E 398 -14.14 -54.49 -9.46
N SER E 399 -13.36 -55.55 -9.67
CA SER E 399 -12.04 -55.73 -9.07
C SER E 399 -11.24 -54.43 -9.06
N VAL E 400 -10.72 -54.10 -7.87
CA VAL E 400 -9.90 -52.91 -7.67
C VAL E 400 -8.59 -53.32 -7.00
N THR E 401 -7.49 -52.78 -7.49
CA THR E 401 -6.17 -53.09 -6.98
C THR E 401 -5.77 -52.09 -5.89
N ILE E 402 -5.31 -52.59 -4.76
CA ILE E 402 -4.89 -51.77 -3.63
C ILE E 402 -3.37 -51.82 -3.56
N PRO E 403 -2.68 -50.70 -3.73
CA PRO E 403 -1.21 -50.72 -3.70
C PRO E 403 -0.70 -50.96 -2.29
N PRO E 404 0.56 -51.38 -2.14
CA PRO E 404 1.10 -51.65 -0.81
C PRO E 404 1.21 -50.38 0.02
N LYS E 405 1.62 -50.58 1.29
CA LYS E 405 1.69 -49.55 2.31
C LYS E 405 0.52 -48.58 2.24
N SER E 406 -0.68 -49.16 2.16
CA SER E 406 -1.93 -48.39 2.11
C SER E 406 -2.92 -49.02 3.06
N PHE E 407 -3.58 -48.19 3.86
CA PHE E 407 -4.54 -48.68 4.84
C PHE E 407 -5.83 -49.07 4.15
N LEU E 408 -6.32 -50.28 4.47
CA LEU E 408 -7.60 -50.75 3.97
C LEU E 408 -8.63 -50.60 5.09
N LEU E 409 -9.55 -49.67 4.91
CA LEU E 409 -10.47 -49.26 5.97
C LEU E 409 -11.73 -50.10 6.05
N VAL E 410 -11.90 -51.08 5.17
CA VAL E 410 -13.13 -51.85 5.13
C VAL E 410 -12.85 -53.29 5.55
N GLN E 411 -13.91 -54.09 5.64
CA GLN E 411 -13.81 -55.48 6.04
C GLN E 411 -14.34 -56.38 4.93
N ASN E 412 -14.00 -57.66 5.01
CA ASN E 412 -14.51 -58.62 4.04
C ASN E 412 -16.02 -58.74 4.17
N ASP E 413 -16.69 -58.90 3.03
CA ASP E 413 -18.13 -59.05 2.92
C ASP E 413 -18.90 -57.82 3.40
N GLN E 414 -18.24 -56.68 3.53
CA GLN E 414 -18.90 -55.47 3.98
C GLN E 414 -19.54 -54.74 2.80
N TYR E 415 -20.77 -54.29 3.00
CA TYR E 415 -21.46 -53.51 1.98
C TYR E 415 -20.98 -52.06 2.02
N VAL E 416 -20.62 -51.54 0.86
CA VAL E 416 -20.10 -50.18 0.75
C VAL E 416 -20.93 -49.42 -0.28
N GLU E 417 -21.38 -48.22 0.08
CA GLU E 417 -22.05 -47.36 -0.87
C GLU E 417 -21.03 -46.78 -1.86
N SER E 418 -21.54 -46.33 -2.99
CA SER E 418 -20.68 -45.70 -3.98
C SER E 418 -20.13 -44.38 -3.43
N GLU E 419 -18.92 -44.04 -3.89
CA GLU E 419 -18.22 -42.82 -3.45
C GLU E 419 -17.93 -42.84 -1.95
N GLN E 420 -17.77 -44.02 -1.38
CA GLN E 420 -17.40 -44.18 0.01
C GLN E 420 -15.95 -44.62 0.12
N VAL E 421 -15.21 -43.99 1.04
CA VAL E 421 -13.78 -44.23 1.14
C VAL E 421 -13.53 -45.67 1.55
N ILE E 422 -12.79 -46.40 0.71
CA ILE E 422 -12.43 -47.78 0.98
C ILE E 422 -11.04 -47.89 1.59
N ALA E 423 -10.05 -47.30 0.94
CA ALA E 423 -8.67 -47.40 1.37
C ALA E 423 -8.01 -46.04 1.28
N GLU E 424 -6.97 -45.86 2.08
CA GLU E 424 -6.14 -44.66 2.05
C GLU E 424 -4.76 -45.02 1.54
N ILE E 425 -4.30 -44.34 0.50
CA ILE E 425 -3.01 -44.59 -0.11
C ILE E 425 -1.97 -43.73 0.59
N ARG E 426 -0.87 -44.37 1.02
CA ARG E 426 0.14 -43.66 1.78
C ARG E 426 1.50 -43.71 1.07
N GLU E 427 1.49 -43.47 -0.24
CA GLU E 427 2.71 -43.49 -1.02
C GLU E 427 3.40 -42.13 -0.99
N LYS E 435 7.23 -31.26 11.26
CA LYS E 435 6.72 -32.05 12.37
C LYS E 435 6.50 -31.20 13.60
N GLU E 436 5.55 -30.26 13.50
CA GLU E 436 5.22 -29.40 14.65
C GLU E 436 4.50 -30.21 15.71
N ARG E 437 4.91 -30.00 16.97
CA ARG E 437 4.33 -30.69 18.11
C ARG E 437 3.36 -29.77 18.83
N VAL E 438 2.12 -30.24 19.00
CA VAL E 438 1.04 -29.45 19.58
C VAL E 438 0.53 -30.17 20.82
N ARG E 439 0.34 -29.42 21.90
CA ARG E 439 -0.21 -29.97 23.13
C ARG E 439 -1.74 -29.94 23.05
N LYS E 440 -2.36 -31.10 23.25
CA LYS E 440 -3.81 -31.24 23.19
C LYS E 440 -4.34 -31.34 24.62
N TYR E 441 -4.79 -30.20 25.15
CA TYR E 441 -5.40 -30.20 26.47
C TYR E 441 -6.78 -30.84 26.42
N ILE E 442 -7.08 -31.67 27.41
CA ILE E 442 -8.40 -32.24 27.59
C ILE E 442 -8.86 -31.92 29.00
N TYR E 443 -10.10 -31.50 29.13
CA TYR E 443 -10.64 -30.96 30.37
C TYR E 443 -11.71 -31.87 30.93
N SER E 444 -11.76 -31.98 32.26
CA SER E 444 -12.82 -32.74 32.90
C SER E 444 -14.17 -32.09 32.65
N ASP E 445 -15.15 -32.90 32.26
CA ASP E 445 -16.49 -32.41 31.99
C ASP E 445 -17.41 -32.55 33.20
N SER E 446 -16.89 -33.01 34.33
CA SER E 446 -17.71 -33.16 35.52
C SER E 446 -16.81 -33.10 36.75
N GLU E 447 -17.36 -32.56 37.84
CA GLU E 447 -16.64 -32.56 39.11
C GLU E 447 -16.47 -33.98 39.60
N GLY E 448 -15.27 -34.32 40.06
CA GLY E 448 -15.02 -35.66 40.50
C GLY E 448 -13.58 -35.80 40.98
N GLU E 449 -13.22 -37.04 41.29
CA GLU E 449 -11.90 -37.36 41.82
C GLU E 449 -11.13 -38.23 40.83
N MET E 450 -9.84 -37.94 40.71
CA MET E 450 -8.97 -38.69 39.81
C MET E 450 -8.85 -40.14 40.26
N HIS E 451 -8.79 -41.05 39.30
CA HIS E 451 -8.48 -42.44 39.59
C HIS E 451 -7.83 -43.07 38.38
N TRP E 452 -6.86 -43.95 38.62
CA TRP E 452 -6.30 -44.81 37.59
C TRP E 452 -6.03 -46.18 38.20
N SER E 453 -6.43 -47.24 37.50
CA SER E 453 -6.20 -48.57 38.03
C SER E 453 -4.73 -48.93 37.98
N THR E 454 -4.07 -48.69 36.85
CA THR E 454 -2.66 -49.05 36.67
C THR E 454 -2.12 -48.30 35.48
N ASP E 455 -0.89 -48.64 35.08
CA ASP E 455 -0.21 -48.10 33.91
C ASP E 455 -0.01 -46.59 34.00
N VAL E 456 -0.01 -46.04 35.21
CA VAL E 456 0.29 -44.63 35.44
C VAL E 456 1.37 -44.55 36.51
N SER E 457 2.39 -43.73 36.26
CA SER E 457 3.50 -43.63 37.19
C SER E 457 3.04 -43.03 38.51
N HIS E 458 3.17 -43.81 39.59
CA HIS E 458 2.81 -43.31 40.90
C HIS E 458 3.72 -42.17 41.33
N ALA E 459 5.01 -42.26 41.01
CA ALA E 459 5.92 -41.17 41.30
C ALA E 459 5.67 -40.03 40.31
N PRO E 460 5.57 -38.79 40.78
CA PRO E 460 5.36 -37.66 39.86
C PRO E 460 6.55 -37.47 38.95
N GLU E 461 6.33 -36.65 37.91
CA GLU E 461 7.41 -36.34 36.97
C GLU E 461 8.56 -35.63 37.69
N PHE E 462 8.24 -34.58 38.44
CA PHE E 462 9.19 -33.89 39.30
C PHE E 462 8.63 -33.89 40.71
N THR E 463 9.51 -33.96 41.70
CA THR E 463 9.03 -34.17 43.07
C THR E 463 8.56 -32.88 43.73
N TYR E 464 7.79 -32.07 42.99
CA TYR E 464 7.00 -31.00 43.58
C TYR E 464 5.69 -30.79 42.85
N SER E 465 5.36 -31.60 41.85
CA SER E 465 4.23 -31.35 40.98
C SER E 465 3.29 -32.53 40.96
N ASN E 466 2.03 -32.26 40.67
CA ASN E 466 1.01 -33.31 40.54
C ASN E 466 0.87 -33.76 39.10
N VAL E 467 1.98 -34.09 38.46
CA VAL E 467 2.00 -34.51 37.06
C VAL E 467 2.61 -35.89 36.98
N HIS E 468 1.89 -36.81 36.34
CA HIS E 468 2.31 -38.19 36.21
C HIS E 468 2.35 -38.58 34.74
N LEU E 469 3.27 -39.47 34.41
CA LEU E 469 3.46 -39.94 33.04
C LEU E 469 2.93 -41.36 32.90
N LEU E 470 2.50 -41.70 31.68
CA LEU E 470 1.99 -43.04 31.42
C LEU E 470 3.01 -43.83 30.63
N PRO E 471 3.72 -44.78 31.24
CA PRO E 471 4.55 -45.70 30.44
C PRO E 471 3.72 -46.50 29.45
N LYS E 472 2.49 -46.85 29.81
CA LYS E 472 1.59 -47.61 28.96
C LYS E 472 0.28 -46.86 28.85
N THR E 473 -0.42 -47.06 27.74
CA THR E 473 -1.72 -46.44 27.56
C THR E 473 -2.73 -47.07 28.52
N SER E 474 -3.57 -46.23 29.11
CA SER E 474 -4.56 -46.69 30.07
C SER E 474 -5.70 -45.68 30.12
N HIS E 475 -6.67 -45.95 30.97
CA HIS E 475 -7.83 -45.09 31.13
C HIS E 475 -7.74 -44.34 32.46
N LEU E 476 -8.06 -43.06 32.42
CA LEU E 476 -8.15 -42.23 33.60
C LEU E 476 -9.63 -42.04 33.93
N TRP E 477 -10.03 -42.43 35.13
CA TRP E 477 -11.42 -42.37 35.53
C TRP E 477 -11.67 -41.16 36.43
N ILE E 478 -12.79 -40.50 36.21
CA ILE E 478 -13.22 -39.39 37.04
C ILE E 478 -14.50 -39.83 37.73
N LEU E 479 -14.40 -40.21 38.99
CA LEU E 479 -15.56 -40.63 39.76
C LEU E 479 -16.44 -39.42 40.05
N SER E 480 -17.62 -39.38 39.43
CA SER E 480 -18.49 -38.22 39.57
C SER E 480 -18.89 -38.01 41.03
N GLY E 481 -18.87 -36.76 41.45
CA GLY E 481 -19.25 -36.41 42.81
C GLY E 481 -19.52 -34.93 42.95
N GLY E 482 -20.64 -34.58 43.58
CA GLY E 482 -20.98 -33.19 43.79
C GLY E 482 -19.98 -32.47 44.65
N SER E 483 -19.47 -31.34 44.18
CA SER E 483 -18.45 -30.57 44.90
C SER E 483 -19.13 -29.36 45.53
N CYS E 484 -19.35 -29.43 46.84
CA CYS E 484 -19.96 -28.32 47.58
C CYS E 484 -18.86 -27.43 48.17
N GLY E 485 -18.02 -26.91 47.28
CA GLY E 485 -16.98 -25.97 47.64
C GLY E 485 -17.42 -24.53 47.75
N SER E 486 -18.68 -24.25 47.44
CA SER E 486 -19.24 -22.90 47.52
C SER E 486 -19.89 -22.62 48.87
N SER E 487 -19.85 -23.57 49.80
CA SER E 487 -20.48 -23.42 51.10
C SER E 487 -19.48 -23.77 52.19
N LEU E 488 -19.62 -23.12 53.33
CA LEU E 488 -18.72 -23.37 54.45
C LEU E 488 -18.94 -24.78 55.00
N ILE E 489 -17.84 -25.45 55.31
CA ILE E 489 -17.86 -26.82 55.82
C ILE E 489 -17.23 -26.82 57.20
N LEU E 490 -18.01 -27.19 58.21
CA LEU E 490 -17.54 -27.27 59.58
C LEU E 490 -17.03 -28.69 59.82
N PHE E 491 -15.71 -28.84 59.90
CA PHE E 491 -15.10 -30.16 60.00
C PHE E 491 -15.36 -30.83 61.33
N SER E 492 -15.89 -30.11 62.32
CA SER E 492 -16.24 -30.74 63.59
C SER E 492 -17.58 -31.46 63.55
N ILE E 493 -18.39 -31.21 62.53
CA ILE E 493 -19.70 -31.86 62.43
C ILE E 493 -19.84 -32.58 61.10
N HIS E 494 -19.11 -32.10 60.09
CA HIS E 494 -19.16 -32.69 58.75
C HIS E 494 -17.98 -33.66 58.63
N LYS E 495 -18.26 -34.95 58.70
CA LYS E 495 -17.23 -35.97 58.59
C LYS E 495 -17.68 -37.01 57.58
N ASP E 496 -16.82 -38.01 57.37
CA ASP E 496 -17.00 -38.94 56.26
C ASP E 496 -18.29 -39.74 56.42
N GLN E 497 -18.98 -39.95 55.30
CA GLN E 497 -20.20 -40.76 55.20
C GLN E 497 -21.36 -40.18 55.98
N ASP E 498 -21.32 -38.91 56.35
CA ASP E 498 -22.47 -38.27 56.97
C ASP E 498 -23.55 -38.03 55.92
N GLN E 499 -24.79 -38.35 56.28
CA GLN E 499 -25.93 -38.08 55.42
C GLN E 499 -26.39 -36.65 55.63
N MET E 500 -26.57 -35.92 54.54
CA MET E 500 -26.85 -34.49 54.58
C MET E 500 -28.26 -34.25 54.07
N ASN E 501 -29.24 -34.27 54.98
CA ASN E 501 -30.62 -34.00 54.62
C ASN E 501 -30.93 -32.53 54.48
N ILE E 502 -30.00 -31.65 54.85
CA ILE E 502 -30.20 -30.21 54.74
C ILE E 502 -29.01 -29.61 54.01
N PRO E 503 -29.19 -28.52 53.27
CA PRO E 503 -28.03 -27.90 52.60
C PRO E 503 -27.12 -27.19 53.58
N PHE E 504 -25.88 -27.00 53.17
CA PHE E 504 -24.92 -26.29 53.98
C PHE E 504 -25.25 -24.79 54.00
N LEU E 505 -24.68 -24.09 54.96
CA LEU E 505 -24.85 -22.65 55.04
C LEU E 505 -24.12 -21.96 53.91
N SER E 506 -24.73 -20.87 53.42
CA SER E 506 -24.17 -20.07 52.33
C SER E 506 -23.85 -20.92 51.10
N ASN E 565 -28.61 20.44 86.55
CA ASN E 565 -27.84 19.29 87.04
C ASN E 565 -28.19 18.03 86.26
N SER E 566 -28.02 18.09 84.94
CA SER E 566 -28.29 16.95 84.07
C SER E 566 -27.18 15.92 84.07
N ASP E 567 -26.23 16.01 85.00
CA ASP E 567 -25.10 15.09 85.00
C ASP E 567 -25.52 13.67 85.35
N LEU E 568 -26.49 13.53 86.24
CA LEU E 568 -26.87 12.22 86.77
C LEU E 568 -27.71 11.39 85.81
N LEU E 569 -27.78 11.78 84.53
CA LEU E 569 -28.45 10.97 83.53
C LEU E 569 -27.49 10.23 82.61
N ALA E 570 -26.20 10.57 82.63
CA ALA E 570 -25.21 9.86 81.85
C ALA E 570 -24.96 8.48 82.46
N LYS E 571 -24.13 7.70 81.77
CA LYS E 571 -23.80 6.36 82.26
C LYS E 571 -22.52 5.89 81.57
N ARG E 572 -21.54 5.47 82.37
CA ARG E 572 -20.31 4.88 81.84
C ARG E 572 -20.42 3.36 81.90
N ARG E 573 -20.60 2.74 80.75
CA ARG E 573 -20.64 1.29 80.68
C ARG E 573 -19.39 0.79 79.95
N ARG E 574 -19.35 -0.52 79.69
CA ARG E 574 -18.19 -1.13 79.07
C ARG E 574 -18.00 -0.63 77.64
N ASN E 575 -16.97 0.19 77.43
CA ASN E 575 -16.62 0.71 76.10
C ASN E 575 -17.76 1.47 75.45
N ARG E 576 -18.60 2.11 76.27
CA ARG E 576 -19.71 2.91 75.75
C ARG E 576 -20.16 3.86 76.85
N PHE E 577 -20.87 4.90 76.44
CA PHE E 577 -21.42 5.85 77.41
C PHE E 577 -22.51 6.67 76.74
N LEU E 578 -23.45 7.13 77.56
CA LEU E 578 -24.55 7.98 77.14
C LEU E 578 -24.35 9.38 77.70
N ILE E 579 -24.83 10.38 76.97
CA ILE E 579 -24.76 11.75 77.46
C ILE E 579 -26.05 12.48 77.12
N PRO E 580 -26.48 13.37 78.00
CA PRO E 580 -27.67 14.16 77.72
C PRO E 580 -27.45 15.09 76.53
N PHE E 581 -28.53 15.41 75.85
CA PHE E 581 -28.48 16.29 74.70
C PHE E 581 -29.27 17.56 74.99
N GLN E 582 -28.79 18.67 74.41
CA GLN E 582 -29.41 19.97 74.60
C GLN E 582 -30.81 20.01 74.00
N GLY E 598 -23.52 23.06 79.04
CA GLY E 598 -22.47 23.78 78.35
C GLY E 598 -21.48 22.86 77.65
N ILE E 599 -21.70 21.56 77.75
CA ILE E 599 -20.83 20.57 77.12
C ILE E 599 -21.39 20.32 75.73
N SER E 600 -21.01 21.20 74.80
CA SER E 600 -21.43 21.02 73.42
C SER E 600 -20.74 19.81 72.80
N VAL E 601 -21.38 19.23 71.80
CA VAL E 601 -20.95 17.97 71.22
C VAL E 601 -20.51 18.22 69.77
N GLU E 602 -19.34 17.72 69.42
CA GLU E 602 -18.82 17.78 68.06
C GLU E 602 -18.70 16.35 67.50
N ILE E 603 -19.23 16.14 66.31
CA ILE E 603 -19.23 14.81 65.70
C ILE E 603 -18.90 14.94 64.22
N PRO E 604 -18.26 13.90 63.66
CA PRO E 604 -17.95 13.91 62.21
C PRO E 604 -19.19 13.86 61.34
N ILE E 605 -19.01 13.92 60.02
CA ILE E 605 -20.14 13.96 59.11
C ILE E 605 -20.95 12.67 59.21
N ASN E 606 -20.28 11.53 59.11
CA ASN E 606 -20.93 10.25 59.37
C ASN E 606 -20.78 9.84 60.83
N GLY E 607 -19.67 10.21 61.46
CA GLY E 607 -19.45 10.02 62.86
C GLY E 607 -18.57 8.84 63.16
N ILE E 608 -17.26 9.09 63.28
CA ILE E 608 -16.26 8.11 63.67
C ILE E 608 -15.14 8.87 64.35
N PHE E 609 -14.80 8.47 65.57
CA PHE E 609 -13.73 9.13 66.33
C PHE E 609 -12.52 8.21 66.29
N ARG E 610 -11.67 8.41 65.27
CA ARG E 610 -10.57 7.48 65.01
C ARG E 610 -9.63 7.40 66.21
N ARG E 611 -8.97 8.51 66.53
CA ARG E 611 -8.00 8.52 67.61
C ARG E 611 -7.69 9.96 67.95
N ASN E 612 -7.67 10.29 69.24
CA ASN E 612 -7.42 11.63 69.75
C ASN E 612 -8.44 12.65 69.25
N SER E 613 -9.53 12.19 68.63
CA SER E 613 -10.55 13.10 68.14
C SER E 613 -11.34 13.69 69.31
N ILE E 614 -11.73 14.94 69.16
CA ILE E 614 -12.51 15.62 70.17
C ILE E 614 -13.99 15.41 69.89
N PHE E 615 -14.78 15.33 70.96
CA PHE E 615 -16.24 15.24 70.83
C PHE E 615 -16.97 16.27 71.68
N ALA E 616 -16.26 17.02 72.53
CA ALA E 616 -16.86 18.04 73.36
C ALA E 616 -15.75 18.97 73.83
N PHE E 617 -16.00 20.28 73.76
CA PHE E 617 -14.98 21.24 74.14
C PHE E 617 -15.23 21.91 75.49
N PHE E 618 -16.46 22.34 75.76
CA PHE E 618 -16.80 22.97 77.03
C PHE E 618 -15.95 24.23 77.25
N ASP E 619 -16.21 25.21 76.39
CA ASP E 619 -15.54 26.51 76.49
C ASP E 619 -15.74 27.11 77.88
N ASP E 620 -14.66 27.28 78.62
CA ASP E 620 -14.73 27.86 79.96
C ASP E 620 -14.60 29.37 79.88
N PRO E 621 -15.61 30.14 80.29
CA PRO E 621 -15.51 31.59 80.16
C PRO E 621 -14.52 32.23 81.12
N ARG E 622 -14.22 31.57 82.24
CA ARG E 622 -13.34 32.17 83.24
C ARG E 622 -11.94 32.40 82.69
N TYR E 623 -11.41 31.44 81.93
CA TYR E 623 -10.11 31.61 81.31
C TYR E 623 -10.15 32.69 80.24
N ASN E 792 -9.37 21.94 85.98
CA ASN E 792 -10.75 22.07 86.44
C ASN E 792 -11.73 21.57 85.38
N LEU E 793 -12.71 20.79 85.82
CA LEU E 793 -13.70 20.23 84.90
C LEU E 793 -14.92 19.79 85.69
N ALA E 794 -16.10 20.06 85.13
CA ALA E 794 -17.34 19.56 85.71
C ALA E 794 -17.53 18.09 85.34
N THR E 795 -18.06 17.32 86.29
CA THR E 795 -18.24 15.89 86.07
C THR E 795 -19.24 15.63 84.95
N LEU E 796 -18.92 14.65 84.11
CA LEU E 796 -19.73 14.29 82.95
C LEU E 796 -20.41 12.94 83.12
N PHE E 797 -20.28 12.32 84.29
CA PHE E 797 -20.83 10.99 84.51
C PHE E 797 -21.33 10.91 85.94
N PRO E 798 -22.19 9.93 86.23
CA PRO E 798 -22.72 9.82 87.60
C PRO E 798 -21.75 9.13 88.55
N LYS E 799 -20.47 9.09 88.17
CA LYS E 799 -19.38 8.52 88.95
C LYS E 799 -19.77 7.15 89.53
N ASP E 800 -19.94 6.21 88.60
CA ASP E 800 -20.25 4.83 88.97
C ASP E 800 -19.17 4.28 89.89
N LEU E 801 -19.56 3.38 90.78
CA LEU E 801 -18.68 2.87 91.82
C LEU E 801 -17.77 1.75 91.34
N PHE E 802 -17.90 1.30 90.09
CA PHE E 802 -17.07 0.23 89.58
C PHE E 802 -16.47 0.65 88.24
N ARG E 803 -15.15 0.72 88.19
CA ARG E 803 -14.41 1.16 87.00
C ARG E 803 -13.89 -0.07 86.28
N GLU E 804 -14.70 -0.61 85.38
CA GLU E 804 -14.27 -1.75 84.57
C GLU E 804 -13.17 -1.33 83.62
N LYS E 805 -12.30 -2.28 83.30
CA LYS E 805 -11.17 -1.99 82.43
C LYS E 805 -11.62 -1.83 80.98
N ASP E 806 -11.99 -0.62 80.61
CA ASP E 806 -12.46 -0.35 79.26
C ASP E 806 -11.30 0.05 78.36
N ASN E 807 -11.44 -0.26 77.07
CA ASN E 807 -10.43 0.16 76.10
C ASN E 807 -10.46 1.67 75.87
N ILE E 808 -11.61 2.29 76.07
CA ILE E 808 -11.75 3.72 75.80
C ILE E 808 -11.06 4.52 76.90
N GLN E 809 -10.25 5.49 76.51
CA GLN E 809 -9.59 6.41 77.42
C GLN E 809 -10.07 7.82 77.12
N LEU E 810 -10.49 8.55 78.16
CA LEU E 810 -11.00 9.90 78.03
C LEU E 810 -9.97 10.89 78.54
N ARG E 811 -9.64 11.89 77.72
CA ARG E 811 -8.66 12.90 78.07
C ARG E 811 -9.25 14.28 77.79
N VAL E 812 -8.74 15.27 78.53
CA VAL E 812 -9.39 16.58 78.63
C VAL E 812 -8.47 17.71 78.18
N PHE E 813 -7.66 17.46 77.15
CA PHE E 813 -6.69 18.43 76.63
C PHE E 813 -7.21 19.87 76.67
N ASN E 814 -6.39 20.76 77.20
CA ASN E 814 -6.69 22.19 77.21
C ASN E 814 -5.81 22.88 76.17
N TYR E 815 -6.45 23.58 75.23
CA TYR E 815 -5.75 24.26 74.16
C TYR E 815 -5.59 25.75 74.47
N ILE E 816 -4.74 26.41 73.70
CA ILE E 816 -4.40 27.81 73.92
C ILE E 816 -4.98 28.70 72.82
N LEU E 817 -4.96 28.26 71.57
CA LEU E 817 -5.52 28.94 70.41
C LEU E 817 -4.80 30.25 70.08
N TYR E 818 -3.78 30.64 70.84
CA TYR E 818 -3.07 31.90 70.61
C TYR E 818 -1.59 31.64 70.84
N GLY E 819 -0.87 31.35 69.76
CA GLY E 819 0.56 31.08 69.84
C GLY E 819 0.92 29.69 69.35
N GLN E 833 -12.16 33.77 74.31
CA GLN E 833 -11.65 32.64 75.09
C GLN E 833 -10.44 32.01 74.42
N LEU E 834 -9.50 31.54 75.23
CA LEU E 834 -8.26 30.97 74.72
C LEU E 834 -8.02 29.58 75.28
N VAL E 835 -8.53 29.30 76.48
CA VAL E 835 -8.26 28.02 77.11
C VAL E 835 -9.53 27.17 77.09
N ARG E 836 -10.30 27.28 76.01
CA ARG E 836 -11.39 26.35 75.76
C ARG E 836 -10.85 24.92 75.76
N THR E 837 -11.41 24.09 76.64
CA THR E 837 -10.91 22.73 76.82
C THR E 837 -11.43 21.85 75.69
N CYS E 838 -11.25 20.54 75.82
CA CYS E 838 -11.82 19.59 74.88
C CYS E 838 -11.93 18.23 75.55
N LEU E 839 -12.79 17.39 75.00
CA LEU E 839 -12.96 16.02 75.48
C LEU E 839 -12.45 15.09 74.40
N VAL E 840 -11.39 14.33 74.72
CA VAL E 840 -10.72 13.46 73.76
C VAL E 840 -10.92 12.02 74.20
N LEU E 841 -11.45 11.19 73.31
CA LEU E 841 -11.60 9.77 73.54
C LEU E 841 -10.55 9.01 72.74
N ASN E 842 -9.93 8.03 73.38
CA ASN E 842 -8.85 7.27 72.77
C ASN E 842 -8.94 5.82 73.19
N TRP E 843 -8.52 4.93 72.30
CA TRP E 843 -8.45 3.51 72.63
C TRP E 843 -7.08 2.94 72.29
N ASP E 844 -6.94 1.63 72.40
CA ASP E 844 -5.67 0.97 72.09
C ASP E 844 -5.89 -0.32 71.30
N GLU E 853 -11.43 -2.22 64.79
CA GLU E 853 -11.87 -1.52 66.00
C GLU E 853 -12.15 -0.05 65.71
N GLU E 854 -13.40 0.36 65.90
CA GLU E 854 -13.79 1.74 65.66
C GLU E 854 -14.98 2.08 66.54
N VAL E 855 -15.04 3.33 66.98
CA VAL E 855 -16.20 3.80 67.73
C VAL E 855 -17.27 4.28 66.76
N ARG E 856 -18.52 4.16 67.18
CA ARG E 856 -19.64 4.67 66.42
C ARG E 856 -20.55 5.46 67.35
N ALA E 857 -21.07 6.56 66.83
CA ALA E 857 -21.97 7.43 67.59
C ALA E 857 -23.32 7.46 66.89
N PHE E 858 -24.38 7.30 67.67
CA PHE E 858 -25.74 7.39 67.14
C PHE E 858 -26.67 7.64 68.32
N PHE E 859 -27.46 8.72 68.24
CA PHE E 859 -28.30 9.09 69.36
C PHE E 859 -29.45 8.10 69.54
N VAL E 860 -29.75 7.81 70.80
CA VAL E 860 -30.89 6.98 71.16
C VAL E 860 -31.95 7.89 71.77
N GLU E 861 -33.21 7.47 71.64
CA GLU E 861 -34.35 8.27 72.08
C GLU E 861 -35.14 7.50 73.12
N VAL E 862 -35.56 8.17 74.18
CA VAL E 862 -36.36 7.57 75.22
C VAL E 862 -37.80 8.07 75.14
N ASN E 863 -38.67 7.30 74.51
CA ASN E 863 -40.06 7.69 74.34
C ASN E 863 -40.88 7.26 75.55
N THR E 864 -41.67 8.18 76.08
CA THR E 864 -42.52 7.88 77.23
C THR E 864 -43.66 8.88 77.25
N LYS E 865 -44.88 8.41 76.96
CA LYS E 865 -46.08 9.24 77.01
C LYS E 865 -45.94 10.49 76.14
N GLY E 866 -45.35 10.34 74.96
CA GLY E 866 -45.21 11.45 74.04
C GLY E 866 -43.95 12.30 74.19
N LEU E 867 -43.61 12.67 75.41
CA LEU E 867 -42.46 13.53 75.63
C LEU E 867 -41.18 12.82 75.22
N ILE E 868 -40.25 13.59 74.66
CA ILE E 868 -39.08 13.03 73.98
C ILE E 868 -37.82 13.61 74.62
N ARG E 869 -36.80 12.77 74.80
CA ARG E 869 -35.49 13.23 75.23
C ARG E 869 -34.43 12.55 74.39
N ASP E 870 -33.48 13.34 73.91
CA ASP E 870 -32.41 12.85 73.05
C ASP E 870 -31.22 12.38 73.88
N PHE E 871 -30.58 11.31 73.43
CA PHE E 871 -29.45 10.72 74.14
C PHE E 871 -28.47 10.15 73.14
N ILE E 872 -27.28 10.75 73.07
CA ILE E 872 -26.24 10.32 72.16
C ILE E 872 -25.34 9.33 72.88
N ARG E 873 -25.15 8.15 72.27
CA ARG E 873 -24.24 7.14 72.79
C ARG E 873 -23.07 6.97 71.84
N ILE E 874 -21.94 6.53 72.39
CA ILE E 874 -20.72 6.33 71.64
C ILE E 874 -20.21 4.94 71.98
N GLY E 875 -20.48 3.96 71.12
CA GLY E 875 -20.07 2.60 71.34
C GLY E 875 -18.65 2.33 70.86
N LEU E 876 -18.27 1.06 70.94
CA LEU E 876 -16.97 0.60 70.47
C LEU E 876 -17.13 -0.69 69.67
N VAL E 877 -18.03 -0.66 68.69
CA VAL E 877 -18.26 -1.82 67.83
C VAL E 877 -16.96 -2.19 67.14
N LYS E 878 -16.45 -3.38 67.45
CA LYS E 878 -15.17 -3.84 66.94
C LYS E 878 -15.39 -4.83 65.81
N SER E 879 -14.30 -5.45 65.35
CA SER E 879 -14.34 -6.38 64.22
C SER E 879 -14.97 -7.72 64.58
N HIS E 880 -15.48 -7.88 65.81
CA HIS E 880 -16.18 -9.08 66.26
C HIS E 880 -15.22 -10.26 66.44
N ILE E 881 -13.96 -10.07 66.04
CA ILE E 881 -12.97 -11.11 66.27
C ILE E 881 -12.49 -11.10 67.72
N SER E 882 -12.57 -9.95 68.38
CA SER E 882 -12.20 -9.84 69.78
C SER E 882 -13.34 -10.20 70.72
N TYR E 883 -14.51 -10.51 70.20
CA TYR E 883 -15.65 -10.85 71.05
C TYR E 883 -15.59 -12.32 71.47
N ILE E 884 -14.44 -12.73 72.00
CA ILE E 884 -14.36 -14.02 72.68
C ILE E 884 -14.78 -13.84 74.13
N ARG E 885 -15.06 -14.96 74.80
CA ARG E 885 -15.40 -14.94 76.22
C ARG E 885 -16.63 -14.06 76.47
N LYS E 886 -17.78 -14.62 76.07
CA LYS E 886 -19.02 -13.89 75.84
C LYS E 886 -19.32 -12.81 76.88
N ARG E 887 -18.81 -12.97 78.10
CA ARG E 887 -18.82 -11.87 79.05
C ARG E 887 -18.43 -10.55 78.39
N ASN E 888 -17.36 -10.57 77.60
CA ASN E 888 -16.89 -9.37 76.90
C ASN E 888 -17.63 -9.20 75.57
N ASN E 889 -18.93 -9.01 75.68
CA ASN E 889 -19.80 -8.75 74.53
C ASN E 889 -20.51 -7.43 74.71
N PRO E 890 -19.97 -6.34 74.19
CA PRO E 890 -20.73 -5.10 74.07
C PRO E 890 -22.00 -5.30 73.25
N PRO E 891 -22.11 -6.39 72.45
CA PRO E 891 -23.44 -6.84 72.02
C PRO E 891 -24.47 -6.93 73.15
N ASP E 892 -24.04 -6.87 74.41
CA ASP E 892 -25.01 -6.66 75.49
C ASP E 892 -25.75 -5.35 75.30
N SER E 893 -25.14 -4.39 74.64
CA SER E 893 -25.81 -3.20 74.15
C SER E 893 -26.02 -3.22 72.65
N GLY E 894 -25.68 -4.33 71.98
CA GLY E 894 -25.82 -4.40 70.54
C GLY E 894 -27.25 -4.56 70.07
N LEU E 895 -28.12 -5.09 70.94
CA LEU E 895 -29.51 -5.28 70.55
C LEU E 895 -30.20 -3.94 70.34
N ILE E 896 -29.87 -2.94 71.17
CA ILE E 896 -30.43 -1.61 70.99
C ILE E 896 -29.91 -0.98 69.70
N SER E 897 -28.79 -1.47 69.19
CA SER E 897 -28.31 -1.10 67.87
C SER E 897 -29.09 -1.92 66.83
N ALA E 898 -28.60 -1.95 65.59
CA ALA E 898 -29.35 -2.58 64.52
C ALA E 898 -29.33 -4.11 64.64
N ASP E 899 -29.99 -4.65 65.66
CA ASP E 899 -30.13 -6.09 65.85
C ASP E 899 -31.61 -6.45 65.96
N SER E 900 -31.90 -7.71 65.67
CA SER E 900 -33.28 -8.19 65.66
C SER E 900 -33.38 -9.57 66.32
N MET E 901 -32.70 -9.76 67.43
CA MET E 901 -32.76 -11.04 68.13
C MET E 901 -34.09 -11.21 68.85
N ASN E 902 -34.67 -12.40 68.72
CA ASN E 902 -35.93 -12.72 69.39
C ASN E 902 -35.69 -12.97 70.87
N PRO E 903 -36.54 -12.42 71.76
CA PRO E 903 -36.37 -12.68 73.18
C PRO E 903 -36.96 -13.99 73.66
N PHE E 904 -37.49 -14.82 72.74
CA PHE E 904 -38.29 -16.01 73.05
C PHE E 904 -39.22 -15.76 74.22
N TYR E 905 -39.82 -14.57 74.24
CA TYR E 905 -40.97 -14.28 75.10
C TYR E 905 -42.14 -13.71 74.33
N SER E 906 -41.92 -13.18 73.12
CA SER E 906 -43.00 -12.69 72.28
C SER E 906 -42.85 -13.08 70.82
N ILE E 907 -41.77 -13.77 70.45
CA ILE E 907 -41.56 -14.16 69.06
C ILE E 907 -42.58 -15.21 68.63
N SER E 908 -42.93 -16.13 69.53
CA SER E 908 -43.86 -17.22 69.25
C SER E 908 -43.42 -18.04 68.03
N GLN E 920 -35.83 -31.98 47.44
CA GLN E 920 -35.01 -31.55 48.56
C GLN E 920 -33.52 -31.74 48.27
N ASN E 921 -32.70 -31.51 49.29
CA ASN E 921 -31.26 -31.67 49.19
C ASN E 921 -30.83 -32.90 49.96
N HIS E 922 -30.11 -33.78 49.30
CA HIS E 922 -29.59 -34.99 49.95
C HIS E 922 -28.14 -35.21 49.56
N GLY E 923 -27.59 -36.36 49.95
CA GLY E 923 -26.23 -36.68 49.58
C GLY E 923 -25.35 -37.03 50.76
N THR E 924 -24.53 -38.07 50.62
CA THR E 924 -23.60 -38.46 51.65
C THR E 924 -22.30 -37.67 51.50
N ILE E 925 -21.55 -37.60 52.60
CA ILE E 925 -20.28 -36.90 52.62
C ILE E 925 -19.18 -37.85 52.17
N ARG E 926 -18.48 -37.49 51.09
CA ARG E 926 -17.31 -38.22 50.62
C ARG E 926 -16.12 -37.31 50.89
N MET E 927 -15.57 -37.40 52.10
CA MET E 927 -14.51 -36.52 52.56
C MET E 927 -13.27 -37.32 52.88
N PHE E 928 -12.13 -36.91 52.33
CA PHE E 928 -10.87 -37.58 52.55
C PHE E 928 -9.77 -36.55 52.71
N LEU E 929 -8.70 -36.94 53.40
CA LEU E 929 -7.60 -36.05 53.71
C LEU E 929 -6.47 -36.29 52.71
N ASN E 930 -6.28 -35.33 51.80
CA ASN E 930 -5.11 -35.30 50.94
C ASN E 930 -4.03 -34.49 51.63
N ARG E 931 -3.00 -35.18 52.13
CA ARG E 931 -2.01 -34.53 52.99
C ARG E 931 -1.21 -33.47 52.27
N ASN E 932 -1.21 -33.46 50.94
CA ASN E 932 -0.55 -32.39 50.20
C ASN E 932 -1.25 -31.05 50.35
N LYS E 933 -2.48 -31.02 50.85
CA LYS E 933 -3.22 -29.79 51.05
C LYS E 933 -3.36 -29.38 52.51
N GLU E 934 -3.13 -30.31 53.45
CA GLU E 934 -3.31 -30.04 54.88
C GLU E 934 -4.73 -29.58 55.19
N SER E 935 -5.69 -30.01 54.36
CA SER E 935 -7.09 -29.64 54.52
C SER E 935 -7.92 -30.66 53.77
N GLN E 936 -8.81 -31.35 54.49
CA GLN E 936 -9.61 -32.40 53.88
C GLN E 936 -10.53 -31.83 52.80
N SER E 937 -10.57 -32.49 51.65
CA SER E 937 -11.42 -32.09 50.54
C SER E 937 -12.73 -32.86 50.58
N LEU E 938 -13.78 -32.24 50.06
CA LEU E 938 -15.14 -32.73 50.22
C LEU E 938 -15.76 -33.05 48.85
N LEU E 939 -16.41 -34.21 48.78
CA LEU E 939 -17.27 -34.56 47.66
C LEU E 939 -18.61 -35.02 48.21
N ILE E 940 -19.66 -34.84 47.43
CA ILE E 940 -21.02 -35.22 47.81
C ILE E 940 -21.49 -36.33 46.89
N LEU E 941 -21.83 -37.47 47.47
CA LEU E 941 -22.40 -38.60 46.73
C LEU E 941 -23.90 -38.60 46.95
N SER E 942 -24.66 -38.40 45.88
CA SER E 942 -26.10 -38.30 45.95
C SER E 942 -26.69 -39.12 44.81
N SER E 943 -28.00 -38.98 44.61
CA SER E 943 -28.67 -39.70 43.53
C SER E 943 -28.23 -39.23 42.16
N SER E 944 -27.56 -38.08 42.05
CA SER E 944 -27.07 -37.59 40.77
C SER E 944 -25.74 -38.22 40.38
N ASN E 945 -25.09 -38.93 41.29
CA ASN E 945 -23.82 -39.59 41.00
C ASN E 945 -23.90 -41.10 41.09
N CYS E 946 -24.67 -41.63 42.03
CA CYS E 946 -24.77 -43.06 42.24
C CYS E 946 -26.15 -43.54 41.81
N PHE E 947 -26.18 -44.59 41.01
CA PHE E 947 -27.43 -45.13 40.48
C PHE E 947 -27.47 -46.63 40.71
N ARG E 948 -28.68 -47.18 40.67
CA ARG E 948 -28.92 -48.59 40.94
C ARG E 948 -29.09 -49.34 39.63
N ILE E 949 -28.33 -50.41 39.46
CA ILE E 949 -28.51 -51.30 38.32
C ILE E 949 -29.63 -52.28 38.63
N GLY E 950 -30.48 -52.53 37.64
CA GLY E 950 -31.66 -53.36 37.81
C GLY E 950 -31.36 -54.71 38.41
N PRO E 951 -32.38 -55.32 39.02
CA PRO E 951 -32.17 -56.63 39.68
C PRO E 951 -31.75 -57.70 38.70
N PHE E 952 -30.89 -58.60 39.16
CA PHE E 952 -30.49 -59.77 38.40
C PHE E 952 -29.94 -60.81 39.38
N ASN E 953 -29.83 -62.04 38.90
CA ASN E 953 -29.32 -63.15 39.70
C ASN E 953 -27.82 -63.28 39.46
N HIS E 954 -27.03 -62.62 40.31
CA HIS E 954 -25.58 -62.71 40.22
C HIS E 954 -24.93 -63.44 41.39
N VAL E 955 -25.63 -63.58 42.50
CA VAL E 955 -25.13 -64.36 43.63
C VAL E 955 -25.41 -65.83 43.36
N LYS E 956 -24.36 -66.65 43.40
CA LYS E 956 -24.46 -68.09 43.14
C LYS E 956 -23.93 -68.83 44.36
N TYR E 957 -24.84 -69.42 45.12
CA TYR E 957 -24.46 -70.17 46.31
C TYR E 957 -23.72 -71.45 45.93
N HIS E 958 -22.67 -71.76 46.68
CA HIS E 958 -21.89 -72.97 46.45
C HIS E 958 -22.54 -74.17 47.13
N LEU E 970 -34.55 -83.88 68.47
CA LEU E 970 -33.37 -83.11 68.86
C LEU E 970 -33.76 -81.93 69.73
N ILE E 971 -35.06 -81.69 69.86
CA ILE E 971 -35.63 -80.57 70.61
C ILE E 971 -34.97 -79.27 70.14
N THR E 972 -35.12 -78.96 68.85
CA THR E 972 -34.48 -77.80 68.25
C THR E 972 -35.47 -77.09 67.33
N ILE E 973 -35.23 -75.80 67.12
CA ILE E 973 -35.99 -75.00 66.18
C ILE E 973 -35.10 -74.70 64.98
N LYS E 974 -35.72 -74.17 63.92
CA LYS E 974 -34.98 -73.86 62.72
C LYS E 974 -33.96 -72.76 62.98
N ASN E 975 -32.84 -72.83 62.27
CA ASN E 975 -31.80 -71.83 62.40
C ASN E 975 -32.33 -70.46 61.97
N SER E 976 -32.05 -69.45 62.78
CA SER E 976 -32.48 -68.09 62.49
C SER E 976 -31.36 -67.12 62.85
N SER E 977 -31.14 -66.15 61.98
CA SER E 977 -30.13 -65.12 62.26
C SER E 977 -30.56 -64.29 63.46
N GLY E 978 -29.70 -64.21 64.46
CA GLY E 978 -30.02 -63.47 65.66
C GLY E 978 -28.92 -63.52 66.70
N PRO E 979 -29.15 -62.86 67.83
CA PRO E 979 -28.15 -62.87 68.91
C PRO E 979 -28.01 -64.25 69.53
N LEU E 980 -26.83 -64.51 70.07
CA LEU E 980 -26.60 -65.70 70.87
C LEU E 980 -26.56 -65.41 72.37
N GLY E 981 -26.39 -64.15 72.75
CA GLY E 981 -26.22 -63.77 74.12
C GLY E 981 -24.84 -63.17 74.38
N THR E 982 -24.71 -62.51 75.52
CA THR E 982 -23.46 -61.86 75.87
C THR E 982 -22.38 -62.90 76.15
N ALA E 983 -21.23 -62.75 75.52
CA ALA E 983 -20.10 -63.65 75.70
C ALA E 983 -19.27 -63.17 76.88
N ILE E 984 -19.23 -63.95 77.95
CA ILE E 984 -18.49 -63.56 79.13
C ILE E 984 -16.99 -63.69 78.87
N GLN E 985 -16.21 -62.88 79.59
CA GLN E 985 -14.77 -62.91 79.42
C GLN E 985 -14.17 -64.17 80.02
N ILE E 986 -13.13 -64.68 79.38
CA ILE E 986 -12.43 -65.89 79.83
C ILE E 986 -11.21 -65.48 80.62
N SER E 987 -11.10 -65.97 81.84
CA SER E 987 -9.98 -65.60 82.70
C SER E 987 -8.66 -66.17 82.16
N ASN E 988 -8.73 -67.27 81.41
CA ASN E 988 -7.52 -67.81 80.78
C ASN E 988 -6.95 -66.87 79.74
N PHE E 989 -7.75 -65.92 79.23
CA PHE E 989 -7.28 -64.93 78.30
C PHE E 989 -7.28 -63.52 78.88
N TYR E 990 -7.62 -63.36 80.16
CA TYR E 990 -7.50 -62.13 80.93
C TYR E 990 -7.78 -60.86 80.13
N SER E 991 -8.88 -60.82 79.41
CA SER E 991 -9.32 -59.62 78.70
C SER E 991 -10.76 -59.36 79.06
N PHE E 992 -11.10 -58.09 79.33
CA PHE E 992 -12.44 -57.76 79.75
C PHE E 992 -13.47 -58.10 78.68
N LEU E 993 -13.16 -57.77 77.43
CA LEU E 993 -13.96 -58.22 76.31
C LEU E 993 -13.27 -59.40 75.65
N PRO E 994 -13.87 -60.59 75.63
CA PRO E 994 -13.15 -61.77 75.14
C PRO E 994 -12.75 -61.63 73.68
N LEU E 995 -11.56 -62.17 73.37
CA LEU E 995 -11.08 -62.14 72.00
C LEU E 995 -11.93 -63.01 71.10
N LEU E 996 -12.18 -64.25 71.52
CA LEU E 996 -13.10 -65.18 70.88
C LEU E 996 -12.57 -65.69 69.54
N THR E 997 -11.46 -65.11 69.07
CA THR E 997 -10.99 -65.44 67.73
C THR E 997 -9.61 -64.82 67.51
N TYR E 998 -8.71 -65.61 66.92
CA TYR E 998 -7.46 -65.12 66.38
C TYR E 998 -7.46 -65.28 64.86
N ASN E 999 -6.55 -64.58 64.21
CA ASN E 999 -6.33 -64.72 62.78
C ASN E 999 -4.95 -65.34 62.55
N GLN E 1000 -4.55 -65.43 61.28
CA GLN E 1000 -3.24 -65.99 60.96
C GLN E 1000 -2.12 -65.19 61.60
N ILE E 1001 -2.23 -63.85 61.55
CA ILE E 1001 -1.20 -63.02 62.15
C ILE E 1001 -1.25 -63.10 63.66
N SER E 1002 -2.46 -63.14 64.24
CA SER E 1002 -2.60 -63.03 65.69
C SER E 1002 -1.98 -64.22 66.42
N VAL E 1003 -2.18 -65.43 65.90
CA VAL E 1003 -1.70 -66.62 66.61
C VAL E 1003 -0.18 -66.60 66.72
N ILE E 1004 0.51 -66.22 65.65
CA ILE E 1004 1.97 -66.23 65.63
C ILE E 1004 2.49 -64.92 66.19
N LYS E 1005 1.60 -64.11 66.77
CA LYS E 1005 2.01 -62.85 67.36
C LYS E 1005 1.48 -62.71 68.78
N TYR E 1006 0.30 -63.27 69.05
CA TYR E 1006 -0.33 -63.18 70.38
C TYR E 1006 -0.86 -64.56 70.76
N LEU E 1007 -0.01 -65.35 71.43
CA LEU E 1007 -0.43 -66.62 72.01
C LEU E 1007 0.61 -67.01 73.04
N GLN E 1008 0.17 -67.21 74.28
CA GLN E 1008 1.05 -67.25 75.43
C GLN E 1008 1.64 -68.63 75.72
N LEU E 1009 1.74 -69.50 74.71
CA LEU E 1009 2.36 -70.81 74.84
C LEU E 1009 1.62 -71.71 75.82
N ASP E 1010 0.50 -71.23 76.35
CA ASP E 1010 -0.33 -72.00 77.27
C ASP E 1010 -1.75 -72.18 76.76
N ASN E 1011 -2.24 -71.28 75.91
CA ASN E 1011 -3.58 -71.38 75.35
C ASN E 1011 -3.61 -72.21 74.07
N PHE E 1012 -2.47 -72.75 73.64
CA PHE E 1012 -2.46 -73.62 72.47
C PHE E 1012 -3.40 -74.80 72.64
N LYS E 1013 -3.53 -75.33 73.86
CA LYS E 1013 -4.45 -76.42 74.11
C LYS E 1013 -5.90 -76.02 73.89
N TYR E 1014 -6.20 -74.72 73.94
CA TYR E 1014 -7.57 -74.23 73.80
C TYR E 1014 -7.89 -73.71 72.41
N ILE E 1015 -6.88 -73.47 71.58
CA ILE E 1015 -7.11 -72.95 70.23
C ILE E 1015 -7.81 -74.05 69.43
N PHE E 1016 -9.09 -73.83 69.12
CA PHE E 1016 -9.88 -74.79 68.36
C PHE E 1016 -10.13 -74.28 66.94
N GLN E 1017 -10.17 -75.21 66.00
CA GLN E 1017 -10.56 -74.90 64.64
C GLN E 1017 -12.07 -74.95 64.43
N VAL E 1018 -12.82 -75.41 65.45
CA VAL E 1018 -14.27 -75.51 65.38
C VAL E 1018 -14.85 -74.79 66.59
N ILE E 1019 -15.98 -74.13 66.38
CA ILE E 1019 -16.60 -73.34 67.43
C ILE E 1019 -17.27 -74.26 68.44
N HIS E 1020 -16.95 -74.07 69.72
CA HIS E 1020 -17.56 -74.80 70.82
C HIS E 1020 -18.36 -73.82 71.65
N SER E 1021 -19.66 -74.05 71.75
CA SER E 1021 -20.58 -73.13 72.41
C SER E 1021 -20.96 -73.64 73.79
N TYR E 1022 -20.77 -72.79 74.80
CA TYR E 1022 -21.13 -73.10 76.17
C TYR E 1022 -22.05 -72.02 76.70
N LEU E 1023 -23.14 -72.44 77.34
CA LEU E 1023 -24.11 -71.52 77.93
C LEU E 1023 -24.20 -71.78 79.43
N ILE E 1024 -24.18 -70.72 80.23
CA ILE E 1024 -24.28 -70.86 81.66
C ILE E 1024 -25.47 -70.05 82.16
N ASP E 1025 -26.03 -70.48 83.28
CA ASP E 1025 -27.19 -69.84 83.89
C ASP E 1025 -26.73 -68.95 85.03
N GLU E 1026 -27.70 -68.26 85.65
CA GLU E 1026 -27.39 -67.38 86.77
C GLU E 1026 -26.86 -68.15 87.98
N ASN E 1027 -27.10 -69.45 88.05
CA ASN E 1027 -26.63 -70.27 89.16
C ASN E 1027 -25.20 -70.74 88.98
N GLY E 1028 -24.55 -70.41 87.87
CA GLY E 1028 -23.18 -70.80 87.62
C GLY E 1028 -23.01 -72.14 86.96
N ARG E 1029 -24.08 -72.89 86.74
CA ARG E 1029 -23.97 -74.18 86.07
C ARG E 1029 -23.60 -73.98 84.60
N ILE E 1030 -22.73 -74.86 84.10
CA ILE E 1030 -22.25 -74.80 82.73
C ILE E 1030 -23.02 -75.80 81.90
N PHE E 1031 -23.66 -75.33 80.83
CA PHE E 1031 -24.50 -76.16 79.98
C PHE E 1031 -24.04 -76.03 78.53
N ASN E 1032 -23.98 -77.17 77.83
CA ASN E 1032 -23.47 -77.20 76.47
C ASN E 1032 -24.33 -77.99 75.49
N LEU E 1033 -25.22 -78.86 75.97
CA LEU E 1033 -25.91 -79.85 75.12
C LEU E 1033 -24.82 -80.71 74.50
N ASP E 1034 -24.92 -81.08 73.23
CA ASP E 1034 -23.94 -81.97 72.63
C ASP E 1034 -22.62 -81.24 72.42
N PRO E 1035 -21.52 -81.67 73.06
CA PRO E 1035 -20.24 -81.00 72.83
C PRO E 1035 -19.51 -81.55 71.61
N TYR E 1036 -20.25 -81.74 70.52
CA TYR E 1036 -19.65 -82.17 69.26
C TYR E 1036 -20.23 -81.45 68.05
N SER E 1037 -21.30 -80.68 68.20
CA SER E 1037 -21.93 -79.97 67.10
C SER E 1037 -22.19 -78.53 67.51
N ASN E 1038 -22.32 -77.67 66.51
CA ASN E 1038 -22.57 -76.24 66.71
C ASN E 1038 -24.00 -76.05 67.20
N LEU E 1039 -24.17 -75.95 68.51
CA LEU E 1039 -25.49 -75.82 69.12
C LEU E 1039 -25.51 -74.61 70.04
N VAL E 1040 -26.47 -73.71 69.81
CA VAL E 1040 -26.58 -72.47 70.58
C VAL E 1040 -28.04 -72.26 70.98
N LEU E 1041 -28.24 -71.40 71.96
CA LEU E 1041 -29.56 -71.09 72.48
C LEU E 1041 -30.08 -69.79 71.87
N ASN E 1042 -31.36 -69.79 71.50
CA ASN E 1042 -32.01 -68.59 71.01
C ASN E 1042 -32.58 -67.83 72.21
N PRO E 1043 -32.05 -66.65 72.55
CA PRO E 1043 -32.52 -65.96 73.76
C PRO E 1043 -33.99 -65.59 73.72
N PHE E 1044 -34.53 -65.24 72.56
CA PHE E 1044 -35.91 -64.76 72.51
C PHE E 1044 -36.90 -65.90 72.70
N LYS E 1045 -36.68 -67.03 72.04
CA LYS E 1045 -37.57 -68.17 72.15
C LYS E 1045 -37.16 -69.16 73.23
N LEU E 1046 -35.95 -68.99 73.81
CA LEU E 1046 -35.48 -69.80 74.92
C LEU E 1046 -35.49 -71.29 74.59
N ASN E 1047 -34.76 -71.63 73.54
CA ASN E 1047 -34.54 -73.03 73.19
C ASN E 1047 -33.35 -73.13 72.26
N TRP E 1048 -32.78 -74.32 72.17
CA TRP E 1048 -31.56 -74.54 71.41
C TRP E 1048 -31.86 -74.67 69.93
N TYR E 1049 -30.86 -74.31 69.11
CA TYR E 1049 -30.96 -74.50 67.67
C TYR E 1049 -29.54 -74.60 67.11
N PHE E 1050 -29.45 -75.14 65.89
CA PHE E 1050 -28.17 -75.39 65.25
C PHE E 1050 -27.65 -74.14 64.55
N LEU E 1051 -26.34 -73.96 64.58
CA LEU E 1051 -25.71 -72.94 63.77
C LEU E 1051 -25.72 -73.38 62.30
N HIS E 1052 -25.34 -72.45 61.42
CA HIS E 1052 -25.52 -72.69 59.99
C HIS E 1052 -24.50 -73.69 59.45
N GLN E 1053 -23.20 -73.35 59.54
CA GLN E 1053 -22.21 -74.13 58.83
C GLN E 1053 -20.97 -74.47 59.66
N ASN E 1054 -21.09 -74.47 61.00
CA ASN E 1054 -20.07 -75.00 61.89
C ASN E 1054 -18.83 -74.11 61.95
N TYR E 1055 -18.77 -73.11 61.06
CA TYR E 1055 -17.72 -72.09 61.07
C TYR E 1055 -16.33 -72.71 61.20
N ASN E 1056 -15.96 -73.50 60.20
CA ASN E 1056 -14.65 -74.11 60.16
C ASN E 1056 -13.56 -73.04 60.02
N ASN E 1057 -12.38 -73.34 60.56
CA ASN E 1057 -11.29 -72.37 60.55
C ASN E 1057 -10.86 -72.02 59.13
N ASN E 1058 -10.81 -73.01 58.25
CA ASN E 1058 -10.38 -72.78 56.88
C ASN E 1058 -11.51 -72.11 56.09
N TYR E 1059 -11.17 -71.04 55.39
CA TYR E 1059 -12.18 -70.30 54.63
C TYR E 1059 -12.65 -71.12 53.44
N CYS E 1060 -13.97 -71.19 53.29
CA CYS E 1060 -14.59 -71.90 52.16
C CYS E 1060 -15.60 -70.98 51.51
N GLU E 1061 -15.66 -71.03 50.18
CA GLU E 1061 -16.56 -70.16 49.44
C GLU E 1061 -18.00 -70.63 49.62
N GLU E 1062 -18.85 -69.75 50.13
CA GLU E 1062 -20.27 -70.03 50.27
C GLU E 1062 -21.10 -69.41 49.14
N THR E 1063 -20.82 -68.15 48.80
CA THR E 1063 -21.49 -67.46 47.72
C THR E 1063 -20.45 -67.03 46.69
N SER E 1064 -20.94 -66.61 45.51
CA SER E 1064 -20.05 -66.17 44.44
C SER E 1064 -20.83 -65.19 43.57
N THR E 1065 -20.54 -63.90 43.75
CA THR E 1065 -21.21 -62.87 42.97
C THR E 1065 -20.49 -62.66 41.65
N ILE E 1066 -21.27 -62.48 40.58
CA ILE E 1066 -20.68 -62.20 39.27
C ILE E 1066 -19.93 -60.87 39.31
N ILE E 1067 -20.54 -59.86 39.91
CA ILE E 1067 -19.95 -58.53 39.99
C ILE E 1067 -19.28 -58.38 41.35
N SER E 1068 -17.98 -58.07 41.33
CA SER E 1068 -17.23 -57.85 42.55
C SER E 1068 -17.30 -56.38 42.95
N LEU E 1069 -17.00 -56.11 44.21
CA LEU E 1069 -17.08 -54.76 44.74
C LEU E 1069 -15.87 -53.94 44.34
N GLY E 1070 -16.12 -52.69 43.93
CA GLY E 1070 -15.07 -51.74 43.69
C GLY E 1070 -14.48 -51.75 42.30
N GLN E 1071 -14.89 -52.67 41.44
CA GLN E 1071 -14.32 -52.75 40.10
C GLN E 1071 -15.09 -51.87 39.13
N PHE E 1072 -14.37 -51.37 38.13
CA PHE E 1072 -14.94 -50.50 37.11
C PHE E 1072 -15.35 -51.30 35.89
N PHE E 1073 -16.18 -50.68 35.05
CA PHE E 1073 -16.47 -51.23 33.73
C PHE E 1073 -16.89 -50.12 32.79
N CYS E 1074 -16.82 -50.41 31.50
CA CYS E 1074 -17.10 -49.43 30.46
C CYS E 1074 -18.61 -49.38 30.20
N GLU E 1075 -18.99 -48.68 29.12
CA GLU E 1075 -20.39 -48.34 28.90
C GLU E 1075 -21.23 -49.51 28.41
N ASN E 1076 -20.67 -50.41 27.63
CA ASN E 1076 -21.47 -51.44 26.98
C ASN E 1076 -20.99 -52.83 27.36
N VAL E 1077 -20.70 -53.04 28.63
CA VAL E 1077 -20.41 -54.38 29.13
C VAL E 1077 -21.73 -55.06 29.48
N CYS E 1078 -21.86 -56.32 29.10
CA CYS E 1078 -23.10 -57.06 29.27
C CYS E 1078 -22.89 -58.18 30.29
N ILE E 1079 -23.72 -58.18 31.33
CA ILE E 1079 -23.71 -59.28 32.28
C ILE E 1079 -24.17 -60.57 31.62
N ALA E 1080 -25.24 -60.50 30.84
CA ALA E 1080 -25.76 -61.66 30.13
C ALA E 1080 -26.53 -61.18 28.92
N LYS E 1081 -27.26 -62.09 28.27
CA LYS E 1081 -28.04 -61.73 27.10
C LYS E 1081 -29.24 -60.86 27.48
N LYS E 1082 -29.98 -61.29 28.51
CA LYS E 1082 -31.22 -60.59 28.86
C LYS E 1082 -30.94 -59.24 29.51
N GLU E 1083 -29.94 -59.18 30.38
CA GLU E 1083 -29.69 -57.96 31.15
C GLU E 1083 -29.15 -56.86 30.23
N PRO E 1084 -29.67 -55.64 30.34
CA PRO E 1084 -29.13 -54.53 29.55
C PRO E 1084 -27.70 -54.20 29.96
N TYR E 1085 -27.07 -53.34 29.17
CA TYR E 1085 -25.68 -53.01 29.38
C TYR E 1085 -25.50 -52.20 30.66
N LEU E 1086 -24.28 -52.25 31.19
CA LEU E 1086 -23.93 -51.57 32.44
C LEU E 1086 -23.28 -50.23 32.12
N LYS E 1087 -23.85 -49.15 32.65
CA LYS E 1087 -23.28 -47.84 32.46
C LYS E 1087 -21.91 -47.76 33.13
N SER E 1088 -21.04 -46.90 32.57
CA SER E 1088 -19.69 -46.77 33.09
C SER E 1088 -19.70 -46.25 34.51
N GLY E 1089 -18.83 -46.80 35.35
CA GLY E 1089 -18.73 -46.38 36.72
C GLY E 1089 -18.01 -47.41 37.55
N GLN E 1090 -18.02 -47.17 38.86
CA GLN E 1090 -17.40 -48.06 39.84
C GLN E 1090 -18.47 -48.71 40.68
N VAL E 1091 -18.30 -50.01 40.95
CA VAL E 1091 -19.23 -50.74 41.80
C VAL E 1091 -19.10 -50.21 43.23
N LEU E 1092 -20.13 -49.52 43.70
CA LEU E 1092 -20.10 -48.92 45.01
C LEU E 1092 -20.78 -49.78 46.07
N ILE E 1093 -21.94 -50.35 45.75
CA ILE E 1093 -22.71 -51.18 46.66
C ILE E 1093 -23.01 -52.50 45.98
N VAL E 1094 -22.77 -53.60 46.68
CA VAL E 1094 -23.12 -54.93 46.21
C VAL E 1094 -24.18 -55.50 47.13
N GLN E 1095 -25.29 -55.92 46.55
CA GLN E 1095 -26.37 -56.55 47.30
C GLN E 1095 -26.65 -57.94 46.71
N ARG E 1096 -27.69 -58.59 47.23
CA ARG E 1096 -27.98 -59.95 46.82
C ARG E 1096 -28.35 -60.01 45.34
N ASP E 1097 -29.14 -59.05 44.87
CA ASP E 1097 -29.61 -59.05 43.49
C ASP E 1097 -29.13 -57.84 42.71
N SER E 1098 -29.21 -56.65 43.27
CA SER E 1098 -28.90 -55.42 42.56
C SER E 1098 -27.55 -54.87 42.99
N VAL E 1099 -27.00 -54.01 42.15
CA VAL E 1099 -25.69 -53.40 42.38
C VAL E 1099 -25.82 -51.90 42.14
N VAL E 1100 -25.25 -51.10 43.03
CA VAL E 1100 -25.26 -49.64 42.90
C VAL E 1100 -23.91 -49.20 42.37
N ILE E 1101 -23.93 -48.34 41.35
CA ILE E 1101 -22.73 -47.91 40.65
C ILE E 1101 -22.56 -46.41 40.86
N ARG E 1102 -21.34 -46.00 41.20
CA ARG E 1102 -20.97 -44.59 41.21
C ARG E 1102 -20.48 -44.21 39.83
N SER E 1103 -21.09 -43.19 39.24
CA SER E 1103 -20.80 -42.84 37.85
C SER E 1103 -19.35 -42.41 37.69
N ALA E 1104 -18.71 -42.93 36.64
CA ALA E 1104 -17.34 -42.59 36.33
C ALA E 1104 -17.19 -42.41 34.82
N LYS E 1105 -16.26 -41.54 34.44
CA LYS E 1105 -16.04 -41.20 33.03
C LYS E 1105 -14.61 -41.56 32.65
N PRO E 1106 -14.38 -42.66 31.94
CA PRO E 1106 -13.01 -43.05 31.57
C PRO E 1106 -12.48 -42.18 30.44
N TYR E 1107 -11.23 -41.76 30.57
CA TYR E 1107 -10.54 -41.00 29.54
C TYR E 1107 -9.34 -41.81 29.07
N LEU E 1108 -9.30 -42.12 27.78
CA LEU E 1108 -8.16 -42.85 27.22
C LEU E 1108 -6.96 -41.94 27.10
N ALA E 1109 -5.80 -42.44 27.53
CA ALA E 1109 -4.57 -41.66 27.49
C ALA E 1109 -3.46 -42.50 26.86
N THR E 1110 -2.79 -41.94 25.87
CA THR E 1110 -1.70 -42.61 25.17
C THR E 1110 -0.41 -42.51 25.98
N PRO E 1111 0.56 -43.39 25.71
CA PRO E 1111 1.85 -43.28 26.40
C PRO E 1111 2.50 -41.93 26.11
N GLY E 1112 3.17 -41.40 27.13
CA GLY E 1112 3.80 -40.10 27.02
C GLY E 1112 2.91 -38.94 27.41
N ALA E 1113 1.62 -39.18 27.64
CA ALA E 1113 0.76 -38.12 28.13
C ALA E 1113 1.08 -37.80 29.58
N LYS E 1114 0.69 -36.60 30.01
CA LYS E 1114 0.98 -36.11 31.35
C LYS E 1114 -0.32 -35.93 32.10
N VAL E 1115 -0.54 -36.74 33.13
CA VAL E 1115 -1.74 -36.67 33.93
C VAL E 1115 -1.60 -35.56 34.96
N HIS E 1116 -2.54 -34.62 34.96
CA HIS E 1116 -2.50 -33.50 35.87
C HIS E 1116 -3.29 -33.84 37.13
N GLY E 1117 -2.60 -33.92 38.25
CA GLY E 1117 -3.25 -34.23 39.52
C GLY E 1117 -2.80 -35.54 40.11
N HIS E 1118 -2.64 -35.58 41.43
CA HIS E 1118 -2.31 -36.83 42.11
C HIS E 1118 -3.51 -37.75 42.11
N TYR E 1119 -3.32 -38.95 42.64
CA TYR E 1119 -4.43 -39.88 42.76
C TYR E 1119 -5.47 -39.35 43.75
N ARG E 1120 -6.74 -39.59 43.45
CA ARG E 1120 -7.85 -39.18 44.30
C ARG E 1120 -7.90 -37.68 44.49
N GLU E 1121 -7.40 -36.93 43.51
CA GLU E 1121 -7.46 -35.47 43.55
C GLU E 1121 -8.75 -35.00 42.93
N ILE E 1122 -9.37 -33.99 43.53
CA ILE E 1122 -10.65 -33.49 43.06
C ILE E 1122 -10.42 -32.58 41.86
N LEU E 1123 -11.12 -32.87 40.77
CA LEU E 1123 -11.10 -32.03 39.57
C LEU E 1123 -12.48 -31.45 39.36
N TYR E 1124 -12.53 -30.14 39.10
CA TYR E 1124 -13.78 -29.46 38.80
C TYR E 1124 -13.97 -29.39 37.29
N GLU E 1125 -15.15 -28.96 36.88
CA GLU E 1125 -15.46 -28.86 35.46
C GLU E 1125 -14.54 -27.84 34.80
N GLY E 1126 -13.95 -28.23 33.67
CA GLY E 1126 -13.03 -27.39 32.94
C GLY E 1126 -11.59 -27.49 33.39
N ASP E 1127 -11.30 -28.19 34.47
CA ASP E 1127 -9.93 -28.37 34.91
C ASP E 1127 -9.19 -29.29 33.93
N THR E 1128 -7.95 -28.94 33.62
CA THR E 1128 -7.14 -29.77 32.74
C THR E 1128 -6.89 -31.12 33.38
N LEU E 1129 -7.16 -32.19 32.63
CA LEU E 1129 -7.05 -33.54 33.14
C LEU E 1129 -5.75 -34.21 32.69
N VAL E 1130 -5.56 -34.33 31.38
CA VAL E 1130 -4.36 -34.91 30.81
C VAL E 1130 -3.96 -34.06 29.60
N THR E 1131 -2.69 -34.14 29.23
CA THR E 1131 -2.15 -33.33 28.14
C THR E 1131 -1.50 -34.25 27.12
N PHE E 1132 -2.14 -34.40 25.96
CA PHE E 1132 -1.54 -35.11 24.85
C PHE E 1132 -0.57 -34.20 24.10
N ILE E 1133 0.37 -34.83 23.41
CA ILE E 1133 1.25 -34.14 22.48
C ILE E 1133 1.25 -34.92 21.17
N TYR E 1134 0.82 -34.28 20.09
CA TYR E 1134 0.73 -34.92 18.79
C TYR E 1134 1.48 -34.08 17.77
N GLU E 1135 2.02 -34.75 16.77
CA GLU E 1135 2.84 -34.12 15.74
C GLU E 1135 2.03 -33.96 14.47
N LYS E 1136 1.92 -32.74 13.99
CA LYS E 1136 1.27 -32.45 12.72
C LYS E 1136 2.28 -31.84 11.76
N SER E 1137 2.20 -32.26 10.50
CA SER E 1137 3.13 -31.79 9.49
C SER E 1137 2.48 -30.73 8.59
N GLN E 1144 8.43 -20.80 0.35
CA GLN E 1144 7.59 -20.39 1.47
C GLN E 1144 6.98 -19.02 1.22
N GLY E 1145 7.09 -18.53 -0.02
CA GLY E 1145 6.54 -17.25 -0.38
C GLY E 1145 7.55 -16.12 -0.37
N LEU E 1146 7.07 -14.89 -0.17
CA LEU E 1146 7.96 -13.74 -0.14
C LEU E 1146 9.03 -13.84 0.95
N PRO E 1147 8.72 -14.19 2.21
CA PRO E 1147 9.79 -14.28 3.21
C PRO E 1147 10.89 -15.25 2.85
N LYS E 1148 10.56 -16.34 2.15
CA LYS E 1148 11.59 -17.26 1.71
C LYS E 1148 12.55 -16.59 0.72
N VAL E 1149 12.00 -15.79 -0.20
CA VAL E 1149 12.85 -15.11 -1.18
C VAL E 1149 13.75 -14.09 -0.49
N GLU E 1150 13.18 -13.30 0.44
CA GLU E 1150 13.98 -12.32 1.14
C GLU E 1150 15.07 -12.96 1.97
N GLN E 1151 14.78 -14.12 2.56
CA GLN E 1151 15.81 -14.87 3.27
C GLN E 1151 16.93 -15.29 2.32
N VAL E 1152 16.58 -15.73 1.11
CA VAL E 1152 17.59 -16.12 0.13
C VAL E 1152 18.34 -14.89 -0.37
N LEU E 1153 17.63 -13.81 -0.69
CA LEU E 1153 18.27 -12.64 -1.28
C LEU E 1153 19.17 -11.94 -0.27
N GLU E 1154 18.73 -11.83 0.98
CA GLU E 1154 19.53 -11.11 1.97
C GLU E 1154 20.77 -11.87 2.41
N VAL E 1155 20.80 -13.19 2.19
CA VAL E 1155 21.93 -14.04 2.54
C VAL E 1155 22.41 -13.72 3.95
N ARG E 1156 21.48 -13.68 4.90
CA ARG E 1156 21.85 -13.41 6.29
C ARG E 1156 22.79 -14.48 6.81
N SER E 1157 22.51 -15.74 6.50
CA SER E 1157 23.41 -16.84 6.79
C SER E 1157 23.54 -17.71 5.54
N ILE E 1158 24.72 -18.28 5.35
CA ILE E 1158 24.99 -19.06 4.14
C ILE E 1158 24.12 -20.32 4.13
N ASP E 1159 23.88 -20.92 5.29
CA ASP E 1159 23.01 -22.09 5.35
C ASP E 1159 21.53 -21.73 5.32
N SER E 1160 21.19 -20.44 5.45
CA SER E 1160 19.79 -20.04 5.44
C SER E 1160 19.15 -20.25 4.07
N ILE E 1161 19.94 -20.42 3.02
CA ILE E 1161 19.38 -20.58 1.68
C ILE E 1161 19.18 -22.05 1.34
N SER E 1162 20.13 -22.91 1.70
CA SER E 1162 20.02 -24.33 1.34
C SER E 1162 20.34 -25.30 2.47
N LEU E 1163 21.06 -24.90 3.51
CA LEU E 1163 21.55 -25.74 4.60
C LEU E 1163 22.54 -26.79 4.13
N ASN E 1164 22.86 -26.84 2.84
CA ASN E 1164 23.86 -27.74 2.30
C ASN E 1164 25.01 -27.03 1.62
N LEU E 1165 24.84 -25.77 1.23
CA LEU E 1165 25.93 -25.02 0.62
C LEU E 1165 27.09 -24.84 1.58
N GLU E 1166 26.78 -24.63 2.87
CA GLU E 1166 27.85 -24.48 3.86
C GLU E 1166 28.70 -25.73 3.94
N LYS E 1167 28.07 -26.91 3.90
CA LYS E 1167 28.83 -28.16 3.94
C LYS E 1167 29.80 -28.23 2.77
N ARG E 1168 29.38 -27.82 1.58
CA ARG E 1168 30.26 -27.86 0.42
C ARG E 1168 31.40 -26.87 0.57
N ILE E 1169 31.09 -25.62 0.89
CA ILE E 1169 32.11 -24.57 0.87
C ILE E 1169 33.09 -24.74 2.02
N LYS E 1170 32.60 -25.10 3.21
CA LYS E 1170 33.50 -25.25 4.35
C LYS E 1170 34.52 -26.34 4.10
N GLY E 1171 34.09 -27.47 3.55
CA GLY E 1171 35.04 -28.48 3.13
C GLY E 1171 35.96 -27.98 2.04
N TRP E 1172 35.42 -27.20 1.11
CA TRP E 1172 36.25 -26.63 0.05
C TRP E 1172 37.21 -25.58 0.58
N ASN E 1173 36.80 -24.85 1.63
CA ASN E 1173 37.65 -23.79 2.15
C ASN E 1173 38.95 -24.32 2.73
N ARG E 1174 38.89 -25.43 3.47
CA ARG E 1174 40.06 -25.97 4.14
C ARG E 1174 40.74 -27.08 3.36
N CYS E 1175 40.30 -27.35 2.13
CA CYS E 1175 40.94 -28.37 1.30
C CYS E 1175 41.56 -27.79 0.04
N ILE E 1176 40.80 -26.99 -0.71
CA ILE E 1176 41.31 -26.48 -1.99
C ILE E 1176 42.51 -25.57 -1.76
N THR E 1177 42.43 -24.69 -0.75
CA THR E 1177 43.50 -23.73 -0.53
C THR E 1177 44.81 -24.37 -0.14
N ARG E 1178 44.80 -25.65 0.25
CA ARG E 1178 46.03 -26.36 0.56
C ARG E 1178 46.41 -27.40 -0.49
N ILE E 1179 45.45 -27.89 -1.27
CA ILE E 1179 45.78 -28.83 -2.33
C ILE E 1179 46.53 -28.13 -3.46
N LEU E 1180 46.07 -26.95 -3.85
CA LEU E 1180 46.68 -26.19 -4.93
C LEU E 1180 47.57 -25.08 -4.37
N GLY E 1181 48.30 -24.44 -5.28
CA GLY E 1181 49.30 -23.46 -4.91
C GLY E 1181 48.70 -22.10 -4.58
N ILE E 1182 49.60 -21.17 -4.31
CA ILE E 1182 49.18 -19.80 -3.95
C ILE E 1182 48.39 -19.14 -5.08
N PRO E 1183 48.86 -19.11 -6.33
CA PRO E 1183 48.11 -18.38 -7.36
C PRO E 1183 46.85 -19.08 -7.83
N TRP E 1184 46.58 -20.31 -7.41
CA TRP E 1184 45.38 -21.01 -7.82
C TRP E 1184 44.60 -21.67 -6.70
N GLY E 1185 45.13 -21.69 -5.47
CA GLY E 1185 44.32 -22.15 -4.35
C GLY E 1185 43.11 -21.27 -4.13
N PHE E 1186 43.28 -19.96 -4.24
CA PHE E 1186 42.17 -19.03 -4.10
C PHE E 1186 41.48 -18.74 -5.43
N LEU E 1187 42.18 -18.90 -6.55
CA LEU E 1187 41.59 -18.60 -7.85
C LEU E 1187 40.40 -19.51 -8.14
N ILE E 1188 40.64 -20.81 -8.23
CA ILE E 1188 39.55 -21.74 -8.53
C ILE E 1188 38.78 -22.13 -7.28
N GLY E 1189 39.37 -22.03 -6.10
CA GLY E 1189 38.64 -22.31 -4.89
C GLY E 1189 37.49 -21.33 -4.67
N ALA E 1190 37.76 -20.05 -4.85
CA ALA E 1190 36.69 -19.06 -4.78
C ALA E 1190 35.72 -19.23 -5.93
N GLU E 1191 36.22 -19.58 -7.12
CA GLU E 1191 35.34 -19.78 -8.26
C GLU E 1191 34.38 -20.94 -8.02
N LEU E 1192 34.85 -22.02 -7.39
CA LEU E 1192 33.97 -23.13 -7.06
C LEU E 1192 32.87 -22.68 -6.12
N THR E 1193 33.21 -21.89 -5.11
CA THR E 1193 32.17 -21.35 -4.23
C THR E 1193 31.22 -20.44 -4.99
N ILE E 1194 31.76 -19.60 -5.88
CA ILE E 1194 30.92 -18.68 -6.64
C ILE E 1194 30.01 -19.45 -7.58
N VAL E 1195 30.59 -20.37 -8.37
CA VAL E 1195 29.81 -21.08 -9.37
C VAL E 1195 28.75 -21.96 -8.71
N GLN E 1196 29.12 -22.69 -7.66
CA GLN E 1196 28.15 -23.53 -6.97
C GLN E 1196 27.04 -22.69 -6.35
N SER E 1197 27.40 -21.52 -5.78
CA SER E 1197 26.38 -20.65 -5.22
C SER E 1197 25.46 -20.10 -6.30
N ARG E 1198 26.00 -19.80 -7.49
CA ARG E 1198 25.18 -19.25 -8.56
C ARG E 1198 24.05 -20.21 -8.93
N ILE E 1199 24.40 -21.46 -9.23
CA ILE E 1199 23.37 -22.43 -9.61
C ILE E 1199 22.45 -22.72 -8.43
N SER E 1200 22.98 -22.75 -7.21
CA SER E 1200 22.14 -22.99 -6.04
C SER E 1200 21.18 -21.84 -5.80
N LEU E 1201 21.68 -20.60 -5.88
CA LEU E 1201 20.83 -19.45 -5.59
C LEU E 1201 19.68 -19.34 -6.58
N VAL E 1202 19.96 -19.51 -7.87
CA VAL E 1202 18.92 -19.37 -8.88
C VAL E 1202 17.88 -20.48 -8.74
N ASN E 1203 18.31 -21.68 -8.37
CA ASN E 1203 17.36 -22.77 -8.19
C ASN E 1203 16.41 -22.51 -7.03
N LYS E 1204 16.94 -22.00 -5.91
CA LYS E 1204 16.09 -21.74 -4.76
C LYS E 1204 15.11 -20.60 -5.04
N ILE E 1205 15.58 -19.54 -5.71
CA ILE E 1205 14.69 -18.43 -6.04
C ILE E 1205 13.63 -18.89 -7.04
N GLN E 1206 14.05 -19.64 -8.07
CA GLN E 1206 13.08 -20.15 -9.03
C GLN E 1206 12.15 -21.18 -8.41
N LYS E 1207 12.59 -21.86 -7.35
CA LYS E 1207 11.74 -22.84 -6.67
C LYS E 1207 10.50 -22.17 -6.08
N VAL E 1208 10.67 -20.99 -5.50
CA VAL E 1208 9.54 -20.28 -4.91
C VAL E 1208 8.56 -19.84 -5.99
N TYR E 1209 9.08 -19.25 -7.06
CA TYR E 1209 8.20 -18.67 -8.07
C TYR E 1209 7.54 -19.74 -8.93
N ARG E 1210 8.27 -20.80 -9.28
CA ARG E 1210 7.68 -21.88 -10.06
C ARG E 1210 6.61 -22.62 -9.27
N SER E 1211 6.82 -22.78 -7.96
CA SER E 1211 5.82 -23.43 -7.13
C SER E 1211 4.53 -22.64 -7.10
N GLN E 1212 4.62 -21.31 -7.01
CA GLN E 1212 3.45 -20.44 -6.99
C GLN E 1212 2.91 -20.15 -8.38
N GLY E 1213 3.37 -20.85 -9.40
CA GLY E 1213 2.90 -20.61 -10.75
C GLY E 1213 3.27 -19.25 -11.31
N VAL E 1214 4.48 -18.79 -11.03
CA VAL E 1214 4.98 -17.50 -11.53
C VAL E 1214 6.11 -17.79 -12.50
N GLN E 1215 5.98 -17.30 -13.73
CA GLN E 1215 6.96 -17.53 -14.78
C GLN E 1215 7.82 -16.29 -14.93
N ILE E 1216 9.09 -16.41 -14.54
CA ILE E 1216 10.07 -15.34 -14.70
C ILE E 1216 11.29 -15.94 -15.39
N HIS E 1217 11.79 -15.25 -16.40
CA HIS E 1217 12.96 -15.74 -17.12
C HIS E 1217 14.18 -15.72 -16.19
N ASN E 1218 15.12 -16.62 -16.46
CA ASN E 1218 16.32 -16.70 -15.63
C ASN E 1218 17.17 -15.45 -15.74
N ARG E 1219 17.05 -14.70 -16.84
CA ARG E 1219 17.86 -13.49 -17.01
C ARG E 1219 17.61 -12.50 -15.89
N HIS E 1220 16.33 -12.27 -15.56
CA HIS E 1220 16.01 -11.31 -14.51
C HIS E 1220 16.50 -11.76 -13.15
N ILE E 1221 16.68 -13.06 -12.96
CA ILE E 1221 17.19 -13.59 -11.69
C ILE E 1221 18.72 -13.67 -11.71
N GLU E 1222 19.29 -14.11 -12.83
CA GLU E 1222 20.74 -14.21 -12.92
C GLU E 1222 21.41 -12.85 -12.76
N ILE E 1223 20.75 -11.78 -13.21
CA ILE E 1223 21.30 -10.44 -13.02
C ILE E 1223 21.39 -10.13 -11.53
N ILE E 1224 20.35 -10.47 -10.77
CA ILE E 1224 20.38 -10.27 -9.32
C ILE E 1224 21.46 -11.12 -8.69
N VAL E 1225 21.53 -12.39 -9.07
CA VAL E 1225 22.52 -13.30 -8.49
C VAL E 1225 23.93 -12.87 -8.86
N ARG E 1226 24.11 -12.35 -10.08
CA ARG E 1226 25.43 -11.93 -10.51
C ARG E 1226 26.01 -10.86 -9.61
N GLN E 1227 25.18 -9.88 -9.23
CA GLN E 1227 25.65 -8.86 -8.29
C GLN E 1227 25.93 -9.44 -6.92
N ILE E 1228 25.09 -10.39 -6.47
CA ILE E 1228 25.28 -11.00 -5.17
C ILE E 1228 26.59 -11.79 -5.13
N THR E 1229 26.79 -12.66 -6.12
CA THR E 1229 27.99 -13.49 -6.19
C THR E 1229 29.04 -12.84 -7.10
N SER E 1230 29.40 -11.61 -6.76
CA SER E 1230 30.39 -10.86 -7.52
C SER E 1230 31.61 -10.48 -6.70
N LYS E 1231 31.42 -9.93 -5.51
CA LYS E 1231 32.54 -9.51 -4.69
C LYS E 1231 33.26 -10.71 -4.10
N VAL E 1232 34.53 -10.51 -3.78
CA VAL E 1232 35.35 -11.50 -3.11
C VAL E 1232 36.10 -10.82 -1.99
N LEU E 1233 36.19 -11.49 -0.84
CA LEU E 1233 36.79 -10.92 0.36
C LEU E 1233 38.20 -11.47 0.54
N VAL E 1234 39.15 -10.56 0.77
CA VAL E 1234 40.54 -10.94 0.96
C VAL E 1234 40.74 -11.45 2.38
N SER E 1235 41.46 -12.56 2.51
CA SER E 1235 41.67 -13.16 3.82
C SER E 1235 42.59 -12.30 4.68
N GLU E 1236 42.54 -12.54 5.99
CA GLU E 1236 43.40 -11.80 6.91
C GLU E 1236 44.86 -12.13 6.69
N GLU E 1237 45.17 -13.31 6.14
CA GLU E 1237 46.54 -13.67 5.85
C GLU E 1237 47.16 -12.74 4.82
N GLY E 1238 46.41 -12.43 3.76
CA GLY E 1238 46.93 -11.62 2.68
C GLY E 1238 47.01 -10.15 3.01
N MET E 1239 48.23 -9.65 3.19
CA MET E 1239 48.47 -8.22 3.41
C MET E 1239 49.51 -7.74 2.41
N SER E 1240 49.21 -6.59 1.80
CA SER E 1240 50.12 -5.97 0.84
C SER E 1240 49.70 -4.52 0.67
N ASN E 1241 50.50 -3.78 -0.10
CA ASN E 1241 50.13 -2.41 -0.44
C ASN E 1241 49.05 -2.35 -1.51
N VAL E 1242 48.70 -3.49 -2.11
CA VAL E 1242 47.67 -3.53 -3.15
C VAL E 1242 46.32 -3.80 -2.50
N PHE E 1243 46.19 -4.96 -1.84
CA PHE E 1243 44.95 -5.37 -1.21
C PHE E 1243 45.24 -5.64 0.27
N LEU E 1244 44.74 -4.77 1.14
CA LEU E 1244 44.86 -5.05 2.56
C LEU E 1244 43.76 -6.01 2.99
N PRO E 1245 43.98 -6.77 4.05
CA PRO E 1245 42.96 -7.72 4.51
C PRO E 1245 41.69 -7.03 4.94
N GLY E 1246 40.58 -7.77 4.86
CA GLY E 1246 39.28 -7.20 5.16
C GLY E 1246 38.84 -6.16 4.15
N GLU E 1247 39.11 -6.39 2.88
CA GLU E 1247 38.74 -5.49 1.79
C GLU E 1247 37.84 -6.22 0.81
N LEU E 1248 36.85 -5.52 0.29
CA LEU E 1248 35.89 -6.10 -0.63
C LEU E 1248 36.22 -5.67 -2.06
N ILE E 1249 36.53 -6.65 -2.91
CA ILE E 1249 36.84 -6.41 -4.31
C ILE E 1249 36.06 -7.38 -5.16
N GLY E 1250 35.93 -7.04 -6.45
CA GLY E 1250 35.21 -7.90 -7.36
C GLY E 1250 35.99 -9.15 -7.71
N LEU E 1251 35.23 -10.19 -8.11
CA LEU E 1251 35.87 -11.46 -8.46
C LEU E 1251 36.78 -11.29 -9.67
N LEU E 1252 36.35 -10.53 -10.68
CA LEU E 1252 37.19 -10.27 -11.84
C LEU E 1252 38.44 -9.50 -11.43
N ARG E 1253 38.30 -8.56 -10.50
CA ARG E 1253 39.46 -7.81 -10.00
C ARG E 1253 40.50 -8.75 -9.39
N ALA E 1254 40.06 -9.61 -8.48
CA ALA E 1254 40.99 -10.53 -7.82
C ALA E 1254 41.58 -11.53 -8.79
N GLU E 1255 40.76 -12.04 -9.71
CA GLU E 1255 41.26 -13.02 -10.68
C GLU E 1255 42.34 -12.42 -11.57
N ARG E 1256 42.16 -11.18 -12.01
CA ARG E 1256 43.15 -10.55 -12.86
C ARG E 1256 44.40 -10.17 -12.07
N THR E 1257 44.23 -9.59 -10.88
CA THR E 1257 45.39 -9.21 -10.08
C THR E 1257 46.20 -10.42 -9.66
N GLY E 1258 45.52 -11.49 -9.23
CA GLY E 1258 46.22 -12.70 -8.87
C GLY E 1258 46.89 -13.39 -10.04
N ARG E 1259 46.42 -13.13 -11.26
CA ARG E 1259 47.06 -13.70 -12.44
C ARG E 1259 48.46 -13.16 -12.64
N ALA E 1260 48.70 -11.91 -12.25
CA ALA E 1260 49.99 -11.25 -12.44
C ALA E 1260 50.78 -11.11 -11.16
N LEU E 1261 50.19 -10.52 -10.12
CA LEU E 1261 50.92 -10.28 -8.89
C LEU E 1261 51.09 -11.56 -8.09
N GLU E 1262 52.08 -11.55 -7.20
CA GLU E 1262 52.32 -12.64 -6.26
C GLU E 1262 52.46 -12.14 -4.84
N GLU E 1263 51.95 -10.94 -4.56
CA GLU E 1263 52.16 -10.27 -3.28
C GLU E 1263 51.07 -10.67 -2.27
N ALA E 1264 50.94 -11.98 -2.08
CA ALA E 1264 50.04 -12.56 -1.07
C ALA E 1264 48.60 -12.06 -1.26
N ILE E 1265 48.03 -12.40 -2.41
CA ILE E 1265 46.64 -12.06 -2.72
C ILE E 1265 45.81 -13.26 -2.26
N CYS E 1266 45.41 -13.24 -1.00
CA CYS E 1266 44.64 -14.32 -0.39
C CYS E 1266 43.19 -13.84 -0.24
N TYR E 1267 42.32 -14.30 -1.12
CA TYR E 1267 40.93 -13.88 -1.15
C TYR E 1267 40.01 -15.09 -1.09
N ARG E 1268 38.90 -14.94 -0.38
CA ARG E 1268 37.87 -15.97 -0.27
C ARG E 1268 36.54 -15.40 -0.74
N ALA E 1269 35.80 -16.19 -1.51
CA ALA E 1269 34.52 -15.75 -2.06
C ALA E 1269 33.54 -15.43 -0.93
N VAL E 1270 32.80 -14.34 -1.11
CA VAL E 1270 31.84 -13.87 -0.12
C VAL E 1270 30.51 -13.62 -0.82
N LEU E 1271 29.43 -14.09 -0.22
CA LEU E 1271 28.08 -13.86 -0.73
C LEU E 1271 27.47 -12.68 0.03
N LEU E 1272 26.91 -11.74 -0.73
CA LEU E 1272 26.38 -10.51 -0.18
C LEU E 1272 24.87 -10.46 -0.35
N GLY E 1273 24.18 -9.93 0.66
CA GLY E 1273 22.76 -9.67 0.51
C GLY E 1273 22.50 -8.46 -0.36
N ILE E 1274 21.27 -8.37 -0.86
CA ILE E 1274 20.90 -7.25 -1.72
C ILE E 1274 21.04 -5.93 -0.97
N THR E 1275 20.68 -5.93 0.32
CA THR E 1275 20.88 -4.73 1.14
C THR E 1275 22.37 -4.42 1.30
N ARG E 1276 23.18 -5.44 1.56
CA ARG E 1276 24.61 -5.21 1.78
C ARG E 1276 25.34 -4.90 0.48
N ALA E 1277 25.00 -5.61 -0.59
CA ALA E 1277 25.66 -5.37 -1.88
C ALA E 1277 25.38 -3.97 -2.40
N SER E 1278 24.14 -3.49 -2.23
CA SER E 1278 23.80 -2.15 -2.70
C SER E 1278 24.54 -1.07 -1.95
N LEU E 1279 25.05 -1.35 -0.75
CA LEU E 1279 25.80 -0.39 0.03
C LEU E 1279 27.30 -0.45 -0.25
N ASN E 1280 27.74 -1.34 -1.14
CA ASN E 1280 29.16 -1.46 -1.52
C ASN E 1280 29.22 -1.45 -3.04
N THR E 1281 29.25 -0.26 -3.63
CA THR E 1281 29.31 -0.09 -5.07
C THR E 1281 30.33 1.00 -5.39
N GLN E 1282 30.36 1.44 -6.65
CA GLN E 1282 31.27 2.48 -7.10
C GLN E 1282 30.65 3.87 -7.03
N SER E 1283 29.65 4.07 -6.18
CA SER E 1283 29.00 5.37 -6.06
C SER E 1283 28.41 5.50 -4.67
N PHE E 1284 28.80 6.54 -3.94
CA PHE E 1284 28.22 6.78 -2.62
C PHE E 1284 26.83 7.38 -2.71
N ILE E 1285 26.52 8.09 -3.78
CA ILE E 1285 25.22 8.74 -3.90
C ILE E 1285 24.10 7.70 -3.90
N SER E 1286 24.27 6.63 -4.67
CA SER E 1286 23.28 5.55 -4.64
C SER E 1286 23.22 4.90 -3.27
N GLU E 1287 24.40 4.67 -2.66
CA GLU E 1287 24.43 4.09 -1.32
C GLU E 1287 23.82 5.05 -0.29
N ALA E 1288 24.11 6.34 -0.41
CA ALA E 1288 23.59 7.31 0.55
C ALA E 1288 22.07 7.41 0.46
N SER E 1289 21.54 7.42 -0.76
CA SER E 1289 20.10 7.55 -0.94
C SER E 1289 19.35 6.28 -0.58
N PHE E 1290 20.04 5.14 -0.48
CA PHE E 1290 19.37 3.89 -0.18
C PHE E 1290 19.05 3.75 1.30
N GLN E 1291 20.09 3.71 2.14
CA GLN E 1291 19.92 3.63 3.59
C GLN E 1291 21.27 3.93 4.22
N GLU E 1292 21.25 4.08 5.55
CA GLU E 1292 22.45 4.42 6.32
C GLU E 1292 23.12 5.66 5.74
N THR E 1293 22.32 6.68 5.49
CA THR E 1293 22.81 7.88 4.82
C THR E 1293 23.90 8.55 5.63
N ALA E 1294 23.72 8.64 6.96
CA ALA E 1294 24.72 9.27 7.81
C ALA E 1294 26.04 8.49 7.77
N ARG E 1295 25.96 7.16 7.82
CA ARG E 1295 27.18 6.36 7.86
C ARG E 1295 27.91 6.39 6.53
N VAL E 1296 27.18 6.29 5.42
CA VAL E 1296 27.82 6.26 4.11
C VAL E 1296 28.51 7.59 3.81
N LEU E 1297 27.81 8.70 4.08
CA LEU E 1297 28.40 10.01 3.80
C LEU E 1297 29.62 10.27 4.67
N ALA E 1298 29.55 9.87 5.95
CA ALA E 1298 30.68 10.10 6.85
C ALA E 1298 31.92 9.35 6.37
N LYS E 1299 31.76 8.09 5.96
CA LYS E 1299 32.90 7.33 5.46
C LYS E 1299 33.43 7.91 4.16
N ALA E 1300 32.52 8.32 3.27
CA ALA E 1300 32.96 8.86 1.98
C ALA E 1300 33.65 10.20 2.14
N ALA E 1301 33.21 11.00 3.11
CA ALA E 1301 33.76 12.35 3.27
C ALA E 1301 35.24 12.31 3.60
N LEU E 1302 35.65 11.42 4.51
CA LEU E 1302 37.06 11.33 4.87
C LEU E 1302 37.91 10.92 3.67
N ARG E 1303 37.44 9.96 2.88
CA ARG E 1303 38.20 9.49 1.74
C ARG E 1303 38.18 10.47 0.58
N GLY E 1304 37.35 11.51 0.64
CA GLY E 1304 37.19 12.38 -0.51
C GLY E 1304 36.67 11.63 -1.72
N ARG E 1305 35.65 10.78 -1.52
CA ARG E 1305 35.25 9.84 -2.55
C ARG E 1305 34.79 10.56 -3.81
N ILE E 1306 35.22 10.03 -4.94
CA ILE E 1306 34.84 10.55 -6.25
C ILE E 1306 33.75 9.65 -6.82
N ASP E 1307 32.62 10.24 -7.18
CA ASP E 1307 31.52 9.53 -7.80
C ASP E 1307 31.41 10.00 -9.24
N TRP E 1308 31.48 9.06 -10.18
CA TRP E 1308 31.39 9.37 -11.60
C TRP E 1308 29.98 9.26 -12.14
N LEU E 1309 28.98 9.08 -11.26
CA LEU E 1309 27.56 9.02 -11.59
C LEU E 1309 27.29 8.18 -12.84
N LYS E 1310 28.03 7.08 -13.00
CA LYS E 1310 27.81 6.19 -14.13
C LYS E 1310 26.53 5.38 -13.99
N GLY E 1311 25.90 5.37 -12.82
CA GLY E 1311 24.66 4.67 -12.61
C GLY E 1311 23.45 5.51 -13.00
N LEU E 1312 22.27 4.97 -12.71
CA LEU E 1312 21.03 5.63 -13.07
C LEU E 1312 20.47 6.47 -11.94
N LYS E 1313 20.42 5.92 -10.72
CA LYS E 1313 19.91 6.68 -9.58
C LYS E 1313 20.78 7.90 -9.30
N GLU E 1314 22.08 7.82 -9.60
CA GLU E 1314 22.98 8.94 -9.36
C GLU E 1314 22.55 10.16 -10.17
N ASN E 1315 22.23 9.96 -11.45
CA ASN E 1315 21.81 11.07 -12.29
C ASN E 1315 20.40 11.54 -12.00
N VAL E 1316 19.59 10.70 -11.36
CA VAL E 1316 18.22 11.10 -11.03
C VAL E 1316 18.22 12.19 -9.97
N VAL E 1317 19.02 12.01 -8.92
CA VAL E 1317 18.98 12.95 -7.79
C VAL E 1317 19.50 14.33 -8.21
N LEU E 1318 20.48 14.39 -9.10
CA LEU E 1318 21.02 15.66 -9.55
C LEU E 1318 20.31 16.19 -10.79
N GLY E 1319 19.25 15.53 -11.24
CA GLY E 1319 18.44 16.02 -12.33
C GLY E 1319 19.03 15.84 -13.71
N GLY E 1320 20.19 15.19 -13.82
CA GLY E 1320 20.79 14.99 -15.12
C GLY E 1320 20.12 13.89 -15.91
N VAL E 1321 20.36 13.91 -17.21
CA VAL E 1321 19.83 12.87 -18.09
C VAL E 1321 20.53 11.55 -17.78
N ILE E 1322 19.73 10.52 -17.49
CA ILE E 1322 20.26 9.22 -17.10
C ILE E 1322 21.03 8.61 -18.28
N PRO E 1323 22.11 7.87 -18.02
CA PRO E 1323 22.88 7.25 -19.10
C PRO E 1323 22.28 5.93 -19.60
N ALA E 1324 20.98 5.95 -19.89
CA ALA E 1324 20.29 4.76 -20.38
C ALA E 1324 19.14 5.19 -21.27
N GLY E 1325 18.70 4.26 -22.10
CA GLY E 1325 17.60 4.56 -23.02
C GLY E 1325 17.97 5.69 -23.96
N THR E 1326 17.09 6.68 -24.05
CA THR E 1326 17.35 7.84 -24.91
C THR E 1326 18.54 8.65 -24.40
N GLY E 1327 18.88 8.53 -23.12
CA GLY E 1327 20.03 9.20 -22.56
C GLY E 1327 21.33 8.46 -22.70
N PHE E 1328 21.32 7.28 -23.32
CA PHE E 1328 22.54 6.52 -23.52
C PHE E 1328 23.50 7.31 -24.40
N ASN E 1329 24.79 7.17 -24.11
CA ASN E 1329 25.82 8.05 -24.68
C ASN E 1329 25.45 9.50 -24.44
N LYS E 1330 25.24 10.26 -25.51
CA LYS E 1330 24.72 11.62 -25.38
C LYS E 1330 23.65 11.91 -26.41
N GLY E 1331 22.99 10.89 -26.94
CA GLY E 1331 22.01 11.05 -27.99
C GLY E 1331 22.56 11.07 -29.39
N LEU E 1332 23.86 10.86 -29.56
CA LEU E 1332 24.48 10.87 -30.88
C LEU E 1332 25.03 9.49 -31.23
N VAL F 63 36.95 25.83 -87.97
CA VAL F 63 38.31 26.07 -87.51
C VAL F 63 39.30 25.77 -88.64
N SER F 64 40.14 26.75 -88.95
CA SER F 64 41.13 26.58 -90.01
C SER F 64 42.17 25.55 -89.62
N ALA F 65 42.67 24.83 -90.63
CA ALA F 65 43.69 23.81 -90.38
C ALA F 65 44.97 24.45 -89.83
N LEU F 66 45.40 25.55 -90.41
CA LEU F 66 46.58 26.25 -89.90
C LEU F 66 46.30 26.97 -88.59
N GLU F 67 45.03 27.26 -88.30
CA GLU F 67 44.68 27.93 -87.05
C GLU F 67 45.10 27.09 -85.85
N ARG F 68 44.84 25.79 -85.89
CA ARG F 68 45.29 24.92 -84.81
C ARG F 68 46.80 24.79 -84.79
N SER F 69 47.44 24.91 -85.96
CA SER F 69 48.89 24.86 -86.02
C SER F 69 49.51 26.04 -85.28
N LEU F 70 48.92 27.23 -85.44
CA LEU F 70 49.42 28.41 -84.74
C LEU F 70 49.29 28.25 -83.24
N ARG F 71 48.18 27.67 -82.77
CA ARG F 71 48.05 27.38 -81.36
C ARG F 71 49.10 26.38 -80.90
N LEU F 72 49.35 25.35 -81.70
CA LEU F 72 50.35 24.35 -81.35
C LEU F 72 51.74 24.98 -81.25
N THR F 73 52.08 25.84 -82.22
CA THR F 73 53.39 26.49 -82.19
C THR F 73 53.52 27.41 -81.00
N PHE F 74 52.48 28.19 -80.70
CA PHE F 74 52.51 29.06 -79.54
C PHE F 74 52.56 28.28 -78.24
N MET F 75 51.74 27.24 -78.12
CA MET F 75 51.66 26.50 -76.87
C MET F 75 52.79 25.48 -76.71
N ASP F 76 53.49 25.16 -77.79
CA ASP F 76 54.71 24.37 -77.66
C ASP F 76 55.81 25.18 -76.99
N GLU F 77 55.78 26.51 -77.15
CA GLU F 77 56.78 27.38 -76.56
C GLU F 77 56.38 27.92 -75.20
N LEU F 78 55.09 28.17 -74.97
CA LEU F 78 54.67 28.73 -73.69
C LEU F 78 54.95 27.76 -72.56
N MET F 79 54.73 26.46 -72.80
CA MET F 79 54.97 25.48 -71.75
C MET F 79 56.44 25.45 -71.34
N GLU F 80 57.35 25.67 -72.30
CA GLU F 80 58.76 25.74 -71.97
C GLU F 80 59.03 26.87 -70.98
N ARG F 81 58.46 28.04 -71.23
CA ARG F 81 58.56 29.12 -70.25
C ARG F 81 57.80 28.77 -68.98
N ALA F 82 56.65 28.10 -69.12
CA ALA F 82 55.90 27.69 -67.94
C ALA F 82 56.69 26.70 -67.10
N ARG F 83 57.38 25.76 -67.75
CA ARG F 83 58.17 24.77 -67.03
C ARG F 83 59.55 25.27 -66.63
N ASN F 84 59.97 26.44 -67.10
CA ASN F 84 61.24 27.03 -66.69
C ASN F 84 61.08 28.08 -65.60
N ARG F 85 59.87 28.26 -65.08
CA ARG F 85 59.63 29.15 -63.94
C ARG F 85 60.03 30.59 -64.24
N ASP F 86 59.43 31.16 -65.29
CA ASP F 86 59.62 32.56 -65.62
C ASP F 86 58.29 33.14 -66.10
N PRO F 87 57.45 33.61 -65.18
CA PRO F 87 56.16 34.20 -65.59
C PRO F 87 56.32 35.42 -66.47
N SER F 88 57.42 36.17 -66.33
CA SER F 88 57.60 37.37 -67.12
C SER F 88 57.65 37.05 -68.61
N GLY F 89 58.38 36.00 -68.99
CA GLY F 89 58.42 35.60 -70.38
C GLY F 89 57.08 35.13 -70.90
N VAL F 90 56.30 34.47 -70.05
CA VAL F 90 54.98 34.00 -70.45
C VAL F 90 54.05 35.18 -70.77
N SER F 91 54.23 36.30 -70.06
CA SER F 91 53.35 37.45 -70.26
C SER F 91 53.41 37.96 -71.69
N GLU F 92 54.57 37.88 -72.34
CA GLU F 92 54.65 38.29 -73.74
C GLU F 92 54.02 37.25 -74.66
N VAL F 93 54.12 35.96 -74.32
CA VAL F 93 53.60 34.92 -75.20
C VAL F 93 52.10 35.09 -75.38
N ILE F 94 51.38 35.33 -74.28
CA ILE F 94 49.95 35.62 -74.40
C ILE F 94 49.72 36.97 -75.06
N TYR F 95 50.64 37.91 -74.86
CA TYR F 95 50.50 39.23 -75.47
C TYR F 95 50.58 39.14 -76.99
N ASP F 96 51.61 38.48 -77.51
CA ASP F 96 51.69 38.29 -78.95
C ASP F 96 50.59 37.35 -79.44
N MET F 97 50.08 36.49 -78.54
CA MET F 97 48.92 35.68 -78.88
C MET F 97 47.69 36.55 -79.06
N ILE F 98 47.57 37.62 -78.26
CA ILE F 98 46.52 38.61 -78.51
C ILE F 98 46.78 39.33 -79.82
N ALA F 99 48.04 39.65 -80.10
CA ALA F 99 48.39 40.25 -81.38
C ALA F 99 48.07 39.30 -82.53
N ALA F 100 48.22 38.00 -82.31
CA ALA F 100 47.92 37.01 -83.34
C ALA F 100 46.45 37.03 -83.75
N GLY F 101 45.57 37.55 -82.88
CA GLY F 101 44.19 37.77 -83.23
C GLY F 101 43.20 36.79 -82.62
N LEU F 102 43.66 35.63 -82.16
CA LEU F 102 42.76 34.62 -81.61
C LEU F 102 42.66 34.80 -80.10
N SER F 103 41.43 34.68 -79.58
CA SER F 103 41.16 34.95 -78.18
C SER F 103 41.91 33.98 -77.27
N PRO F 104 42.28 34.42 -76.07
CA PRO F 104 42.94 33.52 -75.12
C PRO F 104 42.02 32.38 -74.68
N GLY F 105 42.65 31.25 -74.32
CA GLY F 105 41.93 30.10 -73.88
C GLY F 105 42.20 29.77 -72.43
N PRO F 106 41.34 28.95 -71.82
CA PRO F 106 41.57 28.56 -70.41
C PRO F 106 42.91 27.88 -70.19
N ARG F 107 43.33 27.04 -71.12
CA ARG F 107 44.63 26.38 -71.00
C ARG F 107 45.79 27.31 -71.32
N SER F 108 45.53 28.39 -72.04
CA SER F 108 46.57 29.39 -72.26
C SER F 108 47.00 30.02 -70.95
N PHE F 109 46.03 30.34 -70.09
CA PHE F 109 46.35 30.86 -68.76
C PHE F 109 46.91 29.78 -67.84
N HIS F 110 46.70 28.51 -68.16
CA HIS F 110 47.22 27.44 -67.33
C HIS F 110 48.74 27.49 -67.24
N GLY F 111 49.40 27.71 -68.37
CA GLY F 111 50.85 27.87 -68.35
C GLY F 111 51.27 29.14 -67.62
N LEU F 112 50.50 30.21 -67.78
CA LEU F 112 50.79 31.45 -67.07
C LEU F 112 50.62 31.26 -65.56
N VAL F 113 49.58 30.53 -65.15
CA VAL F 113 49.32 30.32 -63.74
C VAL F 113 50.43 29.50 -63.09
N VAL F 114 50.81 28.38 -63.72
CA VAL F 114 51.80 27.50 -63.12
C VAL F 114 53.15 28.18 -63.04
N ALA F 115 53.45 29.11 -63.95
CA ALA F 115 54.72 29.82 -63.89
C ALA F 115 54.83 30.61 -62.59
N HIS F 116 53.76 31.31 -62.21
CA HIS F 116 53.75 31.97 -60.90
C HIS F 116 53.77 30.96 -59.77
N ALA F 117 53.04 29.85 -59.92
CA ALA F 117 52.96 28.86 -58.86
C ALA F 117 54.31 28.20 -58.62
N LEU F 118 55.04 27.88 -59.69
CA LEU F 118 56.34 27.23 -59.51
C LEU F 118 57.32 28.13 -58.76
N ASN F 119 57.36 29.41 -59.11
CA ASN F 119 58.20 30.34 -58.37
C ASN F 119 57.61 30.70 -57.02
N GLY F 120 56.29 30.65 -56.89
CA GLY F 120 55.64 30.99 -55.63
C GLY F 120 55.08 32.39 -55.62
N ASP F 121 54.57 32.84 -56.78
CA ASP F 121 53.98 34.18 -56.89
C ASP F 121 52.49 34.07 -56.61
N GLU F 122 52.15 34.04 -55.32
CA GLU F 122 50.76 33.95 -54.92
C GLU F 122 49.95 35.13 -55.45
N GLN F 123 50.51 36.34 -55.31
CA GLN F 123 49.87 37.51 -55.88
C GLN F 123 49.83 37.42 -57.40
N GLY F 124 50.92 36.96 -58.01
CA GLY F 124 50.93 36.77 -59.46
C GLY F 124 49.97 35.69 -59.90
N ALA F 125 49.83 34.63 -59.11
CA ALA F 125 48.87 33.57 -59.44
C ALA F 125 47.45 34.12 -59.44
N MET F 126 47.12 34.96 -58.45
CA MET F 126 45.79 35.57 -58.43
C MET F 126 45.63 36.55 -59.59
N HIS F 127 46.69 37.28 -59.94
CA HIS F 127 46.60 38.21 -61.07
C HIS F 127 46.32 37.46 -62.36
N SER F 128 46.99 36.32 -62.58
CA SER F 128 46.71 35.51 -63.75
C SER F 128 45.27 34.97 -63.71
N LEU F 129 44.77 34.73 -62.50
CA LEU F 129 43.42 34.17 -62.37
C LEU F 129 42.36 35.17 -62.79
N ARG F 130 42.45 36.40 -62.31
CA ARG F 130 41.45 37.40 -62.66
C ARG F 130 41.55 37.81 -64.13
N LYS F 131 42.76 37.78 -64.69
CA LYS F 131 42.89 38.00 -66.13
C LYS F 131 42.17 36.91 -66.91
N GLU F 132 42.27 35.66 -66.45
CA GLU F 132 41.46 34.60 -67.02
C GLU F 132 39.97 34.88 -66.82
N LEU F 133 39.59 35.33 -65.62
CA LEU F 133 38.21 35.74 -65.39
C LEU F 133 37.85 36.97 -66.21
N GLY F 134 38.78 37.92 -66.31
CA GLY F 134 38.50 39.12 -67.11
C GLY F 134 38.25 38.81 -68.57
N ALA F 135 38.97 37.84 -69.11
CA ALA F 135 38.72 37.42 -70.49
C ALA F 135 37.32 36.82 -70.63
N GLY F 136 36.90 36.03 -69.65
CA GLY F 136 35.53 35.53 -69.63
C GLY F 136 35.35 34.08 -70.01
N GLN F 137 36.25 33.21 -69.54
CA GLN F 137 36.10 31.78 -69.74
C GLN F 137 36.40 31.05 -68.44
N ARG F 138 35.84 29.85 -68.33
CA ARG F 138 35.95 29.09 -67.09
C ARG F 138 37.37 28.55 -66.92
N PRO F 139 38.03 28.82 -65.80
CA PRO F 139 39.38 28.29 -65.59
C PRO F 139 39.37 26.77 -65.50
N LEU F 140 40.47 26.18 -65.94
CA LEU F 140 40.61 24.73 -65.88
C LEU F 140 40.76 24.27 -64.44
N PRO F 141 40.25 23.07 -64.11
CA PRO F 141 40.42 22.55 -62.74
C PRO F 141 41.87 22.40 -62.33
N GLU F 142 42.77 22.04 -63.26
CA GLU F 142 44.17 21.94 -62.92
C GLU F 142 44.72 23.29 -62.46
N THR F 143 44.31 24.37 -63.12
CA THR F 143 44.69 25.70 -62.66
C THR F 143 44.13 25.98 -61.28
N MET F 144 42.87 25.59 -61.04
CA MET F 144 42.27 25.80 -59.73
C MET F 144 42.97 24.98 -58.66
N ILE F 145 43.32 23.72 -58.98
CA ILE F 145 44.02 22.87 -58.01
C ILE F 145 45.39 23.45 -57.69
N ALA F 146 46.09 23.96 -58.70
CA ALA F 146 47.40 24.56 -58.46
C ALA F 146 47.29 25.80 -57.59
N LEU F 147 46.19 26.55 -57.71
CA LEU F 147 46.02 27.76 -56.91
C LEU F 147 45.94 27.44 -55.43
N VAL F 148 45.06 26.50 -55.05
CA VAL F 148 44.89 26.18 -53.64
C VAL F 148 46.13 25.53 -53.07
N ARG F 149 46.82 24.71 -53.88
CA ARG F 149 48.06 24.10 -53.41
C ARG F 149 49.11 25.16 -53.12
N LEU F 150 49.21 26.18 -53.99
CA LEU F 150 50.14 27.28 -53.73
C LEU F 150 49.76 28.02 -52.45
N SER F 151 48.46 28.24 -52.23
CA SER F 151 48.02 28.88 -51.00
C SER F 151 48.36 28.04 -49.78
N GLY F 152 48.17 26.71 -49.89
CA GLY F 152 48.54 25.84 -48.80
C GLY F 152 50.02 25.82 -48.51
N SER F 153 50.84 25.99 -49.55
CA SER F 153 52.29 26.02 -49.35
C SER F 153 52.70 27.22 -48.49
N LYS F 154 52.06 28.36 -48.70
CA LYS F 154 52.33 29.55 -47.91
C LYS F 154 51.42 29.65 -46.68
N GLY F 155 50.49 28.72 -46.49
CA GLY F 155 49.65 28.74 -45.32
C GLY F 155 48.55 29.78 -45.33
N ASN F 156 48.27 30.40 -46.48
CA ASN F 156 47.23 31.40 -46.55
C ASN F 156 45.86 30.73 -46.54
N ALA F 157 45.33 30.49 -45.34
CA ALA F 157 44.05 29.78 -45.22
C ALA F 157 42.91 30.57 -45.85
N GLN F 158 42.89 31.88 -45.64
CA GLN F 158 41.80 32.69 -46.17
C GLN F 158 41.76 32.64 -47.69
N ARG F 159 42.94 32.72 -48.33
CA ARG F 159 42.99 32.62 -49.79
C ARG F 159 42.55 31.24 -50.25
N GLY F 160 42.98 30.19 -49.55
CA GLY F 160 42.65 28.84 -49.97
C GLY F 160 41.16 28.56 -49.93
N LEU F 161 40.49 28.95 -48.85
CA LEU F 161 39.06 28.72 -48.75
C LEU F 161 38.29 29.56 -49.74
N GLU F 162 38.76 30.78 -50.03
CA GLU F 162 38.08 31.61 -51.01
C GLU F 162 38.13 30.97 -52.40
N LEU F 163 39.27 30.39 -52.76
CA LEU F 163 39.38 29.70 -54.04
C LEU F 163 38.49 28.45 -54.08
N LEU F 164 38.43 27.71 -52.97
CA LEU F 164 37.57 26.53 -52.94
C LEU F 164 36.10 26.93 -53.10
N ALA F 165 35.70 28.05 -52.50
CA ALA F 165 34.34 28.53 -52.68
C ALA F 165 34.07 28.86 -54.14
N ALA F 166 35.09 29.37 -54.85
CA ALA F 166 34.94 29.65 -56.26
C ALA F 166 34.68 28.38 -57.05
N MET F 167 35.38 27.29 -56.72
CA MET F 167 35.17 26.03 -57.42
C MET F 167 33.74 25.54 -57.26
N GLU F 168 33.21 25.60 -56.03
CA GLU F 168 31.81 25.25 -55.81
C GLU F 168 30.89 26.19 -56.57
N LYS F 169 31.20 27.49 -56.57
CA LYS F 169 30.47 28.44 -57.40
C LYS F 169 30.70 28.15 -58.88
N LEU F 170 31.86 27.59 -59.23
CA LEU F 170 32.12 27.13 -60.58
C LEU F 170 31.61 25.72 -60.82
N ASN F 171 31.04 25.08 -59.80
CA ASN F 171 30.46 23.75 -59.90
C ASN F 171 31.50 22.72 -60.33
N TYR F 172 32.52 22.57 -59.49
CA TYR F 172 33.58 21.58 -59.68
C TYR F 172 33.62 20.63 -58.49
N ASP F 173 34.58 19.71 -58.52
CA ASP F 173 34.78 18.74 -57.44
C ASP F 173 35.68 19.39 -56.39
N ILE F 174 35.06 20.03 -55.40
CA ILE F 174 35.81 20.71 -54.36
C ILE F 174 36.56 19.72 -53.48
N ARG F 175 36.04 18.50 -53.35
CA ARG F 175 36.60 17.54 -52.39
C ARG F 175 38.06 17.22 -52.69
N GLN F 176 38.36 16.91 -53.95
CA GLN F 176 39.73 16.52 -54.28
C GLN F 176 40.71 17.67 -54.05
N ALA F 177 40.31 18.89 -54.40
CA ALA F 177 41.15 20.05 -54.09
C ALA F 177 41.20 20.30 -52.59
N TRP F 178 40.09 20.05 -51.89
CA TRP F 178 40.06 20.26 -50.45
C TRP F 178 41.04 19.33 -49.73
N LEU F 179 41.22 18.11 -50.23
CA LEU F 179 42.20 17.20 -49.63
C LEU F 179 43.61 17.75 -49.76
N ILE F 180 43.95 18.30 -50.93
CA ILE F 180 45.30 18.79 -51.16
C ILE F 180 45.61 19.99 -50.28
N LEU F 181 44.64 20.90 -50.14
CA LEU F 181 44.86 22.08 -49.32
C LEU F 181 45.11 21.69 -47.86
N VAL F 182 44.33 20.75 -47.34
CA VAL F 182 44.53 20.29 -45.97
C VAL F 182 45.90 19.63 -45.82
N GLU F 183 46.28 18.80 -46.78
CA GLU F 183 47.57 18.13 -46.73
C GLU F 183 48.71 19.14 -46.79
N GLU F 184 48.58 20.17 -47.63
CA GLU F 184 49.63 21.17 -47.75
C GLU F 184 49.84 21.92 -46.45
N LEU F 185 48.74 22.29 -45.77
CA LEU F 185 48.87 22.99 -44.49
C LEU F 185 49.56 22.10 -43.46
N VAL F 186 49.22 20.81 -43.43
CA VAL F 186 49.94 19.89 -42.57
C VAL F 186 51.39 19.74 -43.02
N ARG F 187 51.62 19.74 -44.33
CA ARG F 187 52.98 19.64 -44.85
C ARG F 187 53.82 20.84 -44.42
N THR F 188 53.23 22.03 -44.44
CA THR F 188 53.91 23.26 -44.04
C THR F 188 53.78 23.53 -42.55
N ASN F 189 53.37 22.55 -41.76
CA ASN F 189 53.25 22.66 -40.30
C ASN F 189 52.26 23.72 -39.87
N HIS F 190 51.32 24.07 -40.74
CA HIS F 190 50.23 24.98 -40.38
C HIS F 190 49.03 24.19 -39.87
N LEU F 191 49.27 23.48 -38.76
CA LEU F 191 48.27 22.53 -38.25
C LEU F 191 47.00 23.24 -37.79
N GLU F 192 47.15 24.39 -37.11
CA GLU F 192 45.98 25.10 -36.61
C GLU F 192 45.08 25.54 -37.75
N GLU F 193 45.68 26.09 -38.82
CA GLU F 193 44.90 26.47 -39.99
C GLU F 193 44.32 25.23 -40.68
N ALA F 194 45.06 24.13 -40.67
CA ALA F 194 44.57 22.90 -41.28
C ALA F 194 43.32 22.39 -40.57
N ASN F 195 43.27 22.55 -39.25
CA ASN F 195 42.08 22.15 -38.50
C ASN F 195 40.87 22.93 -38.96
N LYS F 196 41.02 24.24 -39.20
CA LYS F 196 39.91 25.05 -39.66
C LYS F 196 39.40 24.58 -41.02
N VAL F 197 40.33 24.29 -41.94
CA VAL F 197 39.93 23.86 -43.28
C VAL F 197 39.35 22.46 -43.24
N PHE F 198 40.01 21.54 -42.51
CA PHE F 198 39.56 20.15 -42.50
C PHE F 198 38.20 20.01 -41.84
N LEU F 199 37.99 20.67 -40.70
CA LEU F 199 36.71 20.55 -40.01
C LEU F 199 35.58 21.13 -40.83
N LYS F 200 35.80 22.29 -41.46
CA LYS F 200 34.74 22.92 -42.25
C LYS F 200 34.31 22.02 -43.40
N GLY F 201 35.27 21.39 -44.08
CA GLY F 201 34.92 20.38 -45.07
C GLY F 201 34.27 19.16 -44.44
N ALA F 202 34.73 18.77 -43.26
CA ALA F 202 34.16 17.61 -42.60
C ALA F 202 32.69 17.84 -42.24
N ARG F 203 32.36 19.02 -41.73
CA ARG F 203 30.97 19.32 -41.42
C ARG F 203 30.11 19.36 -42.68
N GLY F 204 30.71 19.68 -43.83
CA GLY F 204 29.94 19.72 -45.06
C GLY F 204 29.37 18.37 -45.45
N GLY F 205 30.15 17.31 -45.26
CA GLY F 205 29.67 15.98 -45.57
C GLY F 205 30.63 15.17 -46.42
N MET F 206 31.60 15.85 -47.03
CA MET F 206 32.59 15.14 -47.84
C MET F 206 33.50 14.31 -46.97
N ARG F 207 33.89 13.14 -47.48
CA ARG F 207 34.72 12.20 -46.75
C ARG F 207 36.17 12.32 -47.22
N ALA F 208 37.08 12.50 -46.27
CA ALA F 208 38.50 12.55 -46.59
C ALA F 208 39.04 11.15 -46.84
N THR F 209 40.26 11.09 -47.35
CA THR F 209 40.90 9.81 -47.59
C THR F 209 41.33 9.19 -46.27
N ASP F 210 41.60 7.88 -46.32
CA ASP F 210 42.05 7.17 -45.13
C ASP F 210 43.38 7.72 -44.64
N GLN F 211 44.29 8.02 -45.56
CA GLN F 211 45.59 8.57 -45.17
C GLN F 211 45.41 9.93 -44.50
N LEU F 212 44.53 10.77 -45.03
CA LEU F 212 44.34 12.10 -44.47
C LEU F 212 43.82 12.04 -43.04
N TYR F 213 42.86 11.15 -42.78
CA TYR F 213 42.36 10.97 -41.41
C TYR F 213 43.48 10.52 -40.49
N ASP F 214 44.27 9.53 -40.94
CA ASP F 214 45.39 9.07 -40.13
C ASP F 214 46.44 10.15 -39.95
N LEU F 215 46.77 10.87 -41.02
CA LEU F 215 47.76 11.94 -40.93
C LEU F 215 47.27 13.06 -40.03
N MET F 216 46.04 13.52 -40.24
CA MET F 216 45.53 14.67 -39.51
C MET F 216 45.41 14.38 -38.02
N ILE F 217 44.89 13.21 -37.66
CA ILE F 217 44.72 12.87 -36.26
C ILE F 217 46.07 12.74 -35.56
N GLU F 218 47.01 12.05 -36.19
CA GLU F 218 48.31 11.80 -35.56
C GLU F 218 49.05 13.11 -35.30
N GLU F 219 49.00 14.05 -36.25
CA GLU F 219 49.67 15.32 -36.06
C GLU F 219 49.08 16.11 -34.89
N ASP F 220 47.76 16.11 -34.77
CA ASP F 220 47.12 16.84 -33.67
C ASP F 220 47.52 16.25 -32.33
N CYS F 221 47.54 14.92 -32.23
CA CYS F 221 47.92 14.29 -30.96
C CYS F 221 49.40 14.50 -30.65
N LYS F 222 50.25 14.54 -31.67
CA LYS F 222 51.66 14.87 -31.44
C LYS F 222 51.81 16.30 -30.93
N ALA F 223 50.93 17.20 -31.39
CA ALA F 223 50.97 18.59 -30.99
C ALA F 223 50.09 18.87 -29.77
N GLY F 224 49.55 17.83 -29.14
CA GLY F 224 48.66 18.02 -28.00
C GLY F 224 47.36 18.71 -28.35
N ASP F 225 46.74 18.32 -29.45
CA ASP F 225 45.52 18.95 -29.93
C ASP F 225 44.37 17.94 -29.88
N HIS F 226 44.27 17.22 -28.75
CA HIS F 226 43.25 16.18 -28.61
C HIS F 226 41.84 16.72 -28.84
N SER F 227 41.60 17.98 -28.51
CA SER F 227 40.28 18.56 -28.73
C SER F 227 39.92 18.54 -30.21
N ASN F 228 40.86 18.93 -31.07
CA ASN F 228 40.61 18.87 -32.51
C ASN F 228 40.68 17.45 -33.03
N ALA F 229 41.61 16.65 -32.49
CA ALA F 229 41.74 15.27 -32.95
C ALA F 229 40.47 14.47 -32.65
N LEU F 230 39.92 14.64 -31.45
CA LEU F 230 38.69 13.93 -31.11
C LEU F 230 37.53 14.37 -31.99
N ASP F 231 37.43 15.68 -32.24
CA ASP F 231 36.38 16.17 -33.13
C ASP F 231 36.56 15.64 -34.54
N ILE F 232 37.80 15.59 -35.02
CA ILE F 232 38.08 15.02 -36.32
C ILE F 232 37.71 13.54 -36.35
N SER F 233 38.05 12.82 -35.28
CA SER F 233 37.73 11.39 -35.21
C SER F 233 36.23 11.16 -35.26
N TYR F 234 35.46 12.02 -34.59
CA TYR F 234 34.00 11.91 -34.66
C TYR F 234 33.51 12.13 -36.08
N GLU F 235 34.08 13.11 -36.79
CA GLU F 235 33.70 13.34 -38.18
C GLU F 235 34.03 12.14 -39.05
N MET F 236 35.18 11.49 -38.78
CA MET F 236 35.53 10.28 -39.52
C MET F 236 34.49 9.18 -39.29
N GLU F 237 34.04 9.03 -38.04
CA GLU F 237 33.03 8.02 -37.74
C GLU F 237 31.74 8.29 -38.50
N ALA F 238 31.33 9.56 -38.54
CA ALA F 238 30.15 9.93 -39.32
C ALA F 238 30.39 9.82 -40.82
N ALA F 239 31.66 9.81 -41.24
CA ALA F 239 32.00 9.73 -42.66
C ALA F 239 31.99 8.31 -43.20
N GLY F 240 31.77 7.31 -42.35
CA GLY F 240 31.72 5.93 -42.78
C GLY F 240 32.95 5.11 -42.49
N ARG F 241 33.97 5.69 -41.85
CA ARG F 241 35.17 4.97 -41.45
C ARG F 241 35.22 4.91 -39.93
N PHE F 242 35.53 3.73 -39.39
CA PHE F 242 35.56 3.53 -37.96
C PHE F 242 37.00 3.59 -37.45
N ALA F 243 37.16 4.18 -36.27
CA ALA F 243 38.47 4.36 -35.68
C ALA F 243 39.03 3.00 -35.27
N THR F 244 40.14 2.60 -35.87
CA THR F 244 40.80 1.35 -35.53
C THR F 244 41.66 1.56 -34.29
N THR F 245 42.51 0.58 -33.97
CA THR F 245 43.38 0.69 -32.81
C THR F 245 44.35 1.86 -32.97
N PHE F 246 44.78 2.14 -34.20
CA PHE F 246 45.75 3.21 -34.42
C PHE F 246 45.19 4.56 -33.99
N HIS F 247 43.94 4.84 -34.34
CA HIS F 247 43.36 6.13 -34.01
C HIS F 247 43.18 6.30 -32.50
N PHE F 248 42.77 5.25 -31.81
CA PHE F 248 42.62 5.33 -30.37
C PHE F 248 43.97 5.50 -29.68
N ASN F 249 45.01 4.88 -30.24
CA ASN F 249 46.35 5.02 -29.66
C ASN F 249 46.81 6.47 -29.70
N CYS F 250 46.52 7.18 -30.79
CA CYS F 250 46.86 8.59 -30.87
C CYS F 250 46.14 9.39 -29.80
N LEU F 251 44.85 9.13 -29.60
CA LEU F 251 44.09 9.86 -28.60
C LEU F 251 44.59 9.55 -27.19
N LEU F 252 44.94 8.30 -26.92
CA LEU F 252 45.42 7.93 -25.59
C LEU F 252 46.75 8.60 -25.26
N SER F 253 47.56 8.90 -26.28
CA SER F 253 48.84 9.56 -26.05
C SER F 253 48.67 10.91 -25.38
N VAL F 254 47.52 11.56 -25.57
CA VAL F 254 47.25 12.85 -24.95
C VAL F 254 46.45 12.69 -23.66
N GLN F 255 45.49 11.77 -23.65
CA GLN F 255 44.68 11.56 -22.45
C GLN F 255 45.51 11.03 -21.29
N ALA F 256 46.58 10.30 -21.58
CA ALA F 256 47.42 9.75 -20.52
C ALA F 256 48.16 10.83 -19.75
N THR F 257 48.25 12.05 -20.29
CA THR F 257 48.96 13.14 -19.65
C THR F 257 48.04 14.13 -18.97
N CYS F 258 46.72 13.94 -19.06
CA CYS F 258 45.79 14.89 -18.45
C CYS F 258 45.76 14.81 -16.93
N GLY F 259 46.32 13.75 -16.35
CA GLY F 259 46.29 13.56 -14.92
C GLY F 259 45.03 12.93 -14.39
N ILE F 260 44.06 12.61 -15.24
CA ILE F 260 42.83 11.94 -14.85
C ILE F 260 42.78 10.59 -15.55
N PRO F 261 43.11 9.51 -14.83
CA PRO F 261 43.13 8.19 -15.47
C PRO F 261 41.77 7.75 -16.01
N GLU F 262 40.68 8.21 -15.39
CA GLU F 262 39.35 7.80 -15.85
C GLU F 262 39.08 8.24 -17.27
N VAL F 263 39.65 9.38 -17.67
CA VAL F 263 39.49 9.84 -19.05
C VAL F 263 40.15 8.87 -20.01
N ALA F 264 41.38 8.44 -19.68
CA ALA F 264 42.07 7.48 -20.54
C ALA F 264 41.45 6.09 -20.42
N TYR F 265 41.00 5.72 -19.23
CA TYR F 265 40.40 4.41 -19.03
C TYR F 265 39.08 4.28 -19.77
N ALA F 266 38.31 5.36 -19.84
CA ALA F 266 37.04 5.33 -20.58
C ALA F 266 37.28 5.05 -22.05
N THR F 267 38.32 5.67 -22.63
CA THR F 267 38.68 5.36 -24.01
C THR F 267 39.13 3.92 -24.15
N PHE F 268 39.88 3.41 -23.16
CA PHE F 268 40.32 2.03 -23.19
C PHE F 268 39.13 1.07 -23.17
N GLU F 269 38.13 1.34 -22.32
CA GLU F 269 36.96 0.48 -22.27
C GLU F 269 36.20 0.51 -23.60
N ASN F 270 36.11 1.69 -24.23
CA ASN F 270 35.41 1.79 -25.50
C ASN F 270 36.05 0.93 -26.57
N MET F 271 37.36 0.69 -26.47
CA MET F 271 38.04 -0.15 -27.45
C MET F 271 38.32 -1.55 -26.95
N GLU F 272 38.41 -1.76 -25.63
CA GLU F 272 38.59 -3.10 -25.10
C GLU F 272 37.36 -3.96 -25.36
N TYR F 273 36.17 -3.43 -25.08
CA TYR F 273 34.92 -4.12 -25.34
C TYR F 273 34.31 -3.63 -26.66
N GLY F 274 35.03 -3.86 -27.74
CA GLY F 274 34.60 -3.41 -29.05
C GLY F 274 34.87 -4.42 -30.15
N GLU F 275 34.96 -3.95 -31.38
CA GLU F 275 35.20 -4.82 -32.51
C GLU F 275 36.65 -5.30 -32.52
N ASP F 276 36.95 -6.22 -33.44
CA ASP F 276 38.28 -6.80 -33.52
C ASP F 276 39.33 -5.76 -33.88
N PHE F 277 39.04 -4.90 -34.85
CA PHE F 277 40.01 -3.89 -35.25
C PHE F 277 40.19 -2.81 -34.20
N MET F 278 39.28 -2.71 -33.24
CA MET F 278 39.41 -1.78 -32.13
C MET F 278 40.06 -2.40 -30.91
N LYS F 279 40.45 -3.67 -30.98
CA LYS F 279 41.02 -4.33 -29.82
C LYS F 279 42.35 -3.69 -29.44
N PRO F 280 42.62 -3.52 -28.15
CA PRO F 280 43.87 -2.87 -27.75
C PRO F 280 45.08 -3.70 -28.12
N ASP F 281 46.20 -3.00 -28.34
CA ASP F 281 47.49 -3.61 -28.62
C ASP F 281 48.47 -3.22 -27.51
N THR F 282 49.75 -3.55 -27.73
CA THR F 282 50.77 -3.27 -26.72
C THR F 282 50.87 -1.77 -26.43
N GLU F 283 50.83 -0.95 -27.48
CA GLU F 283 50.92 0.49 -27.28
C GLU F 283 49.75 1.01 -26.44
N THR F 284 48.55 0.48 -26.70
CA THR F 284 47.36 0.96 -25.98
C THR F 284 47.47 0.70 -24.49
N TYR F 285 47.93 -0.49 -24.10
CA TYR F 285 48.04 -0.81 -22.69
C TYR F 285 49.05 0.08 -21.99
N ASN F 286 50.10 0.50 -22.70
CA ASN F 286 51.10 1.38 -22.09
C ASN F 286 50.49 2.71 -21.70
N TRP F 287 49.67 3.29 -22.58
CA TRP F 287 49.09 4.60 -22.28
C TRP F 287 48.16 4.54 -21.07
N VAL F 288 47.33 3.49 -21.00
CA VAL F 288 46.38 3.37 -19.90
C VAL F 288 47.12 3.20 -18.57
N ILE F 289 48.15 2.36 -18.55
CA ILE F 289 48.96 2.22 -17.35
C ILE F 289 49.65 3.53 -17.01
N GLN F 290 50.21 4.20 -18.01
CA GLN F 290 50.91 5.46 -17.77
C GLN F 290 49.99 6.49 -17.13
N ALA F 291 48.73 6.54 -17.55
CA ALA F 291 47.79 7.49 -16.97
C ALA F 291 47.59 7.23 -15.48
N TYR F 292 47.47 5.95 -15.10
CA TYR F 292 47.26 5.63 -13.69
C TYR F 292 48.53 5.84 -12.87
N THR F 293 49.70 5.51 -13.43
CA THR F 293 50.95 5.70 -12.71
C THR F 293 51.19 7.18 -12.42
N ARG F 294 51.09 8.01 -13.44
CA ARG F 294 51.33 9.45 -13.30
C ARG F 294 50.07 10.18 -12.88
N ALA F 295 49.47 9.73 -11.79
CA ALA F 295 48.22 10.30 -11.28
C ALA F 295 48.50 11.15 -10.05
N ASP F 296 47.94 12.36 -10.05
CA ASP F 296 48.05 13.28 -8.92
C ASP F 296 46.89 13.15 -7.96
N SER F 297 46.36 11.94 -7.81
CA SER F 297 45.11 11.72 -7.08
C SER F 297 45.20 10.45 -6.23
N TYR F 298 44.05 9.94 -5.82
CA TYR F 298 43.94 8.82 -4.89
C TYR F 298 44.69 7.60 -5.43
N ASP F 299 44.83 6.60 -4.55
CA ASP F 299 45.63 5.42 -4.87
C ASP F 299 45.10 4.72 -6.12
N ARG F 300 46.02 4.35 -7.01
CA ARG F 300 45.67 3.70 -8.26
C ARG F 300 46.39 2.36 -8.46
N VAL F 301 47.05 1.85 -7.42
CA VAL F 301 47.84 0.62 -7.61
C VAL F 301 46.93 -0.55 -7.91
N GLN F 302 45.73 -0.59 -7.33
CA GLN F 302 44.79 -1.67 -7.62
C GLN F 302 44.38 -1.66 -9.08
N ASP F 303 44.14 -0.47 -9.64
CA ASP F 303 43.70 -0.38 -11.03
C ASP F 303 44.81 -0.82 -11.98
N VAL F 304 46.06 -0.45 -11.69
CA VAL F 304 47.17 -0.87 -12.55
C VAL F 304 47.30 -2.38 -12.54
N ALA F 305 47.17 -3.01 -11.36
CA ALA F 305 47.25 -4.46 -11.28
C ALA F 305 46.15 -5.13 -12.08
N GLU F 306 44.91 -4.62 -11.96
CA GLU F 306 43.83 -5.15 -12.77
C GLU F 306 44.06 -4.88 -14.26
N LEU F 307 44.54 -3.69 -14.59
CA LEU F 307 44.86 -3.38 -15.98
C LEU F 307 45.95 -4.30 -16.50
N LEU F 308 46.96 -4.55 -15.68
CA LEU F 308 47.97 -5.55 -16.02
C LEU F 308 47.34 -6.93 -16.14
N GLY F 309 46.36 -7.23 -15.29
CA GLY F 309 45.70 -8.52 -15.37
C GLY F 309 45.00 -8.74 -16.70
N MET F 310 44.45 -7.67 -17.28
CA MET F 310 43.84 -7.80 -18.60
C MET F 310 44.88 -8.13 -19.65
N MET F 311 46.05 -7.48 -19.58
CA MET F 311 47.08 -7.68 -20.60
C MET F 311 47.61 -9.11 -20.59
N VAL F 312 47.87 -9.67 -19.40
CA VAL F 312 48.38 -11.03 -19.33
C VAL F 312 47.31 -12.02 -19.81
N GLU F 313 46.04 -11.75 -19.49
CA GLU F 313 44.97 -12.58 -20.02
C GLU F 313 44.90 -12.50 -21.54
N ASP F 314 45.19 -11.34 -22.11
CA ASP F 314 45.24 -11.18 -23.57
C ASP F 314 46.66 -11.41 -24.08
N TYR F 315 47.24 -12.55 -23.70
CA TYR F 315 48.62 -12.85 -24.10
C TYR F 315 48.70 -13.31 -25.55
N LYS F 316 47.65 -13.94 -26.07
CA LYS F 316 47.67 -14.41 -27.45
C LYS F 316 47.75 -13.27 -28.45
N ARG F 317 47.42 -12.05 -28.04
CA ARG F 317 47.43 -10.89 -28.92
C ARG F 317 48.46 -9.85 -28.52
N VAL F 318 48.63 -9.60 -27.23
CA VAL F 318 49.45 -8.50 -26.72
C VAL F 318 50.65 -9.07 -25.98
N GLN F 319 51.83 -8.58 -26.32
CA GLN F 319 53.05 -8.90 -25.62
C GLN F 319 53.71 -7.63 -25.11
N PRO F 320 54.26 -7.65 -23.90
CA PRO F 320 54.80 -6.42 -23.31
C PRO F 320 56.04 -5.94 -24.03
N ASN F 321 56.31 -4.65 -23.89
CA ASN F 321 57.49 -4.04 -24.50
C ASN F 321 58.32 -3.33 -23.45
N VAL F 322 59.32 -2.56 -23.89
CA VAL F 322 60.20 -1.86 -22.96
C VAL F 322 59.41 -0.86 -22.14
N LYS F 323 58.52 -0.11 -22.79
CA LYS F 323 57.75 0.90 -22.08
C LYS F 323 56.81 0.27 -21.06
N THR F 324 56.33 -0.94 -21.32
CA THR F 324 55.42 -1.60 -20.40
C THR F 324 56.08 -1.86 -19.06
N HIS F 325 57.25 -2.49 -19.07
CA HIS F 325 57.94 -2.78 -17.82
C HIS F 325 58.48 -1.51 -17.17
N ALA F 326 58.76 -0.48 -17.97
CA ALA F 326 59.22 0.78 -17.40
C ALA F 326 58.15 1.39 -16.50
N LEU F 327 56.89 1.33 -16.93
CA LEU F 327 55.81 1.91 -16.14
C LEU F 327 55.49 1.02 -14.93
N LEU F 328 55.49 -0.30 -15.12
CA LEU F 328 55.19 -1.20 -14.02
C LEU F 328 56.24 -1.09 -12.92
N VAL F 329 57.51 -1.02 -13.29
CA VAL F 329 58.55 -0.77 -12.30
C VAL F 329 58.36 0.61 -11.67
N GLU F 330 58.01 1.60 -12.49
CA GLU F 330 57.72 2.92 -11.95
C GLU F 330 56.53 2.88 -11.01
N CYS F 331 55.47 2.16 -11.38
CA CYS F 331 54.28 2.11 -10.55
C CYS F 331 54.55 1.37 -9.24
N PHE F 332 55.14 0.19 -9.32
CA PHE F 332 55.30 -0.65 -8.13
C PHE F 332 56.31 -0.03 -7.16
N THR F 333 57.40 0.54 -7.67
CA THR F 333 58.35 1.20 -6.78
C THR F 333 57.72 2.38 -6.09
N LYS F 334 56.90 3.14 -6.81
CA LYS F 334 56.24 4.31 -6.21
C LYS F 334 55.29 3.89 -5.10
N TYR F 335 54.55 2.81 -5.30
CA TYR F 335 53.60 2.32 -4.31
C TYR F 335 54.23 1.37 -3.30
N CYS F 336 55.56 1.35 -3.22
CA CYS F 336 56.36 0.63 -2.22
C CYS F 336 56.31 -0.89 -2.37
N VAL F 337 55.54 -1.42 -3.31
CA VAL F 337 55.56 -2.85 -3.57
C VAL F 337 56.78 -3.14 -4.42
N VAL F 338 57.80 -3.77 -3.81
CA VAL F 338 59.10 -3.92 -4.44
C VAL F 338 59.25 -5.28 -5.09
N LYS F 339 58.68 -6.33 -4.49
CA LYS F 339 58.87 -7.68 -5.01
C LYS F 339 58.34 -7.80 -6.43
N GLU F 340 57.19 -7.20 -6.72
CA GLU F 340 56.70 -7.18 -8.09
C GLU F 340 57.48 -6.22 -8.97
N ALA F 341 58.03 -5.16 -8.39
CA ALA F 341 58.87 -4.25 -9.17
C ALA F 341 60.12 -4.96 -9.66
N ILE F 342 60.71 -5.81 -8.83
CA ILE F 342 61.92 -6.53 -9.21
C ILE F 342 61.64 -7.45 -10.39
N ARG F 343 60.48 -8.12 -10.38
CA ARG F 343 60.16 -9.07 -11.44
C ARG F 343 60.13 -8.39 -12.80
N HIS F 344 59.49 -7.22 -12.88
CA HIS F 344 59.42 -6.51 -14.14
C HIS F 344 60.75 -5.87 -14.51
N PHE F 345 61.55 -5.49 -13.52
CA PHE F 345 62.87 -4.96 -13.82
C PHE F 345 63.75 -6.02 -14.45
N ARG F 346 63.64 -7.27 -13.98
CA ARG F 346 64.41 -8.36 -14.59
C ARG F 346 64.03 -8.54 -16.05
N ALA F 347 62.73 -8.45 -16.35
CA ALA F 347 62.31 -8.48 -17.76
C ALA F 347 62.75 -7.21 -18.49
N LEU F 348 62.82 -6.09 -17.78
CA LEU F 348 63.27 -4.85 -18.39
C LEU F 348 64.74 -4.93 -18.81
N LYS F 349 65.55 -5.64 -18.03
CA LYS F 349 66.97 -5.78 -18.35
C LYS F 349 67.20 -6.49 -19.67
N ASN F 350 66.24 -7.32 -20.11
CA ASN F 350 66.41 -8.07 -21.35
C ASN F 350 66.33 -7.18 -22.59
N PHE F 351 65.90 -5.93 -22.46
CA PHE F 351 65.82 -5.01 -23.57
C PHE F 351 67.06 -4.13 -23.62
N GLU F 352 67.49 -3.79 -24.84
CA GLU F 352 68.72 -3.01 -24.99
C GLU F 352 68.57 -1.61 -24.39
N GLY F 353 67.40 -0.99 -24.57
CA GLY F 353 67.20 0.34 -23.99
C GLY F 353 67.29 0.31 -22.48
N GLY F 354 66.63 -0.65 -21.85
CA GLY F 354 66.81 -0.89 -20.42
C GLY F 354 66.48 0.32 -19.58
N THR F 355 67.40 0.66 -18.67
CA THR F 355 67.15 1.67 -17.66
C THR F 355 66.97 3.07 -18.24
N LYS F 356 67.48 3.32 -19.45
CA LYS F 356 67.32 4.65 -20.05
C LYS F 356 65.85 4.96 -20.27
N VAL F 357 65.07 3.97 -20.70
CA VAL F 357 63.62 4.16 -20.82
C VAL F 357 63.01 4.45 -19.44
N LEU F 358 63.44 3.69 -18.44
CA LEU F 358 62.93 3.92 -17.08
C LEU F 358 63.38 5.27 -16.54
N HIS F 359 64.54 5.76 -16.99
CA HIS F 359 65.03 7.04 -16.50
C HIS F 359 64.10 8.19 -16.88
N ASN F 360 63.58 8.16 -18.12
CA ASN F 360 62.71 9.22 -18.62
C ASN F 360 63.36 10.58 -18.51
N ALA F 361 64.67 10.64 -18.78
CA ALA F 361 65.45 11.87 -18.69
C ALA F 361 65.31 12.52 -17.33
N GLY F 362 65.21 11.70 -16.29
CA GLY F 362 65.06 12.21 -14.94
C GLY F 362 63.76 12.91 -14.66
N ASN F 363 62.78 12.81 -15.55
CA ASN F 363 61.51 13.51 -15.38
C ASN F 363 60.53 12.65 -14.59
N PHE F 364 59.42 13.28 -14.19
CA PHE F 364 58.36 12.62 -13.42
C PHE F 364 58.89 12.04 -12.11
N GLU F 365 59.81 12.77 -11.47
CA GLU F 365 60.41 12.32 -10.21
C GLU F 365 61.06 10.95 -10.39
N ASP F 366 62.16 10.96 -11.13
CA ASP F 366 62.74 9.85 -11.87
C ASP F 366 62.55 8.51 -11.17
N PRO F 367 61.87 7.56 -11.82
CA PRO F 367 61.63 6.27 -11.18
C PRO F 367 62.85 5.38 -11.14
N LEU F 368 63.81 5.58 -12.05
CA LEU F 368 65.00 4.76 -12.05
C LEU F 368 65.78 4.92 -10.75
N SER F 369 65.86 6.16 -10.24
CA SER F 369 66.48 6.37 -8.94
C SER F 369 65.68 5.72 -7.83
N LEU F 370 64.35 5.78 -7.92
CA LEU F 370 63.51 5.21 -6.88
C LEU F 370 63.74 3.71 -6.74
N TYR F 371 63.85 3.01 -7.88
CA TYR F 371 64.07 1.57 -7.83
C TYR F 371 65.38 1.24 -7.12
N LEU F 372 66.44 2.00 -7.42
CA LEU F 372 67.69 1.84 -6.69
C LEU F 372 67.51 2.18 -5.22
N ARG F 373 66.79 3.27 -4.93
CA ARG F 373 66.62 3.70 -3.56
C ARG F 373 65.71 2.74 -2.79
N ALA F 374 64.68 2.21 -3.44
CA ALA F 374 63.79 1.26 -2.78
C ALA F 374 64.52 0.00 -2.38
N LEU F 375 65.39 -0.51 -3.26
CA LEU F 375 66.16 -1.71 -2.93
C LEU F 375 67.11 -1.45 -1.77
N CYS F 376 67.72 -0.26 -1.72
CA CYS F 376 68.64 0.06 -0.65
C CYS F 376 67.94 0.08 0.71
N ARG F 377 66.77 0.72 0.77
CA ARG F 377 66.04 0.80 2.03
C ARG F 377 65.46 -0.56 2.41
N GLU F 378 64.99 -1.33 1.43
CA GLU F 378 64.48 -2.66 1.71
C GLU F 378 65.58 -3.66 2.01
N GLY F 379 66.84 -3.29 1.77
CA GLY F 379 67.94 -4.20 2.05
C GLY F 379 68.20 -5.25 0.99
N ARG F 380 67.49 -5.20 -0.13
CA ARG F 380 67.67 -6.18 -1.20
C ARG F 380 68.89 -5.79 -2.03
N ILE F 381 70.05 -5.93 -1.40
CA ILE F 381 71.30 -5.48 -2.01
C ILE F 381 71.66 -6.36 -3.19
N VAL F 382 71.40 -7.67 -3.10
CA VAL F 382 71.75 -8.57 -4.19
C VAL F 382 71.04 -8.15 -5.48
N GLU F 383 69.77 -7.78 -5.38
CA GLU F 383 69.07 -7.23 -6.54
C GLU F 383 69.63 -5.86 -6.92
N LEU F 384 70.12 -5.10 -5.94
CA LEU F 384 70.65 -3.77 -6.24
C LEU F 384 71.89 -3.85 -7.13
N ILE F 385 72.80 -4.78 -6.84
CA ILE F 385 73.99 -4.89 -7.68
C ILE F 385 73.61 -5.38 -9.08
N ASP F 386 72.53 -6.16 -9.20
CA ASP F 386 72.06 -6.56 -10.52
C ASP F 386 71.54 -5.36 -11.29
N ALA F 387 70.85 -4.45 -10.61
CA ALA F 387 70.36 -3.24 -11.26
C ALA F 387 71.52 -2.39 -11.77
N LEU F 388 72.58 -2.27 -10.99
CA LEU F 388 73.73 -1.50 -11.41
C LEU F 388 74.38 -2.10 -12.65
N ASP F 389 74.34 -3.43 -12.78
CA ASP F 389 74.85 -4.07 -13.97
C ASP F 389 74.08 -3.65 -15.21
N ALA F 390 72.75 -3.55 -15.08
CA ALA F 390 71.94 -3.10 -16.20
C ALA F 390 72.29 -1.67 -16.61
N MET F 391 72.49 -0.79 -15.63
CA MET F 391 72.90 0.57 -15.94
C MET F 391 74.28 0.58 -16.58
N ARG F 392 75.21 -0.24 -16.08
CA ARG F 392 76.53 -0.33 -16.68
C ARG F 392 76.45 -0.88 -18.10
N ARG F 393 75.60 -1.89 -18.32
CA ARG F 393 75.44 -2.45 -19.65
C ARG F 393 74.89 -1.41 -20.63
N ASP F 394 74.04 -0.52 -20.15
CA ASP F 394 73.48 0.56 -20.97
C ASP F 394 74.18 1.90 -20.74
N ASN F 395 75.33 1.89 -20.07
CA ASN F 395 76.12 3.08 -19.75
C ASN F 395 75.23 4.24 -19.30
N GLN F 396 74.32 3.93 -18.37
CA GLN F 396 73.45 4.94 -17.79
C GLN F 396 74.03 5.38 -16.46
N PRO F 397 74.44 6.64 -16.32
CA PRO F 397 75.00 7.10 -15.05
C PRO F 397 73.95 7.11 -13.95
N ILE F 398 74.42 6.92 -12.72
CA ILE F 398 73.53 6.93 -11.55
C ILE F 398 73.05 8.35 -11.31
N PRO F 399 71.74 8.61 -11.34
CA PRO F 399 71.25 9.97 -11.17
C PRO F 399 71.51 10.48 -9.77
N PRO F 400 71.60 11.81 -9.60
CA PRO F 400 71.80 12.35 -8.25
C PRO F 400 70.68 12.02 -7.30
N ARG F 401 69.45 11.82 -7.80
CA ARG F 401 68.35 11.41 -6.93
C ARG F 401 68.63 10.06 -6.30
N ALA F 402 69.21 9.13 -7.07
CA ALA F 402 69.62 7.85 -6.50
C ALA F 402 70.71 8.05 -5.45
N MET F 403 71.65 8.95 -5.71
CA MET F 403 72.68 9.28 -4.74
C MET F 403 72.21 10.43 -3.83
N ILE F 404 71.02 10.27 -3.27
CA ILE F 404 70.48 11.27 -2.36
C ILE F 404 71.26 11.21 -1.06
N MET F 405 71.74 12.35 -0.60
CA MET F 405 72.57 12.40 0.59
C MET F 405 71.66 12.35 1.81
N SER F 406 71.58 11.17 2.43
CA SER F 406 70.78 11.04 3.63
C SER F 406 71.51 11.68 4.82
N ARG F 407 70.78 11.80 5.92
CA ARG F 407 71.39 12.27 7.16
C ARG F 407 72.47 11.28 7.60
N LYS F 408 73.38 11.76 8.44
CA LYS F 408 74.56 11.05 8.92
C LYS F 408 75.59 10.83 7.82
N TYR F 409 75.33 11.30 6.60
CA TYR F 409 76.27 11.25 5.49
C TYR F 409 76.71 9.81 5.19
N ARG F 410 75.72 9.00 4.80
CA ARG F 410 75.96 7.64 4.34
C ARG F 410 75.03 7.41 3.15
N THR F 411 75.61 7.29 1.95
CA THR F 411 74.82 7.07 0.74
C THR F 411 74.36 5.62 0.70
N LEU F 412 73.72 5.23 -0.42
CA LEU F 412 73.28 3.86 -0.59
C LEU F 412 74.44 2.87 -0.66
N VAL F 413 75.67 3.36 -0.86
CA VAL F 413 76.82 2.47 -0.90
C VAL F 413 77.09 1.83 0.46
N SER F 414 76.61 2.45 1.53
CA SER F 414 76.81 1.89 2.86
C SER F 414 75.59 2.02 3.76
N SER F 415 74.44 2.46 3.24
CA SER F 415 73.28 2.68 4.09
C SER F 415 72.65 1.39 4.59
N TRP F 416 73.00 0.24 4.01
CA TRP F 416 72.39 -1.02 4.41
C TRP F 416 73.18 -1.75 5.49
N ILE F 417 74.36 -1.27 5.86
CA ILE F 417 75.18 -1.98 6.84
C ILE F 417 74.51 -1.92 8.21
N GLU F 418 74.94 -2.81 9.11
CA GLU F 418 74.26 -3.02 10.38
C GLU F 418 74.04 -1.75 11.19
N PRO F 419 75.02 -0.86 11.37
CA PRO F 419 74.70 0.41 12.03
C PRO F 419 73.83 1.27 11.14
N LEU F 420 72.54 1.35 11.46
CA LEU F 420 71.58 2.08 10.65
C LEU F 420 71.38 3.47 11.23
N GLN F 421 71.47 4.48 10.37
CA GLN F 421 71.35 5.88 10.77
C GLN F 421 72.36 6.24 11.86
N GLU F 422 73.50 5.56 11.85
CA GLU F 422 74.56 5.79 12.83
C GLU F 422 75.81 6.26 12.11
N GLU F 423 76.51 7.21 12.72
CA GLU F 423 77.71 7.77 12.11
C GLU F 423 78.81 6.72 12.06
N ALA F 424 79.77 6.96 11.17
CA ALA F 424 80.88 6.03 10.97
C ALA F 424 81.91 6.21 12.08
N GLU F 425 83.08 5.58 11.92
CA GLU F 425 84.11 5.64 12.94
C GLU F 425 85.41 6.18 12.34
N LEU F 426 85.32 7.33 11.68
CA LEU F 426 86.51 7.99 11.16
C LEU F 426 87.48 8.29 12.30
N GLY F 427 88.78 8.16 12.01
CA GLY F 427 89.78 8.41 13.03
C GLY F 427 89.72 9.82 13.57
N TYR F 428 89.61 10.80 12.69
CA TYR F 428 89.47 12.18 13.12
C TYR F 428 88.03 12.47 13.51
N GLU F 429 87.86 13.47 14.38
CA GLU F 429 86.53 13.88 14.79
C GLU F 429 85.78 14.52 13.63
N ILE F 430 84.45 14.42 13.67
CA ILE F 430 83.65 15.00 12.60
C ILE F 430 83.79 16.52 12.61
N ASP F 431 83.47 17.13 11.46
CA ASP F 431 83.67 18.55 11.26
C ASP F 431 82.35 19.25 11.00
N TYR F 432 81.36 18.99 11.85
CA TYR F 432 79.99 19.47 11.69
C TYR F 432 79.90 20.93 11.25
N LEU F 433 80.87 21.75 11.65
CA LEU F 433 80.89 23.14 11.20
C LEU F 433 81.05 23.20 9.69
N ALA F 434 81.94 22.38 9.12
CA ALA F 434 82.09 22.34 7.68
C ALA F 434 80.82 21.83 7.01
N ARG F 435 80.17 20.83 7.62
CA ARG F 435 78.92 20.33 7.06
C ARG F 435 77.85 21.41 7.05
N TYR F 436 77.78 22.21 8.11
CA TYR F 436 76.83 23.32 8.13
C TYR F 436 77.14 24.32 7.03
N VAL F 437 78.43 24.60 6.80
CA VAL F 437 78.82 25.56 5.78
C VAL F 437 78.44 25.04 4.39
N GLU F 438 78.74 23.78 4.11
CA GLU F 438 78.53 23.24 2.77
C GLU F 438 77.05 23.11 2.43
N GLU F 439 76.18 22.99 3.43
CA GLU F 439 74.74 22.88 3.17
C GLU F 439 74.06 24.25 3.18
N GLY F 440 74.68 25.21 2.50
CA GLY F 440 74.17 26.56 2.40
C GLY F 440 73.72 27.19 3.70
N GLY F 441 74.30 26.74 4.82
CA GLY F 441 73.81 27.15 6.12
C GLY F 441 74.15 28.57 6.49
N LEU F 442 75.08 29.21 5.78
CA LEU F 442 75.52 30.54 6.15
C LEU F 442 74.44 31.58 5.86
N THR F 443 74.04 31.70 4.59
CA THR F 443 73.06 32.72 4.23
C THR F 443 72.00 32.21 3.27
N GLY F 444 72.36 31.24 2.43
CA GLY F 444 71.44 30.82 1.39
C GLY F 444 70.22 30.07 1.90
N GLU F 445 70.44 28.84 2.38
CA GLU F 445 69.38 27.99 2.89
C GLU F 445 69.95 26.67 3.39
N ARG F 446 69.28 26.05 4.35
CA ARG F 446 69.67 24.75 4.86
C ARG F 446 68.46 23.85 4.94
N LYS F 447 68.63 22.60 4.53
CA LYS F 447 67.55 21.61 4.66
C LYS F 447 67.41 21.29 6.13
N ARG F 448 66.43 21.91 6.78
CA ARG F 448 66.26 21.79 8.22
C ARG F 448 65.36 20.61 8.54
N TRP F 449 65.76 19.82 9.54
CA TRP F 449 65.04 18.61 9.93
C TRP F 449 64.00 18.87 11.00
N VAL F 450 63.46 20.09 11.08
CA VAL F 450 62.39 20.39 12.01
C VAL F 450 61.11 19.72 11.51
N PRO F 451 60.50 18.83 12.29
CA PRO F 451 59.23 18.25 11.88
C PRO F 451 58.11 19.28 11.95
N ARG F 452 57.53 19.58 10.79
CA ARG F 452 56.51 20.61 10.67
C ARG F 452 55.16 19.95 10.41
N ARG F 453 54.11 20.54 10.97
CA ARG F 453 52.78 20.02 10.76
C ARG F 453 52.39 20.12 9.29
N GLY F 454 51.75 19.08 8.79
CA GLY F 454 51.39 18.97 7.39
C GLY F 454 51.67 17.58 6.85
N LYS F 455 51.27 17.41 5.59
CA LYS F 455 51.39 16.12 4.92
C LYS F 455 52.57 16.06 3.96
N THR F 456 53.48 17.02 4.04
CA THR F 456 54.71 16.98 3.24
C THR F 456 55.76 16.17 3.99
N PRO F 457 56.32 15.12 3.38
CA PRO F 457 57.30 14.29 4.09
C PRO F 457 58.59 15.08 4.35
N LEU F 458 59.02 15.09 5.61
CA LEU F 458 60.23 15.81 5.97
C LEU F 458 61.46 15.21 5.32
N ASP F 459 61.53 13.88 5.27
CA ASP F 459 62.68 13.19 4.71
C ASP F 459 62.78 13.49 3.21
N PRO F 460 63.89 14.06 2.74
CA PRO F 460 64.02 14.32 1.30
C PRO F 460 64.02 13.06 0.46
N ASP F 461 64.38 11.91 1.04
CA ASP F 461 64.35 10.66 0.29
C ASP F 461 62.92 10.22 -0.02
N ALA F 462 61.94 10.65 0.78
CA ALA F 462 60.56 10.28 0.54
C ALA F 462 59.92 11.06 -0.58
N ALA F 463 60.65 12.01 -1.17
CA ALA F 463 60.08 12.87 -2.20
C ALA F 463 59.69 12.06 -3.42
N GLY F 464 58.40 12.10 -3.75
CA GLY F 464 57.93 11.50 -4.98
C GLY F 464 57.66 10.01 -4.94
N PHE F 465 57.70 9.38 -3.76
CA PHE F 465 57.38 7.97 -3.72
C PHE F 465 55.89 7.76 -3.94
N ILE F 466 55.07 8.23 -2.99
CA ILE F 466 53.61 8.34 -3.01
C ILE F 466 53.13 8.33 -1.58
N TYR F 467 53.53 7.30 -0.81
CA TYR F 467 53.22 7.24 0.61
C TYR F 467 54.43 7.63 1.45
N SER F 468 55.54 6.90 1.29
CA SER F 468 56.77 7.16 2.02
C SER F 468 57.84 6.24 1.44
N ASN F 469 59.05 6.35 1.97
CA ASN F 469 60.09 5.40 1.64
C ASN F 469 59.75 4.04 2.25
N PRO F 470 60.26 2.96 1.66
CA PRO F 470 60.17 1.66 2.32
C PRO F 470 60.86 1.71 3.67
N ILE F 471 60.29 0.98 4.64
CA ILE F 471 60.83 1.03 6.00
C ILE F 471 62.27 0.54 5.99
N GLU F 472 63.14 1.26 6.69
CA GLU F 472 64.56 0.99 6.66
C GLU F 472 64.87 -0.38 7.26
N THR F 473 65.51 -1.24 6.47
CA THR F 473 65.92 -2.56 6.92
C THR F 473 67.33 -2.84 6.44
N SER F 474 68.15 -3.44 7.29
CA SER F 474 69.51 -3.78 6.92
C SER F 474 69.53 -5.03 6.05
N PHE F 475 70.69 -5.27 5.43
CA PHE F 475 70.85 -6.49 4.65
C PHE F 475 70.75 -7.74 5.52
N LYS F 476 71.29 -7.67 6.73
CA LYS F 476 71.15 -8.79 7.66
C LYS F 476 69.69 -9.03 8.02
N GLN F 477 68.94 -7.96 8.28
CA GLN F 477 67.53 -8.12 8.56
C GLN F 477 66.77 -8.68 7.38
N ARG F 478 67.09 -8.21 6.17
CA ARG F 478 66.43 -8.72 4.97
C ARG F 478 66.73 -10.21 4.77
N CYS F 479 67.97 -10.62 5.05
CA CYS F 479 68.31 -12.04 4.94
C CYS F 479 67.51 -12.86 5.94
N LEU F 480 67.33 -12.34 7.16
CA LEU F 480 66.54 -13.05 8.16
C LEU F 480 65.11 -13.24 7.69
N GLU F 481 64.48 -12.19 7.17
CA GLU F 481 63.10 -12.29 6.74
C GLU F 481 62.95 -13.32 5.63
N ASP F 482 63.87 -13.32 4.66
CA ASP F 482 63.84 -14.34 3.63
C ASP F 482 64.08 -15.72 4.23
N TRP F 483 64.99 -15.81 5.21
CA TRP F 483 65.21 -17.07 5.90
C TRP F 483 63.97 -17.51 6.68
N LYS F 484 63.31 -16.56 7.34
CA LYS F 484 62.10 -16.88 8.07
C LYS F 484 60.98 -17.30 7.13
N VAL F 485 60.73 -16.49 6.10
CA VAL F 485 59.58 -16.74 5.23
C VAL F 485 59.74 -18.03 4.45
N HIS F 486 60.97 -18.36 4.04
CA HIS F 486 61.19 -19.60 3.30
C HIS F 486 60.84 -20.80 4.15
N HIS F 487 61.30 -20.82 5.41
CA HIS F 487 60.97 -21.93 6.28
C HIS F 487 59.51 -21.87 6.74
N ARG F 488 58.94 -20.67 6.83
CA ARG F 488 57.52 -20.56 7.11
C ARG F 488 56.69 -21.19 6.00
N LYS F 489 57.11 -20.99 4.75
CA LYS F 489 56.45 -21.68 3.64
C LYS F 489 56.67 -23.18 3.71
N LEU F 490 57.87 -23.61 4.14
CA LEU F 490 58.13 -25.04 4.29
C LEU F 490 57.20 -25.66 5.33
N LEU F 491 56.98 -24.98 6.45
CA LEU F 491 56.09 -25.50 7.48
C LEU F 491 54.67 -25.64 6.96
N ARG F 492 54.19 -24.62 6.23
CA ARG F 492 52.83 -24.69 5.69
C ARG F 492 52.69 -25.84 4.71
N THR F 493 53.68 -26.02 3.83
CA THR F 493 53.67 -27.16 2.93
C THR F 493 53.77 -28.48 3.71
N LEU F 494 54.63 -28.51 4.73
CA LEU F 494 54.72 -29.70 5.57
C LEU F 494 53.42 -29.94 6.31
N GLN F 495 52.81 -28.88 6.83
CA GLN F 495 51.55 -29.04 7.56
C GLN F 495 50.43 -29.55 6.66
N SER F 496 50.45 -29.16 5.38
CA SER F 496 49.38 -29.56 4.47
C SER F 496 49.35 -31.06 4.24
N GLU F 497 50.52 -31.69 4.06
CA GLU F 497 50.60 -33.12 3.79
C GLU F 497 51.25 -33.89 4.92
N GLY F 498 52.47 -33.52 5.30
CA GLY F 498 53.15 -34.16 6.41
C GLY F 498 53.86 -35.46 6.08
N LEU F 499 53.10 -36.54 5.93
CA LEU F 499 53.71 -37.84 5.65
C LEU F 499 54.07 -38.02 4.18
N PRO F 500 53.14 -37.83 3.23
CA PRO F 500 53.50 -38.08 1.83
C PRO F 500 54.61 -37.21 1.31
N VAL F 501 54.71 -35.96 1.77
CA VAL F 501 55.80 -35.08 1.32
C VAL F 501 57.15 -35.63 1.78
N LEU F 502 57.23 -36.07 3.03
CA LEU F 502 58.44 -36.74 3.50
C LEU F 502 58.63 -38.07 2.79
N GLY F 503 57.56 -38.85 2.67
CA GLY F 503 57.61 -40.12 1.96
C GLY F 503 58.17 -41.27 2.77
N ASP F 504 59.49 -41.29 2.93
CA ASP F 504 60.17 -42.39 3.62
C ASP F 504 60.38 -42.13 5.10
N ALA F 505 59.96 -40.98 5.61
CA ALA F 505 60.14 -40.69 7.03
C ALA F 505 59.02 -41.32 7.85
N SER F 506 59.26 -41.43 9.15
CA SER F 506 58.28 -41.96 10.08
C SER F 506 57.45 -40.84 10.69
N GLU F 507 56.39 -41.24 11.42
CA GLU F 507 55.54 -40.25 12.07
C GLU F 507 56.30 -39.49 13.14
N SER F 508 57.17 -40.18 13.88
CA SER F 508 57.99 -39.49 14.87
C SER F 508 58.91 -38.48 14.22
N ASP F 509 59.49 -38.83 13.08
CA ASP F 509 60.34 -37.89 12.35
C ASP F 509 59.55 -36.68 11.88
N TYR F 510 58.26 -36.86 11.61
CA TYR F 510 57.42 -35.73 11.19
C TYR F 510 57.35 -34.65 12.27
N MET F 511 57.38 -35.05 13.53
CA MET F 511 57.46 -34.06 14.60
C MET F 511 58.87 -33.49 14.73
N ARG F 512 59.89 -34.32 14.47
CA ARG F 512 61.26 -33.84 14.54
C ARG F 512 61.54 -32.79 13.49
N VAL F 513 61.05 -33.01 12.26
CA VAL F 513 61.19 -32.02 11.21
C VAL F 513 60.27 -30.83 11.40
N MET F 514 59.35 -30.89 12.37
CA MET F 514 58.48 -29.77 12.68
C MET F 514 59.11 -28.86 13.74
N GLU F 515 59.65 -29.46 14.80
CA GLU F 515 60.20 -28.65 15.89
C GLU F 515 61.37 -27.80 15.41
N ARG F 516 62.25 -28.37 14.57
CA ARG F 516 63.33 -27.57 14.00
C ARG F 516 62.76 -26.46 13.13
N LEU F 517 61.79 -26.78 12.27
CA LEU F 517 61.14 -25.75 11.48
C LEU F 517 60.45 -24.73 12.37
N ARG F 518 59.82 -25.18 13.45
CA ARG F 518 59.24 -24.25 14.41
C ARG F 518 60.33 -23.45 15.10
N ASN F 519 61.47 -24.07 15.40
CA ASN F 519 62.57 -23.37 16.05
C ASN F 519 63.33 -22.46 15.08
N ILE F 520 63.43 -22.86 13.82
CA ILE F 520 64.10 -22.01 12.83
C ILE F 520 63.37 -20.68 12.71
N ILE F 521 62.05 -20.73 12.64
CA ILE F 521 61.25 -19.52 12.76
C ILE F 521 61.34 -19.02 14.19
N LYS F 522 61.24 -17.70 14.36
CA LYS F 522 61.22 -16.99 15.64
C LYS F 522 62.40 -17.38 16.54
N GLY F 523 63.39 -18.07 15.99
CA GLY F 523 64.54 -18.49 16.76
C GLY F 523 65.53 -17.37 16.97
N PRO F 524 66.11 -17.29 18.18
CA PRO F 524 67.12 -16.30 18.53
C PRO F 524 68.38 -16.42 17.68
N VAL F 594 71.29 -34.98 13.83
CA VAL F 594 70.12 -34.51 13.09
C VAL F 594 70.15 -35.07 11.66
N ASP F 595 69.00 -35.55 11.20
CA ASP F 595 68.90 -36.13 9.87
C ASP F 595 68.61 -35.10 8.79
N GLU F 596 68.28 -33.87 9.17
CA GLU F 596 67.97 -32.76 8.26
C GLU F 596 67.16 -33.23 7.05
N LEU F 597 65.99 -33.80 7.36
CA LEU F 597 65.08 -34.24 6.31
C LEU F 597 64.38 -33.09 5.59
N ILE F 598 64.58 -31.85 6.07
CA ILE F 598 63.92 -30.70 5.46
C ILE F 598 64.37 -30.50 4.01
N CYS F 599 65.52 -31.06 3.63
CA CYS F 599 66.03 -30.87 2.28
C CYS F 599 65.10 -31.42 1.22
N ARG F 600 64.26 -32.41 1.55
CA ARG F 600 63.38 -33.01 0.58
C ARG F 600 62.01 -32.33 0.51
N ILE F 601 61.79 -31.29 1.32
CA ILE F 601 60.54 -30.52 1.26
C ILE F 601 60.68 -29.55 0.08
N LYS F 602 60.03 -29.86 -1.03
CA LYS F 602 60.18 -29.09 -2.26
C LYS F 602 59.00 -28.13 -2.40
N LEU F 603 59.31 -26.84 -2.45
CA LEU F 603 58.30 -25.82 -2.71
C LEU F 603 58.14 -25.64 -4.22
N HIS F 604 56.89 -25.57 -4.66
CA HIS F 604 56.57 -25.44 -6.07
C HIS F 604 55.83 -24.14 -6.35
N GLU F 605 56.26 -23.06 -5.69
CA GLU F 605 55.65 -21.76 -5.93
C GLU F 605 56.02 -21.27 -7.33
N GLY F 606 55.00 -20.90 -8.11
CA GLY F 606 55.22 -20.44 -9.46
C GLY F 606 55.36 -21.52 -10.50
N ASP F 607 55.34 -22.79 -10.10
CA ASP F 607 55.47 -23.90 -11.04
C ASP F 607 54.07 -24.26 -11.53
N THR F 608 53.67 -23.64 -12.65
CA THR F 608 52.32 -23.83 -13.15
C THR F 608 52.08 -25.30 -13.54
N GLU F 609 53.07 -25.94 -14.15
CA GLU F 609 52.90 -27.32 -14.59
C GLU F 609 52.65 -28.24 -13.41
N PHE F 610 53.33 -27.99 -12.28
CA PHE F 610 53.14 -28.83 -11.10
C PHE F 610 51.71 -28.75 -10.60
N TRP F 611 51.14 -27.53 -10.55
CA TRP F 611 49.80 -27.38 -10.00
C TRP F 611 48.73 -27.91 -10.95
N LYS F 612 49.00 -27.88 -12.26
CA LYS F 612 48.04 -28.45 -13.21
C LYS F 612 47.90 -29.95 -13.02
N ARG F 613 49.01 -30.65 -12.75
CA ARG F 613 48.94 -32.08 -12.53
C ARG F 613 48.08 -32.42 -11.32
N ARG F 614 48.25 -31.69 -10.22
CA ARG F 614 47.42 -31.93 -9.05
C ARG F 614 45.97 -31.57 -9.31
N PHE F 615 45.73 -30.55 -10.12
CA PHE F 615 44.37 -30.22 -10.51
C PHE F 615 43.73 -31.36 -11.29
N LEU F 616 44.49 -31.96 -12.21
CA LEU F 616 43.98 -33.12 -12.94
C LEU F 616 43.85 -34.33 -12.03
N GLY F 617 44.80 -34.53 -11.12
CA GLY F 617 44.78 -35.65 -10.21
C GLY F 617 46.15 -36.16 -9.83
N ASP F 739 23.76 -29.85 -10.74
CA ASP F 739 23.00 -29.36 -9.60
C ASP F 739 23.93 -29.07 -8.42
N TRP F 740 24.53 -30.13 -7.88
CA TRP F 740 25.43 -30.04 -6.74
C TRP F 740 26.82 -30.56 -7.13
N PHE F 741 27.84 -29.75 -6.88
CA PHE F 741 29.20 -30.19 -7.15
C PHE F 741 29.63 -31.25 -6.13
N PRO F 742 30.54 -32.13 -6.52
CA PRO F 742 30.98 -33.19 -5.59
C PRO F 742 31.62 -32.60 -4.33
N GLU F 743 31.39 -33.31 -3.21
CA GLU F 743 31.98 -32.88 -1.95
C GLU F 743 33.51 -32.97 -1.99
N GLU F 744 34.04 -34.01 -2.61
CA GLU F 744 35.48 -34.20 -2.68
C GLU F 744 36.11 -33.14 -3.56
N PRO F 745 37.10 -32.37 -3.07
CA PRO F 745 37.71 -31.34 -3.92
C PRO F 745 38.35 -31.90 -5.18
N PHE F 746 38.98 -33.07 -5.10
CA PHE F 746 39.58 -33.67 -6.29
C PHE F 746 38.50 -34.04 -7.31
N GLU F 747 37.40 -34.62 -6.85
CA GLU F 747 36.30 -34.92 -7.76
C GLU F 747 35.64 -33.64 -8.25
N ALA F 748 35.64 -32.58 -7.44
CA ALA F 748 35.10 -31.30 -7.88
C ALA F 748 35.88 -30.74 -9.05
N PHE F 749 37.20 -30.94 -9.06
CA PHE F 749 38.01 -30.49 -10.18
C PHE F 749 37.61 -31.21 -11.46
N LYS F 750 37.30 -32.50 -11.36
CA LYS F 750 36.83 -33.24 -12.52
C LYS F 750 35.52 -32.67 -13.06
N GLU F 751 34.63 -32.27 -12.15
CA GLU F 751 33.34 -31.73 -12.57
C GLU F 751 33.50 -30.43 -13.34
N MET F 752 34.46 -29.59 -12.93
CA MET F 752 34.66 -28.32 -13.61
C MET F 752 35.10 -28.52 -15.06
N ARG F 753 36.01 -29.46 -15.30
CA ARG F 753 36.53 -29.65 -16.65
C ARG F 753 35.46 -30.16 -17.60
N GLU F 754 34.60 -31.07 -17.13
CA GLU F 754 33.52 -31.55 -17.98
C GLU F 754 32.42 -30.52 -18.12
N ARG F 755 32.24 -29.66 -17.12
CA ARG F 755 31.24 -28.60 -17.17
C ARG F 755 31.80 -27.29 -17.68
N LYS F 756 33.07 -27.26 -18.07
CA LYS F 756 33.72 -26.09 -18.67
C LYS F 756 33.77 -24.90 -17.73
N VAL F 757 33.66 -25.13 -16.42
CA VAL F 757 33.81 -24.04 -15.47
C VAL F 757 35.25 -23.55 -15.45
N PHE F 758 36.20 -24.48 -15.40
CA PHE F 758 37.62 -24.14 -15.39
C PHE F 758 38.39 -25.33 -15.92
N ASP F 759 39.49 -25.04 -16.62
CA ASP F 759 40.34 -26.07 -17.19
C ASP F 759 41.78 -25.60 -17.15
N VAL F 760 42.69 -26.48 -17.58
CA VAL F 760 44.11 -26.17 -17.54
C VAL F 760 44.44 -25.03 -18.49
N SER F 761 43.68 -24.88 -19.58
CA SER F 761 43.93 -23.79 -20.51
C SER F 761 43.77 -22.43 -19.85
N ASP F 762 42.85 -22.32 -18.90
CA ASP F 762 42.67 -21.09 -18.14
C ASP F 762 43.61 -20.99 -16.95
N MET F 763 44.45 -22.00 -16.73
CA MET F 763 45.35 -22.05 -15.59
C MET F 763 46.74 -21.63 -16.06
N TYR F 764 47.03 -20.34 -15.94
CA TYR F 764 48.32 -19.80 -16.33
C TYR F 764 48.60 -18.54 -15.52
N THR F 765 49.86 -18.11 -15.53
CA THR F 765 50.24 -16.90 -14.81
C THR F 765 50.98 -15.94 -15.75
N ILE F 766 51.54 -14.87 -15.19
CA ILE F 766 52.23 -13.89 -16.00
C ILE F 766 53.57 -14.43 -16.49
N ALA F 767 54.23 -15.25 -15.67
CA ALA F 767 55.61 -15.65 -15.97
C ALA F 767 55.70 -16.48 -17.25
N ASP F 768 54.85 -17.51 -17.37
CA ASP F 768 55.00 -18.44 -18.48
C ASP F 768 54.47 -17.85 -19.79
N VAL F 769 53.40 -17.05 -19.73
CA VAL F 769 52.85 -16.48 -20.96
C VAL F 769 53.80 -15.45 -21.55
N TRP F 770 54.60 -14.79 -20.72
CA TRP F 770 55.54 -13.78 -21.17
C TRP F 770 56.95 -14.31 -21.31
N GLY F 771 57.14 -15.63 -21.20
CA GLY F 771 58.46 -16.21 -21.38
C GLY F 771 59.47 -15.79 -20.33
N TRP F 772 59.04 -15.67 -19.07
CA TRP F 772 59.94 -15.36 -17.96
C TRP F 772 60.61 -16.64 -17.49
N THR F 773 61.51 -17.16 -18.34
CA THR F 773 62.21 -18.39 -18.02
C THR F 773 63.10 -18.22 -16.80
N TRP F 774 63.74 -17.06 -16.67
CA TRP F 774 64.62 -16.81 -15.52
C TRP F 774 63.85 -16.80 -14.20
N GLU F 775 62.54 -16.56 -14.24
CA GLU F 775 61.76 -16.52 -13.02
C GLU F 775 61.72 -17.87 -12.31
N LYS F 776 61.94 -18.96 -13.04
CA LYS F 776 61.88 -20.28 -12.44
C LYS F 776 62.95 -20.46 -11.36
N ASP F 777 64.17 -19.96 -11.62
CA ASP F 777 65.29 -20.17 -10.72
C ASP F 777 65.52 -18.99 -9.78
N PHE F 778 64.45 -18.29 -9.38
CA PHE F 778 64.56 -17.17 -8.48
C PHE F 778 63.71 -17.28 -7.22
N LYS F 779 62.85 -18.29 -7.12
CA LYS F 779 61.93 -18.40 -5.99
C LYS F 779 62.13 -19.67 -5.18
N ASN F 780 62.20 -20.83 -5.83
CA ASN F 780 62.28 -22.11 -5.11
C ASN F 780 63.72 -22.45 -4.76
N LYS F 781 64.38 -21.51 -4.09
CA LYS F 781 65.76 -21.68 -3.66
C LYS F 781 65.87 -21.32 -2.18
N THR F 782 66.74 -22.03 -1.48
CA THR F 782 66.97 -21.74 -0.08
C THR F 782 67.86 -20.50 0.05
N PRO F 783 67.40 -19.43 0.71
CA PRO F 783 68.23 -18.23 0.82
C PRO F 783 69.47 -18.48 1.64
N ARG F 784 70.57 -17.83 1.26
CA ARG F 784 71.80 -17.93 2.02
C ARG F 784 71.71 -17.06 3.27
N ARG F 785 72.08 -17.63 4.42
CA ARG F 785 72.04 -16.88 5.66
C ARG F 785 73.08 -15.76 5.63
N TRP F 786 72.74 -14.64 6.27
CA TRP F 786 73.62 -13.48 6.26
C TRP F 786 74.95 -13.80 6.95
N SER F 787 76.03 -13.41 6.30
CA SER F 787 77.37 -13.55 6.85
C SER F 787 78.09 -12.21 6.73
N GLN F 788 78.82 -11.84 7.77
CA GLN F 788 79.52 -10.55 7.74
C GLN F 788 80.54 -10.49 6.62
N GLU F 789 81.28 -11.59 6.42
CA GLU F 789 82.22 -11.64 5.30
C GLU F 789 81.51 -11.57 3.96
N TRP F 790 80.30 -12.09 3.88
CA TRP F 790 79.52 -11.95 2.64
C TRP F 790 79.09 -10.51 2.43
N GLU F 791 78.74 -9.81 3.52
CA GLU F 791 78.23 -8.46 3.39
C GLU F 791 79.28 -7.51 2.81
N VAL F 792 80.51 -7.60 3.32
CA VAL F 792 81.57 -6.73 2.81
C VAL F 792 81.91 -7.09 1.37
N GLU F 793 81.82 -8.37 1.00
CA GLU F 793 82.04 -8.76 -0.38
C GLU F 793 81.08 -8.04 -1.30
N LEU F 794 79.79 -8.00 -0.92
CA LEU F 794 78.83 -7.22 -1.68
C LEU F 794 79.11 -5.73 -1.57
N ALA F 795 79.60 -5.28 -0.41
CA ALA F 795 79.88 -3.86 -0.22
C ALA F 795 80.96 -3.38 -1.18
N ILE F 796 82.03 -4.16 -1.34
CA ILE F 796 83.11 -3.74 -2.22
C ILE F 796 82.74 -3.95 -3.68
N VAL F 797 81.83 -4.89 -3.96
CA VAL F 797 81.45 -5.16 -5.34
C VAL F 797 80.69 -3.99 -5.93
N LEU F 798 79.69 -3.49 -5.21
CA LEU F 798 78.89 -2.40 -5.76
C LEU F 798 79.54 -1.04 -5.54
N MET F 799 80.45 -0.91 -4.57
CA MET F 799 81.16 0.35 -4.42
C MET F 799 81.96 0.67 -5.67
N ALA F 800 82.64 -0.33 -6.22
CA ALA F 800 83.30 -0.15 -7.51
C ALA F 800 82.29 0.14 -8.60
N LYS F 801 81.16 -0.55 -8.58
CA LYS F 801 80.14 -0.33 -9.61
C LYS F 801 79.53 1.06 -9.50
N VAL F 802 79.37 1.57 -8.28
CA VAL F 802 78.91 2.96 -8.13
C VAL F 802 79.94 3.92 -8.70
N ILE F 803 81.23 3.61 -8.53
CA ILE F 803 82.28 4.44 -9.11
C ILE F 803 82.21 4.41 -10.63
N GLU F 804 82.01 3.23 -11.21
CA GLU F 804 81.97 3.12 -12.67
C GLU F 804 80.82 3.90 -13.27
N LEU F 805 79.74 4.10 -12.51
CA LEU F 805 78.56 4.78 -13.01
C LEU F 805 78.53 6.25 -12.63
N GLY F 806 79.63 6.79 -12.12
CA GLY F 806 79.72 8.20 -11.79
C GLY F 806 79.32 8.56 -10.38
N GLY F 807 78.75 7.62 -9.62
CA GLY F 807 78.42 7.91 -8.25
C GLY F 807 79.65 8.08 -7.39
N VAL F 808 79.56 8.98 -6.42
CA VAL F 808 80.68 9.26 -5.53
C VAL F 808 80.28 8.95 -4.10
N PRO F 809 80.63 7.77 -3.58
CA PRO F 809 80.37 7.49 -2.16
C PRO F 809 81.14 8.45 -1.27
N THR F 810 80.53 8.80 -0.15
CA THR F 810 81.13 9.78 0.75
C THR F 810 82.21 9.12 1.59
N ILE F 811 82.91 9.96 2.37
CA ILE F 811 83.95 9.46 3.25
C ILE F 811 83.35 8.54 4.31
N GLY F 812 82.15 8.87 4.80
CA GLY F 812 81.50 8.03 5.77
C GLY F 812 81.18 6.65 5.24
N ASP F 813 80.83 6.56 3.96
CA ASP F 813 80.52 5.26 3.36
C ASP F 813 81.73 4.34 3.39
N CYS F 814 82.91 4.87 3.06
CA CYS F 814 84.11 4.05 3.08
C CYS F 814 84.44 3.57 4.48
N ALA F 815 84.24 4.43 5.49
CA ALA F 815 84.53 4.03 6.86
C ALA F 815 83.60 2.92 7.33
N VAL F 816 82.31 3.02 6.98
CA VAL F 816 81.33 2.04 7.46
C VAL F 816 81.64 0.66 6.90
N ILE F 817 81.89 0.57 5.59
CA ILE F 817 82.19 -0.73 5.00
C ILE F 817 83.51 -1.26 5.53
N LEU F 818 84.47 -0.38 5.80
CA LEU F 818 85.71 -0.80 6.43
C LEU F 818 85.45 -1.36 7.82
N ARG F 819 84.59 -0.70 8.60
CA ARG F 819 84.29 -1.18 9.94
C ARG F 819 83.60 -2.53 9.89
N ALA F 820 82.71 -2.73 8.92
CA ALA F 820 82.11 -4.05 8.73
C ALA F 820 83.18 -5.08 8.41
N ALA F 821 84.23 -4.67 7.69
CA ALA F 821 85.35 -5.55 7.43
C ALA F 821 86.25 -5.74 8.64
N ILE F 822 86.00 -5.01 9.71
CA ILE F 822 86.76 -5.15 10.95
C ILE F 822 86.05 -6.04 11.95
N ARG F 823 84.72 -5.91 12.06
CA ARG F 823 83.95 -6.72 13.00
C ARG F 823 84.17 -8.20 12.73
N ALA F 824 83.96 -8.63 11.50
CA ALA F 824 84.59 -9.87 11.08
C ALA F 824 86.03 -9.58 10.70
N PRO F 825 86.95 -10.49 11.00
CA PRO F 825 88.37 -10.19 10.74
C PRO F 825 88.66 -9.89 9.28
N MET F 826 88.44 -10.89 8.41
CA MET F 826 88.62 -10.83 6.96
C MET F 826 89.75 -9.89 6.55
N PRO F 827 91.00 -10.21 6.92
CA PRO F 827 92.09 -9.27 6.63
C PRO F 827 92.37 -9.09 5.15
N SER F 828 91.92 -10.00 4.30
CA SER F 828 92.24 -9.93 2.88
C SER F 828 91.64 -8.69 2.21
N SER F 829 90.44 -8.28 2.63
CA SER F 829 89.74 -7.19 1.97
C SER F 829 90.13 -5.81 2.47
N PHE F 830 91.05 -5.73 3.43
CA PHE F 830 91.47 -4.42 3.93
C PHE F 830 92.19 -3.62 2.86
N LEU F 831 93.05 -4.27 2.07
CA LEU F 831 93.83 -3.56 1.06
C LEU F 831 92.93 -2.97 -0.02
N LYS F 832 92.02 -3.78 -0.55
CA LYS F 832 91.19 -3.32 -1.65
C LYS F 832 90.21 -2.24 -1.20
N ILE F 833 89.83 -2.24 0.08
CA ILE F 833 88.96 -1.18 0.58
C ILE F 833 89.70 0.15 0.62
N LEU F 834 90.92 0.15 1.15
CA LEU F 834 91.64 1.40 1.34
C LEU F 834 92.04 2.03 0.02
N GLN F 835 92.50 1.21 -0.94
CA GLN F 835 92.93 1.77 -2.22
C GLN F 835 91.77 2.42 -2.96
N THR F 836 90.59 1.79 -2.89
CA THR F 836 89.40 2.44 -3.45
C THR F 836 89.06 3.70 -2.68
N THR F 837 89.18 3.66 -1.36
CA THR F 837 88.93 4.85 -0.55
C THR F 837 89.92 5.96 -0.89
N HIS F 838 91.19 5.62 -1.03
CA HIS F 838 92.19 6.62 -1.37
C HIS F 838 92.09 7.07 -2.82
N SER F 839 91.47 6.28 -3.69
CA SER F 839 91.29 6.69 -5.07
C SER F 839 90.36 7.89 -5.20
N LEU F 840 89.47 8.09 -4.23
CA LEU F 840 88.57 9.24 -4.22
C LEU F 840 89.16 10.43 -3.49
N GLY F 841 90.40 10.36 -3.05
CA GLY F 841 91.01 11.40 -2.27
C GLY F 841 90.72 11.35 -0.79
N TYR F 842 89.90 10.41 -0.34
CA TYR F 842 89.59 10.30 1.07
C TYR F 842 90.81 9.80 1.85
N ALA F 843 91.03 10.40 3.02
CA ALA F 843 92.12 10.00 3.90
C ALA F 843 91.56 9.79 5.29
N PHE F 844 91.68 8.58 5.80
CA PHE F 844 91.19 8.28 7.13
C PHE F 844 92.09 8.92 8.19
N GLY F 845 91.56 9.02 9.40
CA GLY F 845 92.33 9.56 10.49
C GLY F 845 93.44 8.62 10.92
N SER F 846 94.49 9.21 11.49
CA SER F 846 95.61 8.42 12.00
C SER F 846 95.19 7.41 13.07
N PRO F 847 94.39 7.77 14.08
CA PRO F 847 94.01 6.74 15.07
C PRO F 847 93.29 5.56 14.45
N LEU F 848 92.44 5.78 13.44
CA LEU F 848 91.85 4.66 12.73
C LEU F 848 92.93 3.84 12.03
N TYR F 849 93.89 4.51 11.40
CA TYR F 849 94.99 3.79 10.77
C TYR F 849 95.79 3.00 11.79
N ASP F 850 95.90 3.51 13.02
CA ASP F 850 96.53 2.73 14.07
C ASP F 850 95.73 1.46 14.36
N GLU F 851 94.40 1.58 14.38
CA GLU F 851 93.56 0.42 14.72
C GLU F 851 93.64 -0.65 13.65
N ILE F 852 93.62 -0.26 12.37
CA ILE F 852 93.57 -1.24 11.30
C ILE F 852 94.89 -1.98 11.17
N ILE F 853 96.01 -1.29 11.33
CA ILE F 853 97.32 -1.95 11.21
C ILE F 853 97.49 -2.99 12.30
N THR F 854 97.05 -2.67 13.52
CA THR F 854 97.12 -3.64 14.61
C THR F 854 96.35 -4.90 14.27
N LEU F 855 95.12 -4.74 13.78
CA LEU F 855 94.29 -5.89 13.45
C LEU F 855 94.92 -6.74 12.34
N CYS F 856 95.70 -6.12 11.47
CA CYS F 856 96.34 -6.85 10.38
C CYS F 856 97.55 -7.65 10.82
N LEU F 857 97.95 -7.56 12.10
CA LEU F 857 98.97 -8.46 12.61
C LEU F 857 98.65 -8.95 14.01
N ASP F 858 97.48 -8.61 14.56
CA ASP F 858 97.09 -9.13 15.88
C ASP F 858 96.91 -10.65 15.84
N LEU F 859 96.29 -11.15 14.78
CA LEU F 859 96.00 -12.57 14.66
C LEU F 859 97.06 -13.31 13.85
N GLY F 860 98.15 -12.64 13.47
CA GLY F 860 99.22 -13.30 12.75
C GLY F 860 98.98 -13.42 11.27
N GLU F 861 98.78 -12.28 10.60
CA GLU F 861 98.57 -12.20 9.16
C GLU F 861 99.44 -11.11 8.56
N LEU F 862 100.74 -11.16 8.88
CA LEU F 862 101.67 -10.16 8.37
C LEU F 862 101.70 -10.12 6.85
N ASP F 863 101.44 -11.26 6.19
CA ASP F 863 101.23 -11.24 4.76
C ASP F 863 100.01 -10.41 4.44
N ALA F 864 100.15 -9.53 3.44
CA ALA F 864 99.18 -8.49 3.07
C ALA F 864 99.08 -7.39 4.12
N ALA F 865 99.79 -7.51 5.24
CA ALA F 865 99.90 -6.42 6.21
C ALA F 865 101.06 -5.50 5.90
N ILE F 866 101.79 -5.75 4.82
CA ILE F 866 102.85 -4.84 4.37
C ILE F 866 102.35 -3.91 3.28
N ALA F 867 101.50 -4.42 2.39
CA ALA F 867 100.98 -3.59 1.31
C ALA F 867 100.08 -2.48 1.83
N ILE F 868 99.44 -2.69 2.99
CA ILE F 868 98.57 -1.66 3.54
C ILE F 868 99.36 -0.42 3.88
N VAL F 869 100.55 -0.59 4.48
CA VAL F 869 101.41 0.54 4.79
C VAL F 869 102.24 0.97 3.59
N ALA F 870 102.34 0.12 2.57
CA ALA F 870 103.15 0.46 1.40
C ALA F 870 102.45 1.49 0.52
N ASP F 871 101.25 1.15 0.05
CA ASP F 871 100.56 2.03 -0.90
C ASP F 871 100.08 3.31 -0.21
N MET F 872 99.74 3.25 1.07
CA MET F 872 99.26 4.45 1.76
C MET F 872 100.34 5.52 1.84
N GLU F 873 101.60 5.12 1.92
CA GLU F 873 102.68 6.09 1.84
C GLU F 873 102.78 6.70 0.44
N THR F 874 102.56 5.87 -0.58
CA THR F 874 102.59 6.38 -1.96
C THR F 874 101.50 7.41 -2.19
N THR F 875 100.30 7.16 -1.65
CA THR F 875 99.21 8.11 -1.80
C THR F 875 99.47 9.41 -1.04
N GLY F 876 100.38 9.41 -0.08
CA GLY F 876 100.73 10.62 0.64
C GLY F 876 100.08 10.73 2.01
N ILE F 877 99.97 9.60 2.70
CA ILE F 877 99.40 9.56 4.04
C ILE F 877 100.52 9.23 5.02
N THR F 878 100.66 10.06 6.05
CA THR F 878 101.73 9.89 7.04
C THR F 878 101.31 8.84 8.05
N VAL F 879 102.03 7.72 8.07
CA VAL F 879 101.74 6.65 9.02
C VAL F 879 102.31 7.04 10.38
N PRO F 880 101.53 6.95 11.46
CA PRO F 880 102.07 7.29 12.79
C PRO F 880 103.21 6.36 13.18
N ASP F 881 104.16 6.91 13.93
CA ASP F 881 105.34 6.15 14.33
C ASP F 881 105.01 5.03 15.30
N GLN F 882 103.88 5.11 16.02
CA GLN F 882 103.50 4.03 16.91
C GLN F 882 103.30 2.74 16.13
N THR F 883 102.62 2.81 14.99
CA THR F 883 102.45 1.64 14.14
C THR F 883 103.74 1.28 13.41
N LEU F 884 104.45 2.29 12.90
CA LEU F 884 105.65 2.02 12.12
C LEU F 884 106.70 1.30 12.95
N ASP F 885 106.90 1.74 14.19
CA ASP F 885 107.91 1.10 15.04
C ASP F 885 107.53 -0.35 15.33
N LYS F 886 106.26 -0.62 15.64
CA LYS F 886 105.88 -1.98 15.97
C LYS F 886 105.77 -2.88 14.75
N VAL F 887 105.31 -2.34 13.61
CA VAL F 887 105.22 -3.17 12.41
C VAL F 887 106.61 -3.56 11.93
N ILE F 888 107.58 -2.66 12.07
CA ILE F 888 108.96 -3.01 11.78
C ILE F 888 109.49 -3.99 12.83
N SER F 889 109.14 -3.76 14.09
CA SER F 889 109.48 -4.72 15.13
C SER F 889 108.78 -6.06 14.89
N ALA F 890 107.52 -6.03 14.46
CA ALA F 890 106.84 -7.27 14.09
C ALA F 890 107.43 -7.85 12.80
N ARG F 891 108.00 -7.01 11.94
CA ARG F 891 108.63 -7.50 10.73
C ARG F 891 109.84 -8.37 11.06
N GLN F 892 110.66 -7.95 12.03
CA GLN F 892 111.83 -8.71 12.42
C GLN F 892 111.50 -9.81 13.40
N SER F 893 110.27 -9.84 13.93
CA SER F 893 109.88 -10.89 14.85
C SER F 893 109.81 -12.25 14.15
N ASN F 894 109.28 -12.27 12.94
CA ASN F 894 109.20 -13.52 12.17
C ASN F 894 110.56 -13.95 11.64
N GLU F 895 111.52 -13.04 11.61
CA GLU F 895 112.83 -13.34 11.03
C GLU F 895 113.71 -14.07 12.04
N UNK G 2 31.89 66.36 -0.62
CA UNK G 2 32.81 67.41 -1.04
C UNK G 2 33.50 67.04 -2.35
N UNK G 3 34.44 66.09 -2.26
CA UNK G 3 35.14 65.63 -3.46
C UNK G 3 34.18 64.97 -4.43
N UNK G 4 33.27 64.14 -3.91
CA UNK G 4 32.22 63.58 -4.76
C UNK G 4 31.28 64.68 -5.26
N UNK G 5 30.99 65.66 -4.41
CA UNK G 5 30.16 66.78 -4.83
C UNK G 5 30.85 67.61 -5.90
N UNK G 6 32.19 67.65 -5.88
CA UNK G 6 32.91 68.36 -6.94
C UNK G 6 32.64 67.74 -8.30
N UNK G 7 32.68 66.41 -8.39
CA UNK G 7 32.27 65.73 -9.62
C UNK G 7 30.78 65.90 -9.87
N UNK G 8 29.97 65.86 -8.80
CA UNK G 8 28.53 66.05 -8.94
C UNK G 8 28.18 67.48 -9.31
N UNK G 9 29.07 68.44 -9.06
CA UNK G 9 28.80 69.81 -9.45
C UNK G 9 28.66 69.94 -10.96
N UNK G 10 29.54 69.27 -11.71
CA UNK G 10 29.41 69.26 -13.16
C UNK G 10 28.13 68.54 -13.59
N UNK G 11 27.78 67.46 -12.90
CA UNK G 11 26.58 66.72 -13.24
C UNK G 11 25.32 67.56 -13.05
N UNK G 12 25.28 68.36 -11.98
CA UNK G 12 24.12 69.21 -11.73
C UNK G 12 23.90 70.20 -12.86
N UNK G 13 24.98 70.84 -13.33
CA UNK G 13 24.87 71.81 -14.41
C UNK G 13 24.66 71.14 -15.76
N UNK G 14 25.09 69.88 -15.92
CA UNK G 14 24.99 69.21 -17.20
C UNK G 14 23.53 69.00 -17.61
N UNK G 15 22.69 68.60 -16.66
CA UNK G 15 21.29 68.27 -16.95
C UNK G 15 20.32 69.25 -16.28
N UNK G 16 20.41 69.42 -14.96
CA UNK G 16 19.46 70.24 -14.23
C UNK G 16 19.90 71.68 -14.08
N UNK G 17 21.05 72.05 -14.65
CA UNK G 17 21.60 73.41 -14.57
C UNK G 17 21.77 73.77 -13.09
N UNK G 18 21.18 74.85 -12.60
CA UNK G 18 21.33 75.25 -11.20
C UNK G 18 20.27 74.64 -10.29
N UNK G 19 19.29 73.92 -10.83
CA UNK G 19 18.23 73.35 -10.00
C UNK G 19 18.80 72.30 -9.05
N UNK G 20 19.65 71.41 -9.56
CA UNK G 20 20.23 70.39 -8.71
C UNK G 20 21.33 70.96 -7.82
N UNK G 21 22.08 71.94 -8.32
CA UNK G 21 23.16 72.52 -7.51
C UNK G 21 22.62 73.32 -6.33
N UNK G 22 21.44 73.94 -6.49
CA UNK G 22 20.88 74.74 -5.40
C UNK G 22 20.57 73.88 -4.18
N UNK G 23 20.01 72.69 -4.40
CA UNK G 23 19.71 71.80 -3.27
C UNK G 23 20.98 71.25 -2.66
N UNK G 24 22.01 70.98 -3.48
CA UNK G 24 23.26 70.45 -2.95
C UNK G 24 23.93 71.45 -2.00
N UNK G 25 23.91 72.73 -2.37
CA UNK G 25 24.50 73.75 -1.50
C UNK G 25 23.75 73.85 -0.17
N UNK G 26 22.42 73.74 -0.22
CA UNK G 26 21.63 73.77 1.00
C UNK G 26 21.96 72.58 1.90
N UNK G 27 22.12 71.40 1.32
CA UNK G 27 22.44 70.21 2.09
C UNK G 27 23.90 70.23 2.53
N UNK G 28 30.00 76.36 -2.25
CA UNK G 28 31.43 76.63 -2.15
C UNK G 28 31.92 77.46 -3.33
N UNK G 29 33.13 78.01 -3.20
CA UNK G 29 33.70 78.81 -4.28
C UNK G 29 33.94 77.97 -5.52
N UNK G 30 34.43 76.74 -5.35
CA UNK G 30 34.67 75.87 -6.50
C UNK G 30 33.37 75.51 -7.20
N UNK G 31 32.32 75.23 -6.44
CA UNK G 31 31.03 74.91 -7.04
C UNK G 31 30.47 76.12 -7.81
N UNK G 32 30.58 77.31 -7.24
CA UNK G 32 30.14 78.50 -7.95
C UNK G 32 30.98 78.74 -9.20
N UNK G 33 32.30 78.54 -9.09
CA UNK G 33 33.17 78.71 -10.25
C UNK G 33 32.83 77.73 -11.36
N UNK G 34 32.58 76.46 -10.99
CA UNK G 34 32.20 75.46 -11.98
C UNK G 34 30.87 75.82 -12.65
N UNK G 35 29.91 76.29 -11.86
CA UNK G 35 28.62 76.70 -12.42
C UNK G 35 28.78 77.90 -13.34
N UNK G 36 29.66 78.84 -12.98
CA UNK G 36 29.86 80.03 -13.81
C UNK G 36 30.42 79.66 -15.18
N UNK G 37 31.36 78.71 -15.22
CA UNK G 37 31.94 78.31 -16.50
C UNK G 37 30.89 77.69 -17.41
N UNK G 38 30.00 76.87 -16.85
CA UNK G 38 28.95 76.25 -17.66
C UNK G 38 28.03 77.29 -18.28
N UNK G 39 27.66 78.31 -17.51
CA UNK G 39 26.80 79.36 -18.04
C UNK G 39 27.47 80.11 -19.19
N UNK G 40 28.76 80.42 -19.04
CA UNK G 40 29.50 81.12 -20.08
C UNK G 40 29.94 80.14 -21.18
N UNK G 41 25.21 81.47 -21.54
CA UNK G 41 25.18 82.93 -21.41
C UNK G 41 24.27 83.35 -20.26
N UNK G 42 24.16 82.49 -19.24
CA UNK G 42 23.32 82.77 -18.08
C UNK G 42 24.08 83.63 -17.07
N UNK G 43 24.42 84.84 -17.52
CA UNK G 43 25.14 85.77 -16.65
C UNK G 43 24.29 86.20 -15.46
N UNK G 44 22.99 86.42 -15.68
CA UNK G 44 22.11 86.82 -14.59
C UNK G 44 22.02 85.74 -13.52
N UNK G 45 21.93 84.47 -13.94
CA UNK G 45 21.89 83.38 -12.98
C UNK G 45 23.19 83.30 -12.19
N UNK G 46 24.32 83.50 -12.87
CA UNK G 46 25.61 83.48 -12.18
C UNK G 46 25.71 84.60 -11.15
N UNK G 47 25.20 85.78 -11.48
CA UNK G 47 25.25 86.89 -10.54
C UNK G 47 24.45 86.60 -9.28
N UNK G 48 23.27 85.98 -9.44
CA UNK G 48 22.47 85.61 -8.28
C UNK G 48 23.19 84.58 -7.42
N UNK G 49 23.84 83.59 -8.06
CA UNK G 49 24.58 82.60 -7.30
C UNK G 49 25.76 83.23 -6.56
N UNK G 50 26.46 84.16 -7.20
CA UNK G 50 27.57 84.85 -6.55
C UNK G 50 27.09 85.65 -5.34
N UNK G 51 25.94 86.34 -5.49
CA UNK G 51 25.39 87.09 -4.38
C UNK G 51 24.92 86.19 -3.24
N UNK G 52 24.65 84.91 -3.52
CA UNK G 52 24.22 83.99 -2.49
C UNK G 52 25.35 83.60 -1.53
N UNK G 53 26.59 83.93 -1.86
CA UNK G 53 27.72 83.59 -1.00
C UNK G 53 27.74 84.48 0.24
N UNK G 54 38.48 85.22 -4.14
CA UNK G 54 39.07 85.67 -5.39
C UNK G 54 38.69 84.74 -6.55
N UNK G 55 38.56 83.45 -6.23
CA UNK G 55 38.17 82.48 -7.24
C UNK G 55 36.77 82.78 -7.77
N UNK G 56 35.84 83.13 -6.89
CA UNK G 56 34.51 83.56 -7.35
C UNK G 56 34.61 84.83 -8.17
N UNK G 57 35.45 85.78 -7.74
CA UNK G 57 35.68 86.97 -8.54
C UNK G 57 36.31 86.62 -9.88
N UNK G 58 37.27 85.70 -9.88
CA UNK G 58 37.88 85.25 -11.13
C UNK G 58 36.85 84.56 -12.01
N UNK G 59 35.98 83.73 -11.42
CA UNK G 59 34.92 83.11 -12.19
C UNK G 59 33.94 84.14 -12.73
N UNK G 60 33.60 85.14 -11.91
CA UNK G 60 32.70 86.19 -12.36
C UNK G 60 33.30 86.98 -13.52
N UNK G 61 34.61 87.27 -13.45
CA UNK G 61 35.27 87.96 -14.54
C UNK G 61 35.27 87.11 -15.80
N UNK G 62 35.44 85.79 -15.64
CA UNK G 62 35.42 84.89 -16.80
C UNK G 62 34.07 84.92 -17.50
N UNK G 63 32.98 84.95 -16.72
CA UNK G 63 31.66 85.04 -17.32
C UNK G 63 31.49 86.34 -18.07
N UNK G 64 31.94 87.46 -17.50
CA UNK G 64 31.88 88.74 -18.18
C UNK G 64 32.78 88.76 -19.41
N UNK G 65 33.86 87.97 -19.40
CA UNK G 65 34.75 87.91 -20.56
C UNK G 65 34.03 87.33 -21.78
N UNK G 66 33.19 86.31 -21.58
CA UNK G 66 32.48 85.70 -22.69
C UNK G 66 31.50 86.66 -23.35
N UNK G 67 31.08 87.71 -22.64
CA UNK G 67 30.15 88.69 -23.18
C UNK G 67 30.83 89.95 -23.70
N UNK G 68 32.17 89.94 -23.78
CA UNK G 68 32.95 91.08 -24.26
C UNK G 68 32.71 92.32 -23.43
N UNK G 69 32.41 92.15 -22.14
CA UNK G 69 32.19 93.26 -21.22
C UNK G 69 33.48 93.49 -20.43
N UNK G 70 34.42 94.18 -21.09
CA UNK G 70 35.70 94.46 -20.45
C UNK G 70 35.53 95.37 -19.24
N UNK G 71 34.67 96.39 -19.35
CA UNK G 71 34.46 97.31 -18.24
C UNK G 71 33.84 96.60 -17.04
N UNK G 72 32.90 95.68 -17.30
CA UNK G 72 32.26 94.96 -16.19
C UNK G 72 33.25 94.13 -15.41
N UNK G 73 34.18 93.46 -16.11
CA UNK G 73 35.18 92.66 -15.42
C UNK G 73 36.08 93.51 -14.53
N UNK G 74 36.48 94.68 -15.03
CA UNK G 74 37.33 95.57 -14.23
C UNK G 74 36.61 96.04 -12.97
N UNK G 75 35.33 96.40 -13.09
CA UNK G 75 34.58 96.84 -11.92
C UNK G 75 34.45 95.71 -10.90
N UNK G 76 34.17 94.50 -11.35
CA UNK G 76 34.08 93.36 -10.44
C UNK G 76 35.44 93.08 -9.79
N UNK G 77 36.52 93.21 -10.56
CA UNK G 77 37.85 92.97 -10.02
C UNK G 77 38.18 93.97 -8.92
N UNK G 78 37.82 95.24 -9.11
CA UNK G 78 38.07 96.24 -8.08
C UNK G 78 37.27 95.96 -6.82
N UNK G 79 36.10 95.32 -6.94
CA UNK G 79 35.31 94.98 -5.77
C UNK G 79 36.04 93.98 -4.89
N UNK G 80 36.72 93.01 -5.51
CA UNK G 80 37.47 92.00 -4.76
C UNK G 80 38.79 92.58 -4.26
N UNK G 81 47.19 88.12 -10.55
CA UNK G 81 47.81 87.96 -11.86
C UNK G 81 46.90 87.17 -12.80
N UNK G 82 46.28 86.11 -12.26
CA UNK G 82 45.38 85.30 -13.06
C UNK G 82 44.17 86.12 -13.52
N UNK G 83 43.62 86.94 -12.62
CA UNK G 83 42.51 87.81 -13.00
C UNK G 83 42.93 88.82 -14.06
N UNK G 84 44.13 89.39 -13.92
CA UNK G 84 44.64 90.33 -14.91
C UNK G 84 44.83 89.65 -16.26
N UNK G 85 45.34 88.42 -16.26
CA UNK G 85 45.54 87.69 -17.52
C UNK G 85 44.21 87.47 -18.24
N UNK G 86 43.17 87.09 -17.49
CA UNK G 86 41.85 86.91 -18.10
C UNK G 86 41.31 88.22 -18.63
N UNK G 87 41.54 89.32 -17.91
CA UNK G 87 41.06 90.62 -18.35
C UNK G 87 41.73 91.03 -19.66
N UNK G 88 43.02 90.71 -19.82
CA UNK G 88 43.71 91.05 -21.06
C UNK G 88 43.10 90.35 -22.26
N UNK G 89 42.74 89.07 -22.11
CA UNK G 89 42.11 88.34 -23.20
C UNK G 89 40.76 88.94 -23.56
N UNK G 90 39.99 89.36 -22.55
CA UNK G 90 38.67 89.92 -22.82
C UNK G 90 38.75 91.22 -23.62
N UNK G 91 39.71 92.08 -23.29
CA UNK G 91 39.84 93.35 -24.01
C UNK G 91 40.17 93.13 -25.47
N UNK G 92 41.09 92.20 -25.76
CA UNK G 92 41.43 91.89 -27.15
C UNK G 92 40.25 91.28 -27.89
N UNK G 93 39.53 90.36 -27.23
CA UNK G 93 38.39 89.69 -27.85
C UNK G 93 37.19 90.64 -27.95
N UNK G 94 44.93 98.77 -27.18
CA UNK G 94 46.33 98.55 -26.86
C UNK G 94 46.74 99.33 -25.62
N UNK G 95 46.32 100.59 -25.56
CA UNK G 95 46.64 101.43 -24.40
C UNK G 95 45.97 100.89 -23.15
N UNK G 96 44.73 100.41 -23.26
CA UNK G 96 44.04 99.85 -22.11
C UNK G 96 44.76 98.62 -21.58
N UNK G 97 45.25 97.76 -22.48
CA UNK G 97 45.99 96.59 -22.04
C UNK G 97 47.28 96.97 -21.33
N UNK G 98 47.95 98.01 -21.82
CA UNK G 98 49.19 98.46 -21.19
C UNK G 98 48.94 98.96 -19.77
N UNK G 99 47.83 99.66 -19.56
CA UNK G 99 47.50 100.17 -18.23
C UNK G 99 47.30 99.04 -17.23
N UNK G 100 46.81 97.89 -17.68
CA UNK G 100 46.62 96.76 -16.78
C UNK G 100 47.96 96.27 -16.22
N UNK G 101 49.00 96.25 -17.07
CA UNK G 101 50.31 95.81 -16.61
C UNK G 101 50.85 96.74 -15.53
N UNK G 102 50.62 98.05 -15.67
CA UNK G 102 51.07 98.99 -14.66
C UNK G 102 50.41 98.73 -13.31
N UNK G 103 49.11 98.42 -13.32
CA UNK G 103 48.42 98.07 -12.08
C UNK G 103 48.99 96.79 -11.48
N UNK G 104 49.30 95.81 -12.33
CA UNK G 104 49.86 94.55 -11.86
C UNK G 104 51.30 94.74 -11.39
N UNK G 105 53.07 88.41 -17.94
CA UNK G 105 53.71 87.12 -18.14
C UNK G 105 53.77 86.77 -19.63
N UNK G 106 54.21 85.55 -19.93
CA UNK G 106 54.31 85.11 -21.32
C UNK G 106 52.92 85.06 -21.96
N UNK G 107 51.93 84.55 -21.24
CA UNK G 107 50.58 84.51 -21.77
C UNK G 107 50.03 85.90 -22.01
N UNK G 108 50.28 86.82 -21.06
CA UNK G 108 49.86 88.20 -21.24
C UNK G 108 50.58 88.85 -22.42
N UNK G 109 51.88 88.59 -22.56
CA UNK G 109 52.63 89.12 -23.69
C UNK G 109 52.11 88.57 -25.00
N UNK G 110 51.82 87.28 -25.05
CA UNK G 110 51.28 86.69 -26.27
C UNK G 110 49.92 87.27 -26.61
N UNK G 111 49.06 87.44 -25.60
CA UNK G 111 47.77 88.08 -25.83
C UNK G 111 47.93 89.51 -26.29
N UNK G 112 48.86 90.25 -25.69
CA UNK G 112 49.12 91.62 -26.12
C UNK G 112 49.64 91.66 -27.55
N UNK G 113 50.52 90.72 -27.90
CA UNK G 113 51.02 90.65 -29.27
C UNK G 113 49.91 90.30 -30.25
N UNK G 114 48.92 89.53 -29.81
CA UNK G 114 47.78 89.22 -30.67
C UNK G 114 46.99 90.48 -31.01
N UNK G 115 46.83 91.38 -30.03
CA UNK G 115 46.09 92.62 -30.28
C UNK G 115 46.78 93.47 -31.35
N UNK G 116 48.11 93.57 -31.27
CA UNK G 116 48.84 94.27 -32.33
C UNK G 116 48.68 93.57 -33.67
N UNK G 117 48.73 92.24 -33.66
CA UNK G 117 48.50 91.49 -34.90
C UNK G 117 47.07 91.70 -35.41
N UNK G 118 46.10 91.72 -34.50
CA UNK G 118 44.71 91.94 -34.87
C UNK G 118 44.40 93.43 -34.96
N UNK G 119 54.69 98.46 -33.61
CA UNK G 119 55.83 99.03 -32.89
C UNK G 119 55.68 98.82 -31.39
N UNK G 120 54.44 98.94 -30.91
CA UNK G 120 54.18 98.72 -29.48
C UNK G 120 54.51 97.30 -29.07
N UNK G 121 54.17 96.33 -29.91
CA UNK G 121 54.46 94.93 -29.60
C UNK G 121 55.97 94.68 -29.55
N UNK G 122 56.73 95.33 -30.44
CA UNK G 122 58.17 95.16 -30.45
C UNK G 122 58.79 95.63 -29.13
N UNK G 123 58.33 96.76 -28.62
CA UNK G 123 58.78 97.21 -27.31
C UNK G 123 58.37 96.23 -26.22
N UNK G 124 57.15 95.71 -26.31
CA UNK G 124 56.69 94.72 -25.34
C UNK G 124 57.52 93.45 -25.42
N UNK G 125 57.86 93.02 -26.64
CA UNK G 125 58.70 91.84 -26.80
C UNK G 125 60.07 92.05 -26.18
N UNK G 126 60.65 93.23 -26.34
CA UNK G 126 61.94 93.53 -25.71
C UNK G 126 61.83 93.49 -24.19
N UNK G 127 60.71 94.00 -23.65
CA UNK G 127 60.52 93.95 -22.20
C UNK G 127 60.45 92.52 -21.70
N UNK G 128 59.75 91.64 -22.42
CA UNK G 128 59.68 90.24 -22.04
C UNK G 128 60.95 89.48 -22.39
N UNK G 129 61.81 90.04 -23.22
CA UNK G 129 63.05 89.37 -23.61
C UNK G 129 64.04 89.37 -22.44
N UNK G 130 58.59 82.00 -27.59
CA UNK G 130 57.86 80.76 -27.80
C UNK G 130 57.24 80.73 -29.19
N UNK G 131 56.67 79.58 -29.56
CA UNK G 131 56.03 79.45 -30.86
C UNK G 131 54.83 80.39 -30.99
N UNK G 132 54.02 80.48 -29.93
CA UNK G 132 52.90 81.42 -29.96
C UNK G 132 53.38 82.85 -30.06
N UNK G 133 54.45 83.19 -29.32
CA UNK G 133 55.05 84.51 -29.46
C UNK G 133 55.61 84.73 -30.86
N UNK G 134 56.27 83.70 -31.41
CA UNK G 134 56.80 83.81 -32.77
C UNK G 134 55.67 83.93 -33.78
N UNK G 135 54.60 83.14 -33.63
CA UNK G 135 53.49 83.21 -34.55
C UNK G 135 52.81 84.58 -34.50
N UNK G 136 52.61 85.11 -33.30
CA UNK G 136 52.01 86.44 -33.17
C UNK G 136 52.93 87.50 -33.75
N UNK G 137 54.23 87.36 -33.56
CA UNK G 137 55.17 88.34 -34.10
C UNK G 137 55.13 88.36 -35.62
N UNK G 138 55.03 87.18 -36.26
CA UNK G 138 54.97 87.12 -37.71
C UNK G 138 53.73 87.83 -38.25
N UNK G 139 52.59 87.64 -37.58
CA UNK G 139 51.37 88.31 -38.02
C UNK G 139 51.49 89.82 -37.88
N UNK G 140 52.13 90.29 -36.80
CA UNK G 140 52.29 91.72 -36.60
C UNK G 140 53.17 92.33 -37.68
N UNK G 141 54.26 91.66 -38.03
CA UNK G 141 55.16 92.17 -39.06
C UNK G 141 54.62 92.02 -40.47
N UNK G 142 53.53 91.26 -40.64
CA UNK G 142 52.94 91.06 -41.96
C UNK G 142 52.21 92.32 -42.43
N UNK G 143 58.38 92.80 -41.80
CA UNK G 143 58.78 91.42 -42.05
C UNK G 143 60.26 91.21 -41.74
N UNK G 144 61.09 92.16 -42.18
CA UNK G 144 62.52 92.05 -41.92
C UNK G 144 62.85 92.21 -40.43
N UNK G 145 61.99 92.93 -39.70
CA UNK G 145 62.23 93.13 -38.27
C UNK G 145 62.20 91.83 -37.50
N UNK G 146 61.50 90.81 -38.00
CA UNK G 146 61.49 89.51 -37.32
C UNK G 146 62.88 88.89 -37.27
N UNK G 147 63.63 89.01 -38.37
CA UNK G 147 65.00 88.51 -38.38
C UNK G 147 65.87 89.25 -37.37
N UNK G 148 65.70 90.57 -37.27
CA UNK G 148 66.43 91.35 -36.28
C UNK G 148 66.09 90.91 -34.87
N UNK G 149 64.80 90.68 -34.59
CA UNK G 149 64.40 90.17 -33.30
C UNK G 149 64.98 88.78 -33.04
N UNK G 150 64.98 87.92 -34.05
CA UNK G 150 65.58 86.60 -33.91
C UNK G 150 67.08 86.70 -33.67
N UNK G 151 67.75 87.61 -34.39
CA UNK G 151 69.18 87.80 -34.18
C UNK G 151 69.47 88.33 -32.78
N UNK G 152 68.63 89.26 -32.31
CA UNK G 152 68.84 89.80 -30.96
C UNK G 152 68.68 88.72 -29.90
N UNK G 153 67.69 87.85 -30.06
CA UNK G 153 67.49 86.76 -29.10
C UNK G 153 68.64 85.77 -29.10
N UNK G 154 69.37 85.66 -30.21
CA UNK G 154 70.50 84.74 -30.28
C UNK G 154 71.71 85.30 -29.55
N PRO G 625 65.74 81.28 -31.74
CA PRO G 625 66.68 80.53 -30.91
C PRO G 625 66.01 79.28 -30.33
N ASP G 626 65.15 78.66 -31.13
CA ASP G 626 64.43 77.46 -30.71
C ASP G 626 64.40 76.35 -31.73
N ILE G 627 64.79 76.60 -32.99
CA ILE G 627 64.80 75.62 -34.06
C ILE G 627 63.38 75.21 -34.46
N THR G 628 62.39 75.72 -33.74
CA THR G 628 60.98 75.58 -34.08
C THR G 628 60.30 76.92 -34.31
N SER G 629 60.65 77.92 -33.50
CA SER G 629 60.24 79.28 -33.80
C SER G 629 61.00 79.79 -35.02
N TYR G 630 60.40 80.78 -35.71
CA TYR G 630 60.94 81.37 -36.92
C TYR G 630 60.92 80.38 -38.08
N ASN G 631 60.52 79.14 -37.82
CA ASN G 631 60.24 78.21 -38.91
C ASN G 631 58.91 78.55 -39.57
N VAL G 632 57.91 78.93 -38.77
CA VAL G 632 56.68 79.44 -39.34
C VAL G 632 56.91 80.78 -40.04
N LEU G 633 57.81 81.60 -39.50
CA LEU G 633 58.16 82.84 -40.18
C LEU G 633 58.77 82.55 -41.55
N LEU G 634 59.65 81.55 -41.64
CA LEU G 634 60.11 81.09 -42.93
C LEU G 634 58.96 80.54 -43.76
N GLU G 635 58.06 79.78 -43.13
CA GLU G 635 56.87 79.31 -43.82
C GLU G 635 55.99 80.50 -44.23
N ALA G 636 55.86 81.49 -43.36
CA ALA G 636 55.15 82.71 -43.75
C ALA G 636 55.87 83.42 -44.89
N TYR G 637 57.20 83.47 -44.84
CA TYR G 637 57.97 83.99 -45.95
C TYR G 637 57.78 83.13 -47.19
N ALA G 638 57.71 81.82 -47.02
CA ALA G 638 57.51 80.92 -48.15
C ALA G 638 56.16 81.19 -48.82
N LYS G 639 55.12 81.43 -48.02
CA LYS G 639 53.82 81.78 -48.58
C LYS G 639 53.87 83.11 -49.32
N SER G 640 54.81 83.98 -48.94
CA SER G 640 55.00 85.27 -49.60
C SER G 640 56.23 85.28 -50.50
N GLY G 641 56.48 84.16 -51.19
CA GLY G 641 57.65 83.98 -52.04
C GLY G 641 58.94 84.19 -51.25
N SER G 642 59.57 85.35 -51.44
CA SER G 642 60.78 85.71 -50.71
C SER G 642 61.85 84.61 -50.81
N ILE G 643 62.12 84.17 -52.04
CA ILE G 643 63.05 83.07 -52.24
C ILE G 643 64.44 83.40 -51.72
N LYS G 644 64.91 84.62 -52.01
CA LYS G 644 66.20 85.06 -51.47
C LYS G 644 66.14 85.17 -49.95
N GLU G 645 65.06 85.75 -49.42
CA GLU G 645 64.92 85.88 -47.98
C GLU G 645 64.81 84.52 -47.30
N ALA G 646 64.03 83.62 -47.87
CA ALA G 646 63.89 82.28 -47.31
C ALA G 646 65.22 81.54 -47.33
N MET G 647 65.95 81.65 -48.45
CA MET G 647 67.29 81.07 -48.51
C MET G 647 68.22 81.74 -47.50
N GLY G 648 68.12 83.06 -47.37
CA GLY G 648 68.85 83.76 -46.33
C GLY G 648 68.39 83.32 -44.95
N VAL G 649 67.08 83.14 -44.79
CA VAL G 649 66.55 82.66 -43.51
C VAL G 649 67.11 81.29 -43.17
N PHE G 650 67.23 80.42 -44.17
CA PHE G 650 67.87 79.13 -43.96
C PHE G 650 69.32 79.31 -43.51
N HIS G 651 70.05 80.21 -44.18
CA HIS G 651 71.39 80.56 -43.73
C HIS G 651 71.35 81.24 -42.36
N GLN G 652 70.36 82.11 -42.14
CA GLN G 652 70.24 82.78 -40.86
C GLN G 652 69.85 81.84 -39.74
N MET G 653 69.34 80.65 -40.05
CA MET G 653 68.96 79.69 -39.02
C MET G 653 69.82 78.43 -39.07
N GLN G 654 69.85 77.72 -40.20
CA GLN G 654 70.60 76.46 -40.26
C GLN G 654 72.10 76.71 -40.20
N ALA G 655 72.61 77.64 -41.00
CA ALA G 655 74.03 77.95 -40.96
C ALA G 655 74.43 78.64 -39.67
N ALA G 656 73.48 79.24 -38.96
CA ALA G 656 73.74 79.87 -37.67
C ALA G 656 73.71 78.80 -36.58
N GLY G 657 73.68 79.25 -35.32
CA GLY G 657 73.70 78.31 -34.20
C GLY G 657 72.46 77.42 -34.18
N CYS G 658 71.36 77.88 -34.76
CA CYS G 658 70.13 77.10 -34.75
C CYS G 658 70.25 75.88 -35.67
N SER G 659 69.44 74.88 -35.38
CA SER G 659 69.35 73.68 -36.19
C SER G 659 68.12 73.76 -37.10
N PRO G 660 67.84 72.68 -37.82
CA PRO G 660 66.69 72.64 -38.71
C PRO G 660 66.05 71.25 -38.64
N ASN G 661 64.75 71.21 -38.92
CA ASN G 661 63.96 70.00 -38.84
C ASN G 661 63.38 69.67 -40.22
N ALA G 662 62.73 68.51 -40.31
CA ALA G 662 62.27 68.00 -41.59
C ALA G 662 61.22 68.91 -42.21
N ASN G 663 60.29 69.42 -41.40
CA ASN G 663 59.20 70.24 -41.94
C ASN G 663 59.75 71.53 -42.54
N THR G 664 60.83 72.06 -41.97
CA THR G 664 61.42 73.27 -42.53
C THR G 664 61.93 73.05 -43.94
N TYR G 665 62.57 71.91 -44.18
CA TYR G 665 63.06 71.62 -45.53
C TYR G 665 61.91 71.30 -46.47
N SER G 666 60.87 70.64 -45.97
CA SER G 666 59.73 70.30 -46.82
C SER G 666 59.04 71.56 -47.32
N VAL G 667 58.79 72.52 -46.43
CA VAL G 667 58.18 73.77 -46.86
C VAL G 667 59.15 74.56 -47.74
N LEU G 668 60.46 74.44 -47.47
CA LEU G 668 61.44 75.03 -48.36
C LEU G 668 61.39 74.39 -49.74
N LEU G 669 61.22 73.07 -49.79
CA LEU G 669 61.08 72.39 -51.08
C LEU G 669 59.86 72.89 -51.84
N ASN G 670 58.79 73.25 -51.12
CA ASN G 670 57.61 73.78 -51.78
C ASN G 670 57.93 75.09 -52.50
N LEU G 671 58.70 75.97 -51.87
CA LEU G 671 59.06 77.23 -52.50
C LEU G 671 59.88 77.00 -53.77
N PHE G 672 60.86 76.10 -53.70
CA PHE G 672 61.63 75.77 -54.90
C PHE G 672 60.77 75.02 -55.91
N GLY G 673 59.90 74.15 -55.43
CA GLY G 673 59.06 73.38 -56.33
C GLY G 673 58.06 74.23 -57.08
N GLN G 674 57.42 75.17 -56.39
CA GLN G 674 56.43 76.03 -57.04
C GLN G 674 57.07 76.98 -58.05
N ASN G 675 58.36 77.27 -57.90
CA ASN G 675 59.08 78.11 -58.85
C ASN G 675 59.82 77.30 -59.90
N GLY G 676 59.68 75.98 -59.91
CA GLY G 676 60.37 75.16 -60.90
C GLY G 676 61.85 75.03 -60.67
N ARG G 677 62.32 75.21 -59.44
CA ARG G 677 63.75 75.13 -59.12
C ARG G 677 64.16 73.68 -58.86
N TYR G 678 63.87 72.83 -59.86
CA TYR G 678 64.12 71.39 -59.71
C TYR G 678 65.60 71.10 -59.52
N ASP G 679 66.46 71.78 -60.28
CA ASP G 679 67.89 71.65 -60.06
C ASP G 679 68.28 72.11 -58.66
N ASP G 680 67.69 73.21 -58.20
CA ASP G 680 67.90 73.65 -56.82
C ASP G 680 67.33 72.64 -55.84
N VAL G 681 66.17 72.04 -56.17
CA VAL G 681 65.58 71.03 -55.30
C VAL G 681 66.53 69.85 -55.13
N ARG G 682 67.07 69.34 -56.24
CA ARG G 682 68.02 68.23 -56.16
C ARG G 682 69.28 68.65 -55.41
N GLN G 683 69.76 69.87 -55.66
CA GLN G 683 70.91 70.38 -54.91
C GLN G 683 70.58 70.47 -53.42
N LEU G 684 69.38 70.98 -53.10
CA LEU G 684 68.94 70.99 -51.71
C LEU G 684 68.80 69.58 -51.17
N PHE G 685 68.26 68.67 -51.99
CA PHE G 685 68.11 67.28 -51.54
C PHE G 685 69.45 66.60 -51.38
N LEU G 686 70.42 66.95 -52.24
CA LEU G 686 71.77 66.43 -52.06
C LEU G 686 72.35 66.88 -50.73
N GLU G 687 72.10 68.13 -50.34
CA GLU G 687 72.45 68.58 -49.00
C GLU G 687 71.67 67.78 -47.95
N MET G 688 70.44 67.40 -48.27
CA MET G 688 69.60 66.66 -47.32
C MET G 688 70.13 65.27 -47.04
N LYS G 689 70.95 64.71 -47.93
CA LYS G 689 71.42 63.34 -47.76
C LYS G 689 72.44 63.22 -46.63
N SER G 690 73.13 64.32 -46.30
CA SER G 690 74.17 64.30 -45.28
C SER G 690 73.93 65.32 -44.17
N SER G 691 72.81 66.02 -44.19
CA SER G 691 72.56 67.05 -43.17
C SER G 691 72.14 66.40 -41.85
N ASN G 692 71.92 67.26 -40.85
CA ASN G 692 71.56 66.76 -39.53
C ASN G 692 70.20 66.07 -39.53
N THR G 693 69.23 66.65 -40.22
CA THR G 693 67.85 66.15 -40.15
C THR G 693 67.71 64.86 -40.96
N ASP G 694 67.05 63.88 -40.35
CA ASP G 694 66.74 62.62 -41.01
C ASP G 694 65.61 62.81 -42.02
N PRO G 695 65.54 61.95 -43.03
CA PRO G 695 64.46 62.06 -44.02
C PRO G 695 63.11 61.78 -43.39
N ASP G 696 62.08 62.40 -43.96
CA ASP G 696 60.71 62.29 -43.47
C ASP G 696 59.77 61.92 -44.61
N ALA G 697 58.78 61.09 -44.31
CA ALA G 697 57.79 60.71 -45.32
C ALA G 697 57.00 61.92 -45.79
N ALA G 698 56.62 62.79 -44.85
CA ALA G 698 55.91 64.02 -45.23
C ALA G 698 56.79 64.91 -46.11
N THR G 699 58.09 64.96 -45.81
CA THR G 699 59.00 65.72 -46.66
C THR G 699 59.03 65.16 -48.07
N TYR G 700 59.07 63.84 -48.21
CA TYR G 700 59.01 63.24 -49.54
C TYR G 700 57.61 63.29 -50.14
N ASN G 701 56.58 63.42 -49.30
CA ASN G 701 55.21 63.47 -49.83
C ASN G 701 55.01 64.68 -50.72
N ILE G 702 55.51 65.85 -50.30
CA ILE G 702 55.47 67.01 -51.17
C ILE G 702 56.59 66.94 -52.21
N LEU G 703 57.65 66.19 -51.92
CA LEU G 703 58.75 66.05 -52.88
C LEU G 703 58.29 65.28 -54.12
N ILE G 704 57.40 64.30 -53.94
CA ILE G 704 56.87 63.58 -55.09
C ILE G 704 55.98 64.49 -55.92
N ASP G 705 55.22 65.37 -55.27
CA ASP G 705 54.27 66.22 -55.99
C ASP G 705 54.98 67.16 -56.94
N VAL G 706 56.06 67.80 -56.49
CA VAL G 706 56.75 68.77 -57.33
C VAL G 706 57.46 68.07 -58.49
N PHE G 707 58.08 66.92 -58.23
CA PHE G 707 58.69 66.16 -59.31
C PHE G 707 57.63 65.64 -60.28
N GLY G 708 56.51 65.16 -59.77
CA GLY G 708 55.43 64.73 -60.64
C GLY G 708 54.85 65.87 -61.44
N GLU G 709 54.67 67.03 -60.80
CA GLU G 709 54.19 68.20 -61.52
C GLU G 709 55.21 68.68 -62.55
N GLY G 710 56.50 68.49 -62.28
CA GLY G 710 57.54 68.89 -63.19
C GLY G 710 57.81 67.94 -64.33
N GLY G 711 57.07 66.84 -64.41
CA GLY G 711 57.24 65.89 -65.48
C GLY G 711 58.38 64.91 -65.32
N TYR G 712 59.11 64.97 -64.19
CA TYR G 712 60.22 64.06 -63.94
C TYR G 712 59.70 62.70 -63.48
N PHE G 713 58.91 62.07 -64.36
CA PHE G 713 58.25 60.81 -64.02
C PHE G 713 59.27 59.71 -63.81
N LYS G 714 60.33 59.68 -64.62
CA LYS G 714 61.35 58.65 -64.46
C LYS G 714 62.08 58.79 -63.13
N GLU G 715 62.28 60.03 -62.68
CA GLU G 715 62.99 60.24 -61.42
C GLU G 715 62.13 59.88 -60.21
N VAL G 716 60.81 59.97 -60.34
CA VAL G 716 59.93 59.69 -59.20
C VAL G 716 60.07 58.24 -58.76
N VAL G 717 60.09 57.30 -59.72
CA VAL G 717 60.21 55.90 -59.35
C VAL G 717 61.57 55.61 -58.73
N THR G 718 62.61 56.36 -59.13
CA THR G 718 63.90 56.24 -58.46
C THR G 718 63.80 56.66 -57.00
N LEU G 719 63.03 57.70 -56.73
CA LEU G 719 62.83 58.15 -55.35
C LEU G 719 62.14 57.08 -54.52
N PHE G 720 61.23 56.31 -55.13
CA PHE G 720 60.59 55.21 -54.40
C PHE G 720 61.62 54.18 -53.96
N HIS G 721 62.55 53.84 -54.84
CA HIS G 721 63.61 52.90 -54.48
C HIS G 721 64.44 53.44 -53.32
N ASP G 722 64.65 54.76 -53.29
CA ASP G 722 65.32 55.38 -52.15
C ASP G 722 64.51 55.21 -50.87
N MET G 723 63.18 55.33 -50.96
CA MET G 723 62.33 55.18 -49.78
C MET G 723 62.49 53.81 -49.17
N VAL G 724 62.54 52.77 -50.01
CA VAL G 724 62.76 51.41 -49.51
C VAL G 724 64.11 51.33 -48.80
N GLU G 725 65.13 51.97 -49.37
CA GLU G 725 66.44 51.99 -48.72
C GLU G 725 66.39 52.68 -47.36
N GLU G 726 65.68 53.80 -47.29
CA GLU G 726 65.56 54.52 -46.02
C GLU G 726 64.66 53.82 -45.02
N ASN G 727 63.93 52.78 -45.44
CA ASN G 727 63.02 52.01 -44.62
C ASN G 727 61.86 52.85 -44.08
N ILE G 728 61.67 54.06 -44.60
CA ILE G 728 60.54 54.88 -44.19
C ILE G 728 59.28 54.33 -44.83
N GLU G 729 58.27 54.08 -44.01
CA GLU G 729 57.02 53.51 -44.52
C GLU G 729 56.30 54.56 -45.37
N PRO G 730 55.94 54.23 -46.61
CA PRO G 730 55.19 55.19 -47.43
C PRO G 730 53.71 55.14 -47.08
N ASP G 731 53.13 56.30 -46.80
CA ASP G 731 51.71 56.38 -46.49
C ASP G 731 50.92 56.30 -47.80
N MET G 732 49.60 56.47 -47.70
CA MET G 732 48.76 56.36 -48.90
C MET G 732 49.06 57.48 -49.88
N GLU G 733 49.30 58.69 -49.38
CA GLU G 733 49.58 59.82 -50.26
C GLU G 733 50.85 59.59 -51.07
N THR G 734 51.89 59.07 -50.42
CA THR G 734 53.12 58.75 -51.15
C THR G 734 52.87 57.68 -52.21
N TYR G 735 52.09 56.65 -51.88
CA TYR G 735 51.72 55.66 -52.88
C TYR G 735 50.92 56.29 -54.01
N GLU G 736 49.93 57.11 -53.66
CA GLU G 736 49.12 57.76 -54.68
C GLU G 736 49.94 58.73 -55.52
N GLY G 737 50.82 59.51 -54.88
CA GLY G 737 51.63 60.45 -55.62
C GLY G 737 52.56 59.77 -56.61
N ILE G 738 53.20 58.68 -56.19
CA ILE G 738 54.09 57.96 -57.09
C ILE G 738 53.30 57.35 -58.24
N ILE G 739 52.18 56.71 -57.93
CA ILE G 739 51.39 56.04 -58.97
C ILE G 739 50.80 57.07 -59.94
N PHE G 740 50.33 58.20 -59.41
CA PHE G 740 49.76 59.23 -60.28
C PHE G 740 50.80 59.74 -61.28
N ALA G 741 52.01 60.03 -60.78
CA ALA G 741 53.09 60.40 -61.69
C ALA G 741 53.49 59.23 -62.58
N CYS G 742 53.40 58.01 -62.05
CA CYS G 742 53.69 56.82 -62.85
C CYS G 742 52.68 56.65 -63.98
N GLY G 743 51.40 56.91 -63.69
CA GLY G 743 50.39 56.74 -64.72
C GLY G 743 50.59 57.69 -65.90
N LYS G 744 50.87 58.95 -65.60
CA LYS G 744 51.12 59.92 -66.67
C LYS G 744 52.40 59.58 -67.43
N GLY G 745 53.36 58.95 -66.77
CA GLY G 745 54.57 58.51 -67.45
C GLY G 745 54.45 57.19 -68.16
N GLY G 746 53.33 56.49 -67.99
CA GLY G 746 53.14 55.20 -68.64
C GLY G 746 54.13 54.15 -68.20
N LEU G 747 54.54 54.18 -66.92
CA LEU G 747 55.51 53.21 -66.40
C LEU G 747 54.76 51.98 -65.89
N HIS G 748 54.23 51.22 -66.84
CA HIS G 748 53.39 50.08 -66.50
C HIS G 748 54.16 49.05 -65.68
N GLU G 749 55.40 48.76 -66.06
CA GLU G 749 56.21 47.83 -65.29
C GLU G 749 56.51 48.37 -63.90
N ASP G 750 56.78 49.67 -63.81
CA ASP G 750 57.01 50.29 -62.50
C ASP G 750 55.72 50.32 -61.68
N ALA G 751 54.58 50.54 -62.34
CA ALA G 751 53.31 50.56 -61.63
C ALA G 751 53.03 49.23 -60.94
N ARG G 752 53.32 48.13 -61.64
CA ARG G 752 53.11 46.81 -61.04
C ARG G 752 54.00 46.62 -59.83
N LYS G 753 55.26 47.07 -59.91
CA LYS G 753 56.16 46.94 -58.77
C LYS G 753 55.62 47.69 -57.56
N ILE G 754 55.08 48.89 -57.78
CA ILE G 754 54.46 49.63 -56.67
C ILE G 754 53.26 48.86 -56.13
N LEU G 755 52.42 48.34 -57.03
CA LEU G 755 51.21 47.63 -56.61
C LEU G 755 51.55 46.36 -55.86
N GLN G 756 52.52 45.59 -56.35
CA GLN G 756 52.90 44.35 -55.68
C GLN G 756 53.58 44.64 -54.35
N TYR G 757 54.35 45.72 -54.28
CA TYR G 757 55.03 46.07 -53.04
C TYR G 757 54.04 46.48 -51.95
N MET G 758 53.01 47.25 -52.32
CA MET G 758 52.09 47.74 -51.30
C MET G 758 51.19 46.62 -50.78
N THR G 759 50.80 45.68 -51.64
CA THR G 759 49.95 44.59 -51.19
C THR G 759 50.73 43.56 -50.38
N ALA G 760 52.06 43.54 -50.48
CA ALA G 760 52.85 42.68 -49.62
C ALA G 760 52.88 43.21 -48.20
N LYS G 761 52.69 44.51 -48.02
CA LYS G 761 52.59 45.12 -46.71
C LYS G 761 51.16 45.16 -46.18
N ASP G 762 50.22 44.52 -46.88
CA ASP G 762 48.84 44.39 -46.44
C ASP G 762 48.18 45.75 -46.26
N VAL G 763 48.10 46.49 -47.37
CA VAL G 763 47.44 47.79 -47.42
C VAL G 763 46.36 47.72 -48.49
N VAL G 764 45.13 48.05 -48.10
CA VAL G 764 44.02 48.07 -49.05
C VAL G 764 44.18 49.28 -49.97
N PRO G 765 44.29 49.10 -51.27
CA PRO G 765 44.46 50.25 -52.17
C PRO G 765 43.19 51.09 -52.24
N SER G 766 43.39 52.37 -52.52
CA SER G 766 42.27 53.30 -52.64
C SER G 766 41.87 53.46 -54.10
N SER G 767 40.71 54.10 -54.31
CA SER G 767 40.22 54.32 -55.66
C SER G 767 41.17 55.21 -56.45
N LYS G 768 41.68 56.28 -55.83
CA LYS G 768 42.60 57.15 -56.52
C LYS G 768 43.92 56.45 -56.81
N ALA G 769 44.28 55.44 -56.00
CA ALA G 769 45.47 54.66 -56.30
C ALA G 769 45.31 53.88 -57.60
N TYR G 770 44.12 53.31 -57.82
CA TYR G 770 43.88 52.56 -59.05
C TYR G 770 43.79 53.47 -60.27
N THR G 771 43.52 54.76 -60.06
CA THR G 771 43.43 55.68 -61.19
C THR G 771 44.74 55.73 -61.96
N GLY G 772 45.86 55.91 -61.24
CA GLY G 772 47.15 55.91 -61.91
C GLY G 772 47.52 54.55 -62.48
N VAL G 773 47.13 53.48 -61.79
CA VAL G 773 47.49 52.14 -62.23
C VAL G 773 46.89 51.84 -63.59
N ILE G 774 45.58 52.13 -63.76
CA ILE G 774 44.94 51.84 -65.04
C ILE G 774 45.49 52.74 -66.14
N GLU G 775 45.93 53.95 -65.78
CA GLU G 775 46.57 54.82 -66.77
C GLU G 775 47.87 54.20 -67.27
N ALA G 776 48.63 53.57 -66.36
CA ALA G 776 49.89 52.94 -66.78
C ALA G 776 49.66 51.83 -67.79
N PHE G 777 48.50 51.19 -67.75
CA PHE G 777 48.16 50.16 -68.72
C PHE G 777 47.26 50.67 -69.84
N GLY G 778 46.37 51.61 -69.54
CA GLY G 778 45.52 52.16 -70.59
C GLY G 778 46.30 52.92 -71.63
N GLN G 779 47.27 53.74 -71.21
CA GLN G 779 48.09 54.49 -72.14
C GLN G 779 49.00 53.58 -72.96
N ALA G 780 49.19 52.34 -72.56
CA ALA G 780 50.05 51.39 -73.27
C ALA G 780 49.26 50.32 -74.00
N ALA G 781 47.98 50.57 -74.27
CA ALA G 781 47.08 49.65 -74.97
C ALA G 781 46.91 48.33 -74.24
N LEU G 782 47.29 48.25 -72.97
CA LEU G 782 47.09 47.05 -72.17
C LEU G 782 45.72 47.11 -71.47
N TYR G 783 44.67 47.12 -72.30
CA TYR G 783 43.32 47.23 -71.78
C TYR G 783 42.94 45.99 -70.97
N GLU G 784 43.49 44.84 -71.32
CA GLU G 784 43.14 43.61 -70.61
C GLU G 784 43.55 43.68 -69.15
N GLU G 785 44.75 44.19 -68.87
CA GLU G 785 45.19 44.35 -67.49
C GLU G 785 44.53 45.55 -66.83
N ALA G 786 44.28 46.62 -67.58
CA ALA G 786 43.58 47.77 -67.02
C ALA G 786 42.16 47.39 -66.60
N LEU G 787 41.47 46.61 -67.44
CA LEU G 787 40.13 46.17 -67.09
C LEU G 787 40.15 45.27 -65.86
N VAL G 788 41.18 44.41 -65.75
CA VAL G 788 41.33 43.58 -64.55
C VAL G 788 41.50 44.46 -63.32
N ALA G 789 42.35 45.49 -63.43
CA ALA G 789 42.49 46.44 -62.32
C ALA G 789 41.16 47.10 -61.99
N PHE G 790 40.30 47.28 -62.99
CA PHE G 790 38.97 47.82 -62.72
C PHE G 790 38.09 46.80 -62.01
N ASN G 791 38.30 45.51 -62.27
CA ASN G 791 37.55 44.48 -61.55
C ASN G 791 38.06 44.28 -60.13
N THR G 792 39.37 44.41 -59.93
CA THR G 792 39.93 44.23 -58.59
C THR G 792 39.46 45.31 -57.63
N MET G 793 39.26 46.54 -58.12
CA MET G 793 38.89 47.63 -57.22
C MET G 793 37.46 47.49 -56.73
N HIS G 794 36.60 46.80 -57.48
CA HIS G 794 35.27 46.51 -56.96
C HIS G 794 35.32 45.43 -55.89
N GLU G 795 36.35 44.58 -55.93
CA GLU G 795 36.50 43.54 -54.92
C GLU G 795 36.99 44.12 -53.60
N VAL G 796 37.92 45.08 -53.67
CA VAL G 796 38.47 45.66 -52.45
C VAL G 796 37.51 46.62 -51.75
N GLY G 797 36.36 46.91 -52.35
CA GLY G 797 35.34 47.72 -51.74
C GLY G 797 35.41 49.20 -52.09
N SER G 798 36.45 49.63 -52.80
CA SER G 798 36.58 51.03 -53.17
C SER G 798 35.64 51.34 -54.34
N ASN G 799 34.80 52.36 -54.17
CA ASN G 799 33.88 52.74 -55.23
C ASN G 799 34.63 53.43 -56.36
N PRO G 800 34.28 53.17 -57.62
CA PRO G 800 34.94 53.87 -58.74
C PRO G 800 34.45 55.30 -58.85
N SER G 801 35.38 56.24 -58.79
CA SER G 801 35.05 57.65 -58.99
C SER G 801 34.94 57.96 -60.47
N ILE G 802 34.47 59.19 -60.77
CA ILE G 802 34.35 59.59 -62.17
C ILE G 802 35.73 59.64 -62.82
N GLU G 803 36.78 59.89 -62.03
CA GLU G 803 38.13 59.87 -62.57
C GLU G 803 38.50 58.47 -63.07
N THR G 804 38.11 57.44 -62.32
CA THR G 804 38.37 56.08 -62.76
C THR G 804 37.69 55.79 -64.09
N PHE G 805 36.44 56.21 -64.24
CA PHE G 805 35.75 56.02 -65.52
C PHE G 805 36.37 56.86 -66.61
N HIS G 806 36.63 58.14 -66.32
CA HIS G 806 37.19 59.04 -67.33
C HIS G 806 38.57 58.59 -67.77
N SER G 807 39.42 58.24 -66.81
CA SER G 807 40.77 57.77 -67.16
C SER G 807 40.71 56.49 -67.97
N LEU G 808 39.81 55.57 -67.61
CA LEU G 808 39.60 54.39 -68.42
C LEU G 808 38.96 54.73 -69.76
N LEU G 809 38.10 55.76 -69.78
CA LEU G 809 37.42 56.13 -71.02
C LEU G 809 38.41 56.65 -72.06
N TYR G 810 39.33 57.52 -71.64
CA TYR G 810 40.30 58.06 -72.58
C TYR G 810 41.22 56.97 -73.10
N SER G 811 41.49 55.94 -72.29
CA SER G 811 42.27 54.81 -72.77
C SER G 811 41.54 54.10 -73.91
N PHE G 812 40.22 53.95 -73.78
CA PHE G 812 39.44 53.34 -74.85
C PHE G 812 39.36 54.26 -76.06
N ALA G 813 39.25 55.57 -75.83
CA ALA G 813 39.12 56.52 -76.94
C ALA G 813 40.37 56.51 -77.82
N ARG G 814 41.55 56.53 -77.22
CA ARG G 814 42.78 56.54 -78.00
C ARG G 814 42.98 55.23 -78.76
N GLY G 815 42.46 54.13 -78.23
CA GLY G 815 42.56 52.85 -78.89
C GLY G 815 41.42 52.51 -79.83
N GLY G 816 40.48 53.41 -80.03
CA GLY G 816 39.33 53.10 -80.87
C GLY G 816 38.41 52.04 -80.31
N LEU G 817 38.25 52.02 -78.98
CA LEU G 817 37.35 51.06 -78.33
C LEU G 817 35.95 51.63 -78.13
N PHE G 818 35.35 52.12 -79.21
CA PHE G 818 34.03 52.72 -79.10
C PHE G 818 32.97 51.67 -78.78
N LYS G 819 33.15 50.44 -79.25
CA LYS G 819 32.24 49.36 -78.89
C LYS G 819 32.34 48.98 -77.42
N GLU G 820 33.36 49.46 -76.72
CA GLU G 820 33.50 49.24 -75.29
C GLU G 820 33.41 50.51 -74.47
N SER G 821 33.66 51.68 -75.07
CA SER G 821 33.60 52.93 -74.32
C SER G 821 32.18 53.22 -73.85
N GLU G 822 31.18 53.00 -74.72
CA GLU G 822 29.80 53.28 -74.34
C GLU G 822 29.33 52.33 -73.23
N VAL G 823 29.95 51.15 -73.13
CA VAL G 823 29.64 50.26 -72.02
C VAL G 823 29.99 50.93 -70.70
N ILE G 824 31.16 51.56 -70.64
CA ILE G 824 31.51 52.37 -69.48
C ILE G 824 30.55 53.54 -69.35
N LEU G 825 30.21 54.18 -70.48
CA LEU G 825 29.25 55.28 -70.45
C LEU G 825 27.89 54.79 -69.97
N SER G 826 27.44 53.64 -70.45
CA SER G 826 26.16 53.10 -70.00
C SER G 826 26.20 52.77 -68.51
N ARG G 827 27.29 52.19 -68.03
CA ARG G 827 27.43 51.93 -66.61
C ARG G 827 27.47 53.24 -65.82
N LEU G 828 28.08 54.27 -66.39
CA LEU G 828 28.09 55.58 -65.75
C LEU G 828 26.67 56.12 -65.62
N VAL G 829 25.86 55.99 -66.68
CA VAL G 829 24.45 56.34 -66.58
C VAL G 829 23.72 55.38 -65.67
N ASN G 830 24.08 54.09 -65.72
CA ASN G 830 23.50 53.12 -64.80
C ASN G 830 23.82 53.48 -63.36
N SER G 831 25.05 53.91 -63.10
CA SER G 831 25.40 54.40 -61.77
C SER G 831 24.70 55.71 -61.42
N GLY G 832 24.07 56.36 -62.39
CA GLY G 832 23.39 57.62 -62.16
C GLY G 832 24.26 58.84 -62.27
N ILE G 833 25.55 58.68 -62.51
CA ILE G 833 26.45 59.84 -62.65
C ILE G 833 26.11 60.58 -63.94
N PRO G 834 25.89 61.89 -63.88
CA PRO G 834 25.61 62.64 -65.11
C PRO G 834 26.79 62.63 -66.05
N ARG G 835 26.49 62.66 -67.35
CA ARG G 835 27.52 62.64 -68.38
C ARG G 835 28.32 63.94 -68.32
N ASN G 836 29.56 63.84 -67.85
CA ASN G 836 30.42 65.01 -67.74
C ASN G 836 30.90 65.46 -69.13
N ARG G 837 31.40 66.69 -69.18
CA ARG G 837 31.90 67.23 -70.44
C ARG G 837 33.12 66.47 -70.94
N ASP G 838 33.98 66.02 -70.02
CA ASP G 838 35.14 65.25 -70.43
C ASP G 838 34.77 63.88 -70.97
N THR G 839 33.54 63.43 -70.75
CA THR G 839 33.13 62.14 -71.27
C THR G 839 32.94 62.18 -72.78
N PHE G 840 32.25 63.20 -73.28
CA PHE G 840 31.84 63.22 -74.69
C PHE G 840 33.03 63.36 -75.62
N ASN G 841 33.98 64.23 -75.27
CA ASN G 841 35.14 64.42 -76.15
C ASN G 841 35.94 63.14 -76.32
N ALA G 842 35.84 62.23 -75.35
CA ALA G 842 36.42 60.91 -75.55
C ALA G 842 35.55 60.02 -76.43
N THR G 843 34.22 60.17 -76.34
CA THR G 843 33.33 59.36 -77.16
C THR G 843 33.53 59.67 -78.64
N ILE G 844 33.64 60.94 -79.00
CA ILE G 844 33.87 61.29 -80.40
C ILE G 844 35.23 60.80 -80.85
N GLU G 845 36.25 60.89 -79.98
CA GLU G 845 37.55 60.34 -80.32
C GLU G 845 37.49 58.83 -80.48
N ALA G 846 36.73 58.15 -79.62
CA ALA G 846 36.54 56.71 -79.77
C ALA G 846 35.84 56.40 -81.09
N TYR G 847 34.82 57.18 -81.44
CA TYR G 847 34.18 57.03 -82.74
C TYR G 847 35.10 57.44 -83.87
N LYS G 848 35.96 58.44 -83.64
CA LYS G 848 36.88 58.88 -84.68
C LYS G 848 37.85 57.75 -85.06
N GLN G 849 38.50 57.15 -84.07
CA GLN G 849 39.41 56.05 -84.36
C GLN G 849 38.68 54.81 -84.85
N GLY G 850 37.39 54.69 -84.57
CA GLY G 850 36.58 53.59 -85.07
C GLY G 850 35.95 53.81 -86.41
N GLY G 851 36.15 54.98 -87.02
CA GLY G 851 35.54 55.28 -88.30
C GLY G 851 34.09 55.68 -88.24
N LYS G 852 33.53 55.88 -87.05
CA LYS G 852 32.13 56.28 -86.91
C LYS G 852 32.03 57.81 -86.94
N PHE G 853 32.25 58.35 -88.14
CA PHE G 853 32.23 59.79 -88.32
C PHE G 853 30.83 60.35 -88.04
N GLU G 854 29.79 59.70 -88.57
CA GLU G 854 28.44 60.16 -88.35
C GLU G 854 28.07 60.09 -86.87
N GLU G 855 28.44 59.01 -86.20
CA GLU G 855 28.19 58.88 -84.77
C GLU G 855 28.95 59.95 -83.99
N ALA G 856 30.19 60.22 -84.38
CA ALA G 856 30.96 61.28 -83.73
C ALA G 856 30.31 62.63 -83.94
N VAL G 857 29.84 62.91 -85.15
CA VAL G 857 29.14 64.16 -85.42
C VAL G 857 27.85 64.23 -84.63
N LYS G 858 27.08 63.15 -84.64
CA LYS G 858 25.81 63.14 -83.92
C LYS G 858 26.02 63.32 -82.42
N THR G 859 27.02 62.64 -81.86
CA THR G 859 27.28 62.77 -80.43
C THR G 859 27.72 64.20 -80.09
N TYR G 860 28.48 64.84 -80.97
CA TYR G 860 28.85 66.23 -80.74
C TYR G 860 27.60 67.11 -80.74
N VAL G 861 26.67 66.86 -81.65
CA VAL G 861 25.41 67.61 -81.66
C VAL G 861 24.66 67.37 -80.35
N ASP G 862 24.60 66.12 -79.91
CA ASP G 862 24.00 65.82 -78.62
C ASP G 862 24.73 66.53 -77.49
N MET G 863 26.05 66.69 -77.61
CA MET G 863 26.81 67.33 -76.56
C MET G 863 26.44 68.80 -76.42
N GLU G 864 26.42 69.54 -77.53
CA GLU G 864 26.11 70.96 -77.45
C GLU G 864 24.65 71.21 -77.08
N LYS G 865 23.75 70.33 -77.50
CA LYS G 865 22.34 70.53 -77.19
C LYS G 865 22.07 70.43 -75.69
N SER G 866 22.72 69.47 -75.01
CA SER G 866 22.53 69.27 -73.58
C SER G 866 23.46 70.18 -72.79
N ARG G 867 23.27 71.48 -72.97
CA ARG G 867 24.15 72.50 -72.39
C ARG G 867 25.59 72.19 -72.78
N CYS G 868 26.51 72.36 -71.84
CA CYS G 868 27.88 71.86 -72.00
C CYS G 868 28.51 72.36 -73.30
N ASP G 869 28.71 73.67 -73.34
CA ASP G 869 29.31 74.29 -74.51
C ASP G 869 30.68 73.66 -74.80
N PRO G 870 31.03 73.43 -76.06
CA PRO G 870 32.28 72.74 -76.37
C PRO G 870 33.49 73.53 -75.88
N ASP G 871 34.55 72.80 -75.54
CA ASP G 871 35.80 73.37 -75.07
C ASP G 871 36.91 73.12 -76.09
N GLU G 872 38.11 73.60 -75.76
CA GLU G 872 39.24 73.46 -76.67
C GLU G 872 39.60 71.99 -76.90
N ARG G 873 39.56 71.17 -75.84
CA ARG G 873 39.77 69.74 -76.03
C ARG G 873 38.74 69.17 -76.98
N THR G 874 37.50 69.62 -76.87
CA THR G 874 36.47 69.21 -77.81
C THR G 874 36.71 69.83 -79.19
N LEU G 875 37.15 71.10 -79.22
CA LEU G 875 37.27 71.81 -80.49
C LEU G 875 38.28 71.15 -81.42
N GLU G 876 39.41 70.69 -80.87
CA GLU G 876 40.35 69.95 -81.71
C GLU G 876 39.82 68.57 -82.05
N ALA G 877 39.04 67.97 -81.16
CA ALA G 877 38.49 66.64 -81.44
C ALA G 877 37.47 66.69 -82.56
N VAL G 878 36.56 67.67 -82.53
CA VAL G 878 35.60 67.81 -83.63
C VAL G 878 36.32 68.20 -84.91
N LEU G 879 37.44 68.92 -84.78
CA LEU G 879 38.24 69.22 -85.97
C LEU G 879 38.90 67.96 -86.51
N SER G 880 39.14 66.97 -85.65
CA SER G 880 39.79 65.74 -86.11
C SER G 880 38.86 64.92 -86.99
N VAL G 881 37.59 64.77 -86.58
CA VAL G 881 36.67 63.95 -87.36
C VAL G 881 36.40 64.57 -88.72
N TYR G 882 36.28 65.90 -88.77
CA TYR G 882 36.17 66.58 -90.06
C TYR G 882 37.44 66.45 -90.88
N SER G 883 38.60 66.37 -90.21
CA SER G 883 39.86 66.14 -90.92
C SER G 883 39.99 64.67 -91.34
N CYS G 884 39.56 63.74 -90.48
CA CYS G 884 39.59 62.34 -90.86
C CYS G 884 38.69 62.08 -92.07
N ALA G 885 37.51 62.69 -92.07
CA ALA G 885 36.71 62.72 -93.28
C ALA G 885 37.41 63.57 -94.33
N ARG G 886 37.25 63.20 -95.59
CA ARG G 886 37.97 63.87 -96.66
C ARG G 886 37.42 65.26 -96.98
N LEU G 887 36.29 65.64 -96.38
CA LEU G 887 35.77 66.99 -96.58
C LEU G 887 36.78 68.02 -96.10
N VAL G 888 36.96 69.08 -96.89
CA VAL G 888 37.98 70.09 -96.66
C VAL G 888 37.37 71.45 -96.35
N ASP G 889 36.26 71.79 -96.98
CA ASP G 889 35.67 73.12 -96.81
C ASP G 889 35.28 73.38 -95.37
N GLU G 890 34.78 72.35 -94.66
CA GLU G 890 34.41 72.52 -93.26
C GLU G 890 35.63 72.86 -92.41
N CYS G 891 36.78 72.27 -92.73
CA CYS G 891 37.98 72.49 -91.93
C CYS G 891 38.35 73.97 -91.89
N ARG G 892 38.35 74.62 -93.06
CA ARG G 892 38.65 76.04 -93.11
C ARG G 892 37.58 76.86 -92.37
N GLU G 893 36.31 76.50 -92.56
CA GLU G 893 35.24 77.22 -91.87
C GLU G 893 35.16 76.84 -90.39
N GLN G 894 35.94 75.88 -89.94
CA GLN G 894 36.05 75.52 -88.53
C GLN G 894 37.31 76.04 -87.88
N PHE G 895 38.45 75.94 -88.57
CA PHE G 895 39.73 76.31 -87.97
C PHE G 895 39.77 77.79 -87.61
N GLU G 896 39.26 78.65 -88.50
CA GLU G 896 39.32 80.09 -88.25
C GLU G 896 38.54 80.50 -87.01
N GLU G 897 37.62 79.64 -86.55
CA GLU G 897 36.79 79.99 -85.40
C GLU G 897 37.63 80.14 -84.13
N MET G 898 38.67 79.32 -83.98
CA MET G 898 39.51 79.40 -82.79
C MET G 898 40.14 80.78 -82.67
N LYS G 899 40.70 81.28 -83.77
CA LYS G 899 41.22 82.64 -83.77
C LYS G 899 40.09 83.66 -83.70
N ALA G 900 38.95 83.35 -84.32
CA ALA G 900 37.78 84.21 -84.18
C ALA G 900 37.31 84.28 -82.74
N SER G 901 37.34 83.15 -82.04
CA SER G 901 37.02 83.09 -80.62
C SER G 901 38.18 83.51 -79.73
N ASP G 902 39.29 83.97 -80.33
CA ASP G 902 40.46 84.52 -79.67
C ASP G 902 41.26 83.51 -78.88
N ILE G 903 40.87 82.23 -78.90
CA ILE G 903 41.69 81.19 -78.28
C ILE G 903 42.73 80.73 -79.28
N LEU G 904 44.00 80.88 -78.94
CA LEU G 904 45.07 80.52 -79.85
C LEU G 904 45.06 79.01 -80.07
N PRO G 905 44.97 78.54 -81.31
CA PRO G 905 45.07 77.10 -81.56
C PRO G 905 46.40 76.56 -81.06
N SER G 906 46.35 75.40 -80.41
CA SER G 906 47.57 74.76 -79.95
C SER G 906 48.32 74.15 -81.12
N ILE G 907 49.64 73.96 -80.92
CA ILE G 907 50.44 73.27 -81.93
C ILE G 907 49.94 71.86 -82.15
N MET G 908 49.20 71.31 -81.18
CA MET G 908 48.49 70.05 -81.40
C MET G 908 47.56 70.15 -82.59
N CYS G 909 46.96 71.32 -82.82
CA CYS G 909 46.06 71.52 -83.96
C CYS G 909 46.66 72.58 -84.87
N TYR G 910 47.62 72.16 -85.69
CA TYR G 910 48.08 72.95 -86.83
C TYR G 910 48.41 72.08 -88.03
N CYS G 911 48.28 70.75 -87.93
CA CYS G 911 48.73 69.86 -88.98
C CYS G 911 47.58 69.22 -89.73
N MET G 912 46.42 69.02 -89.04
CA MET G 912 45.27 68.38 -89.69
C MET G 912 44.79 69.21 -90.87
N MET G 913 44.75 70.54 -90.73
CA MET G 913 44.28 71.39 -91.83
C MET G 913 45.20 71.28 -93.05
N LEU G 914 46.52 71.27 -92.83
CA LEU G 914 47.42 71.00 -93.93
C LEU G 914 47.43 69.52 -94.31
N SER G 915 47.02 68.64 -93.40
CA SER G 915 46.86 67.23 -93.76
C SER G 915 45.71 67.05 -94.73
N VAL G 916 44.55 67.63 -94.41
CA VAL G 916 43.43 67.56 -95.34
C VAL G 916 43.71 68.37 -96.60
N TYR G 917 44.41 69.50 -96.46
CA TYR G 917 44.92 70.19 -97.63
C TYR G 917 45.88 69.29 -98.40
N GLY G 918 46.75 68.58 -97.68
CA GLY G 918 47.59 67.58 -98.34
C GLY G 918 46.78 66.44 -98.92
N LYS G 919 45.75 66.01 -98.19
CA LYS G 919 44.86 64.98 -98.73
C LYS G 919 44.09 65.47 -99.94
N THR G 920 43.71 66.75 -99.96
CA THR G 920 43.05 67.35 -101.11
C THR G 920 44.06 67.97 -102.08
N GLU G 921 45.35 67.81 -101.84
CA GLU G 921 46.41 68.35 -102.71
C GLU G 921 46.30 69.86 -102.85
N SER G 922 45.88 70.54 -101.78
CA SER G 922 45.76 71.99 -101.77
C SER G 922 47.09 72.61 -101.35
N TRP G 923 48.07 72.47 -102.25
CA TRP G 923 49.41 72.98 -101.96
C TRP G 923 49.41 74.48 -101.79
N ASP G 924 48.67 75.20 -102.64
CA ASP G 924 48.56 76.65 -102.49
C ASP G 924 47.92 77.01 -101.16
N ASP G 925 46.89 76.27 -100.76
CA ASP G 925 46.32 76.45 -99.43
C ASP G 925 47.35 76.10 -98.35
N VAL G 926 48.14 75.05 -98.59
CA VAL G 926 49.23 74.72 -97.67
C VAL G 926 50.25 75.86 -97.64
N ASN G 927 50.63 76.37 -98.82
CA ASN G 927 51.61 77.43 -98.88
C ASN G 927 51.15 78.66 -98.12
N GLU G 928 49.88 79.03 -98.27
CA GLU G 928 49.33 80.10 -97.45
C GLU G 928 49.31 79.70 -95.98
N LEU G 929 48.98 78.44 -95.70
CA LEU G 929 48.86 78.00 -94.31
C LEU G 929 50.20 78.03 -93.59
N LEU G 930 51.23 77.42 -94.19
CA LEU G 930 52.54 77.47 -93.55
C LEU G 930 53.13 78.87 -93.59
N GLU G 931 52.65 79.72 -94.49
CA GLU G 931 53.04 81.13 -94.45
C GLU G 931 52.52 81.79 -93.18
N GLU G 932 51.26 81.52 -92.80
CA GLU G 932 50.77 81.93 -91.50
C GLU G 932 51.56 81.27 -90.39
N MET G 933 52.11 80.10 -90.66
CA MET G 933 53.05 79.45 -89.74
C MET G 933 54.45 80.04 -89.82
N LEU G 934 54.77 80.77 -90.89
CA LEU G 934 56.11 81.31 -91.05
C LEU G 934 56.36 82.40 -90.03
N SER G 935 57.25 82.10 -89.08
CA SER G 935 57.69 82.95 -87.97
C SER G 935 56.64 83.08 -86.88
N ASN G 936 55.40 82.64 -87.15
CA ASN G 936 54.45 82.15 -86.15
C ASN G 936 54.56 82.82 -84.80
N ARG G 937 54.27 84.12 -84.71
CA ARG G 937 54.62 84.87 -83.52
C ARG G 937 53.78 84.40 -82.33
N VAL G 938 54.02 83.15 -81.93
CA VAL G 938 53.37 82.50 -80.80
C VAL G 938 54.45 81.73 -80.05
N SER G 939 54.05 80.93 -79.06
CA SER G 939 54.98 80.09 -78.32
C SER G 939 55.93 79.36 -79.25
N ASN G 940 57.21 79.28 -78.84
CA ASN G 940 58.25 78.76 -79.70
C ASN G 940 58.07 77.27 -80.01
N ILE G 941 57.23 76.57 -79.25
CA ILE G 941 56.98 75.16 -79.56
C ILE G 941 56.40 75.03 -80.96
N HIS G 942 55.51 75.96 -81.33
CA HIS G 942 55.01 76.01 -82.70
C HIS G 942 56.14 76.25 -83.69
N GLN G 943 56.99 77.23 -83.39
CA GLN G 943 57.96 77.70 -84.38
C GLN G 943 58.99 76.64 -84.72
N VAL G 944 59.28 75.72 -83.80
CA VAL G 944 60.22 74.64 -84.10
C VAL G 944 59.64 73.67 -85.10
N ILE G 945 58.35 73.34 -84.95
CA ILE G 945 57.71 72.38 -85.83
C ILE G 945 57.63 72.92 -87.26
N GLY G 946 57.29 74.20 -87.42
CA GLY G 946 57.16 74.76 -88.75
C GLY G 946 58.43 74.73 -89.54
N GLN G 947 59.58 74.86 -88.89
CA GLN G 947 60.86 74.74 -89.58
C GLN G 947 61.15 73.31 -90.01
N MET G 948 60.36 72.35 -89.54
CA MET G 948 60.57 70.97 -89.94
C MET G 948 59.79 70.63 -91.21
N ILE G 949 58.56 71.16 -91.33
CA ILE G 949 57.76 70.85 -92.51
C ILE G 949 58.36 71.48 -93.76
N LYS G 950 58.98 72.65 -93.61
CA LYS G 950 59.70 73.26 -94.72
C LYS G 950 61.09 72.68 -94.91
N GLY G 951 61.53 71.80 -94.01
CA GLY G 951 62.85 71.22 -94.11
C GLY G 951 63.97 72.07 -93.55
N ASN G 952 63.65 73.19 -92.90
CA ASN G 952 64.70 74.06 -92.38
C ASN G 952 65.50 73.37 -91.29
N TYR G 953 64.84 72.58 -90.43
CA TYR G 953 65.51 71.88 -89.35
C TYR G 953 65.93 70.46 -89.74
N ASP G 954 66.14 70.21 -91.03
CA ASP G 954 66.52 68.87 -91.47
C ASP G 954 67.91 68.48 -90.95
N ASP G 955 68.83 69.44 -90.93
CA ASP G 955 70.20 69.14 -90.53
C ASP G 955 70.27 68.80 -89.04
N ASP G 956 71.42 68.23 -88.64
CA ASP G 956 71.59 67.79 -87.27
C ASP G 956 71.77 68.97 -86.32
N SER G 957 72.38 70.06 -86.80
CA SER G 957 72.71 71.19 -85.93
C SER G 957 71.47 71.77 -85.27
N ASN G 958 70.41 71.97 -86.04
CA ASN G 958 69.15 72.42 -85.49
C ASN G 958 68.22 71.26 -85.16
N TRP G 959 68.67 70.02 -85.34
CA TRP G 959 67.89 68.87 -84.89
C TRP G 959 67.96 68.69 -83.39
N GLN G 960 69.00 69.23 -82.74
CA GLN G 960 69.10 69.14 -81.28
C GLN G 960 67.94 69.86 -80.60
N ILE G 961 67.60 71.06 -81.07
CA ILE G 961 66.46 71.76 -80.50
C ILE G 961 65.17 71.04 -80.84
N VAL G 962 65.12 70.40 -82.01
CA VAL G 962 63.96 69.57 -82.35
C VAL G 962 63.81 68.44 -81.34
N GLU G 963 64.92 67.76 -81.03
CA GLU G 963 64.91 66.76 -79.96
C GLU G 963 64.59 67.42 -78.62
N TYR G 964 65.15 68.60 -78.37
CA TYR G 964 64.91 69.30 -77.12
C TYR G 964 63.42 69.60 -76.94
N VAL G 965 62.76 70.08 -78.00
CA VAL G 965 61.33 70.33 -77.92
C VAL G 965 60.58 69.04 -77.66
N LEU G 966 60.95 67.97 -78.36
CA LEU G 966 60.34 66.66 -78.09
C LEU G 966 60.68 66.19 -76.68
N ASP G 967 61.90 66.46 -76.22
CA ASP G 967 62.26 66.13 -74.85
C ASP G 967 61.41 66.92 -73.86
N LYS G 968 61.18 68.21 -74.13
CA LYS G 968 60.32 69.00 -73.27
C LYS G 968 58.86 68.58 -73.40
N LEU G 969 58.48 68.02 -74.56
CA LEU G 969 57.07 67.67 -74.78
C LEU G 969 56.65 66.49 -73.91
N ASN G 970 57.53 65.50 -73.73
CA ASN G 970 57.16 64.35 -72.92
C ASN G 970 56.96 64.69 -71.46
N SER G 971 57.44 65.86 -71.02
CA SER G 971 57.19 66.29 -69.65
C SER G 971 55.70 66.48 -69.40
N GLU G 972 54.93 66.79 -70.44
CA GLU G 972 53.48 66.90 -70.31
C GLU G 972 52.81 65.55 -70.09
N GLY G 973 53.53 64.45 -70.29
CA GLY G 973 52.98 63.13 -70.09
C GLY G 973 52.76 62.40 -71.40
N CYS G 974 52.62 61.08 -71.29
CA CYS G 974 52.43 60.26 -72.49
C CYS G 974 51.08 60.53 -73.14
N GLY G 975 50.08 60.96 -72.37
CA GLY G 975 48.78 61.25 -72.96
C GLY G 975 48.85 62.34 -73.99
N LEU G 976 49.59 63.41 -73.70
CA LEU G 976 49.82 64.44 -74.71
C LEU G 976 50.75 63.94 -75.80
N GLY G 977 51.72 63.11 -75.44
CA GLY G 977 52.69 62.65 -76.42
C GLY G 977 52.07 61.81 -77.52
N ILE G 978 51.19 60.88 -77.15
CA ILE G 978 50.59 60.01 -78.15
C ILE G 978 49.73 60.81 -79.11
N ARG G 979 48.97 61.77 -78.59
CA ARG G 979 48.15 62.61 -79.46
C ARG G 979 49.01 63.54 -80.30
N PHE G 980 50.16 63.95 -79.79
CA PHE G 980 51.02 64.87 -80.52
C PHE G 980 51.61 64.20 -81.75
N TYR G 981 52.33 63.09 -81.56
CA TYR G 981 52.97 62.44 -82.69
C TYR G 981 51.94 61.89 -83.68
N ASN G 982 50.86 61.29 -83.18
CA ASN G 982 49.87 60.71 -84.07
C ASN G 982 49.28 61.77 -84.99
N ALA G 983 48.98 62.95 -84.47
CA ALA G 983 48.58 64.05 -85.32
C ALA G 983 49.74 64.50 -86.20
N LEU G 984 50.95 64.56 -85.65
CA LEU G 984 52.10 65.03 -86.41
C LEU G 984 52.50 64.04 -87.49
N LEU G 985 52.53 62.75 -87.17
CA LEU G 985 52.89 61.74 -88.16
C LEU G 985 51.91 61.76 -89.34
N ASP G 986 50.67 62.15 -89.10
CA ASP G 986 49.69 62.23 -90.19
C ASP G 986 50.05 63.33 -91.18
N ALA G 987 50.61 64.44 -90.70
CA ALA G 987 50.87 65.58 -91.57
C ALA G 987 51.94 65.26 -92.61
N LEU G 988 53.07 64.70 -92.16
CA LEU G 988 54.22 64.54 -93.04
C LEU G 988 53.90 63.60 -94.21
N TRP G 989 53.12 62.55 -93.95
CA TRP G 989 52.79 61.60 -95.01
C TRP G 989 51.99 62.28 -96.13
N TRP G 990 51.01 63.10 -95.76
CA TRP G 990 50.22 63.77 -96.78
C TRP G 990 50.92 64.98 -97.39
N LEU G 991 51.98 65.45 -96.76
CA LEU G 991 52.82 66.49 -97.35
C LEU G 991 53.95 65.91 -98.21
N GLY G 992 54.01 64.58 -98.35
CA GLY G 992 55.07 63.95 -99.08
C GLY G 992 56.36 63.77 -98.32
N GLN G 993 56.40 64.15 -97.04
CA GLN G 993 57.61 64.02 -96.23
C GLN G 993 57.71 62.59 -95.66
N LYS G 994 57.78 61.63 -96.58
CA LYS G 994 57.83 60.23 -96.18
C LYS G 994 59.09 59.92 -95.40
N GLU G 995 60.25 60.39 -95.88
CA GLU G 995 61.51 60.13 -95.20
C GLU G 995 61.55 60.77 -93.82
N ARG G 996 61.08 62.02 -93.72
CA ARG G 996 61.15 62.73 -92.45
C ARG G 996 60.26 62.08 -91.41
N ALA G 997 59.09 61.56 -91.82
CA ALA G 997 58.16 60.97 -90.87
C ALA G 997 58.78 59.77 -90.16
N ALA G 998 59.50 58.93 -90.89
CA ALA G 998 60.13 57.76 -90.29
C ALA G 998 61.15 58.17 -89.24
N ARG G 999 61.95 59.21 -89.53
CA ARG G 999 62.92 59.68 -88.55
C ARG G 999 62.24 60.25 -87.32
N VAL G 1000 61.14 60.98 -87.53
CA VAL G 1000 60.35 61.47 -86.39
C VAL G 1000 59.78 60.30 -85.61
N LEU G 1001 59.25 59.30 -86.31
CA LEU G 1001 58.70 58.12 -85.64
C LEU G 1001 59.78 57.40 -84.84
N ASN G 1002 60.97 57.26 -85.41
CA ASN G 1002 62.08 56.67 -84.66
C ASN G 1002 62.42 57.51 -83.45
N GLU G 1003 62.39 58.83 -83.59
CA GLU G 1003 62.57 59.70 -82.44
C GLU G 1003 61.41 59.58 -81.47
N ALA G 1004 60.20 59.34 -81.99
CA ALA G 1004 59.02 59.24 -81.11
C ALA G 1004 59.09 58.00 -80.24
N THR G 1005 59.38 56.84 -80.83
CA THR G 1005 59.42 55.61 -80.04
C THR G 1005 60.57 55.61 -79.05
N LYS G 1006 61.66 56.31 -79.36
CA LYS G 1006 62.76 56.44 -78.41
C LYS G 1006 62.34 57.21 -77.18
N ARG G 1007 61.42 58.16 -77.33
CA ARG G 1007 60.89 58.90 -76.20
C ARG G 1007 59.98 58.06 -75.31
N GLY G 1008 59.62 56.85 -75.76
CA GLY G 1008 58.72 55.99 -75.02
C GLY G 1008 57.30 55.98 -75.54
N ILE G 1009 56.98 56.84 -76.52
CA ILE G 1009 55.63 56.86 -77.07
C ILE G 1009 55.41 55.63 -77.93
N PHE G 1010 54.16 55.17 -77.97
CA PHE G 1010 53.76 53.97 -78.71
C PHE G 1010 54.58 52.75 -78.26
N PRO G 1011 54.45 52.33 -77.00
CA PRO G 1011 55.22 51.17 -76.54
C PRO G 1011 54.91 49.89 -77.29
N GLU G 1012 53.67 49.70 -77.73
CA GLU G 1012 53.24 48.49 -78.41
C GLU G 1012 53.41 48.57 -79.92
N LEU G 1013 54.00 49.65 -80.43
CA LEU G 1013 54.10 49.83 -81.87
C LEU G 1013 54.90 48.71 -82.53
N PHE G 1014 56.03 48.33 -81.94
CA PHE G 1014 56.91 47.32 -82.51
C PHE G 1014 57.09 46.18 -81.52
N ARG G 1015 56.91 44.95 -81.99
CA ARG G 1015 57.16 43.75 -81.21
C ARG G 1015 57.84 42.74 -82.11
N LYS G 1016 59.09 42.38 -81.79
CA LYS G 1016 59.91 41.52 -82.63
C LYS G 1016 60.41 40.32 -81.83
N ASN G 1017 59.50 39.67 -81.11
CA ASN G 1017 59.85 38.44 -80.40
C ASN G 1017 60.16 37.34 -81.41
N LYS G 1018 60.86 36.31 -80.93
CA LYS G 1018 61.26 35.22 -81.81
C LYS G 1018 60.05 34.50 -82.38
N LEU G 1019 58.94 34.48 -81.65
CA LEU G 1019 57.75 33.79 -82.13
C LEU G 1019 57.13 34.54 -83.31
N VAL G 1020 56.95 35.86 -83.17
CA VAL G 1020 56.27 36.64 -84.19
C VAL G 1020 56.92 38.01 -84.30
N TRP G 1021 56.98 38.52 -85.53
CA TRP G 1021 57.24 39.94 -85.80
C TRP G 1021 55.92 40.60 -86.11
N SER G 1022 55.53 41.59 -85.30
CA SER G 1022 54.20 42.15 -85.38
C SER G 1022 54.25 43.65 -85.13
N VAL G 1023 53.14 44.31 -85.47
CA VAL G 1023 53.00 45.76 -85.29
C VAL G 1023 51.54 46.05 -84.98
N ASP G 1024 51.30 46.99 -84.07
CA ASP G 1024 49.95 47.38 -83.70
C ASP G 1024 49.66 48.77 -84.23
N VAL G 1025 48.52 48.92 -84.91
CA VAL G 1025 48.19 50.17 -85.60
C VAL G 1025 46.79 50.64 -85.23
N HIS G 1026 46.29 50.21 -84.07
CA HIS G 1026 44.92 50.52 -83.71
C HIS G 1026 44.76 51.89 -83.06
N ARG G 1027 45.84 52.64 -82.90
CA ARG G 1027 45.79 53.94 -82.25
C ARG G 1027 46.31 55.09 -83.10
N MET G 1028 46.57 54.87 -84.38
CA MET G 1028 47.21 55.87 -85.21
C MET G 1028 46.23 56.54 -86.16
N SER G 1029 46.54 57.78 -86.51
CA SER G 1029 45.81 58.45 -87.58
C SER G 1029 46.22 57.87 -88.93
N GLU G 1030 45.45 58.20 -89.97
CA GLU G 1030 45.62 57.58 -91.27
C GLU G 1030 47.08 57.67 -91.75
N GLY G 1031 47.69 58.84 -91.60
CA GLY G 1031 49.09 58.97 -91.94
C GLY G 1031 50.00 58.17 -91.02
N GLY G 1032 49.63 58.10 -89.73
CA GLY G 1032 50.46 57.40 -88.78
C GLY G 1032 50.61 55.93 -89.08
N MET G 1033 49.55 55.31 -89.60
CA MET G 1033 49.62 53.90 -89.98
C MET G 1033 50.64 53.68 -91.08
N TYR G 1034 50.64 54.54 -92.09
CA TYR G 1034 51.49 54.34 -93.25
C TYR G 1034 52.97 54.42 -92.87
N THR G 1035 53.34 55.46 -92.13
CA THR G 1035 54.74 55.61 -91.74
C THR G 1035 55.16 54.49 -90.80
N ALA G 1036 54.28 54.10 -89.88
CA ALA G 1036 54.60 52.99 -88.97
C ALA G 1036 54.76 51.70 -89.74
N LEU G 1037 53.88 51.44 -90.70
CA LEU G 1037 53.98 50.22 -91.50
C LEU G 1037 55.21 50.28 -92.41
N SER G 1038 55.47 51.45 -93.01
CA SER G 1038 56.58 51.55 -93.95
C SER G 1038 57.91 51.20 -93.29
N VAL G 1039 58.12 51.68 -92.06
CA VAL G 1039 59.29 51.26 -91.30
C VAL G 1039 59.21 49.78 -90.99
N TRP G 1040 58.04 49.32 -90.56
CA TRP G 1040 57.87 47.91 -90.20
C TRP G 1040 58.03 47.01 -91.41
N LEU G 1041 57.45 47.39 -92.55
CA LEU G 1041 57.63 46.61 -93.76
C LEU G 1041 59.10 46.57 -94.17
N ASN G 1042 59.76 47.73 -94.13
CA ASN G 1042 61.18 47.77 -94.48
C ASN G 1042 62.02 47.01 -93.45
N ASP G 1043 61.68 47.12 -92.17
CA ASP G 1043 62.44 46.43 -91.14
C ASP G 1043 62.36 44.91 -91.32
N LEU G 1044 61.17 44.41 -91.68
CA LEU G 1044 61.02 42.98 -91.90
C LEU G 1044 61.88 42.48 -93.04
N SER G 1045 62.15 43.34 -94.03
CA SER G 1045 62.99 42.93 -95.15
C SER G 1045 64.40 42.60 -94.71
N ASP G 1046 64.95 43.39 -93.78
CA ASP G 1046 66.32 43.15 -93.32
C ASP G 1046 66.44 41.79 -92.65
N ILE G 1047 65.46 41.40 -91.85
CA ILE G 1047 65.47 40.08 -91.23
C ILE G 1047 65.46 38.99 -92.29
N LEU G 1048 64.65 39.18 -93.34
CA LEU G 1048 64.63 38.24 -94.44
C LEU G 1048 65.99 38.19 -95.15
N VAL G 1049 66.60 39.37 -95.37
CA VAL G 1049 67.87 39.41 -96.09
C VAL G 1049 68.98 38.75 -95.28
N LYS G 1050 69.10 39.11 -94.01
CA LYS G 1050 70.16 38.55 -93.18
C LYS G 1050 69.79 37.20 -92.57
N GLY G 1051 68.56 36.74 -92.74
CA GLY G 1051 68.17 35.41 -92.31
C GLY G 1051 68.22 35.15 -90.83
N GLN G 1052 67.68 36.07 -90.02
CA GLN G 1052 67.53 35.84 -88.59
C GLN G 1052 66.24 35.04 -88.35
N ASP G 1053 66.26 33.82 -88.88
CA ASP G 1053 65.09 32.92 -88.92
C ASP G 1053 63.97 33.67 -89.65
N LEU G 1054 62.72 33.35 -89.33
CA LEU G 1054 61.58 33.98 -89.98
C LEU G 1054 60.32 33.75 -89.16
N PRO G 1055 59.34 34.66 -89.21
CA PRO G 1055 58.15 34.51 -88.37
C PRO G 1055 57.35 33.27 -88.73
N GLN G 1056 56.80 32.65 -87.68
CA GLN G 1056 55.71 31.70 -87.89
C GLN G 1056 54.42 32.44 -88.17
N LEU G 1057 54.28 33.64 -87.60
CA LEU G 1057 53.17 34.54 -87.87
C LEU G 1057 53.73 35.95 -87.92
N ALA G 1058 53.26 36.72 -88.91
CA ALA G 1058 53.68 38.12 -89.09
C ALA G 1058 52.42 38.93 -89.40
N VAL G 1059 51.82 39.49 -88.35
CA VAL G 1059 50.51 40.13 -88.44
C VAL G 1059 50.64 41.60 -88.06
N VAL G 1060 49.63 42.37 -88.43
CA VAL G 1060 49.50 43.76 -88.00
C VAL G 1060 48.17 43.90 -87.27
N VAL G 1061 48.22 44.46 -86.06
CA VAL G 1061 47.04 44.56 -85.22
C VAL G 1061 46.23 45.78 -85.64
N SER G 1062 45.26 45.57 -86.53
CA SER G 1062 44.45 46.68 -87.03
C SER G 1062 43.48 47.18 -85.97
N VAL G 1063 42.78 46.25 -85.31
CA VAL G 1063 41.73 46.61 -84.35
C VAL G 1063 41.92 45.82 -83.07
N ARG G 1064 41.37 46.35 -81.99
CA ARG G 1064 41.46 45.74 -80.67
C ARG G 1064 40.09 45.77 -80.02
N GLY G 1065 39.80 44.75 -79.20
CA GLY G 1065 38.57 44.73 -78.44
C GLY G 1065 37.55 43.73 -78.92
N GLN G 1066 36.27 43.97 -78.59
CA GLN G 1066 35.22 43.06 -78.99
C GLN G 1066 34.94 43.12 -80.49
N LEU G 1067 35.39 44.18 -81.17
CA LEU G 1067 35.18 44.27 -82.61
C LEU G 1067 35.87 43.14 -83.36
N GLU G 1068 36.94 42.59 -82.77
CA GLU G 1068 37.65 41.49 -83.42
C GLU G 1068 36.74 40.28 -83.61
N LYS G 1069 35.84 40.04 -82.67
CA LYS G 1069 34.96 38.88 -82.74
C LYS G 1069 33.72 39.19 -83.58
N SER G 1070 33.93 39.70 -84.79
CA SER G 1070 32.83 40.08 -85.67
C SER G 1070 33.40 40.32 -87.06
N SER G 1071 32.52 40.68 -87.98
CA SER G 1071 32.92 41.06 -89.33
C SER G 1071 33.00 42.57 -89.53
N ALA G 1072 32.44 43.35 -88.62
CA ALA G 1072 32.50 44.80 -88.73
C ALA G 1072 33.93 45.32 -88.61
N ALA G 1073 34.82 44.54 -87.99
CA ALA G 1073 36.22 44.95 -87.91
C ALA G 1073 36.85 45.05 -89.30
N ARG G 1074 36.55 44.09 -90.17
CA ARG G 1074 37.03 44.15 -91.54
C ARG G 1074 36.46 45.33 -92.31
N GLU G 1075 35.31 45.85 -91.87
CA GLU G 1075 34.67 46.97 -92.54
C GLU G 1075 35.08 48.32 -91.98
N SER G 1076 35.91 48.35 -90.94
CA SER G 1076 36.37 49.60 -90.39
C SER G 1076 37.31 50.29 -91.36
N PRO G 1077 37.31 51.63 -91.39
CA PRO G 1077 38.23 52.34 -92.29
C PRO G 1077 39.69 52.07 -91.97
N ILE G 1078 40.01 51.74 -90.71
CA ILE G 1078 41.40 51.56 -90.31
C ILE G 1078 42.02 50.36 -91.03
N THR G 1079 41.30 49.24 -91.08
CA THR G 1079 41.86 48.05 -91.72
C THR G 1079 41.91 48.20 -93.23
N ARG G 1080 40.92 48.86 -93.83
CA ARG G 1080 40.89 49.01 -95.27
C ARG G 1080 42.07 49.84 -95.75
N ALA G 1081 42.37 50.94 -95.05
CA ALA G 1081 43.54 51.74 -95.41
C ALA G 1081 44.82 50.94 -95.23
N ALA G 1082 44.92 50.18 -94.15
CA ALA G 1082 46.11 49.37 -93.92
C ALA G 1082 46.23 48.27 -94.97
N PHE G 1083 45.13 47.57 -95.24
CA PHE G 1083 45.17 46.49 -96.23
C PHE G 1083 45.47 47.03 -97.63
N SER G 1084 44.84 48.15 -97.99
CA SER G 1084 45.13 48.75 -99.30
C SER G 1084 46.59 49.19 -99.38
N PHE G 1085 47.10 49.81 -98.31
CA PHE G 1085 48.52 50.17 -98.28
C PHE G 1085 49.41 48.94 -98.35
N LEU G 1086 48.93 47.80 -97.87
CA LEU G 1086 49.65 46.55 -98.04
C LEU G 1086 49.40 45.95 -99.42
N GLN G 1087 48.24 46.21 -100.02
CA GLN G 1087 47.88 45.60 -101.29
C GLN G 1087 48.42 46.35 -102.49
N ASP G 1088 49.14 47.47 -102.28
CA ASP G 1088 49.76 48.18 -103.39
C ASP G 1088 51.27 48.31 -103.23
N HIS G 1089 51.86 47.77 -102.15
CA HIS G 1089 53.29 47.78 -101.96
C HIS G 1089 53.89 46.38 -102.03
N VAL G 1090 53.39 45.45 -101.23
CA VAL G 1090 53.77 44.05 -101.39
C VAL G 1090 52.73 43.31 -102.23
N SER G 1091 51.44 43.57 -101.98
CA SER G 1091 50.30 43.23 -102.84
C SER G 1091 50.05 41.74 -102.97
N SER G 1092 50.88 40.88 -102.43
CA SER G 1092 50.68 39.46 -102.71
C SER G 1092 50.68 38.59 -101.47
N SER G 1093 51.33 39.01 -100.39
CA SER G 1093 51.54 38.11 -99.26
C SER G 1093 50.51 38.32 -98.15
N PHE G 1094 50.31 39.56 -97.71
CA PHE G 1094 49.42 39.82 -96.58
C PHE G 1094 47.96 39.56 -96.96
N SER G 1095 47.21 39.03 -96.01
CA SER G 1095 45.80 38.74 -96.21
C SER G 1095 45.10 38.72 -94.86
N PHE G 1096 43.77 38.82 -94.91
CA PHE G 1096 42.98 38.81 -93.68
C PHE G 1096 43.06 37.46 -93.00
N THR G 1097 43.11 37.48 -91.67
CA THR G 1097 43.10 36.25 -90.89
C THR G 1097 41.69 35.70 -90.80
N GLY G 1098 41.54 34.39 -91.00
CA GLY G 1098 40.23 33.78 -90.86
C GLY G 1098 39.71 33.81 -89.44
N TRP G 1099 40.58 33.53 -88.47
CA TRP G 1099 40.15 33.45 -87.08
C TRP G 1099 39.72 34.81 -86.55
N ASN G 1100 40.47 35.86 -86.85
CA ASN G 1100 40.21 37.19 -86.32
C ASN G 1100 39.75 38.13 -87.43
N GLY G 1101 38.73 38.93 -87.14
CA GLY G 1101 38.17 39.85 -88.11
C GLY G 1101 38.92 41.15 -88.28
N GLY G 1102 40.01 41.36 -87.55
CA GLY G 1102 40.73 42.61 -87.64
C GLY G 1102 42.24 42.46 -87.71
N ARG G 1103 42.72 41.39 -88.32
CA ARG G 1103 44.15 41.12 -88.43
C ARG G 1103 44.50 40.75 -89.86
N ILE G 1104 45.62 41.28 -90.34
CA ILE G 1104 46.15 40.99 -91.67
C ILE G 1104 47.58 40.50 -91.52
N MET G 1105 47.88 39.34 -92.10
CA MET G 1105 49.13 38.68 -91.80
C MET G 1105 49.75 38.06 -93.05
N CYS G 1106 51.07 37.89 -93.01
CA CYS G 1106 51.84 37.13 -93.99
C CYS G 1106 52.57 36.03 -93.24
N GLN G 1107 52.18 34.78 -93.50
CA GLN G 1107 52.66 33.66 -92.70
C GLN G 1107 53.98 33.11 -93.26
N ARG G 1108 54.43 32.01 -92.66
CA ARG G 1108 55.64 31.34 -93.11
C ARG G 1108 55.45 30.79 -94.52
N SER G 1109 56.55 30.77 -95.28
CA SER G 1109 56.63 30.38 -96.69
C SER G 1109 55.98 31.41 -97.59
N GLN G 1110 55.40 32.47 -97.04
CA GLN G 1110 54.89 33.58 -97.84
C GLN G 1110 55.81 34.78 -97.86
N LEU G 1111 56.53 35.03 -96.75
CA LEU G 1111 57.52 36.08 -96.73
C LEU G 1111 58.77 35.69 -97.51
N LYS G 1112 59.09 34.39 -97.57
CA LYS G 1112 60.22 33.95 -98.37
C LYS G 1112 60.00 34.22 -99.85
N GLN G 1113 58.74 34.32 -100.27
CA GLN G 1113 58.44 34.72 -101.64
C GLN G 1113 58.90 36.14 -101.91
N LEU G 1114 58.99 36.97 -100.87
CA LEU G 1114 59.38 38.36 -101.03
C LEU G 1114 60.89 38.50 -101.09
N ASN G 1129 65.69 48.66 -99.60
CA ASN G 1129 64.42 48.48 -98.93
C ASN G 1129 63.29 48.23 -99.94
N ILE G 1130 62.26 47.50 -99.49
CA ILE G 1130 61.13 47.24 -100.37
C ILE G 1130 60.34 48.52 -100.61
N VAL G 1131 60.22 49.36 -99.59
CA VAL G 1131 59.50 50.63 -99.68
C VAL G 1131 60.47 51.76 -99.38
N ALA G 1132 60.54 52.73 -100.27
CA ALA G 1132 61.44 53.88 -100.13
C ALA G 1132 60.66 55.10 -99.71
N LEU G 1133 61.12 55.76 -98.65
CA LEU G 1133 60.50 56.98 -98.14
C LEU G 1133 61.35 58.17 -98.53
N THR G 1134 60.73 59.17 -99.15
CA THR G 1134 61.45 60.34 -99.63
C THR G 1134 60.56 61.57 -99.47
N ASN G 1135 61.15 62.66 -99.01
CA ASN G 1135 60.47 63.94 -98.89
C ASN G 1135 60.77 64.80 -100.11
N SER G 1136 59.71 65.32 -100.73
CA SER G 1136 59.87 66.13 -101.94
C SER G 1136 58.90 67.30 -101.92
N PRO G 1137 59.41 68.54 -101.84
CA PRO G 1137 58.56 69.74 -101.83
C PRO G 1137 57.95 70.03 -103.21
N ASP H 64 14.81 -34.65 47.86
CA ASP H 64 14.90 -36.08 47.58
C ASP H 64 13.97 -36.46 46.44
N LYS H 65 13.66 -37.76 46.35
CA LYS H 65 12.77 -38.27 45.32
C LYS H 65 11.95 -39.40 45.91
N ASP H 66 11.25 -40.13 45.04
CA ASP H 66 10.47 -41.29 45.44
C ASP H 66 10.45 -42.29 44.30
N THR H 67 10.94 -43.50 44.55
CA THR H 67 10.95 -44.53 43.54
C THR H 67 9.53 -45.01 43.28
N GLU H 68 9.36 -45.81 42.22
CA GLU H 68 8.06 -46.38 41.93
C GLU H 68 7.84 -47.63 42.78
N ASP H 69 8.15 -47.52 44.06
CA ASP H 69 7.77 -48.52 45.06
C ASP H 69 7.30 -47.91 46.36
N GLU H 70 7.68 -46.68 46.68
CA GLU H 70 7.22 -45.97 47.86
C GLU H 70 6.14 -44.95 47.53
N ALA H 71 6.20 -44.33 46.36
CA ALA H 71 5.08 -43.51 45.90
C ALA H 71 3.83 -44.36 45.70
N ARG H 72 4.00 -45.56 45.16
CA ARG H 72 2.88 -46.50 45.10
C ARG H 72 2.38 -46.85 46.49
N ARG H 73 3.30 -47.13 47.41
CA ARG H 73 2.90 -47.39 48.79
C ARG H 73 2.24 -46.15 49.41
N ARG H 74 2.78 -44.97 49.12
CA ARG H 74 2.18 -43.74 49.64
C ARG H 74 0.77 -43.56 49.09
N ASN H 75 0.56 -43.88 47.81
CA ASN H 75 -0.77 -43.76 47.23
C ASN H 75 -1.76 -44.68 47.91
N TRP H 76 -1.36 -45.92 48.19
CA TRP H 76 -2.26 -46.84 48.87
C TRP H 76 -2.59 -46.36 50.27
N ILE H 77 -1.58 -45.89 51.01
CA ILE H 77 -1.79 -45.58 52.42
C ILE H 77 -2.48 -44.23 52.57
N GLU H 78 -1.98 -43.21 51.86
CA GLU H 78 -2.48 -41.85 52.02
C GLU H 78 -3.57 -41.51 51.01
N ARG H 79 -3.34 -41.78 49.73
CA ARG H 79 -4.31 -41.48 48.68
C ARG H 79 -5.40 -42.54 48.55
N GLY H 80 -5.31 -43.64 49.29
CA GLY H 80 -6.29 -44.70 49.18
C GLY H 80 -6.33 -45.37 47.84
N TRP H 81 -5.17 -45.51 47.19
CA TRP H 81 -5.11 -46.12 45.87
C TRP H 81 -5.36 -47.62 45.96
N ALA H 82 -5.89 -48.17 44.87
CA ALA H 82 -6.07 -49.61 44.72
C ALA H 82 -6.23 -49.95 43.26
N PRO H 83 -5.53 -50.96 42.75
CA PRO H 83 -5.64 -51.31 41.32
C PRO H 83 -6.92 -52.08 41.03
N TRP H 84 -8.05 -51.38 41.12
CA TRP H 84 -9.34 -52.00 40.88
C TRP H 84 -9.44 -52.50 39.44
N GLU H 85 -10.15 -53.61 39.26
CA GLU H 85 -10.33 -54.18 37.94
C GLU H 85 -11.16 -53.25 37.06
N GLU H 86 -10.80 -53.20 35.78
CA GLU H 86 -11.54 -52.43 34.79
C GLU H 86 -12.08 -53.40 33.76
N ILE H 87 -13.39 -53.63 33.77
CA ILE H 87 -14.03 -54.55 32.84
C ILE H 87 -14.24 -53.78 31.54
N LEU H 88 -13.30 -53.93 30.62
CA LEU H 88 -13.30 -53.17 29.38
C LEU H 88 -14.13 -53.86 28.31
N THR H 89 -14.76 -53.06 27.46
CA THR H 89 -15.39 -53.57 26.26
C THR H 89 -14.31 -53.99 25.26
N PRO H 90 -14.66 -54.84 24.30
CA PRO H 90 -13.66 -55.21 23.28
C PRO H 90 -13.08 -54.02 22.54
N GLU H 91 -13.88 -52.97 22.34
CA GLU H 91 -13.36 -51.77 21.70
C GLU H 91 -12.39 -51.02 22.62
N ALA H 92 -12.72 -50.95 23.91
CA ALA H 92 -11.84 -50.27 24.85
C ALA H 92 -10.59 -51.10 25.14
N ASP H 93 -10.74 -52.42 25.22
CA ASP H 93 -9.58 -53.28 25.43
C ASP H 93 -8.62 -53.20 24.25
N PHE H 94 -9.16 -53.17 23.03
CA PHE H 94 -8.31 -53.05 21.85
C PHE H 94 -7.54 -51.74 21.86
N ALA H 95 -8.15 -50.66 22.38
CA ALA H 95 -7.46 -49.37 22.41
C ALA H 95 -6.21 -49.44 23.28
N ARG H 96 -6.30 -50.08 24.43
CA ARG H 96 -5.15 -50.13 25.34
C ARG H 96 -4.09 -51.13 24.88
N LYS H 97 -4.47 -52.13 24.09
CA LYS H 97 -3.49 -53.09 23.62
C LYS H 97 -2.87 -52.69 22.28
N SER H 98 -3.46 -51.74 21.57
CA SER H 98 -2.96 -51.32 20.27
C SER H 98 -2.25 -49.99 20.28
N LEU H 99 -2.60 -49.08 21.18
CA LEU H 99 -1.91 -47.81 21.26
C LEU H 99 -0.51 -47.93 21.85
N ASN H 100 -0.21 -49.06 22.51
CA ASN H 100 1.15 -49.27 23.02
C ASN H 100 2.15 -49.40 21.89
N GLU H 101 1.77 -50.07 20.80
CA GLU H 101 2.70 -50.33 19.71
C GLU H 101 3.03 -49.09 18.90
N GLY H 102 2.21 -48.06 18.96
CA GLY H 102 2.47 -46.86 18.19
C GLY H 102 1.16 -46.18 17.80
N GLU H 103 1.18 -45.56 16.63
CA GLU H 103 0.02 -44.84 16.12
C GLU H 103 -0.61 -45.54 14.93
N GLU H 104 0.15 -45.80 13.86
CA GLU H 104 -0.35 -46.54 12.70
C GLU H 104 0.74 -47.53 12.30
N VAL H 105 0.73 -48.70 12.95
CA VAL H 105 1.74 -49.73 12.69
C VAL H 105 1.06 -51.08 12.68
N PRO H 106 1.63 -52.04 11.95
CA PRO H 106 1.11 -53.40 11.99
C PRO H 106 1.22 -53.96 13.41
N LEU H 107 0.10 -54.46 13.91
CA LEU H 107 0.06 -54.96 15.28
C LEU H 107 0.84 -56.27 15.37
N GLN H 108 1.92 -56.27 16.15
CA GLN H 108 2.79 -57.42 16.27
C GLN H 108 2.58 -58.20 17.56
N SER H 109 2.23 -57.53 18.64
CA SER H 109 2.00 -58.22 19.90
C SER H 109 0.80 -59.15 19.76
N PRO H 110 0.90 -60.42 20.18
CA PRO H 110 -0.26 -61.31 20.08
C PRO H 110 -1.45 -60.83 20.88
N GLU H 111 -1.24 -60.12 21.99
CA GLU H 111 -2.35 -59.56 22.73
C GLU H 111 -3.11 -58.54 21.90
N ALA H 112 -2.38 -57.67 21.19
CA ALA H 112 -3.04 -56.70 20.32
C ALA H 112 -3.74 -57.38 19.16
N ILE H 113 -3.12 -58.40 18.58
CA ILE H 113 -3.74 -59.12 17.48
C ILE H 113 -5.02 -59.80 17.94
N GLU H 114 -4.98 -60.45 19.11
CA GLU H 114 -6.18 -61.09 19.63
C GLU H 114 -7.24 -60.07 19.97
N ALA H 115 -6.85 -58.93 20.54
CA ALA H 115 -7.80 -57.87 20.84
C ALA H 115 -8.45 -57.34 19.56
N PHE H 116 -7.68 -57.28 18.47
CA PHE H 116 -8.24 -56.85 17.20
C PHE H 116 -9.31 -57.81 16.71
N LYS H 117 -9.06 -59.12 16.84
CA LYS H 117 -10.02 -60.10 16.37
C LYS H 117 -11.28 -60.11 17.23
N MET H 118 -11.18 -59.70 18.48
CA MET H 118 -12.33 -59.67 19.36
C MET H 118 -13.26 -58.49 19.09
N LEU H 119 -12.86 -57.57 18.22
CA LEU H 119 -13.73 -56.46 17.87
C LEU H 119 -15.01 -56.93 17.18
N ARG H 120 -14.98 -58.11 16.57
CA ARG H 120 -16.18 -58.68 15.97
C ARG H 120 -16.82 -59.63 16.96
N PRO H 121 -18.03 -59.34 17.46
CA PRO H 121 -18.68 -60.28 18.38
C PRO H 121 -18.94 -61.65 17.77
N SER H 122 -19.00 -61.75 16.44
CA SER H 122 -19.11 -63.06 15.82
C SER H 122 -17.87 -63.90 16.11
N TYR H 123 -16.69 -63.29 16.05
CA TYR H 123 -15.47 -64.00 16.41
C TYR H 123 -15.47 -64.38 17.88
N ARG H 124 -16.13 -63.58 18.72
CA ARG H 124 -16.26 -63.93 20.12
C ARG H 124 -17.03 -65.22 20.30
N LYS H 125 -18.06 -65.44 19.47
CA LYS H 125 -18.86 -66.66 19.58
C LYS H 125 -18.02 -67.89 19.32
N LYS H 126 -17.14 -67.83 18.31
CA LYS H 126 -16.33 -68.99 17.97
C LYS H 126 -15.42 -69.40 19.12
N LYS H 127 -14.74 -68.43 19.73
CA LYS H 127 -13.88 -68.74 20.86
C LYS H 127 -14.69 -69.29 22.04
N ILE H 128 -15.84 -68.69 22.31
CA ILE H 128 -16.70 -69.18 23.38
C ILE H 128 -17.16 -70.61 23.08
N LYS H 129 -17.58 -70.86 21.84
CA LYS H 129 -18.02 -72.19 21.47
C LYS H 129 -16.87 -73.20 21.52
N GLU H 130 -15.69 -72.80 21.06
CA GLU H 130 -14.56 -73.73 21.02
C GLU H 130 -14.12 -74.14 22.43
N MET H 131 -14.10 -73.20 23.37
CA MET H 131 -13.64 -73.52 24.72
C MET H 131 -14.74 -74.09 25.60
N GLY H 132 -15.95 -74.26 25.08
CA GLY H 132 -17.02 -74.91 25.82
C GLY H 132 -17.59 -74.03 26.92
N ILE H 133 -18.22 -72.93 26.53
CA ILE H 133 -18.85 -72.00 27.47
C ILE H 133 -20.22 -71.65 26.94
N THR H 134 -21.20 -71.52 27.83
CA THR H 134 -22.57 -71.23 27.45
C THR H 134 -22.79 -69.76 27.11
N GLU H 135 -21.71 -69.01 26.88
CA GLU H 135 -21.76 -67.63 26.38
C GLU H 135 -22.23 -66.66 27.45
N ASP H 136 -22.63 -67.18 28.61
CA ASP H 136 -22.90 -66.36 29.78
C ASP H 136 -21.85 -66.50 30.85
N GLU H 137 -21.20 -67.66 30.96
CA GLU H 137 -20.04 -67.77 31.83
C GLU H 137 -18.91 -66.89 31.33
N TRP H 138 -18.76 -66.78 30.01
CA TRP H 138 -17.77 -65.87 29.45
C TRP H 138 -18.11 -64.42 29.80
N TYR H 139 -19.39 -64.05 29.73
CA TYR H 139 -19.80 -62.73 30.18
C TYR H 139 -19.59 -62.58 31.68
N ALA H 140 -19.59 -63.68 32.42
CA ALA H 140 -19.29 -63.63 33.84
C ALA H 140 -17.80 -63.81 34.14
N LYS H 141 -17.06 -64.47 33.24
CA LYS H 141 -15.63 -64.66 33.46
C LYS H 141 -14.88 -63.34 33.35
N GLN H 142 -15.33 -62.43 32.50
CA GLN H 142 -14.64 -61.16 32.34
C GLN H 142 -14.68 -60.30 33.60
N PHE H 143 -15.60 -60.59 34.52
CA PHE H 143 -15.70 -59.86 35.77
C PHE H 143 -14.87 -60.46 36.88
N GLU H 144 -14.14 -61.54 36.62
CA GLU H 144 -13.34 -62.18 37.65
C GLU H 144 -12.22 -61.25 38.11
N ILE H 145 -11.92 -61.32 39.40
CA ILE H 145 -10.85 -60.49 39.97
C ILE H 145 -9.52 -60.91 39.39
N ARG H 146 -8.75 -59.95 38.91
CA ARG H 146 -7.43 -60.20 38.37
C ARG H 146 -6.36 -59.89 39.41
N GLY H 147 -5.26 -60.61 39.34
CA GLY H 147 -4.14 -60.42 40.24
C GLY H 147 -4.03 -61.54 41.25
N ASP H 148 -2.97 -61.44 42.06
CA ASP H 148 -2.70 -62.45 43.07
C ASP H 148 -3.76 -62.42 44.16
N LYS H 149 -4.21 -63.60 44.57
CA LYS H 149 -5.18 -63.70 45.65
C LYS H 149 -4.52 -63.52 47.00
N PRO H 150 -5.23 -62.96 47.98
CA PRO H 150 -4.68 -62.86 49.33
C PRO H 150 -4.58 -64.23 49.97
N PRO H 151 -3.69 -64.39 50.95
CA PRO H 151 -3.60 -65.67 51.65
C PRO H 151 -4.91 -66.02 52.32
N PRO H 152 -5.34 -67.28 52.25
CA PRO H 152 -6.63 -67.66 52.83
C PRO H 152 -6.66 -67.44 54.33
N LEU H 153 -7.82 -67.06 54.83
CA LEU H 153 -8.00 -66.82 56.26
C LEU H 153 -8.17 -68.15 56.99
N ASP H 154 -7.53 -68.25 58.16
CA ASP H 154 -7.68 -69.40 59.04
C ASP H 154 -8.07 -68.84 60.42
N THR H 155 -9.37 -68.62 60.61
CA THR H 155 -9.88 -68.04 61.84
C THR H 155 -9.86 -69.11 62.93
N SER H 156 -9.01 -68.93 63.94
CA SER H 156 -8.87 -69.87 65.04
C SER H 156 -9.54 -69.29 66.27
N TRP H 157 -10.44 -70.07 66.87
CA TRP H 157 -11.17 -69.61 68.04
C TRP H 157 -10.27 -69.56 69.26
N ALA H 158 -10.39 -68.48 70.03
CA ALA H 158 -9.63 -68.31 71.27
C ALA H 158 -10.33 -69.09 72.39
N GLY H 159 -10.29 -70.41 72.26
CA GLY H 159 -11.02 -71.28 73.15
C GLY H 159 -12.50 -71.28 72.85
N PRO H 160 -13.27 -72.04 73.61
CA PRO H 160 -14.72 -72.01 73.42
C PRO H 160 -15.30 -70.69 73.90
N LEU H 161 -16.39 -70.29 73.28
CA LEU H 161 -17.09 -69.07 73.70
C LEU H 161 -18.13 -69.46 74.74
N VAL H 162 -18.09 -68.79 75.89
CA VAL H 162 -19.04 -69.00 76.97
C VAL H 162 -20.02 -67.84 76.94
N VAL H 163 -21.31 -68.16 76.85
CA VAL H 163 -22.35 -67.16 76.62
C VAL H 163 -23.28 -67.15 77.82
N ARG H 164 -23.59 -65.97 78.31
CA ARG H 164 -24.54 -65.78 79.40
C ARG H 164 -25.69 -64.92 78.90
N GLN H 165 -26.92 -65.38 79.13
CA GLN H 165 -28.11 -64.67 78.64
C GLN H 165 -28.36 -63.46 79.54
N ILE H 166 -27.56 -62.42 79.32
CA ILE H 166 -27.61 -61.21 80.13
C ILE H 166 -28.50 -60.18 79.48
N PRO H 167 -29.51 -59.66 80.19
CA PRO H 167 -30.36 -58.63 79.61
C PRO H 167 -29.56 -57.36 79.35
N PRO H 168 -29.91 -56.59 78.32
CA PRO H 168 -29.17 -55.35 78.04
C PRO H 168 -29.21 -54.41 79.22
N ARG H 169 -28.07 -53.75 79.46
CA ARG H 169 -27.97 -52.82 80.58
C ARG H 169 -28.86 -51.61 80.41
N ASP H 170 -28.94 -51.09 79.18
CA ASP H 170 -29.68 -49.85 78.93
C ASP H 170 -31.19 -50.01 79.08
N TRP H 171 -31.68 -51.24 79.19
CA TRP H 171 -33.11 -51.44 79.40
C TRP H 171 -33.52 -50.85 80.74
N PRO H 172 -34.68 -50.18 80.81
CA PRO H 172 -35.67 -49.91 79.75
C PRO H 172 -35.26 -48.72 78.88
N PRO H 173 -35.88 -48.57 77.70
CA PRO H 173 -35.53 -47.44 76.83
C PRO H 173 -35.85 -46.09 77.47
N LYS H 174 -35.53 -45.01 76.76
CA LYS H 174 -35.82 -43.67 77.26
C LYS H 174 -37.31 -43.53 77.53
N GLY H 175 -37.65 -42.98 78.70
CA GLY H 175 -39.04 -43.00 79.11
C GLY H 175 -39.49 -44.43 79.36
N TRP H 176 -40.77 -44.67 79.09
CA TRP H 176 -41.36 -46.01 79.19
C TRP H 176 -41.10 -46.63 80.56
N GLU H 177 -41.71 -46.00 81.56
CA GLU H 177 -41.58 -46.48 82.93
C GLU H 177 -42.12 -47.91 83.04
N VAL H 178 -41.41 -48.74 83.78
CA VAL H 178 -41.77 -50.13 84.00
C VAL H 178 -41.74 -50.42 85.49
N ASP H 179 -41.99 -51.68 85.84
CA ASP H 179 -41.95 -52.10 87.24
C ASP H 179 -40.52 -52.00 87.75
N ARG H 180 -40.28 -51.05 88.66
CA ARG H 180 -38.95 -50.87 89.21
C ARG H 180 -38.51 -52.09 90.01
N LYS H 181 -39.45 -52.72 90.72
CA LYS H 181 -39.13 -53.93 91.46
C LYS H 181 -38.68 -55.05 90.51
N GLU H 182 -39.39 -55.23 89.41
CA GLU H 182 -38.95 -56.19 88.41
C GLU H 182 -37.64 -55.77 87.76
N LEU H 183 -37.47 -54.47 87.52
CA LEU H 183 -36.25 -53.99 86.89
C LEU H 183 -35.02 -54.28 87.75
N GLU H 184 -35.13 -54.05 89.06
CA GLU H 184 -34.02 -54.35 89.95
C GLU H 184 -33.73 -55.84 89.99
N PHE H 185 -34.76 -56.67 89.90
CA PHE H 185 -34.53 -58.11 89.79
C PHE H 185 -33.76 -58.45 88.52
N ILE H 186 -34.11 -57.79 87.41
CA ILE H 186 -33.39 -58.01 86.16
C ILE H 186 -31.94 -57.57 86.28
N ARG H 187 -31.72 -56.40 86.87
CA ARG H 187 -30.38 -55.82 86.91
C ARG H 187 -29.43 -56.61 87.78
N GLU H 188 -29.94 -57.52 88.62
CA GLU H 188 -29.05 -58.37 89.41
C GLU H 188 -28.21 -59.27 88.52
N ALA H 189 -28.72 -59.61 87.33
CA ALA H 189 -27.94 -60.43 86.40
C ALA H 189 -26.70 -59.71 85.91
N HIS H 190 -26.72 -58.38 85.90
CA HIS H 190 -25.57 -57.62 85.41
C HIS H 190 -24.36 -57.82 86.31
N LYS H 191 -24.58 -57.96 87.62
CA LYS H 191 -23.47 -58.22 88.54
C LYS H 191 -22.83 -59.57 88.32
N LEU H 192 -23.50 -60.48 87.62
CA LEU H 192 -22.94 -61.79 87.34
C LEU H 192 -21.78 -61.73 86.35
N MET H 193 -21.58 -60.59 85.68
CA MET H 193 -20.49 -60.49 84.72
C MET H 193 -19.13 -60.60 85.39
N ALA H 194 -19.03 -60.20 86.66
CA ALA H 194 -17.75 -60.23 87.37
C ALA H 194 -17.34 -61.65 87.76
N GLU H 195 -18.22 -62.63 87.61
CA GLU H 195 -17.87 -64.00 87.97
C GLU H 195 -16.68 -64.48 87.17
N ARG H 196 -15.72 -65.10 87.85
CA ARG H 196 -14.51 -65.58 87.23
C ARG H 196 -14.74 -66.97 86.64
N VAL H 197 -14.47 -67.13 85.36
CA VAL H 197 -14.68 -68.39 84.65
C VAL H 197 -13.35 -68.82 84.04
N TRP H 198 -12.97 -70.07 84.30
CA TRP H 198 -11.75 -70.65 83.77
C TRP H 198 -12.09 -71.81 82.84
N LEU H 199 -11.26 -71.98 81.81
CA LEU H 199 -11.48 -73.08 80.87
C LEU H 199 -11.22 -74.43 81.51
N GLU H 200 -10.39 -74.48 82.55
CA GLU H 200 -10.12 -75.74 83.23
C GLU H 200 -11.36 -76.24 83.95
N ASP H 201 -12.01 -75.36 84.73
CA ASP H 201 -13.22 -75.73 85.44
C ASP H 201 -14.46 -75.48 84.59
N LEU H 202 -14.46 -76.02 83.38
CA LEU H 202 -15.57 -75.88 82.45
C LEU H 202 -16.28 -77.19 82.19
N ASP H 203 -15.54 -78.28 81.99
CA ASP H 203 -16.15 -79.59 81.80
C ASP H 203 -16.76 -80.13 83.09
N LYS H 204 -16.33 -79.61 84.24
CA LYS H 204 -16.86 -80.08 85.52
C LYS H 204 -18.34 -79.72 85.65
N ASP H 205 -19.14 -80.70 86.04
CA ASP H 205 -20.60 -80.55 86.17
C ASP H 205 -21.23 -80.10 84.86
N LEU H 206 -20.64 -80.51 83.74
CA LEU H 206 -21.23 -80.20 82.44
C LEU H 206 -22.45 -81.08 82.18
N LYS H 207 -23.45 -80.49 81.54
CA LYS H 207 -24.72 -81.17 81.28
C LYS H 207 -24.91 -81.31 79.77
N VAL H 208 -25.17 -82.54 79.32
CA VAL H 208 -25.28 -82.87 77.91
C VAL H 208 -26.57 -83.64 77.69
N GLY H 209 -27.43 -83.13 76.82
CA GLY H 209 -28.61 -83.85 76.39
C GLY H 209 -29.87 -83.41 77.14
N GLU H 210 -30.63 -84.39 77.64
CA GLU H 210 -31.91 -84.09 78.26
C GLU H 210 -31.75 -83.24 79.50
N ASP H 211 -30.72 -83.51 80.32
CA ASP H 211 -30.47 -82.68 81.49
C ASP H 211 -30.05 -81.27 81.13
N ALA H 212 -29.70 -81.01 79.87
CA ALA H 212 -29.27 -79.70 79.41
C ALA H 212 -30.39 -78.90 78.77
N THR H 213 -31.64 -79.36 78.87
CA THR H 213 -32.74 -78.67 78.23
C THR H 213 -33.06 -77.37 78.96
N VAL H 214 -33.97 -76.59 78.37
CA VAL H 214 -34.33 -75.29 78.92
C VAL H 214 -35.05 -75.43 80.24
N ASP H 215 -35.85 -76.49 80.40
CA ASP H 215 -36.62 -76.66 81.63
C ASP H 215 -35.74 -76.82 82.86
N LYS H 216 -34.46 -77.14 82.68
CA LYS H 216 -33.51 -77.22 83.78
C LYS H 216 -32.85 -75.89 84.08
N MET H 217 -33.20 -74.82 83.36
CA MET H 217 -32.52 -73.55 83.48
C MET H 217 -33.35 -72.55 84.28
N CYS H 218 -32.65 -71.68 85.02
CA CYS H 218 -33.34 -70.65 85.80
C CYS H 218 -33.74 -69.48 84.91
N LEU H 219 -32.74 -68.76 84.38
CA LEU H 219 -32.94 -67.68 83.41
C LEU H 219 -34.04 -66.70 83.81
N GLU H 220 -34.38 -66.64 85.10
CA GLU H 220 -35.56 -65.89 85.51
C GLU H 220 -35.37 -64.39 85.28
N ARG H 221 -34.18 -63.87 85.59
CA ARG H 221 -33.92 -62.45 85.36
C ARG H 221 -34.02 -62.12 83.88
N PHE H 222 -33.52 -63.00 83.02
CA PHE H 222 -33.68 -62.78 81.58
C PHE H 222 -35.13 -62.99 81.16
N LYS H 223 -35.82 -63.95 81.77
CA LYS H 223 -37.23 -64.17 81.44
C LYS H 223 -38.08 -62.96 81.79
N VAL H 224 -37.82 -62.34 82.94
CA VAL H 224 -38.55 -61.13 83.32
C VAL H 224 -38.29 -60.02 82.31
N PHE H 225 -37.05 -59.92 81.83
CA PHE H 225 -36.74 -58.94 80.79
C PHE H 225 -37.53 -59.23 79.52
N LEU H 226 -37.63 -60.50 79.14
CA LEU H 226 -38.41 -60.85 77.96
C LEU H 226 -39.87 -60.46 78.15
N LYS H 227 -40.41 -60.65 79.36
CA LYS H 227 -41.77 -60.22 79.65
C LYS H 227 -41.92 -58.72 79.47
N GLN H 228 -40.96 -57.94 79.96
CA GLN H 228 -41.00 -56.50 79.77
C GLN H 228 -40.74 -56.13 78.32
N TYR H 229 -39.80 -56.83 77.68
CA TYR H 229 -39.47 -56.51 76.28
C TYR H 229 -40.66 -56.75 75.37
N ASN H 230 -41.34 -57.88 75.53
CA ASN H 230 -42.49 -58.18 74.68
C ASN H 230 -43.60 -57.17 74.88
N GLU H 231 -43.84 -56.75 76.13
CA GLU H 231 -44.84 -55.73 76.38
C GLU H 231 -44.48 -54.42 75.72
N TRP H 232 -43.20 -54.02 75.79
CA TRP H 232 -42.78 -52.78 75.17
C TRP H 232 -42.90 -52.85 73.65
N VAL H 233 -42.61 -54.01 73.06
CA VAL H 233 -42.65 -54.16 71.61
C VAL H 233 -44.07 -53.92 71.10
N GLU H 234 -45.07 -54.49 71.77
CA GLU H 234 -46.45 -54.34 71.32
C GLU H 234 -46.89 -52.89 71.38
N ALA H 235 -46.50 -52.16 72.42
CA ALA H 235 -46.95 -50.79 72.59
C ALA H 235 -46.15 -49.79 71.75
N ASN H 236 -45.09 -50.24 71.07
CA ASN H 236 -44.26 -49.32 70.30
C ASN H 236 -43.94 -49.81 68.90
N LYS H 237 -44.48 -50.96 68.48
CA LYS H 237 -44.23 -51.44 67.13
C LYS H 237 -44.73 -50.44 66.10
N ASP H 238 -45.97 -49.98 66.24
CA ASP H 238 -46.53 -49.02 65.30
C ASP H 238 -45.88 -47.65 65.46
N ARG H 239 -45.61 -47.24 66.71
CA ARG H 239 -45.05 -45.92 66.96
C ARG H 239 -43.68 -45.76 66.31
N LEU H 240 -42.82 -46.78 66.44
CA LEU H 240 -41.49 -46.69 65.84
C LEU H 240 -41.56 -46.69 64.32
N GLU H 241 -42.45 -47.50 63.75
CA GLU H 241 -42.55 -47.59 62.30
C GLU H 241 -42.97 -46.26 61.68
N GLU H 242 -43.91 -45.56 62.33
CA GLU H 242 -44.33 -44.25 61.83
C GLU H 242 -43.19 -43.24 61.90
N ASP H 243 -42.37 -43.31 62.94
CA ASP H 243 -41.22 -42.41 63.04
C ASP H 243 -40.23 -42.66 61.92
N SER H 244 -40.05 -43.93 61.54
CA SER H 244 -39.14 -44.23 60.44
C SER H 244 -39.60 -43.58 59.15
N TYR H 245 -40.89 -43.65 58.85
CA TYR H 245 -41.41 -42.98 57.67
C TYR H 245 -41.31 -41.46 57.81
N LYS H 246 -41.53 -40.95 59.02
CA LYS H 246 -41.51 -39.51 59.24
C LYS H 246 -40.11 -38.93 59.04
N TYR H 247 -39.07 -39.67 59.41
CA TYR H 247 -37.70 -39.17 59.39
C TYR H 247 -36.86 -39.70 58.24
N ASP H 248 -36.95 -41.00 57.94
CA ASP H 248 -36.15 -41.61 56.89
C ASP H 248 -37.01 -41.71 55.63
N GLN H 249 -36.66 -40.91 54.63
CA GLN H 249 -37.43 -40.93 53.38
C GLN H 249 -37.29 -42.26 52.66
N ASP H 250 -36.06 -42.71 52.47
CA ASP H 250 -35.77 -43.95 51.74
C ASP H 250 -35.13 -44.97 52.67
N PHE H 251 -35.52 -46.23 52.51
CA PHE H 251 -34.89 -47.29 53.29
C PHE H 251 -33.44 -47.47 52.84
N TYR H 252 -32.55 -47.64 53.82
CA TYR H 252 -31.15 -47.89 53.58
C TYR H 252 -30.68 -48.91 54.60
N PRO H 253 -29.68 -49.73 54.24
CA PRO H 253 -29.13 -50.66 55.23
C PRO H 253 -28.69 -49.94 56.49
N GLY H 254 -29.16 -50.42 57.64
CA GLY H 254 -28.97 -49.75 58.90
C GLY H 254 -30.19 -49.01 59.39
N ARG H 255 -31.17 -48.77 58.53
CA ARG H 255 -32.41 -48.13 58.95
C ARG H 255 -33.44 -49.18 59.33
N ARG H 256 -34.51 -48.73 59.98
CA ARG H 256 -35.57 -49.63 60.41
C ARG H 256 -36.24 -50.28 59.21
N ILE H 257 -36.38 -51.60 59.26
CA ILE H 257 -37.08 -52.32 58.21
C ILE H 257 -38.58 -52.05 58.35
N ARG H 258 -39.17 -51.46 57.32
CA ARG H 258 -40.55 -51.01 57.36
C ARG H 258 -41.30 -51.57 56.17
N GLY H 259 -42.60 -51.27 56.10
CA GLY H 259 -43.40 -51.72 54.98
C GLY H 259 -43.57 -53.22 54.96
N LYS H 260 -43.79 -53.76 53.76
CA LYS H 260 -43.99 -55.20 53.60
C LYS H 260 -42.75 -56.00 53.96
N ASP H 261 -41.57 -55.39 53.91
CA ASP H 261 -40.35 -56.11 54.25
C ASP H 261 -40.25 -56.41 55.74
N TYR H 262 -41.05 -55.74 56.57
CA TYR H 262 -41.03 -56.00 57.99
C TYR H 262 -41.74 -57.33 58.29
N LYS H 263 -41.13 -58.14 59.14
CA LYS H 263 -41.70 -59.40 59.58
C LYS H 263 -41.82 -59.39 61.09
N GLU H 264 -42.90 -60.01 61.60
CA GLU H 264 -43.08 -60.09 63.04
C GLU H 264 -41.98 -60.93 63.67
N GLY H 265 -41.52 -60.51 64.83
CA GLY H 265 -40.46 -61.19 65.55
C GLY H 265 -39.09 -60.56 65.43
N MET H 266 -38.92 -59.59 64.54
CA MET H 266 -37.65 -58.89 64.44
C MET H 266 -37.34 -58.15 65.73
N TYR H 267 -36.11 -58.30 66.21
CA TYR H 267 -35.72 -57.71 67.49
C TYR H 267 -35.47 -56.22 67.33
N GLU H 268 -36.05 -55.44 68.23
CA GLU H 268 -35.79 -54.01 68.24
C GLU H 268 -34.42 -53.72 68.83
N LEU H 269 -33.99 -52.48 68.68
CA LEU H 269 -32.67 -52.08 69.19
C LEU H 269 -32.49 -52.32 70.68
N PRO H 270 -33.44 -52.03 71.56
CA PRO H 270 -33.21 -52.29 73.00
C PRO H 270 -32.95 -53.74 73.31
N PHE H 271 -33.36 -54.67 72.44
CA PHE H 271 -33.00 -56.07 72.63
C PHE H 271 -31.50 -56.28 72.49
N TYR H 272 -30.84 -55.48 71.66
CA TYR H 272 -29.41 -55.60 71.44
C TYR H 272 -28.63 -54.74 72.43
N TYR H 273 -27.39 -55.15 72.68
CA TYR H 273 -26.50 -54.42 73.57
C TYR H 273 -25.06 -54.77 73.22
N PRO H 274 -24.13 -53.83 73.35
CA PRO H 274 -22.74 -54.13 73.03
C PRO H 274 -22.21 -55.30 73.86
N GLY H 275 -21.40 -56.14 73.23
CA GLY H 275 -20.76 -57.25 73.90
C GLY H 275 -21.38 -58.60 73.62
N MET H 276 -22.56 -58.65 73.04
CA MET H 276 -23.20 -59.92 72.77
C MET H 276 -22.83 -60.43 71.39
N ILE H 277 -22.88 -61.75 71.22
CA ILE H 277 -22.46 -62.42 70.00
C ILE H 277 -23.69 -62.75 69.19
N CYS H 278 -23.65 -62.43 67.90
CA CYS H 278 -24.78 -62.64 67.00
C CYS H 278 -24.33 -63.43 65.78
N GLU H 279 -25.24 -64.25 65.26
CA GLU H 279 -25.03 -64.95 64.01
C GLU H 279 -25.87 -64.28 62.93
N GLY H 280 -25.26 -64.00 61.79
CA GLY H 280 -25.99 -63.31 60.75
C GLY H 280 -25.35 -63.51 59.39
N THR H 281 -26.01 -62.93 58.38
CA THR H 281 -25.54 -62.97 57.01
C THR H 281 -25.35 -61.55 56.51
N VAL H 282 -24.30 -61.34 55.73
CA VAL H 282 -24.06 -60.04 55.13
C VAL H 282 -25.04 -59.85 53.99
N THR H 283 -25.78 -58.73 54.02
CA THR H 283 -26.79 -58.45 53.02
C THR H 283 -26.33 -57.47 51.96
N THR H 284 -25.47 -56.51 52.31
CA THR H 284 -25.01 -55.51 51.37
C THR H 284 -23.58 -55.12 51.73
N LEU H 285 -22.77 -54.91 50.70
CA LEU H 285 -21.40 -54.46 50.84
C LEU H 285 -21.28 -53.06 50.28
N HIS H 286 -20.78 -52.13 51.08
CA HIS H 286 -20.59 -50.75 50.64
C HIS H 286 -19.11 -50.43 50.65
N LEU H 287 -18.61 -49.90 49.53
CA LEU H 287 -17.18 -49.66 49.41
C LEU H 287 -16.68 -48.63 50.42
N TYR H 288 -17.45 -47.56 50.63
CA TYR H 288 -17.04 -46.48 51.51
C TYR H 288 -17.58 -46.61 52.93
N GLN H 289 -18.42 -47.62 53.19
CA GLN H 289 -19.03 -47.76 54.51
C GLN H 289 -18.70 -49.09 55.18
N GLY H 290 -18.82 -50.20 54.47
CA GLY H 290 -18.49 -51.49 55.00
C GLY H 290 -19.57 -52.50 54.67
N ALA H 291 -19.49 -53.64 55.35
CA ALA H 291 -20.46 -54.71 55.16
C ALA H 291 -21.58 -54.59 56.17
N PHE H 292 -22.80 -54.88 55.72
CA PHE H 292 -23.98 -54.85 56.58
C PHE H 292 -24.48 -56.26 56.79
N VAL H 293 -24.65 -56.63 58.06
CA VAL H 293 -25.03 -57.98 58.45
C VAL H 293 -26.44 -57.96 58.98
N ASP H 294 -27.27 -58.88 58.52
CA ASP H 294 -28.62 -59.06 59.05
C ASP H 294 -28.54 -59.97 60.27
N ILE H 295 -28.82 -59.41 61.44
CA ILE H 295 -28.72 -60.17 62.69
C ILE H 295 -30.12 -60.38 63.24
N GLY H 296 -31.12 -60.45 62.36
CA GLY H 296 -32.48 -60.71 62.75
C GLY H 296 -33.18 -59.55 63.41
N GLY H 297 -32.59 -58.37 63.40
CA GLY H 297 -33.19 -57.20 64.00
C GLY H 297 -33.83 -56.28 62.97
N VAL H 298 -34.51 -55.26 63.49
CA VAL H 298 -35.12 -54.27 62.62
C VAL H 298 -34.06 -53.47 61.89
N HIS H 299 -32.93 -53.20 62.53
CA HIS H 299 -31.82 -52.49 61.93
C HIS H 299 -30.68 -53.46 61.67
N GLU H 300 -30.15 -53.43 60.45
CA GLU H 300 -29.02 -54.30 60.11
C GLU H 300 -27.76 -53.83 60.81
N GLY H 301 -26.92 -54.78 61.18
CA GLY H 301 -25.64 -54.45 61.76
C GLY H 301 -24.67 -53.88 60.73
N TRP H 302 -23.69 -53.14 61.22
CA TRP H 302 -22.73 -52.46 60.36
C TRP H 302 -21.31 -52.77 60.82
N VAL H 303 -20.47 -53.18 59.89
CA VAL H 303 -19.05 -53.41 60.13
C VAL H 303 -18.27 -52.33 59.39
N PRO H 304 -17.54 -51.47 60.08
CA PRO H 304 -16.90 -50.34 59.42
C PRO H 304 -15.66 -50.71 58.62
N ILE H 305 -15.85 -51.12 57.36
CA ILE H 305 -14.76 -51.38 56.42
C ILE H 305 -14.78 -50.27 55.39
N LYS H 306 -13.66 -49.57 55.23
CA LYS H 306 -13.61 -48.37 54.41
C LYS H 306 -12.40 -48.39 53.49
N GLY H 307 -12.57 -47.81 52.31
CA GLY H 307 -11.44 -47.52 51.45
C GLY H 307 -10.91 -48.73 50.70
N ASN H 308 -9.62 -48.69 50.40
CA ASN H 308 -8.98 -49.73 49.61
C ASN H 308 -8.79 -51.02 50.37
N ASP H 309 -9.11 -51.05 51.68
CA ASP H 309 -9.05 -52.30 52.41
C ASP H 309 -9.95 -53.36 51.78
N TRP H 310 -11.01 -52.94 51.10
CA TRP H 310 -11.88 -53.87 50.41
C TRP H 310 -11.16 -54.62 49.30
N PHE H 311 -10.01 -54.13 48.84
CA PHE H 311 -9.30 -54.79 47.75
C PHE H 311 -8.96 -56.23 48.09
N TRP H 312 -8.67 -56.51 49.36
CA TRP H 312 -8.41 -57.87 49.81
C TRP H 312 -9.59 -58.48 50.55
N ILE H 313 -10.34 -57.66 51.28
CA ILE H 313 -11.45 -58.19 52.06
C ILE H 313 -12.58 -58.69 51.16
N ARG H 314 -12.74 -58.09 49.98
CA ARG H 314 -13.78 -58.54 49.06
C ARG H 314 -13.62 -60.00 48.68
N HIS H 315 -12.39 -60.54 48.74
CA HIS H 315 -12.20 -61.95 48.47
C HIS H 315 -12.86 -62.82 49.54
N PHE H 316 -12.89 -62.35 50.78
CA PHE H 316 -13.42 -63.12 51.90
C PHE H 316 -14.84 -62.71 52.26
N ILE H 317 -15.05 -61.43 52.56
CA ILE H 317 -16.38 -60.94 52.93
C ILE H 317 -17.16 -60.72 51.64
N ARG H 318 -18.09 -61.63 51.34
CA ARG H 318 -18.92 -61.54 50.15
C ARG H 318 -20.38 -61.73 50.57
N VAL H 319 -21.28 -61.04 49.88
CA VAL H 319 -22.67 -61.01 50.31
C VAL H 319 -23.28 -62.41 50.23
N GLY H 320 -24.03 -62.77 51.27
CA GLY H 320 -24.69 -64.04 51.36
C GLY H 320 -24.06 -65.03 52.32
N MET H 321 -22.83 -64.77 52.75
CA MET H 321 -22.18 -65.69 53.68
C MET H 321 -22.73 -65.51 55.09
N HIS H 322 -22.71 -66.60 55.85
CA HIS H 322 -23.08 -66.57 57.26
C HIS H 322 -21.84 -66.28 58.09
N VAL H 323 -21.98 -65.36 59.05
CA VAL H 323 -20.87 -64.94 59.89
C VAL H 323 -21.30 -64.95 61.34
N ILE H 324 -20.32 -65.09 62.22
CA ILE H 324 -20.49 -64.86 63.64
C ILE H 324 -19.91 -63.48 63.93
N VAL H 325 -20.71 -62.61 64.51
CA VAL H 325 -20.34 -61.20 64.66
C VAL H 325 -20.53 -60.77 66.10
N GLU H 326 -19.76 -59.77 66.50
CA GLU H 326 -19.81 -59.21 67.84
C GLU H 326 -20.28 -57.77 67.78
N ILE H 327 -21.25 -57.43 68.62
CA ILE H 327 -21.74 -56.06 68.67
C ILE H 327 -20.75 -55.20 69.44
N THR H 328 -20.25 -54.15 68.80
CA THR H 328 -19.29 -53.26 69.43
C THR H 328 -19.95 -52.08 70.12
N ALA H 329 -20.91 -51.45 69.46
CA ALA H 329 -21.61 -50.31 70.06
C ALA H 329 -23.01 -50.23 69.48
N LYS H 330 -23.92 -49.69 70.29
CA LYS H 330 -25.29 -49.44 69.86
C LYS H 330 -25.60 -47.97 70.08
N ARG H 331 -26.16 -47.32 69.06
CA ARG H 331 -26.34 -45.88 69.06
C ARG H 331 -27.78 -45.54 68.73
N ASP H 332 -28.09 -44.25 68.81
CA ASP H 332 -29.43 -43.77 68.48
C ASP H 332 -29.64 -43.81 66.97
N PRO H 333 -30.63 -44.56 66.48
CA PRO H 333 -30.85 -44.59 65.02
C PRO H 333 -31.23 -43.25 64.43
N TYR H 334 -31.87 -42.38 65.22
CA TYR H 334 -32.27 -41.07 64.70
C TYR H 334 -31.05 -40.23 64.33
N ARG H 335 -30.02 -40.24 65.18
CA ARG H 335 -28.83 -39.44 64.93
C ARG H 335 -27.80 -40.20 64.11
N PHE H 336 -27.37 -41.35 64.60
CA PHE H 336 -26.38 -42.15 63.89
C PHE H 336 -27.07 -43.00 62.83
N ARG H 337 -26.52 -43.01 61.63
CA ARG H 337 -27.15 -43.73 60.53
C ARG H 337 -26.92 -45.22 60.58
N PHE H 338 -26.00 -45.70 61.42
CA PHE H 338 -25.72 -47.12 61.59
C PHE H 338 -25.78 -47.43 63.07
N PRO H 339 -26.99 -47.63 63.60
CA PRO H 339 -27.15 -47.76 65.06
C PRO H 339 -26.48 -48.99 65.64
N LEU H 340 -26.21 -50.02 64.84
CA LEU H 340 -25.61 -51.25 65.33
C LEU H 340 -24.21 -51.40 64.74
N GLU H 341 -23.21 -50.97 65.49
CA GLU H 341 -21.82 -51.08 65.08
C GLU H 341 -21.31 -52.46 65.47
N LEU H 342 -20.83 -53.22 64.48
CA LEU H 342 -20.49 -54.61 64.69
C LEU H 342 -18.99 -54.83 64.47
N ARG H 343 -18.57 -56.09 64.57
CA ARG H 343 -17.17 -56.47 64.39
C ARG H 343 -17.12 -57.95 64.07
N PHE H 344 -16.56 -58.30 62.92
CA PHE H 344 -16.48 -59.70 62.53
C PHE H 344 -15.61 -60.49 63.50
N VAL H 345 -16.09 -61.63 63.94
CA VAL H 345 -15.27 -62.59 64.66
C VAL H 345 -15.06 -63.88 63.88
N HIS H 346 -15.85 -64.14 62.86
CA HIS H 346 -15.60 -65.25 61.95
C HIS H 346 -16.17 -64.91 60.58
N PRO H 347 -15.33 -64.69 59.57
CA PRO H 347 -13.86 -64.74 59.60
C PRO H 347 -13.27 -63.51 60.29
N ASN H 348 -12.01 -63.58 60.72
CA ASN H 348 -11.37 -62.47 61.39
C ASN H 348 -10.74 -61.55 60.35
N ILE H 349 -11.24 -60.32 60.27
CA ILE H 349 -10.74 -59.33 59.32
C ILE H 349 -9.87 -58.29 59.97
N ASP H 350 -9.62 -58.40 61.28
CA ASP H 350 -8.95 -57.33 62.01
C ASP H 350 -7.52 -57.10 61.55
N HIS H 351 -6.92 -58.04 60.83
CA HIS H 351 -5.58 -57.87 60.31
C HIS H 351 -5.56 -57.31 58.90
N MET H 352 -6.71 -56.96 58.34
CA MET H 352 -6.78 -56.41 56.99
C MET H 352 -7.59 -55.11 56.95
N ILE H 353 -7.85 -54.50 58.10
CA ILE H 353 -8.64 -53.27 58.18
C ILE H 353 -7.69 -52.17 58.64
N PHE H 354 -7.26 -51.33 57.71
CA PHE H 354 -6.34 -50.25 58.02
C PHE H 354 -6.99 -48.87 58.00
N ASN H 355 -8.13 -48.72 57.35
CA ASN H 355 -8.87 -47.47 57.33
C ASN H 355 -9.95 -47.52 58.39
N LYS H 356 -9.90 -46.59 59.34
CA LYS H 356 -10.79 -46.59 60.48
C LYS H 356 -11.62 -45.31 60.50
N PHE H 357 -12.90 -45.46 60.84
CA PHE H 357 -13.77 -44.30 61.05
C PHE H 357 -13.43 -43.70 62.40
N ASP H 358 -12.87 -42.48 62.39
CA ASP H 358 -12.58 -41.79 63.65
C ASP H 358 -13.87 -41.52 64.42
N PHE H 359 -14.93 -41.14 63.73
CA PHE H 359 -16.23 -40.95 64.33
C PHE H 359 -17.29 -41.61 63.45
N PRO H 360 -18.25 -42.32 64.05
CA PRO H 360 -19.29 -42.97 63.27
C PRO H 360 -20.11 -41.94 62.51
N PRO H 361 -20.50 -42.25 61.27
CA PRO H 361 -21.28 -41.28 60.49
C PRO H 361 -22.63 -41.02 61.12
N ILE H 362 -23.09 -39.76 60.99
CA ILE H 362 -24.33 -39.31 61.60
C ILE H 362 -25.19 -38.64 60.55
N PHE H 363 -26.46 -38.50 60.88
CA PHE H 363 -27.39 -37.75 60.04
C PHE H 363 -27.25 -36.25 60.30
N HIS H 364 -27.89 -35.46 59.44
CA HIS H 364 -28.09 -34.04 59.65
C HIS H 364 -29.57 -33.79 59.36
N ARG H 365 -30.39 -33.91 60.39
CA ARG H 365 -31.84 -33.90 60.24
C ARG H 365 -32.33 -32.49 59.90
N ASP H 366 -33.66 -32.36 59.85
CA ASP H 366 -34.26 -31.10 59.46
C ASP H 366 -33.91 -29.99 60.45
N GLY H 367 -34.12 -30.23 61.74
CA GLY H 367 -33.73 -29.24 62.72
C GLY H 367 -32.37 -29.52 63.32
N ASP H 368 -31.33 -28.98 62.70
CA ASP H 368 -29.96 -29.08 63.19
C ASP H 368 -29.26 -27.74 63.02
N THR H 369 -29.96 -26.65 63.37
CA THR H 369 -29.45 -25.32 63.09
C THR H 369 -28.14 -25.04 63.81
N ASN H 370 -28.04 -25.42 65.08
CA ASN H 370 -26.85 -25.11 65.86
C ASN H 370 -25.79 -26.18 65.62
N PRO H 371 -24.63 -25.84 65.06
CA PRO H 371 -23.57 -26.85 64.91
C PRO H 371 -23.11 -27.44 66.22
N ASP H 372 -23.09 -26.64 67.29
CA ASP H 372 -22.64 -27.15 68.58
C ASP H 372 -23.59 -28.20 69.13
N GLU H 373 -24.89 -28.06 68.88
CA GLU H 373 -25.84 -29.09 69.30
C GLU H 373 -25.58 -30.40 68.59
N ILE H 374 -25.27 -30.35 67.29
CA ILE H 374 -25.06 -31.57 66.52
C ILE H 374 -23.86 -32.34 67.08
N ARG H 375 -22.74 -31.65 67.25
CA ARG H 375 -21.54 -32.33 67.75
C ARG H 375 -21.71 -32.79 69.18
N ARG H 376 -22.55 -32.10 69.95
CA ARG H 376 -22.79 -32.49 71.33
C ARG H 376 -23.71 -33.71 71.43
N ASP H 377 -24.62 -33.86 70.47
CA ASP H 377 -25.47 -35.05 70.45
C ASP H 377 -24.64 -36.31 70.22
N CYS H 378 -23.69 -36.25 69.30
CA CYS H 378 -22.71 -37.31 69.11
C CYS H 378 -21.48 -37.01 69.96
N GLY H 379 -20.40 -37.73 69.72
CA GLY H 379 -19.16 -37.54 70.45
C GLY H 379 -18.13 -36.68 69.75
N ARG H 380 -18.50 -35.95 68.71
CA ARG H 380 -17.54 -35.22 67.91
C ARG H 380 -17.04 -33.98 68.65
N PRO H 381 -15.82 -33.54 68.37
CA PRO H 381 -15.23 -32.41 69.10
C PRO H 381 -15.90 -31.11 68.72
N PRO H 382 -15.77 -30.07 69.55
CA PRO H 382 -16.35 -28.77 69.21
C PRO H 382 -15.61 -28.13 68.04
N GLU H 383 -16.23 -27.08 67.50
CA GLU H 383 -15.63 -26.36 66.39
C GLU H 383 -14.44 -25.56 66.89
N PRO H 384 -13.24 -25.77 66.37
CA PRO H 384 -12.07 -25.05 66.87
C PRO H 384 -12.16 -23.57 66.54
N ARG H 385 -11.54 -22.76 67.42
CA ARG H 385 -11.47 -21.32 67.22
C ARG H 385 -10.04 -20.87 67.48
N LYS H 386 -9.68 -19.73 66.89
CA LYS H 386 -8.36 -19.17 67.12
C LYS H 386 -8.22 -18.76 68.58
N ASP H 387 -7.12 -19.17 69.20
CA ASP H 387 -6.93 -18.89 70.61
C ASP H 387 -6.69 -17.40 70.82
N PRO H 388 -7.45 -16.75 71.71
CA PRO H 388 -7.22 -15.32 71.95
C PRO H 388 -5.85 -15.01 72.53
N GLY H 389 -5.20 -15.98 73.15
CA GLY H 389 -3.89 -15.76 73.73
C GLY H 389 -3.89 -15.06 75.07
N SER H 390 -5.05 -14.77 75.64
CA SER H 390 -5.16 -14.10 76.93
C SER H 390 -5.67 -15.10 77.97
N LYS H 391 -5.01 -15.13 79.11
CA LYS H 391 -5.44 -16.01 80.19
C LYS H 391 -6.77 -15.52 80.76
N PRO H 392 -7.78 -16.38 80.85
CA PRO H 392 -9.08 -15.93 81.36
C PRO H 392 -9.04 -15.40 82.78
N GLU H 393 -8.16 -15.97 83.62
CA GLU H 393 -8.17 -15.58 85.03
C GLU H 393 -7.57 -14.18 85.23
N GLU H 394 -6.65 -13.77 84.36
CA GLU H 394 -6.00 -12.47 84.50
C GLU H 394 -6.79 -11.35 83.84
N GLU H 395 -7.91 -11.65 83.19
CA GLU H 395 -8.75 -10.61 82.63
C GLU H 395 -9.48 -9.86 83.74
N GLY H 396 -9.70 -8.57 83.51
CA GLY H 396 -10.37 -7.76 84.51
C GLY H 396 -11.79 -8.22 84.77
N LEU H 397 -12.23 -8.07 86.01
CA LEU H 397 -13.58 -8.47 86.38
C LEU H 397 -14.61 -7.57 85.73
N LEU H 398 -15.83 -8.09 85.60
CA LEU H 398 -16.92 -7.40 84.94
C LEU H 398 -17.95 -6.96 85.98
N SER H 399 -18.34 -5.69 85.91
CA SER H 399 -19.38 -5.14 86.77
C SER H 399 -20.54 -4.57 85.97
N ASP H 400 -20.54 -4.73 84.65
CA ASP H 400 -21.58 -4.19 83.78
C ASP H 400 -22.80 -5.09 83.90
N HIS H 401 -23.65 -4.79 84.89
CA HIS H 401 -24.88 -5.54 85.06
C HIS H 401 -25.82 -5.22 83.91
N PRO H 402 -26.31 -6.21 83.17
CA PRO H 402 -27.14 -5.90 81.99
C PRO H 402 -28.43 -5.16 82.31
N TYR H 403 -29.04 -5.43 83.46
CA TYR H 403 -30.31 -4.78 83.78
C TYR H 403 -30.14 -3.30 84.04
N VAL H 404 -28.93 -2.85 84.41
CA VAL H 404 -28.71 -1.44 84.69
C VAL H 404 -29.00 -0.60 83.44
N ASP H 405 -28.60 -1.11 82.28
CA ASP H 405 -28.90 -0.41 81.03
C ASP H 405 -30.41 -0.27 80.84
N LYS H 406 -31.15 -1.35 81.06
CA LYS H 406 -32.60 -1.26 81.04
C LYS H 406 -33.11 -0.39 82.19
N LEU H 407 -32.51 -0.55 83.37
CA LEU H 407 -32.91 0.26 84.52
C LEU H 407 -32.61 1.74 84.28
N TRP H 408 -31.58 2.03 83.50
CA TRP H 408 -31.30 3.43 83.16
C TRP H 408 -32.45 4.05 82.38
N GLN H 409 -33.03 3.28 81.46
CA GLN H 409 -34.17 3.78 80.69
C GLN H 409 -35.33 4.13 81.60
N LEU H 410 -35.59 3.29 82.61
CA LEU H 410 -36.64 3.59 83.56
C LEU H 410 -36.32 4.84 84.37
N HIS H 411 -35.05 5.02 84.74
CA HIS H 411 -34.68 6.21 85.51
C HIS H 411 -34.90 7.48 84.71
N VAL H 412 -34.57 7.45 83.41
CA VAL H 412 -34.80 8.62 82.57
C VAL H 412 -36.28 8.95 82.50
N ALA H 413 -37.11 7.91 82.31
CA ALA H 413 -38.54 8.14 82.20
C ALA H 413 -39.12 8.74 83.47
N GLU H 414 -38.64 8.29 84.64
CA GLU H 414 -39.10 8.86 85.89
C GLU H 414 -38.79 10.36 85.96
N GLN H 415 -37.57 10.74 85.58
CA GLN H 415 -37.24 12.16 85.56
C GLN H 415 -37.91 12.88 84.40
N MET H 416 -38.18 12.17 83.30
CA MET H 416 -38.80 12.80 82.14
C MET H 416 -40.23 13.23 82.45
N ILE H 417 -41.03 12.33 83.04
CA ILE H 417 -42.39 12.69 83.43
C ILE H 417 -42.36 13.75 84.52
N LEU H 418 -41.50 13.56 85.52
CA LEU H 418 -41.44 14.50 86.64
C LEU H 418 -41.04 15.90 86.18
N ASP H 419 -40.05 15.98 85.29
CA ASP H 419 -39.62 17.29 84.81
C ASP H 419 -40.75 17.99 84.06
N ASP H 420 -41.47 17.25 83.21
CA ASP H 420 -42.62 17.82 82.54
C ASP H 420 -43.71 18.18 83.53
N TYR H 421 -43.97 17.30 84.50
CA TYR H 421 -44.98 17.58 85.52
C TYR H 421 -44.60 18.82 86.34
N GLU H 422 -43.32 18.92 86.73
CA GLU H 422 -42.88 20.07 87.51
C GLU H 422 -42.85 21.34 86.67
N ALA H 423 -42.55 21.23 85.37
CA ALA H 423 -42.44 22.39 84.51
C ALA H 423 -43.76 23.16 84.44
N ASN H 424 -44.81 22.51 83.96
CA ASN H 424 -46.12 23.15 83.85
C ASN H 424 -47.17 22.32 84.56
N PRO H 425 -47.93 22.90 85.49
CA PRO H 425 -49.00 22.13 86.15
C PRO H 425 -50.12 21.83 85.18
N GLU H 426 -49.88 20.87 84.30
CA GLU H 426 -50.78 20.52 83.21
C GLU H 426 -51.92 19.64 83.72
N LYS H 427 -52.61 18.98 82.79
CA LYS H 427 -53.70 18.06 83.13
C LYS H 427 -53.29 17.03 84.17
N TYR H 428 -51.99 16.90 84.46
CA TYR H 428 -51.48 16.03 85.52
C TYR H 428 -52.29 16.11 86.80
N LYS H 429 -52.75 17.31 87.17
CA LYS H 429 -53.51 17.46 88.41
C LYS H 429 -54.80 16.65 88.41
N GLY H 430 -55.28 16.27 87.22
CA GLY H 430 -56.50 15.50 87.14
C GLY H 430 -56.36 14.10 87.72
N LYS H 431 -55.24 13.44 87.43
CA LYS H 431 -55.01 12.06 87.85
C LYS H 431 -53.68 11.94 88.58
N LYS H 432 -53.69 11.16 89.66
CA LYS H 432 -52.49 10.98 90.45
C LYS H 432 -51.40 10.28 89.65
N LEU H 433 -50.15 10.56 89.99
CA LEU H 433 -49.02 10.01 89.24
C LEU H 433 -49.02 8.49 89.28
N SER H 434 -49.24 7.90 90.46
CA SER H 434 -49.36 6.46 90.55
C SER H 434 -50.58 5.97 89.79
N GLU H 435 -51.68 6.72 89.86
CA GLU H 435 -52.90 6.39 89.15
C GLU H 435 -52.76 6.55 87.64
N LEU H 436 -51.72 7.23 87.17
CA LEU H 436 -51.57 7.50 85.75
C LEU H 436 -51.47 6.20 84.96
N SER H 437 -52.19 6.14 83.84
CA SER H 437 -52.19 4.99 82.95
C SER H 437 -51.39 5.30 81.70
N ASP H 438 -51.17 4.26 80.90
CA ASP H 438 -50.42 4.41 79.67
C ASP H 438 -51.30 5.01 78.57
N ASP H 439 -50.65 5.45 77.49
CA ASP H 439 -51.36 6.05 76.38
C ASP H 439 -51.81 4.98 75.40
N GLU H 440 -52.41 5.40 74.29
CA GLU H 440 -52.87 4.48 73.27
C GLU H 440 -51.77 4.23 72.25
N GLY H 441 -51.81 3.06 71.63
CA GLY H 441 -50.83 2.69 70.63
C GLY H 441 -49.52 2.20 71.15
N PHE H 442 -49.38 2.02 72.48
CA PHE H 442 -48.12 1.53 73.01
C PHE H 442 -47.85 0.09 72.60
N ASP H 443 -48.90 -0.66 72.25
CA ASP H 443 -48.70 -2.03 71.78
C ASP H 443 -47.95 -2.07 70.47
N GLU H 444 -48.27 -1.15 69.55
CA GLU H 444 -47.65 -1.20 68.22
C GLU H 444 -46.28 -0.56 68.21
N ARG H 445 -45.88 0.13 69.28
CA ARG H 445 -44.50 0.57 69.39
C ARG H 445 -43.61 -0.64 69.62
N LYS H 446 -42.56 -0.77 68.81
CA LYS H 446 -41.81 -2.03 68.80
C LYS H 446 -40.79 -2.12 69.93
N GLU H 447 -40.61 -1.05 70.71
CA GLU H 447 -39.84 -1.12 71.95
C GLU H 447 -38.41 -1.60 71.70
N ILE H 448 -37.62 -0.77 71.02
CA ILE H 448 -36.26 -1.00 70.49
C ILE H 448 -36.32 -0.76 68.99
N GLU H 449 -37.47 -0.29 68.50
CA GLU H 449 -37.66 0.04 67.10
C GLU H 449 -36.58 0.99 66.61
N HIS H 450 -35.98 0.67 65.46
CA HIS H 450 -34.89 1.47 64.94
C HIS H 450 -35.44 2.67 64.19
N GLY H 451 -34.55 3.47 63.60
CA GLY H 451 -34.98 4.64 62.86
C GLY H 451 -33.79 5.34 62.26
N GLU H 452 -34.08 6.37 61.47
CA GLU H 452 -33.05 7.18 60.83
C GLU H 452 -33.35 8.65 61.08
N ALA H 453 -32.35 9.38 61.56
CA ALA H 453 -32.48 10.81 61.80
C ALA H 453 -31.30 11.52 61.16
N TYR H 454 -31.33 12.85 61.24
CA TYR H 454 -30.33 13.68 60.58
C TYR H 454 -30.33 15.08 61.19
N TYR H 455 -29.16 15.53 61.63
CA TYR H 455 -29.03 16.85 62.25
C TYR H 455 -28.61 17.86 61.19
N LYS H 456 -28.37 19.10 61.64
CA LYS H 456 -28.09 20.18 60.71
C LYS H 456 -26.81 19.92 59.92
N LYS H 457 -25.78 19.38 60.57
CA LYS H 457 -24.52 19.09 59.91
C LYS H 457 -24.26 17.60 59.75
N THR H 458 -24.90 16.75 60.56
CA THR H 458 -24.55 15.34 60.64
C THR H 458 -25.77 14.48 60.38
N LYS H 459 -25.57 13.37 59.67
CA LYS H 459 -26.58 12.34 59.49
C LYS H 459 -26.23 11.15 60.38
N LEU H 460 -27.15 10.77 61.26
CA LEU H 460 -26.83 9.78 62.26
C LEU H 460 -27.98 8.82 62.48
N PRO H 461 -27.70 7.54 62.72
CA PRO H 461 -28.78 6.60 63.05
C PRO H 461 -29.45 6.97 64.37
N LYS H 462 -30.73 6.64 64.47
CA LYS H 462 -31.50 6.94 65.67
C LYS H 462 -32.27 5.71 66.12
N VAL H 463 -32.29 5.47 67.42
CA VAL H 463 -33.05 4.39 68.02
C VAL H 463 -34.01 4.98 69.05
N ILE H 464 -35.27 4.60 68.96
CA ILE H 464 -36.32 5.10 69.84
C ILE H 464 -36.73 3.99 70.78
N LEU H 465 -36.71 4.29 72.08
CA LEU H 465 -37.06 3.33 73.12
C LEU H 465 -38.33 3.78 73.81
N LYS H 466 -39.42 3.07 73.58
CA LYS H 466 -40.64 3.33 74.33
C LYS H 466 -40.51 2.79 75.74
N THR H 467 -41.29 3.36 76.66
CA THR H 467 -41.26 2.92 78.05
C THR H 467 -42.66 3.07 78.63
N SER H 468 -43.28 1.94 78.97
CA SER H 468 -44.59 1.97 79.59
C SER H 468 -44.50 2.58 80.98
N VAL H 469 -45.49 3.40 81.32
CA VAL H 469 -45.52 4.05 82.62
C VAL H 469 -45.79 3.08 83.76
N LYS H 470 -46.15 1.83 83.44
CA LYS H 470 -46.46 0.86 84.48
C LYS H 470 -45.24 0.57 85.35
N GLU H 471 -44.06 0.46 84.73
CA GLU H 471 -42.85 0.11 85.46
C GLU H 471 -42.11 1.33 85.96
N LEU H 472 -42.81 2.21 86.67
CA LEU H 472 -42.22 3.42 87.22
C LEU H 472 -42.74 3.66 88.63
N ASP H 473 -41.83 4.04 89.53
CA ASP H 473 -42.21 4.39 90.90
C ASP H 473 -42.31 5.91 91.01
N LEU H 474 -43.39 6.44 90.43
CA LEU H 474 -43.59 7.88 90.41
C LEU H 474 -43.75 8.44 91.82
N GLU H 475 -44.51 7.76 92.67
CA GLU H 475 -44.74 8.25 94.02
C GLU H 475 -43.45 8.36 94.80
N ALA H 476 -42.56 7.36 94.68
CA ALA H 476 -41.27 7.44 95.32
C ALA H 476 -40.41 8.52 94.67
N ALA H 477 -40.50 8.66 93.35
CA ALA H 477 -39.67 9.63 92.64
C ALA H 477 -40.12 11.06 92.93
N LEU H 478 -41.43 11.31 92.91
CA LEU H 478 -41.91 12.67 93.11
C LEU H 478 -41.59 13.16 94.52
N ILE H 479 -41.71 12.29 95.52
CA ILE H 479 -41.31 12.65 96.87
C ILE H 479 -39.82 12.98 96.90
N GLU H 480 -39.02 12.14 96.27
CA GLU H 480 -37.59 12.44 96.15
C GLU H 480 -37.38 13.71 95.32
N ARG H 481 -38.15 13.87 94.24
CA ARG H 481 -38.06 15.09 93.44
C ARG H 481 -38.37 16.32 94.30
N LYS H 482 -39.46 16.26 95.05
CA LYS H 482 -39.78 17.36 95.95
C LYS H 482 -38.72 17.51 97.04
N TYR H 483 -38.25 16.39 97.60
CA TYR H 483 -37.24 16.46 98.65
C TYR H 483 -35.94 17.07 98.13
N HIS H 484 -35.52 16.69 96.93
CA HIS H 484 -34.35 17.32 96.33
C HIS H 484 -34.66 18.74 95.89
N ASN H 485 -35.90 19.01 95.48
CA ASN H 485 -36.29 20.38 95.22
C ASN H 485 -36.29 21.21 96.50
N LYS H 486 -36.60 20.57 97.63
CA LYS H 486 -36.53 21.36 98.88
C LYS H 486 -35.14 21.42 99.46
N LEU H 487 -34.12 21.20 98.63
CA LEU H 487 -32.73 21.22 99.08
C LEU H 487 -31.85 22.15 98.25
N MET H 488 -32.41 22.93 97.35
CA MET H 488 -31.64 23.86 96.55
C MET H 488 -31.81 25.32 96.96
N MET H 489 -32.98 25.69 97.49
CA MET H 489 -33.18 27.05 97.95
C MET H 489 -32.25 27.43 99.08
N GLU H 490 -31.80 26.46 99.88
CA GLU H 490 -30.78 26.74 100.89
C GLU H 490 -29.48 27.20 100.21
N ALA H 491 -29.09 26.53 99.14
CA ALA H 491 -27.97 27.00 98.34
C ALA H 491 -28.26 28.37 97.73
N LYS H 492 -29.49 28.56 97.23
CA LYS H 492 -29.88 29.88 96.75
C LYS H 492 -29.99 30.88 97.89
N ALA H 493 -30.31 30.42 99.11
CA ALA H 493 -30.29 31.31 100.26
C ALA H 493 -28.86 31.79 100.55
N ARG H 494 -27.86 31.03 100.12
CA ARG H 494 -26.46 31.43 100.26
C ARG H 494 -25.77 31.62 98.91
N GLY H 495 -26.53 31.63 97.82
CA GLY H 495 -25.97 31.90 96.51
C GLY H 495 -24.95 30.87 96.05
N GLU H 496 -25.28 29.59 96.20
CA GLU H 496 -24.37 28.51 95.85
C GLU H 496 -25.08 27.52 94.93
N GLY H 497 -24.27 26.70 94.25
CA GLY H 497 -24.80 25.61 93.47
C GLY H 497 -25.12 24.40 94.33
N TYR H 498 -25.96 23.52 93.79
CA TYR H 498 -26.41 22.34 94.50
C TYR H 498 -26.31 21.09 93.63
N LYS H 499 -25.14 20.88 93.04
CA LYS H 499 -24.91 19.65 92.28
C LYS H 499 -25.05 18.44 93.20
N ILE H 500 -26.09 17.65 92.95
CA ILE H 500 -26.42 16.51 93.79
C ILE H 500 -25.50 15.34 93.44
N GLU H 501 -25.07 14.61 94.47
CA GLU H 501 -24.18 13.48 94.26
C GLU H 501 -24.84 12.41 93.41
N LYS H 502 -25.91 11.80 93.93
CA LYS H 502 -26.60 10.73 93.23
C LYS H 502 -28.08 10.77 93.56
N LEU H 503 -28.86 10.11 92.71
CA LEU H 503 -30.30 9.99 92.87
C LEU H 503 -30.63 8.57 93.33
N ARG H 504 -31.83 8.41 93.91
CA ARG H 504 -32.21 7.12 94.45
C ARG H 504 -32.24 6.04 93.39
N ARG H 505 -32.51 6.41 92.13
CA ARG H 505 -32.36 5.46 91.03
C ARG H 505 -30.90 5.07 90.85
N ASN H 506 -29.98 6.04 90.96
CA ASN H 506 -28.58 5.76 90.72
C ASN H 506 -28.02 4.77 91.73
N ILE H 507 -28.37 4.93 93.00
CA ILE H 507 -27.79 4.07 94.03
C ILE H 507 -28.25 2.62 93.87
N GLU H 508 -29.48 2.41 93.37
CA GLU H 508 -29.93 1.04 93.15
C GLU H 508 -29.23 0.42 91.95
N MET H 509 -28.71 1.23 91.05
CA MET H 509 -27.83 0.71 90.01
C MET H 509 -26.51 0.24 90.61
N ASP H 510 -26.03 0.96 91.63
CA ASP H 510 -24.76 0.61 92.26
C ASP H 510 -24.81 -0.78 92.87
N GLU H 511 -25.90 -1.09 93.58
CA GLU H 511 -26.02 -2.42 94.19
C GLU H 511 -26.21 -3.50 93.14
N TYR H 512 -26.93 -3.20 92.06
CA TYR H 512 -27.06 -4.16 90.97
C TYR H 512 -25.71 -4.45 90.34
N ASP H 513 -24.91 -3.41 90.10
CA ASP H 513 -23.53 -3.63 89.69
C ASP H 513 -22.74 -4.36 90.77
N SER H 514 -22.98 -3.99 92.03
CA SER H 514 -22.29 -4.65 93.13
C SER H 514 -22.62 -6.15 93.18
N LEU H 515 -23.90 -6.49 92.99
CA LEU H 515 -24.28 -7.89 92.94
C LEU H 515 -23.62 -8.60 91.77
N HIS H 516 -23.63 -7.96 90.60
CA HIS H 516 -22.97 -8.56 89.44
C HIS H 516 -21.47 -8.62 89.63
N TRP H 517 -20.88 -7.58 90.21
CA TRP H 517 -19.45 -7.61 90.50
C TRP H 517 -19.11 -8.72 91.50
N ARG H 518 -19.97 -8.91 92.50
CA ARG H 518 -19.75 -10.00 93.44
C ARG H 518 -19.78 -11.35 92.74
N ARG H 519 -20.68 -11.51 91.77
CA ARG H 519 -20.71 -12.75 90.98
C ARG H 519 -19.41 -12.95 90.21
N SER H 520 -18.89 -11.88 89.61
CA SER H 520 -17.64 -11.99 88.88
C SER H 520 -16.46 -12.21 89.83
N LEU H 521 -16.58 -11.77 91.08
CA LEU H 521 -15.47 -11.91 92.02
C LEU H 521 -15.33 -13.34 92.51
N GLU H 522 -16.37 -13.87 93.17
CA GLU H 522 -16.27 -15.20 93.76
C GLU H 522 -16.09 -16.27 92.68
N GLU H 523 -16.56 -16.00 91.46
CA GLU H 523 -16.23 -16.89 90.35
C GLU H 523 -14.74 -16.87 90.04
N ARG H 524 -14.14 -15.68 90.03
CA ARG H 524 -12.74 -15.57 89.66
C ARG H 524 -11.85 -16.30 90.65
N GLU H 525 -12.09 -16.13 91.95
CA GLU H 525 -11.29 -16.83 92.95
C GLU H 525 -11.55 -18.33 92.88
N ALA H 526 -12.80 -18.74 92.65
CA ALA H 526 -13.07 -20.15 92.43
C ALA H 526 -12.41 -20.64 91.15
N LEU H 527 -12.34 -19.78 90.13
CA LEU H 527 -11.61 -20.14 88.92
C LEU H 527 -10.14 -20.41 89.21
N LEU H 528 -9.53 -19.57 90.05
CA LEU H 528 -8.12 -19.77 90.40
C LEU H 528 -7.91 -21.11 91.08
N ARG H 529 -8.77 -21.44 92.04
CA ARG H 529 -8.65 -22.73 92.73
C ARG H 529 -8.86 -23.88 91.75
N ASP H 530 -9.70 -23.68 90.75
CA ASP H 530 -9.90 -24.71 89.73
C ASP H 530 -8.67 -24.86 88.84
N ILE H 531 -7.92 -23.78 88.64
CA ILE H 531 -6.77 -23.83 87.74
C ILE H 531 -5.71 -24.78 88.27
N SER H 532 -5.32 -24.61 89.53
CA SER H 532 -4.25 -25.42 90.09
C SER H 532 -4.64 -26.88 90.16
N SER H 533 -5.88 -27.16 90.57
CA SER H 533 -6.32 -28.54 90.66
C SER H 533 -6.22 -29.24 89.32
N ARG H 534 -6.61 -28.55 88.25
CA ARG H 534 -6.43 -29.12 86.91
C ARG H 534 -4.96 -29.11 86.51
N GLN H 535 -4.23 -28.05 86.86
CA GLN H 535 -2.80 -28.00 86.56
C GLN H 535 -2.04 -29.10 87.27
N ALA H 536 -2.34 -29.31 88.56
CA ALA H 536 -1.64 -30.34 89.33
C ALA H 536 -2.07 -31.74 88.92
N LEU H 537 -3.22 -31.88 88.27
CA LEU H 537 -3.73 -33.18 87.86
C LEU H 537 -3.67 -33.41 86.36
N GLY H 538 -3.23 -32.43 85.59
CA GLY H 538 -3.17 -32.55 84.16
C GLY H 538 -4.47 -32.32 83.45
N LEU H 539 -5.55 -32.01 84.16
CA LEU H 539 -6.82 -31.75 83.52
C LEU H 539 -6.75 -30.46 82.70
N PRO H 540 -7.40 -30.42 81.55
CA PRO H 540 -7.33 -29.22 80.70
C PRO H 540 -7.97 -28.02 81.37
N LEU H 541 -7.31 -26.87 81.26
CA LEU H 541 -7.85 -25.64 81.81
C LEU H 541 -9.04 -25.15 80.98
N GLU H 542 -8.91 -25.20 79.67
CA GLU H 542 -9.99 -24.82 78.75
C GLU H 542 -10.59 -26.07 78.13
N GLU H 543 -11.60 -25.87 77.30
CA GLU H 543 -12.28 -26.99 76.67
C GLU H 543 -11.35 -27.65 75.65
N PRO H 544 -11.14 -28.96 75.73
CA PRO H 544 -10.31 -29.64 74.73
C PRO H 544 -10.93 -29.52 73.35
N GLY H 545 -10.06 -29.51 72.34
CA GLY H 545 -10.52 -29.33 70.97
C GLY H 545 -10.76 -27.87 70.61
N ARG H 546 -11.55 -27.18 71.42
CA ARG H 546 -11.73 -25.74 71.23
C ARG H 546 -10.43 -25.01 71.52
N TYR H 547 -10.26 -23.85 70.87
CA TYR H 547 -9.06 -23.04 71.00
C TYR H 547 -7.81 -23.80 70.55
N LYS H 548 -7.84 -24.22 69.29
CA LYS H 548 -6.69 -24.88 68.70
C LYS H 548 -5.57 -23.86 68.46
N PRO H 549 -4.32 -24.31 68.43
CA PRO H 549 -3.20 -23.36 68.26
C PRO H 549 -3.26 -22.65 66.92
N GLY H 550 -2.41 -21.64 66.80
CA GLY H 550 -2.36 -20.85 65.58
C GLY H 550 -1.84 -21.66 64.41
N SER H 551 -2.04 -21.09 63.22
CA SER H 551 -1.68 -21.65 61.92
C SER H 551 -2.50 -22.88 61.58
N PHE H 552 -3.39 -23.34 62.46
CA PHE H 552 -4.26 -24.46 62.14
C PHE H 552 -5.29 -24.08 61.10
N PHE H 553 -5.73 -22.82 61.11
CA PHE H 553 -6.80 -22.36 60.20
C PHE H 553 -6.15 -21.90 58.89
N GLY H 554 -5.81 -22.88 58.06
CA GLY H 554 -5.25 -22.58 56.76
C GLY H 554 -3.82 -22.07 56.85
N LYS H 555 -3.34 -21.57 55.72
CA LYS H 555 -1.99 -21.02 55.62
C LYS H 555 -1.96 -19.55 55.23
N ASP H 556 -3.02 -19.02 54.63
CA ASP H 556 -3.07 -17.61 54.21
C ASP H 556 -4.02 -16.88 55.16
N GLN H 557 -3.45 -16.09 56.06
CA GLN H 557 -4.22 -15.27 56.99
C GLN H 557 -3.80 -13.82 56.82
N TYR H 558 -4.77 -12.95 56.55
CA TYR H 558 -4.49 -11.53 56.37
C TYR H 558 -4.10 -10.92 57.71
N ASP H 559 -2.82 -10.58 57.86
CA ASP H 559 -2.28 -10.00 59.09
C ASP H 559 -1.71 -8.63 58.74
N PRO H 560 -2.49 -7.56 58.88
CA PRO H 560 -1.97 -6.22 58.58
C PRO H 560 -0.80 -5.82 59.46
N THR H 561 -0.74 -6.33 60.69
CA THR H 561 0.38 -6.01 61.57
C THR H 561 1.69 -6.56 61.01
N SER H 562 1.66 -7.76 60.46
CA SER H 562 2.85 -8.36 59.88
C SER H 562 3.32 -7.56 58.67
N ALA H 563 4.65 -7.49 58.50
CA ALA H 563 5.23 -6.77 57.38
C ALA H 563 4.89 -7.41 56.04
N LEU H 564 4.41 -8.65 56.03
CA LEU H 564 4.01 -9.29 54.78
C LEU H 564 2.84 -8.55 54.14
N TYR H 565 1.90 -8.09 54.96
CA TYR H 565 0.74 -7.36 54.47
C TYR H 565 0.85 -5.85 54.68
N GLN H 566 1.96 -5.37 55.23
CA GLN H 566 2.14 -3.94 55.47
C GLN H 566 2.41 -3.20 54.17
N TYR H 567 1.81 -2.03 54.02
CA TYR H 567 1.99 -1.18 52.84
C TYR H 567 2.65 0.15 53.18
N ASP H 568 3.48 0.17 54.22
CA ASP H 568 4.11 1.38 54.72
C ASP H 568 5.55 1.50 54.24
N TYR H 569 5.79 1.18 52.96
CA TYR H 569 7.14 1.12 52.41
C TYR H 569 7.92 2.39 52.70
N TRP H 570 7.46 3.52 52.16
CA TRP H 570 8.09 4.82 52.38
C TRP H 570 6.99 5.76 52.86
N GLY H 571 6.69 5.69 54.15
CA GLY H 571 5.59 6.47 54.71
C GLY H 571 4.24 6.00 54.23
N GLU H 572 3.18 6.50 54.84
CA GLU H 572 1.83 6.15 54.41
C GLU H 572 1.48 6.96 53.17
N PRO H 573 1.12 6.32 52.06
CA PRO H 573 0.79 7.07 50.85
C PRO H 573 -0.43 7.95 51.06
N LYS H 574 -0.45 9.08 50.34
CA LYS H 574 -1.52 10.06 50.48
C LYS H 574 -2.88 9.48 50.12
N ASN H 575 -2.91 8.44 49.31
CA ASN H 575 -4.17 7.81 48.91
C ASN H 575 -4.63 6.75 49.89
N SER H 576 -3.94 6.59 51.02
CA SER H 576 -4.38 5.66 52.05
C SER H 576 -5.75 6.06 52.56
N GLU H 577 -6.68 5.10 52.59
CA GLU H 577 -8.00 5.39 53.14
C GLU H 577 -7.91 5.70 54.63
N ILE H 578 -6.93 5.11 55.33
CA ILE H 578 -6.72 5.47 56.72
C ILE H 578 -6.14 6.86 56.84
N SER H 579 -5.19 7.22 55.97
CA SER H 579 -4.60 8.55 56.01
C SER H 579 -5.59 9.61 55.55
N LYS H 580 -6.36 9.32 54.49
CA LYS H 580 -7.42 10.23 54.08
C LYS H 580 -8.47 10.38 55.17
N GLN H 581 -8.83 9.26 55.82
CA GLN H 581 -9.68 9.32 56.99
C GLN H 581 -8.90 9.60 58.27
N GLU H 582 -7.70 10.17 58.16
CA GLU H 582 -7.00 10.70 59.32
C GLU H 582 -6.82 12.21 59.23
N ARG H 583 -6.59 12.74 58.02
CA ARG H 583 -6.45 14.18 57.87
C ARG H 583 -7.76 14.91 58.18
N MET H 584 -8.90 14.28 57.91
CA MET H 584 -10.17 14.89 58.27
C MET H 584 -10.29 15.05 59.78
N LYS H 585 -9.95 14.02 60.54
CA LYS H 585 -9.93 14.16 61.99
C LYS H 585 -8.89 15.18 62.41
N ASP H 586 -7.78 15.27 61.67
CA ASP H 586 -6.85 16.38 61.88
C ASP H 586 -7.53 17.70 61.58
N ALA H 587 -8.32 17.75 60.50
CA ALA H 587 -9.08 18.95 60.20
C ALA H 587 -10.19 19.17 61.21
N HIS H 588 -10.95 18.11 61.53
CA HIS H 588 -12.12 18.25 62.38
C HIS H 588 -11.74 18.64 63.80
N ASN H 589 -10.78 17.94 64.40
CA ASN H 589 -10.37 18.29 65.76
C ASN H 589 -9.71 19.64 65.82
N LYS H 590 -9.03 20.06 64.75
CA LYS H 590 -8.47 21.40 64.65
C LYS H 590 -9.43 22.39 64.00
N SER H 591 -10.60 21.95 63.56
CA SER H 591 -11.63 22.89 63.16
C SER H 591 -12.19 23.65 64.36
N ILE H 592 -11.96 23.14 65.56
CA ILE H 592 -12.43 23.78 66.78
C ILE H 592 -11.33 24.56 67.48
N VAL H 593 -10.12 24.00 67.52
CA VAL H 593 -9.01 24.60 68.25
C VAL H 593 -8.05 25.31 67.31
N GLY H 594 -7.94 24.86 66.07
CA GLY H 594 -7.05 25.51 65.12
C GLY H 594 -5.58 25.21 65.38
N LYS H 595 -4.80 26.25 65.64
CA LYS H 595 -3.38 26.14 65.89
C LYS H 595 -3.06 26.27 67.38
N GLY H 596 -3.94 25.73 68.23
CA GLY H 596 -3.74 25.81 69.65
C GLY H 596 -2.67 24.87 70.15
N ASN H 597 -2.25 25.10 71.39
CA ASN H 597 -1.25 24.29 72.05
C ASN H 597 -1.83 23.70 73.32
N VAL H 598 -1.50 22.44 73.60
CA VAL H 598 -2.02 21.74 74.76
C VAL H 598 -1.23 22.19 75.98
N TRP H 599 -1.91 22.78 76.95
CA TRP H 599 -1.24 23.17 78.20
C TRP H 599 -0.88 21.95 79.02
N TYR H 600 -1.88 21.14 79.39
CA TYR H 600 -1.62 19.91 80.11
C TYR H 600 -2.72 18.91 79.78
N ASP H 601 -2.40 17.64 80.02
CA ASP H 601 -3.26 16.54 79.58
C ASP H 601 -3.20 15.42 80.60
N MET H 602 -4.37 14.95 81.03
CA MET H 602 -4.46 13.82 81.94
C MET H 602 -5.79 13.11 81.72
N SER H 603 -5.89 11.88 82.22
CA SER H 603 -7.09 11.09 82.02
C SER H 603 -8.28 11.72 82.73
N TYR H 604 -9.47 11.29 82.33
CA TYR H 604 -10.69 11.90 82.85
C TYR H 604 -10.92 11.55 84.31
N ASP H 605 -10.48 10.37 84.77
CA ASP H 605 -10.67 10.00 86.16
C ASP H 605 -10.00 11.00 87.09
N ASP H 606 -8.79 11.46 86.72
CA ASP H 606 -8.11 12.47 87.52
C ASP H 606 -8.78 13.84 87.38
N ALA H 607 -9.55 14.06 86.33
CA ALA H 607 -10.16 15.37 86.12
C ALA H 607 -11.30 15.65 87.09
N ILE H 608 -11.75 14.66 87.85
CA ILE H 608 -12.84 14.86 88.79
C ILE H 608 -12.28 15.00 90.20
N LYS H 609 -11.11 14.40 90.43
CA LYS H 609 -10.55 14.36 91.78
C LYS H 609 -10.17 15.75 92.25
N GLN H 610 -9.42 16.50 91.44
CA GLN H 610 -8.94 17.81 91.88
C GLN H 610 -10.08 18.80 92.00
N THR H 611 -11.10 18.69 91.15
CA THR H 611 -12.26 19.56 91.28
C THR H 611 -12.99 19.30 92.59
N ILE H 612 -13.15 18.03 92.97
CA ILE H 612 -13.74 17.69 94.25
C ILE H 612 -12.84 18.13 95.39
N GLU H 613 -11.52 17.94 95.24
CA GLU H 613 -10.58 18.35 96.28
C GLU H 613 -10.58 19.85 96.49
N ARG H 614 -11.05 20.63 95.52
CA ARG H 614 -11.12 22.08 95.65
C ARG H 614 -12.07 22.47 96.77
N TYR I 50 -23.77 -51.16 88.98
CA TYR I 50 -24.16 -52.55 89.18
C TYR I 50 -23.18 -53.50 88.54
N TYR I 51 -21.94 -53.49 89.03
CA TYR I 51 -20.91 -54.42 88.61
C TYR I 51 -20.38 -55.14 89.85
N GLY I 52 -20.28 -56.46 89.77
CA GLY I 52 -19.74 -57.21 90.88
C GLY I 52 -18.26 -56.97 91.07
N LEU I 53 -17.80 -57.22 92.29
CA LEU I 53 -16.38 -57.09 92.60
C LEU I 53 -15.65 -58.29 92.00
N LYS I 54 -14.94 -58.07 90.91
CA LYS I 54 -14.27 -59.15 90.20
C LYS I 54 -12.98 -59.51 90.93
N THR I 55 -12.86 -60.77 91.33
CA THR I 55 -11.67 -61.22 92.04
C THR I 55 -10.48 -61.27 91.10
N PRO I 56 -9.27 -61.09 91.63
CA PRO I 56 -8.09 -61.25 90.79
C PRO I 56 -7.97 -62.69 90.32
N PRO I 57 -7.32 -62.92 89.18
CA PRO I 57 -7.21 -64.30 88.65
C PRO I 57 -6.38 -65.23 89.50
N TYR I 58 -5.86 -64.77 90.63
CA TYR I 58 -5.01 -65.53 91.52
C TYR I 58 -5.47 -65.37 92.95
N PRO I 59 -5.20 -66.35 93.81
CA PRO I 59 -5.50 -66.17 95.24
C PRO I 59 -4.65 -65.06 95.83
N LEU I 60 -5.19 -64.40 96.85
CA LEU I 60 -4.53 -63.22 97.43
C LEU I 60 -3.17 -63.54 98.01
N ASP I 61 -2.90 -64.80 98.34
CA ASP I 61 -1.63 -65.20 98.90
C ASP I 61 -0.63 -65.67 97.86
N ALA I 62 -0.98 -65.61 96.57
CA ALA I 62 -0.13 -66.13 95.52
C ALA I 62 0.95 -65.15 95.08
N LEU I 63 0.93 -63.92 95.57
CA LEU I 63 1.91 -62.91 95.19
C LEU I 63 3.08 -62.82 96.15
N GLU I 64 3.15 -63.70 97.15
CA GLU I 64 4.26 -63.70 98.07
C GLU I 64 5.55 -64.14 97.37
N PRO I 65 6.71 -63.66 97.80
CA PRO I 65 6.94 -62.69 98.88
C PRO I 65 6.97 -61.26 98.39
N TYR I 66 6.79 -61.04 97.09
CA TYR I 66 6.87 -59.69 96.53
C TYR I 66 5.66 -58.84 96.90
N MET I 67 4.59 -59.44 97.42
CA MET I 67 3.39 -58.70 97.79
C MET I 67 2.71 -59.46 98.92
N SER I 68 2.60 -58.83 100.09
CA SER I 68 1.94 -59.46 101.21
C SER I 68 0.45 -59.60 100.94
N ARG I 69 -0.12 -60.72 101.35
CA ARG I 69 -1.55 -60.94 101.12
C ARG I 69 -2.40 -60.00 101.96
N ARG I 70 -1.89 -59.55 103.11
CA ARG I 70 -2.64 -58.63 103.94
C ARG I 70 -2.90 -57.32 103.21
N THR I 71 -1.89 -56.80 102.50
CA THR I 71 -2.09 -55.59 101.72
C THR I 71 -3.07 -55.83 100.58
N LEU I 72 -3.08 -57.04 100.02
CA LEU I 72 -4.09 -57.38 99.04
C LEU I 72 -5.49 -57.39 99.66
N GLU I 73 -5.60 -57.87 100.90
CA GLU I 73 -6.89 -57.94 101.57
C GLU I 73 -7.53 -56.57 101.76
N VAL I 74 -6.74 -55.50 101.76
CA VAL I 74 -7.27 -54.16 101.91
C VAL I 74 -7.28 -53.41 100.59
N HIS I 75 -6.25 -53.58 99.76
CA HIS I 75 -6.22 -52.93 98.46
C HIS I 75 -7.38 -53.41 97.58
N TRP I 76 -7.60 -54.73 97.56
CA TRP I 76 -8.70 -55.28 96.79
C TRP I 76 -9.97 -55.44 97.62
N GLY I 77 -9.83 -55.81 98.89
CA GLY I 77 -11.00 -56.05 99.72
C GLY I 77 -11.69 -54.80 100.21
N LYS I 78 -10.95 -53.72 100.38
CA LYS I 78 -11.51 -52.48 100.91
C LYS I 78 -11.54 -51.35 99.89
N HIS I 79 -10.40 -51.03 99.28
CA HIS I 79 -10.36 -49.96 98.29
C HIS I 79 -11.20 -50.31 97.07
N HIS I 80 -10.97 -51.48 96.49
CA HIS I 80 -11.68 -51.86 95.28
C HIS I 80 -13.16 -52.07 95.57
N ARG I 81 -13.48 -52.81 96.64
CA ARG I 81 -14.88 -53.04 96.97
C ARG I 81 -15.60 -51.75 97.31
N GLY I 82 -14.92 -50.83 98.02
CA GLY I 82 -15.50 -49.53 98.27
C GLY I 82 -15.82 -48.78 97.00
N TYR I 83 -14.92 -48.85 96.02
CA TYR I 83 -15.19 -48.28 94.71
C TYR I 83 -16.38 -48.97 94.04
N ILE I 84 -16.49 -50.29 94.23
CA ILE I 84 -17.59 -51.03 93.63
C ILE I 84 -18.93 -50.57 94.21
N ASP I 85 -19.01 -50.50 95.54
CA ASP I 85 -20.26 -50.17 96.18
C ASP I 85 -20.68 -48.73 95.87
N ASN I 86 -19.73 -47.79 95.91
CA ASN I 86 -20.06 -46.40 95.64
C ASN I 86 -20.57 -46.22 94.22
N LEU I 87 -19.93 -46.87 93.25
CA LEU I 87 -20.37 -46.75 91.86
C LEU I 87 -21.77 -47.34 91.67
N ASN I 88 -22.04 -48.48 92.29
CA ASN I 88 -23.35 -49.11 92.13
C ASN I 88 -24.46 -48.23 92.68
N LYS I 89 -24.21 -47.56 93.81
CA LYS I 89 -25.20 -46.65 94.37
C LYS I 89 -25.49 -45.50 93.41
N GLN I 90 -24.45 -44.93 92.80
CA GLN I 90 -24.64 -43.84 91.86
C GLN I 90 -25.39 -44.30 90.62
N LEU I 91 -25.09 -45.50 90.13
CA LEU I 91 -25.77 -46.02 88.95
C LEU I 91 -27.24 -46.29 89.21
N GLY I 92 -27.60 -46.62 90.45
CA GLY I 92 -29.01 -46.79 90.77
C GLY I 92 -29.81 -45.52 90.61
N LYS I 93 -29.17 -44.36 90.84
CA LYS I 93 -29.89 -43.10 90.73
C LYS I 93 -30.19 -42.75 89.28
N ASP I 94 -29.21 -42.93 88.39
CA ASP I 94 -29.30 -42.46 87.01
C ASP I 94 -29.46 -43.64 86.07
N ASP I 95 -30.49 -43.59 85.22
CA ASP I 95 -30.68 -44.60 84.19
C ASP I 95 -29.96 -44.29 82.89
N LYS I 96 -29.37 -43.10 82.77
CA LYS I 96 -28.58 -42.78 81.59
C LYS I 96 -27.15 -43.28 81.72
N LEU I 97 -26.51 -43.01 82.87
CA LEU I 97 -25.20 -43.59 83.13
C LEU I 97 -25.28 -45.11 83.18
N TYR I 98 -26.31 -45.64 83.81
CA TYR I 98 -26.60 -47.06 83.69
C TYR I 98 -26.93 -47.38 82.24
N GLY I 99 -26.39 -48.48 81.74
CA GLY I 99 -26.51 -48.83 80.35
C GLY I 99 -25.31 -48.48 79.50
N TYR I 100 -24.45 -47.58 79.98
CA TYR I 100 -23.18 -47.36 79.31
C TYR I 100 -22.23 -48.51 79.58
N THR I 101 -21.50 -48.93 78.55
CA THR I 101 -20.47 -49.91 78.75
C THR I 101 -19.31 -49.30 79.55
N MET I 102 -18.43 -50.17 80.05
CA MET I 102 -17.36 -49.72 80.92
C MET I 102 -16.50 -48.68 80.22
N GLU I 103 -16.09 -48.95 78.97
CA GLU I 103 -15.32 -47.98 78.22
C GLU I 103 -16.12 -46.73 77.94
N GLU I 104 -17.42 -46.89 77.64
CA GLU I 104 -18.25 -45.73 77.36
C GLU I 104 -18.61 -44.97 78.64
N LEU I 105 -18.81 -45.69 79.75
CA LEU I 105 -19.16 -45.02 80.99
C LEU I 105 -18.05 -44.10 81.46
N ILE I 106 -16.79 -44.56 81.37
CA ILE I 106 -15.67 -43.74 81.79
C ILE I 106 -15.55 -42.50 80.91
N LYS I 107 -15.63 -42.69 79.59
CA LYS I 107 -15.51 -41.56 78.68
C LYS I 107 -16.65 -40.57 78.85
N ALA I 108 -17.87 -41.08 79.03
CA ALA I 108 -19.02 -40.19 79.23
C ALA I 108 -18.91 -39.43 80.55
N THR I 109 -18.54 -40.13 81.62
CA THR I 109 -18.41 -39.47 82.92
C THR I 109 -17.21 -38.53 82.94
N TYR I 110 -16.21 -38.79 82.10
CA TYR I 110 -15.08 -37.87 82.00
C TYR I 110 -15.53 -36.50 81.52
N ASN I 111 -16.53 -36.46 80.65
CA ASN I 111 -17.15 -35.21 80.20
C ASN I 111 -16.12 -34.27 79.58
N ASN I 112 -15.17 -34.84 78.83
CA ASN I 112 -14.18 -34.07 78.09
C ASN I 112 -13.40 -33.12 78.99
N GLY I 113 -12.96 -33.62 80.14
CA GLY I 113 -12.11 -32.86 81.02
C GLY I 113 -12.80 -32.23 82.22
N ASN I 114 -14.10 -32.44 82.37
CA ASN I 114 -14.86 -31.94 83.52
C ASN I 114 -15.61 -33.11 84.14
N PRO I 115 -14.90 -33.99 84.86
CA PRO I 115 -15.50 -35.26 85.27
C PRO I 115 -16.74 -35.07 86.13
N LEU I 116 -17.72 -35.95 85.89
CA LEU I 116 -18.92 -35.99 86.70
C LEU I 116 -18.60 -36.60 88.06
N PRO I 117 -19.48 -36.40 89.06
CA PRO I 117 -19.22 -37.00 90.37
C PRO I 117 -19.08 -38.50 90.34
N GLU I 118 -19.69 -39.17 89.36
CA GLU I 118 -19.59 -40.62 89.24
C GLU I 118 -18.30 -41.07 88.57
N PHE I 119 -17.53 -40.14 87.99
CA PHE I 119 -16.34 -40.54 87.24
C PHE I 119 -15.30 -41.20 88.13
N ASN I 120 -15.06 -40.64 89.31
CA ASN I 120 -13.98 -41.16 90.16
C ASN I 120 -14.23 -42.61 90.55
N ASN I 121 -15.46 -42.95 90.91
CA ASN I 121 -15.79 -44.34 91.21
C ASN I 121 -15.74 -45.20 89.95
N ALA I 122 -16.30 -44.69 88.85
CA ALA I 122 -16.35 -45.46 87.61
C ALA I 122 -14.95 -45.71 87.06
N ALA I 123 -14.10 -44.69 87.07
CA ALA I 123 -12.75 -44.86 86.54
C ALA I 123 -11.95 -45.84 87.40
N GLN I 124 -12.10 -45.77 88.72
CA GLN I 124 -11.24 -46.56 89.60
C GLN I 124 -11.55 -48.05 89.49
N VAL I 125 -12.82 -48.42 89.37
CA VAL I 125 -13.18 -49.84 89.35
C VAL I 125 -12.58 -50.50 88.11
N TYR I 126 -12.54 -49.78 86.99
CA TYR I 126 -11.87 -50.31 85.81
C TYR I 126 -10.36 -50.38 86.01
N ASN I 127 -9.77 -49.34 86.60
CA ASN I 127 -8.33 -49.31 86.79
C ASN I 127 -7.87 -50.44 87.70
N HIS I 128 -8.59 -50.64 88.81
CA HIS I 128 -8.22 -51.73 89.72
C HIS I 128 -8.44 -53.08 89.07
N ASP I 129 -9.53 -53.25 88.32
CA ASP I 129 -9.75 -54.49 87.59
C ASP I 129 -8.65 -54.71 86.57
N PHE I 130 -8.26 -53.65 85.85
CA PHE I 130 -7.16 -53.75 84.91
C PHE I 130 -5.83 -54.00 85.61
N PHE I 131 -5.70 -53.61 86.88
CA PHE I 131 -4.45 -53.78 87.60
C PHE I 131 -4.23 -55.24 87.98
N TRP I 132 -5.27 -55.92 88.47
CA TRP I 132 -5.11 -57.31 88.90
C TRP I 132 -4.74 -58.21 87.73
N GLU I 133 -5.39 -58.01 86.58
CA GLU I 133 -5.07 -58.83 85.41
C GLU I 133 -3.70 -58.50 84.85
N SER I 134 -3.22 -57.27 85.05
CA SER I 134 -1.89 -56.90 84.59
C SER I 134 -0.78 -57.60 85.37
N MET I 135 -1.12 -58.26 86.46
CA MET I 135 -0.16 -58.98 87.28
C MET I 135 -0.55 -60.45 87.36
N GLN I 136 0.44 -61.30 87.65
CA GLN I 136 0.18 -62.72 87.83
C GLN I 136 1.29 -63.32 88.67
N PRO I 137 1.01 -64.40 89.40
CA PRO I 137 2.08 -65.10 90.13
C PRO I 137 3.13 -65.62 89.16
N GLY I 138 4.39 -65.56 89.58
CA GLY I 138 5.48 -65.89 88.68
C GLY I 138 5.56 -64.97 87.49
N GLY I 139 5.07 -63.74 87.62
CA GLY I 139 5.06 -62.80 86.53
C GLY I 139 6.43 -62.18 86.28
N GLY I 140 6.45 -60.91 85.93
CA GLY I 140 7.72 -60.28 85.60
C GLY I 140 8.31 -60.90 84.35
N ASP I 141 9.56 -61.36 84.47
CA ASP I 141 10.28 -61.99 83.36
C ASP I 141 10.48 -60.99 82.21
N MET I 142 10.29 -61.44 80.97
CA MET I 142 10.48 -60.60 79.80
C MET I 142 9.44 -60.95 78.74
N PRO I 143 8.75 -59.97 78.17
CA PRO I 143 7.76 -60.27 77.13
C PRO I 143 8.42 -60.81 75.87
N GLN I 144 7.62 -61.54 75.09
CA GLN I 144 8.08 -62.15 73.85
C GLN I 144 7.03 -61.92 72.78
N LYS I 145 7.35 -62.34 71.55
CA LYS I 145 6.43 -62.32 70.41
C LYS I 145 6.05 -60.87 70.11
N GLY I 146 4.79 -60.59 69.79
CA GLY I 146 4.43 -59.28 69.27
C GLY I 146 4.63 -58.16 70.27
N VAL I 147 4.34 -58.43 71.55
CA VAL I 147 4.54 -57.41 72.57
C VAL I 147 6.00 -56.99 72.64
N LEU I 148 6.90 -57.97 72.63
CA LEU I 148 8.32 -57.65 72.59
C LEU I 148 8.69 -56.90 71.31
N GLU I 149 8.15 -57.35 70.17
CA GLU I 149 8.46 -56.68 68.91
C GLU I 149 7.94 -55.26 68.90
N GLN I 150 6.71 -55.05 69.39
CA GLN I 150 6.14 -53.71 69.38
C GLN I 150 6.90 -52.78 70.31
N ILE I 151 7.29 -53.28 71.49
CA ILE I 151 8.08 -52.48 72.42
C ILE I 151 9.42 -52.10 71.80
N GLU I 152 10.09 -53.08 71.17
CA GLU I 152 11.34 -52.79 70.48
C GLU I 152 11.12 -51.84 69.32
N LYS I 153 9.99 -51.98 68.61
CA LYS I 153 9.74 -51.12 67.47
C LYS I 153 9.45 -49.69 67.89
N ASP I 154 8.76 -49.50 69.01
CA ASP I 154 8.34 -48.17 69.43
C ASP I 154 9.31 -47.54 70.41
N PHE I 155 9.78 -48.29 71.41
CA PHE I 155 10.69 -47.75 72.41
C PHE I 155 12.16 -48.04 72.10
N GLY I 156 12.45 -48.63 70.95
CA GLY I 156 13.83 -48.97 70.63
C GLY I 156 14.28 -50.27 71.26
N SER I 157 14.20 -50.34 72.59
CA SER I 157 14.58 -51.53 73.33
C SER I 157 13.77 -51.59 74.60
N PHE I 158 13.66 -52.81 75.16
CA PHE I 158 12.93 -52.97 76.41
C PHE I 158 13.60 -52.20 77.55
N THR I 159 14.93 -52.25 77.62
CA THR I 159 15.63 -51.48 78.64
C THR I 159 15.36 -49.99 78.50
N ASN I 160 15.26 -49.50 77.26
CA ASN I 160 14.81 -48.12 77.05
C ASN I 160 13.37 -47.95 77.52
N PHE I 161 12.52 -48.93 77.23
CA PHE I 161 11.14 -48.88 77.71
C PHE I 161 11.07 -48.92 79.23
N ARG I 162 11.86 -49.79 79.85
CA ARG I 162 11.85 -49.90 81.32
C ARG I 162 12.28 -48.58 81.95
N GLU I 163 13.33 -47.96 81.41
CA GLU I 163 13.74 -46.65 81.91
C GLU I 163 12.63 -45.62 81.72
N LYS I 164 11.99 -45.63 80.54
CA LYS I 164 10.86 -44.74 80.31
C LYS I 164 9.70 -45.07 81.23
N PHE I 165 9.44 -46.36 81.44
CA PHE I 165 8.36 -46.76 82.33
C PHE I 165 8.65 -46.37 83.78
N THR I 166 9.86 -46.65 84.25
CA THR I 166 10.21 -46.33 85.63
C THR I 166 10.26 -44.83 85.87
N ASN I 167 10.82 -44.07 84.93
CA ASN I 167 10.90 -42.62 85.11
C ASN I 167 9.51 -42.01 85.18
N ALA I 168 8.60 -42.47 84.34
CA ALA I 168 7.22 -42.00 84.41
C ALA I 168 6.60 -42.37 85.76
N ALA I 169 6.86 -43.58 86.23
CA ALA I 169 6.33 -44.00 87.52
C ALA I 169 6.93 -43.20 88.66
N LEU I 170 8.23 -42.94 88.61
CA LEU I 170 8.88 -42.18 89.68
C LEU I 170 8.43 -40.73 89.67
N THR I 171 8.39 -40.10 88.50
CA THR I 171 8.02 -38.70 88.41
C THR I 171 6.53 -38.46 88.68
N GLN I 172 5.72 -39.51 88.72
CA GLN I 172 4.30 -39.35 89.02
C GLN I 172 4.14 -38.89 90.46
N PHE I 173 3.76 -37.63 90.64
CA PHE I 173 3.62 -37.05 91.97
C PHE I 173 2.21 -37.30 92.50
N GLY I 174 2.12 -37.83 93.71
CA GLY I 174 0.84 -38.12 94.31
C GLY I 174 0.22 -39.38 93.73
N SER I 175 -1.06 -39.56 94.08
CA SER I 175 -1.80 -40.73 93.62
C SER I 175 -1.97 -40.69 92.10
N GLY I 176 -1.86 -41.84 91.47
CA GLY I 176 -2.01 -41.91 90.03
C GLY I 176 -1.78 -43.31 89.53
N TRP I 177 -1.72 -43.44 88.21
CA TRP I 177 -1.49 -44.73 87.56
C TRP I 177 -0.47 -44.56 86.47
N VAL I 178 0.24 -45.65 86.18
CA VAL I 178 1.21 -45.71 85.08
C VAL I 178 0.65 -46.63 84.03
N TRP I 179 0.54 -46.13 82.80
CA TRP I 179 -0.15 -46.82 81.72
C TRP I 179 0.81 -47.08 80.57
N LEU I 180 0.85 -48.33 80.12
CA LEU I 180 1.42 -48.69 78.83
C LEU I 180 0.24 -48.85 77.87
N VAL I 181 0.13 -47.94 76.90
CA VAL I 181 -1.07 -47.84 76.09
C VAL I 181 -0.71 -47.86 74.61
N LEU I 182 -1.72 -48.13 73.80
CA LEU I 182 -1.62 -48.12 72.34
C LEU I 182 -2.42 -46.94 71.81
N LYS I 183 -1.79 -46.11 70.99
CA LYS I 183 -2.44 -44.95 70.41
C LYS I 183 -3.20 -45.36 69.15
N ARG I 184 -4.48 -45.00 69.08
CA ARG I 184 -5.28 -45.36 67.92
C ARG I 184 -4.79 -44.64 66.67
N GLU I 185 -4.62 -43.32 66.75
CA GLU I 185 -4.21 -42.55 65.58
C GLU I 185 -2.74 -42.76 65.27
N GLU I 186 -1.89 -42.76 66.30
CA GLU I 186 -0.46 -42.88 66.10
C GLU I 186 -0.02 -44.33 65.88
N ARG I 187 -0.86 -45.30 66.23
CA ARG I 187 -0.60 -46.72 65.95
C ARG I 187 0.74 -47.17 66.55
N ARG I 188 1.02 -46.75 67.78
CA ARG I 188 2.25 -47.14 68.44
C ARG I 188 2.01 -47.19 69.95
N LEU I 189 2.88 -47.91 70.63
CA LEU I 189 2.82 -47.98 72.08
C LEU I 189 3.29 -46.67 72.71
N GLU I 190 2.78 -46.40 73.90
CA GLU I 190 3.12 -45.17 74.59
C GLU I 190 3.06 -45.41 76.09
N VAL I 191 3.81 -44.61 76.84
CA VAL I 191 3.79 -44.63 78.29
C VAL I 191 3.27 -43.28 78.77
N VAL I 192 2.15 -43.29 79.49
CA VAL I 192 1.49 -42.08 79.94
C VAL I 192 1.25 -42.17 81.43
N LYS I 193 1.56 -41.10 82.15
CA LYS I 193 1.26 -40.99 83.57
C LYS I 193 -0.02 -40.21 83.76
N THR I 194 -0.95 -40.76 84.53
CA THR I 194 -2.22 -40.11 84.82
C THR I 194 -2.44 -40.10 86.32
N SER I 195 -2.77 -38.93 86.86
CA SER I 195 -2.95 -38.77 88.29
C SER I 195 -4.37 -39.15 88.69
N ASN I 196 -4.51 -39.62 89.93
CA ASN I 196 -5.80 -40.00 90.53
C ASN I 196 -6.42 -41.09 89.66
N ALA I 197 -7.71 -41.01 89.33
CA ALA I 197 -8.39 -42.08 88.62
C ALA I 197 -8.33 -41.94 87.11
N ILE I 198 -7.63 -40.94 86.59
CA ILE I 198 -7.59 -40.73 85.15
C ILE I 198 -6.96 -41.95 84.48
N ASN I 199 -7.60 -42.41 83.41
CA ASN I 199 -7.12 -43.52 82.60
C ASN I 199 -7.20 -43.16 81.14
N PRO I 200 -6.36 -43.76 80.30
CA PRO I 200 -6.30 -43.35 78.89
C PRO I 200 -7.55 -43.67 78.08
N LEU I 201 -8.54 -44.33 78.67
CA LEU I 201 -9.80 -44.53 77.96
C LEU I 201 -10.47 -43.21 77.64
N VAL I 202 -10.18 -42.17 78.43
CA VAL I 202 -10.78 -40.85 78.18
C VAL I 202 -10.26 -40.24 76.89
N TRP I 203 -9.10 -40.70 76.38
CA TRP I 203 -8.57 -40.24 75.12
C TRP I 203 -8.63 -41.31 74.05
N ASP I 204 -9.48 -42.32 74.25
CA ASP I 204 -9.70 -43.46 73.35
C ASP I 204 -8.49 -44.38 73.27
N ASP I 205 -7.40 -44.10 73.97
CA ASP I 205 -6.25 -44.99 73.97
C ASP I 205 -6.61 -46.30 74.68
N ILE I 206 -5.97 -47.37 74.23
CA ILE I 206 -6.28 -48.72 74.71
C ILE I 206 -5.17 -49.13 75.68
N PRO I 207 -5.45 -49.24 76.97
CA PRO I 207 -4.41 -49.65 77.92
C PRO I 207 -3.93 -51.07 77.64
N ILE I 208 -2.65 -51.31 77.87
CA ILE I 208 -2.04 -52.63 77.72
C ILE I 208 -1.49 -53.14 79.06
N ILE I 209 -0.75 -52.31 79.78
CA ILE I 209 -0.22 -52.65 81.08
C ILE I 209 -0.46 -51.47 82.02
N SER I 210 -0.99 -51.75 83.21
CA SER I 210 -1.30 -50.73 84.20
C SER I 210 -0.50 -50.97 85.47
N LEU I 211 0.05 -49.90 86.02
CA LEU I 211 0.74 -49.94 87.30
C LEU I 211 0.11 -48.94 88.25
N ASP I 212 -0.19 -49.39 89.47
CA ASP I 212 -0.84 -48.57 90.48
C ASP I 212 0.22 -47.99 91.39
N VAL I 213 0.44 -46.68 91.30
CA VAL I 213 1.37 -45.98 92.17
C VAL I 213 0.65 -45.25 93.31
N TRP I 214 -0.62 -45.54 93.52
CA TRP I 214 -1.30 -45.06 94.71
C TRP I 214 -0.60 -45.57 95.96
N GLU I 215 -0.48 -44.71 96.97
CA GLU I 215 0.27 -45.08 98.16
C GLU I 215 -0.34 -46.27 98.88
N HIS I 216 -1.64 -46.51 98.70
CA HIS I 216 -2.27 -47.66 99.33
C HIS I 216 -1.79 -48.98 98.74
N SER I 217 -1.21 -48.95 97.54
CA SER I 217 -0.83 -50.18 96.87
C SER I 217 0.53 -50.71 97.29
N TYR I 218 1.37 -49.87 97.92
CA TYR I 218 2.72 -50.30 98.25
C TYR I 218 3.19 -49.93 99.65
N TYR I 219 2.47 -49.08 100.38
CA TYR I 219 3.01 -48.55 101.63
C TYR I 219 3.16 -49.65 102.68
N LEU I 220 2.21 -50.57 102.76
CA LEU I 220 2.29 -51.63 103.76
C LEU I 220 3.43 -52.59 103.50
N ASP I 221 4.03 -52.58 102.31
CA ASP I 221 5.15 -53.47 102.00
C ASP I 221 6.43 -52.71 101.70
N TYR I 222 6.35 -51.61 100.96
CA TYR I 222 7.54 -50.87 100.56
C TYR I 222 7.59 -49.46 101.12
N LYS I 223 6.51 -48.99 101.75
CA LYS I 223 6.47 -47.69 102.41
C LYS I 223 6.93 -46.56 101.50
N ASN I 224 8.11 -46.00 101.78
CA ASN I 224 8.65 -44.92 100.97
C ASN I 224 9.50 -45.41 99.81
N GLU I 225 9.80 -46.70 99.74
CA GLU I 225 10.67 -47.25 98.70
C GLU I 225 9.85 -47.60 97.46
N ARG I 226 9.31 -46.56 96.82
CA ARG I 226 8.51 -46.76 95.63
C ARG I 226 9.34 -47.38 94.51
N GLY I 227 10.58 -46.94 94.35
CA GLY I 227 11.42 -47.46 93.29
C GLY I 227 11.61 -48.96 93.38
N LYS I 228 11.88 -49.47 94.59
CA LYS I 228 11.97 -50.92 94.76
C LYS I 228 10.63 -51.59 94.46
N TYR I 229 9.53 -50.96 94.88
CA TYR I 229 8.20 -51.48 94.54
C TYR I 229 7.98 -51.47 93.03
N ILE I 230 8.42 -50.41 92.36
CA ILE I 230 8.31 -50.36 90.91
C ILE I 230 9.18 -51.45 90.27
N ASN I 231 10.40 -51.62 90.77
CA ASN I 231 11.32 -52.58 90.17
C ASN I 231 10.81 -54.00 90.30
N THR I 232 10.36 -54.38 91.50
CA THR I 232 9.86 -55.74 91.70
C THR I 232 8.60 -55.98 90.89
N PHE I 233 7.83 -54.92 90.60
CA PHE I 233 6.67 -55.06 89.74
C PHE I 233 7.09 -55.47 88.33
N LEU I 234 8.15 -54.84 87.81
CA LEU I 234 8.62 -55.14 86.47
C LEU I 234 9.48 -56.39 86.39
N ASN I 235 9.91 -56.93 87.54
CA ASN I 235 10.81 -58.07 87.56
C ASN I 235 10.12 -59.38 87.89
N HIS I 236 9.11 -59.37 88.75
CA HIS I 236 8.44 -60.60 89.16
C HIS I 236 6.92 -60.51 89.20
N LEU I 237 6.34 -59.35 88.92
CA LEU I 237 4.89 -59.18 89.07
C LEU I 237 4.17 -58.90 87.77
N VAL I 238 4.75 -58.09 86.88
CA VAL I 238 4.04 -57.69 85.66
C VAL I 238 3.77 -58.93 84.81
N SER I 239 2.54 -59.05 84.34
CA SER I 239 2.12 -60.19 83.52
C SER I 239 2.24 -59.79 82.05
N TRP I 240 3.38 -60.12 81.45
CA TRP I 240 3.55 -59.86 80.03
C TRP I 240 2.68 -60.78 79.17
N ASN I 241 2.26 -61.92 79.71
CA ASN I 241 1.27 -62.73 79.02
C ASN I 241 -0.06 -61.99 78.93
N ALA I 242 -0.39 -61.21 79.97
CA ALA I 242 -1.61 -60.42 79.94
C ALA I 242 -1.58 -59.39 78.82
N ALA I 243 -0.43 -58.75 78.62
CA ALA I 243 -0.33 -57.69 77.62
C ALA I 243 -0.66 -58.20 76.22
N MET I 244 -0.24 -59.43 75.90
CA MET I 244 -0.48 -59.97 74.57
C MET I 244 -1.98 -60.06 74.29
N SER I 245 -2.75 -60.58 75.25
CA SER I 245 -4.19 -60.66 75.06
C SER I 245 -4.82 -59.28 74.96
N ARG I 246 -4.37 -58.34 75.80
CA ARG I 246 -4.81 -56.96 75.65
C ARG I 246 -4.38 -56.39 74.30
N MET I 247 -3.20 -56.79 73.83
CA MET I 247 -2.76 -56.41 72.49
C MET I 247 -3.67 -57.01 71.42
N ALA I 248 -4.07 -58.27 71.61
CA ALA I 248 -4.91 -58.93 70.61
C ALA I 248 -6.24 -58.20 70.43
N ARG I 249 -6.87 -57.82 71.54
CA ARG I 249 -8.08 -57.01 71.43
C ARG I 249 -7.77 -55.63 70.85
N ALA I 250 -6.65 -55.03 71.26
CA ALA I 250 -6.27 -53.74 70.71
C ALA I 250 -5.98 -53.85 69.20
N GLU I 251 -5.34 -54.95 68.79
CA GLU I 251 -5.07 -55.17 67.37
C GLU I 251 -6.34 -55.20 66.54
N ALA I 252 -7.48 -55.55 67.16
CA ALA I 252 -8.75 -55.51 66.45
C ALA I 252 -9.20 -54.09 66.13
N PHE I 253 -8.56 -53.08 66.70
CA PHE I 253 -8.96 -51.70 66.50
C PHE I 253 -7.86 -50.79 65.99
N VAL I 254 -6.60 -51.23 65.98
CA VAL I 254 -5.51 -50.34 65.59
C VAL I 254 -4.76 -50.89 64.39
N ASN I 255 -4.73 -52.22 64.24
CA ASN I 255 -4.06 -52.87 63.11
C ASN I 255 -2.60 -52.43 63.00
N LEU I 256 -1.83 -52.85 64.01
CA LEU I 256 -0.41 -52.50 64.09
C LEU I 256 0.41 -53.08 62.94
N GLY I 257 -0.23 -53.85 62.06
CA GLY I 257 0.45 -54.43 60.94
C GLY I 257 0.67 -53.44 59.81
N GLU I 258 1.12 -53.98 58.68
CA GLU I 258 1.41 -53.20 57.49
C GLU I 258 0.76 -53.86 56.28
N PRO I 259 0.18 -53.07 55.37
CA PRO I 259 -0.53 -53.67 54.22
C PRO I 259 0.39 -54.39 53.25
N ASN I 260 -0.20 -54.94 52.19
CA ASN I 260 0.47 -55.79 51.21
C ASN I 260 0.26 -55.25 49.81
N ILE I 261 0.59 -53.97 49.62
CA ILE I 261 0.39 -53.22 48.38
C ILE I 261 0.66 -54.07 47.14
N PRO I 262 -0.31 -54.25 46.26
CA PRO I 262 -0.07 -55.02 45.03
C PRO I 262 0.93 -54.32 44.14
N ILE I 263 1.67 -55.12 43.37
CA ILE I 263 2.69 -54.57 42.48
C ILE I 263 2.03 -53.82 41.33
N ALA I 264 0.93 -54.34 40.80
CA ALA I 264 0.23 -53.70 39.70
C ALA I 264 -0.40 -52.37 40.13
N ASN J 184 -11.80 -66.44 -53.90
CA ASN J 184 -12.51 -65.45 -53.10
C ASN J 184 -12.32 -65.70 -51.62
N GLY J 185 -13.44 -65.84 -50.90
CA GLY J 185 -13.41 -66.03 -49.47
C GLY J 185 -13.42 -64.76 -48.65
N PHE J 186 -13.30 -63.59 -49.30
CA PHE J 186 -13.34 -62.31 -48.62
C PHE J 186 -14.63 -61.55 -48.81
N VAL J 187 -15.56 -62.09 -49.60
CA VAL J 187 -16.84 -61.44 -49.87
C VAL J 187 -17.94 -62.26 -49.20
N VAL J 188 -18.87 -61.56 -48.55
CA VAL J 188 -20.00 -62.17 -47.87
C VAL J 188 -21.27 -61.50 -48.37
N TYR J 189 -22.23 -62.31 -48.79
CA TYR J 189 -23.50 -61.82 -49.31
C TYR J 189 -24.60 -62.09 -48.29
N ASN J 190 -25.37 -61.05 -47.96
CA ASN J 190 -26.49 -61.18 -47.04
C ASN J 190 -27.79 -60.71 -47.69
N GLU J 199 -33.46 -57.55 -35.22
CA GLU J 199 -33.41 -56.64 -34.08
C GLU J 199 -33.96 -57.32 -32.82
N GLU J 200 -33.68 -56.71 -31.67
CA GLU J 200 -34.15 -57.19 -30.38
C GLU J 200 -35.45 -56.48 -30.01
N THR J 201 -35.92 -56.71 -28.79
CA THR J 201 -37.16 -56.11 -28.31
C THR J 201 -36.99 -55.76 -26.83
N GLY J 202 -37.81 -54.81 -26.37
CA GLY J 202 -37.74 -54.40 -24.98
C GLY J 202 -36.40 -53.78 -24.68
N PHE J 203 -35.72 -54.31 -23.66
CA PHE J 203 -34.38 -53.85 -23.36
C PHE J 203 -33.44 -54.24 -24.50
N GLU J 204 -32.32 -53.52 -24.57
CA GLU J 204 -31.31 -53.67 -25.62
C GLU J 204 -31.83 -53.09 -26.94
N LEU J 205 -33.10 -52.70 -26.96
CA LEU J 205 -33.68 -51.92 -28.04
C LEU J 205 -34.02 -50.51 -27.61
N ASP J 206 -34.61 -50.34 -26.43
CA ASP J 206 -34.74 -49.01 -25.86
C ASP J 206 -33.37 -48.41 -25.56
N LYS J 207 -32.45 -49.24 -25.07
CA LYS J 207 -31.09 -48.76 -24.82
C LYS J 207 -30.41 -48.36 -26.12
N LYS J 208 -30.60 -49.15 -27.18
CA LYS J 208 -30.01 -48.82 -28.47
C LYS J 208 -30.58 -47.51 -29.01
N LEU J 209 -31.90 -47.33 -28.92
CA LEU J 209 -32.54 -46.15 -29.47
C LEU J 209 -32.59 -44.98 -28.51
N GLY J 210 -32.21 -45.17 -27.25
CA GLY J 210 -32.27 -44.11 -26.28
C GLY J 210 -33.62 -43.88 -25.64
N ARG J 211 -34.59 -44.74 -25.94
CA ARG J 211 -35.90 -44.62 -25.33
C ARG J 211 -35.82 -44.93 -23.84
N PRO J 212 -36.74 -44.41 -23.04
CA PRO J 212 -36.65 -44.60 -21.59
C PRO J 212 -36.55 -46.06 -21.19
N HIS J 213 -35.54 -46.36 -20.39
CA HIS J 213 -35.27 -47.73 -19.96
C HIS J 213 -34.43 -47.66 -18.69
N PRO J 214 -34.43 -48.70 -17.87
CA PRO J 214 -33.55 -48.72 -16.70
C PRO J 214 -32.09 -48.75 -17.13
N PHE J 215 -31.24 -48.14 -16.30
CA PHE J 215 -29.81 -48.16 -16.60
C PHE J 215 -29.25 -49.57 -16.57
N ILE J 216 -29.73 -50.38 -15.63
CA ILE J 216 -29.29 -51.77 -15.49
C ILE J 216 -30.45 -52.68 -15.88
N ASP J 217 -30.16 -53.66 -16.72
CA ASP J 217 -31.19 -54.57 -17.19
C ASP J 217 -31.75 -55.37 -16.02
N PRO J 218 -33.06 -55.32 -15.78
CA PRO J 218 -33.62 -56.09 -14.66
C PRO J 218 -33.37 -57.58 -14.76
N THR J 219 -33.36 -58.13 -15.98
CA THR J 219 -33.06 -59.54 -16.14
C THR J 219 -31.60 -59.87 -15.87
N LYS J 220 -30.71 -58.86 -15.86
CA LYS J 220 -29.30 -59.06 -15.61
C LYS J 220 -28.84 -58.42 -14.30
N LYS J 221 -29.77 -57.98 -13.46
CA LYS J 221 -29.44 -57.36 -12.18
C LYS J 221 -29.27 -58.45 -11.13
N LYS J 222 -28.02 -58.72 -10.75
CA LYS J 222 -27.76 -59.71 -9.73
C LYS J 222 -28.20 -59.21 -8.37
N GLN J 223 -28.86 -60.08 -7.62
CA GLN J 223 -29.30 -59.73 -6.26
C GLN J 223 -28.07 -59.55 -5.37
N ILE J 224 -28.04 -58.48 -4.60
CA ILE J 224 -26.89 -58.20 -3.75
C ILE J 224 -26.84 -59.26 -2.65
N GLU J 225 -25.64 -59.82 -2.44
CA GLU J 225 -25.50 -60.91 -1.48
C GLU J 225 -25.61 -60.38 -0.05
N THR J 226 -25.84 -61.30 0.87
CA THR J 226 -25.90 -60.94 2.28
C THR J 226 -24.54 -60.44 2.75
N THR J 227 -24.57 -59.41 3.59
CA THR J 227 -23.36 -58.74 4.05
C THR J 227 -23.25 -58.88 5.57
N LEU J 228 -22.29 -58.16 6.15
CA LEU J 228 -22.09 -58.19 7.59
C LEU J 228 -23.34 -57.75 8.32
N THR J 229 -23.68 -58.47 9.39
CA THR J 229 -24.93 -58.27 10.12
C THR J 229 -24.69 -57.54 11.44
N SER J 230 -23.77 -56.57 11.45
CA SER J 230 -23.48 -55.74 12.61
C SER J 230 -22.94 -56.56 13.77
N ASP J 231 -22.72 -57.86 13.55
CA ASP J 231 -22.03 -58.72 14.50
C ASP J 231 -20.78 -59.35 13.92
N GLU J 232 -20.67 -59.47 12.60
CA GLU J 232 -19.43 -59.84 11.95
C GLU J 232 -18.59 -58.62 11.62
N SER J 233 -19.03 -57.43 12.03
CA SER J 233 -18.37 -56.19 11.67
C SER J 233 -17.85 -55.49 12.92
N TRP J 234 -16.75 -54.76 12.75
CA TRP J 234 -16.23 -53.94 13.82
C TRP J 234 -17.22 -52.83 14.16
N TRP J 235 -16.92 -52.11 15.24
CA TRP J 235 -17.58 -50.84 15.44
C TRP J 235 -17.16 -49.88 14.34
N ASN J 236 -17.78 -48.70 14.30
CA ASN J 236 -17.57 -47.65 13.31
C ASN J 236 -18.07 -48.05 11.92
N TRP J 237 -18.52 -49.29 11.74
CA TRP J 237 -19.19 -49.69 10.51
C TRP J 237 -20.57 -50.28 10.76
N ARG J 238 -20.94 -50.49 12.01
CA ARG J 238 -22.28 -50.96 12.35
C ARG J 238 -23.29 -49.83 12.19
N LYS J 239 -24.51 -50.21 11.83
CA LYS J 239 -25.59 -49.24 11.83
C LYS J 239 -25.86 -48.78 13.26
N PRO J 240 -26.20 -47.51 13.46
CA PRO J 240 -26.27 -46.96 14.83
C PRO J 240 -27.38 -47.56 15.68
N GLU J 241 -28.14 -48.53 15.18
CA GLU J 241 -29.25 -49.18 15.88
C GLU J 241 -30.41 -48.22 16.10
N LYS J 242 -30.25 -46.95 15.75
CA LYS J 242 -31.29 -45.94 15.94
C LYS J 242 -30.98 -44.82 14.98
N GLU J 243 -31.87 -44.58 14.02
CA GLU J 243 -31.60 -43.61 12.96
C GLU J 243 -31.30 -42.24 13.55
N GLN J 244 -30.25 -41.59 13.03
CA GLN J 244 -29.76 -40.34 13.57
C GLN J 244 -30.27 -39.16 12.76
N TRP J 245 -30.68 -38.10 13.46
CA TRP J 245 -31.11 -36.89 12.80
C TRP J 245 -29.92 -36.23 12.11
N SER J 246 -30.08 -35.86 10.85
CA SER J 246 -28.95 -35.46 10.02
C SER J 246 -29.06 -34.07 9.42
N ARG J 247 -30.27 -33.51 9.30
CA ARG J 247 -30.52 -32.23 8.65
C ARG J 247 -30.27 -32.33 7.15
N TRP J 248 -29.81 -33.49 6.70
CA TRP J 248 -29.70 -33.79 5.27
C TRP J 248 -30.57 -34.98 4.90
N GLN J 249 -31.48 -35.37 5.80
CA GLN J 249 -32.34 -36.52 5.58
C GLN J 249 -33.36 -36.28 4.48
N ARG J 250 -33.69 -35.03 4.19
CA ARG J 250 -34.63 -34.69 3.13
C ARG J 250 -33.86 -34.33 1.86
N ARG J 251 -34.29 -34.89 0.74
CA ARG J 251 -33.67 -34.55 -0.53
C ARG J 251 -33.99 -33.10 -0.89
N ARG J 252 -33.00 -32.40 -1.41
CA ARG J 252 -33.16 -30.97 -1.66
C ARG J 252 -34.17 -30.74 -2.79
N PRO J 253 -35.13 -29.85 -2.60
CA PRO J 253 -36.06 -29.53 -3.69
C PRO J 253 -35.32 -28.93 -4.88
N ASP J 254 -35.73 -29.32 -6.08
CA ASP J 254 -35.04 -28.91 -7.29
C ASP J 254 -36.07 -28.61 -8.38
N VAL J 255 -35.65 -27.77 -9.33
CA VAL J 255 -36.44 -27.57 -10.53
C VAL J 255 -36.53 -28.87 -11.32
N GLU J 256 -35.44 -29.64 -11.35
CA GLU J 256 -35.41 -30.88 -12.12
C GLU J 256 -36.45 -31.87 -11.61
N THR J 257 -36.58 -32.01 -10.29
CA THR J 257 -37.52 -32.98 -9.75
C THR J 257 -38.95 -32.65 -10.14
N VAL J 258 -39.32 -31.37 -10.06
CA VAL J 258 -40.70 -30.98 -10.36
C VAL J 258 -41.01 -31.23 -11.84
N PHE J 259 -40.11 -30.79 -12.72
CA PHE J 259 -40.33 -31.02 -14.15
C PHE J 259 -40.29 -32.50 -14.49
N LEU J 260 -39.37 -33.24 -13.88
CA LEU J 260 -39.29 -34.67 -14.17
C LEU J 260 -40.57 -35.39 -13.75
N LYS J 261 -41.11 -35.04 -12.59
CA LYS J 261 -42.39 -35.61 -12.19
C LYS J 261 -43.51 -35.18 -13.12
N ALA J 262 -43.51 -33.92 -13.54
CA ALA J 262 -44.53 -33.45 -14.47
C ALA J 262 -44.43 -34.16 -15.81
N MET J 263 -43.21 -34.42 -16.28
CA MET J 263 -43.04 -35.15 -17.53
C MET J 263 -43.39 -36.62 -17.38
N ALA J 264 -43.22 -37.17 -16.16
CA ALA J 264 -43.54 -38.57 -15.95
C ALA J 264 -45.03 -38.84 -16.13
N GLU J 265 -45.88 -37.97 -15.60
CA GLU J 265 -47.32 -38.17 -15.73
C GLU J 265 -47.81 -37.86 -17.13
N THR J 266 -47.09 -36.99 -17.86
CA THR J 266 -47.46 -36.71 -19.24
C THR J 266 -47.13 -37.86 -20.17
N GLY J 267 -46.21 -38.73 -19.78
CA GLY J 267 -45.75 -39.81 -20.63
C GLY J 267 -44.56 -39.47 -21.48
N GLN J 268 -44.12 -38.22 -21.49
CA GLN J 268 -42.94 -37.85 -22.26
C GLN J 268 -41.70 -38.56 -21.75
N VAL J 269 -41.66 -38.86 -20.45
CA VAL J 269 -40.54 -39.55 -19.83
C VAL J 269 -41.09 -40.69 -18.98
N LYS J 270 -40.24 -41.67 -18.72
CA LYS J 270 -40.60 -42.83 -17.90
C LYS J 270 -39.50 -43.04 -16.86
N LEU J 271 -39.79 -42.68 -15.62
CA LEU J 271 -38.83 -42.82 -14.54
C LEU J 271 -38.84 -44.22 -13.97
N TYR J 272 -37.76 -44.56 -13.25
CA TYR J 272 -37.66 -45.88 -12.64
C TYR J 272 -38.73 -46.08 -11.57
N GLY J 273 -39.00 -45.04 -10.78
CA GLY J 273 -39.98 -45.14 -9.73
C GLY J 273 -40.89 -43.94 -9.64
N LYS J 274 -41.63 -43.82 -8.54
CA LYS J 274 -42.53 -42.69 -8.36
C LYS J 274 -41.75 -41.39 -8.24
N GLU J 275 -40.65 -41.40 -7.50
CA GLU J 275 -39.83 -40.24 -7.23
C GLU J 275 -38.57 -40.26 -8.09
N PRO J 276 -38.24 -39.14 -8.73
CA PRO J 276 -37.02 -39.11 -9.55
C PRO J 276 -35.77 -39.14 -8.68
N THR J 277 -34.86 -40.04 -9.02
CA THR J 277 -33.62 -40.18 -8.29
C THR J 277 -32.64 -39.06 -8.65
N LEU J 278 -31.60 -38.91 -7.83
CA LEU J 278 -30.61 -37.88 -8.10
C LEU J 278 -29.86 -38.15 -9.40
N THR J 279 -29.72 -39.42 -9.78
CA THR J 279 -29.15 -39.74 -11.09
C THR J 279 -30.05 -39.23 -12.21
N GLU J 280 -31.36 -39.42 -12.07
CA GLU J 280 -32.29 -38.99 -13.11
C GLU J 280 -32.36 -37.47 -13.19
N THR J 281 -32.34 -36.79 -12.04
CA THR J 281 -32.34 -35.32 -12.07
C THR J 281 -31.05 -34.80 -12.69
N SER J 282 -29.91 -35.41 -12.38
CA SER J 282 -28.66 -35.01 -13.01
C SER J 282 -28.70 -35.27 -14.51
N LEU J 283 -29.26 -36.41 -14.91
CA LEU J 283 -29.42 -36.69 -16.33
C LEU J 283 -30.38 -35.70 -16.98
N TYR J 284 -31.39 -35.25 -16.24
CA TYR J 284 -32.35 -34.31 -16.80
C TYR J 284 -31.67 -33.00 -17.17
N ARG J 285 -30.74 -32.52 -16.34
CA ARG J 285 -30.07 -31.27 -16.64
C ARG J 285 -29.31 -31.34 -17.97
N ALA J 286 -28.69 -32.47 -18.25
CA ALA J 286 -27.95 -32.62 -19.49
C ALA J 286 -28.87 -32.52 -20.71
N ARG J 287 -30.08 -33.08 -20.60
CA ARG J 287 -31.02 -33.16 -21.71
C ARG J 287 -32.26 -32.34 -21.47
N ARG J 288 -32.18 -31.33 -20.60
CA ARG J 288 -33.35 -30.51 -20.28
C ARG J 288 -33.86 -29.75 -21.49
N HIS J 289 -32.95 -29.22 -22.32
CA HIS J 289 -33.36 -28.45 -23.48
C HIS J 289 -34.06 -29.31 -24.52
N LEU J 290 -33.67 -30.59 -24.65
CA LEU J 290 -34.27 -31.46 -25.65
C LEU J 290 -35.76 -31.65 -25.39
N PHE J 291 -36.13 -31.87 -24.12
CA PHE J 291 -37.54 -32.11 -23.81
C PHE J 291 -38.36 -30.83 -23.91
N LYS J 292 -37.76 -29.68 -23.58
CA LYS J 292 -38.47 -28.42 -23.73
C LYS J 292 -38.80 -28.15 -25.18
N GLU J 293 -37.88 -28.45 -26.09
CA GLU J 293 -38.12 -28.19 -27.51
C GLU J 293 -39.25 -29.06 -28.03
N GLU J 294 -39.33 -30.32 -27.57
CA GLU J 294 -40.40 -31.19 -28.02
C GLU J 294 -41.76 -30.65 -27.60
N ARG J 295 -41.86 -30.13 -26.37
CA ARG J 295 -43.11 -29.50 -25.95
C ARG J 295 -43.40 -28.26 -26.79
N LEU J 296 -42.37 -27.45 -27.06
CA LEU J 296 -42.56 -26.27 -27.90
C LEU J 296 -42.98 -26.67 -29.30
N GLN J 297 -42.37 -27.73 -29.85
CA GLN J 297 -42.77 -28.21 -31.17
C GLN J 297 -44.20 -28.72 -31.16
N ALA J 298 -44.61 -29.39 -30.07
CA ALA J 298 -45.98 -29.88 -29.97
C ALA J 298 -46.98 -28.73 -29.98
N GLU J 299 -46.67 -27.64 -29.28
CA GLU J 299 -47.56 -26.49 -29.27
C GLU J 299 -47.66 -25.84 -30.64
N ARG J 300 -46.53 -25.74 -31.35
CA ARG J 300 -46.58 -25.21 -32.70
C ARG J 300 -47.39 -26.10 -33.63
N GLU J 301 -47.24 -27.42 -33.49
CA GLU J 301 -48.07 -28.34 -34.27
C GLU J 301 -49.53 -28.22 -33.88
N ARG J 302 -49.82 -28.07 -32.59
CA ARG J 302 -51.20 -27.91 -32.15
C ARG J 302 -51.80 -26.62 -32.68
N LEU J 303 -51.03 -25.53 -32.67
CA LEU J 303 -51.51 -24.27 -33.21
C LEU J 303 -51.77 -24.38 -34.71
N ALA J 304 -50.90 -25.10 -35.43
CA ALA J 304 -51.09 -25.25 -36.86
C ALA J 304 -52.36 -26.03 -37.18
N LYS J 305 -52.69 -27.02 -36.35
CA LYS J 305 -53.85 -27.85 -36.64
C LYS J 305 -55.13 -27.22 -36.10
N GLU J 306 -55.13 -26.79 -34.84
CA GLU J 306 -56.35 -26.24 -34.25
C GLU J 306 -56.72 -24.91 -34.86
N GLY J 307 -55.74 -24.02 -35.05
CA GLY J 307 -56.00 -22.71 -35.59
C GLY J 307 -55.82 -21.62 -34.56
N PRO J 308 -55.72 -20.37 -35.02
CA PRO J 308 -55.53 -19.26 -34.08
C PRO J 308 -56.65 -19.14 -33.05
N MET J 309 -57.89 -19.40 -33.45
CA MET J 309 -59.01 -19.24 -32.53
C MET J 309 -58.98 -20.29 -31.45
N ALA J 310 -58.82 -21.56 -31.83
CA ALA J 310 -58.83 -22.63 -30.84
C ALA J 310 -57.62 -22.54 -29.92
N PHE J 311 -56.45 -22.22 -30.48
CA PHE J 311 -55.23 -22.21 -29.67
C PHE J 311 -55.25 -21.08 -28.66
N TYR J 312 -55.58 -19.87 -29.09
CA TYR J 312 -55.52 -18.69 -28.23
C TYR J 312 -56.80 -18.49 -27.42
N SER J 313 -57.81 -19.33 -27.60
CA SER J 313 -58.99 -19.24 -26.76
C SER J 313 -58.69 -19.64 -25.32
N GLU J 314 -57.57 -20.33 -25.09
CA GLU J 314 -57.22 -20.74 -23.74
C GLU J 314 -57.02 -19.56 -22.81
N TRP J 315 -56.49 -18.45 -23.33
CA TRP J 315 -56.23 -17.27 -22.54
C TRP J 315 -57.29 -16.19 -22.72
N VAL J 316 -58.45 -16.56 -23.25
CA VAL J 316 -59.61 -15.66 -23.31
C VAL J 316 -60.78 -16.45 -22.71
N LYS J 317 -60.99 -16.28 -21.40
CA LYS J 317 -62.05 -17.02 -20.72
C LYS J 317 -63.43 -16.55 -21.16
N ALA J 318 -63.57 -15.25 -21.41
CA ALA J 318 -64.87 -14.66 -21.74
C ALA J 318 -65.32 -14.95 -23.16
N TRP J 319 -64.66 -15.87 -23.86
CA TRP J 319 -65.03 -16.24 -25.23
C TRP J 319 -65.71 -17.59 -25.18
N LYS J 320 -67.04 -17.58 -25.30
CA LYS J 320 -67.83 -18.80 -25.21
C LYS J 320 -68.18 -19.40 -26.57
N ARG J 321 -67.90 -18.69 -27.66
CA ARG J 321 -68.27 -19.19 -28.97
C ARG J 321 -67.35 -20.34 -29.38
N ASP J 322 -67.82 -21.14 -30.33
CA ASP J 322 -67.05 -22.28 -30.80
C ASP J 322 -65.83 -21.78 -31.58
N THR J 323 -64.66 -22.29 -31.22
CA THR J 323 -63.40 -21.86 -31.81
C THR J 323 -62.83 -22.87 -32.78
N SER J 324 -63.60 -23.86 -33.20
CA SER J 324 -63.11 -24.87 -34.12
C SER J 324 -62.87 -24.26 -35.50
N ARG J 325 -62.08 -24.96 -36.30
CA ARG J 325 -61.81 -24.52 -37.66
C ARG J 325 -63.10 -24.48 -38.49
N GLU J 326 -63.95 -25.50 -38.34
CA GLU J 326 -65.21 -25.51 -39.07
C GLU J 326 -66.13 -24.40 -38.60
N ALA J 327 -66.19 -24.15 -37.30
CA ALA J 327 -67.04 -23.09 -36.78
C ALA J 327 -66.59 -21.72 -37.27
N VAL J 328 -65.28 -21.50 -37.30
CA VAL J 328 -64.75 -20.21 -37.79
C VAL J 328 -65.08 -20.03 -39.26
N GLN J 329 -64.90 -21.08 -40.06
CA GLN J 329 -65.25 -21.00 -41.47
C GLN J 329 -66.74 -20.77 -41.66
N LYS J 330 -67.56 -21.47 -40.87
CA LYS J 330 -69.01 -21.28 -40.95
C LYS J 330 -69.39 -19.86 -40.57
N HIS J 331 -68.77 -19.32 -39.52
CA HIS J 331 -69.07 -17.96 -39.10
C HIS J 331 -68.70 -16.96 -40.18
N PHE J 332 -67.57 -17.19 -40.87
CA PHE J 332 -67.19 -16.32 -41.97
C PHE J 332 -68.21 -16.39 -43.12
N GLU J 333 -68.68 -17.59 -43.42
CA GLU J 333 -69.69 -17.73 -44.46
C GLU J 333 -70.98 -17.01 -44.07
N GLU J 334 -71.37 -17.10 -42.80
CA GLU J 334 -72.60 -16.48 -42.34
C GLU J 334 -72.49 -14.96 -42.32
N THR J 335 -71.40 -14.43 -41.77
CA THR J 335 -71.29 -13.02 -41.50
C THR J 335 -70.31 -12.27 -42.39
N GLY J 336 -69.39 -12.97 -43.05
CA GLY J 336 -68.37 -12.32 -43.84
C GLY J 336 -67.12 -11.94 -43.08
N GLU J 337 -67.10 -12.13 -41.76
CA GLU J 337 -65.93 -11.81 -40.95
C GLU J 337 -64.95 -12.97 -41.02
N ASP J 338 -63.79 -12.74 -41.63
CA ASP J 338 -62.82 -13.80 -41.81
C ASP J 338 -62.18 -14.17 -40.47
N GLU J 339 -61.23 -15.12 -40.53
CA GLU J 339 -60.61 -15.62 -39.31
C GLU J 339 -59.89 -14.51 -38.57
N ASN J 340 -59.18 -13.64 -39.29
CA ASN J 340 -58.47 -12.56 -38.64
C ASN J 340 -59.43 -11.60 -37.94
N THR J 341 -60.56 -11.29 -38.59
CA THR J 341 -61.54 -10.40 -37.96
C THR J 341 -62.10 -11.02 -36.69
N GLN J 342 -62.43 -12.31 -36.73
CA GLN J 342 -62.89 -13.00 -35.53
C GLN J 342 -61.81 -13.06 -34.47
N LEU J 343 -60.55 -13.24 -34.90
CA LEU J 343 -59.45 -13.29 -33.95
C LEU J 343 -59.29 -11.98 -33.20
N ILE J 344 -59.43 -10.86 -33.92
CA ILE J 344 -59.38 -9.56 -33.25
C ILE J 344 -60.59 -9.39 -32.34
N GLU J 345 -61.74 -9.93 -32.75
CA GLU J 345 -62.92 -9.88 -31.89
C GLU J 345 -62.71 -10.63 -30.60
N MET J 346 -62.06 -11.80 -30.66
CA MET J 346 -61.85 -12.60 -29.46
C MET J 346 -60.94 -11.86 -28.47
N PHE J 347 -59.82 -11.33 -28.96
CA PHE J 347 -58.90 -10.62 -28.09
C PHE J 347 -59.47 -9.33 -27.52
N SER J 348 -60.57 -8.84 -28.06
CA SER J 348 -61.22 -7.67 -27.48
C SER J 348 -61.79 -7.96 -26.11
N HIS J 349 -62.14 -9.22 -25.82
CA HIS J 349 -62.67 -9.61 -24.54
C HIS J 349 -61.61 -10.10 -23.56
N GLN J 350 -60.36 -10.20 -24.01
CA GLN J 350 -59.30 -10.69 -23.13
C GLN J 350 -58.93 -9.62 -22.11
N THR J 351 -58.83 -10.02 -20.85
CA THR J 351 -58.41 -9.11 -19.81
C THR J 351 -56.89 -9.00 -19.78
N ASP J 352 -56.41 -7.91 -19.17
CA ASP J 352 -54.97 -7.66 -19.14
C ASP J 352 -54.23 -8.76 -18.39
N ARG J 353 -54.84 -9.30 -17.33
CA ARG J 353 -54.19 -10.40 -16.60
C ARG J 353 -54.02 -11.61 -17.50
N GLU J 354 -55.05 -11.96 -18.28
CA GLU J 354 -54.92 -13.09 -19.20
C GLU J 354 -53.91 -12.79 -20.30
N TYR J 355 -53.84 -11.52 -20.74
CA TYR J 355 -52.89 -11.17 -21.79
C TYR J 355 -51.46 -11.39 -21.33
N ARG J 356 -51.14 -11.00 -20.09
CA ARG J 356 -49.79 -11.21 -19.58
C ARG J 356 -49.46 -12.70 -19.48
N ILE J 357 -50.44 -13.50 -19.08
CA ILE J 357 -50.25 -14.94 -19.08
C ILE J 357 -50.03 -15.44 -20.50
N MET J 358 -50.78 -14.90 -21.46
CA MET J 358 -50.65 -15.32 -22.85
C MET J 358 -49.30 -14.95 -23.43
N MET J 359 -48.56 -14.03 -22.82
CA MET J 359 -47.27 -13.63 -23.34
C MET J 359 -46.25 -14.76 -23.31
N GLY J 360 -46.53 -15.85 -22.60
CA GLY J 360 -45.65 -17.00 -22.64
C GLY J 360 -45.58 -17.65 -24.00
N THR J 361 -46.57 -17.38 -24.86
CA THR J 361 -46.57 -17.88 -26.23
C THR J 361 -45.89 -16.94 -27.21
N ASP J 362 -45.29 -15.86 -26.73
CA ASP J 362 -44.55 -14.95 -27.59
C ASP J 362 -43.47 -15.71 -28.34
N VAL J 363 -43.36 -15.45 -29.64
CA VAL J 363 -42.41 -16.19 -30.47
C VAL J 363 -40.97 -15.91 -30.05
N ARG J 364 -40.74 -14.84 -29.30
CA ARG J 364 -39.40 -14.55 -28.80
C ARG J 364 -39.14 -15.20 -27.44
N ILE J 365 -40.12 -15.13 -26.54
CA ILE J 365 -39.93 -15.67 -25.19
C ILE J 365 -39.83 -17.19 -25.22
N LYS J 366 -40.76 -17.84 -25.91
CA LYS J 366 -40.81 -19.30 -26.00
C LYS J 366 -40.81 -19.94 -24.61
N ARG J 367 -41.77 -19.52 -23.79
CA ARG J 367 -41.88 -20.08 -22.46
C ARG J 367 -42.24 -21.56 -22.53
N ASP J 368 -41.77 -22.32 -21.56
CA ASP J 368 -41.99 -23.76 -21.55
C ASP J 368 -43.49 -24.05 -21.42
N PRO J 369 -44.08 -24.80 -22.35
CA PRO J 369 -45.50 -25.13 -22.23
C PRO J 369 -45.83 -25.87 -20.95
N LEU J 370 -44.92 -26.72 -20.47
CA LEU J 370 -45.14 -27.42 -19.21
C LEU J 370 -45.18 -26.43 -18.05
N ALA J 371 -44.32 -25.42 -18.08
CA ALA J 371 -44.28 -24.44 -17.00
C ALA J 371 -45.50 -23.53 -17.00
N MET J 372 -46.06 -23.26 -18.18
CA MET J 372 -47.21 -22.36 -18.26
C MET J 372 -48.45 -22.98 -17.60
N ARG J 373 -48.61 -24.29 -17.69
CA ARG J 373 -49.80 -24.96 -17.20
C ARG J 373 -49.58 -25.71 -15.89
N MET J 374 -48.43 -25.53 -15.25
CA MET J 374 -48.17 -26.18 -13.98
C MET J 374 -49.09 -25.61 -12.90
N LYS J 375 -49.63 -26.49 -12.07
CA LYS J 375 -50.46 -26.07 -10.96
C LYS J 375 -49.62 -25.52 -9.82
N GLU J 376 -50.26 -24.77 -8.93
CA GLU J 376 -49.55 -24.17 -7.81
C GLU J 376 -48.94 -25.23 -6.91
N ASP J 377 -49.68 -26.32 -6.65
CA ASP J 377 -49.16 -27.36 -5.78
C ASP J 377 -47.90 -28.00 -6.35
N GLN J 378 -47.78 -28.06 -7.67
CA GLN J 378 -46.54 -28.53 -8.29
C GLN J 378 -45.43 -27.49 -8.23
N ILE J 379 -45.79 -26.20 -8.34
CA ILE J 379 -44.78 -25.15 -8.32
C ILE J 379 -44.10 -25.07 -6.96
N LYS J 380 -44.89 -25.20 -5.88
CA LYS J 380 -44.32 -25.07 -4.54
C LYS J 380 -43.23 -26.09 -4.28
N GLN J 381 -43.30 -27.24 -4.94
CA GLN J 381 -42.27 -28.26 -4.74
C GLN J 381 -40.93 -27.87 -5.35
N ILE J 382 -40.87 -26.79 -6.12
CA ILE J 382 -39.59 -26.32 -6.65
C ILE J 382 -38.70 -25.88 -5.50
N TRP J 383 -39.26 -25.12 -4.55
CA TRP J 383 -38.53 -24.75 -3.35
C TRP J 383 -38.92 -25.58 -2.14
N GLY J 384 -39.87 -26.51 -2.30
CA GLY J 384 -40.20 -27.43 -1.23
C GLY J 384 -41.26 -26.96 -0.27
N GLY J 385 -42.39 -26.47 -0.79
CA GLY J 385 -43.50 -26.12 0.05
C GLY J 385 -43.29 -24.82 0.80
N ASP J 386 -44.24 -24.53 1.69
CA ASP J 386 -44.18 -23.31 2.46
C ASP J 386 -43.04 -23.35 3.48
N PRO J 387 -42.48 -22.20 3.83
CA PRO J 387 -41.45 -22.17 4.87
C PRO J 387 -42.02 -22.54 6.23
N VAL J 388 -41.20 -23.21 7.04
CA VAL J 388 -41.63 -23.59 8.37
C VAL J 388 -41.80 -22.34 9.23
N TYR J 389 -40.93 -21.35 9.06
CA TYR J 389 -41.08 -20.09 9.76
C TYR J 389 -42.02 -19.20 8.95
N PRO J 390 -43.18 -18.82 9.48
CA PRO J 390 -44.16 -18.11 8.67
C PRO J 390 -43.63 -16.77 8.19
N THR J 391 -43.84 -16.49 6.90
CA THR J 391 -43.37 -15.24 6.31
C THR J 391 -44.07 -14.03 6.90
N ILE J 392 -45.23 -14.22 7.52
CA ILE J 392 -45.99 -13.10 8.08
C ILE J 392 -45.16 -12.37 9.13
N ASN J 393 -44.21 -13.06 9.76
CA ASN J 393 -43.30 -12.38 10.67
C ASN J 393 -42.45 -11.36 9.93
N TYR J 394 -42.01 -11.70 8.72
CA TYR J 394 -41.20 -10.79 7.92
C TYR J 394 -42.03 -9.67 7.30
N ILE J 395 -43.29 -9.94 6.99
CA ILE J 395 -44.10 -8.98 6.24
C ILE J 395 -44.29 -7.71 7.04
N GLN J 396 -44.10 -6.57 6.38
CA GLN J 396 -44.34 -5.27 6.97
C GLN J 396 -44.93 -4.38 5.88
N ALA J 397 -45.96 -3.63 6.25
CA ALA J 397 -46.62 -2.76 5.28
C ALA J 397 -45.66 -1.67 4.82
N PRO J 398 -45.60 -1.37 3.53
CA PRO J 398 -44.67 -0.34 3.06
C PRO J 398 -45.20 1.07 3.28
N ASP J 399 -45.86 1.27 4.42
CA ASP J 399 -46.14 2.60 4.92
C ASP J 399 -46.41 2.44 6.42
N ALA J 400 -45.40 2.69 7.23
CA ALA J 400 -45.50 2.40 8.66
C ALA J 400 -44.66 3.40 9.43
N VAL J 401 -45.28 4.05 10.42
CA VAL J 401 -44.57 5.02 11.23
C VAL J 401 -43.61 4.38 12.22
N MET J 402 -43.60 3.05 12.30
CA MET J 402 -42.64 2.30 13.12
C MET J 402 -42.75 2.73 14.58
N ASP J 403 -43.88 2.39 15.17
CA ASP J 403 -44.15 2.69 16.57
C ASP J 403 -42.98 2.27 17.45
N PHE J 404 -42.35 3.25 18.09
CA PHE J 404 -41.17 3.02 18.91
C PHE J 404 -41.51 2.56 20.31
N ARG J 405 -42.79 2.39 20.63
CA ARG J 405 -43.21 1.87 21.92
C ARG J 405 -43.60 0.40 21.85
N GLY J 406 -43.13 -0.31 20.83
CA GLY J 406 -43.45 -1.71 20.68
C GLY J 406 -42.67 -2.57 21.65
N PRO J 407 -43.02 -3.85 21.69
CA PRO J 407 -42.32 -4.78 22.59
C PRO J 407 -40.87 -4.98 22.26
N ASP J 408 -40.44 -4.71 21.03
CA ASP J 408 -39.08 -4.94 20.61
C ASP J 408 -38.17 -3.73 20.79
N PHE J 409 -38.69 -2.64 21.32
CA PHE J 409 -37.91 -1.42 21.50
C PHE J 409 -37.65 -1.18 22.98
N HIS J 410 -36.46 -0.65 23.27
CA HIS J 410 -36.10 -0.31 24.64
C HIS J 410 -36.94 0.88 25.12
N GLU J 411 -36.77 1.23 26.38
CA GLU J 411 -37.49 2.36 26.93
C GLU J 411 -37.02 3.65 26.27
N PRO J 412 -37.89 4.66 26.20
CA PRO J 412 -37.48 5.94 25.61
C PRO J 412 -36.30 6.53 26.34
N THR J 413 -35.34 7.05 25.57
CA THR J 413 -34.14 7.61 26.15
C THR J 413 -34.43 8.99 26.71
N PRO J 414 -34.23 9.21 28.01
CA PRO J 414 -34.48 10.55 28.57
C PRO J 414 -33.46 11.55 28.08
N ASN J 415 -33.89 12.81 28.01
CA ASN J 415 -32.95 13.90 27.75
C ASN J 415 -31.92 13.94 28.85
N MET J 416 -30.64 14.09 28.48
CA MET J 416 -29.58 13.98 29.46
C MET J 416 -29.69 15.05 30.53
N LEU J 417 -29.99 16.28 30.14
CA LEU J 417 -30.27 17.31 31.14
C LEU J 417 -31.75 17.32 31.52
N SER J 418 -32.30 16.14 31.72
CA SER J 418 -33.52 15.94 32.51
C SER J 418 -33.43 14.71 33.40
N TYR J 419 -32.60 13.72 33.05
CA TYR J 419 -32.31 12.62 33.96
C TYR J 419 -31.44 13.09 35.12
N LEU J 420 -30.49 13.97 34.83
CA LEU J 420 -29.67 14.54 35.90
C LEU J 420 -30.51 15.44 36.81
N LYS J 421 -31.39 16.25 36.23
CA LYS J 421 -32.27 17.07 37.05
C LYS J 421 -33.21 16.22 37.88
N GLU J 422 -33.74 15.14 37.30
CA GLU J 422 -34.66 14.27 38.03
C GLU J 422 -33.97 13.63 39.22
N ASN J 423 -32.72 13.18 39.04
CA ASN J 423 -31.96 12.59 40.12
C ASN J 423 -31.27 13.61 41.01
N CYS J 424 -31.62 14.89 40.87
CA CYS J 424 -31.09 15.97 41.68
C CYS J 424 -29.57 16.10 41.58
N LYS J 425 -28.99 15.59 40.49
CA LYS J 425 -27.55 15.75 40.29
C LYS J 425 -27.19 17.15 39.84
N VAL J 426 -28.09 17.82 39.11
CA VAL J 426 -27.86 19.16 38.61
C VAL J 426 -29.00 20.04 39.11
N ILE J 427 -28.67 21.17 39.70
CA ILE J 427 -29.66 22.12 40.18
C ILE J 427 -30.02 23.07 39.05
N SER J 428 -31.29 23.44 38.99
CA SER J 428 -31.73 24.38 37.98
C SER J 428 -31.16 25.76 38.26
N ARG J 429 -31.11 26.59 37.21
CA ARG J 429 -30.55 27.93 37.35
C ARG J 429 -31.32 28.76 38.36
N GLU J 430 -32.62 28.51 38.50
CA GLU J 430 -33.41 29.22 39.50
C GLU J 430 -32.89 28.93 40.91
N MET J 431 -32.56 27.67 41.19
CA MET J 431 -31.94 27.35 42.48
C MET J 431 -30.59 28.05 42.62
N HIS J 432 -29.82 28.11 41.52
CA HIS J 432 -28.49 28.68 41.58
C HIS J 432 -28.54 30.17 41.93
N GLU J 433 -29.38 30.93 41.23
CA GLU J 433 -29.45 32.37 41.48
C GLU J 433 -30.00 32.67 42.86
N THR J 434 -30.98 31.89 43.32
CA THR J 434 -31.54 32.10 44.65
C THR J 434 -30.49 31.85 45.73
N LEU J 435 -29.76 30.74 45.61
CA LEU J 435 -28.68 30.46 46.56
C LEU J 435 -27.57 31.51 46.45
N LEU J 436 -27.25 31.93 45.23
CA LEU J 436 -26.24 32.96 45.06
C LEU J 436 -26.73 34.31 45.56
N ALA J 437 -28.05 34.54 45.53
CA ALA J 437 -28.58 35.78 46.08
C ALA J 437 -28.58 35.76 47.61
N LYS J 438 -28.64 34.57 48.21
CA LYS J 438 -28.63 34.47 49.67
C LYS J 438 -27.32 34.97 50.26
N GLU J 439 -26.20 34.68 49.61
CA GLU J 439 -24.89 35.14 50.08
C GLU J 439 -24.61 36.59 49.70
N LYS J 440 -25.46 37.21 48.87
CA LYS J 440 -25.28 38.61 48.53
C LYS J 440 -25.53 39.54 49.71
N THR J 441 -26.18 39.06 50.76
CA THR J 441 -26.48 39.86 51.93
C THR J 441 -25.20 40.29 52.65
N THR K 68 -87.21 -29.93 11.42
CA THR K 68 -86.85 -28.56 11.11
C THR K 68 -86.84 -27.70 12.37
N ASN K 69 -86.98 -28.35 13.52
CA ASN K 69 -86.97 -27.65 14.81
C ASN K 69 -85.66 -27.95 15.54
N PRO K 70 -84.72 -27.01 15.62
CA PRO K 70 -83.47 -27.29 16.34
C PRO K 70 -83.68 -27.61 17.81
N ASP K 71 -84.70 -27.04 18.45
CA ASP K 71 -84.92 -27.24 19.87
C ASP K 71 -85.66 -28.55 20.18
N SER K 72 -86.11 -29.27 19.16
CA SER K 72 -86.80 -30.53 19.40
C SER K 72 -85.81 -31.61 19.81
N ASP K 73 -86.34 -32.72 20.30
CA ASP K 73 -85.50 -33.83 20.72
C ASP K 73 -84.88 -34.51 19.49
N PRO K 74 -83.56 -34.66 19.44
CA PRO K 74 -82.95 -35.36 18.30
C PRO K 74 -83.22 -36.85 18.32
N ALA K 75 -84.50 -37.22 18.32
CA ALA K 75 -84.92 -38.60 18.21
C ALA K 75 -86.03 -38.81 17.19
N LEU K 76 -86.78 -37.77 16.83
CA LEU K 76 -87.82 -37.85 15.83
C LEU K 76 -87.23 -37.50 14.47
N VAL K 77 -88.09 -37.21 13.49
CA VAL K 77 -87.70 -36.92 12.11
C VAL K 77 -86.55 -35.91 12.07
N ASP K 78 -85.53 -36.21 11.26
CA ASP K 78 -84.38 -35.33 11.13
C ASP K 78 -84.78 -34.05 10.38
N TYR K 79 -83.82 -33.15 10.23
CA TYR K 79 -84.07 -31.92 9.47
C TYR K 79 -84.12 -32.17 7.96
N ASP K 80 -83.66 -33.34 7.51
CA ASP K 80 -83.81 -33.77 6.12
C ASP K 80 -83.15 -32.81 5.14
N ASP K 81 -83.96 -31.95 4.52
CA ASP K 81 -83.51 -31.02 3.48
C ASP K 81 -83.06 -31.77 2.23
N GLY K 82 -82.45 -31.07 1.28
CA GLY K 82 -82.16 -31.65 -0.02
C GLY K 82 -80.71 -32.02 -0.25
N ILE K 83 -80.06 -32.61 0.75
CA ILE K 83 -78.68 -33.07 0.61
C ILE K 83 -78.73 -34.53 0.16
N ASP K 84 -78.32 -34.79 -1.08
CA ASP K 84 -78.31 -36.13 -1.62
C ASP K 84 -76.94 -36.49 -2.19
N PHE K 85 -76.27 -35.51 -2.79
CA PHE K 85 -74.94 -35.73 -3.31
C PHE K 85 -73.94 -35.90 -2.15
N PRO K 86 -72.86 -36.63 -2.37
CA PRO K 86 -71.88 -36.82 -1.30
C PRO K 86 -71.24 -35.51 -0.88
N TYR K 87 -70.90 -35.43 0.41
CA TYR K 87 -70.24 -34.25 0.93
C TYR K 87 -68.82 -34.14 0.39
N ASP K 88 -68.35 -32.90 0.24
CA ASP K 88 -67.02 -32.66 -0.29
C ASP K 88 -65.95 -32.96 0.75
N ASP K 89 -64.93 -33.70 0.34
CA ASP K 89 -63.79 -33.96 1.20
C ASP K 89 -62.91 -32.73 1.31
N PRO K 90 -62.23 -32.53 2.44
CA PRO K 90 -62.20 -33.37 3.66
C PRO K 90 -63.47 -33.22 4.48
N PRO K 91 -63.72 -34.14 5.42
CA PRO K 91 -64.93 -34.06 6.23
C PRO K 91 -65.01 -32.75 7.01
N LEU K 92 -66.22 -32.23 7.12
CA LEU K 92 -66.44 -30.97 7.82
C LEU K 92 -66.29 -31.15 9.32
N VAL K 93 -65.83 -30.09 9.98
CA VAL K 93 -65.64 -30.07 11.43
C VAL K 93 -66.38 -28.86 11.98
N CYS K 94 -67.15 -29.06 13.04
CA CYS K 94 -67.88 -27.98 13.69
C CYS K 94 -67.20 -27.59 14.98
N CYS K 95 -66.88 -26.30 15.11
CA CYS K 95 -66.30 -25.75 16.33
C CYS K 95 -67.36 -24.87 16.98
N PHE K 96 -67.74 -25.22 18.21
CA PHE K 96 -68.90 -24.65 18.86
C PHE K 96 -68.48 -23.88 20.10
N GLY K 97 -69.01 -22.67 20.25
CA GLY K 97 -68.73 -21.86 21.41
C GLY K 97 -68.58 -20.41 21.04
N ALA K 98 -67.94 -19.65 21.92
CA ALA K 98 -67.74 -18.23 21.70
C ALA K 98 -66.69 -18.00 20.61
N VAL K 99 -66.78 -16.83 19.97
CA VAL K 99 -65.78 -16.40 19.00
C VAL K 99 -65.08 -15.19 19.57
N GLN K 100 -63.76 -15.27 19.66
CA GLN K 100 -62.94 -14.18 20.16
C GLN K 100 -61.62 -14.21 19.43
N LYS K 101 -60.91 -13.09 19.46
CA LYS K 101 -59.52 -13.05 19.04
C LYS K 101 -58.65 -13.03 20.28
N GLU K 102 -57.61 -13.88 20.28
CA GLU K 102 -56.70 -14.05 21.40
C GLU K 102 -57.51 -14.59 22.57
N PHE K 103 -57.54 -13.93 23.74
CA PHE K 103 -58.36 -14.35 24.87
C PHE K 103 -58.03 -15.78 25.31
N VAL K 104 -56.84 -15.92 25.89
CA VAL K 104 -56.45 -17.18 26.50
C VAL K 104 -57.33 -17.44 27.72
N PRO K 105 -58.06 -18.55 27.77
CA PRO K 105 -58.95 -18.79 28.91
C PRO K 105 -58.23 -19.34 30.13
N VAL K 106 -57.23 -20.20 29.93
CA VAL K 106 -56.56 -20.85 31.06
C VAL K 106 -55.70 -19.82 31.78
N VAL K 107 -56.17 -19.40 32.96
CA VAL K 107 -55.47 -18.40 33.76
C VAL K 107 -55.25 -18.97 35.15
N ARG K 108 -54.00 -18.98 35.60
CA ARG K 108 -53.66 -19.39 36.95
C ARG K 108 -52.65 -18.40 37.53
N VAL K 109 -52.42 -18.51 38.83
CA VAL K 109 -51.48 -17.63 39.51
C VAL K 109 -50.07 -18.14 39.25
N HIS K 110 -49.18 -17.24 38.81
CA HIS K 110 -47.82 -17.59 38.46
C HIS K 110 -46.84 -16.72 39.23
N ASP K 111 -45.68 -17.28 39.54
CA ASP K 111 -44.64 -16.56 40.25
C ASP K 111 -43.73 -15.82 39.26
N ASN K 112 -42.67 -15.22 39.79
CA ASN K 112 -41.72 -14.36 39.09
C ASN K 112 -42.37 -13.49 38.02
N PRO K 113 -43.26 -12.58 38.38
CA PRO K 113 -43.81 -11.65 37.40
C PRO K 113 -42.74 -10.69 36.91
N MET K 114 -42.88 -10.24 35.67
CA MET K 114 -41.98 -9.25 35.11
C MET K 114 -42.43 -7.86 35.54
N HIS K 115 -41.84 -6.83 34.93
CA HIS K 115 -42.16 -5.47 35.32
C HIS K 115 -43.63 -5.16 35.04
N PRO K 116 -44.34 -4.51 35.97
CA PRO K 116 -45.77 -4.26 35.75
C PRO K 116 -46.06 -3.40 34.53
N ASP K 117 -45.19 -2.44 34.22
CA ASP K 117 -45.44 -1.50 33.14
C ASP K 117 -44.64 -1.80 31.89
N ILE K 118 -43.39 -2.24 32.02
CA ILE K 118 -42.52 -2.44 30.87
C ILE K 118 -42.88 -3.77 30.21
N TYR K 119 -43.77 -3.72 29.22
CA TYR K 119 -44.20 -4.94 28.56
C TYR K 119 -43.14 -5.53 27.63
N SER K 120 -42.06 -4.79 27.35
CA SER K 120 -41.00 -5.35 26.54
C SER K 120 -40.28 -6.49 27.25
N GLN K 121 -40.33 -6.53 28.58
CA GLN K 121 -39.72 -7.62 29.32
C GLN K 121 -40.60 -8.86 29.35
N TRP K 122 -41.87 -8.74 28.96
CA TRP K 122 -42.80 -9.87 29.07
C TRP K 122 -42.49 -10.97 28.07
N LYS K 123 -41.65 -10.72 27.08
CA LYS K 123 -41.20 -11.80 26.20
C LYS K 123 -40.42 -12.85 26.97
N MET K 124 -39.74 -12.44 28.04
CA MET K 124 -38.99 -13.39 28.86
C MET K 124 -39.88 -14.46 29.47
N LEU K 125 -41.15 -14.15 29.70
CA LEU K 125 -42.11 -15.14 30.15
C LEU K 125 -42.77 -15.90 29.02
N GLN K 126 -42.42 -15.58 27.77
CA GLN K 126 -42.91 -16.39 26.65
C GLN K 126 -42.00 -17.57 26.39
N TRP K 127 -40.68 -17.37 26.51
CA TRP K 127 -39.74 -18.46 26.35
C TRP K 127 -39.37 -19.13 27.66
N ASP K 128 -39.87 -18.61 28.79
CA ASP K 128 -39.79 -19.29 30.08
C ASP K 128 -41.18 -19.26 30.70
N PRO K 129 -42.14 -19.97 30.09
CA PRO K 129 -43.54 -19.73 30.40
C PRO K 129 -43.97 -20.46 31.66
N PRO K 130 -45.10 -20.07 32.24
CA PRO K 130 -45.72 -20.91 33.27
C PRO K 130 -46.07 -22.26 32.67
N GLU K 131 -45.98 -23.29 33.51
CA GLU K 131 -46.15 -24.65 33.00
C GLU K 131 -47.55 -24.88 32.44
N PHE K 132 -48.55 -24.18 32.98
CA PHE K 132 -49.89 -24.27 32.42
C PHE K 132 -50.04 -23.49 31.12
N GLY K 133 -49.18 -22.51 30.89
CA GLY K 133 -49.27 -21.70 29.69
C GLY K 133 -48.24 -22.06 28.64
N ARG K 134 -47.75 -23.30 28.67
CA ARG K 134 -46.77 -23.73 27.69
C ARG K 134 -47.37 -23.78 26.29
N ALA K 135 -48.57 -24.34 26.16
CA ALA K 135 -49.32 -24.34 24.89
C ALA K 135 -50.75 -23.94 25.17
N PRO K 136 -50.99 -22.67 25.45
CA PRO K 136 -52.34 -22.24 25.83
C PRO K 136 -53.34 -22.46 24.71
N GLY K 137 -54.56 -22.84 25.11
CA GLY K 137 -55.67 -22.91 24.18
C GLY K 137 -56.35 -21.56 24.04
N GLY K 138 -57.40 -21.54 23.23
CA GLY K 138 -58.15 -20.33 23.01
C GLY K 138 -59.62 -20.62 22.76
N PRO K 139 -60.31 -19.65 22.18
CA PRO K 139 -61.72 -19.87 21.81
C PRO K 139 -61.82 -20.89 20.70
N PRO K 140 -62.98 -21.52 20.52
CA PRO K 140 -63.12 -22.51 19.45
C PRO K 140 -62.89 -21.94 18.06
N SER K 141 -63.00 -20.62 17.89
CA SER K 141 -62.74 -20.02 16.59
C SER K 141 -61.30 -20.24 16.16
N ASN K 142 -60.36 -20.16 17.12
CA ASN K 142 -58.96 -20.43 16.79
C ASN K 142 -58.76 -21.84 16.28
N VAL K 143 -59.44 -22.81 16.89
CA VAL K 143 -59.34 -24.19 16.43
C VAL K 143 -59.90 -24.32 15.03
N ALA K 144 -61.02 -23.66 14.74
CA ALA K 144 -61.61 -23.72 13.41
C ALA K 144 -60.68 -23.05 12.39
N ILE K 145 -60.15 -21.88 12.73
CA ILE K 145 -59.26 -21.18 11.80
C ILE K 145 -58.00 -21.97 11.55
N SER K 146 -57.41 -22.52 12.61
CA SER K 146 -56.19 -23.31 12.46
C SER K 146 -56.47 -24.59 11.69
N HIS K 147 -57.65 -25.17 11.85
CA HIS K 147 -57.97 -26.40 11.14
C HIS K 147 -58.04 -26.18 9.63
N VAL K 148 -58.59 -25.05 9.20
CA VAL K 148 -58.70 -24.78 7.78
C VAL K 148 -57.33 -24.56 7.15
N ARG K 149 -56.45 -23.83 7.85
CA ARG K 149 -55.10 -23.62 7.34
C ARG K 149 -54.32 -24.91 7.25
N LEU K 150 -54.73 -25.94 7.99
CA LEU K 150 -54.10 -27.25 7.88
C LEU K 150 -54.70 -28.09 6.76
N GLY K 151 -55.63 -27.53 5.99
CA GLY K 151 -56.21 -28.20 4.85
C GLY K 151 -57.61 -28.71 5.06
N GLY K 152 -58.07 -28.79 6.30
CA GLY K 152 -59.40 -29.27 6.58
C GLY K 152 -60.46 -28.22 6.33
N ARG K 153 -61.71 -28.64 6.46
CA ARG K 153 -62.86 -27.75 6.34
C ARG K 153 -63.53 -27.64 7.69
N ALA K 154 -63.73 -26.41 8.16
CA ALA K 154 -64.30 -26.17 9.48
C ALA K 154 -65.44 -25.18 9.38
N ALA K 155 -66.49 -25.43 10.15
CA ALA K 155 -67.63 -24.53 10.26
C ALA K 155 -67.81 -24.14 11.72
N PHE K 156 -68.04 -22.85 11.95
CA PHE K 156 -68.15 -22.31 13.30
C PHE K 156 -69.60 -22.03 13.63
N MET K 157 -70.03 -22.50 14.80
CA MET K 157 -71.39 -22.26 15.28
C MET K 157 -71.32 -21.37 16.52
N GLY K 158 -72.03 -20.27 16.48
CA GLY K 158 -72.04 -19.33 17.59
C GLY K 158 -72.89 -18.13 17.24
N LYS K 159 -72.98 -17.21 18.19
CA LYS K 159 -73.76 -16.00 18.03
C LYS K 159 -72.89 -14.78 18.28
N VAL K 160 -73.05 -13.75 17.44
CA VAL K 160 -72.33 -12.50 17.60
C VAL K 160 -73.34 -11.36 17.56
N GLY K 161 -72.92 -10.21 18.06
CA GLY K 161 -73.76 -9.03 18.01
C GLY K 161 -73.79 -8.43 16.61
N GLY K 162 -74.74 -7.53 16.42
CA GLY K 162 -74.88 -6.85 15.14
C GLY K 162 -73.98 -5.66 14.96
N ASP K 163 -73.12 -5.36 15.92
CA ASP K 163 -72.24 -4.19 15.86
C ASP K 163 -71.09 -4.46 14.89
N ASP K 164 -70.14 -3.54 14.84
CA ASP K 164 -69.01 -3.68 13.93
C ASP K 164 -68.14 -4.87 14.31
N TYR K 165 -67.94 -5.10 15.61
CA TYR K 165 -67.09 -6.19 16.05
C TYR K 165 -67.64 -7.54 15.61
N GLY K 166 -68.95 -7.73 15.71
CA GLY K 166 -69.55 -8.95 15.22
C GLY K 166 -69.34 -9.14 13.74
N GLU K 167 -69.46 -8.06 12.97
CA GLU K 167 -69.13 -8.13 11.55
C GLU K 167 -67.65 -8.42 11.35
N GLU K 168 -66.79 -7.79 12.16
CA GLU K 168 -65.35 -8.01 12.04
C GLU K 168 -64.97 -9.45 12.38
N LEU K 169 -65.53 -9.98 13.46
CA LEU K 169 -65.21 -11.36 13.84
C LEU K 169 -65.69 -12.34 12.77
N VAL K 170 -66.90 -12.13 12.24
CA VAL K 170 -67.38 -12.97 11.15
C VAL K 170 -66.52 -12.77 9.91
N LEU K 171 -66.11 -11.52 9.64
CA LEU K 171 -65.20 -11.28 8.53
C LEU K 171 -63.86 -11.96 8.76
N MET K 172 -63.40 -12.00 10.02
CA MET K 172 -62.15 -12.68 10.33
C MET K 172 -62.22 -14.15 9.96
N MET K 173 -63.32 -14.82 10.31
CA MET K 173 -63.45 -16.23 10.00
C MET K 173 -63.74 -16.47 8.52
N ASN K 174 -64.46 -15.55 7.88
CA ASN K 174 -64.76 -15.71 6.47
C ASN K 174 -63.49 -15.67 5.62
N LYS K 175 -62.59 -14.74 5.93
CA LYS K 175 -61.34 -14.66 5.19
C LYS K 175 -60.47 -15.89 5.38
N GLU K 176 -60.69 -16.64 6.47
CA GLU K 176 -59.96 -17.87 6.73
C GLU K 176 -60.67 -19.09 6.17
N ARG K 177 -61.61 -18.90 5.25
CA ARG K 177 -62.34 -19.99 4.59
C ARG K 177 -63.11 -20.84 5.59
N VAL K 178 -63.50 -20.25 6.72
CA VAL K 178 -64.30 -20.94 7.72
C VAL K 178 -65.76 -20.71 7.43
N GLN K 179 -66.54 -21.80 7.36
CA GLN K 179 -67.96 -21.69 7.06
C GLN K 179 -68.67 -21.04 8.24
N THR K 180 -69.11 -19.80 8.05
CA THR K 180 -69.84 -19.07 9.08
C THR K 180 -71.34 -19.13 8.88
N ARG K 181 -71.83 -20.11 8.12
CA ARG K 181 -73.26 -20.28 7.96
C ARG K 181 -73.95 -20.60 9.28
N GLY K 182 -73.23 -21.17 10.23
CA GLY K 182 -73.76 -21.46 11.55
C GLY K 182 -73.64 -20.33 12.54
N VAL K 183 -73.22 -19.15 12.11
CA VAL K 183 -73.06 -18.00 12.99
C VAL K 183 -74.34 -17.19 12.95
N LYS K 184 -74.94 -16.96 14.10
CA LYS K 184 -76.15 -16.17 14.24
C LYS K 184 -75.80 -14.75 14.68
N PHE K 185 -76.64 -13.81 14.29
CA PHE K 185 -76.45 -12.40 14.63
C PHE K 185 -77.56 -11.95 15.56
N ASP K 186 -77.17 -11.36 16.69
CA ASP K 186 -78.10 -10.78 17.65
C ASP K 186 -78.01 -9.26 17.50
N GLU K 187 -79.01 -8.68 16.85
CA GLU K 187 -78.97 -7.24 16.57
C GLU K 187 -78.97 -6.42 17.84
N GLY K 188 -79.78 -6.81 18.82
CA GLY K 188 -79.86 -6.07 20.07
C GLY K 188 -78.83 -6.50 21.09
N ALA K 189 -77.58 -6.64 20.66
CA ALA K 189 -76.51 -7.03 21.57
C ALA K 189 -75.19 -6.47 21.07
N SER K 190 -74.24 -6.34 21.99
CA SER K 190 -72.90 -5.86 21.69
C SER K 190 -71.94 -7.03 21.80
N THR K 191 -71.17 -7.27 20.74
CA THR K 191 -70.30 -8.44 20.68
C THR K 191 -69.23 -8.38 21.76
N ALA K 192 -69.00 -9.51 22.42
CA ALA K 192 -67.97 -9.64 23.45
C ALA K 192 -68.17 -8.63 24.57
N CYS K 193 -69.42 -8.29 24.87
CA CYS K 193 -69.75 -7.29 25.88
C CYS K 193 -70.70 -7.92 26.88
N THR K 194 -70.25 -8.05 28.12
CA THR K 194 -71.04 -8.61 29.21
C THR K 194 -71.36 -7.51 30.20
N ARG K 195 -72.65 -7.27 30.42
CA ARG K 195 -73.09 -6.26 31.37
C ARG K 195 -73.19 -6.89 32.75
N VAL K 196 -72.49 -6.31 33.72
CA VAL K 196 -72.41 -6.86 35.07
C VAL K 196 -72.75 -5.79 36.08
N LYS K 197 -73.14 -6.22 37.28
CA LYS K 197 -73.40 -5.32 38.39
C LYS K 197 -72.38 -5.57 39.48
N ILE K 198 -71.74 -4.51 39.94
CA ILE K 198 -70.74 -4.61 40.99
C ILE K 198 -71.42 -4.53 42.34
N LYS K 199 -71.16 -5.52 43.20
CA LYS K 199 -71.75 -5.59 44.52
C LYS K 199 -70.65 -5.84 45.55
N PHE K 200 -70.70 -5.11 46.65
CA PHE K 200 -69.73 -5.24 47.74
C PHE K 200 -70.29 -6.21 48.76
N GLU K 201 -69.88 -7.47 48.67
CA GLU K 201 -70.37 -8.52 49.54
C GLU K 201 -69.27 -8.97 50.48
N ASP K 202 -69.55 -8.96 51.78
CA ASP K 202 -68.61 -9.40 52.81
C ASP K 202 -67.30 -8.63 52.73
N GLY K 203 -67.40 -7.33 52.42
CA GLY K 203 -66.23 -6.48 52.35
C GLY K 203 -65.37 -6.65 51.12
N LYS K 204 -65.72 -7.56 50.22
CA LYS K 204 -64.96 -7.81 49.00
C LYS K 204 -65.82 -7.47 47.81
N MET K 205 -65.28 -6.68 46.88
CA MET K 205 -66.00 -6.34 45.67
C MET K 205 -66.18 -7.56 44.79
N LYS K 206 -67.40 -7.76 44.29
CA LYS K 206 -67.72 -8.86 43.39
C LYS K 206 -68.58 -8.33 42.25
N ALA K 207 -68.87 -9.19 41.29
CA ALA K 207 -69.70 -8.84 40.16
C ALA K 207 -70.64 -10.00 39.85
N GLU K 208 -71.78 -9.67 39.23
CA GLU K 208 -72.75 -10.65 38.79
C GLU K 208 -73.16 -10.35 37.36
N THR K 209 -73.29 -11.39 36.55
CA THR K 209 -73.62 -11.25 35.14
C THR K 209 -75.08 -10.84 35.02
N VAL K 210 -75.32 -9.55 34.78
CA VAL K 210 -76.68 -9.07 34.55
C VAL K 210 -77.21 -9.59 33.22
N LYS K 211 -76.41 -9.46 32.16
CA LYS K 211 -76.81 -9.90 30.83
C LYS K 211 -75.61 -10.55 30.16
N GLU K 212 -75.79 -11.78 29.69
CA GLU K 212 -74.71 -12.49 29.03
C GLU K 212 -74.41 -11.88 27.67
N PRO K 213 -73.17 -12.00 27.20
CA PRO K 213 -72.84 -11.49 25.86
C PRO K 213 -73.48 -12.36 24.79
N PRO K 214 -73.56 -11.87 23.56
CA PRO K 214 -74.15 -12.69 22.48
C PRO K 214 -73.40 -13.99 22.26
N GLU K 215 -72.10 -14.03 22.55
CA GLU K 215 -71.37 -15.29 22.46
C GLU K 215 -71.95 -16.33 23.41
N ASP K 216 -72.30 -15.92 24.62
CA ASP K 216 -72.90 -16.79 25.61
C ASP K 216 -74.43 -16.79 25.56
N SER K 217 -75.02 -16.47 24.41
CA SER K 217 -76.46 -16.30 24.32
C SER K 217 -77.04 -17.00 23.10
N LEU K 218 -76.45 -18.12 22.70
CA LEU K 218 -76.94 -18.87 21.53
C LEU K 218 -78.03 -19.82 22.00
N LEU K 219 -79.26 -19.58 21.56
CA LEU K 219 -80.37 -20.44 21.93
C LEU K 219 -80.29 -21.76 21.19
N ALA K 220 -80.92 -22.79 21.77
CA ALA K 220 -80.93 -24.11 21.14
C ALA K 220 -81.73 -24.12 19.84
N SER K 221 -82.62 -23.16 19.65
CA SER K 221 -83.40 -23.07 18.43
C SER K 221 -82.66 -22.42 17.28
N GLU K 222 -81.45 -21.90 17.53
CA GLU K 222 -80.67 -21.23 16.51
C GLU K 222 -79.57 -22.11 15.93
N LEU K 223 -79.55 -23.40 16.30
CA LEU K 223 -78.52 -24.29 15.79
C LEU K 223 -78.74 -24.58 14.31
N ASN K 224 -77.65 -24.65 13.56
CA ASN K 224 -77.70 -24.96 12.14
C ASN K 224 -77.56 -26.47 11.97
N LEU K 225 -78.68 -27.16 11.78
CA LEU K 225 -78.65 -28.61 11.67
C LEU K 225 -77.90 -29.07 10.43
N ALA K 226 -77.84 -28.25 9.40
CA ALA K 226 -77.05 -28.61 8.22
C ALA K 226 -75.58 -28.77 8.57
N VAL K 227 -75.05 -27.86 9.38
CA VAL K 227 -73.67 -27.98 9.84
C VAL K 227 -73.50 -29.24 10.68
N LEU K 228 -74.43 -29.47 11.61
CA LEU K 228 -74.28 -30.59 12.53
C LEU K 228 -74.34 -31.93 11.81
N LYS K 229 -75.21 -32.06 10.81
CA LYS K 229 -75.29 -33.32 10.08
C LYS K 229 -74.01 -33.61 9.32
N GLU K 230 -73.43 -32.58 8.68
CA GLU K 230 -72.23 -32.80 7.89
C GLU K 230 -71.00 -32.95 8.77
N ALA K 231 -70.93 -32.22 9.89
CA ALA K 231 -69.75 -32.20 10.74
C ALA K 231 -69.45 -33.57 11.32
N ARG K 232 -68.34 -34.17 10.88
CA ARG K 232 -67.95 -35.48 11.42
C ARG K 232 -67.33 -35.38 12.80
N ILE K 233 -66.83 -34.21 13.18
CA ILE K 233 -66.29 -33.99 14.52
C ILE K 233 -66.89 -32.70 15.07
N PHE K 234 -67.42 -32.78 16.28
CA PHE K 234 -68.01 -31.63 16.96
C PHE K 234 -67.09 -31.21 18.09
N HIS K 235 -66.63 -29.97 18.04
CA HIS K 235 -65.63 -29.47 18.97
C HIS K 235 -66.21 -28.35 19.83
N PHE K 236 -65.93 -28.40 21.12
CA PHE K 236 -66.35 -27.36 22.05
C PHE K 236 -65.37 -27.31 23.21
N ASN K 237 -65.39 -26.20 23.92
CA ASN K 237 -64.55 -26.00 25.08
C ASN K 237 -65.37 -26.07 26.36
N SER K 238 -64.68 -26.01 27.50
CA SER K 238 -65.36 -25.92 28.78
C SER K 238 -65.77 -24.50 29.13
N GLU K 239 -65.42 -23.53 28.29
CA GLU K 239 -65.87 -22.16 28.51
C GLU K 239 -67.38 -22.04 28.39
N VAL K 240 -67.99 -22.81 27.49
CA VAL K 240 -69.45 -22.76 27.34
C VAL K 240 -70.14 -23.26 28.60
N LEU K 241 -69.47 -24.09 29.38
CA LEU K 241 -70.06 -24.59 30.61
C LEU K 241 -70.16 -23.53 31.69
N THR K 242 -69.54 -22.37 31.50
CA THR K 242 -69.66 -21.26 32.42
C THR K 242 -70.87 -20.38 32.14
N SER K 243 -71.64 -20.70 31.11
CA SER K 243 -72.84 -19.95 30.75
C SER K 243 -74.04 -20.87 30.84
N PRO K 244 -75.04 -20.58 31.68
CA PRO K 244 -76.22 -21.45 31.74
C PRO K 244 -76.94 -21.57 30.40
N THR K 245 -77.00 -20.48 29.63
CA THR K 245 -77.65 -20.54 28.33
C THR K 245 -76.90 -21.47 27.37
N MET K 246 -75.58 -21.29 27.27
CA MET K 246 -74.80 -22.10 26.35
C MET K 246 -74.71 -23.54 26.80
N GLU K 247 -74.68 -23.80 28.10
CA GLU K 247 -74.61 -25.17 28.59
C GLU K 247 -75.83 -25.97 28.18
N SER K 248 -77.02 -25.36 28.28
CA SER K 248 -78.22 -26.01 27.79
C SER K 248 -78.18 -26.20 26.28
N THR K 249 -77.71 -25.18 25.56
CA THR K 249 -77.63 -25.28 24.11
C THR K 249 -76.61 -26.33 23.67
N LEU K 250 -75.52 -26.46 24.43
CA LEU K 250 -74.45 -27.39 24.05
C LEU K 250 -74.96 -28.83 24.02
N PHE K 251 -75.74 -29.23 25.02
CA PHE K 251 -76.18 -30.61 25.09
C PHE K 251 -77.15 -30.94 23.96
N LYS K 252 -77.95 -29.97 23.52
CA LYS K 252 -78.78 -30.19 22.35
C LYS K 252 -77.93 -30.39 21.09
N ALA K 253 -76.89 -29.56 20.93
CA ALA K 253 -76.02 -29.71 19.77
C ALA K 253 -75.27 -31.02 19.80
N ILE K 254 -74.80 -31.45 20.98
CA ILE K 254 -74.16 -32.74 21.10
C ILE K 254 -75.14 -33.85 20.75
N GLN K 255 -76.38 -33.73 21.23
CA GLN K 255 -77.39 -34.74 20.95
C GLN K 255 -77.67 -34.85 19.45
N TRP K 256 -77.77 -33.72 18.77
CA TRP K 256 -77.94 -33.74 17.32
C TRP K 256 -76.74 -34.36 16.63
N SER K 257 -75.53 -33.97 17.06
CA SER K 257 -74.33 -34.45 16.41
C SER K 257 -74.18 -35.96 16.53
N LYS K 258 -74.50 -36.50 17.71
CA LYS K 258 -74.47 -37.94 17.87
C LYS K 258 -75.50 -38.64 16.99
N LYS K 259 -76.63 -37.98 16.75
CA LYS K 259 -77.68 -38.58 15.94
C LYS K 259 -77.21 -38.81 14.52
N PHE K 260 -76.48 -37.86 13.95
CA PHE K 260 -75.98 -37.97 12.59
C PHE K 260 -74.67 -38.73 12.49
N GLY K 261 -74.09 -39.13 13.63
CA GLY K 261 -72.89 -39.94 13.63
C GLY K 261 -71.60 -39.18 13.85
N GLY K 262 -71.66 -37.88 14.08
CA GLY K 262 -70.44 -37.13 14.31
C GLY K 262 -69.81 -37.45 15.65
N LEU K 263 -68.49 -37.31 15.71
CA LEU K 263 -67.75 -37.51 16.95
C LEU K 263 -67.71 -36.23 17.75
N ILE K 264 -67.67 -36.38 19.07
CA ILE K 264 -67.67 -35.26 20.00
C ILE K 264 -66.23 -35.04 20.47
N PHE K 265 -65.73 -33.83 20.27
CA PHE K 265 -64.39 -33.45 20.70
C PHE K 265 -64.52 -32.47 21.84
N PHE K 266 -63.87 -32.78 22.96
CA PHE K 266 -63.91 -31.94 24.16
C PHE K 266 -62.50 -31.45 24.45
N ASP K 267 -62.22 -30.20 24.09
CA ASP K 267 -60.99 -29.53 24.48
C ASP K 267 -61.31 -28.72 25.72
N LEU K 268 -60.78 -29.15 26.87
CA LEU K 268 -61.17 -28.55 28.14
C LEU K 268 -60.88 -27.06 28.19
N ASN K 269 -59.59 -26.69 28.17
CA ASN K 269 -59.17 -25.30 28.29
C ASN K 269 -59.93 -24.60 29.42
N LEU K 270 -59.72 -25.11 30.63
CA LEU K 270 -60.48 -24.65 31.79
C LEU K 270 -60.28 -23.16 32.00
N PRO K 271 -61.34 -22.36 32.00
CA PRO K 271 -61.19 -20.93 32.25
C PRO K 271 -60.90 -20.65 33.73
N LEU K 272 -60.67 -19.38 34.05
CA LEU K 272 -60.28 -19.00 35.41
C LEU K 272 -61.22 -19.50 36.50
N PRO K 273 -62.55 -19.38 36.38
CA PRO K 273 -63.41 -19.86 37.47
C PRO K 273 -63.30 -21.35 37.73
N LEU K 274 -63.02 -22.16 36.71
CA LEU K 274 -63.05 -23.60 36.88
C LEU K 274 -61.81 -24.16 37.56
N TRP K 275 -60.81 -23.34 37.83
CA TRP K 275 -59.62 -23.79 38.55
C TRP K 275 -59.77 -23.64 40.06
N ARG K 276 -60.93 -23.22 40.55
CA ARG K 276 -61.08 -22.92 41.96
C ARG K 276 -61.01 -24.19 42.81
N SER K 277 -61.74 -25.22 42.42
CA SER K 277 -61.81 -26.45 43.21
C SER K 277 -61.92 -27.65 42.30
N ARG K 278 -61.23 -28.73 42.67
CA ARG K 278 -61.27 -29.95 41.87
C ARG K 278 -62.65 -30.59 41.90
N ASN K 279 -63.22 -30.73 43.10
CA ASN K 279 -64.53 -31.37 43.22
C ASN K 279 -65.61 -30.58 42.50
N GLU K 280 -65.59 -29.25 42.66
CA GLU K 280 -66.59 -28.42 41.99
C GLU K 280 -66.44 -28.51 40.47
N THR K 281 -65.20 -28.45 39.97
CA THR K 281 -65.00 -28.48 38.53
C THR K 281 -65.42 -29.82 37.93
N ARG K 282 -65.06 -30.92 38.57
CA ARG K 282 -65.39 -32.24 38.03
C ARG K 282 -66.91 -32.44 37.96
N LYS K 283 -67.65 -31.84 38.89
CA LYS K 283 -69.10 -31.93 38.83
C LYS K 283 -69.65 -31.22 37.59
N LEU K 284 -69.11 -30.05 37.27
CA LEU K 284 -69.55 -29.34 36.07
C LEU K 284 -69.15 -30.08 34.81
N ILE K 285 -67.90 -30.57 34.76
CA ILE K 285 -67.42 -31.26 33.57
C ILE K 285 -68.07 -32.63 33.43
N LYS K 286 -68.66 -33.16 34.51
CA LYS K 286 -69.10 -34.55 34.54
C LYS K 286 -70.03 -34.89 33.39
N LYS K 287 -71.02 -34.05 33.14
CA LYS K 287 -72.00 -34.36 32.11
C LYS K 287 -71.38 -34.30 30.71
N SER K 288 -70.59 -33.27 30.45
CA SER K 288 -69.98 -33.13 29.12
C SER K 288 -68.82 -34.12 28.93
N TRP K 289 -68.14 -34.49 30.02
CA TRP K 289 -67.05 -35.45 29.91
C TRP K 289 -67.56 -36.82 29.48
N ASP K 290 -68.74 -37.22 29.96
CA ASP K 290 -69.26 -38.55 29.70
C ASP K 290 -69.84 -38.72 28.32
N GLU K 291 -69.99 -37.65 27.55
CA GLU K 291 -70.56 -37.72 26.21
C GLU K 291 -69.58 -37.26 25.14
N ALA K 292 -68.30 -37.22 25.46
CA ALA K 292 -67.27 -36.80 24.51
C ALA K 292 -66.48 -38.03 24.07
N ASN K 293 -66.43 -38.26 22.76
CA ASN K 293 -65.66 -39.37 22.23
C ASN K 293 -64.16 -39.08 22.26
N ILE K 294 -63.77 -37.83 22.04
CA ILE K 294 -62.37 -37.42 22.03
C ILE K 294 -62.23 -36.27 23.02
N ILE K 295 -61.23 -36.37 23.89
CA ILE K 295 -60.99 -35.35 24.91
C ILE K 295 -59.52 -34.95 24.85
N GLU K 296 -59.27 -33.64 24.86
CA GLU K 296 -57.92 -33.11 24.91
C GLU K 296 -57.77 -32.29 26.18
N VAL K 297 -56.76 -32.63 27.00
CA VAL K 297 -56.47 -31.91 28.21
C VAL K 297 -54.98 -31.63 28.26
N SER K 298 -54.61 -30.64 29.05
CA SER K 298 -53.21 -30.38 29.32
C SER K 298 -52.78 -31.16 30.55
N GLN K 299 -51.47 -31.21 30.79
CA GLN K 299 -50.95 -31.89 31.96
C GLN K 299 -51.48 -31.26 33.24
N GLN K 300 -51.51 -29.93 33.30
CA GLN K 300 -52.00 -29.23 34.48
C GLN K 300 -53.48 -29.48 34.68
N GLU K 301 -54.26 -29.51 33.61
CA GLU K 301 -55.68 -29.80 33.72
C GLU K 301 -55.92 -31.22 34.22
N LEU K 302 -55.19 -32.18 33.66
CA LEU K 302 -55.38 -33.58 34.06
C LEU K 302 -54.99 -33.79 35.51
N GLU K 303 -53.86 -33.23 35.94
CA GLU K 303 -53.45 -33.36 37.33
C GLU K 303 -54.43 -32.67 38.26
N PHE K 304 -54.92 -31.50 37.87
CA PHE K 304 -55.89 -30.78 38.69
C PHE K 304 -57.17 -31.58 38.86
N LEU K 305 -57.60 -32.28 37.82
CA LEU K 305 -58.82 -33.08 37.91
C LEU K 305 -58.63 -34.30 38.80
N LEU K 306 -57.44 -34.89 38.83
CA LEU K 306 -57.22 -36.12 39.61
C LEU K 306 -56.72 -35.79 41.01
N ASP K 307 -55.51 -35.24 41.10
CA ASP K 307 -54.97 -34.79 42.38
C ASP K 307 -53.80 -33.86 42.07
N GLU K 308 -53.95 -32.58 42.35
CA GLU K 308 -52.89 -31.63 42.03
C GLU K 308 -51.68 -31.82 42.95
N GLU K 309 -51.93 -32.05 44.24
CA GLU K 309 -50.84 -32.15 45.20
C GLU K 309 -50.06 -33.44 45.04
N TYR K 310 -50.74 -34.53 44.71
CA TYR K 310 -50.07 -35.82 44.62
C TYR K 310 -49.00 -35.82 43.52
N TYR K 311 -49.35 -35.33 42.34
CA TYR K 311 -48.39 -35.34 41.23
C TYR K 311 -47.30 -34.29 41.42
N GLU K 312 -47.57 -33.23 42.19
CA GLU K 312 -46.51 -32.29 42.50
C GLU K 312 -45.47 -32.91 43.44
N ARG K 313 -45.94 -33.74 44.38
CA ARG K 313 -45.01 -34.40 45.29
C ARG K 313 -44.12 -35.41 44.55
N ARG K 314 -44.68 -36.07 43.55
CA ARG K 314 -43.86 -36.99 42.74
C ARG K 314 -42.77 -36.25 42.00
N ARG K 315 -43.10 -35.08 41.43
CA ARG K 315 -42.09 -34.30 40.72
C ARG K 315 -41.00 -33.81 41.66
N ASN K 316 -41.37 -33.41 42.88
CA ASN K 316 -40.40 -32.93 43.85
C ASN K 316 -39.65 -34.06 44.55
N TYR K 317 -40.04 -35.31 44.33
CA TYR K 317 -39.38 -36.42 44.99
C TYR K 317 -38.01 -36.67 44.36
N THR K 318 -36.99 -36.76 45.21
CA THR K 318 -35.65 -37.14 44.81
C THR K 318 -35.18 -38.25 45.74
N PRO K 319 -34.65 -39.35 45.19
CA PRO K 319 -34.18 -40.43 46.06
C PRO K 319 -33.07 -39.95 46.99
N GLN K 320 -33.12 -40.44 48.22
CA GLN K 320 -32.25 -39.89 49.27
C GLN K 320 -30.80 -40.32 49.10
N TYR K 321 -30.58 -41.59 48.73
CA TYR K 321 -29.24 -42.15 48.70
C TYR K 321 -28.69 -42.39 47.30
N PHE K 322 -29.49 -42.96 46.41
CA PHE K 322 -29.02 -43.20 45.05
C PHE K 322 -30.22 -43.33 44.13
N ALA K 323 -29.99 -43.05 42.85
CA ALA K 323 -31.04 -43.17 41.85
C ALA K 323 -31.36 -44.64 41.59
N GLU K 324 -32.63 -44.91 41.26
CA GLU K 324 -33.05 -46.27 40.95
C GLU K 324 -32.69 -46.69 39.54
N ASP K 325 -32.30 -45.75 38.67
CA ASP K 325 -31.83 -46.08 37.34
C ASP K 325 -30.93 -44.95 36.87
N PHE K 326 -30.16 -45.24 35.81
CA PHE K 326 -29.19 -44.27 35.33
C PHE K 326 -29.85 -42.99 34.84
N GLU K 327 -31.04 -43.12 34.24
CA GLU K 327 -31.72 -41.93 33.71
C GLU K 327 -32.11 -40.96 34.81
N GLN K 328 -32.38 -41.46 36.01
CA GLN K 328 -32.75 -40.59 37.12
C GLN K 328 -31.60 -39.72 37.58
N THR K 329 -30.35 -40.12 37.32
CA THR K 329 -29.21 -39.30 37.69
C THR K 329 -29.17 -38.01 36.89
N LYS K 330 -29.62 -38.05 35.62
CA LYS K 330 -29.56 -36.87 34.76
C LYS K 330 -30.49 -35.76 35.22
N ASN K 331 -31.43 -36.07 36.12
CA ASN K 331 -32.42 -35.13 36.63
C ASN K 331 -32.99 -34.25 35.50
N ARG K 332 -33.47 -34.92 34.46
CA ARG K 332 -34.11 -34.22 33.36
C ARG K 332 -35.49 -33.71 33.79
N ARG K 333 -36.17 -33.05 32.87
CA ARG K 333 -37.55 -32.66 33.11
C ARG K 333 -38.42 -33.89 33.27
N ASP K 334 -39.40 -33.80 34.16
CA ASP K 334 -40.25 -34.95 34.48
C ASP K 334 -41.34 -35.06 33.42
N TYR K 335 -41.13 -35.93 32.45
CA TYR K 335 -42.16 -36.25 31.45
C TYR K 335 -42.92 -37.50 31.87
N TYR K 336 -43.61 -37.40 33.01
CA TYR K 336 -44.30 -38.56 33.56
C TYR K 336 -45.49 -38.94 32.68
N HIS K 337 -45.58 -40.22 32.36
CA HIS K 337 -46.68 -40.76 31.56
C HIS K 337 -47.67 -41.43 32.50
N TYR K 338 -48.83 -40.82 32.67
CA TYR K 338 -49.83 -41.33 33.59
C TYR K 338 -50.30 -42.70 33.15
N THR K 339 -50.35 -43.64 34.09
CA THR K 339 -50.82 -44.98 33.79
C THR K 339 -52.33 -44.95 33.55
N PRO K 340 -52.86 -45.89 32.77
CA PRO K 340 -54.31 -45.94 32.57
C PRO K 340 -55.08 -46.17 33.85
N GLU K 341 -54.45 -46.76 34.88
CA GLU K 341 -55.11 -46.89 36.17
C GLU K 341 -55.40 -45.52 36.78
N GLU K 342 -54.46 -44.58 36.65
CA GLU K 342 -54.70 -43.22 37.11
C GLU K 342 -55.73 -42.50 36.27
N ILE K 343 -55.99 -42.98 35.04
CA ILE K 343 -56.99 -42.39 34.17
C ILE K 343 -58.37 -43.01 34.38
N LYS K 344 -58.45 -44.12 35.11
CA LYS K 344 -59.74 -44.78 35.32
C LYS K 344 -60.83 -43.87 35.87
N PRO K 345 -60.58 -42.99 36.85
CA PRO K 345 -61.67 -42.10 37.30
C PRO K 345 -62.25 -41.24 36.19
N LEU K 346 -61.43 -40.81 35.24
CA LEU K 346 -61.88 -39.95 34.15
C LEU K 346 -62.29 -40.71 32.90
N TRP K 347 -62.16 -42.03 32.90
CA TRP K 347 -62.46 -42.81 31.72
C TRP K 347 -63.93 -43.23 31.70
N HIS K 348 -64.46 -43.40 30.50
CA HIS K 348 -65.83 -43.86 30.33
C HIS K 348 -65.93 -44.67 29.04
N ASP K 349 -67.10 -45.26 28.83
CA ASP K 349 -67.27 -46.24 27.75
C ASP K 349 -67.11 -45.60 26.38
N ASP K 350 -67.67 -44.41 26.17
CA ASP K 350 -67.68 -43.79 24.86
C ASP K 350 -66.37 -43.10 24.50
N LEU K 351 -65.44 -42.99 25.44
CA LEU K 351 -64.20 -42.25 25.19
C LEU K 351 -63.32 -43.02 24.23
N LYS K 352 -63.29 -42.57 22.97
CA LYS K 352 -62.49 -43.23 21.95
C LYS K 352 -61.01 -42.85 22.02
N LEU K 353 -60.70 -41.66 22.52
CA LEU K 353 -59.32 -41.19 22.54
C LEU K 353 -59.15 -40.02 23.52
N LEU K 354 -58.13 -40.11 24.37
CA LEU K 354 -57.79 -39.04 25.29
C LEU K 354 -56.32 -38.68 25.08
N VAL K 355 -56.05 -37.39 24.93
CA VAL K 355 -54.69 -36.89 24.72
C VAL K 355 -54.36 -35.91 25.82
N VAL K 356 -53.21 -36.10 26.45
CA VAL K 356 -52.70 -35.17 27.46
C VAL K 356 -51.47 -34.49 26.87
N THR K 357 -51.51 -33.16 26.82
CA THR K 357 -50.47 -32.39 26.15
C THR K 357 -49.67 -31.61 27.18
N ASP K 358 -48.40 -32.00 27.34
CA ASP K 358 -47.45 -31.21 28.12
C ASP K 358 -46.85 -30.16 27.19
N GLY K 359 -47.67 -29.19 26.84
CA GLY K 359 -47.29 -28.27 25.79
C GLY K 359 -47.14 -29.02 24.48
N THR K 360 -46.08 -28.70 23.75
CA THR K 360 -45.71 -29.45 22.56
C THR K 360 -44.61 -30.46 22.84
N LEU K 361 -44.28 -30.67 24.12
CA LEU K 361 -43.19 -31.56 24.48
C LEU K 361 -43.62 -33.03 24.46
N ARG K 362 -44.74 -33.34 25.11
CA ARG K 362 -45.23 -34.71 25.19
C ARG K 362 -46.72 -34.72 24.87
N LEU K 363 -47.14 -35.67 24.06
CA LEU K 363 -48.55 -35.93 23.80
C LEU K 363 -48.87 -37.33 24.32
N HIS K 364 -49.37 -37.41 25.55
CA HIS K 364 -49.76 -38.68 26.14
C HIS K 364 -51.14 -39.05 25.61
N TYR K 365 -51.20 -40.06 24.75
CA TYR K 365 -52.47 -40.49 24.17
C TYR K 365 -52.97 -41.74 24.87
N TYR K 366 -54.30 -41.84 25.01
CA TYR K 366 -54.91 -42.97 25.68
C TYR K 366 -56.09 -43.46 24.86
N THR K 367 -56.14 -44.76 24.60
CA THR K 367 -57.23 -45.40 23.89
C THR K 367 -57.68 -46.59 24.72
N PRO K 368 -58.88 -47.13 24.48
CA PRO K 368 -59.29 -48.33 25.23
C PRO K 368 -58.35 -49.51 25.05
N LYS K 369 -57.70 -49.64 23.89
CA LYS K 369 -56.85 -50.78 23.62
C LYS K 369 -55.40 -50.55 24.01
N PHE K 370 -54.91 -49.32 23.97
CA PHE K 370 -53.50 -49.05 24.18
C PHE K 370 -53.32 -47.63 24.67
N ASP K 371 -52.09 -47.29 25.02
CA ASP K 371 -51.74 -45.94 25.43
C ASP K 371 -50.26 -45.74 25.18
N GLY K 372 -49.85 -44.47 25.19
CA GLY K 372 -48.46 -44.16 24.94
C GLY K 372 -48.24 -42.66 24.96
N VAL K 373 -47.03 -42.27 24.58
CA VAL K 373 -46.63 -40.87 24.57
C VAL K 373 -45.88 -40.58 23.27
N VAL K 374 -46.12 -39.41 22.71
CA VAL K 374 -45.41 -38.94 21.53
C VAL K 374 -44.51 -37.80 21.95
N VAL K 375 -43.21 -37.95 21.73
CA VAL K 375 -42.24 -36.94 22.14
C VAL K 375 -42.23 -35.80 21.14
N GLY K 376 -42.21 -34.57 21.65
CA GLY K 376 -42.12 -33.40 20.81
C GLY K 376 -41.06 -32.45 21.28
N THR K 377 -41.02 -31.25 20.72
CA THR K 377 -40.07 -30.23 21.10
C THR K 377 -40.75 -28.87 21.08
N GLU K 378 -40.00 -27.85 21.52
CA GLU K 378 -40.42 -26.47 21.38
C GLU K 378 -39.16 -25.64 21.26
N ASP K 379 -39.20 -24.65 20.37
CA ASP K 379 -38.03 -23.80 20.15
C ASP K 379 -38.45 -22.34 20.04
N VAL K 380 -39.24 -21.86 21.01
CA VAL K 380 -39.58 -20.45 21.05
C VAL K 380 -38.34 -19.57 21.09
N LEU K 381 -37.22 -20.12 21.56
CA LEU K 381 -35.97 -19.37 21.61
C LEU K 381 -35.29 -19.25 20.26
N ILE K 382 -35.74 -19.98 19.24
CA ILE K 382 -35.14 -19.86 17.92
C ILE K 382 -35.46 -18.49 17.33
N THR K 383 -36.60 -17.91 17.69
CA THR K 383 -36.98 -16.56 17.29
C THR K 383 -37.42 -15.83 18.54
N PRO K 384 -36.48 -15.37 19.35
CA PRO K 384 -36.84 -14.80 20.66
C PRO K 384 -37.77 -13.61 20.58
N PHE K 385 -37.65 -12.78 19.55
CA PHE K 385 -38.43 -11.55 19.51
C PHE K 385 -39.82 -11.72 18.90
N THR K 386 -40.11 -12.86 18.28
CA THR K 386 -41.42 -13.10 17.68
C THR K 386 -42.08 -14.35 18.24
N CYS K 387 -41.60 -14.86 19.36
CA CYS K 387 -42.21 -16.04 19.96
C CYS K 387 -43.46 -15.64 20.74
N ASP K 388 -44.50 -16.47 20.61
CA ASP K 388 -45.75 -16.23 21.34
C ASP K 388 -46.44 -17.57 21.53
N ARG K 389 -46.60 -17.96 22.80
CA ARG K 389 -47.22 -19.25 23.11
C ARG K 389 -48.68 -19.29 22.73
N THR K 390 -49.34 -18.15 22.57
CA THR K 390 -50.77 -18.10 22.38
C THR K 390 -51.19 -18.85 21.12
N GLY K 391 -52.24 -19.64 21.24
CA GLY K 391 -52.77 -20.40 20.12
C GLY K 391 -52.06 -21.69 19.83
N SER K 392 -51.00 -22.01 20.56
CA SER K 392 -50.29 -23.27 20.34
C SER K 392 -51.19 -24.46 20.67
N GLY K 393 -51.96 -24.36 21.76
CA GLY K 393 -52.88 -25.43 22.09
C GLY K 393 -53.97 -25.61 21.06
N ASP K 394 -54.42 -24.51 20.45
CA ASP K 394 -55.39 -24.61 19.37
C ASP K 394 -54.79 -25.32 18.16
N ALA K 395 -53.52 -25.04 17.86
CA ALA K 395 -52.89 -25.64 16.70
C ALA K 395 -52.75 -27.15 16.86
N VAL K 396 -52.36 -27.63 18.04
CA VAL K 396 -52.22 -29.06 18.23
C VAL K 396 -53.57 -29.75 18.19
N VAL K 397 -54.61 -29.10 18.73
CA VAL K 397 -55.95 -29.67 18.65
C VAL K 397 -56.43 -29.71 17.22
N ALA K 398 -56.25 -28.62 16.48
CA ALA K 398 -56.64 -28.60 15.07
C ALA K 398 -55.85 -29.61 14.26
N GLY K 399 -54.59 -29.84 14.61
CA GLY K 399 -53.81 -30.86 13.93
C GLY K 399 -54.36 -32.26 14.16
N ILE K 400 -54.90 -32.51 15.36
CA ILE K 400 -55.48 -33.81 15.65
C ILE K 400 -56.73 -34.03 14.81
N MET K 401 -57.63 -33.05 14.78
CA MET K 401 -58.85 -33.19 14.02
C MET K 401 -58.57 -33.23 12.52
N ARG K 402 -57.50 -32.58 12.07
CA ARG K 402 -57.15 -32.62 10.66
C ARG K 402 -56.84 -34.02 10.21
N LYS K 403 -56.12 -34.79 11.03
CA LYS K 403 -55.75 -36.14 10.67
C LYS K 403 -56.82 -37.17 11.02
N LEU K 404 -57.59 -36.92 12.08
CA LEU K 404 -58.64 -37.87 12.46
C LEU K 404 -59.69 -37.98 11.37
N THR K 405 -60.08 -36.85 10.77
CA THR K 405 -61.07 -36.88 9.72
C THR K 405 -60.56 -37.54 8.45
N THR K 406 -59.24 -37.70 8.30
CA THR K 406 -58.67 -38.28 7.11
C THR K 406 -58.04 -39.65 7.33
N CYS K 407 -57.76 -40.04 8.57
CA CYS K 407 -57.17 -41.34 8.88
C CYS K 407 -58.02 -41.99 9.97
N PRO K 408 -59.13 -42.64 9.59
CA PRO K 408 -59.94 -43.34 10.60
C PRO K 408 -59.23 -44.49 11.26
N GLU K 409 -58.16 -45.01 10.67
CA GLU K 409 -57.39 -46.09 11.26
C GLU K 409 -56.67 -45.67 12.53
N MET K 410 -56.61 -44.38 12.82
CA MET K 410 -55.84 -43.89 13.95
C MET K 410 -56.37 -44.44 15.27
N PHE K 411 -57.69 -44.53 15.41
CA PHE K 411 -58.28 -44.93 16.69
C PHE K 411 -57.94 -46.37 17.07
N GLU K 412 -57.53 -47.20 16.12
CA GLU K 412 -57.26 -48.60 16.40
C GLU K 412 -55.90 -49.07 15.91
N ASP K 413 -55.00 -48.15 15.54
CA ASP K 413 -53.65 -48.50 15.12
C ASP K 413 -52.69 -47.57 15.84
N GLN K 414 -51.96 -48.11 16.81
CA GLN K 414 -51.07 -47.27 17.62
C GLN K 414 -49.94 -46.70 16.78
N ASP K 415 -49.39 -47.49 15.86
CA ASP K 415 -48.26 -47.01 15.07
C ASP K 415 -48.63 -45.78 14.24
N VAL K 416 -49.79 -45.83 13.58
CA VAL K 416 -50.21 -44.67 12.80
C VAL K 416 -50.72 -43.55 13.69
N LEU K 417 -51.16 -43.87 14.91
CA LEU K 417 -51.59 -42.82 15.82
C LEU K 417 -50.43 -41.92 16.22
N GLU K 418 -49.28 -42.51 16.51
CA GLU K 418 -48.11 -41.71 16.86
C GLU K 418 -47.64 -40.89 15.67
N ARG K 419 -47.62 -41.48 14.47
CA ARG K 419 -47.14 -40.76 13.30
C ARG K 419 -48.01 -39.55 12.99
N GLN K 420 -49.33 -39.70 13.07
CA GLN K 420 -50.21 -38.58 12.77
C GLN K 420 -50.22 -37.55 13.90
N LEU K 421 -49.97 -37.98 15.14
CA LEU K 421 -49.90 -37.02 16.22
C LEU K 421 -48.67 -36.14 16.11
N ARG K 422 -47.61 -36.63 15.49
CA ARG K 422 -46.44 -35.80 15.26
C ARG K 422 -46.76 -34.62 14.35
N PHE K 423 -47.74 -34.79 13.45
CA PHE K 423 -48.24 -33.65 12.68
C PHE K 423 -48.81 -32.59 13.61
N ALA K 424 -49.57 -33.01 14.62
CA ALA K 424 -50.11 -32.06 15.59
C ALA K 424 -48.99 -31.40 16.38
N VAL K 425 -47.93 -32.16 16.70
CA VAL K 425 -46.79 -31.57 17.40
C VAL K 425 -46.14 -30.49 16.54
N ALA K 426 -45.91 -30.81 15.26
CA ALA K 426 -45.27 -29.85 14.37
C ALA K 426 -46.13 -28.61 14.19
N ALA K 427 -47.45 -28.78 14.13
CA ALA K 427 -48.34 -27.64 14.00
C ALA K 427 -48.24 -26.72 15.21
N GLY K 428 -48.15 -27.31 16.41
CA GLY K 428 -48.02 -26.50 17.61
C GLY K 428 -46.71 -25.75 17.67
N ILE K 429 -45.64 -26.36 17.18
CA ILE K 429 -44.32 -25.72 17.24
C ILE K 429 -44.32 -24.45 16.39
N ILE K 430 -44.88 -24.52 15.19
CA ILE K 430 -44.89 -23.35 14.31
C ILE K 430 -45.75 -22.26 14.90
N SER K 431 -46.85 -22.64 15.55
CA SER K 431 -47.77 -21.65 16.11
C SER K 431 -47.14 -20.84 17.24
N GLN K 432 -46.01 -21.29 17.79
CA GLN K 432 -45.33 -20.56 18.85
C GLN K 432 -44.31 -19.56 18.33
N TRP K 433 -44.13 -19.47 17.01
CA TRP K 433 -43.08 -18.68 16.41
C TRP K 433 -43.56 -17.32 15.91
N THR K 434 -44.80 -16.96 16.18
CA THR K 434 -45.35 -15.73 15.64
C THR K 434 -46.29 -15.09 16.65
N ILE K 435 -46.24 -13.77 16.74
CA ILE K 435 -47.10 -13.04 17.66
C ILE K 435 -48.53 -13.09 17.15
N GLY K 436 -49.46 -13.47 18.03
CA GLY K 436 -50.84 -13.59 17.64
C GLY K 436 -51.21 -15.01 17.29
N ALA K 437 -52.45 -15.41 17.61
CA ALA K 437 -52.86 -16.78 17.38
C ALA K 437 -53.28 -17.01 15.93
N VAL K 438 -54.33 -16.31 15.50
CA VAL K 438 -54.82 -16.50 14.13
C VAL K 438 -53.86 -15.94 13.11
N ARG K 439 -52.99 -15.01 13.50
CA ARG K 439 -52.06 -14.41 12.56
C ARG K 439 -51.06 -15.42 12.03
N GLY K 440 -50.62 -16.35 12.87
CA GLY K 440 -49.57 -17.27 12.47
C GLY K 440 -49.87 -18.74 12.65
N PHE K 441 -51.11 -19.14 12.40
CA PHE K 441 -51.43 -20.56 12.39
C PHE K 441 -50.76 -21.22 11.19
N PRO K 442 -50.07 -22.33 11.37
CA PRO K 442 -49.29 -22.91 10.27
C PRO K 442 -50.16 -23.46 9.16
N THR K 443 -49.61 -23.43 7.95
CA THR K 443 -50.21 -24.09 6.81
C THR K 443 -49.89 -25.58 6.87
N GLU K 444 -50.66 -26.36 6.11
CA GLU K 444 -50.43 -27.82 6.11
C GLU K 444 -49.04 -28.16 5.58
N SER K 445 -48.62 -27.51 4.48
CA SER K 445 -47.30 -27.77 3.94
C SER K 445 -46.21 -27.31 4.89
N ALA K 446 -46.41 -26.16 5.55
CA ALA K 446 -45.45 -25.72 6.54
C ALA K 446 -45.36 -26.71 7.69
N THR K 447 -46.50 -27.20 8.17
CA THR K 447 -46.50 -28.19 9.24
C THR K 447 -45.86 -29.50 8.78
N GLN K 448 -46.19 -29.95 7.57
CA GLN K 448 -45.62 -31.19 7.08
C GLN K 448 -44.11 -31.08 6.90
N ASN K 449 -43.63 -29.93 6.44
CA ASN K 449 -42.19 -29.75 6.28
C ASN K 449 -41.48 -29.79 7.62
N LEU K 450 -42.03 -29.12 8.64
CA LEU K 450 -41.38 -29.13 9.95
C LEU K 450 -41.37 -30.53 10.55
N LYS K 451 -42.45 -31.30 10.34
CA LYS K 451 -42.48 -32.66 10.85
C LYS K 451 -41.38 -33.50 10.23
N GLU K 452 -41.13 -33.33 8.93
CA GLU K 452 -40.08 -34.10 8.27
C GLU K 452 -38.69 -33.62 8.65
N GLN K 453 -38.54 -32.33 8.93
CA GLN K 453 -37.24 -31.82 9.37
C GLN K 453 -36.94 -32.22 10.80
N VAL K 454 -37.93 -32.10 11.69
CA VAL K 454 -37.69 -32.35 13.11
C VAL K 454 -37.44 -33.83 13.36
N TYR K 455 -38.27 -34.69 12.79
CA TYR K 455 -38.20 -36.12 13.06
C TYR K 455 -37.38 -36.83 11.98
N VAL K 456 -36.75 -37.92 12.38
CA VAL K 456 -36.01 -38.77 11.45
C VAL K 456 -37.01 -39.44 10.52
N PRO K 457 -36.63 -39.82 9.30
CA PRO K 457 -37.62 -40.36 8.36
C PRO K 457 -38.31 -41.63 8.84
N SER K 458 -37.73 -42.34 9.81
CA SER K 458 -38.42 -43.50 10.37
C SER K 458 -39.66 -43.11 11.17
N MET K 459 -39.70 -41.89 11.70
CA MET K 459 -40.84 -41.44 12.48
C MET K 459 -41.87 -40.69 11.65
N TRP K 460 -41.63 -40.52 10.35
CA TRP K 460 -42.62 -39.94 9.46
C TRP K 460 -42.59 -40.62 8.10
N PRO L 55 -9.66 20.04 -74.45
CA PRO L 55 -8.69 19.40 -73.56
C PRO L 55 -9.34 18.35 -72.65
N PHE L 56 -10.62 18.09 -72.87
CA PHE L 56 -11.32 17.10 -72.06
C PHE L 56 -10.81 15.70 -72.37
N PRO L 57 -10.89 14.78 -71.41
CA PRO L 57 -10.40 13.41 -71.64
C PRO L 57 -11.07 12.73 -72.83
N LEU L 58 -12.33 13.05 -73.11
CA LEU L 58 -13.00 12.44 -74.25
C LEU L 58 -12.40 12.92 -75.58
N PHE L 59 -12.06 14.20 -75.66
CA PHE L 59 -11.46 14.72 -76.89
C PHE L 59 -10.05 14.19 -77.08
N GLN L 60 -9.25 14.17 -76.02
CA GLN L 60 -7.93 13.57 -76.09
C GLN L 60 -8.05 12.08 -76.40
N SER L 61 -7.25 11.60 -77.34
CA SER L 61 -7.34 10.22 -77.83
C SER L 61 -5.98 9.56 -77.78
N PRO L 62 -5.49 9.20 -76.59
CA PRO L 62 -4.27 8.39 -76.51
C PRO L 62 -4.44 7.00 -77.10
N ALA L 63 -5.67 6.51 -77.19
CA ALA L 63 -5.93 5.18 -77.74
C ALA L 63 -7.15 5.19 -78.64
N SER L 68 6.95 0.79 -80.10
CA SER L 68 8.36 0.70 -79.72
C SER L 68 8.54 -0.26 -78.54
N SER L 69 9.79 -0.64 -78.30
CA SER L 69 10.14 -1.58 -77.23
C SER L 69 9.35 -2.87 -77.34
N SER L 70 9.15 -3.33 -78.58
CA SER L 70 8.38 -4.55 -78.82
C SER L 70 9.11 -5.78 -78.30
N GLU L 71 10.43 -5.73 -78.22
CA GLU L 71 11.20 -6.89 -77.78
C GLU L 71 10.93 -7.23 -76.31
N LEU L 72 10.54 -6.23 -75.52
CA LEU L 72 10.27 -6.42 -74.10
C LEU L 72 8.76 -6.57 -73.89
N GLU L 73 8.36 -7.70 -73.31
CA GLU L 73 6.98 -7.97 -72.99
C GLU L 73 6.82 -8.12 -71.48
N SER L 74 5.64 -7.78 -70.99
CA SER L 74 5.36 -7.95 -69.56
C SER L 74 5.49 -9.41 -69.17
N ALA L 75 6.09 -9.65 -68.00
CA ALA L 75 6.33 -11.01 -67.55
C ALA L 75 5.00 -11.70 -67.20
N ASP L 76 5.08 -13.01 -67.03
CA ASP L 76 3.93 -13.78 -66.62
C ASP L 76 3.42 -13.25 -65.28
N PRO L 77 2.13 -12.92 -65.16
CA PRO L 77 1.64 -12.42 -63.86
C PRO L 77 1.86 -13.38 -62.72
N ASP L 78 1.91 -14.69 -63.00
CA ASP L 78 2.21 -15.66 -61.95
C ASP L 78 3.60 -15.47 -61.38
N PHE L 79 4.52 -14.91 -62.17
CA PHE L 79 5.89 -14.72 -61.69
C PHE L 79 5.93 -13.85 -60.45
N TYR L 80 5.25 -12.70 -60.49
CA TYR L 80 5.16 -11.87 -59.31
C TYR L 80 4.16 -12.41 -58.30
N LYS L 81 3.10 -13.07 -58.77
CA LYS L 81 2.07 -13.56 -57.85
C LYS L 81 2.61 -14.63 -56.92
N ILE L 82 3.40 -15.58 -57.45
CA ILE L 82 3.93 -16.64 -56.59
C ILE L 82 4.86 -16.08 -55.53
N GLY L 83 5.45 -14.92 -55.77
CA GLY L 83 6.24 -14.26 -54.76
C GLY L 83 5.40 -13.37 -53.90
N TYR L 84 4.39 -12.73 -54.49
CA TYR L 84 3.54 -11.80 -53.75
C TYR L 84 2.85 -12.49 -52.59
N VAL L 85 2.40 -13.74 -52.79
CA VAL L 85 1.79 -14.48 -51.70
C VAL L 85 2.79 -14.80 -50.60
N ARG L 86 4.09 -14.77 -50.89
CA ARG L 86 5.12 -15.02 -49.90
C ARG L 86 5.70 -13.73 -49.33
N ARG L 87 4.89 -12.67 -49.27
CA ARG L 87 5.29 -11.39 -48.68
C ARG L 87 6.45 -10.77 -49.46
N VAL L 88 6.37 -10.83 -50.78
CA VAL L 88 7.30 -10.12 -51.66
C VAL L 88 6.55 -8.95 -52.28
N ARG L 89 7.04 -7.74 -52.04
CA ARG L 89 6.43 -6.53 -52.56
C ARG L 89 7.41 -5.78 -53.43
N ALA L 90 6.99 -5.45 -54.65
CA ALA L 90 7.75 -4.60 -55.55
C ALA L 90 6.97 -3.30 -55.72
N TYR L 91 7.61 -2.17 -55.41
CA TYR L 91 6.95 -0.88 -55.38
C TYR L 91 7.39 -0.06 -56.59
N GLY L 92 6.42 0.33 -57.42
CA GLY L 92 6.71 1.20 -58.54
C GLY L 92 7.49 0.58 -59.67
N VAL L 93 7.68 -0.74 -59.67
CA VAL L 93 8.44 -1.43 -60.70
C VAL L 93 7.63 -2.61 -61.20
N GLU L 94 7.99 -3.08 -62.39
CA GLU L 94 7.37 -4.24 -62.99
C GLU L 94 8.44 -5.07 -63.70
N PHE L 95 8.19 -6.36 -63.80
CA PHE L 95 9.12 -7.28 -64.42
C PHE L 95 8.77 -7.44 -65.90
N LYS L 96 9.74 -7.22 -66.76
CA LYS L 96 9.58 -7.41 -68.20
C LYS L 96 10.61 -8.40 -68.70
N GLU L 97 10.22 -9.17 -69.70
CA GLU L 97 11.09 -10.19 -70.29
C GLU L 97 11.23 -9.95 -71.78
N GLY L 98 12.34 -10.43 -72.33
CA GLY L 98 12.61 -10.30 -73.74
C GLY L 98 13.58 -11.36 -74.21
N PRO L 99 14.08 -11.21 -75.44
CA PRO L 99 15.07 -12.17 -75.94
C PRO L 99 16.33 -12.22 -75.10
N ASP L 100 16.76 -11.09 -74.56
CA ASP L 100 17.94 -11.08 -73.69
C ASP L 100 17.66 -11.81 -72.38
N GLY L 101 16.48 -11.63 -71.82
CA GLY L 101 16.12 -12.25 -70.57
C GLY L 101 15.11 -11.41 -69.82
N PHE L 102 15.09 -11.58 -68.51
CA PHE L 102 14.17 -10.84 -67.65
C PHE L 102 14.72 -9.44 -67.40
N GLY L 103 14.12 -8.73 -66.46
CA GLY L 103 14.55 -7.39 -66.13
C GLY L 103 13.47 -6.62 -65.39
N ILE L 104 13.88 -5.68 -64.54
CA ILE L 104 12.96 -4.87 -63.74
C ILE L 104 12.97 -3.46 -64.30
N TYR L 105 11.80 -2.97 -64.68
CA TYR L 105 11.67 -1.65 -65.27
C TYR L 105 10.61 -0.87 -64.50
N ALA L 106 10.89 0.41 -64.27
CA ALA L 106 10.01 1.24 -63.45
C ALA L 106 8.64 1.38 -64.10
N SER L 107 7.59 1.21 -63.28
CA SER L 107 6.23 1.39 -63.74
C SER L 107 5.79 2.86 -63.69
N LYS L 108 6.59 3.73 -63.13
CA LYS L 108 6.25 5.15 -63.01
C LYS L 108 7.53 5.93 -62.74
N ASP L 109 7.40 7.25 -62.80
CA ASP L 109 8.53 8.11 -62.46
C ASP L 109 8.79 8.05 -60.96
N ILE L 110 10.04 7.82 -60.58
CA ILE L 110 10.44 7.72 -59.19
C ILE L 110 11.00 9.08 -58.79
N GLU L 111 10.17 9.88 -58.15
CA GLU L 111 10.60 11.21 -57.72
C GLU L 111 11.57 11.08 -56.56
N PRO L 112 12.76 11.68 -56.65
CA PRO L 112 13.76 11.49 -55.58
C PRO L 112 13.32 12.11 -54.27
N ARG L 113 13.73 11.49 -53.18
CA ARG L 113 13.41 11.93 -51.83
C ARG L 113 14.70 12.23 -51.08
N ARG L 114 14.57 12.52 -49.78
CA ARG L 114 15.74 12.79 -48.97
C ARG L 114 16.63 11.55 -48.86
N ARG L 115 16.01 10.38 -48.70
CA ARG L 115 16.74 9.14 -48.48
C ARG L 115 16.36 8.13 -49.57
N ALA L 116 17.02 6.99 -49.56
CA ALA L 116 16.79 5.95 -50.56
C ALA L 116 15.34 5.45 -50.48
N ARG L 117 14.78 5.14 -51.63
CA ARG L 117 13.41 4.65 -51.73
C ARG L 117 13.40 3.14 -51.88
N VAL L 118 12.49 2.50 -51.14
CA VAL L 118 12.37 1.05 -51.21
C VAL L 118 11.75 0.64 -52.53
N ILE L 119 12.39 -0.29 -53.23
CA ILE L 119 11.91 -0.79 -54.50
C ILE L 119 11.34 -2.19 -54.37
N MET L 120 12.09 -3.10 -53.74
CA MET L 120 11.66 -4.48 -53.60
C MET L 120 12.00 -4.98 -52.21
N GLU L 121 11.22 -5.97 -51.76
CA GLU L 121 11.47 -6.63 -50.49
C GLU L 121 11.34 -8.13 -50.70
N ILE L 122 12.33 -8.89 -50.23
CA ILE L 122 12.36 -10.33 -50.36
C ILE L 122 12.54 -10.94 -48.97
N PRO L 123 11.60 -11.75 -48.50
CA PRO L 123 11.80 -12.42 -47.21
C PRO L 123 12.93 -13.44 -47.26
N HIS L 124 13.51 -13.69 -46.09
CA HIS L 124 14.64 -14.60 -46.00
C HIS L 124 14.25 -16.01 -46.39
N GLU L 125 13.06 -16.46 -46.00
CA GLU L 125 12.67 -17.85 -46.19
C GLU L 125 12.58 -18.23 -47.66
N LEU L 126 12.50 -17.25 -48.57
CA LEU L 126 12.45 -17.56 -49.99
C LEU L 126 13.83 -17.76 -50.62
N MET L 127 14.90 -17.47 -49.89
CA MET L 127 16.24 -17.52 -50.44
C MET L 127 16.94 -18.83 -50.09
N ILE L 128 18.05 -19.07 -50.76
CA ILE L 128 18.96 -20.16 -50.45
C ILE L 128 20.29 -19.54 -50.04
N THR L 129 20.70 -19.77 -48.80
CA THR L 129 21.88 -19.11 -48.25
C THR L 129 22.81 -20.14 -47.63
N ILE L 130 24.10 -19.96 -47.88
CA ILE L 130 25.14 -20.81 -47.29
C ILE L 130 26.31 -19.91 -46.90
N ARG L 131 26.92 -20.22 -45.74
CA ARG L 131 28.04 -19.43 -45.27
C ARG L 131 29.22 -19.52 -46.24
N GLN L 132 29.92 -18.40 -46.40
CA GLN L 132 31.10 -18.40 -47.26
C GLN L 132 32.27 -19.10 -46.60
N LYS L 133 32.31 -19.13 -45.28
CA LYS L 133 33.43 -19.70 -44.54
C LYS L 133 32.98 -20.94 -43.78
N HIS L 134 33.86 -21.93 -43.72
CA HIS L 134 33.58 -23.15 -42.99
C HIS L 134 33.33 -22.82 -41.52
N PRO L 135 32.40 -23.51 -40.85
CA PRO L 135 31.54 -24.61 -41.32
C PRO L 135 30.41 -24.15 -42.23
N TRP L 136 29.87 -25.06 -43.04
CA TRP L 136 28.81 -24.74 -43.99
C TRP L 136 27.46 -24.92 -43.29
N MET L 137 26.89 -23.82 -42.82
CA MET L 137 25.56 -23.82 -42.23
C MET L 137 24.60 -23.15 -43.19
N PHE L 138 23.47 -23.79 -43.45
CA PHE L 138 22.46 -23.27 -44.36
C PHE L 138 21.37 -22.58 -43.55
N PHE L 139 21.07 -21.35 -43.91
CA PHE L 139 20.01 -20.59 -43.29
C PHE L 139 18.76 -20.64 -44.15
N PRO L 140 17.59 -20.29 -43.60
CA PRO L 140 16.41 -21.11 -43.87
C PRO L 140 16.80 -22.54 -44.15
N ASP L 141 17.13 -23.26 -43.07
CA ASP L 141 17.69 -24.60 -43.13
C ASP L 141 16.76 -25.56 -43.86
N ILE L 142 17.24 -26.10 -44.98
CA ILE L 142 16.44 -27.02 -45.77
C ILE L 142 17.01 -28.43 -45.76
N VAL L 143 18.31 -28.59 -45.56
CA VAL L 143 18.94 -29.91 -45.57
C VAL L 143 18.68 -30.59 -44.23
N PRO L 144 18.01 -31.74 -44.21
CA PRO L 144 17.79 -32.45 -42.95
C PRO L 144 19.08 -33.01 -42.40
N ILE L 145 19.09 -33.20 -41.08
CA ILE L 145 20.26 -33.77 -40.42
C ILE L 145 20.46 -35.19 -40.89
N GLY L 146 21.69 -35.53 -41.25
CA GLY L 146 22.00 -36.85 -41.75
C GLY L 146 21.74 -37.06 -43.23
N HIS L 147 21.23 -36.04 -43.92
CA HIS L 147 20.98 -36.18 -45.35
C HIS L 147 22.30 -36.35 -46.09
N PRO L 148 22.38 -37.28 -47.04
CA PRO L 148 23.66 -37.52 -47.74
C PRO L 148 24.13 -36.33 -48.56
N ILE L 149 23.25 -35.38 -48.90
CA ILE L 149 23.68 -34.23 -49.68
C ILE L 149 24.65 -33.34 -48.89
N PHE L 150 24.58 -33.37 -47.56
CA PHE L 150 25.51 -32.58 -46.78
C PHE L 150 26.94 -33.09 -46.89
N ASP L 151 27.11 -34.42 -46.99
CA ASP L 151 28.45 -34.97 -47.16
C ASP L 151 29.07 -34.51 -48.47
N ILE L 152 28.27 -34.44 -49.53
CA ILE L 152 28.76 -33.92 -50.80
C ILE L 152 29.17 -32.46 -50.64
N ILE L 153 28.33 -31.66 -49.98
CA ILE L 153 28.64 -30.25 -49.77
C ILE L 153 29.88 -30.10 -48.89
N ASN L 154 29.95 -30.87 -47.80
CA ASN L 154 31.07 -30.73 -46.88
C ASN L 154 32.38 -31.21 -47.47
N SER L 155 32.33 -32.00 -48.54
CA SER L 155 33.54 -32.48 -49.22
C SER L 155 33.86 -31.59 -50.41
N THR L 156 34.06 -30.31 -50.12
CA THR L 156 34.33 -29.31 -51.15
C THR L 156 35.47 -28.41 -50.70
N ASP L 157 36.08 -27.73 -51.67
CA ASP L 157 37.12 -26.78 -51.35
C ASP L 157 36.54 -25.60 -50.58
N PRO L 158 37.12 -25.22 -49.44
CA PRO L 158 36.54 -24.14 -48.64
C PRO L 158 36.48 -22.80 -49.36
N GLU L 159 37.35 -22.55 -50.33
CA GLU L 159 37.41 -21.24 -50.99
C GLU L 159 37.20 -21.29 -52.49
N ARG L 160 37.36 -22.45 -53.13
CA ARG L 160 37.20 -22.55 -54.57
C ARG L 160 35.84 -23.10 -54.99
N ASP L 161 35.21 -23.90 -54.14
CA ASP L 161 33.97 -24.60 -54.48
C ASP L 161 32.75 -23.96 -53.85
N TRP L 162 32.72 -22.63 -53.76
CA TRP L 162 31.51 -21.95 -53.29
C TRP L 162 30.35 -22.18 -54.25
N ASP L 163 30.63 -22.17 -55.55
CA ASP L 163 29.57 -22.40 -56.54
C ASP L 163 29.04 -23.81 -56.46
N LEU L 164 29.91 -24.79 -56.23
CA LEU L 164 29.46 -26.18 -56.13
C LEU L 164 28.52 -26.37 -54.95
N ARG L 165 28.83 -25.77 -53.81
CA ARG L 165 27.97 -25.92 -52.64
C ARG L 165 26.61 -25.28 -52.88
N LEU L 166 26.55 -24.18 -53.63
CA LEU L 166 25.26 -23.60 -53.99
C LEU L 166 24.51 -24.44 -55.00
N ALA L 167 25.23 -25.07 -55.93
CA ALA L 167 24.57 -25.92 -56.92
C ALA L 167 23.91 -27.12 -56.27
N CYS L 168 24.58 -27.71 -55.28
CA CYS L 168 23.98 -28.84 -54.56
C CYS L 168 22.72 -28.41 -53.84
N LEU L 169 22.74 -27.25 -53.20
CA LEU L 169 21.54 -26.72 -52.56
C LEU L 169 20.48 -26.39 -53.60
N LEU L 170 20.89 -25.84 -54.75
CA LEU L 170 19.93 -25.50 -55.79
C LEU L 170 19.21 -26.74 -56.32
N LEU L 171 19.96 -27.81 -56.58
CA LEU L 171 19.34 -29.05 -57.02
C LEU L 171 18.50 -29.66 -55.89
N PHE L 172 18.99 -29.58 -54.66
CA PHE L 172 18.24 -30.09 -53.52
C PHE L 172 16.92 -29.35 -53.35
N SER L 173 16.94 -28.03 -53.54
CA SER L 173 15.73 -27.24 -53.38
C SER L 173 14.69 -27.60 -54.43
N PHE L 174 15.12 -27.86 -55.66
CA PHE L 174 14.17 -28.25 -56.71
C PHE L 174 13.48 -29.56 -56.38
N ASP L 175 14.19 -30.47 -55.71
CA ASP L 175 13.58 -31.74 -55.33
C ASP L 175 12.56 -31.58 -54.21
N ARG L 176 12.80 -30.66 -53.28
CA ARG L 176 11.88 -30.46 -52.18
C ARG L 176 10.54 -29.94 -52.69
N GLU L 177 9.46 -30.53 -52.19
CA GLU L 177 8.13 -30.14 -52.66
C GLU L 177 7.68 -28.82 -52.04
N ASP L 178 8.03 -28.58 -50.78
CA ASP L 178 7.57 -27.39 -50.08
C ASP L 178 8.45 -26.17 -50.35
N HIS L 179 9.63 -26.35 -50.95
CA HIS L 179 10.53 -25.23 -51.16
C HIS L 179 10.00 -24.30 -52.23
N PHE L 180 10.17 -22.99 -52.01
CA PHE L 180 9.68 -22.01 -52.96
C PHE L 180 10.44 -22.07 -54.28
N TRP L 181 11.71 -22.43 -54.24
CA TRP L 181 12.53 -22.42 -55.45
C TRP L 181 12.13 -23.48 -56.45
N ARG L 182 11.34 -24.48 -56.05
CA ARG L 182 10.82 -25.43 -57.02
C ARG L 182 9.82 -24.77 -57.96
N LEU L 183 9.19 -23.68 -57.54
CA LEU L 183 8.34 -22.88 -58.41
C LEU L 183 9.15 -21.81 -59.13
N TYR L 184 10.00 -21.09 -58.40
CA TYR L 184 10.82 -20.04 -59.00
C TYR L 184 11.83 -20.60 -59.99
N GLY L 185 12.16 -21.89 -59.89
CA GLY L 185 13.09 -22.49 -60.82
C GLY L 185 12.57 -22.57 -62.24
N ASP L 186 11.25 -22.51 -62.43
CA ASP L 186 10.69 -22.51 -63.77
C ASP L 186 11.00 -21.24 -64.53
N PHE L 187 11.24 -20.14 -63.83
CA PHE L 187 11.58 -18.87 -64.46
C PHE L 187 13.08 -18.69 -64.64
N LEU L 188 13.88 -19.64 -64.19
CA LEU L 188 15.30 -19.60 -64.47
C LEU L 188 15.55 -19.96 -65.94
N PRO L 189 16.59 -19.40 -66.55
CA PRO L 189 16.90 -19.76 -67.93
C PRO L 189 17.34 -21.21 -68.02
N ALA L 190 17.02 -21.84 -69.16
CA ALA L 190 17.38 -23.22 -69.38
C ALA L 190 18.88 -23.33 -69.69
N ALA L 191 19.30 -24.54 -70.02
CA ALA L 191 20.71 -24.76 -70.34
C ALA L 191 21.13 -23.97 -71.58
N ASP L 192 20.25 -23.89 -72.58
CA ASP L 192 20.54 -23.12 -73.78
C ASP L 192 20.35 -21.62 -73.57
N GLU L 193 19.38 -21.22 -72.74
CA GLU L 193 19.12 -19.80 -72.53
C GLU L 193 20.14 -19.14 -71.62
N CYS L 194 20.76 -19.90 -70.71
CA CYS L 194 21.74 -19.32 -69.80
C CYS L 194 22.97 -18.87 -70.56
N SER L 195 23.49 -17.70 -70.18
CA SER L 195 24.62 -17.08 -70.86
C SER L 195 25.96 -17.40 -70.20
N SER L 196 25.98 -18.28 -69.21
CA SER L 196 27.23 -18.61 -68.54
C SER L 196 28.18 -19.32 -69.50
N LEU L 197 29.45 -18.94 -69.45
CA LEU L 197 30.46 -19.58 -70.29
C LEU L 197 30.73 -21.02 -69.87
N LEU L 198 30.33 -21.41 -68.67
CA LEU L 198 30.55 -22.79 -68.23
C LEU L 198 29.80 -23.79 -69.09
N LEU L 199 28.71 -23.36 -69.73
CA LEU L 199 27.94 -24.21 -70.63
C LEU L 199 28.44 -24.16 -72.06
N ALA L 200 29.37 -23.27 -72.38
CA ALA L 200 29.84 -23.11 -73.75
C ALA L 200 30.77 -24.26 -74.14
N THR L 201 30.78 -24.57 -75.43
CA THR L 201 31.66 -25.60 -75.99
C THR L 201 32.85 -24.94 -76.67
N GLU L 202 33.70 -25.78 -77.27
CA GLU L 202 34.92 -25.28 -77.89
C GLU L 202 34.63 -24.35 -79.07
N GLU L 203 33.50 -24.55 -79.75
CA GLU L 203 33.17 -23.69 -80.87
C GLU L 203 32.99 -22.25 -80.43
N ASP L 204 32.31 -22.04 -79.30
CA ASP L 204 32.16 -20.68 -78.77
C ASP L 204 33.46 -20.21 -78.11
N LEU L 205 34.15 -21.12 -77.42
CA LEU L 205 35.39 -20.73 -76.75
C LEU L 205 36.48 -20.35 -77.76
N ALA L 206 36.59 -21.10 -78.86
CA ALA L 206 37.56 -20.74 -79.87
C ALA L 206 37.26 -19.37 -80.47
N GLU L 207 35.98 -19.11 -80.75
CA GLU L 207 35.57 -17.80 -81.25
C GLU L 207 35.77 -16.70 -80.23
N LEU L 208 35.86 -17.04 -78.94
CA LEU L 208 36.04 -16.02 -77.91
C LEU L 208 37.33 -15.24 -78.10
N GLN L 209 38.39 -15.89 -78.59
CA GLN L 209 39.67 -15.25 -78.90
C GLN L 209 40.28 -14.61 -77.65
N ASP L 210 40.52 -15.45 -76.66
CA ASP L 210 41.18 -15.03 -75.42
C ASP L 210 41.81 -16.25 -74.76
N PRO L 211 43.09 -16.52 -75.03
CA PRO L 211 43.71 -17.73 -74.46
C PRO L 211 43.64 -17.80 -72.94
N GLN L 212 43.78 -16.66 -72.26
CA GLN L 212 43.70 -16.66 -70.80
C GLN L 212 42.28 -16.98 -70.32
N LEU L 213 41.28 -16.34 -70.92
CA LEU L 213 39.90 -16.57 -70.49
C LEU L 213 39.44 -17.98 -70.86
N VAL L 214 39.81 -18.46 -72.04
CA VAL L 214 39.42 -19.80 -72.46
C VAL L 214 40.05 -20.85 -71.56
N SER L 215 41.32 -20.67 -71.21
CA SER L 215 41.99 -21.62 -70.32
C SER L 215 41.30 -21.68 -68.96
N THR L 216 40.90 -20.52 -68.43
CA THR L 216 40.19 -20.51 -67.15
C THR L 216 38.84 -21.20 -67.25
N ILE L 217 38.10 -20.93 -68.33
CA ILE L 217 36.78 -21.53 -68.50
C ILE L 217 36.90 -23.04 -68.62
N ARG L 218 37.82 -23.51 -69.45
CA ARG L 218 38.03 -24.94 -69.59
C ARG L 218 38.56 -25.57 -68.32
N GLN L 219 39.28 -24.81 -67.49
CA GLN L 219 39.70 -25.32 -66.19
C GLN L 219 38.51 -25.52 -65.28
N GLN L 220 37.57 -24.57 -65.28
CA GLN L 220 36.37 -24.71 -64.46
C GLN L 220 35.51 -25.89 -64.91
N GLN L 221 35.40 -26.08 -66.22
CA GLN L 221 34.57 -27.17 -66.74
C GLN L 221 35.07 -28.52 -66.24
N LYS L 222 36.39 -28.73 -66.26
CA LYS L 222 36.94 -29.96 -65.73
C LYS L 222 36.66 -30.10 -64.25
N ARG L 223 36.81 -29.01 -63.49
CA ARG L 223 36.59 -29.07 -62.05
C ARG L 223 35.13 -29.41 -61.72
N VAL L 224 34.19 -28.79 -62.43
CA VAL L 224 32.78 -29.03 -62.15
C VAL L 224 32.39 -30.44 -62.59
N LEU L 225 32.83 -30.85 -63.79
CA LEU L 225 32.45 -32.15 -64.30
C LEU L 225 33.02 -33.28 -63.44
N GLU L 226 34.28 -33.15 -63.01
CA GLU L 226 34.87 -34.18 -62.18
C GLU L 226 34.21 -34.25 -60.81
N PHE L 227 33.75 -33.13 -60.28
CA PHE L 227 33.02 -33.15 -59.01
C PHE L 227 31.73 -33.94 -59.14
N TRP L 228 31.01 -33.78 -60.25
CA TRP L 228 29.82 -34.57 -60.48
C TRP L 228 30.15 -36.05 -60.60
N GLU L 229 31.24 -36.38 -61.29
CA GLU L 229 31.61 -37.78 -61.45
C GLU L 229 31.92 -38.42 -60.11
N LYS L 230 32.61 -37.71 -59.22
CA LYS L 230 32.96 -38.27 -57.93
C LYS L 230 31.73 -38.49 -57.05
N ASN L 231 30.80 -37.54 -57.06
CA ASN L 231 29.68 -37.55 -56.12
C ASN L 231 28.37 -38.06 -56.72
N TRP L 232 28.36 -38.41 -58.01
CA TRP L 232 27.15 -38.94 -58.65
C TRP L 232 27.48 -40.20 -59.43
N HIS L 233 28.18 -41.12 -58.78
CA HIS L 233 28.47 -42.42 -59.37
C HIS L 233 27.24 -43.32 -59.25
N SER L 234 27.41 -44.61 -59.54
CA SER L 234 26.28 -45.53 -59.52
C SER L 234 25.84 -45.94 -58.12
N GLY L 235 26.71 -45.76 -57.13
CA GLY L 235 26.43 -46.19 -55.77
C GLY L 235 25.76 -45.16 -54.88
N VAL L 236 25.36 -44.02 -55.40
CA VAL L 236 24.73 -42.98 -54.59
C VAL L 236 23.30 -43.36 -54.28
N PRO L 237 22.73 -42.89 -53.17
CA PRO L 237 21.31 -43.13 -52.92
C PRO L 237 20.45 -42.42 -53.95
N LEU L 238 19.23 -42.94 -54.12
CA LEU L 238 18.32 -42.37 -55.12
C LEU L 238 18.01 -40.91 -54.81
N LYS L 239 17.88 -40.57 -53.52
CA LYS L 239 17.62 -39.17 -53.15
C LYS L 239 18.73 -38.24 -53.61
N ILE L 240 19.94 -38.77 -53.83
CA ILE L 240 21.02 -37.98 -54.39
C ILE L 240 21.07 -38.12 -55.90
N LYS L 241 20.85 -39.33 -56.41
CA LYS L 241 20.93 -39.57 -57.84
C LYS L 241 19.90 -38.75 -58.61
N ARG L 242 18.68 -38.66 -58.09
CA ARG L 242 17.63 -37.94 -58.80
C ARG L 242 17.90 -36.44 -58.87
N LEU L 243 18.75 -35.90 -57.99
CA LEU L 243 19.09 -34.49 -58.07
C LEU L 243 19.80 -34.16 -59.37
N ALA L 244 20.76 -34.99 -59.78
CA ALA L 244 21.50 -34.81 -61.02
C ALA L 244 21.48 -36.14 -61.76
N GLU L 245 20.45 -36.35 -62.58
CA GLU L 245 20.33 -37.60 -63.32
C GLU L 245 21.43 -37.72 -64.38
N ASP L 246 21.88 -36.60 -64.93
CA ASP L 246 22.94 -36.59 -65.92
C ASP L 246 23.95 -35.50 -65.56
N ALA L 247 25.15 -35.63 -66.12
CA ALA L 247 26.20 -34.66 -65.84
C ALA L 247 25.83 -33.27 -66.32
N GLU L 248 25.04 -33.18 -67.40
CA GLU L 248 24.71 -31.88 -67.97
C GLU L 248 23.93 -31.01 -66.99
N ARG L 249 22.99 -31.62 -66.26
CA ARG L 249 22.14 -30.83 -65.36
C ARG L 249 22.97 -30.18 -64.26
N PHE L 250 23.95 -30.90 -63.71
CA PHE L 250 24.79 -30.31 -62.68
C PHE L 250 25.60 -29.15 -63.21
N ILE L 251 26.01 -29.21 -64.48
CA ILE L 251 26.68 -28.07 -65.10
C ILE L 251 25.76 -26.86 -65.12
N TRP L 252 24.49 -27.09 -65.46
CA TRP L 252 23.52 -26.00 -65.45
C TRP L 252 23.30 -25.47 -64.04
N ALA L 253 23.30 -26.35 -63.05
CA ALA L 253 23.13 -25.92 -61.67
C ALA L 253 24.27 -25.01 -61.22
N VAL L 254 25.52 -25.38 -61.56
CA VAL L 254 26.65 -24.55 -61.20
C VAL L 254 26.61 -23.23 -61.97
N SER L 255 26.15 -23.27 -63.23
CA SER L 255 26.05 -22.04 -64.01
C SER L 255 25.08 -21.06 -63.37
N ILE L 256 23.94 -21.56 -62.89
CA ILE L 256 22.99 -20.68 -62.19
C ILE L 256 23.60 -20.15 -60.90
N ALA L 257 24.31 -21.02 -60.15
CA ALA L 257 24.91 -20.58 -58.90
C ALA L 257 25.96 -19.50 -59.13
N GLN L 258 26.80 -19.68 -60.15
CA GLN L 258 27.82 -18.67 -60.44
C GLN L 258 27.19 -17.36 -60.91
N THR L 259 26.18 -17.45 -61.78
CA THR L 259 25.62 -16.27 -62.40
C THR L 259 24.55 -15.60 -61.55
N ARG L 260 24.21 -16.14 -60.38
CA ARG L 260 23.15 -15.54 -59.57
C ARG L 260 23.47 -15.46 -58.08
N CYS L 261 24.64 -15.91 -57.63
CA CYS L 261 25.00 -15.76 -56.23
C CYS L 261 25.21 -14.28 -55.90
N ILE L 262 24.79 -13.88 -54.71
CA ILE L 262 24.95 -12.51 -54.23
C ILE L 262 25.54 -12.60 -52.82
N SER L 263 26.85 -12.48 -52.73
CA SER L 263 27.51 -12.49 -51.43
C SER L 263 27.21 -11.21 -50.67
N MET L 264 26.94 -11.34 -49.38
CA MET L 264 26.57 -10.18 -48.58
C MET L 264 26.72 -10.54 -47.10
N LYS L 265 27.14 -9.56 -46.31
CA LYS L 265 27.24 -9.71 -44.87
C LYS L 265 25.90 -9.36 -44.24
N THR L 266 25.21 -10.36 -43.72
CA THR L 266 23.88 -10.18 -43.16
C THR L 266 23.86 -10.59 -41.70
N ARG L 267 23.07 -9.87 -40.90
CA ARG L 267 22.88 -10.19 -39.49
C ARG L 267 21.57 -10.94 -39.34
N ILE L 268 21.65 -12.23 -39.05
CA ILE L 268 20.49 -13.07 -38.81
C ILE L 268 20.39 -13.27 -37.30
N GLY L 269 19.42 -12.62 -36.68
CA GLY L 269 19.35 -12.65 -35.22
C GLY L 269 20.55 -11.96 -34.63
N ALA L 270 21.27 -12.66 -33.76
CA ALA L 270 22.45 -12.13 -33.11
C ALA L 270 23.75 -12.49 -33.83
N LEU L 271 23.66 -13.17 -34.96
CA LEU L 271 24.83 -13.70 -35.66
C LEU L 271 25.06 -12.91 -36.94
N VAL L 272 26.32 -12.53 -37.17
CA VAL L 272 26.73 -11.80 -38.37
C VAL L 272 27.71 -12.68 -39.13
N GLN L 273 27.48 -12.82 -40.44
CA GLN L 273 28.27 -13.72 -41.25
C GLN L 273 28.13 -13.33 -42.72
N ASP L 274 28.99 -13.92 -43.55
CA ASP L 274 28.96 -13.71 -44.99
C ASP L 274 28.29 -14.93 -45.63
N LEU L 275 27.26 -14.68 -46.43
CA LEU L 275 26.46 -15.74 -47.02
C LEU L 275 26.50 -15.65 -48.53
N ASN L 276 26.72 -16.78 -49.19
CA ASN L 276 26.57 -16.90 -50.64
C ASN L 276 25.09 -17.11 -50.92
N MET L 277 24.36 -16.02 -51.05
CA MET L 277 22.91 -16.05 -51.10
C MET L 277 22.40 -16.29 -52.52
N MET L 278 21.16 -16.76 -52.60
CA MET L 278 20.48 -17.08 -53.85
C MET L 278 19.13 -16.36 -53.90
N ILE L 279 19.15 -15.05 -53.67
CA ILE L 279 17.91 -14.30 -53.51
C ILE L 279 17.10 -14.35 -54.80
N PRO L 280 15.82 -14.69 -54.75
CA PRO L 280 14.96 -14.59 -55.93
C PRO L 280 14.44 -13.18 -56.13
N TYR L 281 14.07 -12.88 -57.38
CA TYR L 281 13.52 -11.60 -57.81
C TYR L 281 14.56 -10.48 -57.73
N ALA L 282 15.70 -10.73 -57.08
CA ALA L 282 16.76 -9.75 -56.99
C ALA L 282 17.91 -10.03 -57.92
N ASP L 283 18.15 -11.31 -58.25
CA ASP L 283 19.08 -11.65 -59.31
C ASP L 283 18.60 -11.12 -60.65
N MET L 284 17.29 -10.98 -60.84
CA MET L 284 16.76 -10.49 -62.10
C MET L 284 17.24 -9.08 -62.42
N LEU L 285 17.71 -8.34 -61.43
CA LEU L 285 18.30 -7.03 -61.68
C LEU L 285 19.56 -7.18 -62.53
N ASN L 286 19.65 -6.40 -63.59
CA ASN L 286 20.81 -6.47 -64.46
C ASN L 286 21.97 -5.66 -63.87
N HIS L 287 23.13 -5.80 -64.49
CA HIS L 287 24.36 -5.21 -63.98
C HIS L 287 24.66 -3.89 -64.69
N SER L 288 25.19 -2.95 -63.93
CA SER L 288 25.68 -1.69 -64.48
C SER L 288 26.66 -1.09 -63.49
N PHE L 289 27.79 -0.61 -63.99
CA PHE L 289 28.80 -0.02 -63.13
C PHE L 289 28.39 1.35 -62.59
N GLU L 290 27.27 1.90 -63.07
CA GLU L 290 26.67 3.10 -62.51
C GLU L 290 25.23 2.77 -62.14
N PRO L 291 25.03 1.97 -61.09
CA PRO L 291 23.69 1.47 -60.77
C PRO L 291 22.76 2.58 -60.30
N ASN L 292 21.47 2.37 -60.54
CA ASN L 292 20.43 3.24 -60.01
C ASN L 292 19.81 2.71 -58.73
N CYS L 293 20.25 1.55 -58.25
CA CYS L 293 19.74 0.97 -57.01
C CYS L 293 20.78 0.02 -56.45
N PHE L 294 20.62 -0.30 -55.17
CA PHE L 294 21.56 -1.17 -54.47
C PHE L 294 20.79 -2.11 -53.56
N LEU L 295 21.49 -3.11 -53.04
CA LEU L 295 20.90 -4.12 -52.17
C LEU L 295 21.23 -3.79 -50.72
N HIS L 296 20.19 -3.73 -49.87
CA HIS L 296 20.35 -3.48 -48.45
C HIS L 296 19.62 -4.57 -47.68
N TRP L 297 20.31 -5.16 -46.71
CA TRP L 297 19.75 -6.24 -45.90
C TRP L 297 19.18 -5.65 -44.61
N ARG L 298 17.89 -5.86 -44.39
CA ARG L 298 17.23 -5.41 -43.18
C ARG L 298 17.17 -6.55 -42.19
N PRO L 299 17.83 -6.46 -41.04
CA PRO L 299 18.02 -7.64 -40.20
C PRO L 299 16.85 -7.94 -39.26
N LYS L 300 16.07 -6.92 -38.91
CA LYS L 300 15.01 -7.10 -37.91
C LYS L 300 13.94 -8.06 -38.42
N ASP L 301 13.55 -7.93 -39.68
CA ASP L 301 12.54 -8.82 -40.26
C ASP L 301 13.12 -9.75 -41.31
N ARG L 302 14.44 -9.84 -41.41
CA ARG L 302 15.10 -10.73 -42.36
C ARG L 302 14.62 -10.49 -43.79
N ILE L 303 14.51 -9.22 -44.15
CA ILE L 303 14.04 -8.79 -45.47
C ILE L 303 15.21 -8.17 -46.21
N LEU L 304 15.44 -8.61 -47.44
CA LEU L 304 16.44 -8.00 -48.31
C LEU L 304 15.77 -6.88 -49.09
N GLU L 305 16.19 -5.65 -48.84
CA GLU L 305 15.61 -4.49 -49.47
C GLU L 305 16.42 -4.08 -50.70
N VAL L 306 15.73 -3.88 -51.81
CA VAL L 306 16.32 -3.27 -53.00
C VAL L 306 15.95 -1.80 -52.94
N MET L 307 16.94 -0.93 -52.81
CA MET L 307 16.71 0.49 -52.60
C MET L 307 17.38 1.29 -53.70
N SER L 308 16.62 2.19 -54.32
CA SER L 308 17.19 3.12 -55.29
C SER L 308 18.08 4.13 -54.59
N ASN L 309 19.10 4.60 -55.30
CA ASN L 309 20.05 5.54 -54.71
C ASN L 309 19.33 6.80 -54.25
N ALA L 310 19.72 7.30 -53.08
CA ALA L 310 19.06 8.46 -52.50
C ALA L 310 19.27 9.69 -53.36
N GLY L 311 18.20 10.48 -53.51
CA GLY L 311 18.29 11.72 -54.26
C GLY L 311 18.46 11.54 -55.75
N GLN L 312 18.16 10.36 -56.28
CA GLN L 312 18.28 10.08 -57.70
C GLN L 312 16.89 9.82 -58.27
N ALA L 313 16.56 10.49 -59.37
CA ALA L 313 15.28 10.31 -60.04
C ALA L 313 15.36 9.21 -61.07
N ILE L 314 14.33 8.36 -61.09
CA ILE L 314 14.22 7.29 -62.08
C ILE L 314 13.00 7.60 -62.94
N LYS L 315 13.21 7.68 -64.25
CA LYS L 315 12.13 8.01 -65.17
C LYS L 315 11.32 6.77 -65.52
N LYS L 316 10.15 7.01 -66.11
CA LYS L 316 9.25 5.93 -66.48
C LYS L 316 9.92 5.00 -67.48
N GLY L 317 9.84 3.71 -67.23
CA GLY L 317 10.40 2.71 -68.10
C GLY L 317 11.89 2.48 -67.96
N GLU L 318 12.56 3.21 -67.07
CA GLU L 318 13.99 3.04 -66.90
C GLU L 318 14.29 1.73 -66.17
N GLU L 319 15.32 1.03 -66.62
CA GLU L 319 15.70 -0.24 -66.02
C GLU L 319 16.42 -0.01 -64.70
N MET L 320 16.08 -0.83 -63.70
CA MET L 320 16.75 -0.80 -62.41
C MET L 320 17.91 -1.78 -62.44
N THR L 321 19.11 -1.28 -62.15
CA THR L 321 20.31 -2.10 -62.22
C THR L 321 21.14 -1.96 -60.95
N ILE L 322 21.87 -3.01 -60.62
CA ILE L 322 22.82 -3.03 -59.51
C ILE L 322 24.16 -3.53 -60.05
N ASN L 323 25.23 -3.18 -59.34
CA ASN L 323 26.56 -3.63 -59.71
C ASN L 323 26.84 -4.97 -59.03
N TYR L 324 27.00 -6.01 -59.83
CA TYR L 324 27.30 -7.33 -59.26
C TYR L 324 28.64 -7.32 -58.54
N MET L 325 29.64 -6.65 -59.12
CA MET L 325 30.95 -6.51 -58.53
C MET L 325 31.33 -5.03 -58.49
N PRO L 326 32.10 -4.61 -57.49
CA PRO L 326 32.44 -3.18 -57.38
C PRO L 326 33.23 -2.68 -58.57
N GLY L 327 34.38 -3.30 -58.83
CA GLY L 327 35.13 -3.00 -60.03
C GLY L 327 35.88 -4.21 -60.54
N GLN L 328 35.59 -4.60 -61.79
CA GLN L 328 36.20 -5.79 -62.38
C GLN L 328 36.28 -5.60 -63.89
N LYS L 329 37.14 -6.39 -64.51
CA LYS L 329 37.30 -6.35 -65.96
C LYS L 329 36.30 -7.28 -66.63
N ASN L 330 36.15 -7.11 -67.95
CA ASN L 330 35.18 -7.90 -68.68
C ASN L 330 35.52 -9.39 -68.67
N ASN L 331 36.80 -9.73 -68.60
CA ASN L 331 37.17 -11.14 -68.53
C ASN L 331 36.66 -11.78 -67.25
N MET L 332 36.72 -11.06 -66.14
CA MET L 332 36.15 -11.56 -64.90
C MET L 332 34.64 -11.73 -65.00
N LEU L 333 33.96 -10.76 -65.63
CA LEU L 333 32.52 -10.87 -65.78
C LEU L 333 32.13 -12.03 -66.67
N MET L 334 32.89 -12.25 -67.75
CA MET L 334 32.62 -13.40 -68.60
C MET L 334 32.86 -14.71 -67.87
N GLU L 335 33.92 -14.78 -67.06
CA GLU L 335 34.19 -16.00 -66.30
C GLU L 335 33.10 -16.28 -65.29
N ARG L 336 32.62 -15.25 -64.60
CA ARG L 336 31.62 -15.43 -63.56
C ARG L 336 30.20 -15.41 -64.11
N TYR L 337 29.81 -14.31 -64.76
CA TYR L 337 28.45 -14.14 -65.22
C TYR L 337 28.26 -14.37 -66.71
N GLY L 338 29.34 -14.49 -67.47
CA GLY L 338 29.21 -14.74 -68.90
C GLY L 338 28.60 -13.59 -69.69
N PHE L 339 28.94 -12.35 -69.33
CA PHE L 339 28.53 -11.20 -70.11
C PHE L 339 29.60 -10.13 -69.97
N SER L 340 29.62 -9.20 -70.93
CA SER L 340 30.59 -8.12 -70.95
C SER L 340 29.90 -6.81 -71.26
N THR L 341 30.51 -5.72 -70.80
CA THR L 341 29.98 -4.38 -71.02
C THR L 341 31.05 -3.52 -71.68
N PRO L 342 30.76 -2.90 -72.82
CA PRO L 342 31.76 -2.01 -73.45
C PRO L 342 32.07 -0.78 -72.62
N VAL L 343 31.22 -0.43 -71.66
CA VAL L 343 31.41 0.77 -70.85
C VAL L 343 32.04 0.43 -69.50
N ASN L 344 32.73 -0.70 -69.41
CA ASN L 344 33.37 -1.08 -68.16
C ASN L 344 34.47 -0.08 -67.82
N PRO L 345 34.42 0.55 -66.64
CA PRO L 345 35.47 1.51 -66.28
C PRO L 345 36.68 0.84 -65.65
N TRP L 346 36.79 -0.48 -65.80
CA TRP L 346 37.91 -1.21 -65.22
C TRP L 346 38.63 -2.10 -66.23
N ASP L 347 38.19 -2.14 -67.48
CA ASP L 347 38.90 -2.91 -68.49
C ASP L 347 40.27 -2.30 -68.75
N ALA L 348 41.28 -3.16 -68.82
CA ALA L 348 42.67 -2.75 -69.03
C ALA L 348 43.17 -3.24 -70.39
N ILE L 349 44.41 -2.89 -70.69
CA ILE L 349 45.07 -3.30 -71.92
C ILE L 349 46.58 -3.16 -71.71
N PRO L 350 47.37 -4.19 -72.00
CA PRO L 350 48.83 -4.06 -71.84
C PRO L 350 49.38 -2.95 -72.73
N PHE L 351 50.34 -2.22 -72.19
CA PHE L 351 50.90 -1.05 -72.85
C PHE L 351 52.35 -0.88 -72.45
N SER L 352 53.18 -0.45 -73.39
CA SER L 352 54.57 -0.15 -73.10
C SER L 352 54.66 1.13 -72.27
N GLY L 353 55.53 1.12 -71.27
CA GLY L 353 55.71 2.26 -70.40
C GLY L 353 56.61 3.35 -70.93
N ASP L 354 57.15 3.19 -72.14
CA ASP L 354 58.04 4.19 -72.70
C ASP L 354 57.32 5.52 -72.94
N SER L 355 56.08 5.45 -73.43
CA SER L 355 55.32 6.64 -73.78
C SER L 355 54.21 6.87 -72.77
N ARG L 356 54.06 8.12 -72.34
CA ARG L 356 53.04 8.46 -71.35
C ARG L 356 52.62 9.91 -71.54
N ILE L 357 51.45 10.24 -71.00
CA ILE L 357 50.87 11.57 -71.14
C ILE L 357 50.53 12.11 -69.75
N HIS L 358 50.06 13.35 -69.73
CA HIS L 358 49.65 14.00 -68.49
C HIS L 358 48.16 13.70 -68.28
N LEU L 359 47.87 12.77 -67.37
CA LEU L 359 46.49 12.33 -67.19
C LEU L 359 45.62 13.45 -66.62
N ASN L 360 46.20 14.37 -65.87
CA ASN L 360 45.41 15.47 -65.31
C ASN L 360 44.77 16.29 -66.42
N SER L 361 45.52 16.58 -67.48
CA SER L 361 44.92 17.19 -68.66
C SER L 361 43.89 16.26 -69.28
N PHE L 362 44.21 14.96 -69.35
CA PHE L 362 43.28 14.00 -69.90
C PHE L 362 42.01 13.89 -69.06
N LEU L 363 42.15 13.92 -67.73
CA LEU L 363 41.00 13.83 -66.85
C LEU L 363 40.09 15.04 -67.02
N SER L 364 40.67 16.24 -67.08
CA SER L 364 39.86 17.45 -67.09
C SER L 364 39.16 17.65 -68.43
N VAL L 365 39.80 17.28 -69.54
CA VAL L 365 39.23 17.54 -70.85
C VAL L 365 37.94 16.75 -71.06
N PHE L 366 37.75 15.66 -70.32
CA PHE L 366 36.50 14.90 -70.36
C PHE L 366 35.68 15.07 -69.09
N ASN L 367 35.98 16.10 -68.30
CA ASN L 367 35.24 16.40 -67.07
C ASN L 367 35.23 15.21 -66.11
N ILE L 368 36.38 14.57 -65.97
CA ILE L 368 36.56 13.48 -65.03
C ILE L 368 37.27 14.02 -63.80
N PHE L 369 36.69 13.78 -62.63
CA PHE L 369 37.19 14.33 -61.38
C PHE L 369 37.29 13.23 -60.33
N GLY L 370 37.84 13.59 -59.17
CA GLY L 370 37.99 12.65 -58.07
C GLY L 370 39.25 11.83 -58.16
N LEU L 371 39.51 11.09 -57.10
CA LEU L 371 40.66 10.21 -57.04
C LEU L 371 40.46 9.03 -57.99
N PRO L 372 41.54 8.34 -58.37
CA PRO L 372 41.38 7.18 -59.26
C PRO L 372 40.46 6.11 -58.70
N GLU L 373 40.38 5.98 -57.39
CA GLU L 373 39.43 5.04 -56.79
C GLU L 373 37.98 5.50 -56.98
N GLU L 374 37.76 6.76 -57.29
CA GLU L 374 36.42 7.33 -57.44
C GLU L 374 36.32 8.16 -58.72
N TYR L 375 36.92 7.68 -59.80
CA TYR L 375 36.81 8.36 -61.08
C TYR L 375 35.36 8.39 -61.54
N TYR L 376 34.89 9.56 -61.98
CA TYR L 376 33.54 9.70 -62.49
C TYR L 376 33.49 10.93 -63.37
N HIS L 377 32.45 10.98 -64.21
CA HIS L 377 32.26 12.06 -65.17
C HIS L 377 31.12 12.96 -64.73
N ASP L 378 31.28 14.26 -64.93
CA ASP L 378 30.26 15.24 -64.62
C ASP L 378 29.45 15.54 -65.87
N SER L 379 28.12 15.41 -65.77
CA SER L 379 27.27 15.55 -66.93
C SER L 379 26.99 17.02 -67.26
N GLU L 380 26.56 17.80 -66.27
CA GLU L 380 26.16 19.18 -66.54
C GLU L 380 27.34 20.03 -66.98
N LEU L 381 28.54 19.77 -66.45
CA LEU L 381 29.71 20.53 -66.88
C LEU L 381 30.00 20.31 -68.36
N SER L 382 29.91 19.06 -68.82
CA SER L 382 30.15 18.77 -70.23
C SER L 382 29.02 19.23 -71.13
N GLY L 383 27.83 19.46 -70.57
CA GLY L 383 26.68 19.91 -71.33
C GLY L 383 25.95 18.77 -72.01
N ASP L 384 26.48 18.29 -73.13
CA ASP L 384 25.98 17.06 -73.75
C ASP L 384 27.03 15.97 -73.81
N ASP L 385 28.14 16.22 -74.52
CA ASP L 385 29.31 15.33 -74.59
C ASP L 385 28.89 13.86 -74.71
N SER L 386 28.21 13.55 -75.81
CA SER L 386 27.72 12.19 -76.01
C SER L 386 28.86 11.18 -76.08
N PHE L 387 30.08 11.62 -76.33
CA PHE L 387 31.21 10.69 -76.46
C PHE L 387 31.58 10.09 -75.12
N VAL L 388 31.69 10.91 -74.07
CA VAL L 388 32.23 10.44 -72.80
C VAL L 388 31.27 9.45 -72.16
N ASP L 389 31.82 8.36 -71.66
CA ASP L 389 31.04 7.33 -70.98
C ASP L 389 31.95 6.65 -69.96
N GLY L 390 31.54 5.48 -69.47
CA GLY L 390 32.39 4.73 -68.57
C GLY L 390 33.57 4.07 -69.26
N ALA L 391 33.50 3.89 -70.58
CA ALA L 391 34.60 3.26 -71.30
C ALA L 391 35.86 4.12 -71.26
N VAL L 392 35.71 5.44 -71.45
CA VAL L 392 36.88 6.31 -71.45
C VAL L 392 37.45 6.48 -70.05
N ILE L 393 36.65 6.23 -69.02
CA ILE L 393 37.17 6.30 -67.65
C ILE L 393 38.21 5.22 -67.42
N ALA L 394 37.98 4.02 -67.97
CA ALA L 394 38.97 2.97 -67.87
C ALA L 394 40.28 3.37 -68.55
N ALA L 395 40.20 4.15 -69.61
CA ALA L 395 41.41 4.62 -70.28
C ALA L 395 42.27 5.46 -69.35
N ALA L 396 41.63 6.24 -68.47
CA ALA L 396 42.36 7.06 -67.52
C ALA L 396 43.22 6.22 -66.57
N ARG L 397 42.90 4.93 -66.42
CA ARG L 397 43.65 4.04 -65.55
C ARG L 397 44.64 3.17 -66.34
N THR L 398 44.18 2.55 -67.42
CA THR L 398 45.02 1.61 -68.16
C THR L 398 46.05 2.29 -69.06
N LEU L 399 45.88 3.56 -69.38
CA LEU L 399 46.85 4.21 -70.24
C LEU L 399 48.07 4.64 -69.44
N PRO L 400 49.28 4.42 -69.97
CA PRO L 400 50.48 4.91 -69.29
C PRO L 400 50.48 6.43 -69.24
N THR L 401 50.64 6.98 -68.05
CA THR L 401 50.56 8.42 -67.85
C THR L 401 51.67 8.87 -66.91
N TRP L 402 51.91 10.19 -66.92
CA TRP L 402 52.87 10.81 -66.03
C TRP L 402 52.24 12.05 -65.43
N SER L 403 52.68 12.40 -64.22
CA SER L 403 52.20 13.61 -63.57
C SER L 403 53.15 14.00 -62.44
N ASP L 404 53.43 15.29 -62.34
CA ASP L 404 54.16 15.88 -61.25
C ASP L 404 53.21 16.70 -60.40
N ILE L 405 53.76 17.45 -59.44
CA ILE L 405 52.97 18.31 -58.56
C ILE L 405 52.04 19.18 -59.39
N ASP L 406 52.62 20.03 -60.25
CA ASP L 406 51.80 20.84 -61.13
C ASP L 406 52.40 21.01 -62.53
N LEU L 407 53.41 20.21 -62.90
CA LEU L 407 54.13 20.38 -64.16
C LEU L 407 53.21 20.32 -65.36
N PRO L 408 53.09 21.41 -66.11
CA PRO L 408 52.27 21.37 -67.33
C PRO L 408 52.91 20.48 -68.38
N PRO L 409 52.11 19.85 -69.23
CA PRO L 409 52.67 18.98 -70.27
C PRO L 409 53.10 19.79 -71.49
N ILE L 410 53.86 19.12 -72.36
CA ILE L 410 54.29 19.69 -73.63
C ILE L 410 53.32 19.20 -74.70
N PRO L 411 52.51 20.08 -75.31
CA PRO L 411 51.55 19.60 -76.31
C PRO L 411 52.21 18.92 -77.49
N SER L 412 53.33 19.46 -77.97
CA SER L 412 54.02 18.85 -79.10
C SER L 412 54.55 17.47 -78.75
N ALA L 413 55.16 17.34 -77.57
CA ALA L 413 55.64 16.04 -77.14
C ALA L 413 54.51 15.05 -77.00
N GLU L 414 53.39 15.48 -76.41
CA GLU L 414 52.21 14.62 -76.36
C GLU L 414 51.66 14.37 -77.76
N ARG L 415 51.62 15.41 -78.61
CA ARG L 415 51.23 15.21 -80.00
C ARG L 415 52.21 14.29 -80.70
N LYS L 416 53.51 14.42 -80.39
CA LYS L 416 54.48 13.45 -80.88
C LYS L 416 54.18 12.05 -80.37
N ALA L 417 53.58 11.96 -79.19
CA ALA L 417 53.32 10.65 -78.59
C ALA L 417 51.90 10.17 -78.81
N VAL L 418 50.93 11.07 -79.01
CA VAL L 418 49.54 10.64 -79.21
C VAL L 418 49.43 9.81 -80.49
N LYS L 419 50.02 10.30 -81.58
CA LYS L 419 50.06 9.48 -82.79
C LYS L 419 50.87 8.22 -82.56
N GLU L 420 52.00 8.34 -81.86
CA GLU L 420 52.78 7.16 -81.50
C GLU L 420 51.98 6.23 -80.60
N LEU L 421 51.23 6.79 -79.66
CA LEU L 421 50.32 5.96 -78.87
C LEU L 421 49.27 5.31 -79.76
N GLN L 422 48.65 6.10 -80.65
CA GLN L 422 47.66 5.56 -81.57
C GLN L 422 48.29 4.67 -82.64
N ASP L 423 49.58 4.85 -82.94
CA ASP L 423 50.25 3.93 -83.84
C ASP L 423 50.24 2.51 -83.29
N GLU L 424 50.45 2.38 -81.98
CA GLU L 424 50.31 1.07 -81.35
C GLU L 424 48.86 0.62 -81.32
N CYS L 425 47.92 1.55 -81.16
CA CYS L 425 46.52 1.19 -80.93
C CYS L 425 45.92 0.49 -82.16
N ARG L 426 46.41 0.83 -83.35
CA ARG L 426 45.91 0.18 -84.56
C ARG L 426 46.40 -1.26 -84.65
N LYS L 427 47.46 -1.61 -83.92
CA LYS L 427 48.04 -2.94 -84.03
C LYS L 427 47.16 -3.99 -83.37
N MET L 428 46.62 -3.70 -82.17
CA MET L 428 45.81 -4.69 -81.49
C MET L 428 44.55 -5.01 -82.27
N LEU L 429 43.93 -3.99 -82.87
CA LEU L 429 42.77 -4.23 -83.73
C LEU L 429 43.16 -5.09 -84.93
N ALA L 430 44.36 -4.86 -85.47
CA ALA L 430 44.85 -5.71 -86.55
C ALA L 430 45.17 -7.11 -86.07
N GLU L 431 45.49 -7.26 -84.78
CA GLU L 431 45.76 -8.60 -84.24
C GLU L 431 44.53 -9.48 -84.33
N TYR L 432 43.36 -8.94 -84.00
CA TYR L 432 42.12 -9.69 -84.17
C TYR L 432 41.69 -9.64 -85.63
N PRO L 433 41.48 -10.79 -86.29
CA PRO L 433 41.14 -10.76 -87.72
C PRO L 433 39.86 -9.99 -88.03
N THR L 434 38.86 -10.08 -87.16
CA THR L 434 37.59 -9.39 -87.38
C THR L 434 37.62 -7.99 -86.81
N THR L 435 36.73 -7.15 -87.33
CA THR L 435 36.58 -5.78 -86.85
C THR L 435 35.41 -5.69 -85.88
N SER L 436 35.34 -4.56 -85.18
CA SER L 436 34.26 -4.35 -84.22
C SER L 436 32.91 -4.36 -84.90
N GLU L 437 32.79 -3.68 -86.05
CA GLU L 437 31.53 -3.66 -86.77
C GLU L 437 31.25 -4.99 -87.47
N GLN L 438 32.30 -5.73 -87.83
CA GLN L 438 32.11 -7.02 -88.46
C GLN L 438 31.40 -8.01 -87.54
N ASP L 439 31.76 -8.00 -86.25
CA ASP L 439 31.15 -8.93 -85.31
C ASP L 439 29.69 -8.60 -85.08
N GLN L 440 29.37 -7.32 -84.82
CA GLN L 440 27.99 -6.95 -84.58
C GLN L 440 27.13 -7.11 -85.82
N LYS L 441 27.71 -6.89 -87.01
CA LYS L 441 27.00 -7.19 -88.24
C LYS L 441 26.69 -8.67 -88.35
N LEU L 442 27.65 -9.52 -87.95
CA LEU L 442 27.42 -10.96 -87.97
C LEU L 442 26.29 -11.35 -87.04
N LEU L 443 26.22 -10.72 -85.86
CA LEU L 443 25.16 -11.04 -84.90
C LEU L 443 23.78 -10.73 -85.49
N ASP L 444 23.65 -9.57 -86.15
CA ASP L 444 22.39 -9.24 -86.79
C ASP L 444 22.05 -10.23 -87.91
N SER L 445 23.06 -10.62 -88.68
CA SER L 445 22.84 -11.63 -89.72
C SER L 445 22.61 -13.01 -89.11
N LEU L 446 23.19 -13.30 -87.95
CA LEU L 446 23.06 -14.61 -87.34
C LEU L 446 21.64 -14.81 -86.82
N SER L 447 21.11 -16.02 -87.05
CA SER L 447 19.75 -16.34 -86.63
C SER L 447 19.61 -17.69 -85.94
N GLU L 448 20.66 -18.50 -85.85
CA GLU L 448 20.56 -19.81 -85.20
C GLU L 448 21.93 -20.14 -84.62
N ALA L 449 22.11 -19.88 -83.32
CA ALA L 449 23.35 -20.17 -82.64
C ALA L 449 23.12 -20.09 -81.14
N ARG L 450 24.05 -20.66 -80.38
CA ARG L 450 23.98 -20.62 -78.94
C ARG L 450 24.23 -19.20 -78.42
N THR L 451 23.63 -18.88 -77.28
CA THR L 451 23.77 -17.54 -76.73
C THR L 451 25.18 -17.28 -76.23
N THR L 452 25.89 -18.33 -75.79
CA THR L 452 27.27 -18.17 -75.40
C THR L 452 28.13 -17.75 -76.58
N PHE L 453 27.78 -18.19 -77.79
CA PHE L 453 28.47 -17.71 -78.98
C PHE L 453 28.30 -16.21 -79.15
N ALA L 454 27.08 -15.70 -78.93
CA ALA L 454 26.85 -14.26 -79.03
C ALA L 454 27.65 -13.50 -77.99
N THR L 455 27.68 -14.01 -76.75
CA THR L 455 28.45 -13.34 -75.70
C THR L 455 29.93 -13.34 -76.03
N ALA L 456 30.45 -14.44 -76.56
CA ALA L 456 31.84 -14.49 -76.98
C ALA L 456 32.11 -13.47 -78.08
N VAL L 457 31.16 -13.32 -79.01
CA VAL L 457 31.25 -12.26 -80.00
C VAL L 457 31.25 -10.90 -79.33
N LYS L 458 30.35 -10.71 -78.37
CA LYS L 458 30.24 -9.42 -77.69
C LYS L 458 31.51 -9.10 -76.91
N TYR L 459 32.10 -10.09 -76.25
CA TYR L 459 33.29 -9.84 -75.45
C TYR L 459 34.44 -9.32 -76.31
N ARG L 460 34.70 -9.98 -77.43
CA ARG L 460 35.76 -9.49 -78.32
C ARG L 460 35.34 -8.20 -79.02
N MET L 461 34.05 -8.04 -79.28
CA MET L 461 33.57 -6.78 -79.86
C MET L 461 33.75 -5.63 -78.88
N HIS L 462 33.39 -5.86 -77.61
CA HIS L 462 33.56 -4.81 -76.61
C HIS L 462 35.02 -4.47 -76.41
N ARG L 463 35.89 -5.49 -76.36
CA ARG L 463 37.32 -5.24 -76.23
C ARG L 463 37.85 -4.47 -77.44
N LYS L 464 37.42 -4.85 -78.65
CA LYS L 464 37.84 -4.13 -79.83
C LYS L 464 37.34 -2.70 -79.83
N MET L 465 36.08 -2.49 -79.44
CA MET L 465 35.55 -1.13 -79.30
C MET L 465 36.29 -0.37 -78.22
N PHE L 466 36.59 -1.04 -77.10
CA PHE L 466 37.38 -0.40 -76.05
C PHE L 466 38.70 0.11 -76.61
N ILE L 467 39.32 -0.64 -77.51
CA ILE L 467 40.47 -0.12 -78.25
C ILE L 467 40.03 0.95 -79.23
N GLY L 468 38.89 0.74 -79.89
CA GLY L 468 38.39 1.75 -80.81
C GLY L 468 37.97 3.03 -80.10
N LYS L 469 37.40 2.89 -78.90
CA LYS L 469 36.96 4.07 -78.15
C LYS L 469 38.14 4.95 -77.76
N ILE L 470 39.23 4.33 -77.29
CA ILE L 470 40.37 5.12 -76.83
C ILE L 470 41.10 5.77 -78.00
N ILE L 471 41.02 5.16 -79.19
CA ILE L 471 41.61 5.78 -80.38
C ILE L 471 40.94 7.12 -80.65
N LYS L 472 39.61 7.14 -80.61
CA LYS L 472 38.89 8.40 -80.73
C LYS L 472 39.13 9.29 -79.52
N ALA L 473 39.25 8.68 -78.33
CA ALA L 473 39.46 9.46 -77.12
C ALA L 473 40.78 10.22 -77.18
N LEU L 474 41.84 9.56 -77.64
CA LEU L 474 43.12 10.26 -77.79
C LEU L 474 43.04 11.29 -78.91
N ASP L 475 42.25 11.02 -79.94
CA ASP L 475 42.11 11.95 -81.05
C ASP L 475 41.50 13.27 -80.58
N ILE L 476 40.36 13.19 -79.89
CA ILE L 476 39.72 14.40 -79.39
C ILE L 476 40.57 15.05 -78.32
N TYR L 477 41.24 14.25 -77.48
CA TYR L 477 42.11 14.80 -76.45
C TYR L 477 43.28 15.57 -77.06
N GLN L 478 43.86 15.05 -78.13
CA GLN L 478 45.02 15.69 -78.74
C GLN L 478 44.68 17.08 -79.26
N GLU L 479 43.57 17.19 -79.99
CA GLU L 479 43.21 18.49 -80.57
C GLU L 479 42.68 19.45 -79.50
N ARG L 480 41.93 18.92 -78.51
CA ARG L 480 41.41 19.77 -77.46
C ARG L 480 42.50 20.29 -76.55
N LEU L 481 43.68 19.67 -76.56
CA LEU L 481 44.79 20.15 -75.73
C LEU L 481 45.26 21.54 -76.17
N LEU L 482 45.09 21.87 -77.44
CA LEU L 482 45.51 23.18 -77.93
C LEU L 482 44.72 24.31 -77.27
N PHE L 483 43.42 24.13 -77.10
CA PHE L 483 42.58 25.15 -76.49
C PHE L 483 42.74 25.11 -74.97
N ASP M 109 -14.14 -60.71 -67.51
CA ASP M 109 -13.50 -60.61 -68.81
C ASP M 109 -12.66 -59.34 -68.92
N GLY M 110 -12.30 -58.97 -70.14
CA GLY M 110 -11.49 -57.78 -70.36
C GLY M 110 -10.12 -57.84 -69.72
N ASP M 111 -9.46 -59.00 -69.81
CA ASP M 111 -8.16 -59.16 -69.20
C ASP M 111 -7.13 -58.27 -69.88
N ILE M 112 -6.28 -57.65 -69.06
CA ILE M 112 -5.23 -56.78 -69.60
C ILE M 112 -4.15 -57.63 -70.26
N ALA M 113 -3.48 -57.06 -71.25
CA ALA M 113 -2.41 -57.75 -71.96
C ALA M 113 -1.31 -58.18 -71.00
N PHE M 114 -1.14 -59.49 -70.82
CA PHE M 114 -0.16 -60.03 -69.89
C PHE M 114 1.21 -60.00 -70.56
N VAL M 115 1.81 -58.81 -70.59
CA VAL M 115 3.15 -58.63 -71.13
C VAL M 115 4.17 -59.06 -70.09
N GLN M 116 5.41 -59.28 -70.53
CA GLN M 116 6.49 -59.66 -69.63
C GLN M 116 7.68 -58.73 -69.84
N SER M 117 8.31 -58.34 -68.74
CA SER M 117 9.46 -57.45 -68.77
C SER M 117 10.75 -58.26 -68.58
N LYS M 118 11.87 -57.54 -68.53
CA LYS M 118 13.18 -58.17 -68.37
C LYS M 118 13.71 -58.09 -66.94
N SER M 119 13.29 -57.08 -66.18
CA SER M 119 13.70 -56.93 -64.80
C SER M 119 12.72 -57.56 -63.82
N PHE M 120 11.71 -58.26 -64.32
CA PHE M 120 10.71 -58.87 -63.45
C PHE M 120 11.34 -59.94 -62.57
N ILE M 121 11.31 -59.72 -61.27
CA ILE M 121 11.74 -60.69 -60.28
C ILE M 121 10.59 -60.87 -59.29
N SER M 122 10.01 -62.07 -59.27
CA SER M 122 8.84 -62.30 -58.44
C SER M 122 9.23 -62.42 -56.97
N THR M 123 8.56 -61.67 -56.12
CA THR M 123 8.83 -61.65 -54.69
C THR M 123 7.85 -62.50 -53.90
N GLN M 124 6.95 -63.23 -54.58
CA GLN M 124 5.96 -64.02 -53.88
C GLN M 124 6.61 -65.14 -53.08
N GLY M 125 6.07 -65.40 -51.89
CA GLY M 125 6.60 -66.43 -51.02
C GLY M 125 7.98 -66.14 -50.47
N TRP M 126 8.26 -64.88 -50.12
CA TRP M 126 9.51 -64.49 -49.52
C TRP M 126 9.29 -64.04 -48.08
N ASP M 127 10.38 -64.02 -47.31
CA ASP M 127 10.30 -63.52 -45.94
C ASP M 127 10.00 -62.03 -45.94
N SER M 128 9.19 -61.60 -44.98
CA SER M 128 8.75 -60.21 -44.94
C SER M 128 9.84 -59.28 -44.44
N GLU M 129 10.32 -59.50 -43.21
CA GLU M 129 11.27 -58.60 -42.58
C GLU M 129 12.69 -58.87 -43.05
N MET M 130 12.90 -58.93 -44.36
CA MET M 130 14.24 -59.08 -44.92
C MET M 130 14.37 -58.19 -46.14
N VAL M 131 15.56 -57.65 -46.34
CA VAL M 131 15.80 -56.70 -47.43
C VAL M 131 16.35 -57.45 -48.63
N VAL M 132 16.25 -56.82 -49.80
CA VAL M 132 16.79 -57.35 -51.04
C VAL M 132 18.05 -56.55 -51.38
N ASP M 133 19.10 -57.26 -51.77
CA ASP M 133 20.38 -56.62 -52.04
C ASP M 133 20.31 -55.66 -53.21
N TYR M 134 19.61 -56.06 -54.27
CA TYR M 134 19.58 -55.25 -55.49
C TYR M 134 18.66 -54.03 -55.29
N ARG M 135 18.72 -53.13 -56.27
CA ARG M 135 17.91 -51.92 -56.28
C ARG M 135 17.01 -51.94 -57.51
N ILE M 136 15.75 -51.56 -57.31
CA ILE M 136 14.75 -51.64 -58.36
C ILE M 136 14.69 -50.31 -59.11
N ASN M 137 14.15 -50.37 -60.33
CA ASN M 137 13.95 -49.19 -61.15
C ASN M 137 12.57 -48.62 -60.82
N GLU M 138 12.55 -47.43 -60.21
CA GLU M 138 11.29 -46.85 -59.76
C GLU M 138 10.35 -46.52 -60.90
N ASP M 139 10.88 -46.33 -62.12
CA ASP M 139 10.03 -46.01 -63.26
C ASP M 139 9.08 -47.16 -63.58
N GLU M 140 9.49 -48.40 -63.30
CA GLU M 140 8.67 -49.57 -63.60
C GLU M 140 7.67 -49.89 -62.49
N PHE M 141 7.65 -49.13 -61.41
CA PHE M 141 6.81 -49.46 -60.26
C PHE M 141 5.91 -48.29 -59.90
N HIS M 142 4.72 -48.63 -59.38
CA HIS M 142 3.89 -47.62 -58.74
C HIS M 142 4.50 -47.24 -57.40
N LYS M 143 4.59 -45.95 -57.14
CA LYS M 143 5.16 -45.45 -55.88
C LYS M 143 4.01 -44.98 -55.01
N ILE M 144 3.76 -45.70 -53.93
CA ILE M 144 2.72 -45.36 -52.97
C ILE M 144 3.38 -44.83 -51.71
N SER M 145 3.15 -43.56 -51.42
CA SER M 145 3.79 -42.90 -50.28
C SER M 145 2.80 -42.84 -49.13
N LEU M 146 3.18 -43.44 -48.01
CA LEU M 146 2.38 -43.45 -46.79
C LEU M 146 3.16 -42.78 -45.66
N LEU M 147 2.55 -42.75 -44.48
CA LEU M 147 3.17 -42.06 -43.35
C LEU M 147 4.43 -42.77 -42.90
N ASP M 148 4.36 -44.08 -42.67
CA ASP M 148 5.47 -44.81 -42.08
C ASP M 148 6.32 -45.55 -43.11
N CYS M 149 5.83 -45.73 -44.33
CA CYS M 149 6.57 -46.52 -45.31
C CYS M 149 6.20 -46.07 -46.71
N ASP M 150 7.07 -46.41 -47.66
CA ASP M 150 6.84 -46.18 -49.07
C ASP M 150 6.68 -47.52 -49.76
N PHE M 151 5.60 -47.68 -50.52
CA PHE M 151 5.22 -48.96 -51.08
C PHE M 151 5.38 -48.95 -52.59
N PHE M 152 5.96 -50.02 -53.13
CA PHE M 152 6.22 -50.14 -54.55
C PHE M 152 5.50 -51.36 -55.10
N ILE M 153 4.75 -51.16 -56.18
CA ILE M 153 4.05 -52.23 -56.88
C ILE M 153 4.40 -52.13 -58.36
N ARG M 154 4.72 -53.26 -58.97
CA ARG M 154 5.15 -53.27 -60.36
C ARG M 154 4.10 -52.62 -61.26
N LYS M 155 4.56 -51.76 -62.17
CA LYS M 155 3.68 -50.99 -63.04
C LYS M 155 3.87 -51.44 -64.48
N PRO M 156 2.99 -52.30 -65.01
CA PRO M 156 3.07 -52.62 -66.43
C PRO M 156 2.77 -51.38 -67.27
N PRO M 157 3.37 -51.28 -68.46
CA PRO M 157 3.09 -50.12 -69.31
C PRO M 157 1.61 -50.03 -69.67
N ASP M 158 1.10 -48.80 -69.71
CA ASP M 158 -0.30 -48.57 -70.02
C ASP M 158 -0.50 -47.09 -70.36
N PRO M 159 -1.45 -46.75 -71.21
CA PRO M 159 -1.70 -45.33 -71.52
C PRO M 159 -1.98 -44.50 -70.28
N ASP M 160 -2.70 -45.06 -69.32
CA ASP M 160 -2.93 -44.41 -68.03
C ASP M 160 -2.43 -45.32 -66.93
N ASN M 161 -1.81 -44.73 -65.91
CA ASN M 161 -1.15 -45.50 -64.87
C ASN M 161 -2.17 -46.13 -63.93
N ASP M 162 -2.94 -47.09 -64.43
CA ASP M 162 -3.95 -47.77 -63.64
C ASP M 162 -3.70 -49.25 -63.47
N VAL M 163 -2.82 -49.85 -64.26
CA VAL M 163 -2.57 -51.28 -64.22
C VAL M 163 -1.55 -51.57 -63.12
N TYR M 164 -1.89 -52.51 -62.24
CA TYR M 164 -1.03 -52.92 -61.15
C TYR M 164 -0.64 -54.38 -61.32
N ASP M 165 0.60 -54.69 -60.97
CA ASP M 165 1.11 -56.07 -60.99
C ASP M 165 1.58 -56.39 -59.59
N PHE M 166 0.78 -57.15 -58.85
CA PHE M 166 1.08 -57.48 -57.46
C PHE M 166 2.04 -58.66 -57.34
N ARG M 167 2.57 -59.17 -58.45
CA ARG M 167 3.49 -60.30 -58.37
C ARG M 167 4.76 -59.93 -57.63
N GLU M 168 5.29 -58.73 -57.86
CA GLU M 168 6.45 -58.23 -57.12
C GLU M 168 6.09 -56.90 -56.47
N MET M 169 6.29 -56.83 -55.15
CA MET M 169 6.01 -55.62 -54.40
C MET M 169 7.14 -55.39 -53.41
N TYR M 170 7.41 -54.13 -53.11
CA TYR M 170 8.48 -53.76 -52.19
C TYR M 170 8.00 -52.67 -51.26
N VAL M 171 8.50 -52.71 -50.02
CA VAL M 171 8.20 -51.72 -49.01
C VAL M 171 9.51 -51.18 -48.46
N THR M 172 9.60 -49.86 -48.34
CA THR M 172 10.81 -49.21 -47.84
C THR M 172 10.39 -48.09 -46.90
N PRO M 173 11.24 -47.73 -45.95
CA PRO M 173 10.98 -46.51 -45.19
C PRO M 173 10.92 -45.31 -46.10
N PRO M 174 10.15 -44.29 -45.74
CA PRO M 174 9.87 -43.19 -46.68
C PRO M 174 11.14 -42.54 -47.19
N ASP M 175 11.25 -42.47 -48.53
CA ASP M 175 12.40 -41.90 -49.22
C ASP M 175 13.70 -42.60 -48.80
N THR M 176 13.77 -43.89 -49.10
CA THR M 176 14.94 -44.70 -48.80
C THR M 176 15.14 -45.71 -49.92
N ASP M 177 16.36 -46.21 -50.05
CA ASP M 177 16.73 -47.11 -51.12
C ASP M 177 16.75 -48.58 -50.72
N ILE M 178 16.73 -48.89 -49.42
CA ILE M 178 16.81 -50.27 -48.98
C ILE M 178 15.44 -50.92 -49.08
N TYR M 179 15.16 -51.55 -50.22
CA TYR M 179 13.87 -52.18 -50.43
C TYR M 179 13.74 -53.45 -49.59
N SER M 180 12.49 -53.83 -49.33
CA SER M 180 12.19 -55.03 -48.57
C SER M 180 11.00 -55.73 -49.22
N VAL M 181 10.43 -56.69 -48.51
CA VAL M 181 9.29 -57.45 -48.99
C VAL M 181 8.12 -57.17 -48.05
N PRO M 182 6.96 -56.74 -48.54
CA PRO M 182 5.83 -56.48 -47.66
C PRO M 182 5.26 -57.77 -47.09
N ARG M 183 4.59 -57.62 -45.95
CA ARG M 183 3.94 -58.76 -45.28
C ARG M 183 2.62 -59.02 -45.98
N VAL M 184 2.66 -59.84 -47.02
CA VAL M 184 1.45 -60.19 -47.75
C VAL M 184 0.56 -61.05 -46.86
N LEU M 185 -0.71 -60.68 -46.74
CA LEU M 185 -1.65 -61.38 -45.88
C LEU M 185 -2.89 -61.85 -46.64
N ALA M 186 -2.81 -61.93 -47.96
CA ALA M 186 -3.96 -62.30 -48.78
C ALA M 186 -3.47 -62.82 -50.11
N PRO M 187 -4.29 -63.60 -50.82
CA PRO M 187 -3.87 -64.11 -52.14
C PRO M 187 -3.91 -63.05 -53.21
N MET M 188 -2.83 -62.29 -53.34
CA MET M 188 -2.77 -61.22 -54.33
C MET M 188 -2.89 -61.82 -55.74
N PRO M 189 -3.47 -61.07 -56.69
CA PRO M 189 -3.70 -61.62 -58.02
C PRO M 189 -2.39 -61.88 -58.75
N GLN M 190 -2.46 -62.83 -59.68
CA GLN M 190 -1.34 -63.16 -60.56
C GLN M 190 -1.52 -62.58 -61.96
N LYS M 191 -2.52 -61.73 -62.16
CA LYS M 191 -2.79 -61.11 -63.46
C LYS M 191 -2.85 -59.61 -63.28
N TYR M 192 -2.58 -58.90 -64.37
CA TYR M 192 -2.67 -57.44 -64.35
C TYR M 192 -4.11 -57.01 -64.14
N ILE M 193 -4.32 -56.05 -63.24
CA ILE M 193 -5.64 -55.51 -62.98
C ILE M 193 -5.55 -54.00 -62.89
N ARG M 194 -6.66 -53.33 -63.15
CA ARG M 194 -6.78 -51.89 -63.02
C ARG M 194 -7.39 -51.56 -61.67
N CYS M 195 -6.64 -50.86 -60.83
CA CYS M 195 -7.09 -50.52 -59.49
C CYS M 195 -7.13 -49.00 -59.34
N ALA M 196 -8.22 -48.49 -58.79
CA ALA M 196 -8.33 -47.09 -58.45
C ALA M 196 -7.67 -46.85 -57.09
N MET M 197 -6.66 -46.00 -57.06
CA MET M 197 -5.87 -45.77 -55.86
C MET M 197 -6.42 -44.56 -55.11
N SER M 198 -6.91 -44.80 -53.90
CA SER M 198 -7.40 -43.72 -53.04
C SER M 198 -6.82 -43.91 -51.65
N ASP M 199 -6.23 -42.86 -51.10
CA ASP M 199 -5.56 -42.94 -49.82
C ASP M 199 -6.58 -42.83 -48.69
N TYR M 200 -6.12 -43.15 -47.48
CA TYR M 200 -6.97 -43.14 -46.30
C TYR M 200 -6.14 -42.71 -45.11
N GLY M 201 -6.47 -41.56 -44.54
CA GLY M 201 -5.66 -41.04 -43.45
C GLY M 201 -6.30 -39.83 -42.82
N CYS M 202 -5.48 -39.04 -42.14
CA CYS M 202 -5.94 -37.88 -41.40
C CYS M 202 -5.10 -36.66 -41.75
N TYR M 203 -5.64 -35.49 -41.47
CA TYR M 203 -4.95 -34.23 -41.62
C TYR M 203 -4.36 -33.82 -40.28
N ASP M 204 -3.04 -33.62 -40.25
CA ASP M 204 -2.35 -33.22 -39.03
C ASP M 204 -2.13 -31.70 -39.08
N VAL M 205 -3.21 -30.96 -38.84
CA VAL M 205 -3.12 -29.50 -38.78
C VAL M 205 -2.57 -29.13 -37.41
N THR M 206 -1.35 -28.61 -37.39
CA THR M 206 -0.67 -28.25 -36.16
C THR M 206 -0.23 -26.80 -36.20
N GLU M 207 0.05 -26.25 -35.02
CA GLU M 207 0.53 -24.88 -34.88
C GLU M 207 1.99 -24.91 -34.46
N PRO M 208 2.92 -24.81 -35.41
CA PRO M 208 4.34 -24.90 -35.07
C PRO M 208 4.78 -23.69 -34.26
N PRO M 209 5.84 -23.82 -33.48
CA PRO M 209 6.39 -22.64 -32.79
C PRO M 209 6.90 -21.63 -33.80
N ILE M 210 6.77 -20.35 -33.46
CA ILE M 210 7.16 -19.25 -34.33
C ILE M 210 8.43 -18.64 -33.78
N ASP M 211 9.53 -18.81 -34.49
CA ASP M 211 10.80 -18.17 -34.14
C ASP M 211 11.27 -17.21 -35.22
N ALA M 212 11.35 -17.67 -36.47
CA ALA M 212 11.68 -16.77 -37.56
C ALA M 212 10.48 -15.87 -37.88
N PRO M 213 10.74 -14.65 -38.35
CA PRO M 213 9.64 -13.77 -38.73
C PRO M 213 8.84 -14.35 -39.89
N ARG M 214 7.54 -14.04 -39.91
CA ARG M 214 6.63 -14.49 -40.96
C ARG M 214 6.55 -16.01 -41.03
N ASP M 215 6.83 -16.69 -39.93
CA ASP M 215 6.65 -18.13 -39.88
C ASP M 215 5.16 -18.46 -39.96
N PRO M 216 4.82 -19.57 -40.62
CA PRO M 216 3.40 -19.92 -40.78
C PRO M 216 2.73 -20.13 -39.42
N LEU M 217 1.50 -19.63 -39.32
CA LEU M 217 0.73 -19.82 -38.08
C LEU M 217 0.30 -21.27 -37.92
N TYR M 218 0.04 -21.96 -39.02
CA TYR M 218 -0.39 -23.36 -39.00
C TYR M 218 0.40 -24.15 -40.03
N LYS M 219 0.48 -25.45 -39.82
CA LYS M 219 1.11 -26.37 -40.76
C LYS M 219 0.14 -27.51 -41.01
N SER M 220 -0.48 -27.51 -42.19
CA SER M 220 -1.45 -28.53 -42.56
C SER M 220 -0.77 -29.55 -43.46
N GLU M 221 -0.74 -30.80 -43.02
CA GLU M 221 -0.19 -31.89 -43.80
C GLU M 221 -1.09 -33.10 -43.65
N ARG M 222 -1.14 -33.92 -44.70
CA ARG M 222 -1.99 -35.10 -44.73
C ARG M 222 -1.14 -36.34 -44.49
N GLU M 223 -1.50 -37.11 -43.48
CA GLU M 223 -0.80 -38.34 -43.12
C GLU M 223 -1.62 -39.52 -43.59
N ILE M 224 -1.01 -40.40 -44.38
CA ILE M 224 -1.70 -41.54 -44.97
C ILE M 224 -1.37 -42.77 -44.14
N SER M 225 -2.39 -43.41 -43.59
CA SER M 225 -2.22 -44.64 -42.84
C SER M 225 -2.55 -45.89 -43.64
N LYS M 226 -3.52 -45.80 -44.56
CA LYS M 226 -3.87 -46.92 -45.42
C LYS M 226 -4.14 -46.39 -46.82
N VAL M 227 -3.94 -47.27 -47.80
CA VAL M 227 -4.21 -46.97 -49.20
C VAL M 227 -5.07 -48.09 -49.76
N PHE M 228 -6.15 -47.73 -50.43
CA PHE M 228 -7.11 -48.68 -50.98
C PHE M 228 -6.95 -48.76 -52.49
N LEU M 229 -6.83 -49.97 -53.00
CA LEU M 229 -6.73 -50.23 -54.44
C LEU M 229 -7.99 -50.96 -54.87
N THR M 230 -8.95 -50.23 -55.43
CA THR M 230 -10.23 -50.79 -55.83
C THR M 230 -10.16 -51.21 -57.29
N LYS M 231 -10.35 -52.50 -57.54
CA LYS M 231 -10.25 -53.03 -58.90
C LYS M 231 -11.40 -52.52 -59.76
N HIS M 232 -11.07 -52.07 -60.96
CA HIS M 232 -12.10 -51.72 -61.93
C HIS M 232 -12.85 -52.95 -62.38
N TYR M 233 -14.16 -52.83 -62.53
CA TYR M 233 -14.98 -53.97 -62.94
C TYR M 233 -14.60 -54.38 -64.36
N ARG M 234 -14.22 -55.64 -64.53
CA ARG M 234 -13.78 -56.19 -65.82
C ARG M 234 -12.58 -55.43 -66.37
N ASN M 235 -11.80 -54.80 -65.48
CA ASN M 235 -10.62 -54.02 -65.85
C ASN M 235 -10.94 -52.95 -66.88
N ARG M 236 -12.15 -52.40 -66.82
CA ARG M 236 -12.52 -51.34 -67.76
C ARG M 236 -11.81 -50.05 -67.41
N ARG M 237 -11.50 -49.28 -68.45
CA ARG M 237 -10.75 -48.03 -68.28
C ARG M 237 -11.64 -46.95 -67.67
N LEU M 238 -11.00 -45.92 -67.13
CA LEU M 238 -11.74 -44.78 -66.60
C LEU M 238 -12.55 -44.09 -67.69
N ASN M 239 -11.95 -43.93 -68.88
CA ASN M 239 -12.63 -43.28 -69.99
C ASN M 239 -13.76 -44.12 -70.58
N ASP M 240 -13.86 -45.39 -70.19
CA ASP M 240 -14.92 -46.24 -70.71
C ASP M 240 -16.27 -45.73 -70.22
N PRO M 241 -17.28 -45.59 -71.11
CA PRO M 241 -18.60 -45.18 -70.65
C PRO M 241 -19.24 -46.16 -69.67
N GLU M 242 -18.85 -47.43 -69.70
CA GLU M 242 -19.37 -48.43 -68.79
C GLU M 242 -18.46 -48.65 -67.59
N PHE M 243 -17.62 -47.67 -67.25
CA PHE M 243 -16.73 -47.81 -66.12
C PHE M 243 -17.52 -47.88 -64.81
N VAL M 244 -17.10 -48.77 -63.92
CA VAL M 244 -17.68 -48.88 -62.59
C VAL M 244 -16.69 -49.63 -61.72
N LEU M 245 -16.61 -49.25 -60.45
CA LEU M 245 -15.65 -49.86 -59.54
C LEU M 245 -16.22 -51.16 -58.99
N ASP M 246 -15.43 -52.23 -59.10
CA ASP M 246 -15.79 -53.53 -58.54
C ASP M 246 -15.33 -53.55 -57.09
N PHE M 247 -16.25 -53.27 -56.19
CA PHE M 247 -15.91 -53.16 -54.77
C PHE M 247 -15.65 -54.49 -54.11
N GLU M 248 -15.90 -55.61 -54.81
CA GLU M 248 -15.57 -56.92 -54.23
C GLU M 248 -14.07 -57.06 -54.00
N GLU M 249 -13.26 -56.58 -54.93
CA GLU M 249 -11.82 -56.75 -54.89
C GLU M 249 -11.18 -55.43 -54.50
N ILE M 250 -10.87 -55.28 -53.21
CA ILE M 250 -10.21 -54.10 -52.67
C ILE M 250 -9.02 -54.55 -51.85
N TYR M 251 -7.87 -53.90 -52.06
CA TYR M 251 -6.65 -54.24 -51.36
C TYR M 251 -6.20 -53.06 -50.51
N VAL M 252 -5.80 -53.35 -49.27
CA VAL M 252 -5.46 -52.34 -48.28
C VAL M 252 -3.96 -52.40 -48.02
N ILE M 253 -3.31 -51.25 -48.15
CA ILE M 253 -1.88 -51.12 -47.89
C ILE M 253 -1.73 -50.38 -46.57
N ASP M 254 -1.38 -51.09 -45.50
CA ASP M 254 -1.27 -50.48 -44.19
C ASP M 254 0.15 -49.99 -43.96
N SER M 255 0.28 -48.72 -43.58
CA SER M 255 1.60 -48.16 -43.34
C SER M 255 2.22 -48.66 -42.04
N LYS M 256 1.40 -48.76 -40.99
CA LYS M 256 1.93 -49.10 -39.67
C LYS M 256 2.56 -50.49 -39.67
N THR M 257 1.91 -51.46 -40.29
CA THR M 257 2.45 -52.81 -40.37
C THR M 257 3.28 -53.04 -41.63
N LYS M 258 3.32 -52.07 -42.53
CA LYS M 258 4.04 -52.21 -43.81
C LYS M 258 3.58 -53.46 -44.55
N SER M 259 2.28 -53.71 -44.51
CA SER M 259 1.70 -54.93 -45.05
C SER M 259 0.57 -54.58 -46.01
N ILE M 260 0.31 -55.49 -46.95
CA ILE M 260 -0.77 -55.35 -47.91
C ILE M 260 -1.65 -56.58 -47.82
N THR M 261 -2.96 -56.37 -47.78
CA THR M 261 -3.92 -57.46 -47.63
C THR M 261 -5.08 -57.21 -48.58
N ARG M 262 -6.13 -58.01 -48.44
CA ARG M 262 -7.36 -57.85 -49.20
C ARG M 262 -8.49 -57.49 -48.24
N ALA M 263 -9.33 -56.54 -48.66
CA ALA M 263 -10.39 -56.05 -47.79
C ALA M 263 -11.47 -57.11 -47.60
N ARG M 264 -11.84 -57.35 -46.34
CA ARG M 264 -12.95 -58.23 -46.02
C ARG M 264 -14.24 -57.43 -46.19
N VAL M 265 -14.90 -57.62 -47.33
CA VAL M 265 -16.02 -56.78 -47.74
C VAL M 265 -17.31 -57.57 -47.58
N LEU M 266 -18.27 -56.99 -46.87
CA LEU M 266 -19.60 -57.58 -46.69
C LEU M 266 -20.56 -56.92 -47.65
N VAL M 267 -21.17 -57.72 -48.52
CA VAL M 267 -22.09 -57.22 -49.54
C VAL M 267 -23.51 -57.40 -49.03
N THR M 268 -24.20 -56.27 -48.83
CA THR M 268 -25.59 -56.29 -48.38
C THR M 268 -26.56 -55.87 -49.48
N VAL M 269 -26.07 -55.62 -50.68
CA VAL M 269 -26.95 -55.21 -51.78
C VAL M 269 -27.69 -56.44 -52.29
N PRO M 270 -29.02 -56.39 -52.39
CA PRO M 270 -29.76 -57.54 -52.94
C PRO M 270 -29.48 -57.71 -54.42
N GLY M 271 -29.17 -58.94 -54.83
CA GLY M 271 -28.89 -59.22 -56.21
C GLY M 271 -27.73 -60.17 -56.40
N GLY M 272 -26.94 -60.36 -55.35
CA GLY M 272 -25.81 -61.28 -55.44
C GLY M 272 -24.75 -60.78 -56.40
N ARG M 273 -24.03 -61.74 -56.99
CA ARG M 273 -22.97 -61.40 -57.93
C ARG M 273 -23.52 -60.87 -59.25
N LYS M 274 -24.82 -61.07 -59.51
CA LYS M 274 -25.45 -60.61 -60.74
C LYS M 274 -26.07 -59.23 -60.62
N ARG M 275 -25.87 -58.56 -59.49
CA ARG M 275 -26.49 -57.26 -59.25
C ARG M 275 -25.93 -56.21 -60.20
N ASP M 276 -26.56 -55.04 -60.18
CA ASP M 276 -26.11 -53.90 -60.97
C ASP M 276 -25.09 -53.11 -60.17
N ARG M 277 -23.87 -53.04 -60.68
CA ARG M 277 -22.78 -52.40 -59.94
C ARG M 277 -22.97 -50.90 -59.78
N LYS M 278 -23.81 -50.28 -60.60
CA LYS M 278 -23.97 -48.83 -60.56
C LYS M 278 -24.63 -48.35 -59.27
N ASP M 279 -25.36 -49.22 -58.58
CA ASP M 279 -26.05 -48.86 -57.34
C ASP M 279 -25.25 -49.21 -56.09
N ASP M 280 -24.02 -49.70 -56.26
CA ASP M 280 -23.21 -50.06 -55.11
C ASP M 280 -22.67 -48.82 -54.41
N LEU M 281 -22.41 -48.95 -53.12
CA LEU M 281 -21.87 -47.85 -52.32
C LEU M 281 -21.03 -48.46 -51.21
N LEU M 282 -19.71 -48.49 -51.42
CA LEU M 282 -18.81 -49.02 -50.40
C LEU M 282 -18.77 -48.09 -49.20
N VAL M 283 -18.91 -48.66 -48.01
CA VAL M 283 -18.93 -47.91 -46.77
C VAL M 283 -17.75 -48.39 -45.94
N ILE M 284 -16.65 -47.65 -45.98
CA ILE M 284 -15.47 -47.99 -45.20
C ILE M 284 -15.60 -47.42 -43.80
N ARG M 285 -15.31 -48.23 -42.80
CA ARG M 285 -15.53 -47.83 -41.42
C ARG M 285 -14.56 -48.58 -40.52
N ASP M 286 -14.47 -48.12 -39.27
CA ASP M 286 -13.64 -48.74 -38.24
C ASP M 286 -12.17 -48.78 -38.67
N ASN M 287 -11.61 -47.58 -38.87
CA ASN M 287 -10.20 -47.41 -39.20
C ASN M 287 -9.80 -48.22 -40.43
N GLY M 288 -10.68 -48.22 -41.43
CA GLY M 288 -10.41 -48.95 -42.66
C GLY M 288 -10.32 -50.45 -42.49
N ASN M 289 -11.18 -51.03 -41.67
CA ASN M 289 -11.23 -52.47 -41.49
C ASN M 289 -12.56 -53.09 -41.89
N SER M 290 -13.67 -52.40 -41.69
CA SER M 290 -14.99 -52.92 -42.01
C SER M 290 -15.45 -52.32 -43.34
N PHE M 291 -15.58 -53.16 -44.35
CA PHE M 291 -16.03 -52.75 -45.68
C PHE M 291 -17.41 -53.34 -45.91
N LYS M 292 -18.39 -52.49 -46.20
CA LYS M 292 -19.76 -52.91 -46.40
C LYS M 292 -20.30 -52.26 -47.66
N ILE M 293 -20.99 -53.05 -48.48
CA ILE M 293 -21.61 -52.55 -49.70
C ILE M 293 -23.11 -52.41 -49.45
N ILE M 294 -23.63 -51.21 -49.70
CA ILE M 294 -25.04 -50.91 -49.51
C ILE M 294 -25.56 -50.23 -50.76
N HIS M 295 -26.88 -50.26 -50.91
CA HIS M 295 -27.51 -49.57 -52.04
C HIS M 295 -27.36 -48.07 -51.88
N VAL M 296 -27.19 -47.37 -53.01
CA VAL M 296 -26.96 -45.93 -52.97
C VAL M 296 -28.15 -45.20 -52.39
N GLY M 297 -29.36 -45.75 -52.55
CA GLY M 297 -30.54 -45.13 -51.96
C GLY M 297 -30.56 -45.16 -50.45
N GLU M 298 -29.70 -45.99 -49.84
CA GLU M 298 -29.62 -46.12 -48.40
C GLU M 298 -28.48 -45.31 -47.81
N ARG M 299 -27.87 -44.42 -48.59
CA ARG M 299 -26.75 -43.62 -48.11
C ARG M 299 -27.17 -42.77 -46.92
N ASP M 300 -26.33 -42.76 -45.89
CA ASP M 300 -26.59 -41.93 -44.72
C ASP M 300 -26.09 -40.52 -44.96
N ASP M 301 -26.86 -39.54 -44.47
CA ASP M 301 -26.43 -38.16 -44.54
C ASP M 301 -25.14 -37.97 -43.74
N PRO M 302 -24.19 -37.17 -44.22
CA PRO M 302 -22.98 -36.94 -43.43
C PRO M 302 -23.26 -36.36 -42.06
N THR M 303 -24.31 -35.54 -41.92
CA THR M 303 -24.70 -35.08 -40.59
C THR M 303 -25.11 -36.24 -39.70
N THR M 304 -25.88 -37.18 -40.27
CA THR M 304 -26.31 -38.34 -39.50
C THR M 304 -25.13 -39.17 -39.06
N VAL M 305 -24.14 -39.35 -39.93
CA VAL M 305 -22.97 -40.16 -39.60
C VAL M 305 -22.21 -39.54 -38.43
N ILE M 306 -22.04 -38.22 -38.44
CA ILE M 306 -21.32 -37.56 -37.36
C ILE M 306 -22.13 -37.62 -36.06
N GLU M 307 -23.43 -37.31 -36.13
CA GLU M 307 -24.26 -37.32 -34.93
C GLU M 307 -24.37 -38.72 -34.35
N ARG M 308 -24.46 -39.73 -35.21
CA ARG M 308 -24.56 -41.10 -34.73
C ARG M 308 -23.33 -41.50 -33.94
N GLU M 309 -22.14 -41.15 -34.43
CA GLU M 309 -20.91 -41.48 -33.71
C GLU M 309 -20.79 -40.66 -32.43
N GLU M 310 -21.22 -39.41 -32.46
CA GLU M 310 -21.17 -38.57 -31.26
C GLU M 310 -22.17 -39.03 -30.21
N TRP M 311 -23.35 -39.47 -30.65
CA TRP M 311 -24.35 -39.94 -29.70
C TRP M 311 -23.88 -41.19 -28.98
N THR M 312 -23.26 -42.12 -29.70
CA THR M 312 -22.76 -43.35 -29.08
C THR M 312 -21.67 -43.04 -28.07
N LYS M 313 -20.75 -42.14 -28.41
CA LYS M 313 -19.64 -41.82 -27.53
C LYS M 313 -20.12 -41.12 -26.26
N THR M 314 -20.95 -40.09 -26.41
CA THR M 314 -21.40 -39.34 -25.25
C THR M 314 -22.32 -40.17 -24.36
N ARG M 315 -23.11 -41.07 -24.95
CA ARG M 315 -23.98 -41.91 -24.14
C ARG M 315 -23.17 -42.79 -23.21
N GLU M 316 -22.08 -43.38 -23.71
CA GLU M 316 -21.22 -44.21 -22.87
C GLU M 316 -20.52 -43.36 -21.82
N ASP M 317 -20.09 -42.15 -22.18
CA ASP M 317 -19.43 -41.27 -21.22
C ASP M 317 -20.40 -40.82 -20.13
N MET M 318 -21.64 -40.49 -20.51
CA MET M 318 -22.62 -40.07 -19.53
C MET M 318 -22.94 -41.19 -18.54
N GLU M 319 -23.05 -42.42 -19.02
CA GLU M 319 -23.33 -43.54 -18.14
C GLU M 319 -22.21 -43.75 -17.13
N LYS M 320 -20.95 -43.67 -17.59
CA LYS M 320 -19.84 -43.83 -16.66
C LYS M 320 -19.82 -42.70 -15.63
N HIS M 321 -20.16 -41.49 -16.05
CA HIS M 321 -20.22 -40.37 -15.10
C HIS M 321 -21.32 -40.59 -14.08
N LEU M 322 -22.48 -41.09 -14.51
CA LEU M 322 -23.58 -41.32 -13.58
C LEU M 322 -23.42 -42.62 -12.80
N ARG M 323 -22.52 -43.51 -13.22
CA ARG M 323 -22.39 -44.80 -12.57
C ARG M 323 -21.94 -44.66 -11.12
N LYS M 324 -21.16 -43.63 -10.81
CA LYS M 324 -20.64 -43.46 -9.47
C LYS M 324 -21.69 -42.98 -8.47
N LEU M 325 -22.87 -42.58 -8.92
CA LEU M 325 -23.93 -42.22 -8.00
C LEU M 325 -24.54 -43.48 -7.40
N ARG M 326 -24.89 -43.42 -6.12
CA ARG M 326 -25.31 -44.61 -5.41
C ARG M 326 -26.76 -45.01 -5.67
N ASP M 327 -27.53 -44.19 -6.37
CA ASP M 327 -28.88 -44.57 -6.80
C ASP M 327 -28.93 -44.85 -8.30
N PHE M 328 -27.79 -45.22 -8.87
CA PHE M 328 -27.73 -45.51 -10.30
C PHE M 328 -28.56 -46.74 -10.65
N SER M 329 -28.50 -47.77 -9.81
CA SER M 329 -29.21 -49.02 -10.11
C SER M 329 -30.72 -48.86 -10.10
N VAL M 330 -31.23 -47.80 -9.49
CA VAL M 330 -32.68 -47.59 -9.39
C VAL M 330 -33.05 -46.34 -10.17
N SER M 331 -32.34 -46.08 -11.26
CA SER M 331 -32.58 -44.92 -12.09
C SER M 331 -32.81 -45.36 -13.54
N ASN M 332 -33.57 -44.57 -14.26
CA ASN M 332 -33.86 -44.80 -15.67
C ASN M 332 -33.03 -43.88 -16.55
N TRP M 333 -32.94 -44.23 -17.82
CA TRP M 333 -32.33 -43.38 -18.83
C TRP M 333 -33.40 -42.68 -19.64
N PHE M 334 -33.13 -41.45 -20.05
CA PHE M 334 -34.03 -40.71 -20.91
C PHE M 334 -33.33 -39.51 -21.53
N GLY N 47 17.33 -25.51 100.68
CA GLY N 47 18.34 -24.93 101.54
C GLY N 47 17.90 -24.83 102.99
N PHE N 48 16.59 -24.69 103.19
CA PHE N 48 16.06 -24.55 104.54
C PHE N 48 16.23 -25.84 105.32
N GLU N 49 16.55 -25.71 106.60
CA GLU N 49 16.68 -26.87 107.47
C GLU N 49 15.32 -27.43 107.82
N LEU N 50 15.29 -28.74 108.11
CA LEU N 50 14.03 -29.41 108.47
C LEU N 50 13.76 -29.16 109.94
N LYS N 51 12.72 -28.39 110.23
CA LYS N 51 12.34 -28.13 111.60
C LYS N 51 11.68 -29.36 112.20
N PRO N 52 12.20 -29.93 113.29
CA PRO N 52 11.51 -31.04 113.93
C PRO N 52 10.20 -30.59 114.54
N PRO N 53 9.22 -31.48 114.66
CA PRO N 53 7.94 -31.11 115.26
C PRO N 53 8.13 -30.65 116.69
N PRO N 54 7.37 -29.65 117.14
CA PRO N 54 7.54 -29.07 118.48
C PRO N 54 6.94 -29.93 119.58
N TYR N 55 7.23 -31.23 119.54
CA TYR N 55 6.74 -32.19 120.52
C TYR N 55 7.53 -33.48 120.35
N PRO N 56 7.65 -34.30 121.39
CA PRO N 56 8.43 -35.53 121.29
C PRO N 56 7.84 -36.49 120.27
N LEU N 57 8.72 -37.29 119.67
CA LEU N 57 8.33 -38.24 118.64
C LEU N 57 7.37 -39.30 119.17
N ASP N 58 7.31 -39.49 120.48
CA ASP N 58 6.48 -40.51 121.12
C ASP N 58 5.40 -39.86 121.98
N ALA N 59 4.74 -38.84 121.44
CA ALA N 59 3.77 -38.08 122.21
C ALA N 59 2.33 -38.55 122.01
N LEU N 60 2.05 -39.32 120.97
CA LEU N 60 0.69 -39.72 120.64
C LEU N 60 0.63 -41.20 120.29
N GLU N 61 1.27 -42.03 121.11
CA GLU N 61 1.20 -43.48 120.90
C GLU N 61 -0.22 -44.05 121.00
N PRO N 62 -1.09 -43.63 121.94
CA PRO N 62 -2.48 -44.13 121.91
C PRO N 62 -3.22 -43.67 120.68
N HIS N 63 -2.53 -42.90 119.85
CA HIS N 63 -3.04 -42.43 118.57
C HIS N 63 -1.99 -42.83 117.54
N MET N 64 -2.06 -42.22 116.35
CA MET N 64 -1.10 -42.48 115.28
C MET N 64 0.32 -42.64 115.82
N SER N 65 0.91 -43.79 115.52
CA SER N 65 2.08 -44.29 116.22
C SER N 65 3.35 -43.60 115.73
N ARG N 66 4.46 -43.92 116.42
CA ARG N 66 5.73 -43.28 116.11
C ARG N 66 6.35 -43.82 114.83
N GLU N 67 6.21 -45.13 114.57
CA GLU N 67 6.81 -45.71 113.37
C GLU N 67 6.16 -45.16 112.12
N THR N 68 4.87 -44.81 112.19
CA THR N 68 4.27 -44.04 111.11
C THR N 68 4.94 -42.68 110.98
N LEU N 69 5.19 -42.03 112.12
CA LEU N 69 5.87 -40.73 112.09
C LEU N 69 7.33 -40.86 111.70
N ASP N 70 7.94 -42.02 111.94
CA ASP N 70 9.33 -42.23 111.54
C ASP N 70 9.49 -42.15 110.02
N TYR N 71 8.44 -42.46 109.28
CA TYR N 71 8.47 -42.34 107.82
C TYR N 71 7.75 -41.11 107.32
N HIS N 72 6.67 -40.70 107.99
CA HIS N 72 5.96 -39.49 107.57
C HIS N 72 6.85 -38.27 107.71
N TRP N 73 7.60 -38.18 108.79
CA TRP N 73 8.51 -37.06 109.03
C TRP N 73 9.96 -37.40 108.72
N GLY N 74 10.44 -38.58 109.15
CA GLY N 74 11.82 -38.95 108.94
C GLY N 74 12.15 -39.32 107.52
N LYS N 75 11.17 -39.73 106.72
CA LYS N 75 11.40 -40.15 105.35
C LYS N 75 10.73 -39.21 104.35
N HIS N 76 9.42 -39.01 104.46
CA HIS N 76 8.71 -38.17 103.49
C HIS N 76 9.17 -36.73 103.58
N HIS N 77 9.22 -36.17 104.79
CA HIS N 77 9.58 -34.76 104.92
C HIS N 77 11.06 -34.53 104.64
N LYS N 78 11.92 -35.50 104.97
CA LYS N 78 13.34 -35.35 104.68
C LYS N 78 13.60 -35.28 103.18
N THR N 79 12.91 -36.12 102.41
CA THR N 79 13.08 -36.09 100.96
C THR N 79 12.64 -34.76 100.38
N TYR N 80 11.53 -34.21 100.90
CA TYR N 80 11.00 -32.96 100.35
C TYR N 80 11.98 -31.80 100.56
N VAL N 81 12.54 -31.67 101.76
CA VAL N 81 13.44 -30.55 102.02
C VAL N 81 14.76 -30.76 101.29
N GLU N 82 15.28 -31.99 101.27
CA GLU N 82 16.58 -32.22 100.66
C GLU N 82 16.53 -32.04 99.15
N ASN N 83 15.39 -32.33 98.52
CA ASN N 83 15.24 -32.08 97.09
C ASN N 83 15.33 -30.59 96.79
N LEU N 84 14.73 -29.77 97.66
CA LEU N 84 14.86 -28.32 97.51
C LEU N 84 16.31 -27.89 97.60
N ASN N 85 17.05 -28.45 98.56
CA ASN N 85 18.46 -28.11 98.69
C ASN N 85 19.24 -28.49 97.44
N LYS N 86 18.79 -29.51 96.72
CA LYS N 86 19.43 -29.89 95.47
C LYS N 86 18.91 -29.13 94.26
N GLN N 87 17.82 -28.38 94.40
CA GLN N 87 17.24 -27.63 93.30
C GLN N 87 17.34 -26.12 93.47
N ILE N 88 17.72 -25.64 94.65
CA ILE N 88 17.84 -24.21 94.89
C ILE N 88 19.30 -23.91 95.22
N VAL N 89 20.21 -24.65 94.60
CA VAL N 89 21.63 -24.47 94.88
C VAL N 89 22.10 -23.09 94.44
N GLY N 90 21.78 -22.71 93.22
CA GLY N 90 22.26 -21.45 92.67
C GLY N 90 21.22 -20.69 91.86
N THR N 91 19.96 -20.85 92.22
CA THR N 91 18.87 -20.20 91.49
C THR N 91 18.82 -18.72 91.89
N ASP N 92 17.81 -18.00 91.38
CA ASP N 92 17.66 -16.60 91.70
C ASP N 92 17.27 -16.39 93.16
N LEU N 93 16.56 -17.35 93.75
CA LEU N 93 16.08 -17.20 95.12
C LEU N 93 17.15 -17.61 96.12
N ASP N 94 17.61 -18.86 96.03
CA ASP N 94 18.65 -19.39 96.92
C ASP N 94 18.30 -19.19 98.39
N GLY N 95 17.02 -19.42 98.71
CA GLY N 95 16.58 -19.36 100.08
C GLY N 95 16.31 -17.97 100.60
N LEU N 96 15.40 -17.25 99.94
CA LEU N 96 14.98 -15.95 100.45
C LEU N 96 14.05 -16.11 101.65
N SER N 97 12.90 -16.75 101.43
CA SER N 97 11.98 -17.08 102.51
C SER N 97 11.13 -18.24 102.06
N LEU N 98 10.91 -19.22 102.95
CA LEU N 98 10.28 -20.47 102.55
C LEU N 98 8.86 -20.24 102.04
N GLU N 99 8.10 -19.37 102.70
CA GLU N 99 6.72 -19.17 102.30
C GLU N 99 6.61 -18.56 100.90
N GLU N 100 7.44 -17.56 100.61
CA GLU N 100 7.37 -16.92 99.30
C GLU N 100 7.94 -17.80 98.20
N VAL N 101 8.77 -18.79 98.55
CA VAL N 101 9.29 -19.71 97.54
C VAL N 101 8.14 -20.47 96.89
N VAL N 102 7.20 -20.95 97.71
CA VAL N 102 6.03 -21.64 97.17
C VAL N 102 5.23 -20.70 96.28
N LEU N 103 5.03 -19.46 96.73
CA LEU N 103 4.33 -18.48 95.93
C LEU N 103 5.11 -18.15 94.66
N LEU N 104 6.43 -18.01 94.77
CA LEU N 104 7.24 -17.69 93.60
C LEU N 104 7.30 -18.88 92.64
N SER N 105 7.52 -20.08 93.17
CA SER N 105 7.55 -21.27 92.31
C SER N 105 6.18 -21.61 91.76
N TYR N 106 5.11 -21.05 92.32
CA TYR N 106 3.79 -21.26 91.76
C TYR N 106 3.71 -20.76 90.33
N ASN N 107 4.26 -19.57 90.08
CA ASN N 107 4.40 -19.01 88.73
C ASN N 107 3.05 -18.93 88.03
N ARG N 108 2.00 -18.65 88.80
CA ARG N 108 0.64 -18.51 88.28
C ARG N 108 0.25 -19.73 87.43
N GLY N 109 0.39 -20.90 88.03
CA GLY N 109 -0.02 -22.14 87.40
C GLY N 109 0.97 -22.75 86.43
N ASN N 110 2.15 -22.15 86.25
CA ASN N 110 3.14 -22.72 85.35
C ASN N 110 3.79 -23.97 85.93
N MET N 111 3.77 -24.13 87.25
CA MET N 111 4.23 -25.34 87.95
C MET N 111 5.70 -25.63 87.63
N LEU N 112 6.57 -24.74 88.11
CA LEU N 112 8.00 -24.98 88.02
C LEU N 112 8.35 -26.26 88.81
N PRO N 113 9.39 -26.97 88.40
CA PRO N 113 9.68 -28.28 89.01
C PRO N 113 9.92 -28.21 90.52
N ALA N 114 10.49 -27.11 91.01
CA ALA N 114 10.76 -27.00 92.44
C ALA N 114 9.52 -26.74 93.27
N PHE N 115 8.38 -26.46 92.63
CA PHE N 115 7.18 -26.10 93.38
C PHE N 115 6.69 -27.26 94.24
N ASN N 116 6.68 -28.47 93.69
CA ASN N 116 6.07 -29.60 94.40
C ASN N 116 6.78 -29.88 95.71
N ASN N 117 8.11 -29.90 95.70
CA ASN N 117 8.85 -30.11 96.94
C ASN N 117 8.69 -28.92 97.87
N ALA N 118 8.62 -27.71 97.32
CA ALA N 118 8.48 -26.52 98.14
C ALA N 118 7.14 -26.52 98.88
N ALA N 119 6.06 -26.82 98.16
CA ALA N 119 4.74 -26.83 98.79
C ALA N 119 4.65 -27.93 99.84
N GLN N 120 5.18 -29.12 99.53
CA GLN N 120 5.14 -30.22 100.48
C GLN N 120 5.94 -29.89 101.73
N ALA N 121 7.09 -29.22 101.56
CA ALA N 121 7.89 -28.84 102.71
C ALA N 121 7.12 -27.91 103.63
N TRP N 122 6.42 -26.93 103.07
CA TRP N 122 5.62 -26.04 103.90
C TRP N 122 4.38 -26.76 104.44
N ASN N 123 3.74 -27.58 103.62
CA ASN N 123 2.52 -28.25 104.04
C ASN N 123 2.77 -29.13 105.25
N HIS N 124 3.76 -30.02 105.17
CA HIS N 124 4.04 -30.90 106.30
C HIS N 124 4.52 -30.12 107.50
N GLU N 125 5.38 -29.11 107.29
CA GLU N 125 5.82 -28.28 108.39
C GLU N 125 4.64 -27.56 109.04
N PHE N 126 3.74 -27.03 108.22
CA PHE N 126 2.50 -26.46 108.75
C PHE N 126 1.65 -27.53 109.42
N PHE N 127 1.69 -28.75 108.87
CA PHE N 127 0.89 -29.84 109.43
C PHE N 127 1.38 -30.24 110.81
N TRP N 128 2.69 -30.25 111.03
CA TRP N 128 3.22 -30.66 112.33
C TRP N 128 2.75 -29.71 113.42
N GLU N 129 2.77 -28.41 113.14
CA GLU N 129 2.34 -27.43 114.13
C GLU N 129 0.87 -27.58 114.47
N SER N 130 0.08 -28.14 113.56
CA SER N 130 -1.37 -28.21 113.76
C SER N 130 -1.77 -29.20 114.84
N ILE N 131 -0.87 -30.10 115.25
CA ILE N 131 -1.19 -31.14 116.22
C ILE N 131 -0.32 -30.94 117.45
N GLN N 132 -0.93 -31.01 118.63
CA GLN N 132 -0.23 -31.02 119.89
C GLN N 132 -0.63 -32.29 120.65
N PRO N 133 0.20 -32.74 121.61
CA PRO N 133 -0.11 -34.00 122.30
C PRO N 133 -1.48 -34.01 122.97
N GLY N 134 -1.95 -32.87 123.46
CA GLY N 134 -3.27 -32.81 124.05
C GLY N 134 -4.36 -33.07 123.04
N GLY N 135 -4.50 -32.17 122.08
CA GLY N 135 -5.43 -32.36 120.99
C GLY N 135 -6.89 -32.19 121.41
N GLY N 136 -7.77 -32.37 120.43
CA GLY N 136 -9.20 -32.28 120.69
C GLY N 136 -9.59 -30.89 121.17
N GLY N 137 -10.54 -30.86 122.10
CA GLY N 137 -11.00 -29.61 122.65
C GLY N 137 -11.87 -28.82 121.68
N LYS N 138 -12.08 -27.56 122.04
CA LYS N 138 -12.88 -26.64 121.24
C LYS N 138 -12.14 -25.33 121.06
N PRO N 139 -12.45 -24.58 120.00
CA PRO N 139 -11.83 -23.26 119.82
C PRO N 139 -12.19 -22.34 120.96
N SER N 140 -11.28 -21.41 121.26
CA SER N 140 -11.40 -20.53 122.41
C SER N 140 -11.62 -19.10 121.94
N GLY N 141 -12.89 -18.70 121.84
CA GLY N 141 -13.24 -17.31 121.66
C GLY N 141 -12.99 -16.74 120.27
N ASP N 142 -11.71 -16.60 119.90
CA ASP N 142 -11.37 -15.91 118.66
C ASP N 142 -11.97 -16.62 117.45
N LEU N 143 -11.82 -17.94 117.38
CA LEU N 143 -12.45 -18.69 116.31
C LEU N 143 -13.96 -18.75 116.50
N LEU N 144 -14.41 -18.82 117.76
CA LEU N 144 -15.83 -19.02 118.03
C LEU N 144 -16.68 -17.91 117.43
N ARG N 145 -16.17 -16.67 117.45
CA ARG N 145 -16.91 -15.58 116.84
C ARG N 145 -16.99 -15.74 115.32
N LEU N 146 -16.18 -16.61 114.73
CA LEU N 146 -16.13 -16.78 113.28
C LEU N 146 -16.91 -18.01 112.81
N ILE N 147 -16.58 -19.19 113.33
CA ILE N 147 -17.21 -20.42 112.84
C ILE N 147 -18.71 -20.39 113.12
N GLU N 148 -19.12 -19.80 114.24
CA GLU N 148 -20.54 -19.69 114.53
C GLU N 148 -21.25 -18.84 113.50
N ARG N 149 -20.63 -17.73 113.08
CA ARG N 149 -21.23 -16.85 112.09
C ARG N 149 -20.91 -17.25 110.65
N ASP N 150 -20.04 -18.22 110.44
CA ASP N 150 -19.67 -18.66 109.10
C ASP N 150 -20.14 -20.08 108.80
N PHE N 151 -20.07 -20.98 109.76
CA PHE N 151 -20.48 -22.37 109.57
C PHE N 151 -21.66 -22.76 110.46
N GLY N 152 -22.41 -21.77 110.95
CA GLY N 152 -23.55 -22.05 111.81
C GLY N 152 -23.15 -22.34 113.24
N SER N 153 -22.44 -23.44 113.45
CA SER N 153 -21.99 -23.82 114.78
C SER N 153 -20.76 -24.71 114.65
N PHE N 154 -20.08 -24.89 115.78
CA PHE N 154 -18.90 -25.76 115.79
C PHE N 154 -19.29 -27.19 115.42
N SER N 155 -20.43 -27.66 115.93
CA SER N 155 -20.89 -29.00 115.58
C SER N 155 -21.16 -29.12 114.09
N ASP N 156 -21.77 -28.09 113.49
CA ASP N 156 -21.97 -28.10 112.05
C ASP N 156 -20.63 -28.04 111.32
N PHE N 157 -19.69 -27.24 111.83
CA PHE N 157 -18.40 -27.09 111.17
C PHE N 157 -17.61 -28.39 111.17
N VAL N 158 -17.53 -29.06 112.32
CA VAL N 158 -16.69 -30.25 112.42
C VAL N 158 -17.23 -31.35 111.51
N GLU N 159 -18.56 -31.51 111.46
CA GLU N 159 -19.13 -32.47 110.53
C GLU N 159 -18.85 -32.08 109.09
N ARG N 160 -18.95 -30.79 108.78
CA ARG N 160 -18.63 -30.32 107.43
C ARG N 160 -17.15 -30.52 107.12
N PHE N 161 -16.28 -30.24 108.09
CA PHE N 161 -14.84 -30.40 107.88
C PHE N 161 -14.49 -31.86 107.64
N LYS N 162 -15.06 -32.77 108.43
CA LYS N 162 -14.77 -34.19 108.24
C LYS N 162 -15.25 -34.68 106.89
N ALA N 163 -16.45 -34.23 106.46
CA ALA N 163 -16.97 -34.64 105.18
C ALA N 163 -16.09 -34.17 104.04
N ALA N 164 -15.59 -32.93 104.12
CA ALA N 164 -14.74 -32.40 103.07
C ALA N 164 -13.45 -33.21 102.94
N ALA N 165 -12.80 -33.51 104.07
CA ALA N 165 -11.57 -34.28 104.03
C ALA N 165 -11.82 -35.70 103.53
N ALA N 166 -12.92 -36.32 103.97
CA ALA N 166 -13.24 -37.66 103.51
C ALA N 166 -13.51 -37.69 102.01
N SER N 167 -14.25 -36.69 101.50
CA SER N 167 -14.56 -36.65 100.08
C SER N 167 -13.36 -36.34 99.22
N ASN N 168 -12.24 -35.92 99.81
CA ASN N 168 -11.06 -35.56 99.04
C ASN N 168 -10.50 -36.80 98.36
N PHE N 169 -10.70 -36.91 97.06
CA PHE N 169 -10.26 -38.08 96.31
C PHE N 169 -8.77 -38.01 96.04
N GLY N 170 -8.11 -39.16 96.14
CA GLY N 170 -6.68 -39.20 95.88
C GLY N 170 -5.87 -38.57 96.99
N SER N 171 -4.61 -38.29 96.67
CA SER N 171 -3.68 -37.68 97.63
C SER N 171 -3.83 -36.17 97.56
N GLY N 172 -4.03 -35.55 98.71
CA GLY N 172 -4.21 -34.12 98.76
C GLY N 172 -4.27 -33.62 100.18
N TRP N 173 -4.68 -32.36 100.33
CA TRP N 173 -4.78 -31.73 101.62
C TRP N 173 -6.13 -31.03 101.77
N THR N 174 -6.60 -30.97 103.01
CA THR N 174 -7.81 -30.24 103.35
C THR N 174 -7.44 -29.11 104.30
N TRP N 175 -7.93 -27.91 104.01
CA TRP N 175 -7.50 -26.72 104.74
C TRP N 175 -8.69 -25.96 105.29
N LEU N 176 -8.53 -25.44 106.50
CA LEU N 176 -9.43 -24.45 107.07
C LEU N 176 -8.65 -23.14 107.07
N ALA N 177 -8.89 -22.29 106.08
CA ALA N 177 -8.07 -21.13 105.83
C ALA N 177 -8.91 -19.85 105.92
N TYR N 178 -8.36 -18.84 106.60
CA TYR N 178 -8.95 -17.52 106.55
C TYR N 178 -8.87 -16.97 105.14
N LYS N 179 -9.95 -16.35 104.69
CA LYS N 179 -10.04 -15.81 103.33
C LYS N 179 -9.82 -14.32 103.38
N ALA N 180 -8.62 -13.88 103.00
CA ALA N 180 -8.28 -12.47 102.88
C ALA N 180 -7.72 -12.19 101.50
N ASN N 181 -8.44 -12.69 100.48
CA ASN N 181 -7.95 -12.63 99.11
C ASN N 181 -7.83 -11.20 98.62
N ARG N 182 -6.79 -10.94 97.84
CA ARG N 182 -6.62 -9.66 97.15
C ARG N 182 -6.10 -9.97 95.75
N LEU N 183 -7.00 -9.94 94.77
CA LEU N 183 -6.63 -10.26 93.40
C LEU N 183 -5.82 -9.14 92.78
N ASP N 184 -4.85 -9.51 91.96
CA ASP N 184 -4.04 -8.55 91.21
C ASP N 184 -4.60 -8.39 89.79
N VAL N 185 -5.82 -7.86 89.74
CA VAL N 185 -6.55 -7.68 88.49
C VAL N 185 -7.43 -6.44 88.63
N ALA N 186 -7.95 -5.96 87.51
CA ALA N 186 -8.79 -4.76 87.52
C ALA N 186 -10.08 -5.02 88.27
N ASN N 187 -10.55 -3.97 88.96
CA ASN N 187 -11.79 -4.00 89.75
C ASN N 187 -11.75 -5.04 90.85
N ALA N 188 -10.57 -5.45 91.29
CA ALA N 188 -10.47 -6.44 92.35
C ALA N 188 -10.85 -5.85 93.71
N VAL N 189 -10.53 -4.58 93.94
CA VAL N 189 -10.80 -3.97 95.24
C VAL N 189 -12.29 -3.68 95.38
N ASN N 190 -12.85 -4.04 96.52
CA ASN N 190 -14.25 -3.76 96.80
C ASN N 190 -14.39 -2.32 97.27
N PRO N 191 -15.17 -1.48 96.58
CA PRO N 191 -15.33 -0.09 97.05
C PRO N 191 -15.95 0.00 98.43
N LEU N 192 -16.75 -0.98 98.85
CA LEU N 192 -17.37 -1.01 100.16
C LEU N 192 -17.04 -2.34 100.82
N PRO N 193 -15.85 -2.47 101.40
CA PRO N 193 -15.48 -3.72 102.07
C PRO N 193 -16.40 -4.00 103.25
N LYS N 194 -16.63 -5.28 103.51
CA LYS N 194 -17.47 -5.70 104.61
C LYS N 194 -16.72 -6.72 105.47
N GLU N 195 -17.07 -6.73 106.76
CA GLU N 195 -16.39 -7.63 107.69
C GLU N 195 -16.63 -9.09 107.34
N GLU N 196 -17.88 -9.44 106.98
CA GLU N 196 -18.19 -10.82 106.67
C GLU N 196 -17.64 -11.27 105.33
N ASP N 197 -17.15 -10.35 104.50
CA ASP N 197 -16.54 -10.75 103.24
C ASP N 197 -15.30 -11.61 103.47
N LYS N 198 -14.47 -11.22 104.43
CA LYS N 198 -13.30 -12.00 104.82
C LYS N 198 -13.75 -13.00 105.88
N LYS N 199 -13.99 -14.24 105.46
CA LYS N 199 -14.54 -15.27 106.32
C LYS N 199 -13.62 -16.50 106.31
N LEU N 200 -14.09 -17.56 106.95
CA LEU N 200 -13.38 -18.84 106.97
C LEU N 200 -13.99 -19.78 105.95
N VAL N 201 -13.14 -20.43 105.17
CA VAL N 201 -13.57 -21.34 104.12
C VAL N 201 -12.82 -22.66 104.28
N ILE N 202 -13.52 -23.77 104.03
CA ILE N 202 -12.91 -25.09 104.03
C ILE N 202 -12.53 -25.41 102.59
N VAL N 203 -11.23 -25.48 102.33
CA VAL N 203 -10.71 -25.69 100.98
C VAL N 203 -9.96 -27.01 100.96
N LYS N 204 -10.35 -27.89 100.04
CA LYS N 204 -9.69 -29.18 99.83
C LYS N 204 -8.83 -29.08 98.59
N THR N 205 -7.53 -29.35 98.75
CA THR N 205 -6.60 -29.17 97.64
C THR N 205 -5.88 -30.47 97.31
N PRO N 206 -5.73 -30.80 96.04
CA PRO N 206 -5.10 -32.07 95.67
C PRO N 206 -3.58 -31.97 95.70
N ASN N 207 -2.95 -33.15 95.66
CA ASN N 207 -1.49 -33.29 95.66
C ASN N 207 -0.82 -32.36 96.64
N ALA N 208 -0.12 -31.34 96.11
CA ALA N 208 0.64 -30.39 96.93
C ALA N 208 0.34 -28.98 96.43
N VAL N 209 -0.69 -28.36 97.00
CA VAL N 209 -1.00 -26.96 96.77
C VAL N 209 -1.68 -26.42 98.01
N ASN N 210 -1.21 -25.27 98.49
CA ASN N 210 -1.71 -24.67 99.71
C ASN N 210 -2.44 -23.36 99.40
N PRO N 211 -3.36 -22.93 100.26
CA PRO N 211 -4.13 -21.71 99.99
C PRO N 211 -3.28 -20.46 99.90
N LEU N 212 -1.97 -20.59 100.13
CA LEU N 212 -1.07 -19.44 99.96
C LEU N 212 -1.10 -18.94 98.52
N VAL N 213 -1.35 -19.82 97.56
CA VAL N 213 -1.40 -19.41 96.16
C VAL N 213 -2.68 -18.67 95.81
N TRP N 214 -3.69 -18.71 96.68
CA TRP N 214 -4.88 -17.87 96.53
C TRP N 214 -4.81 -16.62 97.39
N ASP N 215 -3.64 -16.32 97.95
CA ASP N 215 -3.45 -15.26 98.93
C ASP N 215 -4.24 -15.51 100.21
N TYR N 216 -4.78 -16.71 100.39
CA TYR N 216 -5.42 -17.06 101.63
C TYR N 216 -4.38 -17.30 102.72
N SER N 217 -4.83 -17.29 103.97
CA SER N 217 -3.97 -17.58 105.11
C SER N 217 -4.45 -18.86 105.77
N PRO N 218 -3.80 -20.00 105.54
CA PRO N 218 -4.24 -21.24 106.18
C PRO N 218 -4.14 -21.16 107.69
N LEU N 219 -5.10 -21.76 108.38
CA LEU N 219 -5.13 -21.83 109.83
C LEU N 219 -4.79 -23.23 110.34
N LEU N 220 -5.43 -24.26 109.77
CA LEU N 220 -5.10 -25.63 110.12
C LEU N 220 -5.31 -26.50 108.89
N THR N 221 -4.67 -27.66 108.90
CA THR N 221 -4.78 -28.58 107.79
C THR N 221 -4.63 -30.01 108.29
N ILE N 222 -5.11 -30.95 107.47
CA ILE N 222 -4.99 -32.36 107.76
C ILE N 222 -4.35 -33.05 106.55
N ASP N 223 -3.27 -33.79 106.79
CA ASP N 223 -2.57 -34.47 105.71
C ASP N 223 -3.38 -35.67 105.24
N THR N 224 -4.21 -35.48 104.22
CA THR N 224 -5.04 -36.55 103.70
C THR N 224 -4.28 -37.44 102.71
N TRP N 225 -3.01 -37.16 102.46
CA TRP N 225 -2.18 -38.09 101.72
C TRP N 225 -2.15 -39.44 102.43
N GLU N 226 -2.22 -40.51 101.64
CA GLU N 226 -2.33 -41.85 102.22
C GLU N 226 -1.14 -42.19 103.10
N HIS N 227 0.05 -41.69 102.76
CA HIS N 227 1.23 -42.00 103.56
C HIS N 227 1.07 -41.53 105.00
N ALA N 228 0.26 -40.49 105.22
CA ALA N 228 0.11 -39.94 106.56
C ALA N 228 -0.64 -40.88 107.48
N TYR N 229 -1.54 -41.70 106.95
CA TYR N 229 -2.42 -42.49 107.80
C TYR N 229 -2.59 -43.95 107.39
N TYR N 230 -2.07 -44.37 106.24
CA TYR N 230 -2.39 -45.72 105.76
C TYR N 230 -1.65 -46.79 106.55
N LEU N 231 -0.50 -46.46 107.12
CA LEU N 231 0.37 -47.49 107.67
C LEU N 231 -0.18 -48.10 108.95
N ASP N 232 -0.84 -47.32 109.80
CA ASP N 232 -1.22 -47.82 111.13
C ASP N 232 -2.63 -48.42 111.14
N PHE N 233 -3.64 -47.61 110.84
CA PHE N 233 -5.02 -48.11 110.84
C PHE N 233 -5.53 -48.34 109.42
N GLU N 234 -4.78 -49.15 108.67
CA GLU N 234 -5.16 -49.66 107.34
C GLU N 234 -5.68 -48.50 106.49
N ASN N 235 -6.85 -48.62 105.87
CA ASN N 235 -7.37 -47.61 104.95
C ASN N 235 -8.49 -46.79 105.56
N ARG N 236 -8.76 -46.93 106.86
CA ARG N 236 -9.88 -46.25 107.50
C ARG N 236 -9.54 -44.77 107.64
N ARG N 237 -9.71 -44.03 106.54
CA ARG N 237 -9.51 -42.59 106.59
C ARG N 237 -10.50 -41.93 107.54
N ILE N 238 -11.69 -42.51 107.70
CA ILE N 238 -12.69 -41.94 108.58
C ILE N 238 -12.16 -41.90 110.02
N GLU N 239 -11.52 -42.98 110.46
CA GLU N 239 -10.91 -42.96 111.79
C GLU N 239 -9.79 -41.93 111.86
N TYR N 240 -9.01 -41.81 110.79
CA TYR N 240 -7.94 -40.82 110.74
C TYR N 240 -8.50 -39.41 110.90
N ILE N 241 -9.59 -39.10 110.19
CA ILE N 241 -10.19 -37.79 110.30
C ILE N 241 -10.81 -37.59 111.68
N ASN N 242 -11.49 -38.61 112.19
CA ASN N 242 -12.12 -38.49 113.50
C ASN N 242 -11.09 -38.27 114.59
N THR N 243 -10.08 -39.14 114.64
CA THR N 243 -9.05 -39.02 115.68
C THR N 243 -8.30 -37.71 115.57
N PHE N 244 -8.11 -37.22 114.34
CA PHE N 244 -7.45 -35.93 114.15
C PHE N 244 -8.25 -34.80 114.78
N MET N 245 -9.57 -34.80 114.56
CA MET N 245 -10.40 -33.72 115.07
C MET N 245 -10.62 -33.82 116.57
N GLU N 246 -10.88 -35.03 117.07
CA GLU N 246 -11.25 -35.18 118.47
C GLU N 246 -10.06 -35.42 119.39
N LYS N 247 -8.87 -35.68 118.85
CA LYS N 247 -7.72 -35.99 119.70
C LYS N 247 -6.44 -35.27 119.31
N LEU N 248 -6.38 -34.55 118.19
CA LEU N 248 -5.13 -34.02 117.69
C LEU N 248 -5.15 -32.54 117.35
N VAL N 249 -6.31 -31.93 117.12
CA VAL N 249 -6.34 -30.53 116.69
C VAL N 249 -5.80 -29.64 117.80
N SER N 250 -5.07 -28.60 117.40
CA SER N 250 -4.49 -27.63 118.32
C SER N 250 -5.14 -26.28 118.06
N TRP N 251 -6.27 -26.04 118.73
CA TRP N 251 -6.99 -24.78 118.52
C TRP N 251 -6.14 -23.58 118.94
N GLU N 252 -5.38 -23.71 120.02
CA GLU N 252 -4.52 -22.62 120.46
C GLU N 252 -3.47 -22.31 119.39
N THR N 253 -2.90 -23.34 118.78
CA THR N 253 -1.97 -23.12 117.67
C THR N 253 -2.69 -22.49 116.49
N VAL N 254 -3.92 -22.93 116.21
CA VAL N 254 -4.72 -22.29 115.17
C VAL N 254 -5.00 -20.85 115.54
N SER N 255 -5.33 -20.59 116.81
CA SER N 255 -5.57 -19.22 117.25
C SER N 255 -4.33 -18.36 117.07
N THR N 256 -3.16 -18.89 117.40
CA THR N 256 -1.93 -18.15 117.16
C THR N 256 -1.72 -17.93 115.66
N ARG N 257 -2.05 -18.92 114.84
CA ARG N 257 -2.02 -18.72 113.40
C ARG N 257 -3.24 -17.97 112.90
N LEU N 258 -4.25 -17.76 113.74
CA LEU N 258 -5.37 -16.90 113.40
C LEU N 258 -5.15 -15.46 113.86
N GLU N 259 -4.53 -15.27 115.03
CA GLU N 259 -4.21 -13.92 115.45
C GLU N 259 -3.21 -13.26 114.51
N SER N 260 -2.45 -14.05 113.76
CA SER N 260 -1.64 -13.50 112.68
C SER N 260 -2.46 -13.28 111.41
N ALA N 261 -3.56 -14.00 111.25
CA ALA N 261 -4.36 -13.88 110.03
C ALA N 261 -4.95 -12.49 109.90
N MET N 262 -5.64 -12.01 110.94
CA MET N 262 -6.14 -10.64 110.92
C MET N 262 -5.09 -9.67 111.45
N ALA N 263 -3.88 -9.85 110.99
CA ALA N 263 -2.80 -8.88 111.10
C ALA N 263 -2.15 -8.61 109.76
N ARG N 264 -2.00 -9.65 108.94
CA ARG N 264 -1.76 -9.44 107.52
C ARG N 264 -2.99 -8.83 106.85
N ALA N 265 -4.18 -9.22 107.32
CA ALA N 265 -5.40 -8.59 106.85
C ALA N 265 -5.63 -7.22 107.49
N ALA N 266 -5.11 -7.01 108.70
CA ALA N 266 -5.38 -5.77 109.42
C ALA N 266 -4.65 -4.56 108.82
N GLN N 267 -3.69 -4.78 107.92
CA GLN N 267 -2.94 -3.68 107.33
C GLN N 267 -3.31 -3.40 105.89
N ARG N 268 -3.87 -4.37 105.17
CA ARG N 268 -4.18 -4.18 103.76
C ARG N 268 -5.21 -3.08 103.56
N GLU N 269 -6.24 -3.03 104.41
CA GLU N 269 -7.30 -2.04 104.24
C GLU N 269 -6.85 -0.65 104.67
N GLN N 270 -5.78 -0.54 105.45
CA GLN N 270 -5.32 0.76 105.94
C GLN N 270 -4.03 1.22 105.30
N GLU N 271 -3.26 0.32 104.69
CA GLU N 271 -2.02 0.73 104.03
C GLU N 271 -2.29 1.67 102.87
N GLY N 272 -3.31 1.38 102.07
CA GLY N 272 -3.64 2.19 100.92
C GLY N 272 -4.21 3.55 101.28
N GLY O 70 -42.21 12.06 36.80
CA GLY O 70 -41.20 12.98 37.29
C GLY O 70 -41.43 14.41 36.86
N LYS O 71 -40.88 15.36 37.62
CA LYS O 71 -41.04 16.76 37.28
C LYS O 71 -40.37 17.10 35.95
N PHE O 72 -39.18 16.54 35.72
CA PHE O 72 -38.41 16.85 34.53
C PHE O 72 -38.53 15.82 33.43
N VAL O 73 -38.67 14.54 33.78
CA VAL O 73 -38.84 13.47 32.80
C VAL O 73 -40.28 12.96 32.93
N ARG O 74 -40.98 12.96 31.81
CA ARG O 74 -42.35 12.46 31.77
C ARG O 74 -42.37 10.95 32.01
N GLU O 75 -43.35 10.49 32.77
CA GLU O 75 -43.50 9.06 33.00
C GLU O 75 -43.83 8.36 31.69
N ASP O 76 -43.21 7.20 31.46
CA ASP O 76 -43.42 6.49 30.21
C ASP O 76 -44.80 5.85 30.12
N TYR O 77 -45.42 5.54 31.26
CA TYR O 77 -46.67 4.80 31.29
C TYR O 77 -47.70 5.57 32.10
N LEU O 78 -48.91 5.68 31.55
CA LEU O 78 -50.00 6.39 32.21
C LEU O 78 -50.99 5.48 32.90
N VAL O 79 -51.09 4.22 32.49
CA VAL O 79 -52.01 3.28 33.09
C VAL O 79 -51.42 2.82 34.42
N ARG O 80 -52.07 3.19 35.51
CA ARG O 80 -51.56 2.92 36.85
C ARG O 80 -52.04 1.56 37.34
N LYS O 81 -51.12 0.77 37.88
CA LYS O 81 -51.47 -0.54 38.44
C LYS O 81 -51.99 -0.36 39.85
N LEU O 82 -53.10 -1.03 40.16
CA LEU O 82 -53.76 -0.91 41.45
C LEU O 82 -53.93 -2.28 42.08
N SER O 83 -53.99 -2.30 43.40
CA SER O 83 -54.28 -3.51 44.14
C SER O 83 -55.78 -3.77 44.13
N ALA O 84 -56.18 -4.94 44.63
CA ALA O 84 -57.60 -5.21 44.77
C ALA O 84 -58.26 -4.21 45.69
N GLN O 85 -57.58 -3.84 46.78
CA GLN O 85 -58.14 -2.86 47.71
C GLN O 85 -58.13 -1.46 47.11
N GLU O 86 -57.03 -1.07 46.46
CA GLU O 86 -56.96 0.26 45.86
C GLU O 86 -58.06 0.43 44.82
N LEU O 87 -58.43 -0.65 44.14
CA LEU O 87 -59.56 -0.61 43.21
C LEU O 87 -60.88 -0.49 43.96
N GLN O 88 -61.00 -1.11 45.13
CA GLN O 88 -62.27 -1.13 45.84
C GLN O 88 -62.70 0.27 46.25
N ASP O 89 -61.81 1.00 46.92
CA ASP O 89 -62.16 2.34 47.36
C ASP O 89 -62.36 3.28 46.19
N LEU O 90 -61.67 3.00 45.07
CA LEU O 90 -61.92 3.77 43.85
C LEU O 90 -63.35 3.58 43.36
N VAL O 91 -63.84 2.35 43.39
CA VAL O 91 -65.23 2.10 43.00
C VAL O 91 -66.18 2.64 44.06
N LYS O 92 -65.87 2.42 45.34
CA LYS O 92 -66.72 2.95 46.39
C LYS O 92 -66.73 4.47 46.40
N GLY O 93 -65.59 5.09 46.15
CA GLY O 93 -65.53 6.54 46.09
C GLY O 93 -66.22 7.08 44.85
N GLU O 94 -66.46 8.39 44.88
CA GLU O 94 -67.17 9.08 43.79
C GLU O 94 -66.20 9.33 42.65
N ARG O 95 -66.54 8.81 41.47
CA ARG O 95 -65.78 9.04 40.26
C ARG O 95 -66.64 9.82 39.28
N LYS O 96 -66.09 10.90 38.73
CA LYS O 96 -66.79 11.74 37.78
C LYS O 96 -66.52 11.35 36.33
N VAL O 97 -65.65 10.37 36.11
CA VAL O 97 -65.25 9.96 34.77
C VAL O 97 -65.40 8.45 34.65
N PRO O 98 -65.62 7.91 33.45
CA PRO O 98 -65.68 6.45 33.31
C PRO O 98 -64.38 5.80 33.77
N LEU O 99 -64.52 4.66 34.44
CA LEU O 99 -63.38 3.92 34.97
C LEU O 99 -63.17 2.68 34.12
N ILE O 100 -61.94 2.50 33.65
CA ILE O 100 -61.56 1.34 32.85
C ILE O 100 -60.57 0.53 33.66
N VAL O 101 -60.95 -0.71 33.97
CA VAL O 101 -60.12 -1.61 34.77
C VAL O 101 -59.63 -2.72 33.87
N ASP O 102 -58.32 -2.89 33.79
CA ASP O 102 -57.72 -3.94 33.00
C ASP O 102 -57.23 -5.06 33.92
N PHE O 103 -57.57 -6.29 33.57
CA PHE O 103 -57.00 -7.46 34.22
C PHE O 103 -56.02 -8.11 33.25
N TYR O 104 -54.80 -8.37 33.73
CA TYR O 104 -53.74 -8.83 32.86
C TYR O 104 -52.74 -9.63 33.68
N ALA O 105 -51.88 -10.35 32.97
CA ALA O 105 -50.75 -11.04 33.58
C ALA O 105 -49.54 -10.86 32.69
N THR O 106 -48.37 -10.70 33.31
CA THR O 106 -47.15 -10.49 32.54
C THR O 106 -46.85 -11.67 31.62
N TRP O 107 -47.21 -12.87 32.03
CA TRP O 107 -46.97 -14.08 31.23
C TRP O 107 -47.98 -14.26 30.11
N CYS O 108 -49.05 -13.48 30.11
CA CYS O 108 -50.11 -13.61 29.12
C CYS O 108 -49.64 -13.02 27.79
N GLY O 109 -49.67 -13.83 26.73
CA GLY O 109 -49.25 -13.40 25.42
C GLY O 109 -50.03 -12.22 24.89
N PRO O 110 -51.35 -12.37 24.74
CA PRO O 110 -52.17 -11.28 24.19
C PRO O 110 -52.14 -10.00 25.00
N CYS O 111 -51.86 -10.09 26.31
CA CYS O 111 -51.88 -8.89 27.14
C CYS O 111 -50.79 -7.91 26.77
N ILE O 112 -49.73 -8.37 26.10
CA ILE O 112 -48.71 -7.46 25.59
C ILE O 112 -49.31 -6.52 24.56
N LEU O 113 -50.08 -7.06 23.63
CA LEU O 113 -50.74 -6.23 22.63
C LEU O 113 -51.82 -5.36 23.25
N MET O 114 -52.54 -5.91 24.24
CA MET O 114 -53.58 -5.14 24.92
C MET O 114 -52.98 -3.97 25.69
N ALA O 115 -51.87 -4.19 26.39
CA ALA O 115 -51.31 -3.15 27.25
C ALA O 115 -50.92 -1.91 26.47
N GLN O 116 -50.48 -2.08 25.22
CA GLN O 116 -50.14 -0.92 24.42
C GLN O 116 -51.37 -0.08 24.07
N GLU O 117 -52.52 -0.72 23.87
CA GLU O 117 -53.71 0.02 23.49
C GLU O 117 -54.23 0.88 24.64
N LEU O 118 -54.14 0.37 25.87
CA LEU O 118 -54.58 1.17 27.02
C LEU O 118 -53.72 2.42 27.18
N GLU O 119 -52.40 2.28 26.97
CA GLU O 119 -51.55 3.46 26.99
C GLU O 119 -51.95 4.44 25.91
N MET O 120 -52.24 3.95 24.71
CA MET O 120 -52.74 4.81 23.65
C MET O 120 -54.10 5.39 24.00
N LEU O 121 -54.97 4.56 24.59
CA LEU O 121 -56.28 5.04 25.01
C LEU O 121 -56.17 6.07 26.12
N ALA O 122 -55.24 5.86 27.05
CA ALA O 122 -55.06 6.82 28.15
C ALA O 122 -54.63 8.18 27.63
N VAL O 123 -53.88 8.22 26.53
CA VAL O 123 -53.52 9.50 25.93
C VAL O 123 -54.76 10.18 25.34
N GLU O 124 -55.63 9.41 24.71
CA GLU O 124 -56.87 9.98 24.17
C GLU O 124 -57.73 10.56 25.28
N TYR O 125 -57.90 9.82 26.36
CA TYR O 125 -58.69 10.28 27.52
C TYR O 125 -57.71 10.66 28.63
N GLU O 126 -57.21 11.89 28.56
CA GLU O 126 -56.23 12.35 29.56
C GLU O 126 -56.84 12.39 30.95
N SER O 127 -57.99 13.07 31.09
CA SER O 127 -58.69 13.14 32.35
C SER O 127 -60.17 12.85 32.21
N ASN O 128 -60.68 12.67 30.99
CA ASN O 128 -62.07 12.32 30.78
C ASN O 128 -62.38 10.88 31.13
N ALA O 129 -61.37 10.04 31.30
CA ALA O 129 -61.57 8.64 31.67
C ALA O 129 -60.32 8.15 32.38
N MET O 130 -60.51 7.47 33.49
CA MET O 130 -59.41 6.95 34.29
C MET O 130 -59.21 5.47 33.96
N ILE O 131 -58.00 5.13 33.53
CA ILE O 131 -57.66 3.77 33.14
C ILE O 131 -56.67 3.21 34.17
N VAL O 132 -57.02 2.08 34.76
CA VAL O 132 -56.17 1.38 35.71
C VAL O 132 -56.10 -0.08 35.30
N LYS O 133 -55.07 -0.76 35.79
CA LYS O 133 -54.88 -2.17 35.48
C LYS O 133 -54.61 -2.94 36.76
N VAL O 134 -55.06 -4.20 36.77
CA VAL O 134 -54.89 -5.10 37.91
C VAL O 134 -54.21 -6.36 37.42
N ASP O 135 -53.13 -6.76 38.09
CA ASP O 135 -52.40 -7.97 37.72
C ASP O 135 -53.07 -9.17 38.37
N THR O 136 -53.49 -10.12 37.55
CA THR O 136 -54.17 -11.29 38.07
C THR O 136 -53.24 -12.23 38.83
N ASP O 137 -51.92 -12.06 38.71
CA ASP O 137 -51.02 -12.81 39.55
C ASP O 137 -51.12 -12.37 41.00
N ASP O 138 -51.25 -11.07 41.22
CA ASP O 138 -51.37 -10.53 42.58
C ASP O 138 -52.77 -10.72 43.14
N GLU O 139 -53.81 -10.63 42.31
CA GLU O 139 -55.19 -10.63 42.75
C GLU O 139 -55.98 -11.71 42.03
N TYR O 140 -55.45 -12.94 42.04
CA TYR O 140 -56.12 -14.04 41.34
C TYR O 140 -57.49 -14.31 41.93
N GLU O 141 -57.59 -14.32 43.26
CA GLU O 141 -58.88 -14.56 43.89
C GLU O 141 -59.84 -13.40 43.66
N PHE O 142 -59.33 -12.17 43.58
CA PHE O 142 -60.20 -11.02 43.34
C PHE O 142 -60.74 -11.02 41.92
N ALA O 143 -59.89 -11.33 40.93
CA ALA O 143 -60.36 -11.41 39.56
C ALA O 143 -61.38 -12.52 39.38
N ARG O 144 -61.20 -13.64 40.09
CA ARG O 144 -62.15 -14.73 40.00
C ARG O 144 -63.52 -14.30 40.52
N ASP O 145 -63.55 -13.54 41.61
CA ASP O 145 -64.82 -13.03 42.12
C ASP O 145 -65.44 -12.01 41.17
N MET O 146 -64.61 -11.32 40.38
CA MET O 146 -65.09 -10.32 39.44
C MET O 146 -65.65 -10.94 38.16
N GLN O 147 -65.88 -12.25 38.14
CA GLN O 147 -66.38 -12.94 36.96
C GLN O 147 -65.46 -12.73 35.76
N VAL O 148 -64.17 -12.97 35.98
CA VAL O 148 -63.17 -12.90 34.92
C VAL O 148 -62.87 -14.32 34.46
N ARG O 149 -63.17 -14.61 33.20
CA ARG O 149 -62.98 -15.95 32.66
C ARG O 149 -61.70 -16.11 31.87
N GLY O 150 -61.20 -15.04 31.26
CA GLY O 150 -59.95 -15.07 30.54
C GLY O 150 -59.14 -13.83 30.81
N LEU O 151 -57.91 -13.84 30.33
CA LEU O 151 -56.98 -12.81 30.77
C LEU O 151 -57.24 -11.46 30.10
N PRO O 152 -57.31 -11.37 28.75
CA PRO O 152 -57.54 -10.04 28.15
C PRO O 152 -58.96 -9.57 28.41
N THR O 153 -59.22 -9.12 29.64
CA THR O 153 -60.54 -8.74 30.08
C THR O 153 -60.50 -7.34 30.68
N LEU O 154 -61.43 -6.49 30.26
CA LEU O 154 -61.56 -5.13 30.78
C LEU O 154 -62.90 -4.97 31.47
N PHE O 155 -62.98 -3.92 32.30
CA PHE O 155 -64.23 -3.56 32.97
C PHE O 155 -64.40 -2.05 32.86
N PHE O 156 -65.46 -1.63 32.19
CA PHE O 156 -65.80 -0.22 32.08
C PHE O 156 -66.83 0.11 33.16
N ILE O 157 -66.40 0.85 34.17
CA ILE O 157 -67.25 1.18 35.31
C ILE O 157 -67.82 2.57 35.10
N SER O 158 -69.14 2.67 35.05
CA SER O 158 -69.78 3.95 34.79
C SER O 158 -69.64 4.85 36.02
N PRO O 159 -69.48 6.17 35.82
CA PRO O 159 -69.51 7.09 36.96
C PRO O 159 -70.83 7.06 37.70
N ASP O 160 -71.93 6.80 36.99
CA ASP O 160 -73.24 6.70 37.64
C ASP O 160 -73.35 5.38 38.38
N PRO O 161 -73.63 5.39 39.68
CA PRO O 161 -73.72 4.11 40.41
C PRO O 161 -74.85 3.22 39.93
N SER O 162 -75.96 3.79 39.46
CA SER O 162 -77.09 2.98 39.04
C SER O 162 -76.84 2.21 37.76
N LYS O 163 -75.88 2.66 36.95
CA LYS O 163 -75.58 1.96 35.71
C LYS O 163 -74.88 0.62 36.00
N ASP O 164 -74.80 -0.21 34.97
CA ASP O 164 -74.20 -1.53 35.07
C ASP O 164 -72.82 -1.51 34.43
N ALA O 165 -71.82 -2.03 35.14
CA ALA O 165 -70.49 -2.17 34.56
C ALA O 165 -70.53 -3.15 33.39
N ILE O 166 -69.77 -2.84 32.35
CA ILE O 166 -69.76 -3.62 31.13
C ILE O 166 -68.39 -4.27 30.98
N ARG O 167 -68.38 -5.59 30.81
CA ARG O 167 -67.15 -6.37 30.75
C ARG O 167 -66.89 -6.83 29.32
N THR O 168 -65.69 -6.58 28.82
CA THR O 168 -65.28 -7.01 27.50
C THR O 168 -64.14 -8.03 27.63
N GLU O 169 -64.15 -9.03 26.76
CA GLU O 169 -63.16 -10.09 26.78
C GLU O 169 -62.50 -10.22 25.43
N GLY O 170 -61.18 -10.30 25.42
CA GLY O 170 -60.40 -10.42 24.21
C GLY O 170 -59.83 -9.08 23.75
N LEU O 171 -59.02 -9.17 22.69
CA LEU O 171 -58.38 -7.98 22.13
C LEU O 171 -59.41 -7.18 21.35
N ILE O 172 -60.24 -6.46 22.08
CA ILE O 172 -61.25 -5.62 21.43
C ILE O 172 -60.56 -4.49 20.67
N PRO O 173 -61.09 -4.07 19.52
CA PRO O 173 -60.45 -2.98 18.78
C PRO O 173 -60.47 -1.69 19.60
N LEU O 174 -59.45 -0.86 19.37
CA LEU O 174 -59.39 0.41 20.08
C LEU O 174 -60.58 1.30 19.75
N GLN O 175 -61.14 1.15 18.54
CA GLN O 175 -62.32 1.93 18.19
C GLN O 175 -63.51 1.57 19.05
N MET O 176 -63.68 0.28 19.35
CA MET O 176 -64.77 -0.12 20.25
C MET O 176 -64.58 0.48 21.63
N MET O 177 -63.34 0.48 22.14
CA MET O 177 -63.09 0.96 23.49
C MET O 177 -63.58 2.38 23.66
N ARG O 178 -63.21 3.27 22.74
CA ARG O 178 -63.66 4.66 22.85
C ARG O 178 -65.16 4.78 22.63
N ASP O 179 -65.74 3.92 21.81
CA ASP O 179 -67.19 3.93 21.62
C ASP O 179 -67.92 3.60 22.92
N ILE O 180 -67.40 2.64 23.67
CA ILE O 180 -68.01 2.29 24.95
C ILE O 180 -67.90 3.44 25.94
N ILE O 181 -66.80 4.20 25.90
CA ILE O 181 -66.60 5.26 26.87
C ILE O 181 -67.68 6.33 26.74
N ASP O 182 -68.01 6.72 25.51
CA ASP O 182 -68.95 7.83 25.33
C ASP O 182 -70.39 7.36 25.17
N ASN O 183 -70.63 6.29 24.43
CA ASN O 183 -72.01 5.84 24.22
C ASN O 183 -72.64 5.31 25.50
N ASP O 184 -71.93 4.43 26.20
CA ASP O 184 -72.48 3.77 27.38
C ASP O 184 -71.99 4.37 28.69
N MET O 185 -71.27 5.49 28.63
CA MET O 185 -70.76 6.12 29.84
C MET O 185 -70.58 7.62 29.66
N ASP P 76 -54.99 50.98 -50.36
CA ASP P 76 -53.83 51.11 -51.24
C ASP P 76 -54.04 50.31 -52.52
N TYR P 77 -52.94 49.73 -53.03
CA TYR P 77 -52.98 48.91 -54.23
C TYR P 77 -52.68 47.47 -53.88
N LEU P 78 -53.56 46.57 -54.30
CA LEU P 78 -53.39 45.14 -54.09
C LEU P 78 -54.19 44.41 -55.16
N VAL P 79 -54.22 43.08 -55.05
CA VAL P 79 -55.07 42.29 -55.92
C VAL P 79 -56.51 42.42 -55.45
N ARG P 80 -57.37 42.90 -56.34
CA ARG P 80 -58.76 43.20 -56.00
C ARG P 80 -59.65 42.10 -56.55
N LYS P 81 -60.58 41.62 -55.72
CA LYS P 81 -61.49 40.56 -56.12
C LYS P 81 -62.58 41.15 -57.02
N LEU P 82 -62.69 40.62 -58.23
CA LEU P 82 -63.69 41.05 -59.19
C LEU P 82 -64.39 39.84 -59.77
N SER P 83 -65.65 40.03 -60.17
CA SER P 83 -66.43 38.99 -60.82
C SER P 83 -66.34 39.14 -62.33
N ALA P 84 -67.14 38.36 -63.05
CA ALA P 84 -67.08 38.38 -64.51
C ALA P 84 -67.54 39.72 -65.07
N GLN P 85 -68.71 40.20 -64.64
CA GLN P 85 -69.18 41.50 -65.11
C GLN P 85 -68.27 42.62 -64.65
N GLU P 86 -67.51 42.41 -63.58
CA GLU P 86 -66.49 43.38 -63.19
C GLU P 86 -65.28 43.32 -64.11
N LEU P 87 -65.12 42.27 -64.90
CA LEU P 87 -64.01 42.17 -65.84
C LEU P 87 -64.39 42.53 -67.27
N GLN P 88 -65.67 42.50 -67.61
CA GLN P 88 -66.08 42.82 -68.97
C GLN P 88 -65.86 44.29 -69.28
N ASP P 89 -66.45 45.17 -68.46
CA ASP P 89 -66.26 46.61 -68.67
C ASP P 89 -64.79 46.99 -68.54
N LEU P 90 -64.01 46.22 -67.79
CA LEU P 90 -62.57 46.46 -67.73
C LEU P 90 -61.92 46.24 -69.09
N VAL P 91 -62.34 45.20 -69.82
CA VAL P 91 -61.73 44.89 -71.10
C VAL P 91 -62.53 45.52 -72.23
N LYS P 92 -63.83 45.72 -72.01
CA LYS P 92 -64.64 46.43 -73.00
C LYS P 92 -64.39 47.93 -72.95
N GLY P 93 -64.06 48.46 -71.78
CA GLY P 93 -63.80 49.88 -71.61
C GLY P 93 -62.34 50.21 -71.82
N GLU P 94 -61.92 51.29 -71.18
CA GLU P 94 -60.56 51.79 -71.34
C GLU P 94 -59.60 51.07 -70.39
N ARG P 95 -58.38 50.85 -70.87
CA ARG P 95 -57.31 50.30 -70.05
C ARG P 95 -56.06 51.09 -70.32
N LYS P 96 -55.60 51.86 -69.32
CA LYS P 96 -54.41 52.68 -69.45
C LYS P 96 -53.14 51.92 -69.10
N VAL P 97 -53.20 51.10 -68.06
CA VAL P 97 -52.08 50.27 -67.64
C VAL P 97 -52.43 48.82 -67.94
N PRO P 98 -51.45 47.93 -68.09
CA PRO P 98 -51.79 46.52 -68.37
C PRO P 98 -52.64 45.92 -67.27
N LEU P 99 -53.60 45.10 -67.67
CA LEU P 99 -54.53 44.44 -66.74
C LEU P 99 -54.16 42.97 -66.64
N ILE P 100 -53.99 42.49 -65.41
CA ILE P 100 -53.60 41.12 -65.14
C ILE P 100 -54.78 40.42 -64.48
N VAL P 101 -55.28 39.38 -65.12
CA VAL P 101 -56.42 38.62 -64.63
C VAL P 101 -55.92 37.33 -64.02
N ASP P 102 -56.19 37.13 -62.73
CA ASP P 102 -55.77 35.94 -62.01
C ASP P 102 -56.98 35.03 -61.83
N PHE P 103 -57.03 33.95 -62.61
CA PHE P 103 -58.08 32.95 -62.45
C PHE P 103 -57.63 31.99 -61.36
N TYR P 104 -58.24 32.11 -60.18
CA TYR P 104 -57.81 31.37 -59.00
C TYR P 104 -59.01 30.64 -58.41
N ALA P 105 -58.70 29.66 -57.57
CA ALA P 105 -59.71 28.98 -56.77
C ALA P 105 -59.14 28.70 -55.39
N THR P 106 -59.98 28.85 -54.37
CA THR P 106 -59.49 28.72 -52.99
C THR P 106 -58.96 27.32 -52.72
N TRP P 107 -59.48 26.30 -53.40
CA TRP P 107 -59.02 24.94 -53.20
C TRP P 107 -57.71 24.63 -53.90
N CYS P 108 -57.27 25.50 -54.81
CA CYS P 108 -56.07 25.24 -55.59
C CYS P 108 -54.84 25.63 -54.78
N GLY P 109 -53.95 24.68 -54.56
CA GLY P 109 -52.73 24.91 -53.80
C GLY P 109 -51.79 25.89 -54.48
N PRO P 110 -51.37 25.58 -55.71
CA PRO P 110 -50.44 26.48 -56.41
C PRO P 110 -50.99 27.88 -56.60
N CYS P 111 -52.31 28.06 -56.66
CA CYS P 111 -52.86 29.39 -56.83
C CYS P 111 -52.59 30.27 -55.61
N ILE P 112 -52.54 29.68 -54.41
CA ILE P 112 -52.15 30.43 -53.24
C ILE P 112 -50.70 30.90 -53.36
N LEU P 113 -49.82 30.02 -53.87
CA LEU P 113 -48.47 30.44 -54.20
C LEU P 113 -48.47 31.50 -55.28
N MET P 114 -49.32 31.32 -56.30
CA MET P 114 -49.43 32.29 -57.37
C MET P 114 -49.85 33.66 -56.85
N ALA P 115 -50.67 33.68 -55.81
CA ALA P 115 -51.09 34.96 -55.22
C ALA P 115 -49.91 35.69 -54.61
N GLN P 116 -49.04 34.98 -53.91
CA GLN P 116 -47.92 35.64 -53.22
C GLN P 116 -47.01 36.35 -54.21
N GLU P 117 -46.78 35.75 -55.38
CA GLU P 117 -46.01 36.44 -56.41
C GLU P 117 -46.74 37.69 -56.89
N LEU P 118 -48.05 37.58 -57.08
CA LEU P 118 -48.84 38.75 -57.48
C LEU P 118 -48.95 39.77 -56.36
N GLU P 119 -48.84 39.34 -55.10
CA GLU P 119 -48.88 40.29 -54.00
C GLU P 119 -47.71 41.26 -54.09
N MET P 120 -46.51 40.76 -54.39
CA MET P 120 -45.35 41.62 -54.50
C MET P 120 -45.15 42.16 -55.91
N LEU P 121 -45.67 41.48 -56.94
CA LEU P 121 -45.65 42.06 -58.27
C LEU P 121 -46.47 43.33 -58.33
N ALA P 122 -47.63 43.34 -57.66
CA ALA P 122 -48.42 44.56 -57.58
C ALA P 122 -47.66 45.66 -56.85
N VAL P 123 -46.94 45.29 -55.78
CA VAL P 123 -46.14 46.27 -55.06
C VAL P 123 -45.04 46.82 -55.96
N GLU P 124 -44.37 45.96 -56.72
CA GLU P 124 -43.29 46.39 -57.58
C GLU P 124 -43.80 47.34 -58.67
N TYR P 125 -44.88 46.97 -59.34
CA TYR P 125 -45.39 47.79 -60.42
C TYR P 125 -46.42 48.82 -59.97
N GLU P 126 -46.84 48.78 -58.70
CA GLU P 126 -47.66 49.82 -58.10
C GLU P 126 -48.86 50.21 -58.97
N SER P 127 -48.92 51.48 -59.37
CA SER P 127 -49.99 51.97 -60.24
C SER P 127 -49.66 51.84 -61.71
N ASN P 128 -48.47 51.37 -62.06
CA ASN P 128 -48.08 51.16 -63.45
C ASN P 128 -48.75 49.93 -64.05
N ALA P 129 -49.39 49.10 -63.23
CA ALA P 129 -50.10 47.92 -63.72
C ALA P 129 -51.24 47.61 -62.76
N MET P 130 -52.20 46.84 -63.24
CA MET P 130 -53.40 46.51 -62.47
C MET P 130 -53.51 44.99 -62.35
N ILE P 131 -53.78 44.52 -61.13
CA ILE P 131 -53.91 43.09 -60.84
C ILE P 131 -55.33 42.84 -60.38
N VAL P 132 -55.99 41.88 -61.01
CA VAL P 132 -57.36 41.51 -60.69
C VAL P 132 -57.46 40.00 -60.60
N LYS P 133 -58.07 39.50 -59.53
CA LYS P 133 -58.27 38.06 -59.35
C LYS P 133 -59.72 37.70 -59.62
N VAL P 134 -59.92 36.58 -60.30
CA VAL P 134 -61.25 36.07 -60.64
C VAL P 134 -61.35 34.64 -60.12
N ASP P 135 -62.41 34.36 -59.37
CA ASP P 135 -62.63 33.03 -58.81
C ASP P 135 -63.34 32.16 -59.83
N THR P 136 -62.69 31.06 -60.22
CA THR P 136 -63.26 30.16 -61.21
C THR P 136 -64.37 29.28 -60.63
N ASP P 137 -64.43 29.12 -59.31
CA ASP P 137 -65.53 28.35 -58.73
C ASP P 137 -66.86 29.05 -58.96
N ASP P 138 -66.88 30.37 -58.82
CA ASP P 138 -68.11 31.12 -59.07
C ASP P 138 -68.29 31.43 -60.54
N GLU P 139 -67.24 31.95 -61.18
CA GLU P 139 -67.30 32.30 -62.60
C GLU P 139 -66.83 31.13 -63.47
N TYR P 140 -67.43 29.96 -63.26
CA TYR P 140 -67.04 28.79 -64.02
C TYR P 140 -67.48 28.90 -65.47
N GLU P 141 -68.67 29.45 -65.70
CA GLU P 141 -69.11 29.66 -67.08
C GLU P 141 -68.25 30.70 -67.78
N PHE P 142 -67.77 31.72 -67.06
CA PHE P 142 -66.94 32.74 -67.67
C PHE P 142 -65.54 32.23 -67.94
N ALA P 143 -64.99 31.41 -67.04
CA ALA P 143 -63.67 30.86 -67.25
C ALA P 143 -63.65 29.93 -68.46
N ARG P 144 -64.71 29.15 -68.65
CA ARG P 144 -64.78 28.28 -69.82
C ARG P 144 -64.79 29.08 -71.11
N ASP P 145 -65.48 30.21 -71.11
CA ASP P 145 -65.45 31.09 -72.29
C ASP P 145 -64.05 31.62 -72.54
N MET P 146 -63.34 32.00 -71.48
CA MET P 146 -61.94 32.40 -71.58
C MET P 146 -61.02 31.24 -71.92
N GLN P 147 -61.55 30.03 -72.01
CA GLN P 147 -60.76 28.83 -72.29
C GLN P 147 -59.67 28.63 -71.24
N VAL P 148 -60.02 28.87 -69.98
CA VAL P 148 -59.13 28.59 -68.87
C VAL P 148 -59.09 27.07 -68.67
N ARG P 149 -57.99 26.45 -69.10
CA ARG P 149 -57.87 25.00 -69.10
C ARG P 149 -57.41 24.44 -67.77
N GLY P 150 -57.20 25.30 -66.77
CA GLY P 150 -56.78 24.83 -65.46
C GLY P 150 -56.28 25.99 -64.62
N LEU P 151 -55.74 25.64 -63.46
CA LEU P 151 -55.32 26.64 -62.51
C LEU P 151 -53.91 26.36 -62.03
N PRO P 152 -53.15 27.41 -61.69
CA PRO P 152 -53.47 28.83 -61.80
C PRO P 152 -53.29 29.34 -63.22
N THR P 153 -54.15 30.25 -63.68
CA THR P 153 -54.06 30.79 -65.03
C THR P 153 -54.05 32.32 -64.94
N LEU P 154 -53.11 32.94 -65.65
CA LEU P 154 -52.98 34.39 -65.67
C LEU P 154 -53.26 34.90 -67.08
N PHE P 155 -54.04 35.97 -67.16
CA PHE P 155 -54.33 36.64 -68.42
C PHE P 155 -53.69 38.02 -68.39
N PHE P 156 -52.86 38.30 -69.39
CA PHE P 156 -52.20 39.59 -69.51
C PHE P 156 -52.88 40.37 -70.63
N ILE P 157 -53.51 41.49 -70.28
CA ILE P 157 -54.28 42.30 -71.21
C ILE P 157 -53.49 43.58 -71.48
N SER P 158 -53.16 43.80 -72.75
CA SER P 158 -52.45 45.01 -73.12
C SER P 158 -53.36 46.22 -72.96
N PRO P 159 -52.84 47.37 -72.53
CA PRO P 159 -53.66 48.58 -72.50
C PRO P 159 -54.17 48.98 -73.87
N ASP P 160 -53.39 48.71 -74.93
CA ASP P 160 -53.83 48.99 -76.29
C ASP P 160 -54.69 47.83 -76.79
N PRO P 161 -55.95 48.08 -77.17
CA PRO P 161 -56.79 46.98 -77.65
C PRO P 161 -56.28 46.32 -78.93
N SER P 162 -55.40 46.99 -79.67
CA SER P 162 -54.91 46.41 -80.92
C SER P 162 -54.11 45.15 -80.67
N LYS P 163 -53.25 45.15 -79.65
CA LYS P 163 -52.41 44.00 -79.39
C LYS P 163 -53.21 42.88 -78.74
N ASP P 164 -52.73 41.65 -78.95
CA ASP P 164 -53.37 40.46 -78.43
C ASP P 164 -53.01 40.26 -76.96
N ALA P 165 -53.74 39.35 -76.32
CA ALA P 165 -53.53 39.04 -74.92
C ALA P 165 -52.55 37.87 -74.77
N ILE P 166 -52.10 37.65 -73.53
CA ILE P 166 -51.19 36.57 -73.20
C ILE P 166 -51.80 35.76 -72.08
N ARG P 167 -51.93 34.45 -72.31
CA ARG P 167 -52.44 33.52 -71.30
C ARG P 167 -51.31 32.62 -70.86
N THR P 168 -51.03 32.59 -69.56
CA THR P 168 -49.97 31.78 -68.99
C THR P 168 -50.60 30.75 -68.05
N GLU P 169 -50.25 29.49 -68.26
CA GLU P 169 -50.78 28.40 -67.46
C GLU P 169 -49.66 27.75 -66.66
N GLY P 170 -49.90 27.53 -65.38
CA GLY P 170 -48.89 27.02 -64.47
C GLY P 170 -48.33 28.11 -63.59
N LEU P 171 -47.62 27.68 -62.56
CA LEU P 171 -47.04 28.59 -61.58
C LEU P 171 -45.82 29.25 -62.22
N ILE P 172 -46.06 30.33 -62.94
CA ILE P 172 -45.03 31.04 -63.70
C ILE P 172 -44.13 31.80 -62.72
N PRO P 173 -42.85 31.98 -63.03
CA PRO P 173 -41.98 32.74 -62.13
C PRO P 173 -42.25 34.23 -62.20
N LEU P 174 -41.78 34.93 -61.17
CA LEU P 174 -42.01 36.37 -61.07
C LEU P 174 -41.29 37.12 -62.18
N GLN P 175 -40.08 36.68 -62.53
CA GLN P 175 -39.27 37.41 -63.51
C GLN P 175 -39.94 37.45 -64.87
N MET P 176 -40.55 36.34 -65.28
CA MET P 176 -41.19 36.31 -66.60
C MET P 176 -42.36 37.27 -66.66
N MET P 177 -43.12 37.39 -65.57
CA MET P 177 -44.21 38.36 -65.54
C MET P 177 -43.70 39.79 -65.70
N ARG P 178 -42.47 40.06 -65.27
CA ARG P 178 -41.90 41.39 -65.46
C ARG P 178 -41.76 41.72 -66.94
N ASP P 179 -41.11 40.84 -67.70
CA ASP P 179 -40.87 41.13 -69.11
C ASP P 179 -42.14 41.03 -69.94
N ILE P 180 -43.11 40.24 -69.48
CA ILE P 180 -44.37 40.12 -70.22
C ILE P 180 -45.14 41.44 -70.21
N ILE P 181 -45.04 42.22 -69.14
CA ILE P 181 -45.87 43.41 -69.02
C ILE P 181 -45.09 44.66 -69.40
N ASP P 182 -43.77 44.67 -69.18
CA ASP P 182 -43.00 45.85 -69.58
C ASP P 182 -42.80 45.90 -71.09
N ASN P 183 -42.52 44.75 -71.71
CA ASN P 183 -42.41 44.65 -73.16
C ASN P 183 -43.29 43.51 -73.63
N ASP P 184 -43.25 43.20 -74.93
CA ASP P 184 -44.00 42.11 -75.54
C ASP P 184 -45.50 42.27 -75.35
N MET P 185 -45.95 43.43 -74.90
CA MET P 185 -47.37 43.67 -74.63
C MET P 185 -47.60 45.15 -74.34
N ALA Q 324 82.67 69.68 6.66
CA ALA Q 324 83.29 68.38 6.85
C ALA Q 324 83.45 68.07 8.34
N VAL Q 325 84.61 68.43 8.89
CA VAL Q 325 84.85 68.21 10.31
C VAL Q 325 83.89 69.04 11.16
N LEU Q 326 83.81 70.34 10.89
CA LEU Q 326 82.92 71.26 11.59
C LEU Q 326 83.02 71.10 13.10
N ALA Q 327 81.87 70.98 13.76
CA ALA Q 327 81.77 70.72 15.20
C ALA Q 327 82.32 71.87 16.03
N ALA Q 328 82.76 72.94 15.37
CA ALA Q 328 83.20 74.13 16.11
C ALA Q 328 82.04 74.74 16.88
N LEU Q 329 80.87 74.81 16.26
CA LEU Q 329 79.68 75.28 16.96
C LEU Q 329 79.29 74.34 18.08
N ALA Q 330 79.54 73.04 17.89
CA ALA Q 330 79.28 72.07 18.96
C ALA Q 330 80.13 72.38 20.19
N SER Q 331 81.36 72.85 19.97
CA SER Q 331 82.21 73.31 21.05
C SER Q 331 81.99 74.78 21.37
N SER Q 332 81.20 75.50 20.56
CA SER Q 332 80.89 76.90 20.81
C SER Q 332 79.55 77.06 21.51
N PHE Q 333 78.51 76.37 21.02
CA PHE Q 333 77.23 76.38 21.71
C PHE Q 333 77.37 75.78 23.11
N TYR Q 334 78.14 74.70 23.24
CA TYR Q 334 78.50 74.17 24.53
C TYR Q 334 79.60 74.97 25.21
N ARG Q 335 80.25 75.89 24.48
CA ARG Q 335 81.34 76.70 25.01
C ARG Q 335 82.46 75.81 25.56
N HIS Q 336 82.81 74.78 24.80
CA HIS Q 336 83.80 73.79 25.20
C HIS Q 336 83.43 73.17 26.54
N PRO Q 337 82.27 72.50 26.56
CA PRO Q 337 81.75 71.93 27.79
C PRO Q 337 82.69 70.87 28.37
N SER Q 338 83.37 70.12 27.49
CA SER Q 338 84.28 69.09 27.96
C SER Q 338 85.46 69.70 28.73
N LYS Q 339 85.92 70.88 28.30
CA LYS Q 339 87.02 71.53 29.00
C LYS Q 339 86.66 71.91 30.42
N ASN Q 340 85.43 72.38 30.64
CA ASN Q 340 85.01 72.78 31.99
C ASN Q 340 84.97 71.58 32.93
N MET Q 341 84.47 70.44 32.46
CA MET Q 341 84.35 69.26 33.29
C MET Q 341 85.61 68.40 33.18
N ALA Q 342 85.64 67.33 33.96
CA ALA Q 342 86.76 66.38 33.95
C ALA Q 342 86.32 65.13 33.20
N VAL Q 343 86.99 64.84 32.09
CA VAL Q 343 86.63 63.73 31.21
C VAL Q 343 87.66 62.63 31.36
N ILE Q 344 87.19 61.42 31.64
CA ILE Q 344 88.05 60.25 31.79
C ILE Q 344 87.74 59.29 30.67
N GLY Q 345 88.77 58.84 29.97
CA GLY Q 345 88.63 57.93 28.84
C GLY Q 345 89.16 56.55 29.18
N VAL Q 346 88.36 55.53 28.87
CA VAL Q 346 88.75 54.14 29.04
C VAL Q 346 88.67 53.46 27.69
N THR Q 347 89.76 52.81 27.29
CA THR Q 347 89.83 52.17 25.98
C THR Q 347 90.37 50.76 26.13
N GLY Q 348 90.08 49.93 25.13
CA GLY Q 348 90.51 48.55 25.14
C GLY Q 348 89.51 47.63 24.50
N THR Q 349 89.89 46.38 24.27
CA THR Q 349 88.98 45.42 23.64
C THR Q 349 88.02 44.84 24.67
N ASN Q 350 88.55 44.43 25.82
CA ASN Q 350 87.76 43.79 26.87
C ASN Q 350 87.75 44.64 28.13
N GLY Q 351 86.69 44.47 28.91
CA GLY Q 351 86.62 45.12 30.21
C GLY Q 351 86.56 46.63 30.17
N LYS Q 352 85.81 47.17 29.21
CA LYS Q 352 85.60 48.62 29.16
C LYS Q 352 84.41 49.03 30.02
N THR Q 353 83.27 48.35 29.83
CA THR Q 353 82.06 48.71 30.57
C THR Q 353 82.24 48.50 32.06
N THR Q 354 82.84 47.37 32.45
CA THR Q 354 83.03 47.08 33.86
C THR Q 354 83.92 48.11 34.53
N THR Q 355 85.01 48.51 33.84
CA THR Q 355 85.89 49.52 34.39
C THR Q 355 85.19 50.85 34.56
N THR Q 356 84.33 51.20 33.60
CA THR Q 356 83.65 52.48 33.65
C THR Q 356 82.78 52.62 34.88
N TYR Q 357 82.01 51.57 35.20
CA TYR Q 357 81.17 51.63 36.40
C TYR Q 357 82.01 51.72 37.67
N LEU Q 358 83.12 50.99 37.72
CA LEU Q 358 84.00 51.08 38.87
C LEU Q 358 84.55 52.48 39.04
N ILE Q 359 84.97 53.11 37.93
CA ILE Q 359 85.46 54.47 37.98
C ILE Q 359 84.35 55.43 38.40
N LYS Q 360 83.16 55.26 37.83
CA LYS Q 360 82.05 56.17 38.13
C LYS Q 360 81.68 56.09 39.60
N SER Q 361 81.55 54.87 40.13
CA SER Q 361 81.27 54.71 41.55
C SER Q 361 82.43 55.21 42.41
N LEU Q 362 83.67 55.12 41.89
CA LEU Q 362 84.82 55.66 42.60
C LEU Q 362 84.78 57.18 42.62
N TYR Q 363 84.32 57.81 41.53
CA TYR Q 363 84.17 59.25 41.56
C TYR Q 363 82.94 59.67 42.35
N GLU Q 364 81.90 58.84 42.36
CA GLU Q 364 80.76 59.10 43.23
C GLU Q 364 81.17 59.03 44.69
N ALA Q 365 82.03 58.07 45.04
CA ALA Q 365 82.46 57.89 46.42
C ALA Q 365 83.25 59.10 46.94
N MET Q 366 83.88 59.84 46.04
CA MET Q 366 84.67 61.01 46.42
C MET Q 366 83.86 62.29 46.49
N GLY Q 367 82.54 62.21 46.34
CA GLY Q 367 81.71 63.39 46.36
C GLY Q 367 81.69 64.17 45.06
N VAL Q 368 82.34 63.68 44.03
CA VAL Q 368 82.39 64.36 42.73
C VAL Q 368 81.21 63.91 41.89
N ARG Q 369 80.51 64.86 41.29
CA ARG Q 369 79.42 64.54 40.37
C ARG Q 369 79.99 63.84 39.14
N THR Q 370 79.35 62.75 38.72
CA THR Q 370 79.89 61.86 37.70
C THR Q 370 79.01 61.86 36.47
N GLY Q 371 79.63 61.96 35.30
CA GLY Q 371 78.97 61.78 34.02
C GLY Q 371 79.44 60.50 33.38
N MET Q 372 78.52 59.78 32.75
CA MET Q 372 78.81 58.45 32.25
C MET Q 372 78.12 58.24 30.91
N PHE Q 373 78.85 57.74 29.92
CA PHE Q 373 78.33 57.54 28.57
C PHE Q 373 78.81 56.21 28.00
N SER Q 374 78.63 55.13 28.75
CA SER Q 374 79.00 53.81 28.25
C SER Q 374 77.95 53.29 27.27
N THR Q 375 78.13 52.05 26.83
CA THR Q 375 77.17 51.43 25.92
C THR Q 375 75.94 50.93 26.67
N VAL Q 376 76.12 50.41 27.90
CA VAL Q 376 75.00 49.83 28.62
C VAL Q 376 74.03 50.91 29.10
N SER Q 377 74.54 52.09 29.43
CA SER Q 377 73.70 53.16 29.97
C SER Q 377 74.40 54.49 29.75
N CYS Q 378 73.67 55.57 30.03
CA CYS Q 378 74.13 56.94 29.80
C CYS Q 378 73.86 57.80 31.03
N TYR Q 379 74.25 57.29 32.20
CA TYR Q 379 74.07 58.05 33.45
C TYR Q 379 74.70 59.43 33.33
N VAL Q 380 73.86 60.46 33.39
CA VAL Q 380 74.40 61.82 33.31
C VAL Q 380 74.84 62.30 34.68
N HIS Q 381 74.26 61.77 35.76
CA HIS Q 381 74.66 62.16 37.10
C HIS Q 381 74.14 61.13 38.09
N GLY Q 382 74.99 60.75 39.05
CA GLY Q 382 74.59 59.87 40.13
C GLY Q 382 73.93 58.58 39.67
N ASP Q 383 72.65 58.42 39.99
CA ASP Q 383 71.89 57.23 39.61
C ASP Q 383 70.89 57.46 38.50
N ASN Q 384 70.42 58.70 38.32
CA ASN Q 384 69.36 58.95 37.34
C ASN Q 384 69.86 58.65 35.93
N LYS Q 385 69.01 57.98 35.16
CA LYS Q 385 69.34 57.54 33.81
C LYS Q 385 68.78 58.54 32.79
N MET Q 386 68.89 58.18 31.51
CA MET Q 386 68.30 58.95 30.42
C MET Q 386 68.33 58.07 29.18
N ASP Q 387 67.70 58.53 28.12
CA ASP Q 387 67.40 57.70 26.95
C ASP Q 387 67.76 58.41 25.65
N SER Q 388 68.98 58.95 25.57
CA SER Q 388 69.46 59.49 24.30
C SER Q 388 69.59 58.37 23.27
N PRO Q 389 69.52 58.69 21.98
CA PRO Q 389 69.64 57.64 20.96
C PRO Q 389 70.98 56.92 21.04
N THR Q 390 70.94 55.66 21.46
CA THR Q 390 72.15 54.84 21.58
C THR Q 390 72.41 54.03 20.30
N THR Q 391 72.43 54.73 19.17
CA THR Q 391 72.60 54.10 17.86
C THR Q 391 74.08 54.19 17.49
N THR Q 392 74.84 53.16 17.84
CA THR Q 392 76.29 53.06 17.60
C THR Q 392 76.94 54.32 18.16
N SER Q 393 77.76 55.03 17.41
CA SER Q 393 78.35 56.28 17.88
C SER Q 393 77.45 57.44 17.49
N PRO Q 394 76.95 58.22 18.45
CA PRO Q 394 76.11 59.37 18.09
C PRO Q 394 76.88 60.40 17.28
N ASP Q 395 76.13 61.29 16.63
CA ASP Q 395 76.73 62.31 15.78
C ASP Q 395 77.68 63.19 16.59
N ALA Q 396 78.81 63.55 15.97
CA ALA Q 396 79.87 64.26 16.67
C ALA Q 396 79.35 65.58 17.25
N VAL Q 397 78.60 66.34 16.44
CA VAL Q 397 77.97 67.55 16.96
C VAL Q 397 76.93 67.19 18.02
N LEU Q 398 76.18 66.11 17.78
CA LEU Q 398 75.21 65.65 18.77
C LEU Q 398 75.90 65.12 20.03
N VAL Q 399 77.08 64.53 19.88
CA VAL Q 399 77.79 63.97 21.03
C VAL Q 399 78.11 65.07 22.03
N GLN Q 400 78.60 66.21 21.56
CA GLN Q 400 78.95 67.30 22.46
C GLN Q 400 77.72 68.00 23.03
N SER Q 401 76.54 67.75 22.46
CA SER Q 401 75.34 68.46 22.90
C SER Q 401 74.98 68.10 24.33
N MET Q 402 74.91 66.80 24.65
CA MET Q 402 74.53 66.41 26.01
C MET Q 402 75.68 66.66 26.98
N MET Q 403 76.91 66.77 26.48
CA MET Q 403 78.01 67.17 27.33
C MET Q 403 77.76 68.57 27.90
N ALA Q 404 77.14 69.44 27.10
CA ALA Q 404 76.64 70.70 27.65
C ALA Q 404 75.49 70.46 28.61
N LYS Q 405 74.62 69.51 28.29
CA LYS Q 405 73.45 69.25 29.14
C LYS Q 405 73.87 68.76 30.52
N MET Q 406 74.80 67.81 30.58
CA MET Q 406 75.28 67.33 31.87
C MET Q 406 76.01 68.45 32.61
N LEU Q 407 76.82 69.22 31.89
CA LEU Q 407 77.47 70.38 32.50
C LEU Q 407 76.45 71.44 32.90
N HIS Q 408 75.35 71.56 32.14
CA HIS Q 408 74.30 72.50 32.51
C HIS Q 408 73.71 72.15 33.87
N ASN Q 409 73.48 70.87 34.13
CA ASN Q 409 73.03 70.45 35.46
C ASN Q 409 74.14 70.53 36.48
N GLY Q 410 75.39 70.64 36.04
CA GLY Q 410 76.51 70.77 36.95
C GLY Q 410 77.37 69.54 37.13
N THR Q 411 77.37 68.62 36.17
CA THR Q 411 78.19 67.41 36.28
C THR Q 411 79.67 67.79 36.29
N GLU Q 412 80.42 67.17 37.20
CA GLU Q 412 81.83 67.49 37.41
C GLU Q 412 82.78 66.53 36.70
N ALA Q 413 82.56 65.22 36.86
CA ALA Q 413 83.41 64.21 36.26
C ALA Q 413 82.68 63.50 35.13
N LEU Q 414 83.43 63.10 34.11
CA LEU Q 414 82.89 62.44 32.94
C LEU Q 414 83.75 61.22 32.62
N VAL Q 415 83.09 60.10 32.32
CA VAL Q 415 83.79 58.88 31.92
C VAL Q 415 82.97 58.20 30.84
N MET Q 416 83.65 57.62 29.85
CA MET Q 416 82.97 56.95 28.76
C MET Q 416 83.92 55.98 28.09
N GLU Q 417 83.37 54.87 27.60
CA GLU Q 417 84.15 53.89 26.87
C GLU Q 417 84.71 54.53 25.60
N ALA Q 418 86.04 54.62 25.51
CA ALA Q 418 86.68 55.17 24.32
C ALA Q 418 86.66 54.10 23.23
N SER Q 419 85.52 54.03 22.55
CA SER Q 419 85.34 53.04 21.50
C SER Q 419 86.33 53.29 20.37
N PRO Q 420 86.99 52.26 19.85
CA PRO Q 420 87.99 52.48 18.80
C PRO Q 420 87.44 53.15 17.56
N GLN Q 421 86.20 52.84 17.17
CA GLN Q 421 85.62 53.48 16.01
C GLN Q 421 85.17 54.90 16.32
N GLU Q 422 84.83 55.18 17.59
CA GLU Q 422 84.29 56.50 17.93
C GLU Q 422 85.33 57.59 17.72
N LEU Q 423 86.53 57.41 18.28
CA LEU Q 423 87.57 58.43 18.12
C LEU Q 423 88.20 58.39 16.74
N ALA Q 424 88.24 57.21 16.10
CA ALA Q 424 88.75 57.14 14.74
C ALA Q 424 87.87 57.92 13.78
N SER Q 425 86.54 57.82 13.95
CA SER Q 425 85.61 58.56 13.12
C SER Q 425 85.61 60.06 13.43
N GLY Q 426 86.29 60.48 14.49
CA GLY Q 426 86.33 61.88 14.84
C GLY Q 426 85.17 62.37 15.67
N LYS Q 427 84.40 61.46 16.27
CA LYS Q 427 83.28 61.87 17.12
C LYS Q 427 83.78 62.66 18.32
N CYS Q 428 84.86 62.20 18.94
CA CYS Q 428 85.47 62.88 20.08
C CYS Q 428 86.65 63.70 19.54
N ASP Q 429 86.36 64.92 19.11
CA ASP Q 429 87.37 65.83 18.57
C ASP Q 429 87.69 66.96 19.51
N GLU Q 430 86.68 67.61 20.09
CA GLU Q 430 86.88 68.70 21.04
C GLU Q 430 86.69 68.25 22.48
N VAL Q 431 86.65 66.95 22.72
CA VAL Q 431 86.49 66.42 24.07
C VAL Q 431 87.82 66.54 24.81
N ASP Q 432 87.82 67.25 25.93
CA ASP Q 432 89.03 67.49 26.71
C ASP Q 432 89.19 66.36 27.72
N PHE Q 433 89.84 65.29 27.29
CA PHE Q 433 90.07 64.15 28.17
C PHE Q 433 91.10 64.50 29.24
N ASP Q 434 90.94 63.89 30.41
CA ASP Q 434 91.82 64.13 31.55
C ASP Q 434 92.58 62.88 31.97
N ILE Q 435 91.91 61.74 32.10
CA ILE Q 435 92.56 60.50 32.52
C ILE Q 435 92.36 59.47 31.42
N ALA Q 436 93.46 58.88 30.96
CA ALA Q 436 93.43 57.86 29.92
C ALA Q 436 93.72 56.50 30.55
N VAL Q 437 92.86 55.53 30.26
CA VAL Q 437 92.98 54.18 30.79
C VAL Q 437 92.97 53.19 29.64
N PHE Q 438 93.96 52.31 29.60
CA PHE Q 438 94.05 51.27 28.58
C PHE Q 438 93.88 49.92 29.28
N THR Q 439 92.71 49.33 29.13
CA THR Q 439 92.43 48.03 29.74
C THR Q 439 93.31 46.95 29.15
N ASN Q 440 93.12 46.66 27.86
CA ASN Q 440 93.87 45.61 27.17
C ASN Q 440 93.53 45.65 25.69
N LEU Q 441 94.45 45.16 24.87
CA LEU Q 441 94.26 45.08 23.43
C LEU Q 441 94.41 43.63 23.00
N THR Q 442 93.38 43.08 22.38
CA THR Q 442 93.43 41.74 21.84
C THR Q 442 93.16 41.66 20.34
N ARG Q 443 92.49 42.66 19.77
CA ARG Q 443 92.19 42.78 18.34
C ARG Q 443 91.25 41.70 17.83
N GLU Q 444 90.65 40.91 18.73
CA GLU Q 444 89.68 39.92 18.30
C GLU Q 444 88.35 40.52 17.87
N ASP Q 445 88.15 41.82 18.10
CA ASP Q 445 86.91 42.49 17.70
C ASP Q 445 86.77 42.52 16.19
N GLY Q 450 90.03 43.17 10.93
CA GLY Q 450 90.50 44.46 10.42
C GLY Q 450 92.00 44.59 10.39
N THR Q 451 92.49 45.80 10.59
CA THR Q 451 93.93 46.05 10.57
C THR Q 451 94.57 45.49 11.84
N ASP Q 452 95.90 45.41 11.82
CA ASP Q 452 96.68 44.86 12.92
C ASP Q 452 97.47 45.94 13.67
N GLU Q 453 98.32 46.68 12.97
CA GLU Q 453 99.06 47.76 13.60
C GLU Q 453 98.35 49.10 13.47
N GLU Q 454 97.57 49.28 12.40
CA GLU Q 454 96.75 50.48 12.29
C GLU Q 454 95.68 50.51 13.38
N TYR Q 455 95.15 49.34 13.74
CA TYR Q 455 94.22 49.27 14.87
C TYR Q 455 94.92 49.66 16.17
N ARG Q 456 96.20 49.31 16.30
CA ARG Q 456 96.97 49.68 17.49
C ARG Q 456 97.09 51.19 17.60
N ASP Q 457 97.52 51.86 16.52
CA ASP Q 457 97.64 53.31 16.57
C ASP Q 457 96.29 54.00 16.51
N ALA Q 458 95.24 53.31 16.05
CA ALA Q 458 93.90 53.88 16.14
C ALA Q 458 93.50 54.09 17.59
N GLU Q 459 93.79 53.12 18.45
CA GLU Q 459 93.57 53.31 19.87
C GLU Q 459 94.57 54.29 20.47
N ALA Q 460 95.74 54.43 19.85
CA ALA Q 460 96.75 55.36 20.36
C ALA Q 460 96.33 56.81 20.21
N LYS Q 461 95.39 57.11 19.33
CA LYS Q 461 94.91 58.48 19.19
C LYS Q 461 94.27 58.97 20.48
N LEU Q 462 93.76 58.06 21.31
CA LEU Q 462 93.26 58.43 22.62
C LEU Q 462 94.40 58.97 23.49
N PHE Q 463 95.56 58.34 23.43
CA PHE Q 463 96.74 58.86 24.13
C PHE Q 463 97.45 59.94 23.32
N ALA Q 464 97.22 59.99 22.01
CA ALA Q 464 97.74 61.11 21.22
C ALA Q 464 96.99 62.40 21.54
N ARG Q 465 95.75 62.30 22.02
CA ARG Q 465 95.07 63.47 22.55
C ARG Q 465 95.82 64.05 23.74
N MET Q 466 96.56 63.22 24.46
CA MET Q 466 97.20 63.65 25.70
C MET Q 466 98.40 64.54 25.42
N VAL Q 467 98.18 65.85 25.40
CA VAL Q 467 99.27 66.80 25.17
C VAL Q 467 99.83 67.34 26.47
N ASP Q 468 98.95 67.61 27.44
CA ASP Q 468 99.38 68.22 28.70
C ASP Q 468 100.25 67.24 29.49
N PRO Q 469 101.48 67.61 29.83
CA PRO Q 469 102.37 66.66 30.51
C PRO Q 469 102.37 66.76 32.03
N GLU Q 470 101.74 67.78 32.60
CA GLU Q 470 101.84 67.99 34.05
C GLU Q 470 100.53 67.84 34.80
N ARG Q 471 99.39 68.12 34.17
CA ARG Q 471 98.11 68.09 34.87
C ARG Q 471 97.37 66.78 34.69
N HIS Q 472 97.08 66.39 33.46
CA HIS Q 472 96.33 65.17 33.20
C HIS Q 472 97.22 63.95 33.37
N ARG Q 473 96.59 62.78 33.47
CA ARG Q 473 97.27 61.56 33.85
C ARG Q 473 97.01 60.44 32.85
N LYS Q 474 97.86 59.42 32.89
CA LYS Q 474 97.75 58.23 32.07
C LYS Q 474 97.72 56.98 32.95
N VAL Q 475 96.93 55.99 32.52
CA VAL Q 475 96.86 54.70 33.19
C VAL Q 475 96.98 53.60 32.13
N VAL Q 476 97.91 52.68 32.33
CA VAL Q 476 98.17 51.61 31.38
C VAL Q 476 98.26 50.28 32.10
N ASN Q 477 98.10 49.20 31.33
CA ASN Q 477 98.15 47.84 31.84
C ASN Q 477 99.39 47.15 31.26
N ILE Q 478 100.37 46.87 32.12
CA ILE Q 478 101.64 46.34 31.67
C ILE Q 478 101.49 44.95 31.07
N ASP Q 479 100.57 44.14 31.60
CA ASP Q 479 100.42 42.76 31.13
C ASP Q 479 100.16 42.71 29.62
N ASP Q 480 99.51 43.71 29.08
CA ASP Q 480 99.38 43.81 27.63
C ASP Q 480 100.72 44.23 27.03
N PRO Q 481 101.25 43.47 26.06
CA PRO Q 481 102.54 43.84 25.47
C PRO Q 481 102.53 45.18 24.76
N ASN Q 482 101.35 45.70 24.40
CA ASN Q 482 101.24 46.97 23.69
C ASN Q 482 101.30 48.18 24.62
N ALA Q 483 101.40 47.96 25.94
CA ALA Q 483 101.41 49.09 26.87
C ALA Q 483 102.59 50.01 26.62
N ALA Q 484 103.76 49.44 26.34
CA ALA Q 484 104.93 50.27 26.02
C ALA Q 484 104.67 51.12 24.79
N PHE Q 485 104.00 50.55 23.78
CA PHE Q 485 103.62 51.34 22.61
C PHE Q 485 102.66 52.45 22.99
N PHE Q 486 101.68 52.15 23.86
CA PHE Q 486 100.68 53.14 24.21
C PHE Q 486 101.26 54.26 25.07
N VAL Q 487 102.15 53.92 26.00
CA VAL Q 487 102.68 54.94 26.90
C VAL Q 487 103.54 55.95 26.14
N GLN Q 488 104.18 55.52 25.05
CA GLN Q 488 104.98 56.46 24.25
C GLN Q 488 104.12 57.51 23.57
N GLN Q 489 102.85 57.19 23.31
CA GLN Q 489 101.97 58.11 22.61
C GLN Q 489 101.69 59.34 23.46
N GLY Q 490 101.43 60.46 22.79
CA GLY Q 490 101.20 61.70 23.50
C GLY Q 490 102.48 62.23 24.11
N ASN Q 491 102.30 63.06 25.13
CA ASN Q 491 103.45 63.68 25.80
C ASN Q 491 104.14 62.66 26.69
N PRO Q 492 105.43 62.39 26.49
CA PRO Q 492 106.11 61.40 27.32
C PRO Q 492 106.23 61.79 28.79
N ASP Q 493 106.06 63.07 29.13
CA ASP Q 493 106.25 63.53 30.49
C ASP Q 493 105.01 63.35 31.36
N VAL Q 494 103.91 62.85 30.81
CA VAL Q 494 102.68 62.67 31.59
C VAL Q 494 102.91 61.61 32.66
N PRO Q 495 102.53 61.85 33.90
CA PRO Q 495 102.61 60.80 34.92
C PRO Q 495 101.75 59.61 34.54
N VAL Q 496 102.25 58.41 34.85
CA VAL Q 496 101.59 57.17 34.48
C VAL Q 496 101.48 56.28 35.71
N VAL Q 497 100.28 55.74 35.94
CA VAL Q 497 100.04 54.76 36.99
C VAL Q 497 99.86 53.41 36.33
N THR Q 498 100.64 52.43 36.79
CA THR Q 498 100.77 51.13 36.12
C THR Q 498 100.19 50.04 37.00
N PHE Q 499 99.32 49.21 36.43
CA PHE Q 499 98.68 48.12 37.15
C PHE Q 499 98.76 46.84 36.33
N ALA Q 500 98.97 45.72 37.01
CA ALA Q 500 99.04 44.42 36.35
C ALA Q 500 99.04 43.33 37.40
N MET Q 501 98.49 42.17 37.03
CA MET Q 501 98.58 41.00 37.89
C MET Q 501 100.03 40.53 38.03
N GLU Q 502 100.72 40.34 36.91
CA GLU Q 502 102.13 40.02 36.92
C GLU Q 502 102.92 41.32 36.94
N ASN Q 503 104.24 41.23 36.74
CA ASN Q 503 105.13 42.39 36.75
C ASN Q 503 104.99 43.16 38.07
N THR Q 504 105.38 42.50 39.15
CA THR Q 504 105.26 43.04 40.51
C THR Q 504 105.88 44.43 40.63
N LYS Q 505 106.69 44.83 39.65
CA LYS Q 505 107.19 46.20 39.56
C LYS Q 505 106.07 47.21 39.32
N ALA Q 506 104.88 46.76 38.96
CA ALA Q 506 103.76 47.67 38.74
C ALA Q 506 103.40 48.40 40.01
N ASP Q 507 102.79 49.58 39.84
CA ASP Q 507 102.38 50.39 40.99
C ASP Q 507 101.35 49.64 41.84
N VAL Q 508 100.37 49.02 41.18
CA VAL Q 508 99.33 48.26 41.86
C VAL Q 508 99.37 46.83 41.33
N HIS Q 509 99.58 45.87 42.22
CA HIS Q 509 99.62 44.46 41.86
C HIS Q 509 98.93 43.64 42.94
N PRO Q 510 98.25 42.55 42.57
CA PRO Q 510 97.55 41.73 43.55
C PRO Q 510 98.49 40.85 44.34
N LEU Q 511 98.58 41.11 45.65
CA LEU Q 511 99.39 40.27 46.51
C LEU Q 511 98.75 38.90 46.68
N LYS Q 512 97.43 38.86 46.88
CA LYS Q 512 96.71 37.62 47.11
C LYS Q 512 95.27 37.80 46.63
N PHE Q 513 94.81 36.87 45.80
CA PHE Q 513 93.45 36.92 45.27
C PHE Q 513 92.79 35.56 45.40
N GLU Q 514 91.49 35.57 45.69
CA GLU Q 514 90.71 34.35 45.80
C GLU Q 514 89.47 34.47 44.94
N LEU Q 515 89.11 33.37 44.28
CA LEU Q 515 87.97 33.32 43.38
C LEU Q 515 86.89 32.45 43.99
N SER Q 516 85.68 33.01 44.10
CA SER Q 516 84.54 32.31 44.65
C SER Q 516 83.33 32.53 43.76
N LEU Q 517 82.38 31.60 43.82
CA LEU Q 517 81.21 31.65 42.95
C LEU Q 517 80.33 32.86 43.22
N PHE Q 518 80.51 33.54 44.34
CA PHE Q 518 79.68 34.67 44.69
C PHE Q 518 80.43 35.98 44.89
N GLU Q 519 81.75 35.93 45.09
CA GLU Q 519 82.53 37.15 45.28
C GLU Q 519 83.98 36.85 44.94
N THR Q 520 84.76 37.92 44.76
CA THR Q 520 86.19 37.83 44.53
C THR Q 520 86.90 38.74 45.52
N GLN Q 521 87.86 38.18 46.25
CA GLN Q 521 88.62 38.93 47.24
C GLN Q 521 90.08 39.02 46.81
N VAL Q 522 90.58 40.24 46.71
CA VAL Q 522 91.94 40.51 46.24
C VAL Q 522 92.61 41.48 47.19
N LEU Q 523 93.87 41.21 47.52
CA LEU Q 523 94.71 42.15 48.25
C LEU Q 523 95.69 42.78 47.27
N VAL Q 524 95.64 44.10 47.16
CA VAL Q 524 96.43 44.84 46.18
C VAL Q 524 97.42 45.74 46.91
N ASN Q 525 98.64 45.81 46.38
CA ASN Q 525 99.70 46.64 46.95
C ASN Q 525 99.76 47.94 46.15
N THR Q 526 99.04 48.95 46.63
CA THR Q 526 99.13 50.27 46.07
C THR Q 526 100.42 50.95 46.54
N PRO Q 527 100.90 51.95 45.81
CA PRO Q 527 102.08 52.70 46.28
C PRO Q 527 101.87 53.32 47.64
N GLN Q 528 100.65 53.80 47.93
CA GLN Q 528 100.37 54.37 49.24
C GLN Q 528 100.38 53.29 50.32
N GLY Q 529 99.81 52.14 50.03
CA GLY Q 529 99.78 51.06 51.01
C GLY Q 529 98.96 49.90 50.51
N ILE Q 530 98.94 48.84 51.32
CA ILE Q 530 98.21 47.64 50.97
C ILE Q 530 96.71 47.91 51.10
N LEU Q 531 95.95 47.49 50.09
CA LEU Q 531 94.50 47.68 50.06
C LEU Q 531 93.82 46.34 49.85
N GLU Q 532 92.68 46.16 50.50
CA GLU Q 532 91.90 44.93 50.41
C GLU Q 532 90.53 45.25 49.82
N ILE Q 533 90.10 44.45 48.86
CA ILE Q 533 88.80 44.63 48.22
C ILE Q 533 88.08 43.28 48.17
N SER Q 534 86.76 43.35 48.11
CA SER Q 534 85.93 42.15 47.97
C SER Q 534 84.62 42.60 47.32
N SER Q 535 84.48 42.33 46.03
CA SER Q 535 83.34 42.79 45.25
C SER Q 535 82.64 41.60 44.61
N GLY Q 536 81.51 41.89 43.95
CA GLY Q 536 80.71 40.89 43.28
C GLY Q 536 81.15 40.55 41.88
N LEU Q 537 82.22 41.16 41.39
CA LEU Q 537 82.74 40.83 40.07
C LEU Q 537 83.47 39.50 40.14
N LEU Q 538 83.10 38.58 39.26
CA LEU Q 538 83.60 37.21 39.30
C LEU Q 538 84.57 36.96 38.15
N GLY Q 539 85.64 36.25 38.44
CA GLY Q 539 86.61 35.90 37.43
C GLY Q 539 87.76 36.89 37.34
N ARG Q 540 88.92 36.40 36.89
CA ARG Q 540 90.08 37.27 36.78
C ARG Q 540 89.95 38.27 35.63
N HIS Q 541 89.04 38.02 34.69
CA HIS Q 541 88.90 38.93 33.55
C HIS Q 541 88.42 40.31 33.97
N ASN Q 542 87.84 40.44 35.16
CA ASN Q 542 87.46 41.74 35.68
C ASN Q 542 88.39 42.24 36.77
N ILE Q 543 89.38 41.43 37.18
CA ILE Q 543 90.40 41.93 38.10
C ILE Q 543 91.19 43.06 37.45
N TYR Q 544 91.38 42.98 36.12
CA TYR Q 544 91.92 44.11 35.39
C TYR Q 544 91.14 45.38 35.68
N ASN Q 545 89.81 45.29 35.63
CA ASN Q 545 88.97 46.44 35.92
C ASN Q 545 89.13 46.88 37.37
N ILE Q 546 89.17 45.92 38.30
CA ILE Q 546 89.37 46.27 39.70
C ILE Q 546 90.74 46.88 39.91
N LEU Q 547 91.77 46.30 39.30
CA LEU Q 547 93.11 46.88 39.39
C LEU Q 547 93.16 48.26 38.74
N ALA Q 548 92.47 48.43 37.61
CA ALA Q 548 92.41 49.73 36.97
C ALA Q 548 91.69 50.75 37.85
N ALA Q 549 90.62 50.32 38.51
CA ALA Q 549 89.83 51.25 39.32
C ALA Q 549 90.65 51.83 40.46
N VAL Q 550 91.37 50.99 41.19
CA VAL Q 550 92.21 51.48 42.28
C VAL Q 550 93.38 52.28 41.74
N ALA Q 551 93.94 51.86 40.59
CA ALA Q 551 95.03 52.60 39.98
C ALA Q 551 94.60 54.00 39.58
N VAL Q 552 93.38 54.14 39.04
CA VAL Q 552 92.85 55.46 38.71
C VAL Q 552 92.73 56.31 39.97
N GLY Q 553 92.30 55.71 41.07
CA GLY Q 553 92.24 56.44 42.33
C GLY Q 553 93.61 56.95 42.75
N ILE Q 554 94.65 56.15 42.53
CA ILE Q 554 96.00 56.61 42.81
C ILE Q 554 96.39 57.74 41.86
N ALA Q 555 95.96 57.65 40.61
CA ALA Q 555 96.27 58.69 39.63
C ALA Q 555 95.68 60.03 40.03
N VAL Q 556 94.45 60.02 40.54
CA VAL Q 556 93.80 61.24 41.01
C VAL Q 556 94.10 61.43 42.49
N GLY Q 557 94.95 60.57 43.04
CA GLY Q 557 95.33 60.66 44.44
C GLY Q 557 94.16 60.46 45.40
N ALA Q 558 93.27 59.53 45.08
CA ALA Q 558 92.14 59.27 45.96
C ALA Q 558 92.61 58.60 47.25
N PRO Q 559 92.00 58.92 48.39
CA PRO Q 559 92.34 58.22 49.63
C PRO Q 559 92.00 56.74 49.53
N LEU Q 560 92.82 55.92 50.20
CA LEU Q 560 92.68 54.47 50.10
C LEU Q 560 91.33 54.00 50.62
N GLU Q 561 90.87 54.58 51.73
CA GLU Q 561 89.59 54.18 52.30
C GLU Q 561 88.44 54.47 51.35
N ASP Q 562 88.47 55.64 50.71
CA ASP Q 562 87.39 56.00 49.79
C ASP Q 562 87.37 55.12 48.55
N ILE Q 563 88.55 54.66 48.10
CA ILE Q 563 88.61 53.75 46.97
C ILE Q 563 87.89 52.45 47.30
N VAL Q 564 88.01 51.99 48.55
CA VAL Q 564 87.33 50.77 48.96
C VAL Q 564 85.82 50.92 48.83
N ARG Q 565 85.28 52.08 49.25
CA ARG Q 565 83.84 52.30 49.16
C ARG Q 565 83.37 52.27 47.71
N GLY Q 566 84.11 52.90 46.81
CA GLY Q 566 83.70 52.92 45.42
C GLY Q 566 83.73 51.54 44.77
N VAL Q 567 84.79 50.78 45.02
CA VAL Q 567 84.87 49.43 44.45
C VAL Q 567 83.82 48.52 45.06
N GLU Q 568 83.64 48.59 46.39
CA GLU Q 568 82.68 47.74 47.06
C GLU Q 568 81.25 48.07 46.65
N GLU Q 569 80.98 49.33 46.33
CA GLU Q 569 79.61 49.73 46.02
C GLU Q 569 79.10 49.04 44.75
N VAL Q 570 79.93 48.96 43.72
CA VAL Q 570 79.52 48.31 42.48
C VAL Q 570 79.56 46.80 42.68
N ASP Q 571 78.44 46.13 42.40
CA ASP Q 571 78.36 44.69 42.50
C ASP Q 571 77.68 44.03 41.31
N ALA Q 572 77.07 44.79 40.40
CA ALA Q 572 76.36 44.20 39.28
C ALA Q 572 76.31 45.21 38.13
N VAL Q 573 77.17 45.01 37.14
CA VAL Q 573 77.11 45.80 35.91
C VAL Q 573 76.17 45.08 34.94
N PRO Q 574 75.14 45.77 34.43
CA PRO Q 574 74.10 45.07 33.65
C PRO Q 574 74.64 44.43 32.40
N GLY Q 575 74.56 43.10 32.35
CA GLY Q 575 74.89 42.34 31.16
C GLY Q 575 76.34 41.96 31.00
N ARG Q 576 77.23 42.42 31.87
CA ARG Q 576 78.65 42.14 31.77
C ARG Q 576 79.02 41.21 32.92
N CYS Q 577 78.83 39.91 32.72
CA CYS Q 577 79.09 38.89 33.73
C CYS Q 577 78.39 39.24 35.04
N GLU Q 578 77.16 39.73 34.93
CA GLU Q 578 76.43 40.19 36.10
C GLU Q 578 75.97 39.00 36.95
N LEU Q 579 76.28 39.08 38.24
CA LEU Q 579 75.85 38.06 39.19
C LEU Q 579 74.60 38.53 39.91
N ILE Q 580 73.51 37.78 39.76
CA ILE Q 580 72.26 38.07 40.44
C ILE Q 580 72.08 36.99 41.50
N ASP Q 581 72.12 37.40 42.77
CA ASP Q 581 72.18 36.48 43.90
C ASP Q 581 71.03 36.82 44.86
N GLU Q 582 69.96 36.04 44.79
CA GLU Q 582 68.86 36.18 45.74
C GLU Q 582 69.03 35.23 46.92
N GLU Q 583 70.22 35.27 47.53
CA GLU Q 583 70.53 34.52 48.74
C GLU Q 583 70.24 33.03 48.56
N GLN Q 584 70.80 32.46 47.50
CA GLN Q 584 70.64 31.04 47.20
C GLN Q 584 72.00 30.35 47.21
N ALA Q 585 71.98 29.03 46.98
CA ALA Q 585 73.17 28.21 47.11
C ALA Q 585 74.02 28.16 45.84
N PHE Q 586 73.56 28.73 44.74
CA PHE Q 586 74.32 28.74 43.50
C PHE Q 586 74.03 30.02 42.73
N GLY Q 587 75.08 30.74 42.36
CA GLY Q 587 74.90 32.02 41.73
C GLY Q 587 74.35 31.90 40.33
N VAL Q 588 73.73 33.00 39.87
CA VAL Q 588 73.20 33.11 38.52
C VAL Q 588 73.95 34.24 37.83
N ILE Q 589 74.45 33.97 36.62
CA ILE Q 589 75.24 34.92 35.86
C ILE Q 589 74.48 35.30 34.61
N VAL Q 590 74.33 36.60 34.36
CA VAL Q 590 73.72 37.13 33.15
C VAL Q 590 74.81 37.83 32.36
N ASP Q 591 75.01 37.40 31.12
CA ASP Q 591 76.09 37.95 30.29
C ASP Q 591 75.56 38.23 28.89
N HIS Q 592 76.24 39.15 28.22
CA HIS Q 592 75.85 39.61 26.88
C HIS Q 592 76.52 38.82 25.77
N ALA Q 593 77.31 37.80 26.09
CA ALA Q 593 78.06 37.08 25.07
C ALA Q 593 77.12 36.44 24.06
N ASN Q 594 77.40 36.68 22.77
CA ASN Q 594 76.63 36.05 21.71
C ASN Q 594 77.49 35.52 20.57
N THR Q 595 78.76 35.86 20.52
CA THR Q 595 79.76 35.46 19.53
C THR Q 595 80.51 34.21 20.00
N PRO Q 596 81.05 33.42 19.07
CA PRO Q 596 81.83 32.24 19.50
C PRO Q 596 83.01 32.60 20.38
N ASP Q 597 83.68 33.72 20.10
CA ASP Q 597 84.84 34.10 20.93
C ASP Q 597 84.39 34.60 22.29
N GLY Q 598 83.32 35.40 22.34
CA GLY Q 598 82.85 35.90 23.62
C GLY Q 598 82.34 34.80 24.53
N LEU Q 599 81.58 33.86 23.97
CA LEU Q 599 81.06 32.75 24.76
C LEU Q 599 82.20 31.86 25.26
N SER Q 600 83.15 31.53 24.36
CA SER Q 600 84.25 30.67 24.74
C SER Q 600 85.12 31.33 25.80
N ARG Q 601 85.37 32.64 25.66
CA ARG Q 601 86.13 33.35 26.67
C ARG Q 601 85.40 33.38 28.00
N LEU Q 602 84.08 33.50 27.97
CA LEU Q 602 83.30 33.55 29.21
C LEU Q 602 83.29 32.20 29.92
N LEU Q 603 83.04 31.12 29.18
CA LEU Q 603 82.83 29.82 29.81
C LEU Q 603 84.07 29.33 30.52
N ASP Q 604 85.24 29.46 29.88
CA ASP Q 604 86.46 29.07 30.56
C ASP Q 604 86.87 30.08 31.62
N SER Q 605 86.32 31.29 31.57
CA SER Q 605 86.54 32.27 32.63
C SER Q 605 85.67 32.01 33.85
N VAL Q 606 84.69 31.12 33.75
CA VAL Q 606 83.91 30.72 34.91
C VAL Q 606 84.34 29.37 35.45
N ARG Q 607 85.05 28.56 34.66
CA ARG Q 607 85.60 27.32 35.17
C ARG Q 607 86.66 27.58 36.23
N GLU Q 608 87.42 28.67 36.09
CA GLU Q 608 88.42 29.02 37.10
C GLU Q 608 87.80 29.38 38.44
N LEU Q 609 86.51 29.67 38.48
CA LEU Q 609 85.81 29.93 39.73
C LEU Q 609 85.58 28.66 40.55
N LYS Q 610 85.99 27.50 40.03
CA LYS Q 610 85.77 26.22 40.68
C LYS Q 610 84.30 25.95 40.98
N PRO Q 611 83.44 25.86 39.98
CA PRO Q 611 82.05 25.47 40.22
C PRO Q 611 81.86 23.98 40.07
N ARG Q 612 80.77 23.49 40.67
CA ARG Q 612 80.44 22.08 40.57
C ARG Q 612 80.07 21.71 39.13
N ARG Q 613 79.15 22.48 38.54
CA ARG Q 613 78.75 22.30 37.15
C ARG Q 613 78.44 23.66 36.55
N ILE Q 614 78.44 23.70 35.22
CA ILE Q 614 78.14 24.92 34.47
C ILE Q 614 76.90 24.66 33.63
N ILE Q 615 75.90 25.53 33.77
CA ILE Q 615 74.68 25.46 32.99
C ILE Q 615 74.59 26.71 32.13
N THR Q 616 74.43 26.54 30.83
CA THR Q 616 74.44 27.64 29.88
C THR Q 616 73.12 27.74 29.15
N VAL Q 617 72.63 28.96 28.99
CA VAL Q 617 71.46 29.27 28.18
C VAL Q 617 71.92 30.19 27.07
N ILE Q 618 71.92 29.69 25.84
CA ILE Q 618 72.49 30.40 24.71
C ILE Q 618 71.48 30.42 23.56
N GLY Q 619 71.32 31.59 22.94
CA GLY Q 619 70.47 31.73 21.77
C GLY Q 619 71.20 32.43 20.64
N CYS Q 620 70.52 32.50 19.50
CA CYS Q 620 71.04 33.18 18.32
C CYS Q 620 69.94 34.03 17.70
N ALA Q 621 70.35 35.13 17.08
CA ALA Q 621 69.42 36.01 16.38
C ALA Q 621 68.95 35.37 15.08
N GLY Q 622 67.75 35.78 14.65
CA GLY Q 622 67.16 35.23 13.43
C GLY Q 622 67.55 36.04 12.20
N GLU Q 623 67.79 35.32 11.10
CA GLU Q 623 68.09 35.89 9.79
C GLU Q 623 69.36 36.74 9.79
N ASN Q 624 70.23 36.58 10.79
CA ASN Q 624 71.46 37.34 10.86
C ASN Q 624 72.56 36.47 11.44
N GLU Q 625 73.78 36.67 10.92
CA GLU Q 625 74.98 35.90 11.28
C GLU Q 625 74.65 34.43 11.52
N ARG Q 626 73.97 33.83 10.54
CA ARG Q 626 73.57 32.43 10.66
C ARG Q 626 74.74 31.46 10.56
N GLY Q 627 75.93 31.95 10.21
CA GLY Q 627 77.10 31.10 10.11
C GLY Q 627 77.78 30.79 11.42
N LYS Q 628 77.27 31.32 12.54
CA LYS Q 628 77.84 31.10 13.86
C LYS Q 628 77.02 30.14 14.71
N ARG Q 629 75.82 29.77 14.27
CA ARG Q 629 74.94 28.97 15.12
C ARG Q 629 75.52 27.61 15.48
N PRO Q 630 76.05 26.80 14.54
CA PRO Q 630 76.67 25.54 14.96
C PRO Q 630 77.87 25.73 15.86
N VAL Q 631 78.61 26.84 15.70
CA VAL Q 631 79.80 27.07 16.51
C VAL Q 631 79.42 27.25 17.97
N MET Q 632 78.35 28.00 18.24
CA MET Q 632 77.95 28.27 19.62
C MET Q 632 77.62 27.00 20.36
N THR Q 633 76.88 26.09 19.73
CA THR Q 633 76.53 24.83 20.37
C THR Q 633 77.76 23.99 20.65
N LYS Q 634 78.69 23.93 19.70
CA LYS Q 634 79.90 23.14 19.89
C LYS Q 634 80.70 23.65 21.09
N ILE Q 635 80.84 24.97 21.20
CA ILE Q 635 81.60 25.54 22.32
C ILE Q 635 80.87 25.29 23.63
N ALA Q 636 79.56 25.56 23.67
CA ALA Q 636 78.81 25.41 24.90
C ALA Q 636 78.79 23.97 25.39
N THR Q 637 78.56 23.03 24.47
CA THR Q 637 78.47 21.63 24.86
C THR Q 637 79.78 21.08 25.40
N GLU Q 638 80.92 21.67 25.02
CA GLU Q 638 82.21 21.22 25.51
C GLU Q 638 82.57 21.86 26.83
N LYS Q 639 82.50 23.19 26.90
CA LYS Q 639 82.87 23.88 28.13
C LYS Q 639 81.90 23.59 29.26
N SER Q 640 80.61 23.51 28.95
CA SER Q 640 79.58 23.39 29.97
C SER Q 640 79.07 21.96 30.09
N ASP Q 641 78.71 21.58 31.31
CA ASP Q 641 78.14 20.26 31.55
C ASP Q 641 76.71 20.15 31.05
N VAL Q 642 75.92 21.20 31.26
CA VAL Q 642 74.52 21.23 30.81
C VAL Q 642 74.32 22.49 29.99
N THR Q 643 73.77 22.31 28.79
CA THR Q 643 73.52 23.42 27.87
C THR Q 643 72.03 23.51 27.60
N MET Q 644 71.53 24.74 27.45
CA MET Q 644 70.11 25.02 27.23
C MET Q 644 69.96 25.91 26.01
N LEU Q 645 69.86 25.29 24.83
CA LEU Q 645 69.64 26.07 23.61
C LEU Q 645 68.26 26.71 23.64
N THR Q 646 68.19 27.97 23.21
CA THR Q 646 66.96 28.74 23.25
C THR Q 646 66.93 29.69 22.07
N SER Q 647 65.78 30.34 21.89
CA SER Q 647 65.59 31.35 20.87
C SER Q 647 65.92 32.72 21.46
N ASP Q 648 66.94 33.37 20.91
CA ASP Q 648 67.38 34.66 21.42
C ASP Q 648 66.58 35.81 20.81
N ASN Q 649 66.64 35.95 19.49
CA ASN Q 649 65.86 36.94 18.76
C ASN Q 649 65.37 36.30 17.48
N PRO Q 650 64.30 35.51 17.54
CA PRO Q 650 63.84 34.80 16.34
C PRO Q 650 63.49 35.71 15.19
N GLY Q 651 62.92 36.88 15.47
CA GLY Q 651 62.48 37.76 14.40
C GLY Q 651 61.48 37.06 13.51
N ASN Q 652 61.64 37.26 12.20
CA ASN Q 652 60.74 36.63 11.23
C ASN Q 652 61.10 35.17 10.97
N GLU Q 653 62.23 34.70 11.47
CA GLU Q 653 62.63 33.31 11.28
C GLU Q 653 61.98 32.41 12.33
N ASP Q 654 61.75 31.17 11.96
CA ASP Q 654 61.12 30.21 12.87
C ASP Q 654 62.07 29.89 14.02
N PRO Q 655 61.62 30.00 15.27
CA PRO Q 655 62.52 29.69 16.39
C PRO Q 655 63.06 28.26 16.36
N LEU Q 656 62.25 27.30 15.92
CA LEU Q 656 62.74 25.93 15.86
C LEU Q 656 63.81 25.76 14.78
N ASP Q 657 63.69 26.50 13.68
CA ASP Q 657 64.70 26.43 12.63
C ASP Q 657 66.06 26.89 13.16
N ILE Q 658 66.08 27.96 13.95
CA ILE Q 658 67.33 28.44 14.53
C ILE Q 658 67.94 27.37 15.42
N LEU Q 659 67.12 26.72 16.23
CA LEU Q 659 67.63 25.64 17.08
C LEU Q 659 68.13 24.47 16.25
N ASP Q 660 67.51 24.22 15.10
CA ASP Q 660 67.98 23.14 14.23
C ASP Q 660 69.37 23.43 13.71
N ASP Q 661 69.65 24.69 13.37
CA ASP Q 661 71.01 25.06 12.98
C ASP Q 661 71.98 24.86 14.13
N MET Q 662 71.53 25.12 15.36
CA MET Q 662 72.38 24.89 16.52
C MET Q 662 72.71 23.42 16.66
N LEU Q 663 71.72 22.55 16.53
CA LEU Q 663 71.95 21.11 16.68
C LEU Q 663 72.88 20.56 15.61
N SER Q 664 72.99 21.25 14.48
CA SER Q 664 73.93 20.81 13.45
C SER Q 664 75.37 20.83 13.93
N GLY Q 665 75.68 21.65 14.93
CA GLY Q 665 77.03 21.68 15.47
C GLY Q 665 77.41 20.38 16.14
N ILE Q 666 76.45 19.69 16.76
CA ILE Q 666 76.70 18.43 17.42
C ILE Q 666 76.27 17.25 16.57
N GLY Q 667 75.74 17.49 15.38
CA GLY Q 667 75.22 16.44 14.55
C GLY Q 667 73.80 16.02 14.85
N TRP Q 668 73.18 16.61 15.86
CA TRP Q 668 71.79 16.32 16.16
C TRP Q 668 70.87 17.07 15.21
N THR Q 669 69.60 16.68 15.25
CA THR Q 669 68.55 17.37 14.50
C THR Q 669 67.36 17.56 15.42
N MET Q 670 66.54 18.56 15.10
CA MET Q 670 65.36 18.81 15.90
C MET Q 670 64.45 17.59 15.92
N GLN Q 671 64.32 16.91 14.79
CA GLN Q 671 63.50 15.70 14.74
C GLN Q 671 64.05 14.63 15.68
N GLU Q 672 65.36 14.43 15.68
CA GLU Q 672 65.96 13.42 16.55
C GLU Q 672 65.77 13.81 18.01
N TYR Q 673 65.89 15.10 18.33
CA TYR Q 673 65.71 15.54 19.71
C TYR Q 673 64.30 15.26 20.19
N LEU Q 674 63.30 15.54 19.35
CA LEU Q 674 61.92 15.31 19.76
C LEU Q 674 61.61 13.82 19.89
N LYS Q 675 62.30 12.97 19.14
CA LYS Q 675 62.12 11.53 19.30
C LYS Q 675 62.53 11.09 20.69
N HIS Q 676 63.64 11.63 21.20
CA HIS Q 676 64.01 11.35 22.59
C HIS Q 676 63.00 11.93 23.56
N GLY Q 677 62.34 13.03 23.18
CA GLY Q 677 61.31 13.59 24.03
C GLY Q 677 60.13 12.65 24.23
N GLU Q 678 59.82 11.84 23.21
CA GLU Q 678 58.77 10.85 23.36
C GLU Q 678 59.13 9.82 24.43
N HIS Q 679 60.41 9.43 24.50
CA HIS Q 679 60.86 8.44 25.46
C HIS Q 679 61.16 9.05 26.82
N ASP Q 680 61.00 10.36 26.98
CA ASP Q 680 61.24 11.05 28.25
C ASP Q 680 62.67 10.81 28.74
N TYR Q 681 63.62 10.79 27.82
CA TYR Q 681 65.02 10.55 28.17
C TYR Q 681 65.89 11.14 27.07
N TYR Q 682 66.63 12.20 27.39
CA TYR Q 682 67.55 12.80 26.45
C TYR Q 682 68.95 12.25 26.69
N PRO Q 683 69.54 11.54 25.74
CA PRO Q 683 70.82 10.90 26.00
C PRO Q 683 71.91 11.93 26.20
N PRO Q 684 72.90 11.65 27.04
CA PRO Q 684 74.03 12.57 27.20
C PRO Q 684 74.91 12.55 25.96
N LEU Q 685 75.74 13.59 25.84
CA LEU Q 685 76.64 13.71 24.71
C LEU Q 685 77.78 12.71 24.82
N SER Q 686 78.69 12.77 23.85
CA SER Q 686 79.84 11.86 23.85
C SER Q 686 80.73 12.09 25.07
N ASN Q 687 80.96 13.35 25.43
CA ASN Q 687 81.78 13.66 26.59
C ASN Q 687 81.04 13.42 27.91
N GLY Q 688 79.75 13.12 27.86
CA GLY Q 688 78.96 12.95 29.06
C GLY Q 688 78.17 14.16 29.49
N HIS Q 689 78.13 15.20 28.68
CA HIS Q 689 77.40 16.42 29.01
C HIS Q 689 75.95 16.32 28.55
N ARG Q 690 75.12 17.26 29.03
CA ARG Q 690 73.70 17.24 28.78
C ARG Q 690 73.31 18.39 27.85
N LEU Q 691 72.37 18.12 26.95
CA LEU Q 691 71.86 19.11 26.01
C LEU Q 691 70.34 19.13 26.09
N PHE Q 692 69.78 20.22 26.60
CA PHE Q 692 68.34 20.38 26.79
C PHE Q 692 67.90 21.66 26.09
N LEU Q 693 67.14 21.55 25.01
CA LEU Q 693 66.70 22.72 24.28
C LEU Q 693 65.21 22.98 24.48
N HIS Q 694 64.84 24.25 24.51
CA HIS Q 694 63.44 24.64 24.57
C HIS Q 694 63.28 25.97 23.86
N ASP Q 695 62.34 26.03 22.92
CA ASP Q 695 62.19 27.21 22.07
C ASP Q 695 61.74 28.43 22.87
N VAL Q 696 60.77 28.25 23.75
CA VAL Q 696 60.22 29.37 24.51
C VAL Q 696 61.28 29.90 25.46
N ARG Q 697 61.58 31.20 25.36
CA ARG Q 697 62.69 31.76 26.12
C ARG Q 697 62.37 31.85 27.60
N ARG Q 698 61.18 32.36 27.93
CA ARG Q 698 60.83 32.59 29.34
C ARG Q 698 60.83 31.28 30.12
N VAL Q 699 60.28 30.21 29.53
CA VAL Q 699 60.23 28.94 30.22
C VAL Q 699 61.57 28.22 30.17
N ALA Q 700 62.56 28.79 29.48
CA ALA Q 700 63.87 28.16 29.38
C ALA Q 700 64.84 28.69 30.42
N VAL Q 701 64.93 30.02 30.56
CA VAL Q 701 65.83 30.59 31.56
C VAL Q 701 65.36 30.22 32.96
N ARG Q 702 64.06 30.28 33.22
CA ARG Q 702 63.54 29.86 34.51
C ARG Q 702 63.79 28.38 34.75
N CYS Q 703 63.64 27.56 33.70
CA CYS Q 703 63.88 26.13 33.86
C CYS Q 703 65.33 25.83 34.20
N ALA Q 704 66.27 26.55 33.58
CA ALA Q 704 67.68 26.34 33.86
C ALA Q 704 68.02 26.70 35.30
N VAL Q 705 67.35 27.72 35.84
CA VAL Q 705 67.58 28.11 37.23
C VAL Q 705 67.21 26.98 38.17
N ALA Q 706 66.06 26.34 37.93
CA ALA Q 706 65.64 25.23 38.77
C ALA Q 706 66.53 24.01 38.60
N MET Q 707 67.36 23.97 37.56
CA MET Q 707 68.21 22.83 37.27
C MET Q 707 69.53 22.88 38.02
N GLY Q 708 69.78 23.93 38.79
CA GLY Q 708 71.05 24.07 39.48
C GLY Q 708 71.03 23.56 40.90
N GLU Q 709 72.01 22.72 41.25
CA GLU Q 709 72.17 22.23 42.60
C GLU Q 709 73.16 23.11 43.34
N GLU Q 710 73.54 22.67 44.54
CA GLU Q 710 74.53 23.41 45.31
C GLU Q 710 75.89 23.33 44.65
N GLY Q 711 76.52 24.48 44.45
CA GLY Q 711 77.82 24.55 43.81
C GLY Q 711 77.79 24.68 42.31
N ASP Q 712 76.65 24.43 41.67
CA ASP Q 712 76.57 24.60 40.23
C ASP Q 712 76.59 26.07 39.86
N MET Q 713 76.67 26.35 38.56
CA MET Q 713 76.66 27.72 38.07
C MET Q 713 75.80 27.79 36.82
N VAL Q 714 74.88 28.75 36.79
CA VAL Q 714 73.99 28.97 35.65
C VAL Q 714 74.37 30.31 35.03
N VAL Q 715 74.66 30.29 33.73
CA VAL Q 715 75.00 31.48 32.98
C VAL Q 715 74.06 31.61 31.79
N VAL Q 716 73.52 32.80 31.59
CA VAL Q 716 72.67 33.09 30.43
C VAL Q 716 73.46 34.00 29.50
N ALA Q 717 73.18 33.88 28.21
CA ALA Q 717 73.96 34.57 27.20
C ALA Q 717 73.07 35.00 26.05
N GLY Q 718 73.55 35.99 25.29
CA GLY Q 718 72.88 36.47 24.11
C GLY Q 718 72.02 37.70 24.33
N LYS Q 719 71.65 37.99 25.57
CA LYS Q 719 70.81 39.14 25.87
C LYS Q 719 71.53 40.21 26.67
N GLY Q 720 72.13 39.86 27.79
CA GLY Q 720 72.80 40.86 28.60
C GLY Q 720 71.79 41.82 29.19
N HIS Q 721 71.92 43.10 28.83
CA HIS Q 721 71.03 44.13 29.34
C HIS Q 721 69.86 44.42 28.42
N GLU Q 722 69.88 43.92 27.18
CA GLU Q 722 68.82 44.21 26.23
C GLU Q 722 67.49 43.65 26.72
N SER Q 723 66.57 44.53 27.09
CA SER Q 723 65.28 44.12 27.66
C SER Q 723 64.20 44.12 26.59
N TYR Q 724 64.37 43.23 25.61
CA TYR Q 724 63.37 43.05 24.57
C TYR Q 724 63.62 41.73 23.86
N GLN Q 725 62.53 41.01 23.58
CA GLN Q 725 62.58 39.76 22.82
C GLN Q 725 61.93 40.01 21.47
N LEU Q 726 62.73 40.02 20.42
CA LEU Q 726 62.23 40.33 19.08
C LEU Q 726 61.56 39.10 18.49
N GLU Q 727 60.24 39.07 18.53
CA GLU Q 727 59.44 38.01 17.93
C GLU Q 727 58.71 38.58 16.74
N GLY Q 728 58.92 37.99 15.56
CA GLY Q 728 58.36 38.54 14.34
C GLY Q 728 58.89 39.94 14.10
N ASP Q 729 58.01 40.94 14.23
CA ASP Q 729 58.42 42.33 14.19
C ASP Q 729 58.23 43.05 15.51
N LYS Q 730 57.41 42.52 16.41
CA LYS Q 730 57.17 43.16 17.70
C LYS Q 730 58.35 42.88 18.64
N LYS Q 731 58.71 43.90 19.42
CA LYS Q 731 59.77 43.78 20.42
C LYS Q 731 59.12 43.63 21.79
N GLU Q 732 58.77 42.39 22.11
CA GLU Q 732 58.16 42.11 23.40
C GLU Q 732 59.16 42.35 24.52
N PHE Q 733 58.70 42.99 25.60
CA PHE Q 733 59.58 43.32 26.71
C PHE Q 733 59.97 42.04 27.45
N TYR Q 734 61.25 41.69 27.39
CA TYR Q 734 61.76 40.51 28.08
C TYR Q 734 63.12 40.84 28.67
N ASP Q 735 63.25 40.70 29.99
CA ASP Q 735 64.49 40.97 30.69
C ASP Q 735 64.92 39.71 31.42
N ASP Q 736 66.16 39.27 31.19
CA ASP Q 736 66.65 38.05 31.81
C ASP Q 736 66.85 38.22 33.30
N ARG Q 737 67.18 39.43 33.74
CA ARG Q 737 67.39 39.66 35.17
C ARG Q 737 66.13 39.40 35.96
N GLU Q 738 64.97 39.84 35.45
CA GLU Q 738 63.71 39.56 36.12
C GLU Q 738 63.40 38.07 36.11
N GLU Q 739 63.73 37.39 35.01
CA GLU Q 739 63.46 35.97 34.91
C GLU Q 739 64.22 35.18 35.97
N CYS Q 740 65.54 35.43 36.06
CA CYS Q 740 66.34 34.74 37.07
C CYS Q 740 65.95 35.16 38.47
N ARG Q 741 65.58 36.43 38.64
CA ARG Q 741 65.15 36.91 39.95
C ARG Q 741 63.90 36.18 40.42
N GLU Q 742 62.91 36.03 39.53
CA GLU Q 742 61.67 35.37 39.90
C GLU Q 742 61.83 33.86 39.99
N ALA Q 743 62.65 33.27 39.12
CA ALA Q 743 62.85 31.83 39.14
C ALA Q 743 63.47 31.39 40.46
N LEU Q 744 64.46 32.14 40.95
CA LEU Q 744 65.03 31.83 42.26
C LEU Q 744 64.02 32.01 43.37
N GLN Q 745 63.05 32.90 43.19
CA GLN Q 745 62.07 33.17 44.23
C GLN Q 745 61.14 31.98 44.43
N TYR Q 746 60.72 31.33 43.33
CA TYR Q 746 59.72 30.28 43.39
C TYR Q 746 60.28 28.89 43.14
N VAL Q 747 61.60 28.76 43.03
CA VAL Q 747 62.18 27.44 42.79
C VAL Q 747 61.97 26.52 43.99
N ASP Q 748 62.02 27.09 45.20
CA ASP Q 748 61.83 26.28 46.40
C ASP Q 748 60.43 25.70 46.46
N GLU Q 749 59.43 26.49 46.06
CA GLU Q 749 58.06 25.98 46.05
C GLU Q 749 57.91 24.82 45.09
N LEU Q 750 58.63 24.85 43.97
CA LEU Q 750 58.59 23.74 43.03
C LEU Q 750 59.14 22.46 43.66
N HIS Q 751 60.26 22.57 44.39
CA HIS Q 751 60.84 21.40 45.03
C HIS Q 751 59.98 20.92 46.18
N GLN Q 752 59.38 21.84 46.94
CA GLN Q 752 58.51 21.44 48.05
C GLN Q 752 57.24 20.78 47.57
N ALA Q 753 56.91 20.92 46.29
CA ALA Q 753 55.75 20.27 45.69
C ALA Q 753 56.09 18.90 45.10
N GLY Q 754 57.32 18.42 45.29
CA GLY Q 754 57.72 17.13 44.78
C GLY Q 754 58.18 17.11 43.34
N ILE Q 755 58.39 18.27 42.73
CA ILE Q 755 58.84 18.33 41.35
C ILE Q 755 60.35 18.12 41.30
N ASP Q 756 60.79 17.15 40.51
CA ASP Q 756 62.22 16.82 40.39
C ASP Q 756 62.78 17.55 39.19
N THR Q 757 63.31 18.75 39.44
CA THR Q 757 63.89 19.57 38.38
C THR Q 757 65.42 19.39 38.34
N SER Q 758 65.84 18.16 38.08
CA SER Q 758 67.25 17.84 37.92
C SER Q 758 67.65 17.69 36.46
N GLU Q 759 66.86 16.94 35.70
CA GLU Q 759 67.00 16.84 34.26
C GLU Q 759 65.80 17.50 33.60
N PHE Q 760 65.88 17.64 32.27
CA PHE Q 760 64.80 18.31 31.55
C PHE Q 760 63.46 17.60 31.68
N PRO Q 761 63.35 16.28 31.55
CA PRO Q 761 62.05 15.65 31.77
C PRO Q 761 61.68 15.62 33.24
N TRP Q 762 61.09 16.72 33.72
CA TRP Q 762 60.69 16.83 35.12
C TRP Q 762 59.79 15.67 35.52
N ARG Q 763 60.06 15.09 36.69
CA ARG Q 763 59.27 13.99 37.22
C ARG Q 763 58.34 14.56 38.28
N LEU Q 764 57.09 14.77 37.90
CA LEU Q 764 56.07 15.21 38.85
C LEU Q 764 55.69 14.05 39.75
N PRO Q 765 55.03 14.34 40.89
CA PRO Q 765 54.56 13.23 41.73
C PRO Q 765 53.68 12.25 41.00
N GLU Q 766 52.82 12.73 40.09
CA GLU Q 766 52.02 11.89 39.23
C GLU Q 766 52.69 11.89 37.86
N SER Q 767 53.41 10.82 37.55
CA SER Q 767 54.24 10.78 36.35
C SER Q 767 54.30 9.34 35.85
N HIS Q 768 55.29 9.06 35.01
CA HIS Q 768 55.56 7.72 34.50
C HIS Q 768 54.45 7.25 33.58
N GLY R 35 20.60 -20.62 -78.42
CA GLY R 35 20.52 -19.31 -77.81
C GLY R 35 19.72 -18.32 -78.61
N ILE R 36 20.39 -17.58 -79.50
CA ILE R 36 19.70 -16.60 -80.33
C ILE R 36 19.01 -17.32 -81.47
N GLN R 37 17.72 -17.02 -81.65
CA GLN R 37 16.91 -17.65 -82.69
C GLN R 37 16.01 -16.61 -83.31
N ARG R 38 16.00 -16.56 -84.64
CA ARG R 38 15.20 -15.59 -85.38
C ARG R 38 14.50 -16.30 -86.52
N ASP R 39 13.34 -15.75 -86.90
CA ASP R 39 12.57 -16.28 -88.01
C ASP R 39 12.94 -15.53 -89.29
N ASP R 40 12.17 -15.75 -90.36
CA ASP R 40 12.50 -15.15 -91.65
C ASP R 40 12.46 -13.63 -91.60
N ASN R 41 11.49 -13.06 -90.87
CA ASN R 41 11.34 -11.62 -90.81
C ASN R 41 12.50 -10.93 -90.10
N GLY R 42 13.34 -11.67 -89.39
CA GLY R 42 14.48 -11.11 -88.69
C GLY R 42 14.23 -10.77 -87.24
N ARG R 43 12.98 -10.77 -86.80
CA ARG R 43 12.66 -10.51 -85.40
C ARG R 43 13.13 -11.68 -84.53
N ARG R 44 13.35 -11.40 -83.26
CA ARG R 44 13.85 -12.41 -82.32
C ARG R 44 12.69 -13.09 -81.62
N ILE R 45 12.73 -14.42 -81.57
CA ILE R 45 11.71 -15.22 -80.91
C ILE R 45 12.35 -15.90 -79.70
N TRP R 46 11.72 -15.73 -78.54
CA TRP R 46 12.25 -16.22 -77.29
C TRP R 46 11.17 -17.02 -76.57
N ARG R 47 11.60 -17.99 -75.77
CA ARG R 47 10.67 -18.83 -75.03
C ARG R 47 10.09 -18.05 -73.87
N ARG R 48 8.77 -17.93 -73.83
CA ARG R 48 8.09 -17.20 -72.77
C ARG R 48 8.09 -18.04 -71.51
N ARG R 49 8.97 -17.71 -70.56
CA ARG R 49 9.07 -18.49 -69.34
C ARG R 49 7.81 -18.34 -68.51
N THR R 50 7.13 -19.47 -68.28
CA THR R 50 5.85 -19.50 -67.59
C THR R 50 5.88 -20.59 -66.53
N LEU R 51 5.09 -20.40 -65.47
CA LEU R 51 5.02 -21.35 -64.37
C LEU R 51 4.43 -22.65 -64.88
N THR R 52 5.27 -23.67 -65.04
CA THR R 52 4.82 -24.94 -65.59
C THR R 52 3.89 -25.66 -64.62
N LYS R 53 4.30 -25.77 -63.37
CA LYS R 53 3.51 -26.46 -62.35
C LYS R 53 2.46 -25.50 -61.79
N LYS R 54 1.73 -25.94 -60.78
CA LYS R 54 0.63 -25.17 -60.21
C LYS R 54 0.90 -24.88 -58.75
N ASP R 55 0.61 -23.64 -58.34
CA ASP R 55 0.82 -23.19 -56.96
C ASP R 55 -0.51 -23.24 -56.22
N ASP R 56 -0.54 -24.01 -55.12
CA ASP R 56 -1.76 -24.13 -54.34
C ASP R 56 -2.13 -22.80 -53.69
N MET R 57 -1.15 -22.11 -53.11
CA MET R 57 -1.41 -20.88 -52.38
C MET R 57 -1.86 -19.74 -53.30
N LEU R 58 -1.64 -19.87 -54.61
CA LEU R 58 -2.03 -18.81 -55.53
C LEU R 58 -3.53 -18.59 -55.53
N ARG R 59 -4.32 -19.67 -55.54
CA ARG R 59 -5.76 -19.54 -55.55
C ARG R 59 -6.34 -19.25 -54.17
N TYR R 60 -5.56 -19.44 -53.11
CA TYR R 60 -6.02 -19.29 -51.74
C TYR R 60 -5.71 -17.92 -51.15
N LYS R 61 -5.09 -17.01 -51.90
CA LYS R 61 -4.67 -15.73 -51.35
C LYS R 61 -5.01 -14.52 -52.19
N LEU R 62 -5.51 -14.68 -53.41
CA LEU R 62 -5.82 -13.51 -54.24
C LEU R 62 -7.14 -12.85 -53.88
N GLN R 63 -7.97 -13.49 -53.05
CA GLN R 63 -9.25 -12.92 -52.68
C GLN R 63 -9.07 -11.81 -51.65
N ARG R 64 -9.99 -10.85 -51.68
CA ARG R 64 -10.00 -9.72 -50.74
C ARG R 64 -11.37 -9.63 -50.09
N VAL R 65 -11.38 -9.38 -48.79
CA VAL R 65 -12.63 -9.27 -48.03
C VAL R 65 -13.36 -8.02 -48.47
N PRO R 66 -14.69 -8.04 -48.53
CA PRO R 66 -15.43 -6.88 -49.07
C PRO R 66 -15.98 -5.93 -48.02
N PHE R 67 -15.90 -6.28 -46.74
CA PHE R 67 -16.63 -5.52 -45.73
C PHE R 67 -15.73 -4.88 -44.69
N VAL R 68 -14.65 -4.24 -45.13
CA VAL R 68 -13.75 -3.56 -44.20
C VAL R 68 -13.74 -2.05 -44.43
N GLU R 69 -14.77 -1.52 -45.11
CA GLU R 69 -14.82 -0.09 -45.36
C GLU R 69 -14.92 0.70 -44.05
N GLU R 70 -15.71 0.20 -43.10
CA GLU R 70 -15.84 0.90 -41.82
C GLU R 70 -14.59 0.75 -40.98
N GLN R 71 -13.88 -0.37 -41.10
CA GLN R 71 -12.64 -0.55 -40.33
C GLN R 71 -11.55 0.38 -40.84
N VAL R 72 -11.33 0.42 -42.15
CA VAL R 72 -10.25 1.24 -42.69
C VAL R 72 -10.51 2.71 -42.43
N ARG R 73 -11.78 3.14 -42.48
CA ARG R 73 -12.10 4.51 -42.15
C ARG R 73 -11.87 4.79 -40.67
N LYS R 74 -12.23 3.85 -39.80
CA LYS R 74 -12.01 4.02 -38.38
C LYS R 74 -10.52 4.08 -38.05
N ILE R 75 -9.73 3.22 -38.69
CA ILE R 75 -8.29 3.18 -38.41
C ILE R 75 -7.64 4.51 -38.76
N LYS R 76 -7.96 5.06 -39.92
CA LYS R 76 -7.39 6.35 -40.31
C LYS R 76 -7.84 7.45 -39.36
N GLU R 77 -9.11 7.46 -39.00
CA GLU R 77 -9.63 8.51 -38.11
C GLU R 77 -9.02 8.38 -36.72
N VAL R 78 -8.90 7.16 -36.20
CA VAL R 78 -8.30 6.96 -34.89
C VAL R 78 -6.84 7.37 -34.90
N GLY R 79 -6.10 6.97 -35.92
CA GLY R 79 -4.68 7.24 -36.01
C GLY R 79 -3.78 6.03 -35.97
N LYS R 80 -4.34 4.82 -36.09
CA LYS R 80 -3.52 3.62 -36.08
C LYS R 80 -2.68 3.46 -37.34
N VAL R 81 -2.95 4.24 -38.39
CA VAL R 81 -2.15 4.15 -39.60
C VAL R 81 -0.72 4.60 -39.33
N MET R 82 -0.56 5.62 -38.48
CA MET R 82 0.78 6.02 -38.07
C MET R 82 1.44 4.96 -37.22
N THR R 83 0.66 4.23 -36.42
CA THR R 83 1.23 3.19 -35.56
C THR R 83 1.97 2.15 -36.38
N MET R 84 1.37 1.71 -37.48
CA MET R 84 2.07 0.79 -38.38
C MET R 84 3.28 1.46 -38.99
N ASP R 85 3.16 2.74 -39.36
CA ASP R 85 4.29 3.45 -39.95
C ASP R 85 5.42 3.62 -38.93
N ILE R 86 5.07 3.85 -37.67
CA ILE R 86 6.09 3.99 -36.63
C ILE R 86 6.89 2.69 -36.50
N GLU R 87 6.19 1.56 -36.49
CA GLU R 87 6.89 0.28 -36.44
C GLU R 87 7.70 0.03 -37.71
N ARG R 88 7.15 0.41 -38.86
CA ARG R 88 7.85 0.20 -40.12
C ARG R 88 9.19 0.92 -40.14
N LEU R 89 9.22 2.15 -39.62
CA LEU R 89 10.49 2.86 -39.50
C LEU R 89 11.45 2.12 -38.57
N LEU R 90 10.93 1.61 -37.45
CA LEU R 90 11.77 0.88 -36.51
C LEU R 90 12.30 -0.42 -37.10
N LEU R 91 11.64 -0.98 -38.12
CA LEU R 91 12.12 -2.22 -38.71
C LEU R 91 13.47 -2.03 -39.38
N SER R 92 13.68 -0.88 -40.02
CA SER R 92 14.96 -0.58 -40.66
C SER R 92 15.94 0.10 -39.72
N GLU R 93 15.56 0.31 -38.46
CA GLU R 93 16.42 0.95 -37.49
C GLU R 93 17.23 -0.09 -36.71
N ASP R 94 18.33 0.36 -36.13
CA ASP R 94 19.20 -0.50 -35.33
C ASP R 94 18.96 -0.36 -33.84
N ASN R 95 18.66 0.84 -33.36
CA ASN R 95 18.38 1.09 -31.95
C ASN R 95 17.20 2.03 -31.85
N ARG R 96 16.16 1.62 -31.14
CA ARG R 96 14.96 2.44 -31.06
C ARG R 96 15.19 3.70 -30.24
N PHE R 97 16.20 3.73 -29.39
CA PHE R 97 16.53 4.95 -28.65
C PHE R 97 17.24 5.96 -29.53
N GLU R 98 18.01 5.52 -30.51
CA GLU R 98 18.58 6.44 -31.48
C GLU R 98 17.51 6.97 -32.42
N PHE R 99 16.52 6.15 -32.74
CA PHE R 99 15.45 6.58 -33.65
C PHE R 99 14.66 7.74 -33.07
N VAL R 100 14.28 7.63 -31.80
CA VAL R 100 13.50 8.70 -31.18
C VAL R 100 14.34 9.96 -31.01
N ASN R 101 15.62 9.81 -30.70
CA ASN R 101 16.50 10.96 -30.62
C ASN R 101 16.63 11.64 -31.99
N SER R 102 16.77 10.85 -33.05
CA SER R 102 16.83 11.43 -34.39
C SER R 102 15.52 12.11 -34.75
N VAL R 103 14.39 11.50 -34.40
CA VAL R 103 13.09 12.10 -34.68
C VAL R 103 12.93 13.41 -33.90
N ALA R 104 13.28 13.38 -32.61
CA ALA R 104 13.20 14.59 -31.80
C ALA R 104 14.13 15.67 -32.31
N ALA R 105 15.34 15.29 -32.72
CA ALA R 105 16.28 16.28 -33.26
C ALA R 105 15.74 16.89 -34.54
N GLU R 106 15.19 16.07 -35.44
CA GLU R 106 14.65 16.61 -36.69
C GLU R 106 13.38 17.41 -36.44
N ALA R 107 12.56 17.00 -35.48
CA ALA R 107 11.36 17.75 -35.15
C ALA R 107 11.71 19.13 -34.60
N THR R 108 12.75 19.21 -33.76
CA THR R 108 13.20 20.49 -33.26
C THR R 108 13.69 21.37 -34.40
N GLU R 109 14.36 20.77 -35.37
CA GLU R 109 14.82 21.53 -36.54
C GLU R 109 13.66 22.09 -37.33
N TYR R 110 12.57 21.32 -37.47
CA TYR R 110 11.43 21.79 -38.23
C TYR R 110 10.79 23.01 -37.56
N VAL R 111 10.60 22.96 -36.25
CA VAL R 111 9.88 24.02 -35.57
C VAL R 111 10.71 25.31 -35.53
N GLU R 112 12.03 25.19 -35.49
CA GLU R 112 12.88 26.38 -35.49
C GLU R 112 12.76 27.14 -36.81
N LYS R 113 12.72 26.42 -37.93
CA LYS R 113 12.59 27.09 -39.23
C LYS R 113 11.22 27.75 -39.38
N ASN R 114 10.15 27.03 -39.07
CA ASN R 114 8.79 27.51 -39.23
C ASN R 114 8.10 27.45 -37.87
N ARG R 115 8.24 28.51 -37.09
CA ARG R 115 7.60 28.56 -35.77
C ARG R 115 6.08 28.51 -35.89
N ASP R 116 5.52 29.27 -36.82
CA ASP R 116 4.06 29.39 -36.91
C ASP R 116 3.45 28.37 -37.85
N GLU R 117 3.88 27.12 -37.73
CA GLU R 117 3.23 26.06 -38.50
C GLU R 117 2.83 24.87 -37.66
N TYR R 118 3.67 24.48 -36.71
CA TYR R 118 3.45 23.27 -35.91
C TYR R 118 2.87 23.61 -34.54
N GLY R 119 1.67 24.19 -34.55
CA GLY R 119 1.02 24.49 -33.29
C GLY R 119 -0.33 23.83 -33.11
N GLY R 120 -1.06 23.61 -34.20
CA GLY R 120 -2.42 23.13 -34.11
C GLY R 120 -2.65 21.80 -34.78
N THR R 121 -3.33 21.83 -35.93
CA THR R 121 -3.64 20.59 -36.64
C THR R 121 -2.40 19.86 -37.11
N LYS R 122 -1.28 20.57 -37.27
CA LYS R 122 -0.02 19.98 -37.68
C LYS R 122 0.94 19.98 -36.49
N LYS R 123 1.51 18.82 -36.21
CA LYS R 123 2.47 18.65 -35.13
C LYS R 123 3.86 18.41 -35.72
N ALA R 124 4.86 18.95 -35.04
CA ALA R 124 6.24 18.84 -35.54
C ALA R 124 6.66 17.39 -35.65
N ILE R 125 6.38 16.59 -34.61
CA ILE R 125 6.81 15.20 -34.60
C ILE R 125 6.07 14.40 -35.68
N PHE R 126 4.77 14.62 -35.82
CA PHE R 126 4.00 13.90 -36.82
C PHE R 126 4.48 14.24 -38.24
N HIS R 127 4.87 15.49 -38.45
CA HIS R 127 5.40 15.87 -39.76
C HIS R 127 6.69 15.13 -40.06
N VAL R 128 7.53 14.92 -39.05
CA VAL R 128 8.75 14.15 -39.24
C VAL R 128 8.42 12.72 -39.64
N LEU R 129 7.49 12.10 -38.91
CA LEU R 129 7.13 10.72 -39.19
C LEU R 129 6.51 10.57 -40.58
N SER R 130 5.65 11.52 -40.97
CA SER R 130 5.08 11.47 -42.31
C SER R 130 6.14 11.62 -43.37
N ASN R 131 7.11 12.53 -43.15
CA ASN R 131 8.19 12.71 -44.11
C ASN R 131 9.06 11.47 -44.21
N ARG R 132 9.40 10.85 -43.07
CA ARG R 132 10.27 9.69 -43.10
C ARG R 132 9.61 8.51 -43.82
N VAL R 133 8.29 8.38 -43.72
CA VAL R 133 7.59 7.37 -44.49
C VAL R 133 7.59 7.74 -45.97
N ASN R 134 7.35 9.01 -46.29
CA ASN R 134 7.38 9.45 -47.67
C ASN R 134 8.76 9.32 -48.28
N ASP R 135 9.81 9.43 -47.46
CA ASP R 135 11.17 9.22 -47.97
C ASP R 135 11.38 7.79 -48.43
N LEU R 136 10.74 6.82 -47.78
CA LEU R 136 10.84 5.44 -48.20
C LEU R 136 10.18 5.18 -49.55
N GLY R 137 9.37 6.12 -50.04
CA GLY R 137 8.69 5.97 -51.30
C GLY R 137 7.20 5.74 -51.20
N PHE R 138 6.63 5.77 -50.00
CA PHE R 138 5.21 5.56 -49.80
C PHE R 138 4.50 6.92 -49.69
N ASP R 139 3.19 6.88 -49.57
CA ASP R 139 2.37 8.08 -49.55
C ASP R 139 1.57 8.15 -48.26
N ARG R 140 1.69 9.28 -47.57
CA ARG R 140 0.93 9.57 -46.37
C ARG R 140 0.54 11.04 -46.39
N PRO R 141 -0.58 11.40 -45.76
CA PRO R 141 -0.91 12.82 -45.61
C PRO R 141 0.12 13.52 -44.74
N GLU R 142 0.31 14.80 -44.99
CA GLU R 142 1.30 15.57 -44.26
C GLU R 142 0.97 15.62 -42.77
N ALA R 143 1.92 15.17 -41.95
CA ALA R 143 1.77 15.13 -40.49
C ALA R 143 0.57 14.32 -40.05
N TYR R 144 0.06 13.45 -40.92
CA TYR R 144 -1.13 12.62 -40.65
C TYR R 144 -2.32 13.46 -40.23
N ALA R 145 -2.35 14.74 -40.59
CA ALA R 145 -3.45 15.60 -40.20
C ALA R 145 -4.70 15.29 -41.02
N GLU R 146 -5.84 15.26 -40.34
CA GLU R 146 -7.12 15.01 -40.98
C GLU R 146 -8.14 16.01 -40.50
N SER R 147 -8.99 16.48 -41.41
CA SER R 147 -10.07 17.39 -41.10
C SER R 147 -11.37 16.61 -40.89
N ASP R 148 -12.44 17.34 -40.60
CA ASP R 148 -13.76 16.75 -40.41
C ASP R 148 -14.67 17.25 -41.52
N PRO R 149 -14.83 16.51 -42.62
CA PRO R 149 -15.65 16.99 -43.74
C PRO R 149 -17.12 17.15 -43.39
N TYR R 150 -17.59 16.50 -42.33
CA TYR R 150 -18.99 16.54 -41.94
C TYR R 150 -19.26 17.51 -40.78
N LYS R 151 -18.30 18.35 -40.44
CA LYS R 151 -18.49 19.32 -39.38
C LYS R 151 -19.51 20.36 -39.84
N PRO R 152 -20.63 20.53 -39.12
CA PRO R 152 -21.67 21.43 -39.61
C PRO R 152 -21.29 22.91 -39.57
N GLY R 153 -20.80 23.39 -38.44
CA GLY R 153 -20.52 24.79 -38.28
C GLY R 153 -19.22 25.04 -37.52
N PRO R 154 -18.73 26.29 -37.57
CA PRO R 154 -17.49 26.61 -36.87
C PRO R 154 -17.57 26.41 -35.36
N GLY R 155 -18.72 26.69 -34.76
CA GLY R 155 -18.87 26.51 -33.33
C GLY R 155 -19.18 25.10 -32.89
N TYR R 156 -19.47 24.20 -33.82
CA TYR R 156 -19.82 22.82 -33.50
C TYR R 156 -18.55 21.99 -33.44
N LEU R 157 -18.24 21.47 -32.26
CA LEU R 157 -17.11 20.57 -32.07
C LEU R 157 -17.63 19.16 -31.80
N LYS R 158 -16.98 18.18 -32.40
CA LYS R 158 -17.49 16.80 -32.39
C LYS R 158 -17.45 16.25 -30.97
N GLU R 159 -18.63 16.11 -30.37
CA GLU R 159 -18.73 15.42 -29.09
C GLU R 159 -18.40 13.95 -29.27
N TYR R 160 -17.62 13.40 -28.34
CA TYR R 160 -17.22 11.99 -28.41
C TYR R 160 -18.17 11.15 -27.56
N TYR R 161 -18.73 10.11 -28.17
CA TYR R 161 -19.61 9.17 -27.48
C TYR R 161 -18.75 8.25 -26.62
N THR R 162 -18.67 8.56 -25.34
CA THR R 162 -17.86 7.77 -24.42
C THR R 162 -18.49 6.42 -24.15
N HIS S 188 -38.69 3.68 -93.02
CA HIS S 188 -38.94 4.62 -91.92
C HIS S 188 -38.52 4.01 -90.59
N GLU S 189 -38.33 2.70 -90.57
CA GLU S 189 -37.90 1.99 -89.37
C GLU S 189 -36.38 2.04 -89.27
N SER S 190 -35.82 1.27 -88.33
CA SER S 190 -34.39 1.23 -88.12
C SER S 190 -33.99 -0.19 -87.73
N GLU S 191 -32.77 -0.34 -87.24
CA GLU S 191 -32.27 -1.65 -86.83
C GLU S 191 -33.00 -2.13 -85.59
N ASP S 192 -33.04 -3.45 -85.42
CA ASP S 192 -33.63 -4.05 -84.23
C ASP S 192 -32.72 -3.80 -83.03
N ILE S 193 -32.99 -2.74 -82.28
CA ILE S 193 -32.15 -2.32 -81.18
C ILE S 193 -32.70 -2.83 -79.83
N SER S 194 -33.61 -3.81 -79.87
CA SER S 194 -34.27 -4.27 -78.66
C SER S 194 -33.30 -4.88 -77.65
N HIS S 195 -32.11 -5.28 -78.08
CA HIS S 195 -31.16 -5.92 -77.17
C HIS S 195 -30.65 -4.97 -76.10
N THR S 196 -30.66 -3.66 -76.36
CA THR S 196 -30.15 -2.68 -75.40
C THR S 196 -31.23 -2.12 -74.48
N TYR S 197 -32.47 -2.57 -74.63
CA TYR S 197 -33.54 -2.09 -73.75
C TYR S 197 -33.36 -2.68 -72.36
N GLY S 198 -33.21 -1.81 -71.36
CA GLY S 198 -32.92 -2.23 -70.01
C GLY S 198 -34.16 -2.20 -69.13
N TRP S 199 -34.29 -3.20 -68.27
CA TRP S 199 -35.37 -3.24 -67.30
C TRP S 199 -35.18 -2.11 -66.28
N PRO S 200 -36.27 -1.48 -65.83
CA PRO S 200 -37.68 -1.70 -66.17
C PRO S 200 -38.04 -1.11 -67.53
N PRO S 201 -39.11 -1.58 -68.15
CA PRO S 201 -39.47 -1.07 -69.48
C PRO S 201 -39.75 0.43 -69.44
N LEU S 202 -39.39 1.11 -70.52
CA LEU S 202 -39.60 2.54 -70.62
C LEU S 202 -41.10 2.85 -70.70
N VAL S 203 -41.47 4.00 -70.13
CA VAL S 203 -42.83 4.51 -70.19
C VAL S 203 -42.78 5.90 -70.81
N CYS S 204 -43.61 6.11 -71.83
CA CYS S 204 -43.64 7.38 -72.55
C CYS S 204 -44.79 8.22 -71.99
N CYS S 205 -44.44 9.23 -71.18
CA CYS S 205 -45.43 10.13 -70.60
C CYS S 205 -45.64 11.28 -71.58
N PHE S 206 -46.64 11.14 -72.43
CA PHE S 206 -46.94 12.12 -73.46
C PHE S 206 -47.90 13.18 -72.92
N GLY S 207 -47.61 14.43 -73.23
CA GLY S 207 -48.48 15.50 -72.82
C GLY S 207 -47.69 16.79 -72.62
N SER S 208 -48.21 17.64 -71.75
CA SER S 208 -47.59 18.93 -71.46
C SER S 208 -46.66 18.81 -70.26
N ALA S 209 -45.89 19.87 -70.04
CA ALA S 209 -44.89 19.93 -68.97
C ALA S 209 -45.10 21.17 -68.11
N GLN S 210 -46.34 21.39 -67.69
CA GLN S 210 -46.65 22.54 -66.86
C GLN S 210 -45.93 22.43 -65.51
N HIS S 211 -45.61 23.59 -64.93
CA HIS S 211 -44.82 23.61 -63.71
C HIS S 211 -45.65 23.12 -62.52
N ALA S 212 -46.69 23.86 -62.16
CA ALA S 212 -47.59 23.49 -61.06
C ALA S 212 -48.98 23.91 -61.52
N PHE S 213 -49.71 22.98 -62.12
CA PHE S 213 -50.91 23.33 -62.88
C PHE S 213 -51.89 22.17 -62.76
N VAL S 214 -53.02 22.42 -62.09
CA VAL S 214 -54.02 21.39 -61.86
C VAL S 214 -55.11 21.52 -62.93
N PRO S 215 -55.60 20.42 -63.50
CA PRO S 215 -56.67 20.53 -64.49
C PRO S 215 -57.95 21.11 -63.91
N SER S 216 -58.46 20.51 -62.84
CA SER S 216 -59.69 20.97 -62.22
C SER S 216 -59.70 20.48 -60.78
N GLY S 217 -60.81 20.71 -60.09
CA GLY S 217 -60.97 20.25 -58.73
C GLY S 217 -62.42 20.02 -58.38
N ARG S 218 -62.73 18.84 -57.88
CA ARG S 218 -64.10 18.51 -57.56
C ARG S 218 -64.23 18.21 -56.07
N PRO S 219 -65.40 18.49 -55.48
CA PRO S 219 -65.60 18.15 -54.08
C PRO S 219 -65.44 16.64 -53.88
N ALA S 220 -64.80 16.27 -52.78
CA ALA S 220 -64.44 14.88 -52.54
C ALA S 220 -64.59 14.58 -51.05
N ASN S 221 -64.65 13.28 -50.75
CA ASN S 221 -64.74 12.81 -49.38
C ASN S 221 -63.46 12.06 -49.03
N ARG S 222 -62.88 12.43 -47.90
CA ARG S 222 -61.61 11.87 -47.44
C ARG S 222 -61.87 10.91 -46.29
N LEU S 223 -61.29 9.72 -46.38
CA LEU S 223 -61.35 8.76 -45.30
C LEU S 223 -60.49 9.27 -44.16
N LEU S 224 -61.13 9.88 -43.15
CA LEU S 224 -60.42 10.64 -42.15
C LEU S 224 -60.91 10.27 -40.75
N ASP S 225 -60.00 10.37 -39.78
CA ASP S 225 -60.34 10.21 -38.37
C ASP S 225 -60.72 11.58 -37.81
N TYR S 226 -62.01 11.82 -37.65
CA TYR S 226 -62.49 13.14 -37.25
C TYR S 226 -62.40 13.38 -35.75
N GLU S 227 -62.21 12.34 -34.95
CA GLU S 227 -61.95 12.56 -33.53
C GLU S 227 -60.58 13.15 -33.32
N ARG S 228 -59.58 12.67 -34.06
CA ARG S 228 -58.25 13.27 -33.99
C ARG S 228 -58.28 14.70 -34.51
N GLN S 229 -59.02 14.95 -35.58
CA GLN S 229 -59.10 16.31 -36.13
C GLN S 229 -59.68 17.28 -35.11
N GLU S 230 -60.66 16.83 -34.33
CA GLU S 230 -61.27 17.72 -33.34
C GLU S 230 -60.25 18.15 -32.29
N ARG S 231 -59.42 17.23 -31.81
CA ARG S 231 -58.43 17.57 -30.80
C ARG S 231 -57.17 18.19 -31.39
N MET S 232 -56.97 18.07 -32.70
CA MET S 232 -55.78 18.60 -33.35
C MET S 232 -56.09 19.79 -34.24
N LYS S 233 -57.24 20.43 -34.05
CA LYS S 233 -57.65 21.51 -34.95
C LYS S 233 -56.73 22.71 -34.85
N ASP S 234 -56.14 22.95 -33.69
CA ASP S 234 -55.28 24.11 -33.50
C ASP S 234 -53.87 23.91 -34.05
N ALA S 235 -53.49 22.67 -34.36
CA ALA S 235 -52.15 22.39 -34.86
C ALA S 235 -52.11 21.77 -36.25
N VAL S 236 -53.23 21.22 -36.73
CA VAL S 236 -53.30 20.59 -38.04
C VAL S 236 -54.25 21.40 -38.90
N TRP S 237 -53.76 21.87 -40.04
CA TRP S 237 -54.57 22.66 -40.94
C TRP S 237 -55.47 21.76 -41.77
N ALA S 238 -56.77 22.09 -41.82
CA ALA S 238 -57.72 21.34 -42.60
C ALA S 238 -58.56 22.33 -43.40
N PRO S 239 -58.76 22.09 -44.70
CA PRO S 239 -59.57 23.00 -45.50
C PRO S 239 -61.03 22.99 -45.08
N GLU S 240 -61.69 24.14 -45.27
CA GLU S 240 -63.11 24.21 -44.96
C GLU S 240 -63.91 23.27 -45.84
N LYS S 241 -63.60 23.23 -47.13
CA LYS S 241 -64.22 22.30 -48.07
C LYS S 241 -63.13 21.47 -48.73
N TYR S 242 -63.26 20.16 -48.63
CA TYR S 242 -62.24 19.25 -49.17
C TYR S 242 -62.50 19.05 -50.66
N ILE S 243 -61.62 19.59 -51.49
CA ILE S 243 -61.71 19.49 -52.93
C ILE S 243 -60.41 18.90 -53.45
N ARG S 244 -60.51 17.78 -54.17
CA ARG S 244 -59.34 17.04 -54.62
C ARG S 244 -59.19 17.18 -56.13
N ALA S 245 -58.00 17.58 -56.57
CA ALA S 245 -57.70 17.61 -57.99
C ALA S 245 -57.36 16.21 -58.50
N PRO S 246 -57.71 15.91 -59.76
CA PRO S 246 -57.41 14.57 -60.28
C PRO S 246 -55.92 14.27 -60.39
N GLY S 247 -55.08 15.28 -60.43
CA GLY S 247 -53.66 15.09 -60.58
C GLY S 247 -53.04 16.34 -61.19
N GLY S 248 -51.92 16.13 -61.88
CA GLY S 248 -51.20 17.19 -62.53
C GLY S 248 -51.02 16.92 -64.01
N CYS S 249 -49.98 17.52 -64.58
CA CYS S 249 -49.69 17.35 -65.98
C CYS S 249 -49.02 16.00 -66.23
N ALA S 250 -48.80 15.69 -67.51
CA ALA S 250 -48.14 14.45 -67.87
C ALA S 250 -46.69 14.43 -67.41
N GLY S 251 -46.03 15.59 -67.43
CA GLY S 251 -44.66 15.66 -66.94
C GLY S 251 -44.55 15.35 -65.46
N GLY S 252 -45.54 15.78 -64.68
CA GLY S 252 -45.53 15.48 -63.26
C GLY S 252 -45.60 13.99 -62.98
N VAL S 253 -46.34 13.25 -63.81
CA VAL S 253 -46.38 11.80 -63.68
C VAL S 253 -45.02 11.20 -64.01
N ALA S 254 -44.36 11.71 -65.05
CA ALA S 254 -43.03 11.22 -65.39
C ALA S 254 -42.05 11.44 -64.26
N ILE S 255 -42.10 12.62 -63.64
CA ILE S 255 -41.25 12.89 -62.48
C ILE S 255 -41.58 11.94 -61.35
N ALA S 256 -42.87 11.75 -61.08
CA ALA S 256 -43.28 10.84 -60.01
C ALA S 256 -42.89 9.41 -60.33
N LEU S 257 -43.06 8.98 -61.58
CA LEU S 257 -42.69 7.62 -61.96
C LEU S 257 -41.19 7.41 -61.84
N ALA S 258 -40.40 8.40 -62.21
CA ALA S 258 -38.94 8.28 -62.09
C ALA S 258 -38.52 8.14 -60.64
N SER S 259 -39.16 8.89 -59.74
CA SER S 259 -38.82 8.81 -58.32
C SER S 259 -39.16 7.45 -57.73
N LEU S 260 -40.00 6.67 -58.38
CA LEU S 260 -40.35 5.35 -57.92
C LEU S 260 -39.40 4.26 -58.42
N GLY S 261 -38.34 4.64 -59.12
CA GLY S 261 -37.43 3.68 -59.70
C GLY S 261 -37.78 3.25 -61.10
N GLY S 262 -38.94 3.65 -61.61
CA GLY S 262 -39.29 3.31 -62.98
C GLY S 262 -38.52 4.16 -63.98
N LYS S 263 -38.54 3.71 -65.23
CA LYS S 263 -37.85 4.39 -66.31
C LYS S 263 -38.91 5.13 -67.13
N ALA S 264 -38.96 6.45 -66.96
CA ALA S 264 -39.99 7.28 -67.58
C ALA S 264 -39.35 8.26 -68.56
N ALA S 265 -39.94 8.35 -69.75
CA ALA S 265 -39.52 9.31 -70.76
C ALA S 265 -40.69 10.23 -71.07
N PHE S 266 -40.44 11.53 -71.07
CA PHE S 266 -41.47 12.53 -71.34
C PHE S 266 -41.41 12.94 -72.81
N MET S 267 -42.52 12.79 -73.51
CA MET S 267 -42.64 13.24 -74.89
C MET S 267 -43.49 14.50 -74.91
N GLY S 268 -42.92 15.58 -75.43
CA GLY S 268 -43.62 16.84 -75.44
C GLY S 268 -42.78 17.90 -76.11
N LYS S 269 -43.23 19.14 -76.02
CA LYS S 269 -42.56 20.26 -76.65
C LYS S 269 -42.31 21.35 -75.61
N LEU S 270 -41.13 21.95 -75.67
CA LEU S 270 -40.77 23.05 -74.78
C LEU S 270 -40.14 24.17 -75.58
N GLY S 271 -40.37 25.40 -75.14
CA GLY S 271 -39.77 26.53 -75.80
C GLY S 271 -38.30 26.67 -75.48
N ASP S 272 -37.59 27.36 -76.35
CA ASP S 272 -36.17 27.64 -76.14
C ASP S 272 -35.96 28.96 -75.43
N ASP S 273 -36.65 29.13 -74.31
CA ASP S 273 -36.58 30.33 -73.49
C ASP S 273 -36.15 29.96 -72.07
N ASP S 274 -36.17 30.95 -71.18
CA ASP S 274 -35.71 30.71 -69.82
C ASP S 274 -36.55 29.66 -69.12
N PHE S 275 -37.88 29.73 -69.27
CA PHE S 275 -38.74 28.76 -68.61
C PHE S 275 -38.62 27.39 -69.25
N GLY S 276 -38.58 27.34 -70.58
CA GLY S 276 -38.48 26.06 -71.26
C GLY S 276 -37.21 25.31 -70.88
N GLN S 277 -36.08 26.02 -70.83
CA GLN S 277 -34.83 25.38 -70.43
C GLN S 277 -34.84 25.04 -68.94
N ALA S 278 -35.47 25.88 -68.13
CA ALA S 278 -35.60 25.56 -66.70
C ALA S 278 -36.45 24.31 -66.51
N MET S 279 -37.56 24.21 -67.22
CA MET S 279 -38.39 23.01 -67.15
C MET S 279 -37.65 21.80 -67.73
N LEU S 280 -36.94 22.01 -68.84
CA LEU S 280 -36.18 20.92 -69.45
C LEU S 280 -35.09 20.42 -68.50
N TYR S 281 -34.41 21.33 -67.80
CA TYR S 281 -33.44 20.93 -66.79
C TYR S 281 -34.12 20.20 -65.64
N TYR S 282 -35.31 20.66 -65.25
CA TYR S 282 -36.00 20.05 -64.12
C TYR S 282 -36.32 18.59 -64.40
N LEU S 283 -36.78 18.29 -65.62
CA LEU S 283 -37.05 16.90 -65.99
C LEU S 283 -35.77 16.08 -66.01
N ASN S 284 -34.69 16.64 -66.56
CA ASN S 284 -33.43 15.90 -66.67
C ASN S 284 -32.87 15.58 -65.28
N VAL S 285 -32.86 16.56 -64.38
CA VAL S 285 -32.32 16.34 -63.06
C VAL S 285 -33.20 15.40 -62.25
N CYS S 286 -34.44 15.19 -62.67
CA CYS S 286 -35.34 14.24 -62.03
C CYS S 286 -35.30 12.87 -62.70
N GLN S 287 -34.23 12.56 -63.41
CA GLN S 287 -34.00 11.25 -64.03
C GLN S 287 -35.05 10.92 -65.08
N VAL S 288 -35.71 11.91 -65.64
CA VAL S 288 -36.69 11.70 -66.69
C VAL S 288 -36.01 11.89 -68.04
N GLN S 289 -36.14 10.92 -68.92
CA GLN S 289 -35.54 11.02 -70.25
C GLN S 289 -36.26 12.09 -71.05
N THR S 290 -35.50 13.02 -71.63
CA THR S 290 -36.05 14.11 -72.41
C THR S 290 -35.55 14.10 -73.84
N ARG S 291 -35.06 12.95 -74.33
CA ARG S 291 -34.70 12.86 -75.74
C ARG S 291 -35.91 12.96 -76.66
N SER S 292 -37.11 12.74 -76.12
CA SER S 292 -38.34 12.89 -76.88
C SER S 292 -38.95 14.28 -76.75
N VAL S 293 -38.27 15.19 -76.06
CA VAL S 293 -38.74 16.56 -75.91
C VAL S 293 -38.19 17.40 -77.05
N LYS S 294 -39.07 18.00 -77.83
CA LYS S 294 -38.68 18.87 -78.94
C LYS S 294 -38.59 20.30 -78.43
N ILE S 295 -37.45 20.93 -78.63
CA ILE S 295 -37.23 22.30 -78.18
C ILE S 295 -37.48 23.24 -79.36
N ASP S 296 -38.40 24.18 -79.18
CA ASP S 296 -38.78 25.12 -80.21
C ASP S 296 -38.26 26.51 -79.86
N SER S 297 -37.61 27.15 -80.83
CA SER S 297 -37.16 28.53 -80.65
C SER S 297 -38.24 29.54 -81.02
N LYS S 298 -39.15 29.18 -81.92
CA LYS S 298 -40.19 30.12 -82.30
C LYS S 298 -41.25 30.26 -81.22
N ARG S 299 -41.65 29.15 -80.60
CA ARG S 299 -42.70 29.17 -79.59
C ARG S 299 -42.15 29.64 -78.26
N VAL S 300 -43.07 29.97 -77.35
CA VAL S 300 -42.74 30.41 -76.00
C VAL S 300 -43.47 29.51 -75.01
N THR S 301 -42.78 29.14 -73.93
CA THR S 301 -43.31 28.16 -73.00
C THR S 301 -44.41 28.75 -72.15
N ALA S 302 -45.61 28.16 -72.23
CA ALA S 302 -46.74 28.51 -71.37
C ALA S 302 -47.07 30.00 -71.44
N CYS S 303 -46.99 30.57 -72.64
CA CYS S 303 -47.32 31.98 -72.85
C CYS S 303 -48.10 32.14 -74.15
N SER S 304 -49.09 31.28 -74.36
CA SER S 304 -49.88 31.33 -75.58
C SER S 304 -50.61 32.67 -75.69
N THR S 305 -50.54 33.27 -76.88
CA THR S 305 -51.20 34.54 -77.14
C THR S 305 -52.70 34.33 -77.30
N MET S 306 -53.48 35.30 -76.84
CA MET S 306 -54.93 35.21 -76.87
C MET S 306 -55.52 36.42 -77.56
N LYS S 307 -56.60 36.21 -78.30
CA LYS S 307 -57.37 37.27 -78.93
C LYS S 307 -58.67 37.43 -78.16
N ILE S 308 -58.79 38.53 -77.42
CA ILE S 308 -59.93 38.76 -76.55
C ILE S 308 -61.00 39.48 -77.37
N SER S 309 -62.00 38.71 -77.83
CA SER S 309 -63.15 39.32 -78.45
C SER S 309 -63.98 40.06 -77.42
N LYS S 310 -64.51 41.22 -77.79
CA LYS S 310 -65.33 42.00 -76.88
C LYS S 310 -66.51 42.65 -77.60
N ARG S 311 -66.98 42.02 -78.68
CA ARG S 311 -68.12 42.56 -79.42
C ARG S 311 -69.44 42.17 -78.74
N GLY S 312 -69.69 40.87 -78.61
CA GLY S 312 -70.87 40.39 -77.93
C GLY S 312 -70.54 39.90 -76.53
N ARG S 313 -70.49 38.58 -76.36
CA ARG S 313 -69.99 38.00 -75.12
C ARG S 313 -68.52 37.65 -75.30
N LEU S 314 -67.68 38.11 -74.38
CA LEU S 314 -66.24 38.04 -74.57
C LEU S 314 -65.76 36.59 -74.55
N LYS S 315 -64.95 36.24 -75.53
CA LYS S 315 -64.40 34.90 -75.69
C LYS S 315 -62.88 35.00 -75.77
N SER S 316 -62.25 33.86 -76.06
CA SER S 316 -60.80 33.79 -76.24
C SER S 316 -60.48 32.73 -77.28
N THR S 317 -59.79 33.13 -78.34
CA THR S 317 -59.33 32.21 -79.37
C THR S 317 -57.81 32.20 -79.39
N CYS S 318 -57.23 31.03 -79.63
CA CYS S 318 -55.79 30.84 -79.53
C CYS S 318 -55.14 31.28 -80.84
N VAL S 319 -54.59 32.50 -80.85
CA VAL S 319 -53.84 32.96 -82.02
C VAL S 319 -52.55 32.18 -82.16
N LYS S 320 -51.79 32.08 -81.07
CA LYS S 320 -50.52 31.35 -81.06
C LYS S 320 -50.56 30.33 -79.93
N PRO S 321 -50.59 29.03 -80.23
CA PRO S 321 -50.51 28.02 -79.18
C PRO S 321 -49.17 28.13 -78.45
N CYS S 322 -49.19 27.80 -77.16
CA CYS S 322 -47.98 27.85 -76.36
C CYS S 322 -46.99 26.79 -76.85
N ALA S 323 -45.80 26.78 -76.26
CA ALA S 323 -44.76 25.86 -76.69
C ALA S 323 -45.20 24.42 -76.54
N GLU S 324 -45.80 24.08 -75.40
CA GLU S 324 -46.30 22.72 -75.20
C GLU S 324 -47.74 22.59 -75.69
N ASP S 325 -47.99 23.10 -76.88
CA ASP S 325 -49.21 22.83 -77.62
C ASP S 325 -48.95 22.77 -79.12
N SER S 326 -47.72 22.93 -79.56
CA SER S 326 -47.39 23.00 -80.98
C SER S 326 -46.62 21.76 -81.45
N LEU S 327 -46.63 20.70 -80.67
CA LEU S 327 -45.97 19.47 -81.08
C LEU S 327 -46.60 18.95 -82.36
N SER S 328 -45.76 18.54 -83.30
CA SER S 328 -46.21 18.09 -84.61
C SER S 328 -46.03 16.58 -84.75
N LYS S 329 -46.79 16.00 -85.69
CA LYS S 329 -46.69 14.57 -85.92
C LYS S 329 -45.29 14.17 -86.37
N SER S 330 -44.58 15.07 -87.05
CA SER S 330 -43.20 14.79 -87.40
C SER S 330 -42.28 14.84 -86.19
N GLU S 331 -42.63 15.65 -85.20
CA GLU S 331 -41.83 15.78 -83.98
C GLU S 331 -42.20 14.72 -82.95
N ILE S 332 -42.21 13.47 -83.37
CA ILE S 332 -42.51 12.33 -82.50
C ILE S 332 -41.33 11.38 -82.56
N ASN S 333 -40.68 11.16 -81.42
CA ASN S 333 -39.54 10.26 -81.35
C ASN S 333 -40.06 8.83 -81.39
N VAL S 334 -40.13 8.27 -82.59
CA VAL S 334 -40.62 6.91 -82.76
C VAL S 334 -39.72 5.92 -82.06
N ASP S 335 -38.41 6.17 -82.04
CA ASP S 335 -37.49 5.28 -81.34
C ASP S 335 -37.82 5.19 -79.86
N VAL S 336 -38.22 6.31 -79.26
CA VAL S 336 -38.69 6.27 -77.87
C VAL S 336 -39.94 5.42 -77.76
N LEU S 337 -40.86 5.55 -78.71
CA LEU S 337 -42.07 4.74 -78.70
C LEU S 337 -41.74 3.26 -78.93
N LYS S 338 -40.74 2.97 -79.75
CA LYS S 338 -40.34 1.58 -79.94
C LYS S 338 -39.83 0.97 -78.65
N GLU S 339 -39.00 1.72 -77.91
CA GLU S 339 -38.46 1.20 -76.65
C GLU S 339 -39.53 1.12 -75.58
N ALA S 340 -40.39 2.13 -75.49
CA ALA S 340 -41.40 2.17 -74.44
C ALA S 340 -42.38 1.03 -74.59
N LYS S 341 -42.72 0.39 -73.48
CA LYS S 341 -43.74 -0.65 -73.45
C LYS S 341 -45.07 -0.14 -72.92
N MET S 342 -45.17 1.15 -72.62
CA MET S 342 -46.42 1.73 -72.14
C MET S 342 -46.47 3.20 -72.55
N PHE S 343 -47.61 3.62 -73.10
CA PHE S 343 -47.83 4.98 -73.53
C PHE S 343 -48.81 5.64 -72.57
N TYR S 344 -48.47 6.83 -72.09
CA TYR S 344 -49.28 7.55 -71.12
C TYR S 344 -49.64 8.92 -71.68
N PHE S 345 -50.88 9.34 -71.46
CA PHE S 345 -51.33 10.64 -71.89
C PHE S 345 -52.56 11.02 -71.07
N THR S 346 -52.90 12.31 -71.12
CA THR S 346 -54.01 12.84 -70.35
C THR S 346 -54.93 13.64 -71.28
N THR S 347 -56.10 14.00 -70.75
CA THR S 347 -57.07 14.73 -71.55
C THR S 347 -56.60 16.13 -71.90
N HIS S 348 -55.64 16.69 -71.17
CA HIS S 348 -55.15 18.03 -71.48
C HIS S 348 -54.51 18.10 -72.84
N SER S 349 -54.08 16.97 -73.39
CA SER S 349 -53.48 16.92 -74.72
C SER S 349 -54.51 16.95 -75.83
N LEU S 350 -55.80 16.91 -75.50
CA LEU S 350 -56.87 16.90 -76.49
C LEU S 350 -57.60 18.23 -76.60
N LEU S 351 -57.14 19.26 -75.88
CA LEU S 351 -57.84 20.54 -75.88
C LEU S 351 -57.50 21.41 -77.08
N ASP S 352 -56.46 21.08 -77.83
CA ASP S 352 -56.10 21.78 -79.05
C ASP S 352 -56.11 20.80 -80.21
N LYS S 353 -56.64 21.24 -81.35
CA LYS S 353 -56.80 20.33 -82.49
C LYS S 353 -55.45 19.84 -82.98
N LYS S 354 -54.45 20.72 -83.06
CA LYS S 354 -53.13 20.29 -83.47
C LYS S 354 -52.56 19.28 -82.48
N MET S 355 -52.78 19.51 -81.18
CA MET S 355 -52.35 18.53 -80.19
C MET S 355 -53.12 17.22 -80.32
N MET S 356 -54.43 17.31 -80.56
CA MET S 356 -55.25 16.10 -80.61
C MET S 356 -54.82 15.19 -81.75
N SER S 357 -54.56 15.76 -82.93
CA SER S 357 -54.14 14.96 -84.06
C SER S 357 -52.82 14.27 -83.78
N THR S 358 -51.86 15.00 -83.19
CA THR S 358 -50.60 14.39 -82.82
C THR S 358 -50.78 13.36 -81.71
N THR S 359 -51.64 13.65 -80.74
CA THR S 359 -51.89 12.70 -79.66
C THR S 359 -52.49 11.41 -80.21
N LEU S 360 -53.46 11.52 -81.12
CA LEU S 360 -54.00 10.33 -81.76
C LEU S 360 -52.94 9.61 -82.58
N GLN S 361 -52.09 10.39 -83.27
CA GLN S 361 -51.04 9.77 -84.08
C GLN S 361 -50.07 8.99 -83.21
N ALA S 362 -49.69 9.54 -82.06
CA ALA S 362 -48.77 8.85 -81.17
C ALA S 362 -49.36 7.56 -80.64
N ILE S 363 -50.65 7.58 -80.29
CA ILE S 363 -51.30 6.38 -79.77
C ILE S 363 -51.37 5.29 -80.82
N LYS S 364 -51.71 5.67 -82.06
CA LYS S 364 -51.79 4.67 -83.13
C LYS S 364 -50.43 4.03 -83.39
N ILE S 365 -49.36 4.84 -83.37
CA ILE S 365 -48.02 4.28 -83.53
C ILE S 365 -47.70 3.35 -82.36
N SER S 366 -48.02 3.78 -81.14
CA SER S 366 -47.78 2.94 -79.97
C SER S 366 -48.60 1.67 -80.02
N LYS S 367 -49.87 1.78 -80.43
CA LYS S 367 -50.69 0.59 -80.61
C LYS S 367 -50.11 -0.32 -81.67
N GLN S 368 -49.62 0.25 -82.77
CA GLN S 368 -49.01 -0.56 -83.82
C GLN S 368 -47.71 -1.20 -83.33
N LEU S 369 -47.01 -0.55 -82.41
CA LEU S 369 -45.77 -1.08 -81.85
C LEU S 369 -46.00 -2.01 -80.67
N GLY S 370 -47.26 -2.28 -80.31
CA GLY S 370 -47.55 -3.19 -79.23
C GLY S 370 -47.38 -2.62 -77.84
N ASN S 371 -47.56 -1.30 -77.69
CA ASN S 371 -47.41 -0.65 -76.40
C ASN S 371 -48.76 -0.48 -75.73
N VAL S 372 -48.84 -0.82 -74.45
CA VAL S 372 -50.07 -0.67 -73.70
C VAL S 372 -50.37 0.80 -73.52
N ILE S 373 -51.60 1.20 -73.82
CA ILE S 373 -52.01 2.59 -73.76
C ILE S 373 -52.64 2.86 -72.40
N PHE S 374 -52.06 3.80 -71.66
CA PHE S 374 -52.60 4.25 -70.38
C PHE S 374 -53.20 5.63 -70.55
N TYR S 375 -54.45 5.80 -70.12
CA TYR S 375 -55.18 7.05 -70.28
C TYR S 375 -55.67 7.52 -68.92
N ASP S 376 -54.89 8.37 -68.27
CA ASP S 376 -55.37 9.09 -67.10
C ASP S 376 -56.26 10.22 -67.58
N LEU S 377 -57.51 10.23 -67.12
CA LEU S 377 -58.47 11.22 -67.58
C LEU S 377 -58.03 12.62 -67.19
N ASN S 378 -58.00 12.91 -65.89
CA ASN S 378 -57.66 14.24 -65.38
C ASN S 378 -58.42 15.33 -66.15
N LEU S 379 -59.74 15.29 -66.00
CA LEU S 379 -60.61 16.11 -66.83
C LEU S 379 -60.30 17.59 -66.61
N PRO S 380 -60.01 18.35 -67.67
CA PRO S 380 -59.72 19.77 -67.51
C PRO S 380 -60.94 20.54 -67.05
N LEU S 381 -60.69 21.79 -66.66
CA LEU S 381 -61.76 22.63 -66.11
C LEU S 381 -62.92 22.85 -67.09
N PRO S 382 -62.69 23.23 -68.36
CA PRO S 382 -63.84 23.49 -69.24
C PRO S 382 -64.71 22.27 -69.50
N LEU S 383 -64.13 21.07 -69.45
CA LEU S 383 -64.88 19.86 -69.83
C LEU S 383 -65.91 19.45 -68.80
N TRP S 384 -65.88 20.02 -67.59
CA TRP S 384 -66.85 19.64 -66.57
C TRP S 384 -68.24 20.18 -66.85
N GLN S 385 -68.39 21.04 -67.84
CA GLN S 385 -69.70 21.51 -68.29
C GLN S 385 -70.00 20.91 -69.65
N SER S 386 -71.29 20.69 -69.90
CA SER S 386 -71.78 20.10 -71.16
C SER S 386 -71.16 18.71 -71.38
N LEU S 387 -71.55 17.80 -70.50
CA LEU S 387 -71.11 16.41 -70.52
C LEU S 387 -71.10 15.80 -71.93
N GLU S 388 -72.09 16.17 -72.74
CA GLU S 388 -72.20 15.55 -74.07
C GLU S 388 -70.98 15.84 -74.93
N GLU S 389 -70.49 17.08 -74.91
CA GLU S 389 -69.29 17.40 -75.69
C GLU S 389 -68.06 16.71 -75.13
N THR S 390 -68.01 16.51 -73.81
CA THR S 390 -66.88 15.82 -73.21
C THR S 390 -66.81 14.38 -73.68
N LYS S 391 -67.95 13.69 -73.74
CA LYS S 391 -67.96 12.32 -74.24
C LYS S 391 -67.53 12.27 -75.69
N SER S 392 -68.03 13.18 -76.52
CA SER S 392 -67.63 13.20 -77.93
C SER S 392 -66.16 13.56 -78.09
N LEU S 393 -65.63 14.39 -77.18
CA LEU S 393 -64.23 14.79 -77.29
C LEU S 393 -63.30 13.61 -77.10
N ILE S 394 -63.63 12.71 -76.17
CA ILE S 394 -62.73 11.62 -75.80
C ILE S 394 -63.18 10.27 -76.32
N GLN S 395 -64.30 10.21 -77.05
CA GLN S 395 -64.80 8.91 -77.48
C GLN S 395 -63.85 8.22 -78.44
N GLU S 396 -63.29 8.97 -79.39
CA GLU S 396 -62.38 8.37 -80.36
C GLU S 396 -61.08 7.90 -79.72
N VAL S 397 -60.76 8.41 -78.54
CA VAL S 397 -59.55 8.00 -77.84
C VAL S 397 -59.84 7.07 -76.66
N TRP S 398 -61.08 7.04 -76.18
CA TRP S 398 -61.44 6.15 -75.08
C TRP S 398 -61.31 4.70 -75.49
N ASP S 399 -61.68 4.36 -76.73
CA ASP S 399 -61.63 2.99 -77.20
C ASP S 399 -60.22 2.50 -77.45
N LEU S 400 -59.23 3.39 -77.54
CA LEU S 400 -57.87 2.98 -77.84
C LEU S 400 -57.05 2.68 -76.60
N ALA S 401 -57.54 3.02 -75.41
CA ALA S 401 -56.76 2.84 -74.19
C ALA S 401 -57.00 1.47 -73.58
N ASP S 402 -55.90 0.74 -73.34
CA ASP S 402 -56.01 -0.54 -72.66
C ASP S 402 -56.30 -0.36 -71.17
N VAL S 403 -55.68 0.63 -70.54
CA VAL S 403 -55.87 0.93 -69.14
C VAL S 403 -56.31 2.38 -69.02
N ILE S 404 -57.38 2.61 -68.25
CA ILE S 404 -57.93 3.95 -68.04
C ILE S 404 -58.04 4.19 -66.55
N GLU S 405 -57.52 5.31 -66.09
CA GLU S 405 -57.60 5.73 -64.70
C GLU S 405 -58.45 6.99 -64.61
N VAL S 406 -59.56 6.90 -63.90
CA VAL S 406 -60.46 8.03 -63.70
C VAL S 406 -60.73 8.17 -62.22
N THR S 407 -61.00 9.40 -61.80
CA THR S 407 -61.39 9.61 -60.41
C THR S 407 -62.84 9.19 -60.20
N LYS S 408 -63.21 9.06 -58.93
CA LYS S 408 -64.59 8.72 -58.62
C LYS S 408 -65.54 9.81 -59.10
N GLN S 409 -65.14 11.08 -58.94
CA GLN S 409 -65.95 12.18 -59.45
C GLN S 409 -66.05 12.14 -60.97
N GLU S 410 -64.94 11.84 -61.65
CA GLU S 410 -64.96 11.75 -63.10
C GLU S 410 -65.85 10.60 -63.58
N LEU S 411 -65.80 9.46 -62.89
CA LEU S 411 -66.63 8.32 -63.28
C LEU S 411 -68.10 8.66 -63.18
N GLU S 412 -68.50 9.33 -62.09
CA GLU S 412 -69.89 9.73 -61.95
C GLU S 412 -70.28 10.73 -63.04
N PHE S 413 -69.38 11.64 -63.37
CA PHE S 413 -69.67 12.61 -64.43
C PHE S 413 -69.87 11.91 -65.77
N LEU S 414 -69.00 10.96 -66.10
CA LEU S 414 -69.14 10.23 -67.36
C LEU S 414 -70.39 9.36 -67.36
N CYS S 415 -70.66 8.68 -66.24
CA CYS S 415 -71.82 7.80 -66.16
C CYS S 415 -73.11 8.55 -65.91
N GLY S 416 -73.06 9.86 -65.69
CA GLY S 416 -74.25 10.62 -65.40
C GLY S 416 -74.78 10.44 -64.00
N ILE S 417 -74.05 9.77 -63.13
CA ILE S 417 -74.49 9.54 -61.76
C ILE S 417 -74.49 10.87 -61.00
N GLU S 418 -75.59 11.14 -60.31
CA GLU S 418 -75.53 12.37 -59.53
C GLU S 418 -74.94 12.09 -58.16
N PRO S 419 -74.06 12.95 -57.66
CA PRO S 419 -73.48 12.71 -56.33
C PRO S 419 -74.51 12.91 -55.23
N THR S 420 -74.96 11.82 -54.63
CA THR S 420 -75.99 11.87 -53.60
C THR S 420 -75.42 11.95 -52.20
N GLU S 421 -74.18 11.51 -52.00
CA GLU S 421 -73.60 11.52 -50.66
C GLU S 421 -73.29 12.95 -50.22
N GLU S 422 -73.25 13.14 -48.91
CA GLU S 422 -72.92 14.43 -48.32
C GLU S 422 -71.42 14.68 -48.43
N PHE S 423 -71.04 15.93 -48.23
CA PHE S 423 -69.64 16.34 -48.26
C PHE S 423 -69.30 17.13 -47.02
N ASP S 424 -68.04 17.04 -46.60
CA ASP S 424 -67.53 17.78 -45.45
C ASP S 424 -68.34 17.49 -44.18
N THR S 425 -68.74 16.24 -44.02
CA THR S 425 -69.45 15.78 -42.82
C THR S 425 -68.51 14.90 -42.01
N LYS S 426 -68.45 15.15 -40.71
CA LYS S 426 -67.49 14.49 -39.83
C LYS S 426 -67.94 13.06 -39.54
N ASN S 427 -67.83 12.22 -40.57
CA ASN S 427 -68.14 10.80 -40.45
C ASN S 427 -67.61 10.09 -41.68
N ASN S 428 -67.15 8.86 -41.48
CA ASN S 428 -66.68 8.02 -42.59
C ASN S 428 -67.78 7.07 -43.04
N ASP S 429 -68.89 7.67 -43.46
CA ASP S 429 -70.03 6.88 -43.92
C ASP S 429 -69.66 6.11 -45.18
N SER S 430 -70.15 4.87 -45.26
CA SER S 430 -69.84 4.04 -46.41
C SER S 430 -70.46 4.58 -47.69
N SER S 431 -71.49 5.42 -47.59
CA SER S 431 -72.08 6.00 -48.79
C SER S 431 -71.10 6.89 -49.52
N LYS S 432 -70.29 7.66 -48.77
CA LYS S 432 -69.35 8.57 -49.39
C LYS S 432 -68.21 7.84 -50.11
N PHE S 433 -67.97 6.58 -49.76
CA PHE S 433 -66.98 5.74 -50.43
C PHE S 433 -67.71 4.49 -50.90
N VAL S 434 -68.32 4.57 -52.07
CA VAL S 434 -69.18 3.51 -52.58
C VAL S 434 -68.50 2.86 -53.77
N HIS S 435 -68.42 1.53 -53.75
CA HIS S 435 -67.84 0.76 -54.84
C HIS S 435 -68.96 0.48 -55.85
N TYR S 436 -68.93 1.20 -56.96
CA TYR S 436 -69.95 1.02 -57.99
C TYR S 436 -69.86 -0.37 -58.59
N GLU S 437 -71.02 -0.97 -58.86
CA GLU S 437 -71.08 -2.31 -59.41
C GLU S 437 -70.59 -2.32 -60.85
N PRO S 438 -70.11 -3.46 -61.33
CA PRO S 438 -69.63 -3.53 -62.72
C PRO S 438 -70.69 -3.19 -63.74
N GLU S 439 -71.97 -3.40 -63.42
CA GLU S 439 -73.03 -3.05 -64.34
C GLU S 439 -73.04 -1.56 -64.64
N THR S 440 -72.80 -0.73 -63.61
CA THR S 440 -72.71 0.71 -63.83
C THR S 440 -71.50 1.07 -64.66
N VAL S 441 -70.43 0.28 -64.57
CA VAL S 441 -69.22 0.54 -65.36
C VAL S 441 -69.37 0.06 -66.80
N GLU S 442 -70.24 -0.91 -67.06
CA GLU S 442 -70.36 -1.51 -68.38
C GLU S 442 -70.56 -0.51 -69.52
N PRO S 443 -71.39 0.53 -69.42
CA PRO S 443 -71.56 1.44 -70.56
C PRO S 443 -70.26 2.08 -71.02
N LEU S 444 -69.31 2.33 -70.11
CA LEU S 444 -68.03 2.91 -70.49
C LEU S 444 -67.04 1.88 -71.01
N TRP S 445 -67.36 0.60 -70.92
CA TRP S 445 -66.41 -0.44 -71.28
C TRP S 445 -66.32 -0.60 -72.79
N HIS S 446 -65.24 -1.23 -73.24
CA HIS S 446 -65.07 -1.57 -74.64
C HIS S 446 -64.12 -2.76 -74.74
N GLU S 447 -63.99 -3.28 -75.96
CA GLU S 447 -63.24 -4.52 -76.15
C GLU S 447 -61.77 -4.37 -75.77
N ASN S 448 -61.15 -3.25 -76.16
CA ASN S 448 -59.73 -3.06 -75.88
C ASN S 448 -59.48 -2.89 -74.38
N LEU S 449 -60.44 -2.34 -73.65
CA LEU S 449 -60.21 -2.00 -72.26
C LEU S 449 -59.95 -3.25 -71.43
N LYS S 450 -58.94 -3.20 -70.58
CA LYS S 450 -58.56 -4.32 -69.74
C LYS S 450 -58.69 -4.04 -68.26
N ILE S 451 -58.25 -2.87 -67.80
CA ILE S 451 -58.45 -2.45 -66.42
C ILE S 451 -58.94 -1.01 -66.41
N LEU S 452 -59.97 -0.75 -65.63
CA LEU S 452 -60.42 0.61 -65.35
C LEU S 452 -60.15 0.89 -63.87
N PHE S 453 -59.40 1.94 -63.60
CA PHE S 453 -59.08 2.33 -62.23
C PHE S 453 -59.94 3.52 -61.84
N VAL S 454 -60.70 3.36 -60.76
CA VAL S 454 -61.49 4.45 -60.19
C VAL S 454 -60.86 4.80 -58.86
N THR S 455 -60.33 6.01 -58.76
CA THR S 455 -59.58 6.44 -57.58
C THR S 455 -60.34 7.54 -56.86
N ASN S 456 -60.53 7.36 -55.55
CA ASN S 456 -61.12 8.37 -54.68
C ASN S 456 -60.05 9.07 -53.87
N GLY S 457 -58.92 9.35 -54.50
CA GLY S 457 -57.74 9.79 -53.78
C GLY S 457 -56.98 8.58 -53.27
N THR S 458 -56.21 8.80 -52.21
CA THR S 458 -55.54 7.70 -51.55
C THR S 458 -56.45 6.98 -50.56
N SER S 459 -57.68 7.47 -50.37
CA SER S 459 -58.61 6.82 -49.46
C SER S 459 -59.03 5.45 -49.99
N LYS S 460 -59.33 5.36 -51.28
CA LYS S 460 -59.86 4.14 -51.85
C LYS S 460 -59.64 4.14 -53.35
N ILE S 461 -59.22 3.00 -53.88
CA ILE S 461 -59.00 2.82 -55.31
C ILE S 461 -59.78 1.60 -55.76
N HIS S 462 -60.59 1.76 -56.81
CA HIS S 462 -61.41 0.70 -57.36
C HIS S 462 -60.84 0.25 -58.70
N TYR S 463 -60.79 -1.06 -58.91
CA TYR S 463 -60.32 -1.63 -60.16
C TYR S 463 -61.40 -2.51 -60.75
N TYR S 464 -61.59 -2.41 -62.07
CA TYR S 464 -62.59 -3.20 -62.78
C TYR S 464 -61.92 -3.87 -63.98
N THR S 465 -62.18 -5.17 -64.14
CA THR S 465 -61.74 -5.92 -65.30
C THR S 465 -62.94 -6.66 -65.87
N LYS S 466 -62.69 -7.47 -66.91
CA LYS S 466 -63.75 -8.27 -67.50
C LYS S 466 -64.31 -9.27 -66.49
N GLU S 467 -63.43 -9.90 -65.71
CA GLU S 467 -63.84 -10.91 -64.74
C GLU S 467 -63.86 -10.38 -63.32
N HIS S 468 -62.81 -9.69 -62.89
CA HIS S 468 -62.64 -9.31 -61.51
C HIS S 468 -62.96 -7.83 -61.31
N ASN S 469 -63.42 -7.50 -60.11
CA ASN S 469 -63.63 -6.13 -59.69
C ASN S 469 -63.46 -6.06 -58.18
N GLY S 470 -62.99 -4.93 -57.70
CA GLY S 470 -62.76 -4.78 -56.27
C GLY S 470 -62.22 -3.41 -55.96
N ALA S 471 -61.93 -3.21 -54.67
CA ALA S 471 -61.44 -1.93 -54.19
C ALA S 471 -60.47 -2.17 -53.05
N VAL S 472 -59.58 -1.20 -52.85
CA VAL S 472 -58.57 -1.27 -51.80
C VAL S 472 -58.67 0.01 -50.97
N LEU S 473 -58.79 -0.13 -49.66
CA LEU S 473 -58.84 1.01 -48.78
C LEU S 473 -57.42 1.49 -48.47
N GLY S 474 -57.28 2.80 -48.32
CA GLY S 474 -56.01 3.41 -47.98
C GLY S 474 -56.20 4.41 -46.85
N MET S 475 -55.34 5.43 -46.86
CA MET S 475 -55.44 6.52 -45.91
C MET S 475 -55.27 7.84 -46.64
N GLU S 476 -55.89 8.88 -46.11
CA GLU S 476 -55.72 10.21 -46.65
C GLU S 476 -55.50 11.26 -45.58
N ASP S 477 -55.25 10.85 -44.33
CA ASP S 477 -54.93 11.82 -43.29
C ASP S 477 -53.45 12.17 -43.34
N VAL S 478 -52.97 12.56 -44.52
CA VAL S 478 -51.59 12.95 -44.72
C VAL S 478 -51.46 14.42 -44.35
N PRO S 479 -50.28 14.91 -43.99
CA PRO S 479 -50.12 16.34 -43.72
C PRO S 479 -50.38 17.15 -44.97
N ILE S 480 -51.31 18.10 -44.87
CA ILE S 480 -51.65 18.97 -45.99
C ILE S 480 -51.57 20.41 -45.53
N THR S 481 -51.01 21.26 -46.38
CA THR S 481 -50.88 22.68 -46.14
C THR S 481 -51.69 23.41 -47.19
N PRO S 482 -51.98 24.71 -47.00
CA PRO S 482 -52.69 25.45 -48.05
C PRO S 482 -51.99 25.40 -49.40
N PHE S 483 -50.66 25.24 -49.41
CA PHE S 483 -49.94 25.13 -50.66
C PHE S 483 -50.13 23.78 -51.34
N THR S 484 -50.56 22.75 -50.59
CA THR S 484 -50.73 21.42 -51.15
C THR S 484 -52.14 20.88 -50.96
N ARG S 485 -53.11 21.76 -50.74
CA ARG S 485 -54.47 21.31 -50.42
C ARG S 485 -55.16 20.68 -51.62
N ASP S 486 -54.71 20.96 -52.84
CA ASP S 486 -55.36 20.43 -54.03
C ASP S 486 -55.20 18.93 -54.18
N MET S 487 -54.27 18.31 -53.44
CA MET S 487 -54.02 16.86 -53.48
C MET S 487 -53.57 16.40 -54.86
N SER S 488 -52.99 17.29 -55.66
CA SER S 488 -52.54 16.89 -56.99
C SER S 488 -51.37 15.93 -56.93
N ALA S 489 -50.53 16.04 -55.90
CA ALA S 489 -49.39 15.14 -55.76
C ALA S 489 -49.85 13.71 -55.56
N SER S 490 -50.93 13.52 -54.81
CA SER S 490 -51.50 12.18 -54.65
C SER S 490 -51.96 11.62 -55.99
N GLY S 491 -52.59 12.46 -56.81
CA GLY S 491 -53.03 12.00 -58.12
C GLY S 491 -51.88 11.55 -58.99
N ASP S 492 -50.80 12.35 -59.02
CA ASP S 492 -49.62 11.96 -59.78
C ASP S 492 -48.96 10.74 -59.18
N GLY S 493 -48.89 10.66 -57.86
CA GLY S 493 -48.27 9.51 -57.23
C GLY S 493 -49.06 8.23 -57.45
N ILE S 494 -50.39 8.33 -57.45
CA ILE S 494 -51.22 7.14 -57.61
C ILE S 494 -51.03 6.55 -59.00
N VAL S 495 -51.12 7.38 -60.03
CA VAL S 495 -50.96 6.86 -61.39
C VAL S 495 -49.54 6.38 -61.63
N ALA S 496 -48.55 7.03 -61.02
CA ALA S 496 -47.18 6.58 -61.14
C ALA S 496 -47.00 5.18 -60.56
N GLY S 497 -47.61 4.93 -59.40
CA GLY S 497 -47.55 3.60 -58.82
C GLY S 497 -48.30 2.58 -59.67
N LEU S 498 -49.44 2.97 -60.25
CA LEU S 498 -50.15 2.07 -61.14
C LEU S 498 -49.32 1.72 -62.36
N ILE S 499 -48.67 2.71 -62.96
CA ILE S 499 -47.81 2.45 -64.12
C ILE S 499 -46.65 1.56 -63.72
N ARG S 500 -46.07 1.80 -62.54
CA ARG S 500 -44.93 1.02 -62.09
C ARG S 500 -45.27 -0.45 -61.96
N MET S 501 -46.44 -0.76 -61.38
CA MET S 501 -46.81 -2.16 -61.18
C MET S 501 -47.24 -2.84 -62.47
N LEU S 502 -47.94 -2.12 -63.34
CA LEU S 502 -48.43 -2.76 -64.55
C LEU S 502 -47.32 -3.04 -65.55
N THR S 503 -46.31 -2.16 -65.64
CA THR S 503 -45.25 -2.36 -66.61
C THR S 503 -44.36 -3.54 -66.24
N VAL S 504 -44.06 -3.71 -64.95
CA VAL S 504 -43.14 -4.78 -64.55
C VAL S 504 -43.79 -6.14 -64.74
N GLN S 505 -45.11 -6.25 -64.64
CA GLN S 505 -45.83 -7.50 -64.80
C GLN S 505 -46.97 -7.31 -65.79
N PRO S 506 -46.64 -7.15 -67.08
CA PRO S 506 -47.70 -6.93 -68.07
C PRO S 506 -48.62 -8.12 -68.26
N ASP S 507 -48.18 -9.33 -67.90
CA ASP S 507 -49.00 -10.52 -68.08
C ASP S 507 -49.93 -10.81 -66.91
N LEU S 508 -49.80 -10.08 -65.81
CA LEU S 508 -50.66 -10.26 -64.65
C LEU S 508 -51.72 -9.18 -64.53
N MET S 509 -52.04 -8.50 -65.64
CA MET S 509 -53.03 -7.43 -65.58
C MET S 509 -54.41 -7.96 -65.23
N ASN S 510 -54.78 -9.10 -65.78
CA ASN S 510 -56.05 -9.74 -65.43
C ASN S 510 -55.87 -10.76 -64.31
N ASP S 511 -55.26 -10.32 -63.21
CA ASP S 511 -55.03 -11.16 -62.04
C ASP S 511 -55.53 -10.42 -60.81
N LYS S 512 -56.53 -10.99 -60.14
CA LYS S 512 -57.15 -10.29 -59.01
C LYS S 512 -56.14 -10.07 -57.88
N GLY S 513 -55.31 -11.07 -57.60
CA GLY S 513 -54.34 -10.92 -56.53
C GLY S 513 -53.33 -9.82 -56.81
N TYR S 514 -52.86 -9.73 -58.05
CA TYR S 514 -51.89 -8.71 -58.40
C TYR S 514 -52.52 -7.33 -58.43
N LEU S 515 -53.79 -7.23 -58.85
CA LEU S 515 -54.45 -5.93 -58.87
C LEU S 515 -54.66 -5.40 -57.46
N GLU S 516 -54.95 -6.28 -56.50
CA GLU S 516 -55.07 -5.84 -55.12
C GLU S 516 -53.75 -5.26 -54.61
N ARG S 517 -52.64 -5.91 -54.97
CA ARG S 517 -51.33 -5.39 -54.59
C ARG S 517 -50.99 -4.13 -55.36
N THR S 518 -51.36 -4.08 -56.64
CA THR S 518 -51.10 -2.89 -57.45
C THR S 518 -51.83 -1.68 -56.90
N ALA S 519 -53.11 -1.82 -56.60
CA ALA S 519 -53.89 -0.71 -56.08
C ALA S 519 -53.38 -0.27 -54.72
N ARG S 520 -53.01 -1.22 -53.87
CA ARG S 520 -52.43 -0.87 -52.57
C ARG S 520 -51.10 -0.16 -52.74
N TYR S 521 -50.28 -0.62 -53.68
CA TYR S 521 -49.00 0.04 -53.93
C TYR S 521 -49.20 1.46 -54.44
N ALA S 522 -50.21 1.66 -55.29
CA ALA S 522 -50.50 3.00 -55.78
C ALA S 522 -50.89 3.93 -54.65
N ILE S 523 -51.67 3.43 -53.69
CA ILE S 523 -52.08 4.25 -52.56
C ILE S 523 -50.87 4.69 -51.76
N GLU S 524 -49.94 3.76 -51.50
CA GLU S 524 -48.75 4.11 -50.73
C GLU S 524 -47.89 5.13 -51.46
N CYS S 525 -47.78 5.00 -52.79
CA CYS S 525 -47.03 5.99 -53.56
C CYS S 525 -47.71 7.35 -53.49
N GLY S 526 -49.04 7.38 -53.59
CA GLY S 526 -49.74 8.65 -53.49
C GLY S 526 -49.62 9.28 -52.11
N VAL S 527 -49.66 8.45 -51.06
CA VAL S 527 -49.51 8.96 -49.70
C VAL S 527 -48.13 9.58 -49.52
N VAL S 528 -47.09 8.88 -49.99
CA VAL S 528 -45.73 9.36 -49.82
C VAL S 528 -45.53 10.67 -50.55
N ASP S 529 -46.01 10.76 -51.79
CA ASP S 529 -45.81 11.97 -52.58
C ASP S 529 -46.50 13.17 -51.95
N GLN S 530 -47.71 12.98 -51.44
CA GLN S 530 -48.39 14.08 -50.77
C GLN S 530 -47.67 14.46 -49.47
N TRP S 531 -47.14 13.47 -48.76
CA TRP S 531 -46.38 13.75 -47.55
C TRP S 531 -45.11 14.53 -47.87
N LEU S 532 -44.42 14.15 -48.95
CA LEU S 532 -43.21 14.86 -49.35
C LEU S 532 -43.52 16.30 -49.74
N LEU S 533 -44.62 16.50 -50.46
CA LEU S 533 -44.94 17.84 -50.96
C LEU S 533 -45.19 18.81 -49.81
N ALA S 534 -45.85 18.34 -48.75
CA ALA S 534 -46.13 19.22 -47.61
C ALA S 534 -44.84 19.71 -46.97
N GLN S 535 -43.86 18.81 -46.82
CA GLN S 535 -42.58 19.21 -46.25
C GLN S 535 -41.82 20.13 -47.19
N THR S 536 -41.92 19.89 -48.50
CA THR S 536 -41.21 20.71 -49.47
C THR S 536 -41.76 22.13 -49.52
N ARG S 537 -43.08 22.26 -49.61
CA ARG S 537 -43.69 23.58 -49.79
C ARG S 537 -43.98 24.28 -48.48
N GLY S 538 -44.21 23.55 -47.40
CA GLY S 538 -44.46 24.21 -46.13
C GLY S 538 -45.80 24.91 -46.10
N TYR S 539 -45.93 25.83 -45.15
CA TYR S 539 -47.18 26.53 -44.89
C TYR S 539 -47.02 28.02 -45.16
N PRO S 540 -48.09 28.69 -45.59
CA PRO S 540 -48.03 30.15 -45.70
C PRO S 540 -47.87 30.78 -44.32
N PRO S 541 -47.22 31.94 -44.25
CA PRO S 541 -46.98 32.55 -42.94
C PRO S 541 -48.27 32.98 -42.26
N LYS S 542 -48.22 33.01 -40.93
CA LYS S 542 -49.39 33.34 -40.13
C LYS S 542 -49.73 34.83 -40.27
N ASP S 543 -50.80 35.23 -39.58
CA ASP S 543 -51.21 36.62 -39.52
C ASP S 543 -51.32 37.03 -38.06
N ASP S 544 -50.66 38.13 -37.70
CA ASP S 544 -50.67 38.61 -36.31
C ASP S 544 -52.00 39.28 -35.99
N SER S 559 -36.68 39.43 -49.95
CA SER S 559 -35.87 38.34 -49.44
C SER S 559 -36.11 37.06 -50.23
N ASP S 560 -36.67 37.21 -51.42
CA ASP S 560 -36.99 36.09 -52.29
C ASP S 560 -37.13 36.58 -53.72
N PRO S 561 -36.40 36.00 -54.69
CA PRO S 561 -36.53 36.46 -56.08
C PRO S 561 -37.97 36.40 -56.57
N ASN S 562 -38.58 35.22 -56.54
CA ASN S 562 -40.02 35.09 -56.76
C ASN S 562 -40.69 35.13 -55.40
N GLY S 563 -41.42 36.20 -55.13
CA GLY S 563 -41.93 36.40 -53.79
C GLY S 563 -42.81 35.27 -53.30
N ILE S 564 -42.25 34.45 -52.43
CA ILE S 564 -42.93 33.27 -51.89
C ILE S 564 -42.48 33.13 -50.44
N ARG S 565 -43.39 33.38 -49.51
CA ARG S 565 -43.10 33.27 -48.09
C ARG S 565 -43.73 32.01 -47.55
N SER S 566 -42.92 31.17 -46.91
CA SER S 566 -43.40 29.91 -46.37
C SER S 566 -42.75 29.66 -45.02
N ILE S 567 -43.42 28.86 -44.20
CA ILE S 567 -42.92 28.46 -42.89
C ILE S 567 -43.01 26.95 -42.79
N THR S 568 -42.16 26.37 -41.95
CA THR S 568 -42.18 24.93 -41.77
C THR S 568 -43.35 24.51 -40.87
N GLU S 569 -43.51 23.20 -40.73
CA GLU S 569 -44.58 22.69 -39.89
C GLU S 569 -44.38 23.11 -38.43
N ARG S 570 -43.13 23.10 -37.98
CA ARG S 570 -42.84 23.53 -36.61
C ARG S 570 -43.22 25.00 -36.39
N GLU S 571 -42.90 25.85 -37.36
CA GLU S 571 -43.26 27.26 -37.23
C GLU S 571 -44.76 27.46 -37.31
N TYR S 572 -45.46 26.63 -38.08
CA TYR S 572 -46.91 26.75 -38.16
C TYR S 572 -47.58 26.31 -36.86
N ARG S 573 -46.96 25.38 -36.13
CA ARG S 573 -47.50 24.91 -34.87
C ARG S 573 -46.97 25.69 -33.68
N THR S 574 -46.12 26.69 -33.90
CA THR S 574 -45.61 27.51 -32.81
C THR S 574 -46.70 28.46 -32.35
N SER S 575 -46.93 28.51 -31.05
CA SER S 575 -47.98 29.33 -30.48
C SER S 575 -47.47 30.71 -30.10
N LYS S 576 -48.37 31.67 -30.07
CA LYS S 576 -48.04 33.00 -29.58
C LYS S 576 -47.68 32.92 -28.10
N PRO S 577 -46.65 33.66 -27.66
CA PRO S 577 -46.25 33.55 -26.24
C PRO S 577 -47.31 33.98 -25.25
N TYR S 578 -48.30 34.76 -25.68
CA TYR S 578 -49.33 35.31 -24.78
C TYR S 578 -48.68 36.09 -23.64
N ASP S 579 -47.65 36.87 -23.95
CA ASP S 579 -46.92 37.64 -22.97
C ASP S 579 -47.36 39.11 -22.94
N GLU S 580 -48.60 39.38 -23.34
CA GLU S 580 -49.09 40.76 -23.31
C GLU S 580 -49.20 41.22 -21.87
N PRO S 581 -48.69 42.42 -21.54
CA PRO S 581 -48.79 42.89 -20.15
C PRO S 581 -50.21 43.01 -19.65
N ASP S 582 -51.16 43.33 -20.54
CA ASP S 582 -52.57 43.40 -20.16
C ASP S 582 -53.26 42.05 -20.15
N GLY S 583 -52.62 41.01 -20.69
CA GLY S 583 -53.21 39.70 -20.77
C GLY S 583 -53.39 39.07 -19.40
N PRO S 584 -54.41 38.21 -19.27
CA PRO S 584 -54.65 37.55 -17.98
C PRO S 584 -53.63 36.49 -17.64
N TYR S 585 -52.76 36.11 -18.57
CA TYR S 585 -51.80 35.04 -18.35
C TYR S 585 -50.45 35.56 -17.89
N VAL S 586 -50.31 36.86 -17.68
CA VAL S 586 -49.03 37.49 -17.35
C VAL S 586 -49.16 38.19 -16.01
N MET S 587 -48.10 38.11 -15.21
CA MET S 587 -48.09 38.80 -13.92
C MET S 587 -48.31 40.29 -14.11
N LYS S 588 -49.12 40.88 -13.24
CA LYS S 588 -49.43 42.29 -13.23
C LYS S 588 -49.00 42.91 -11.92
N PRO S 589 -48.79 44.23 -11.88
CA PRO S 589 -48.42 44.88 -10.62
C PRO S 589 -49.46 44.65 -9.54
N VAL S 590 -49.06 44.92 -8.30
CA VAL S 590 -49.89 44.61 -7.14
C VAL S 590 -51.22 45.37 -7.17
N GLU S 591 -51.30 46.46 -7.95
CA GLU S 591 -52.52 47.26 -7.98
C GLU S 591 -53.68 46.48 -8.58
N GLU S 592 -53.45 45.72 -9.64
CA GLU S 592 -54.51 45.04 -10.37
C GLU S 592 -54.34 43.52 -10.35
N ARG S 593 -53.84 43.00 -9.22
CA ARG S 593 -53.60 41.55 -9.12
C ARG S 593 -54.90 40.76 -9.13
N GLU S 594 -55.98 41.32 -8.61
CA GLU S 594 -57.28 40.66 -8.46
C GLU S 594 -57.13 39.21 -8.02
N TYR S 595 -56.55 39.05 -6.83
CA TYR S 595 -56.33 37.73 -6.25
C TYR S 595 -57.64 36.98 -6.12
N ARG S 596 -57.76 35.85 -6.80
CA ARG S 596 -58.94 35.01 -6.67
C ARG S 596 -58.98 34.37 -5.29
N LYS S 597 -60.19 34.23 -4.75
CA LYS S 597 -60.36 33.55 -3.47
C LYS S 597 -60.46 32.05 -3.67
N LEU S 598 -59.89 31.29 -2.74
CA LEU S 598 -59.93 29.84 -2.78
C LEU S 598 -61.30 29.36 -2.29
N GLU S 599 -61.44 28.05 -2.10
CA GLU S 599 -62.68 27.47 -1.62
C GLU S 599 -63.02 27.96 -0.21
N MET T 37 -36.30 -37.95 67.46
CA MET T 37 -36.42 -36.59 67.97
C MET T 37 -35.11 -36.11 68.58
N GLN T 38 -34.83 -34.82 68.45
CA GLN T 38 -33.63 -34.24 69.03
C GLN T 38 -33.68 -34.35 70.55
N THR T 39 -32.51 -34.57 71.16
CA THR T 39 -32.43 -34.65 72.60
C THR T 39 -32.71 -33.28 73.22
N PRO T 40 -33.27 -33.25 74.43
CA PRO T 40 -33.45 -31.97 75.12
C PRO T 40 -32.12 -31.35 75.51
N LEU T 41 -32.09 -30.02 75.53
CA LEU T 41 -30.84 -29.30 75.80
C LEU T 41 -30.34 -29.55 77.22
N GLU T 42 -31.20 -30.04 78.12
CA GLU T 42 -30.80 -30.20 79.51
C GLU T 42 -29.63 -31.17 79.64
N GLU T 43 -29.85 -32.44 79.30
CA GLU T 43 -28.78 -33.41 79.35
C GLU T 43 -27.82 -33.26 78.18
N LEU T 44 -28.23 -32.60 77.11
CA LEU T 44 -27.32 -32.37 75.98
C LEU T 44 -26.12 -31.54 76.42
N TYR T 45 -26.36 -30.48 77.18
CA TYR T 45 -25.30 -29.66 77.76
C TYR T 45 -24.97 -30.09 79.19
N ASN T 46 -25.42 -31.28 79.59
CA ASN T 46 -25.21 -31.84 80.93
C ASN T 46 -25.42 -30.79 82.01
N VAL T 47 -26.53 -30.07 81.92
CA VAL T 47 -26.90 -29.07 82.90
C VAL T 47 -27.82 -29.75 83.92
N LYS T 48 -27.33 -29.93 85.14
CA LYS T 48 -28.14 -30.59 86.16
C LYS T 48 -29.32 -29.71 86.56
N VAL T 49 -30.50 -30.31 86.54
CA VAL T 49 -31.75 -29.63 86.90
C VAL T 49 -32.37 -30.40 88.06
N GLU T 50 -32.66 -29.70 89.14
CA GLU T 50 -33.33 -30.29 90.30
C GLU T 50 -34.55 -29.43 90.60
N ARG T 51 -35.66 -29.74 89.93
CA ARG T 51 -36.87 -28.94 90.05
C ARG T 51 -37.56 -29.21 91.38
N LYS T 52 -38.18 -28.15 91.93
CA LYS T 52 -38.86 -28.16 93.23
C LYS T 52 -38.13 -29.02 94.25
N VAL T 53 -36.84 -28.70 94.43
CA VAL T 53 -35.99 -29.48 95.32
C VAL T 53 -36.50 -29.35 96.76
N SER T 54 -36.51 -30.48 97.47
CA SER T 54 -37.00 -30.49 98.84
C SER T 54 -36.08 -29.68 99.74
N GLN T 55 -36.64 -29.25 100.88
CA GLN T 55 -35.93 -28.38 101.81
C GLN T 55 -34.70 -29.06 102.41
N ARG T 56 -34.66 -30.39 102.42
CA ARG T 56 -33.54 -31.09 103.03
C ARG T 56 -32.23 -30.76 102.32
N ARG T 57 -32.27 -30.66 100.99
CA ARG T 57 -31.05 -30.38 100.24
C ARG T 57 -30.51 -28.99 100.56
N LEU T 58 -31.39 -28.00 100.73
CA LEU T 58 -30.93 -26.63 100.91
C LEU T 58 -30.16 -26.43 102.20
N ASP T 59 -30.20 -27.37 103.14
CA ASP T 59 -29.53 -27.17 104.42
C ASP T 59 -28.03 -27.40 104.31
N GLU T 60 -27.62 -28.61 103.91
CA GLU T 60 -26.19 -28.92 103.88
C GLU T 60 -25.44 -28.15 102.81
N LEU T 61 -26.14 -27.60 101.82
CA LEU T 61 -25.49 -26.78 100.81
C LEU T 61 -25.20 -25.36 101.29
N GLY T 62 -25.76 -24.96 102.42
CA GLY T 62 -25.55 -23.60 102.90
C GLY T 62 -26.13 -22.55 101.97
N VAL T 63 -27.31 -22.82 101.41
CA VAL T 63 -27.92 -21.89 100.46
C VAL T 63 -28.22 -20.56 101.13
N SER T 64 -28.52 -20.58 102.42
CA SER T 64 -28.70 -19.33 103.16
C SER T 64 -27.45 -18.48 103.16
N ARG T 65 -26.28 -19.07 102.96
CA ARG T 65 -25.03 -18.34 102.93
C ARG T 65 -24.53 -18.07 101.51
N TRP T 66 -25.25 -18.52 100.49
CA TRP T 66 -24.85 -18.22 99.12
C TRP T 66 -25.14 -16.76 98.80
N SER T 67 -24.28 -16.18 97.95
CA SER T 67 -24.47 -14.80 97.54
C SER T 67 -25.72 -14.65 96.69
N VAL T 68 -26.34 -13.49 96.79
CA VAL T 68 -27.60 -13.20 96.11
C VAL T 68 -27.31 -12.38 94.86
N TRP T 69 -27.92 -12.80 93.75
CA TRP T 69 -27.79 -12.08 92.48
C TRP T 69 -29.19 -11.85 91.93
N LYS T 70 -29.63 -10.59 91.94
CA LYS T 70 -30.99 -10.21 91.60
C LYS T 70 -31.01 -9.33 90.37
N THR T 71 -31.97 -9.57 89.49
CA THR T 71 -32.07 -8.81 88.25
C THR T 71 -33.52 -8.79 87.77
N GLY T 72 -33.79 -7.88 86.86
CA GLY T 72 -35.07 -7.79 86.19
C GLY T 72 -35.00 -8.30 84.76
N LYS T 73 -35.90 -7.79 83.92
CA LYS T 73 -35.94 -8.20 82.52
C LYS T 73 -34.71 -7.68 81.79
N CYS T 74 -33.80 -8.59 81.44
CA CYS T 74 -32.57 -8.22 80.75
C CYS T 74 -32.00 -9.48 80.10
N LYS T 75 -30.90 -9.29 79.36
CA LYS T 75 -30.20 -10.37 78.70
C LYS T 75 -28.75 -10.38 79.18
N LEU T 76 -28.29 -11.54 79.64
CA LEU T 76 -26.94 -11.68 80.19
C LEU T 76 -26.18 -12.76 79.42
N PRO T 77 -25.47 -12.39 78.36
CA PRO T 77 -24.53 -13.34 77.75
C PRO T 77 -23.42 -13.70 78.73
N TRP T 78 -23.01 -14.96 78.71
CA TRP T 78 -22.00 -15.41 79.67
C TRP T 78 -21.40 -16.72 79.18
N ASP T 79 -20.17 -16.97 79.64
CA ASP T 79 -19.49 -18.25 79.43
C ASP T 79 -18.91 -18.69 80.75
N TRP T 80 -19.31 -19.87 81.22
CA TRP T 80 -18.92 -20.35 82.54
C TRP T 80 -17.50 -20.88 82.48
N GLN T 81 -16.55 -20.07 82.96
CA GLN T 81 -15.17 -20.52 83.11
C GLN T 81 -14.99 -21.45 84.29
N VAL T 82 -16.01 -21.62 85.14
CA VAL T 82 -15.97 -22.52 86.27
C VAL T 82 -17.39 -22.99 86.55
N ASP T 83 -17.50 -24.19 87.13
CA ASP T 83 -18.82 -24.75 87.43
C ASP T 83 -19.57 -23.84 88.39
N GLN T 84 -20.85 -23.64 88.11
CA GLN T 84 -21.70 -22.77 88.91
C GLN T 84 -22.96 -23.53 89.31
N LEU T 85 -23.30 -23.47 90.60
CA LEU T 85 -24.49 -24.11 91.15
C LEU T 85 -25.47 -23.00 91.53
N VAL T 86 -26.51 -22.83 90.73
CA VAL T 86 -27.45 -21.71 90.88
C VAL T 86 -28.76 -22.26 91.42
N TYR T 87 -29.23 -21.66 92.52
CA TYR T 87 -30.56 -21.90 93.04
C TYR T 87 -31.41 -20.66 92.77
N ILE T 88 -32.61 -20.87 92.24
CA ILE T 88 -33.51 -19.79 91.86
C ILE T 88 -34.65 -19.70 92.87
N GLU T 89 -34.91 -18.51 93.37
CA GLU T 89 -35.96 -18.29 94.36
C GLU T 89 -37.27 -17.81 93.76
N GLU T 90 -37.23 -16.90 92.79
CA GLU T 90 -38.45 -16.38 92.20
C GLU T 90 -38.22 -16.11 90.72
N GLY T 91 -39.33 -16.00 89.99
CA GLY T 91 -39.26 -15.76 88.57
C GLY T 91 -38.85 -17.00 87.79
N GLU T 92 -38.45 -16.75 86.55
CA GLU T 92 -38.00 -17.81 85.66
C GLU T 92 -36.94 -17.26 84.72
N VAL T 93 -36.00 -18.11 84.33
CA VAL T 93 -34.90 -17.73 83.46
C VAL T 93 -34.87 -18.66 82.27
N ARG T 94 -34.78 -18.09 81.08
CA ARG T 94 -34.66 -18.85 79.84
C ARG T 94 -33.25 -18.68 79.29
N VAL T 95 -32.54 -19.80 79.14
CA VAL T 95 -31.15 -19.79 78.72
C VAL T 95 -31.06 -20.48 77.36
N VAL T 96 -30.42 -19.80 76.41
CA VAL T 96 -30.21 -20.33 75.06
C VAL T 96 -28.71 -20.52 74.87
N PRO T 97 -28.24 -21.75 74.63
CA PRO T 97 -26.82 -21.96 74.34
C PRO T 97 -26.42 -21.22 73.07
N GLU T 98 -25.18 -20.76 73.04
CA GLU T 98 -24.71 -19.93 71.95
C GLU T 98 -24.83 -20.66 70.61
N GLY T 99 -25.38 -19.97 69.62
CA GLY T 99 -25.63 -20.55 68.32
C GLY T 99 -26.92 -21.31 68.19
N SER T 100 -27.67 -21.48 69.28
CA SER T 100 -28.89 -22.25 69.26
C SER T 100 -30.11 -21.34 69.15
N LYS T 101 -31.25 -21.96 68.81
CA LYS T 101 -32.53 -21.28 68.78
C LYS T 101 -33.57 -21.99 69.64
N ARG T 102 -33.11 -22.81 70.58
CA ARG T 102 -33.98 -23.46 71.56
C ARG T 102 -33.62 -22.95 72.96
N PHE T 103 -34.64 -22.76 73.78
CA PHE T 103 -34.46 -22.20 75.11
C PHE T 103 -34.72 -23.26 76.17
N MET T 104 -34.09 -23.09 77.32
CA MET T 104 -34.24 -24.00 78.46
C MET T 104 -35.00 -23.25 79.55
N GLN T 105 -36.20 -23.71 79.85
CA GLN T 105 -37.10 -23.03 80.79
C GLN T 105 -36.83 -23.55 82.20
N PHE T 106 -36.36 -22.66 83.06
CA PHE T 106 -36.15 -22.96 84.48
C PHE T 106 -37.10 -22.10 85.30
N LEU T 107 -37.94 -22.75 86.10
CA LEU T 107 -38.89 -22.04 86.95
C LEU T 107 -38.26 -21.75 88.32
N ALA T 108 -39.05 -21.11 89.18
CA ALA T 108 -38.58 -20.78 90.52
C ALA T 108 -38.53 -22.02 91.40
N GLY T 109 -37.66 -21.98 92.40
CA GLY T 109 -37.51 -23.09 93.31
C GLY T 109 -36.65 -24.23 92.81
N ASP T 110 -36.13 -24.13 91.60
CA ASP T 110 -35.32 -25.18 91.00
C ASP T 110 -33.85 -25.00 91.40
N LEU T 111 -33.06 -26.03 91.11
CA LEU T 111 -31.61 -25.99 91.27
C LEU T 111 -30.97 -26.26 89.92
N VAL T 112 -30.12 -25.34 89.47
CA VAL T 112 -29.46 -25.43 88.17
C VAL T 112 -27.96 -25.44 88.41
N ARG T 113 -27.26 -26.36 87.75
CA ARG T 113 -25.80 -26.43 87.81
C ARG T 113 -25.26 -26.26 86.40
N TYR T 114 -24.84 -25.05 86.07
CA TYR T 114 -24.26 -24.78 84.77
C TYR T 114 -22.83 -25.32 84.73
N PRO T 115 -22.50 -26.20 83.80
CA PRO T 115 -21.14 -26.75 83.74
C PRO T 115 -20.15 -25.73 83.19
N LYS T 116 -18.88 -26.11 83.23
CA LYS T 116 -17.83 -25.26 82.70
C LYS T 116 -17.90 -25.19 81.18
N TRP T 117 -17.27 -24.16 80.62
CA TRP T 117 -17.10 -23.99 79.19
C TRP T 117 -18.43 -23.92 78.45
N LEU T 118 -19.49 -23.49 79.13
CA LEU T 118 -20.81 -23.36 78.52
C LEU T 118 -20.99 -21.92 78.05
N GLU T 119 -21.20 -21.74 76.75
CA GLU T 119 -21.46 -20.43 76.17
C GLU T 119 -22.95 -20.31 75.91
N ALA T 120 -23.59 -19.34 76.57
CA ALA T 120 -25.02 -19.17 76.47
C ALA T 120 -25.37 -17.75 76.90
N ASP T 121 -26.67 -17.48 76.97
CA ASP T 121 -27.17 -16.19 77.43
C ASP T 121 -28.23 -16.43 78.50
N LEU T 122 -28.39 -15.45 79.38
CA LEU T 122 -29.40 -15.51 80.43
C LEU T 122 -30.45 -14.46 80.12
N PHE T 123 -31.58 -14.90 79.59
CA PHE T 123 -32.71 -14.02 79.33
C PHE T 123 -33.65 -13.99 80.53
N PHE T 124 -34.34 -12.87 80.69
CA PHE T 124 -35.29 -12.70 81.78
C PHE T 124 -36.47 -11.87 81.29
N ASN T 125 -37.60 -12.03 81.97
CA ASN T 125 -38.78 -11.23 81.68
C ASN T 125 -39.48 -10.76 82.95
N ALA T 126 -39.02 -11.15 84.12
CA ALA T 126 -39.62 -10.79 85.39
C ALA T 126 -38.52 -10.56 86.41
N PRO T 127 -38.79 -9.82 87.49
CA PRO T 127 -37.79 -9.68 88.55
C PRO T 127 -37.33 -11.02 89.07
N TYR T 128 -36.02 -11.28 88.96
CA TYR T 128 -35.45 -12.59 89.22
C TYR T 128 -34.26 -12.45 90.15
N SER T 129 -34.20 -13.30 91.17
CA SER T 129 -33.07 -13.35 92.09
C SER T 129 -32.64 -14.79 92.26
N GLU T 130 -31.34 -14.98 92.44
CA GLU T 130 -30.76 -16.31 92.57
C GLU T 130 -29.75 -16.33 93.70
N ARG T 131 -29.56 -17.51 94.27
CA ARG T 131 -28.46 -17.78 95.20
C ARG T 131 -27.55 -18.79 94.54
N TYR T 132 -26.25 -18.49 94.49
CA TYR T 132 -25.31 -19.24 93.67
C TYR T 132 -24.03 -19.47 94.45
N CYS T 133 -23.27 -20.47 94.00
CA CYS T 133 -21.98 -20.78 94.61
C CYS T 133 -21.13 -21.47 93.55
N PHE T 134 -20.18 -20.74 92.98
CA PHE T 134 -19.27 -21.33 92.01
C PHE T 134 -18.42 -22.39 92.66
N LYS T 135 -18.27 -23.53 91.98
CA LYS T 135 -17.55 -24.68 92.52
C LYS T 135 -16.39 -25.03 91.58
N ALA T 136 -15.22 -25.23 92.17
CA ALA T 136 -14.05 -25.64 91.41
C ALA T 136 -14.07 -27.15 91.23
N TYR T 137 -12.98 -27.72 90.73
CA TYR T 137 -12.89 -29.16 90.58
C TYR T 137 -12.92 -29.82 91.95
N ALA T 138 -13.78 -30.83 92.09
CA ALA T 138 -13.96 -31.60 93.32
C ALA T 138 -14.23 -30.72 94.53
N ASP T 139 -14.74 -29.49 94.31
CA ASP T 139 -15.00 -28.59 95.42
C ASP T 139 -16.06 -29.18 96.36
N ASP T 140 -17.20 -29.58 95.80
CA ASP T 140 -18.26 -30.25 96.55
C ASP T 140 -19.34 -30.74 95.59
N PRO U 88 -4.68 77.86 76.21
CA PRO U 88 -3.85 78.64 77.14
C PRO U 88 -4.58 78.95 78.44
N GLU U 89 -5.82 79.44 78.34
CA GLU U 89 -6.61 79.74 79.53
C GLU U 89 -6.88 78.47 80.34
N PHE U 90 -7.22 77.37 79.67
CA PHE U 90 -7.39 76.11 80.37
C PHE U 90 -6.09 75.65 81.01
N ALA U 91 -4.98 75.75 80.28
CA ALA U 91 -3.70 75.32 80.81
C ALA U 91 -3.29 76.15 82.02
N GLU U 92 -3.52 77.46 81.95
CA GLU U 92 -3.25 78.32 83.10
C GLU U 92 -4.19 77.96 84.26
N ALA U 93 -5.45 77.68 83.96
CA ALA U 93 -6.39 77.29 85.00
C ALA U 93 -6.07 75.90 85.53
N GLU U 94 -5.73 74.97 84.64
CA GLU U 94 -5.38 73.62 85.07
C GLU U 94 -4.09 73.58 85.87
N THR U 95 -3.19 74.54 85.64
CA THR U 95 -1.96 74.60 86.42
C THR U 95 -2.27 74.85 87.89
N LYS U 96 -3.28 75.64 88.18
CA LYS U 96 -3.65 75.92 89.56
C LYS U 96 -4.07 74.64 90.28
N LYS U 97 -4.99 73.89 89.68
CA LYS U 97 -5.54 72.73 90.38
C LYS U 97 -4.52 71.60 90.45
N PHE U 98 -3.66 71.49 89.44
CA PHE U 98 -2.54 70.56 89.54
C PHE U 98 -1.63 70.93 90.70
N ARG U 99 -1.35 72.24 90.86
CA ARG U 99 -0.44 72.66 91.92
C ARG U 99 -1.05 72.46 93.30
N ASP U 100 -2.28 72.91 93.50
CA ASP U 100 -2.88 72.81 94.83
C ASP U 100 -3.17 71.37 95.22
N HIS U 101 -3.22 70.45 94.25
CA HIS U 101 -3.41 69.04 94.58
C HIS U 101 -2.20 68.48 95.34
N MET U 102 -1.00 68.88 94.94
CA MET U 102 0.22 68.36 95.55
C MET U 102 0.73 69.20 96.70
N ALA U 103 0.23 70.42 96.89
CA ALA U 103 0.73 71.26 97.97
C ALA U 103 0.41 70.67 99.33
N LYS U 104 -0.58 69.79 99.41
CA LYS U 104 -0.88 69.08 100.63
C LYS U 104 -0.28 67.67 100.64
N LYS U 105 -0.46 66.93 99.54
CA LYS U 105 0.02 65.55 99.49
C LYS U 105 1.54 65.48 99.55
N LEU U 106 2.22 66.38 98.83
CA LEU U 106 3.68 66.34 98.81
C LEU U 106 4.27 66.78 100.15
N ALA U 107 3.60 67.66 100.86
CA ALA U 107 4.11 68.17 102.13
C ALA U 107 4.02 67.16 103.27
N LYS U 108 3.35 66.02 103.04
CA LYS U 108 3.21 65.01 104.08
C LYS U 108 4.35 63.99 104.09
N ARG U 109 5.35 64.15 103.21
CA ARG U 109 6.47 63.23 103.12
C ARG U 109 7.73 63.92 103.62
N ASP U 110 8.42 63.27 104.57
CA ASP U 110 9.65 63.83 105.11
C ASP U 110 10.78 63.83 104.09
N LEU U 111 10.69 63.02 103.04
CA LEU U 111 11.72 63.03 102.00
C LEU U 111 11.76 64.37 101.29
N PHE U 112 10.62 65.05 101.18
CA PHE U 112 10.54 66.35 100.55
C PHE U 112 10.43 67.48 101.55
N GLU U 113 10.69 67.21 102.83
CA GLU U 113 10.39 68.18 103.89
C GLU U 113 11.17 69.47 103.69
N ASP U 114 12.46 69.39 103.37
CA ASP U 114 13.28 70.56 103.14
C ASP U 114 13.36 70.95 101.68
N SER U 115 12.57 70.31 100.81
CA SER U 115 12.58 70.61 99.38
C SER U 115 11.17 70.70 98.82
N VAL U 116 10.22 71.19 99.64
CA VAL U 116 8.84 71.33 99.16
C VAL U 116 8.78 72.37 98.03
N ASP U 117 9.12 73.62 98.35
CA ASP U 117 8.93 74.71 97.39
C ASP U 117 9.91 74.61 96.23
N GLU U 118 11.09 74.01 96.44
CA GLU U 118 12.07 73.92 95.36
C GLU U 118 11.53 73.10 94.20
N ILE U 119 10.87 71.98 94.49
CA ILE U 119 10.27 71.17 93.43
C ILE U 119 8.87 71.65 93.06
N VAL U 120 8.27 72.52 93.86
CA VAL U 120 7.02 73.16 93.44
C VAL U 120 7.28 74.07 92.25
N GLY U 121 8.35 74.85 92.31
CA GLY U 121 8.66 75.80 91.25
C GLY U 121 9.24 75.16 90.00
N VAL U 122 9.52 73.86 90.02
CA VAL U 122 10.11 73.17 88.88
C VAL U 122 9.02 72.44 88.10
N CYS U 123 8.26 71.58 88.79
CA CYS U 123 7.24 70.78 88.12
C CYS U 123 6.11 71.64 87.57
N THR U 124 5.79 72.74 88.24
CA THR U 124 4.77 73.64 87.72
C THR U 124 5.23 74.29 86.42
N GLU U 125 6.52 74.67 86.35
CA GLU U 125 6.99 75.48 85.23
C GLU U 125 6.98 74.69 83.92
N ILE U 126 7.68 73.55 83.87
CA ILE U 126 7.81 72.83 82.62
C ILE U 126 6.48 72.25 82.18
N PHE U 127 5.67 71.75 83.13
CA PHE U 127 4.35 71.24 82.79
C PHE U 127 3.46 72.34 82.21
N GLU U 128 3.59 73.56 82.73
CA GLU U 128 2.74 74.66 82.29
C GLU U 128 2.92 74.92 80.80
N THR U 129 4.17 74.92 80.33
CA THR U 129 4.43 75.14 78.92
C THR U 129 3.87 74.00 78.07
N PHE U 130 3.99 72.76 78.55
CA PHE U 130 3.51 71.62 77.78
C PHE U 130 2.01 71.70 77.53
N LEU U 131 1.24 72.06 78.57
CA LEU U 131 -0.19 72.27 78.38
C LEU U 131 -0.50 73.58 77.67
N ARG U 132 0.44 74.53 77.69
CA ARG U 132 0.16 75.85 77.13
C ARG U 132 0.15 75.83 75.61
N ASN U 133 1.09 75.11 74.99
CA ASN U 133 1.29 75.17 73.56
C ASN U 133 1.15 73.84 72.84
N GLU U 134 1.16 72.71 73.56
CA GLU U 134 1.14 71.40 72.93
C GLU U 134 -0.20 70.68 73.09
N TYR U 135 -0.74 70.65 74.30
CA TYR U 135 -1.96 69.89 74.55
C TYR U 135 -3.13 70.50 73.79
N GLY U 136 -3.69 69.74 72.87
CA GLY U 136 -4.85 70.19 72.11
C GLY U 136 -6.05 69.28 72.27
N GLY U 137 -6.03 68.45 73.31
CA GLY U 137 -7.11 67.53 73.58
C GLY U 137 -6.63 66.11 73.81
N PRO U 138 -7.55 65.15 73.74
CA PRO U 138 -7.16 63.74 73.89
C PRO U 138 -6.18 63.32 72.81
N GLY U 139 -5.25 62.45 73.19
CA GLY U 139 -4.20 62.02 72.29
C GLY U 139 -3.01 62.96 72.19
N THR U 140 -3.02 64.07 72.94
CA THR U 140 -1.91 65.01 72.94
C THR U 140 -1.15 65.03 74.26
N LEU U 141 -1.69 64.43 75.32
CA LEU U 141 -1.00 64.34 76.60
C LEU U 141 -0.09 63.11 76.56
N LEU U 142 1.18 63.33 76.25
CA LEU U 142 2.15 62.25 76.09
C LEU U 142 2.91 62.03 77.38
N VAL U 143 3.95 61.20 77.30
CA VAL U 143 4.74 60.82 78.46
C VAL U 143 6.09 61.54 78.53
N ILE U 144 6.60 62.03 77.39
CA ILE U 144 7.94 62.62 77.37
C ILE U 144 8.08 63.81 78.31
N PRO U 145 7.14 64.76 78.41
CA PRO U 145 7.38 65.90 79.31
C PRO U 145 7.52 65.49 80.77
N PHE U 146 6.82 64.44 81.21
CA PHE U 146 6.95 64.01 82.59
C PHE U 146 8.26 63.29 82.86
N ILE U 147 8.85 62.69 81.84
CA ILE U 147 10.19 62.12 81.98
C ILE U 147 11.21 63.23 82.23
N ASP U 148 11.02 64.39 81.60
CA ASP U 148 11.92 65.52 81.81
C ASP U 148 11.87 66.00 83.25
N MET U 149 10.71 65.90 83.91
CA MET U 149 10.61 66.30 85.31
C MET U 149 11.50 65.43 86.19
N ALA U 150 11.48 64.11 85.97
CA ALA U 150 12.35 63.23 86.73
C ALA U 150 13.82 63.51 86.43
N ASP U 151 14.14 63.77 85.16
CA ASP U 151 15.51 64.11 84.81
C ASP U 151 15.95 65.40 85.49
N THR U 152 15.07 66.41 85.51
CA THR U 152 15.40 67.69 86.14
C THR U 152 15.70 67.49 87.62
N LEU U 153 14.92 66.65 88.30
CA LEU U 153 15.23 66.31 89.69
C LEU U 153 16.58 65.62 89.79
N ASN U 154 16.87 64.72 88.85
CA ASN U 154 18.18 64.06 88.85
C ASN U 154 19.27 65.03 88.42
N GLU U 155 18.98 65.94 87.49
CA GLU U 155 19.98 66.91 87.05
C GLU U 155 20.40 67.82 88.20
N ARG U 156 19.44 68.28 89.00
CA ARG U 156 19.70 69.13 90.14
C ARG U 156 19.87 68.35 91.43
N GLU U 157 19.88 67.01 91.35
CA GLU U 157 20.03 66.15 92.51
C GLU U 157 18.96 66.42 93.56
N LEU U 158 17.74 66.69 93.08
CA LEU U 158 16.62 66.95 93.98
C LEU U 158 16.07 65.63 94.50
N PRO U 159 15.90 65.49 95.82
CA PRO U 159 15.43 64.22 96.38
C PRO U 159 14.05 63.83 95.85
N GLY U 160 13.86 62.54 95.62
CA GLY U 160 12.59 62.03 95.16
C GLY U 160 12.37 62.22 93.67
N GLY U 161 13.26 61.68 92.85
CA GLY U 161 13.17 61.82 91.42
C GLY U 161 12.03 61.04 90.82
N PRO U 162 12.13 59.70 90.84
CA PRO U 162 11.05 58.88 90.29
C PRO U 162 9.72 59.05 91.03
N GLN U 163 9.78 59.25 92.35
CA GLN U 163 8.54 59.34 93.14
C GLN U 163 7.72 60.55 92.72
N ALA U 164 8.37 61.70 92.56
CA ALA U 164 7.65 62.89 92.09
C ALA U 164 7.13 62.70 90.68
N ALA U 165 7.92 62.05 89.82
CA ALA U 165 7.45 61.74 88.48
C ALA U 165 6.25 60.79 88.53
N ARG U 166 6.33 59.76 89.39
CA ARG U 166 5.19 58.86 89.54
C ARG U 166 3.98 59.58 90.11
N ALA U 167 4.20 60.46 91.09
CA ALA U 167 3.09 61.20 91.68
C ALA U 167 2.43 62.13 90.65
N ALA U 168 3.25 62.80 89.83
CA ALA U 168 2.71 63.76 88.88
C ALA U 168 1.87 63.07 87.80
N ILE U 169 2.34 61.93 87.29
CA ILE U 169 1.65 61.28 86.18
C ILE U 169 0.30 60.74 86.61
N LYS U 170 0.21 60.24 87.85
CA LYS U 170 -1.05 59.66 88.32
C LYS U 170 -2.17 60.69 88.31
N TRP U 171 -1.90 61.89 88.80
CA TRP U 171 -2.89 62.97 88.71
C TRP U 171 -3.08 63.41 87.28
N ALA U 172 -2.04 63.32 86.45
CA ALA U 172 -2.15 63.75 85.05
C ALA U 172 -3.17 62.90 84.29
N GLN U 173 -3.14 61.58 84.50
CA GLN U 173 -4.07 60.70 83.81
C GLN U 173 -5.44 60.65 84.47
N ASP U 174 -5.62 61.32 85.61
CA ASP U 174 -6.90 61.31 86.32
C ASP U 174 -7.67 62.60 86.20
N HIS U 175 -7.02 63.72 85.91
CA HIS U 175 -7.74 64.99 85.91
C HIS U 175 -7.60 65.78 84.62
N VAL U 176 -6.41 65.80 84.01
CA VAL U 176 -6.16 66.72 82.89
C VAL U 176 -7.07 66.40 81.71
N ASP U 177 -7.15 65.13 81.34
CA ASP U 177 -8.05 64.74 80.26
C ASP U 177 -9.51 64.91 80.67
N LYS U 178 -9.83 64.55 81.92
CA LYS U 178 -11.22 64.65 82.38
C LYS U 178 -11.66 66.11 82.50
N ASP U 179 -10.76 66.99 82.96
CA ASP U 179 -11.10 68.41 83.06
C ASP U 179 -11.12 69.09 81.71
N TRP U 180 -10.34 68.59 80.74
CA TRP U 180 -10.29 69.22 79.43
C TRP U 180 -11.66 69.20 78.75
N LYS U 181 -12.32 68.04 78.76
CA LYS U 181 -13.65 67.97 78.17
C LYS U 181 -14.67 68.78 78.96
N GLU U 182 -14.51 68.84 80.29
CA GLU U 182 -15.38 69.68 81.11
C GLU U 182 -15.12 71.15 80.85
N TRP U 183 -13.85 71.55 80.81
CA TRP U 183 -13.51 72.95 80.58
C TRP U 183 -13.94 73.41 79.20
N THR U 184 -13.74 72.56 78.19
CA THR U 184 -14.13 72.88 76.81
C THR U 184 -15.57 72.52 76.50
N GLY U 185 -16.30 71.96 77.45
CA GLY U 185 -17.68 71.56 77.21
C GLY U 185 -17.84 70.45 76.21
N THR U 186 -16.95 69.46 76.24
CA THR U 186 -17.02 68.33 75.32
C THR U 186 -17.04 67.01 76.07
#